data_6TSU
#
_entry.id   6TSU
#
loop_
_entity.id
_entity.type
_entity.pdbx_description
1 polymer 'Major capsid protein Rcc01687'
2 polymer 'Uncharacterized protein'
3 polymer 'Uncharacterized protein'
#
loop_
_entity_poly.entity_id
_entity_poly.type
_entity_poly.pdbx_seq_one_letter_code
_entity_poly.pdbx_strand_id
1 'polypeptide(L)'
;MPEGADPVAEVKTALAGFLKEVKGFQDDVKTRLQQQEERVTMLQTKTYAGRHALAAAATEEAPHQKAFAAYLRTGDDDGL
RGLSLEGKALNSAVAAEGGYLVDPQTSETIRGVLRSTASLRQIASVVNVEATSFDVLVDKTDMGSGWASETAALSETATP
QIDRITIPLHELAAMPKASQRLLDDSAFDIETWLANRIADKFARAEAAAFISGDGVDKPTGFLTKTKVANGAWAWGSLGY
VATGAAGDFAAVNASDAVVDLVYALGAEYRANASFVMNSKTAGAVRKMKDADGRFLWADSLAAGEPARLMGYPVLIAEDM
PDIAANAYAIAFGDFGNGYTIAERPDLRVLRDPFSAKPHVLFYASKRVGGDVSDFAAIKLLKFAAS
;
C5,X4,Y4,Z4,A5,B5,N4,R4,M4,Q4,O4,P4,W4,U4,T4,S4,K4,J4,V4,L4,H4,I4,A4,D4,E4,F4,G4,B4,C4
2 'polypeptide(L)'
;MDVFAKHAVSLESPAVRHYEITPSDSTDLARRPRALRVQTGGTLVLRDETGITVTYTVFAGEILPVRPVRVLATGTTATA
VGWE
;
D2,A2,C2,B2,E2,E3,B3,D3,C3,A3,A1
3 'polypeptide(L)'
;MIALGLGLGLAANGGPALRRYAVNGVAPVAVLDFERHFLSHPLALTRATSATYADALRAVQTAPADTPRYDYSTGKRALL
LEASATNLLPNSAQFEAASWGKTRASVLANAALAPNGTMTADKLVEDTSNNSHFVARTGTQIAAGTSVTASIFVKAAERR
WFALVTADSANAFRTTYFDLQTGTLGVVSQGAAGHVAQIVAAGNGWYRCSVTQTQAASGNFNFYPSVASANGATSYPGDG
ASGLYLWGAQLEAGAAVSSVIPTEAAAVTRAADLASVAVAAGSYDLRRVDAAGTAVTKGVAHPGGALTIGAGSLYLLSLF
PAGAL
;
F2,F3
#
# COMPACT_ATOMS: atom_id res chain seq x y z
N ALA A 89 123.31 1.60 126.81
CA ALA A 89 122.55 1.08 125.69
C ALA A 89 123.47 0.70 124.55
N LEU A 90 124.17 -0.42 124.73
CA LEU A 90 125.07 -0.90 123.70
C LEU A 90 124.50 -2.07 122.91
N ASN A 91 123.69 -2.90 123.57
CA ASN A 91 123.27 -4.20 123.02
C ASN A 91 121.77 -4.16 122.73
N SER A 92 121.26 -5.13 121.98
CA SER A 92 119.80 -5.21 121.71
C SER A 92 119.17 -6.24 122.65
N ALA A 93 118.35 -7.15 122.12
CA ALA A 93 117.62 -8.11 122.96
C ALA A 93 118.58 -9.00 123.75
N VAL A 94 119.78 -9.26 123.22
CA VAL A 94 120.70 -10.23 123.89
C VAL A 94 121.04 -9.77 125.31
N ALA A 95 121.27 -8.47 125.53
CA ALA A 95 121.71 -8.00 126.86
C ALA A 95 120.58 -8.10 127.89
N ALA A 96 119.39 -7.62 127.55
CA ALA A 96 118.41 -7.06 128.49
C ALA A 96 118.93 -5.80 129.16
N GLU A 97 120.16 -5.41 128.92
CA GLU A 97 120.70 -4.10 129.29
C GLU A 97 120.89 -3.38 127.97
N GLY A 98 119.83 -2.72 127.52
CA GLY A 98 119.68 -2.31 126.15
C GLY A 98 118.60 -3.08 125.43
N GLY A 99 118.27 -4.28 125.90
CA GLY A 99 117.22 -5.06 125.29
C GLY A 99 115.85 -4.68 125.78
N TYR A 100 115.80 -4.01 126.94
CA TYR A 100 114.52 -3.57 127.47
C TYR A 100 113.85 -2.55 126.58
N LEU A 101 114.62 -1.68 125.94
CA LEU A 101 114.06 -0.56 125.23
C LEU A 101 113.71 -0.88 123.78
N VAL A 102 113.44 -2.15 123.47
CA VAL A 102 112.92 -2.56 122.17
C VAL A 102 111.79 -3.56 122.40
N ASP A 103 110.73 -3.44 121.59
CA ASP A 103 109.56 -4.29 121.76
C ASP A 103 109.13 -4.90 120.43
N PRO A 104 108.74 -6.17 120.44
CA PRO A 104 108.29 -6.81 119.20
C PRO A 104 106.93 -6.30 118.76
N GLN A 105 106.70 -6.36 117.45
CA GLN A 105 105.45 -5.89 116.87
C GLN A 105 104.49 -7.07 116.74
N THR A 106 103.27 -6.88 117.20
CA THR A 106 102.26 -7.93 117.12
C THR A 106 101.40 -7.74 115.87
N SER A 107 100.83 -8.85 115.40
CA SER A 107 99.98 -8.80 114.23
C SER A 107 98.71 -8.03 114.52
N GLU A 108 98.07 -7.54 113.46
CA GLU A 108 96.88 -6.71 113.63
C GLU A 108 95.74 -7.51 114.25
N THR A 109 95.46 -8.68 113.71
CA THR A 109 94.38 -9.53 114.20
C THR A 109 94.93 -10.91 114.52
N ILE A 110 94.40 -11.54 115.54
CA ILE A 110 94.87 -12.87 115.87
C ILE A 110 94.18 -13.87 114.95
N ARG A 111 94.98 -14.74 114.36
CA ARG A 111 94.57 -15.57 113.24
C ARG A 111 94.37 -17.00 113.68
N GLY A 112 93.52 -17.71 112.95
CA GLY A 112 93.21 -19.08 113.30
C GLY A 112 93.34 -20.03 112.14
N VAL A 113 93.21 -21.31 112.45
CA VAL A 113 93.29 -22.33 111.42
C VAL A 113 92.04 -22.24 110.56
N LEU A 114 92.24 -22.29 109.25
CA LEU A 114 91.11 -22.24 108.32
C LEU A 114 90.53 -23.62 108.20
N ARG A 115 89.22 -23.72 108.33
CA ARG A 115 88.53 -25.00 108.24
C ARG A 115 87.44 -24.87 107.18
N SER A 116 87.15 -25.99 106.53
CA SER A 116 86.27 -25.94 105.37
C SER A 116 84.86 -25.52 105.78
N THR A 117 84.20 -24.81 104.88
CA THR A 117 82.86 -24.30 105.13
C THR A 117 81.81 -25.01 104.30
N ALA A 118 82.16 -26.12 103.66
CA ALA A 118 81.16 -26.91 102.99
C ALA A 118 80.38 -27.68 104.04
N SER A 119 79.07 -27.47 104.09
CA SER A 119 78.31 -27.90 105.24
C SER A 119 77.03 -28.64 104.93
N LEU A 120 76.73 -28.94 103.67
CA LEU A 120 75.51 -29.63 103.25
C LEU A 120 74.30 -28.73 103.48
N ARG A 121 74.49 -27.57 104.07
CA ARG A 121 73.44 -26.57 104.13
C ARG A 121 73.30 -25.84 102.82
N GLN A 122 74.27 -25.99 101.92
CA GLN A 122 74.20 -25.35 100.61
C GLN A 122 73.31 -26.11 99.66
N ILE A 123 73.18 -27.42 99.83
CA ILE A 123 72.38 -28.24 98.95
C ILE A 123 71.06 -28.66 99.57
N ALA A 124 70.99 -28.79 100.89
CA ALA A 124 69.75 -29.18 101.50
C ALA A 124 68.77 -28.01 101.47
N SER A 125 67.57 -28.27 101.98
CA SER A 125 66.49 -27.29 101.94
C SER A 125 66.28 -26.75 103.34
N VAL A 126 66.51 -25.46 103.50
CA VAL A 126 66.34 -24.82 104.79
C VAL A 126 64.97 -24.17 104.85
N VAL A 127 64.36 -24.18 106.03
CA VAL A 127 63.06 -23.54 106.25
C VAL A 127 63.17 -22.69 107.49
N ASN A 128 62.38 -21.62 107.54
CA ASN A 128 62.37 -20.73 108.68
C ASN A 128 61.21 -21.09 109.59
N VAL A 129 61.47 -21.95 110.59
CA VAL A 129 60.43 -22.38 111.51
C VAL A 129 60.63 -21.66 112.84
N GLU A 130 59.58 -20.99 113.30
CA GLU A 130 59.54 -20.40 114.64
C GLU A 130 58.54 -21.21 115.45
N ALA A 131 59.00 -22.33 115.97
CA ALA A 131 58.13 -23.26 116.70
C ALA A 131 59.03 -24.26 117.40
N THR A 132 58.41 -25.23 118.06
CA THR A 132 59.18 -26.25 118.76
C THR A 132 59.71 -27.33 117.84
N SER A 133 59.10 -27.52 116.69
CA SER A 133 59.47 -28.59 115.78
C SER A 133 58.97 -28.23 114.39
N PHE A 134 59.19 -29.14 113.45
CA PHE A 134 58.70 -29.00 112.08
C PHE A 134 58.25 -30.36 111.63
N ASP A 135 57.13 -30.40 110.92
CA ASP A 135 56.59 -31.63 110.37
C ASP A 135 56.65 -31.56 108.85
N VAL A 136 56.76 -32.72 108.22
CA VAL A 136 56.68 -32.78 106.77
C VAL A 136 55.70 -33.87 106.42
N LEU A 137 54.89 -33.63 105.40
CA LEU A 137 53.86 -34.57 105.00
C LEU A 137 54.18 -35.04 103.59
N VAL A 138 54.26 -36.34 103.40
CA VAL A 138 54.68 -36.93 102.15
C VAL A 138 53.67 -37.97 101.71
N ASP A 139 53.78 -38.37 100.44
CA ASP A 139 52.99 -39.44 99.86
C ASP A 139 53.89 -40.65 99.65
N LYS A 140 54.00 -41.49 100.68
CA LYS A 140 54.86 -42.66 100.58
C LYS A 140 54.41 -43.64 99.50
N THR A 141 53.14 -43.65 99.13
CA THR A 141 52.68 -44.47 98.01
C THR A 141 51.93 -43.58 97.04
N ASP A 142 51.37 -44.17 96.00
CA ASP A 142 50.65 -43.40 95.00
C ASP A 142 49.25 -43.99 94.80
N MET A 143 48.51 -43.39 93.87
CA MET A 143 47.12 -43.73 93.63
C MET A 143 46.98 -45.03 92.85
N GLY A 144 45.75 -45.32 92.44
CA GLY A 144 45.43 -46.42 91.58
C GLY A 144 44.53 -45.94 90.44
N SER A 145 44.71 -46.57 89.29
CA SER A 145 43.88 -46.28 88.13
C SER A 145 43.13 -47.54 87.73
N GLY A 146 42.02 -47.34 87.02
CA GLY A 146 41.13 -48.46 86.77
C GLY A 146 41.10 -49.00 85.35
N TRP A 147 41.27 -48.13 84.36
CA TRP A 147 40.95 -48.45 82.98
C TRP A 147 39.52 -48.98 82.89
N ALA A 148 38.56 -48.09 83.17
CA ALA A 148 37.16 -48.48 83.25
C ALA A 148 36.63 -48.91 81.89
N SER A 149 35.60 -49.75 81.91
CA SER A 149 34.97 -50.23 80.70
C SER A 149 33.66 -49.48 80.46
N GLU A 150 32.93 -49.91 79.44
CA GLU A 150 31.62 -49.36 79.16
C GLU A 150 30.63 -49.68 80.27
N THR A 151 30.48 -50.96 80.59
CA THR A 151 29.46 -51.41 81.53
C THR A 151 30.05 -52.12 82.73
N ALA A 152 31.11 -51.58 83.33
CA ALA A 152 31.74 -52.21 84.47
C ALA A 152 31.48 -51.49 85.79
N ALA A 153 31.30 -50.16 85.75
CA ALA A 153 31.12 -49.36 86.96
C ALA A 153 32.32 -49.51 87.90
N LEU A 154 33.46 -48.97 87.43
CA LEU A 154 34.71 -49.05 88.16
C LEU A 154 34.54 -48.72 89.63
N SER A 155 34.92 -49.67 90.48
CA SER A 155 34.85 -49.45 91.91
C SER A 155 35.95 -48.50 92.35
N GLU A 156 35.93 -48.14 93.63
CA GLU A 156 36.87 -47.15 94.14
C GLU A 156 38.29 -47.62 93.93
N THR A 157 39.19 -46.65 93.78
CA THR A 157 40.61 -46.91 93.62
C THR A 157 41.34 -46.48 94.88
N ALA A 158 42.63 -46.82 94.94
CA ALA A 158 43.42 -46.55 96.13
C ALA A 158 43.71 -45.07 96.25
N THR A 159 44.10 -44.67 97.45
CA THR A 159 44.45 -43.29 97.76
C THR A 159 45.83 -43.30 98.39
N PRO A 160 46.70 -42.34 98.07
CA PRO A 160 48.06 -42.37 98.62
C PRO A 160 48.03 -42.21 100.13
N GLN A 161 48.66 -43.15 100.81
CA GLN A 161 48.82 -43.05 102.25
C GLN A 161 49.98 -42.13 102.56
N ILE A 162 49.96 -41.56 103.76
CA ILE A 162 50.73 -40.35 104.07
C ILE A 162 51.56 -40.58 105.32
N ASP A 163 52.79 -40.07 105.32
CA ASP A 163 53.71 -40.18 106.44
C ASP A 163 54.07 -38.79 106.94
N ARG A 164 54.22 -38.66 108.24
CA ARG A 164 54.58 -37.40 108.87
C ARG A 164 55.91 -37.57 109.60
N ILE A 165 56.83 -36.64 109.36
CA ILE A 165 58.17 -36.67 109.93
C ILE A 165 58.35 -35.40 110.72
N THR A 166 58.81 -35.51 111.96
CA THR A 166 58.96 -34.36 112.84
C THR A 166 60.43 -33.93 112.88
N ILE A 167 60.64 -32.62 112.95
CA ILE A 167 61.98 -32.05 112.99
C ILE A 167 62.13 -31.33 114.32
N PRO A 168 62.66 -31.99 115.36
CA PRO A 168 62.56 -31.44 116.72
C PRO A 168 63.18 -30.08 116.94
N LEU A 169 64.01 -29.56 116.04
CA LEU A 169 64.55 -28.20 116.15
C LEU A 169 65.29 -28.02 117.49
N HIS A 170 66.40 -28.73 117.62
CA HIS A 170 67.23 -28.61 118.81
C HIS A 170 67.97 -27.28 118.81
N GLU A 171 68.80 -27.06 119.82
CA GLU A 171 69.58 -25.83 119.94
C GLU A 171 71.06 -26.14 120.12
N LEU A 172 71.87 -25.11 119.87
CA LEU A 172 73.33 -25.25 119.85
C LEU A 172 73.92 -24.12 120.67
N ALA A 173 74.59 -24.45 121.76
CA ALA A 173 74.99 -23.46 122.74
C ALA A 173 76.50 -23.35 122.87
N ALA A 174 76.98 -22.11 122.95
CA ALA A 174 78.37 -21.78 123.23
C ALA A 174 78.42 -20.75 124.34
N MET A 175 79.27 -20.97 125.34
CA MET A 175 79.41 -20.02 126.44
C MET A 175 80.88 -19.87 126.83
N PRO A 176 81.65 -19.12 126.04
CA PRO A 176 83.03 -18.85 126.41
C PRO A 176 83.13 -17.71 127.40
N LYS A 177 83.82 -17.98 128.52
CA LYS A 177 84.00 -17.00 129.57
C LYS A 177 85.27 -16.20 129.34
N ALA A 178 85.20 -14.90 129.59
CA ALA A 178 86.37 -14.04 129.51
C ALA A 178 86.34 -13.07 130.68
N SER A 179 87.52 -12.74 131.19
CA SER A 179 87.62 -11.85 132.32
C SER A 179 87.49 -10.40 131.87
N GLN A 180 86.87 -9.58 132.72
CA GLN A 180 86.65 -8.19 132.36
C GLN A 180 87.95 -7.44 132.19
N ARG A 181 88.98 -7.79 132.96
CA ARG A 181 90.25 -7.09 132.86
C ARG A 181 90.93 -7.36 131.51
N LEU A 182 90.70 -8.54 130.94
CA LEU A 182 91.25 -8.80 129.61
C LEU A 182 90.55 -7.98 128.55
N LEU A 183 89.23 -7.87 128.64
CA LEU A 183 88.49 -7.14 127.62
C LEU A 183 88.82 -5.66 127.63
N ASP A 184 89.23 -5.13 128.79
CA ASP A 184 89.49 -3.70 128.89
C ASP A 184 90.75 -3.30 128.14
N ASP A 185 91.86 -4.01 128.38
CA ASP A 185 93.18 -3.55 127.99
C ASP A 185 93.75 -4.26 126.77
N SER A 186 93.31 -5.48 126.48
CA SER A 186 93.82 -6.16 125.30
C SER A 186 93.54 -5.35 124.04
N ALA A 187 94.58 -5.15 123.23
CA ALA A 187 94.43 -4.34 122.04
C ALA A 187 93.56 -5.00 120.98
N PHE A 188 93.36 -6.32 121.07
CA PHE A 188 92.50 -7.02 120.15
C PHE A 188 91.09 -7.11 120.72
N ASP A 189 90.10 -6.91 119.85
CA ASP A 189 88.71 -6.93 120.29
C ASP A 189 88.33 -8.37 120.60
N ILE A 190 88.43 -8.75 121.88
CA ILE A 190 88.04 -10.08 122.29
C ILE A 190 86.56 -10.32 122.02
N GLU A 191 85.73 -9.30 122.24
CA GLU A 191 84.29 -9.47 122.06
C GLU A 191 83.94 -9.78 120.62
N THR A 192 84.51 -9.02 119.68
CA THR A 192 84.24 -9.24 118.26
C THR A 192 84.94 -10.47 117.73
N TRP A 193 86.03 -10.91 118.36
CA TRP A 193 86.72 -12.10 117.91
C TRP A 193 86.01 -13.38 118.37
N LEU A 194 85.56 -13.41 119.63
CA LEU A 194 84.81 -14.57 120.09
C LEU A 194 83.54 -14.78 119.27
N ALA A 195 82.88 -13.69 118.87
CA ALA A 195 81.63 -13.85 118.14
C ALA A 195 81.91 -14.31 116.71
N ASN A 196 83.11 -14.07 116.22
CA ASN A 196 83.49 -14.59 114.91
C ASN A 196 83.83 -16.07 115.01
N ARG A 197 84.52 -16.47 116.07
CA ARG A 197 84.90 -17.88 116.19
C ARG A 197 83.74 -18.73 116.68
N ILE A 198 82.69 -18.10 117.22
CA ILE A 198 81.51 -18.88 117.62
C ILE A 198 80.63 -19.14 116.40
N ALA A 199 80.33 -18.09 115.63
CA ALA A 199 79.54 -18.25 114.42
C ALA A 199 80.18 -19.22 113.46
N ASP A 200 81.50 -19.31 113.46
CA ASP A 200 82.23 -20.27 112.65
C ASP A 200 82.10 -21.68 113.22
N LYS A 201 82.14 -21.81 114.54
CA LYS A 201 82.04 -23.13 115.14
C LYS A 201 80.62 -23.66 115.01
N PHE A 202 79.63 -22.75 115.08
CA PHE A 202 78.25 -23.19 114.95
C PHE A 202 77.96 -23.67 113.54
N ALA A 203 78.41 -22.92 112.54
CA ALA A 203 78.27 -23.35 111.16
C ALA A 203 79.07 -24.60 110.84
N ARG A 204 79.94 -25.03 111.75
CA ARG A 204 80.75 -26.22 111.57
C ARG A 204 80.36 -27.36 112.50
N ALA A 205 79.68 -27.05 113.59
CA ALA A 205 79.20 -28.08 114.50
C ALA A 205 77.86 -28.64 114.04
N GLU A 206 77.02 -27.78 113.45
CA GLU A 206 75.77 -28.27 112.87
C GLU A 206 75.99 -28.88 111.50
N ALA A 207 77.12 -28.59 110.86
CA ALA A 207 77.46 -29.24 109.61
C ALA A 207 77.72 -30.72 109.79
N ALA A 208 78.20 -31.12 110.96
CA ALA A 208 78.49 -32.53 111.23
C ALA A 208 77.25 -33.27 111.70
N ALA A 209 76.33 -32.58 112.38
CA ALA A 209 75.08 -33.24 112.77
C ALA A 209 74.18 -33.47 111.58
N PHE A 210 74.30 -32.65 110.54
CA PHE A 210 73.51 -32.84 109.33
C PHE A 210 73.87 -34.11 108.60
N ILE A 211 75.00 -34.74 108.93
CA ILE A 211 75.46 -35.93 108.25
C ILE A 211 75.48 -37.14 109.17
N SER A 212 76.27 -37.08 110.23
CA SER A 212 76.39 -38.22 111.14
C SER A 212 75.87 -37.89 112.52
N GLY A 213 74.83 -37.07 112.63
CA GLY A 213 74.25 -36.81 113.92
C GLY A 213 73.18 -37.83 114.27
N ASP A 214 72.97 -38.01 115.56
CA ASP A 214 71.91 -38.87 116.05
C ASP A 214 70.75 -38.02 116.56
N GLY A 215 69.72 -38.68 117.07
CA GLY A 215 68.49 -37.97 117.41
C GLY A 215 68.57 -37.14 118.67
N VAL A 216 69.52 -37.42 119.56
CA VAL A 216 69.51 -36.81 120.89
C VAL A 216 70.02 -35.38 120.77
N ASP A 217 69.12 -34.43 120.97
CA ASP A 217 69.41 -33.01 121.09
C ASP A 217 70.20 -32.46 119.91
N LYS A 218 70.24 -33.15 118.78
CA LYS A 218 71.00 -32.70 117.64
C LYS A 218 70.37 -33.26 116.37
N PRO A 219 70.51 -32.58 115.25
CA PRO A 219 69.91 -33.05 114.00
C PRO A 219 70.43 -34.43 113.61
N THR A 220 69.52 -35.30 113.18
CA THR A 220 69.92 -36.64 112.75
C THR A 220 70.30 -36.58 111.28
N GLY A 221 71.57 -36.75 110.98
CA GLY A 221 72.01 -36.75 109.61
C GLY A 221 71.49 -37.94 108.84
N PHE A 222 71.64 -37.88 107.52
CA PHE A 222 71.07 -38.91 106.66
C PHE A 222 71.77 -40.26 106.79
N LEU A 223 72.98 -40.29 107.34
CA LEU A 223 73.71 -41.56 107.42
C LEU A 223 73.18 -42.48 108.51
N THR A 224 72.49 -41.94 109.51
CA THR A 224 71.89 -42.74 110.57
C THR A 224 70.44 -43.08 110.29
N LYS A 225 70.15 -43.68 109.13
CA LYS A 225 68.77 -43.85 108.70
C LYS A 225 68.52 -45.28 108.21
N THR A 226 68.93 -46.26 109.01
CA THR A 226 68.69 -47.68 108.77
C THR A 226 68.80 -48.08 107.30
N LYS A 227 70.00 -47.96 106.77
CA LYS A 227 70.26 -48.23 105.36
C LYS A 227 69.87 -49.65 104.99
N VAL A 228 69.26 -49.79 103.80
CA VAL A 228 68.86 -51.08 103.27
C VAL A 228 69.37 -51.14 101.83
N ALA A 229 69.72 -52.35 101.39
CA ALA A 229 70.25 -52.51 100.06
C ALA A 229 69.23 -52.09 99.01
N ASN A 230 69.70 -51.39 97.98
CA ASN A 230 68.80 -50.92 96.95
C ASN A 230 68.23 -52.11 96.19
N GLY A 231 67.11 -51.88 95.53
CA GLY A 231 66.37 -52.96 94.90
C GLY A 231 65.42 -53.58 95.90
N ALA A 232 65.79 -53.54 97.17
CA ALA A 232 64.91 -53.90 98.28
C ALA A 232 64.51 -52.66 99.06
N TRP A 233 64.48 -51.52 98.41
CA TRP A 233 64.28 -50.25 99.07
C TRP A 233 62.83 -50.09 99.53
N ALA A 234 62.66 -49.68 100.77
CA ALA A 234 61.36 -49.39 101.36
C ALA A 234 61.30 -47.90 101.69
N TRP A 235 60.19 -47.46 102.29
CA TRP A 235 60.07 -46.04 102.57
C TRP A 235 60.88 -45.62 103.79
N GLY A 236 60.98 -46.48 104.79
CA GLY A 236 61.62 -46.08 106.02
C GLY A 236 63.12 -46.16 106.04
N SER A 237 63.77 -46.30 104.90
CA SER A 237 65.19 -46.58 104.86
C SER A 237 65.83 -45.95 103.63
N LEU A 238 67.13 -45.75 103.72
CA LEU A 238 67.94 -45.20 102.63
C LEU A 238 68.57 -46.34 101.87
N GLY A 239 68.49 -46.26 100.54
CA GLY A 239 69.01 -47.32 99.69
C GLY A 239 70.47 -47.09 99.34
N TYR A 240 71.26 -48.15 99.44
CA TYR A 240 72.67 -48.09 99.15
C TYR A 240 73.04 -49.13 98.11
N VAL A 241 74.14 -48.86 97.41
CA VAL A 241 74.72 -49.80 96.45
C VAL A 241 76.13 -50.13 96.91
N ALA A 242 76.56 -51.35 96.62
CA ALA A 242 77.82 -51.87 97.12
C ALA A 242 78.93 -51.72 96.08
N THR A 243 80.15 -51.57 96.56
CA THR A 243 81.26 -51.28 95.65
C THR A 243 81.93 -52.54 95.16
N GLY A 244 81.66 -53.68 95.79
CA GLY A 244 82.46 -54.84 95.51
C GLY A 244 83.38 -55.17 96.66
N ALA A 245 84.67 -54.84 96.52
CA ALA A 245 85.64 -55.18 97.56
C ALA A 245 85.21 -54.62 98.91
N ALA A 246 85.75 -55.20 99.97
CA ALA A 246 85.32 -54.86 101.32
C ALA A 246 86.01 -53.62 101.87
N GLY A 247 87.20 -53.30 101.39
CA GLY A 247 87.87 -52.12 101.90
C GLY A 247 87.66 -50.87 101.07
N ASP A 248 87.95 -50.97 99.78
CA ASP A 248 87.99 -49.81 98.90
C ASP A 248 87.13 -50.17 97.69
N PHE A 249 87.20 -49.36 96.63
CA PHE A 249 86.51 -49.67 95.39
C PHE A 249 86.89 -51.06 94.90
N ALA A 250 86.05 -51.60 94.01
CA ALA A 250 86.29 -52.94 93.47
C ALA A 250 87.67 -53.02 92.85
N ALA A 251 88.38 -54.10 93.17
CA ALA A 251 89.73 -54.27 92.64
C ALA A 251 89.73 -54.63 91.17
N VAL A 252 88.81 -55.49 90.74
CA VAL A 252 88.82 -55.94 89.35
C VAL A 252 88.32 -54.85 88.40
N ASN A 253 87.22 -54.18 88.74
CA ASN A 253 86.67 -53.15 87.87
C ASN A 253 85.97 -52.15 88.77
N ALA A 254 86.66 -51.06 89.08
CA ALA A 254 86.10 -49.95 89.82
C ALA A 254 85.36 -49.03 88.86
N SER A 255 84.94 -47.87 89.36
CA SER A 255 84.31 -46.84 88.54
C SER A 255 82.95 -47.30 88.02
N ASP A 256 82.58 -48.54 88.32
CA ASP A 256 81.23 -49.01 88.04
C ASP A 256 80.34 -48.93 89.26
N ALA A 257 80.90 -49.07 90.46
CA ALA A 257 80.14 -48.81 91.67
C ALA A 257 79.73 -47.35 91.79
N VAL A 258 80.28 -46.49 90.95
CA VAL A 258 79.88 -45.09 90.91
C VAL A 258 78.77 -44.89 89.88
N VAL A 259 78.86 -45.55 88.73
CA VAL A 259 77.88 -45.33 87.68
C VAL A 259 76.53 -45.94 88.01
N ASP A 260 76.48 -47.01 88.80
CA ASP A 260 75.18 -47.49 89.24
C ASP A 260 74.69 -46.81 90.51
N LEU A 261 75.58 -46.15 91.25
CA LEU A 261 75.12 -45.23 92.28
C LEU A 261 74.36 -44.06 91.66
N VAL A 262 74.83 -43.57 90.52
CA VAL A 262 74.11 -42.48 89.86
C VAL A 262 72.76 -42.96 89.38
N TYR A 263 72.74 -44.12 88.72
CA TYR A 263 71.50 -44.61 88.06
C TYR A 263 70.64 -45.43 89.04
N ALA A 264 70.75 -45.14 90.34
CA ALA A 264 69.84 -45.72 91.32
C ALA A 264 68.86 -44.72 91.92
N LEU A 265 68.69 -43.54 91.32
CA LEU A 265 67.79 -42.54 91.87
C LEU A 265 66.49 -42.37 91.10
N GLY A 266 66.51 -42.45 89.79
CA GLY A 266 65.35 -42.08 89.02
C GLY A 266 65.58 -40.72 88.40
N ALA A 267 65.19 -40.57 87.14
CA ALA A 267 65.52 -39.38 86.37
C ALA A 267 64.86 -38.12 86.88
N GLU A 268 64.02 -38.22 87.92
CA GLU A 268 63.41 -37.02 88.46
C GLU A 268 64.23 -36.44 89.60
N TYR A 269 64.79 -37.29 90.45
CA TYR A 269 65.69 -36.80 91.48
C TYR A 269 67.07 -36.49 90.95
N ARG A 270 67.45 -37.02 89.79
CA ARG A 270 68.71 -36.67 89.18
C ARG A 270 68.67 -35.36 88.43
N ALA A 271 67.52 -34.69 88.40
CA ALA A 271 67.44 -33.39 87.74
C ALA A 271 68.39 -32.41 88.40
N ASN A 272 68.44 -32.43 89.74
CA ASN A 272 69.42 -31.66 90.50
C ASN A 272 69.84 -32.49 91.70
N ALA A 273 70.92 -33.26 91.53
CA ALA A 273 71.50 -34.04 92.60
C ALA A 273 72.99 -33.72 92.67
N SER A 274 73.63 -34.18 93.74
CA SER A 274 75.05 -33.89 93.91
C SER A 274 75.67 -34.91 94.83
N PHE A 275 76.87 -35.35 94.48
CA PHE A 275 77.63 -36.23 95.37
C PHE A 275 78.06 -35.47 96.62
N VAL A 276 78.22 -36.22 97.70
CA VAL A 276 78.71 -35.68 98.96
C VAL A 276 79.80 -36.62 99.44
N MET A 277 81.03 -36.11 99.52
CA MET A 277 82.17 -36.88 99.99
C MET A 277 82.98 -36.04 100.93
N ASN A 278 83.90 -36.66 101.65
CA ASN A 278 84.85 -35.88 102.43
C ASN A 278 86.07 -35.59 101.57
N SER A 279 87.09 -34.97 102.16
CA SER A 279 88.22 -34.54 101.35
C SER A 279 89.04 -35.73 100.87
N LYS A 280 89.40 -36.64 101.76
CA LYS A 280 90.29 -37.74 101.40
C LYS A 280 89.58 -38.84 100.64
N THR A 281 88.35 -38.60 100.21
CA THR A 281 87.64 -39.52 99.35
C THR A 281 87.67 -39.04 97.91
N ALA A 282 87.44 -37.75 97.69
CA ALA A 282 87.63 -37.21 96.34
C ALA A 282 89.04 -37.47 95.86
N GLY A 283 89.99 -37.57 96.78
CA GLY A 283 91.31 -38.03 96.39
C GLY A 283 91.31 -39.50 96.01
N ALA A 284 90.57 -40.32 96.75
CA ALA A 284 90.47 -41.73 96.41
C ALA A 284 89.63 -41.97 95.17
N VAL A 285 88.70 -41.07 94.87
CA VAL A 285 87.98 -41.15 93.60
C VAL A 285 88.89 -40.73 92.45
N ARG A 286 89.76 -39.76 92.68
CA ARG A 286 90.65 -39.31 91.61
C ARG A 286 91.78 -40.30 91.38
N LYS A 287 92.15 -41.08 92.39
CA LYS A 287 93.13 -42.14 92.22
C LYS A 287 92.63 -43.28 91.36
N MET A 288 91.37 -43.27 90.94
CA MET A 288 90.85 -44.34 90.10
C MET A 288 91.48 -44.22 88.72
N LYS A 289 92.13 -45.30 88.29
CA LYS A 289 92.82 -45.34 87.01
C LYS A 289 92.35 -46.53 86.20
N ASP A 290 92.36 -46.35 84.88
CA ASP A 290 91.95 -47.42 83.98
C ASP A 290 93.12 -48.39 83.80
N ALA A 291 93.01 -49.30 82.83
CA ALA A 291 94.02 -50.32 82.65
C ALA A 291 95.36 -49.77 82.18
N ASP A 292 95.36 -48.64 81.47
CA ASP A 292 96.59 -48.05 80.96
C ASP A 292 97.36 -47.29 82.02
N GLY A 293 96.70 -46.78 83.04
CA GLY A 293 97.34 -45.98 84.06
C GLY A 293 96.93 -44.53 84.07
N ARG A 294 96.09 -44.11 83.14
CA ARG A 294 95.54 -42.77 83.09
C ARG A 294 94.38 -42.66 84.06
N PHE A 295 94.00 -41.43 84.40
CA PHE A 295 92.90 -41.22 85.34
C PHE A 295 91.56 -41.18 84.64
N LEU A 296 90.61 -41.93 85.19
CA LEU A 296 89.23 -41.89 84.71
C LEU A 296 88.61 -40.52 84.94
N TRP A 297 88.96 -39.90 86.06
CA TRP A 297 88.41 -38.61 86.45
C TRP A 297 89.50 -37.57 86.32
N ALA A 298 89.18 -36.43 85.68
CA ALA A 298 90.15 -35.36 85.48
C ALA A 298 91.37 -35.89 84.72
N ASP A 299 91.10 -36.20 83.44
CA ASP A 299 92.01 -36.96 82.58
C ASP A 299 93.48 -36.64 82.78
N SER A 300 93.89 -35.40 82.54
CA SER A 300 95.30 -35.05 82.64
C SER A 300 95.72 -34.92 84.10
N LEU A 301 96.98 -35.23 84.37
CA LEU A 301 97.50 -35.04 85.72
C LEU A 301 97.79 -33.59 86.04
N ALA A 302 97.76 -32.71 85.04
CA ALA A 302 97.88 -31.28 85.33
C ALA A 302 96.56 -30.71 85.82
N ALA A 303 95.46 -30.96 85.11
CA ALA A 303 94.17 -30.46 85.54
C ALA A 303 93.59 -31.34 86.62
N GLY A 304 92.90 -30.73 87.58
CA GLY A 304 92.36 -31.46 88.71
C GLY A 304 91.08 -30.82 89.20
N GLU A 305 90.24 -31.66 89.82
CA GLU A 305 88.94 -31.25 90.34
C GLU A 305 88.09 -30.68 89.22
N PRO A 306 87.57 -31.52 88.31
CA PRO A 306 86.72 -30.99 87.23
C PRO A 306 85.38 -30.43 87.70
N ALA A 307 85.10 -30.46 88.99
CA ALA A 307 83.89 -29.85 89.55
C ALA A 307 82.63 -30.47 88.97
N ARG A 308 82.71 -31.73 88.58
CA ARG A 308 81.57 -32.45 88.04
C ARG A 308 81.97 -33.92 88.00
N LEU A 309 81.11 -34.79 88.52
CA LEU A 309 81.35 -36.21 88.50
C LEU A 309 80.11 -36.85 87.89
N MET A 310 80.31 -37.58 86.80
CA MET A 310 79.20 -38.20 86.08
C MET A 310 78.15 -37.16 85.70
N GLY A 311 78.58 -35.92 85.48
CA GLY A 311 77.67 -34.86 85.10
C GLY A 311 76.96 -34.17 86.25
N TYR A 312 77.32 -34.45 87.49
CA TYR A 312 76.62 -33.88 88.63
C TYR A 312 77.61 -33.21 89.58
N PRO A 313 77.18 -32.15 90.27
CA PRO A 313 78.09 -31.47 91.18
C PRO A 313 78.59 -32.40 92.27
N VAL A 314 79.64 -31.95 92.96
CA VAL A 314 80.26 -32.69 94.05
C VAL A 314 80.46 -31.76 95.24
N LEU A 315 79.98 -32.18 96.40
CA LEU A 315 80.13 -31.41 97.62
C LEU A 315 81.15 -32.13 98.50
N ILE A 316 82.29 -31.49 98.73
CA ILE A 316 83.34 -32.08 99.56
C ILE A 316 83.02 -31.70 101.00
N ALA A 317 82.16 -32.48 101.63
CA ALA A 317 81.75 -32.26 103.01
C ALA A 317 82.64 -33.12 103.89
N GLU A 318 83.55 -32.49 104.61
CA GLU A 318 84.58 -33.21 105.36
C GLU A 318 84.05 -33.88 106.60
N ASP A 319 82.74 -33.98 106.80
CA ASP A 319 82.18 -34.63 107.98
C ASP A 319 81.58 -35.99 107.69
N MET A 320 81.73 -36.49 106.46
CA MET A 320 81.31 -37.86 106.19
C MET A 320 82.43 -38.83 106.50
N PRO A 321 82.11 -40.08 106.81
CA PRO A 321 83.15 -41.07 107.05
C PRO A 321 84.01 -41.28 105.82
N ASP A 322 85.25 -41.70 106.06
CA ASP A 322 86.16 -41.99 104.98
C ASP A 322 85.97 -43.43 104.54
N ILE A 323 86.82 -43.87 103.61
CA ILE A 323 86.72 -45.23 103.10
C ILE A 323 87.23 -46.20 104.16
N ALA A 324 86.36 -47.12 104.57
CA ALA A 324 86.64 -48.03 105.66
C ALA A 324 85.90 -49.33 105.37
N ALA A 325 85.75 -50.17 106.39
CA ALA A 325 85.21 -51.50 106.18
C ALA A 325 83.81 -51.46 105.57
N ASN A 326 82.87 -50.82 106.23
CA ASN A 326 81.49 -50.76 105.76
C ASN A 326 80.97 -49.34 105.74
N ALA A 327 81.84 -48.38 105.47
CA ALA A 327 81.44 -46.99 105.51
C ALA A 327 80.68 -46.62 104.26
N TYR A 328 79.76 -45.68 104.41
CA TYR A 328 79.03 -45.09 103.29
C TYR A 328 79.66 -43.75 102.90
N ALA A 329 80.92 -43.84 102.45
CA ALA A 329 81.73 -42.64 102.34
C ALA A 329 81.29 -41.72 101.21
N ILE A 330 80.47 -42.20 100.28
CA ILE A 330 79.94 -41.38 99.19
C ILE A 330 78.43 -41.50 99.18
N ALA A 331 77.76 -40.37 99.30
CA ALA A 331 76.31 -40.31 99.21
C ALA A 331 75.95 -39.46 98.00
N PHE A 332 74.92 -39.90 97.29
CA PHE A 332 74.48 -39.19 96.09
C PHE A 332 72.97 -39.08 96.14
N GLY A 333 72.47 -37.88 95.94
CA GLY A 333 71.04 -37.69 95.95
C GLY A 333 70.71 -36.22 95.83
N ASP A 334 69.42 -35.96 95.73
CA ASP A 334 68.90 -34.60 95.65
C ASP A 334 68.49 -34.19 97.04
N PHE A 335 69.35 -33.40 97.69
CA PHE A 335 69.07 -33.00 99.06
C PHE A 335 68.12 -31.82 99.13
N GLY A 336 67.96 -31.08 98.04
CA GLY A 336 66.97 -30.03 98.02
C GLY A 336 65.59 -30.54 98.40
N ASN A 337 65.29 -31.80 98.07
CA ASN A 337 64.06 -32.44 98.49
C ASN A 337 64.28 -33.51 99.54
N GLY A 338 65.46 -34.11 99.61
CA GLY A 338 65.69 -35.24 100.47
C GLY A 338 65.92 -34.89 101.91
N TYR A 339 66.64 -33.80 102.17
CA TYR A 339 67.02 -33.41 103.51
C TYR A 339 66.51 -32.01 103.79
N THR A 340 65.70 -31.88 104.82
CA THR A 340 65.08 -30.62 105.21
C THR A 340 65.75 -30.08 106.46
N ILE A 341 66.23 -28.84 106.40
CA ILE A 341 66.83 -28.16 107.54
C ILE A 341 65.81 -27.19 108.11
N ALA A 342 65.49 -27.36 109.38
CA ALA A 342 64.61 -26.46 110.11
C ALA A 342 65.44 -25.62 111.07
N GLU A 343 65.32 -24.31 110.96
CA GLU A 343 66.19 -23.43 111.72
C GLU A 343 65.45 -22.16 112.09
N ARG A 344 66.00 -21.47 113.09
CA ARG A 344 65.57 -20.13 113.43
C ARG A 344 66.63 -19.17 112.93
N PRO A 345 66.36 -18.38 111.92
CA PRO A 345 67.39 -17.67 111.16
C PRO A 345 68.03 -16.50 111.91
N ASP A 346 68.48 -16.76 113.13
CA ASP A 346 69.14 -15.74 113.94
C ASP A 346 69.94 -16.44 115.03
N LEU A 347 70.99 -15.76 115.47
CA LEU A 347 71.86 -16.22 116.54
C LEU A 347 71.66 -15.30 117.73
N ARG A 348 71.10 -15.83 118.81
CA ARG A 348 70.78 -15.02 119.97
C ARG A 348 71.97 -14.97 120.91
N VAL A 349 72.33 -13.77 121.35
CA VAL A 349 73.49 -13.53 122.19
C VAL A 349 73.03 -13.02 123.54
N LEU A 350 73.74 -13.41 124.59
CA LEU A 350 73.49 -12.90 125.92
C LEU A 350 74.80 -12.91 126.69
N ARG A 351 75.20 -11.76 127.21
CA ARG A 351 76.43 -11.67 127.99
C ARG A 351 76.11 -11.19 129.39
N ASP A 352 76.53 -11.94 130.39
CA ASP A 352 76.16 -11.67 131.77
C ASP A 352 77.36 -11.30 132.61
N PRO A 353 77.64 -10.00 132.79
CA PRO A 353 78.63 -9.62 133.80
C PRO A 353 78.25 -10.02 135.20
N PHE A 354 77.00 -10.44 135.42
CA PHE A 354 76.48 -10.61 136.77
C PHE A 354 76.78 -11.98 137.37
N SER A 355 76.82 -13.03 136.55
CA SER A 355 76.96 -14.38 137.08
C SER A 355 78.24 -14.53 137.89
N ALA A 356 79.39 -14.39 137.24
CA ALA A 356 80.67 -14.30 137.90
C ALA A 356 81.20 -12.89 137.67
N LYS A 357 81.31 -12.12 138.74
CA LYS A 357 81.50 -10.67 138.58
C LYS A 357 82.75 -10.31 137.80
N PRO A 358 83.96 -10.74 138.18
CA PRO A 358 85.15 -10.26 137.47
C PRO A 358 85.20 -10.66 136.02
N HIS A 359 84.34 -11.57 135.58
CA HIS A 359 84.34 -12.11 134.23
C HIS A 359 83.08 -11.63 133.50
N VAL A 360 82.89 -12.12 132.28
CA VAL A 360 81.80 -11.67 131.43
C VAL A 360 80.90 -12.82 131.01
N LEU A 361 81.47 -13.97 130.66
CA LEU A 361 80.69 -15.18 130.40
C LEU A 361 79.73 -14.99 129.22
N PHE A 362 80.31 -14.67 128.07
CA PHE A 362 79.54 -14.53 126.85
C PHE A 362 78.77 -15.80 126.56
N TYR A 363 77.50 -15.66 126.19
CA TYR A 363 76.66 -16.81 125.87
C TYR A 363 75.95 -16.55 124.55
N ALA A 364 76.18 -17.42 123.59
CA ALA A 364 75.70 -17.27 122.22
C ALA A 364 75.15 -18.61 121.74
N SER A 365 73.93 -18.58 121.20
CA SER A 365 73.24 -19.81 120.88
C SER A 365 72.33 -19.59 119.68
N LYS A 366 72.18 -20.63 118.88
CA LYS A 366 71.20 -20.69 117.81
C LYS A 366 70.62 -22.09 117.81
N ARG A 367 69.44 -22.24 117.21
CA ARG A 367 68.71 -23.51 117.27
C ARG A 367 68.36 -24.00 115.87
N VAL A 368 68.71 -25.26 115.61
CA VAL A 368 68.60 -25.87 114.29
C VAL A 368 68.24 -27.34 114.48
N GLY A 369 67.60 -27.91 113.46
CA GLY A 369 67.27 -29.31 113.46
C GLY A 369 66.97 -29.76 112.05
N GLY A 370 66.97 -31.08 111.87
CA GLY A 370 66.62 -31.60 110.57
C GLY A 370 67.04 -33.03 110.31
N ASP A 371 66.17 -33.79 109.66
CA ASP A 371 66.53 -35.11 109.15
C ASP A 371 66.00 -35.25 107.74
N VAL A 372 66.07 -36.46 107.20
CA VAL A 372 65.64 -36.69 105.84
C VAL A 372 64.13 -36.51 105.74
N SER A 373 63.68 -35.98 104.61
CA SER A 373 62.28 -35.77 104.34
C SER A 373 61.75 -36.64 103.22
N ASP A 374 62.63 -37.11 102.35
CA ASP A 374 62.28 -37.94 101.21
C ASP A 374 63.33 -39.03 101.11
N PHE A 375 63.02 -40.21 101.61
CA PHE A 375 63.99 -41.30 101.64
C PHE A 375 64.38 -41.78 100.26
N ALA A 376 63.60 -41.46 99.24
CA ALA A 376 63.89 -41.86 97.88
C ALA A 376 64.89 -40.96 97.16
N ALA A 377 65.31 -39.85 97.78
CA ALA A 377 66.13 -38.86 97.10
C ALA A 377 67.54 -38.80 97.61
N ILE A 378 67.98 -39.81 98.34
CA ILE A 378 69.35 -39.89 98.82
C ILE A 378 69.77 -41.35 98.74
N LYS A 379 70.78 -41.64 97.93
CA LYS A 379 71.33 -42.98 97.82
C LYS A 379 72.77 -42.97 98.28
N LEU A 380 73.17 -44.06 98.92
CA LEU A 380 74.49 -44.18 99.54
C LEU A 380 75.31 -45.22 98.81
N LEU A 381 76.57 -45.34 99.21
CA LEU A 381 77.53 -46.23 98.56
C LEU A 381 78.32 -46.98 99.62
N LYS A 382 77.84 -48.16 99.98
CA LYS A 382 78.52 -48.98 100.97
C LYS A 382 79.74 -49.62 100.33
N PHE A 383 80.83 -49.71 101.10
CA PHE A 383 82.09 -50.23 100.59
C PHE A 383 82.36 -51.66 101.02
N ALA A 384 81.32 -52.49 101.18
CA ALA A 384 81.53 -53.83 101.73
C ALA A 384 81.39 -54.95 100.71
N ALA A 385 80.27 -55.02 100.01
CA ALA A 385 80.01 -56.18 99.17
C ALA A 385 80.04 -55.84 97.68
N ALA B 89 55.14 -22.93 131.76
CA ALA B 89 55.77 -23.43 132.97
C ALA B 89 57.24 -23.72 132.72
N LEU B 90 57.71 -24.84 133.24
CA LEU B 90 59.10 -25.24 133.09
C LEU B 90 59.36 -25.81 131.70
N ASN B 91 60.47 -26.55 131.59
CA ASN B 91 60.99 -27.06 130.33
C ASN B 91 59.90 -27.66 129.46
N SER B 92 60.10 -27.54 128.14
CA SER B 92 59.22 -28.16 127.16
C SER B 92 59.65 -29.56 126.80
N ALA B 93 60.52 -30.17 127.61
CA ALA B 93 60.93 -31.54 127.35
C ALA B 93 59.89 -32.53 127.83
N VAL B 94 59.57 -32.48 129.13
CA VAL B 94 58.53 -33.35 129.67
C VAL B 94 57.18 -32.79 129.28
N ALA B 95 56.24 -33.69 128.95
CA ALA B 95 54.95 -33.25 128.44
C ALA B 95 54.13 -32.54 129.51
N ALA B 96 54.27 -32.94 130.77
CA ALA B 96 53.40 -32.37 131.81
C ALA B 96 53.80 -30.96 132.20
N GLU B 97 55.09 -30.66 132.31
CA GLU B 97 55.51 -29.31 132.67
C GLU B 97 55.16 -28.31 131.60
N GLY B 98 55.72 -28.48 130.41
CA GLY B 98 55.42 -27.55 129.34
C GLY B 98 55.28 -28.21 127.99
N GLY B 99 55.44 -29.52 127.95
CA GLY B 99 55.46 -30.21 126.67
C GLY B 99 54.16 -30.10 125.90
N TYR B 100 53.06 -29.82 126.59
CA TYR B 100 51.78 -29.65 125.93
C TYR B 100 51.62 -28.25 125.35
N LEU B 101 52.35 -27.28 125.87
CA LEU B 101 52.20 -25.88 125.50
C LEU B 101 52.78 -25.58 124.12
N VAL B 102 53.52 -26.51 123.53
CA VAL B 102 54.26 -26.26 122.30
C VAL B 102 53.68 -27.09 121.17
N ASP B 103 53.65 -26.51 119.98
CA ASP B 103 53.08 -27.19 118.82
C ASP B 103 54.01 -27.06 117.63
N PRO B 104 54.07 -28.06 116.78
CA PRO B 104 54.93 -28.00 115.60
C PRO B 104 54.22 -27.41 114.39
N GLN B 105 55.01 -26.75 113.55
CA GLN B 105 54.49 -26.31 112.26
C GLN B 105 54.28 -27.50 111.34
N THR B 106 53.18 -27.52 110.62
CA THR B 106 52.89 -28.66 109.77
C THR B 106 53.63 -28.58 108.44
N SER B 107 53.32 -27.59 107.61
CA SER B 107 54.05 -27.28 106.39
C SER B 107 53.31 -26.16 105.68
N GLU B 108 53.93 -25.67 104.59
CA GLU B 108 53.22 -24.77 103.70
C GLU B 108 52.31 -25.57 102.77
N THR B 109 52.74 -26.77 102.41
CA THR B 109 52.00 -27.63 101.49
C THR B 109 52.40 -29.06 101.74
N ILE B 110 51.62 -29.97 101.20
CA ILE B 110 51.92 -31.39 101.34
C ILE B 110 52.85 -31.82 100.22
N ARG B 111 53.89 -32.55 100.58
CA ARG B 111 54.93 -32.98 99.66
C ARG B 111 54.59 -34.37 99.11
N GLY B 112 55.50 -34.89 98.30
CA GLY B 112 55.30 -36.23 97.78
C GLY B 112 56.52 -36.70 97.05
N VAL B 113 56.54 -38.01 96.76
CA VAL B 113 57.63 -38.59 96.02
C VAL B 113 57.61 -38.05 94.59
N LEU B 114 58.80 -37.90 94.00
CA LEU B 114 58.92 -37.40 92.64
C LEU B 114 58.96 -38.58 91.68
N ARG B 115 57.98 -38.65 90.79
CA ARG B 115 57.89 -39.73 89.83
C ARG B 115 58.34 -39.24 88.46
N SER B 116 58.77 -40.18 87.63
CA SER B 116 59.26 -39.80 86.31
C SER B 116 58.12 -39.57 85.34
N THR B 117 58.34 -38.66 84.40
CA THR B 117 57.30 -38.21 83.49
C THR B 117 57.52 -38.62 82.05
N ALA B 118 58.72 -39.05 81.67
CA ALA B 118 58.96 -39.52 80.32
C ALA B 118 58.00 -40.64 79.99
N SER B 119 57.22 -40.47 78.92
CA SER B 119 56.01 -41.27 78.77
C SER B 119 55.77 -41.81 77.37
N LEU B 120 56.75 -41.77 76.47
CA LEU B 120 56.61 -42.22 75.09
C LEU B 120 55.61 -41.34 74.34
N ARG B 121 55.01 -40.37 74.99
CA ARG B 121 54.03 -39.53 74.34
C ARG B 121 54.68 -38.46 73.49
N GLN B 122 55.92 -38.08 73.80
CA GLN B 122 56.60 -37.04 73.04
C GLN B 122 57.35 -37.58 71.84
N ILE B 123 57.23 -38.88 71.56
CA ILE B 123 57.77 -39.44 70.33
C ILE B 123 56.72 -40.15 69.50
N ALA B 124 55.62 -40.59 70.09
CA ALA B 124 54.62 -41.30 69.32
C ALA B 124 53.72 -40.31 68.60
N SER B 125 52.88 -40.84 67.70
CA SER B 125 51.97 -40.02 66.92
C SER B 125 50.66 -39.87 67.68
N VAL B 126 50.35 -38.64 68.07
CA VAL B 126 49.13 -38.36 68.81
C VAL B 126 48.11 -37.78 67.84
N VAL B 127 46.89 -38.29 67.90
CA VAL B 127 45.80 -37.82 67.05
C VAL B 127 44.60 -37.53 67.93
N ASN B 128 44.08 -36.31 67.85
CA ASN B 128 42.93 -35.90 68.64
C ASN B 128 41.68 -36.48 68.01
N VAL B 129 41.33 -37.69 68.41
CA VAL B 129 40.15 -38.37 67.88
C VAL B 129 38.95 -38.02 68.74
N GLU B 130 37.81 -37.82 68.10
CA GLU B 130 36.58 -37.46 68.77
C GLU B 130 35.50 -38.53 68.63
N ALA B 131 35.76 -39.59 67.90
CA ALA B 131 34.80 -40.66 67.71
C ALA B 131 35.01 -41.74 68.77
N THR B 132 34.40 -42.90 68.59
CA THR B 132 34.59 -44.01 69.50
C THR B 132 35.89 -44.76 69.26
N SER B 133 36.57 -44.51 68.16
CA SER B 133 37.75 -45.27 67.79
C SER B 133 38.46 -44.55 66.67
N PHE B 134 39.72 -44.91 66.47
CA PHE B 134 40.52 -44.44 65.35
C PHE B 134 40.90 -45.62 64.48
N ASP B 135 40.82 -45.45 63.17
CA ASP B 135 40.99 -46.55 62.22
C ASP B 135 42.07 -46.16 61.21
N VAL B 136 43.27 -46.63 61.42
CA VAL B 136 44.34 -46.40 60.45
C VAL B 136 44.23 -47.44 59.35
N LEU B 137 44.55 -47.05 58.13
CA LEU B 137 44.51 -47.96 56.99
C LEU B 137 45.94 -48.20 56.54
N VAL B 138 46.39 -49.43 56.64
CA VAL B 138 47.75 -49.82 56.28
C VAL B 138 47.66 -50.94 55.25
N ASP B 139 48.34 -50.75 54.12
CA ASP B 139 48.45 -51.82 53.14
C ASP B 139 49.51 -52.82 53.59
N LYS B 140 49.14 -54.09 53.63
CA LYS B 140 49.99 -55.10 54.23
C LYS B 140 51.17 -55.46 53.33
N THR B 141 51.03 -55.32 52.01
CA THR B 141 52.09 -55.67 51.09
C THR B 141 52.17 -54.62 50.00
N ASP B 142 53.23 -54.71 49.18
CA ASP B 142 53.38 -53.85 48.02
C ASP B 142 52.79 -54.52 46.78
N MET B 143 52.90 -53.86 45.64
CA MET B 143 52.23 -54.35 44.44
C MET B 143 52.99 -55.53 43.83
N GLY B 144 54.24 -55.32 43.48
CA GLY B 144 54.96 -56.31 42.72
C GLY B 144 54.75 -56.08 41.23
N SER B 145 55.82 -56.07 40.45
CA SER B 145 55.69 -55.78 39.03
C SER B 145 56.88 -56.40 38.30
N GLY B 146 56.65 -57.52 37.64
CA GLY B 146 57.67 -58.11 36.80
C GLY B 146 58.06 -57.17 35.67
N TRP B 147 59.16 -57.50 35.00
CA TRP B 147 59.67 -56.58 33.99
C TRP B 147 58.86 -56.67 32.70
N ALA B 148 58.96 -57.78 31.98
CA ALA B 148 58.22 -57.95 30.74
C ALA B 148 58.62 -59.26 30.09
N SER B 149 57.97 -59.54 28.98
CA SER B 149 58.52 -60.38 27.93
C SER B 149 57.94 -59.83 26.64
N GLU B 150 58.81 -59.44 25.71
CA GLU B 150 58.38 -58.68 24.53
C GLU B 150 57.14 -59.29 23.90
N THR B 151 57.01 -60.61 23.94
CA THR B 151 55.87 -61.34 23.41
C THR B 151 55.27 -62.18 24.53
N ALA B 152 54.34 -61.59 25.27
CA ALA B 152 53.76 -62.29 26.42
C ALA B 152 52.42 -61.65 26.76
N ALA B 153 51.67 -62.34 27.63
CA ALA B 153 50.30 -61.95 27.90
C ALA B 153 50.21 -60.71 28.78
N LEU B 154 51.22 -60.48 29.63
CA LEU B 154 51.20 -59.37 30.58
C LEU B 154 49.97 -59.44 31.49
N SER B 155 49.93 -60.51 32.28
CA SER B 155 48.79 -60.74 33.14
C SER B 155 48.75 -59.71 34.27
N GLU B 156 47.59 -59.62 34.91
CA GLU B 156 47.38 -58.65 35.96
C GLU B 156 48.33 -58.92 37.13
N THR B 157 49.00 -57.87 37.59
CA THR B 157 49.89 -58.00 38.73
C THR B 157 49.11 -57.86 40.02
N ALA B 158 49.70 -58.34 41.10
CA ALA B 158 49.06 -58.25 42.40
C ALA B 158 48.93 -56.79 42.82
N THR B 159 48.03 -56.57 43.77
CA THR B 159 47.74 -55.26 44.31
C THR B 159 47.86 -55.31 45.83
N PRO B 160 48.08 -54.18 46.49
CA PRO B 160 48.21 -54.20 47.95
C PRO B 160 46.91 -54.67 48.59
N GLN B 161 47.04 -55.46 49.65
CA GLN B 161 45.89 -55.86 50.44
C GLN B 161 45.80 -54.93 51.65
N ILE B 162 44.75 -54.12 51.69
CA ILE B 162 44.59 -53.14 52.74
C ILE B 162 44.15 -53.83 54.02
N ASP B 163 44.66 -53.33 55.14
CA ASP B 163 44.25 -53.81 56.45
C ASP B 163 43.93 -52.60 57.32
N ARG B 164 42.89 -52.71 58.11
CA ARG B 164 42.44 -51.64 58.99
C ARG B 164 42.74 -52.03 60.44
N ILE B 165 43.33 -51.10 61.17
CA ILE B 165 43.68 -51.29 62.57
C ILE B 165 42.78 -50.37 63.40
N THR B 166 42.16 -50.92 64.43
CA THR B 166 41.21 -50.18 65.25
C THR B 166 41.89 -49.71 66.53
N ILE B 167 41.83 -48.43 66.79
CA ILE B 167 42.30 -47.89 68.06
C ILE B 167 41.07 -47.69 68.94
N PRO B 168 40.73 -48.65 69.82
CA PRO B 168 39.40 -48.62 70.43
C PRO B 168 39.17 -47.44 71.36
N LEU B 169 40.20 -46.70 71.75
CA LEU B 169 40.05 -45.48 72.54
C LEU B 169 39.30 -45.75 73.85
N HIS B 170 39.96 -46.53 74.71
CA HIS B 170 39.41 -46.81 76.02
C HIS B 170 39.50 -45.58 76.91
N GLU B 171 39.09 -45.71 78.16
CA GLU B 171 39.18 -44.59 79.09
C GLU B 171 39.87 -45.01 80.38
N LEU B 172 40.68 -44.08 80.88
CA LEU B 172 41.50 -44.26 82.06
C LEU B 172 40.84 -43.50 83.20
N ALA B 173 40.33 -44.20 84.20
CA ALA B 173 39.52 -43.58 85.23
C ALA B 173 40.08 -43.91 86.60
N ALA B 174 39.99 -42.94 87.51
CA ALA B 174 40.41 -43.12 88.89
C ALA B 174 39.36 -42.51 89.78
N MET B 175 38.94 -43.26 90.81
CA MET B 175 37.85 -42.85 91.70
C MET B 175 38.32 -42.93 93.15
N PRO B 176 39.21 -42.04 93.57
CA PRO B 176 39.60 -42.01 94.98
C PRO B 176 38.46 -41.49 95.83
N LYS B 177 38.32 -42.07 97.02
CA LYS B 177 37.23 -41.76 97.93
C LYS B 177 37.79 -41.04 99.14
N ALA B 178 37.43 -39.77 99.29
CA ALA B 178 37.86 -38.98 100.44
C ALA B 178 36.72 -38.83 101.42
N SER B 179 37.01 -39.02 102.70
CA SER B 179 35.99 -38.86 103.72
C SER B 179 35.54 -37.42 103.81
N GLN B 180 34.33 -37.21 104.35
CA GLN B 180 33.81 -35.86 104.42
C GLN B 180 34.39 -35.09 105.59
N ARG B 181 34.52 -35.75 106.74
CA ARG B 181 35.18 -35.10 107.87
C ARG B 181 36.57 -34.62 107.49
N LEU B 182 37.31 -35.45 106.76
CA LEU B 182 38.67 -35.08 106.39
C LEU B 182 38.70 -33.80 105.56
N LEU B 183 37.85 -33.72 104.54
CA LEU B 183 37.87 -32.53 103.69
C LEU B 183 37.39 -31.30 104.43
N ASP B 184 36.58 -31.46 105.47
CA ASP B 184 35.97 -30.32 106.13
C ASP B 184 36.86 -29.67 107.18
N ASP B 185 37.78 -30.41 107.78
CA ASP B 185 38.60 -29.87 108.85
C ASP B 185 40.08 -29.85 108.55
N SER B 186 40.55 -30.63 107.58
CA SER B 186 41.97 -30.62 107.25
C SER B 186 42.37 -29.28 106.68
N ALA B 187 43.51 -28.76 107.14
CA ALA B 187 44.00 -27.46 106.72
C ALA B 187 44.67 -27.48 105.36
N PHE B 188 44.82 -28.65 104.75
CA PHE B 188 45.38 -28.78 103.42
C PHE B 188 44.26 -28.88 102.39
N ASP B 189 44.51 -28.34 101.20
CA ASP B 189 43.50 -28.37 100.14
C ASP B 189 43.48 -29.76 99.54
N ILE B 190 42.79 -30.67 100.21
CA ILE B 190 42.79 -32.06 99.78
C ILE B 190 41.93 -32.24 98.53
N GLU B 191 41.00 -31.32 98.27
CA GLU B 191 40.19 -31.44 97.07
C GLU B 191 41.01 -31.23 95.81
N THR B 192 41.95 -30.28 95.85
CA THR B 192 42.82 -30.03 94.70
C THR B 192 44.15 -30.73 94.80
N TRP B 193 44.46 -31.36 95.92
CA TRP B 193 45.64 -32.21 95.98
C TRP B 193 45.36 -33.56 95.34
N LEU B 194 44.15 -34.09 95.53
CA LEU B 194 43.77 -35.32 94.84
C LEU B 194 43.79 -35.13 93.33
N ALA B 195 43.35 -33.96 92.86
CA ALA B 195 43.26 -33.74 91.42
C ALA B 195 44.66 -33.67 90.80
N ASN B 196 45.60 -33.00 91.46
CA ASN B 196 46.95 -32.93 90.92
C ASN B 196 47.62 -34.30 90.95
N ARG B 197 47.35 -35.10 91.97
CA ARG B 197 47.87 -36.45 92.00
C ARG B 197 47.25 -37.31 90.91
N ILE B 198 45.96 -37.13 90.65
CA ILE B 198 45.29 -37.88 89.59
C ILE B 198 45.84 -37.48 88.23
N ALA B 199 45.85 -36.18 87.94
CA ALA B 199 46.34 -35.72 86.65
C ALA B 199 47.79 -36.15 86.40
N ASP B 200 48.56 -36.39 87.46
CA ASP B 200 49.90 -36.92 87.29
C ASP B 200 49.89 -38.43 87.16
N LYS B 201 49.00 -39.11 87.89
CA LYS B 201 48.87 -40.56 87.72
C LYS B 201 48.35 -40.91 86.34
N PHE B 202 47.52 -40.05 85.75
CA PHE B 202 47.03 -40.34 84.41
C PHE B 202 48.14 -40.22 83.37
N ALA B 203 48.99 -39.22 83.50
CA ALA B 203 50.13 -39.12 82.59
C ALA B 203 51.14 -40.22 82.82
N ARG B 204 51.02 -40.96 83.92
CA ARG B 204 51.94 -42.02 84.26
C ARG B 204 51.34 -43.40 84.14
N ALA B 205 50.04 -43.55 84.37
CA ALA B 205 49.40 -44.84 84.19
C ALA B 205 49.12 -45.13 82.73
N GLU B 206 48.92 -44.10 81.92
CA GLU B 206 48.77 -44.29 80.48
C GLU B 206 50.10 -44.55 79.81
N ALA B 207 51.21 -44.16 80.45
CA ALA B 207 52.53 -44.41 79.86
C ALA B 207 52.89 -45.88 79.93
N ALA B 208 52.59 -46.54 81.05
CA ALA B 208 52.87 -47.96 81.15
C ALA B 208 52.01 -48.79 80.24
N ALA B 209 50.88 -48.24 79.78
CA ALA B 209 50.04 -48.95 78.84
C ALA B 209 50.57 -48.83 77.42
N PHE B 210 51.08 -47.66 77.05
CA PHE B 210 51.63 -47.51 75.71
C PHE B 210 52.82 -48.42 75.47
N ILE B 211 53.46 -48.90 76.52
CA ILE B 211 54.66 -49.70 76.38
C ILE B 211 54.36 -51.18 76.49
N SER B 212 53.72 -51.61 77.56
CA SER B 212 53.39 -53.03 77.72
C SER B 212 51.96 -53.20 78.21
N GLY B 213 51.03 -52.47 77.61
CA GLY B 213 49.64 -52.68 77.94
C GLY B 213 49.06 -53.83 77.14
N ASP B 214 48.13 -54.55 77.76
CA ASP B 214 47.46 -55.64 77.10
C ASP B 214 46.19 -55.13 76.42
N GLY B 215 45.44 -56.05 75.84
CA GLY B 215 44.30 -55.64 75.02
C GLY B 215 43.13 -55.12 75.82
N VAL B 216 42.79 -55.78 76.92
CA VAL B 216 41.52 -55.57 77.59
C VAL B 216 41.46 -54.15 78.17
N ASP B 217 40.54 -53.34 77.65
CA ASP B 217 40.14 -52.06 78.23
C ASP B 217 41.29 -51.06 78.33
N LYS B 218 42.40 -51.29 77.65
CA LYS B 218 43.54 -50.40 77.78
C LYS B 218 44.41 -50.56 76.55
N PRO B 219 45.20 -49.54 76.20
CA PRO B 219 45.99 -49.61 74.98
C PRO B 219 46.95 -50.78 75.00
N THR B 220 47.24 -51.32 73.83
CA THR B 220 48.20 -52.40 73.72
C THR B 220 49.56 -51.78 73.46
N GLY B 221 50.50 -52.01 74.37
CA GLY B 221 51.84 -51.51 74.19
C GLY B 221 52.57 -52.23 73.09
N PHE B 222 53.57 -51.57 72.52
CA PHE B 222 54.27 -52.16 71.40
C PHE B 222 55.09 -53.38 71.79
N LEU B 223 55.15 -53.73 73.06
CA LEU B 223 55.87 -54.92 73.48
C LEU B 223 55.01 -56.16 73.47
N THR B 224 53.70 -56.02 73.52
CA THR B 224 52.80 -57.17 73.46
C THR B 224 52.28 -57.37 72.03
N LYS B 225 53.22 -57.54 71.10
CA LYS B 225 52.91 -57.60 69.68
C LYS B 225 53.62 -58.75 69.00
N THR B 226 53.55 -59.93 69.61
CA THR B 226 54.03 -61.20 69.06
C THR B 226 55.34 -61.04 68.28
N LYS B 227 56.37 -60.64 69.03
CA LYS B 227 57.68 -60.35 68.45
C LYS B 227 58.21 -61.54 67.67
N VAL B 228 58.86 -61.26 66.55
CA VAL B 228 59.44 -62.28 65.69
C VAL B 228 60.90 -61.92 65.45
N ALA B 229 61.75 -62.94 65.36
CA ALA B 229 63.16 -62.70 65.09
C ALA B 229 63.33 -62.03 63.75
N ASN B 230 64.09 -60.94 63.74
CA ASN B 230 64.29 -60.20 62.51
C ASN B 230 65.07 -61.01 61.49
N GLY B 231 64.93 -60.63 60.23
CA GLY B 231 65.48 -61.43 59.16
C GLY B 231 64.39 -62.31 58.57
N ALA B 232 63.56 -62.88 59.43
CA ALA B 232 62.33 -63.54 59.04
C ALA B 232 61.12 -62.70 59.44
N TRP B 233 61.26 -61.38 59.32
CA TRP B 233 60.24 -60.48 59.81
C TRP B 233 59.09 -60.39 58.82
N ALA B 234 57.87 -60.49 59.34
CA ALA B 234 56.64 -60.33 58.57
C ALA B 234 55.90 -59.10 59.10
N TRP B 235 54.76 -58.80 58.48
CA TRP B 235 54.04 -57.58 58.86
C TRP B 235 53.40 -57.71 60.23
N GLY B 236 52.79 -58.84 60.55
CA GLY B 236 52.01 -58.93 61.76
C GLY B 236 52.78 -58.99 63.06
N SER B 237 54.09 -58.72 63.01
CA SER B 237 54.93 -58.93 64.18
C SER B 237 56.11 -57.97 64.14
N LEU B 238 56.64 -57.66 65.32
CA LEU B 238 57.78 -56.77 65.44
C LEU B 238 59.08 -57.55 65.45
N GLY B 239 60.08 -57.01 64.77
CA GLY B 239 61.35 -57.66 64.66
C GLY B 239 62.29 -57.24 65.78
N TYR B 240 63.08 -58.20 66.25
CA TYR B 240 64.05 -57.96 67.30
C TYR B 240 65.40 -58.51 66.89
N VAL B 241 66.42 -58.16 67.67
CA VAL B 241 67.75 -58.72 67.51
C VAL B 241 68.20 -59.21 68.88
N ALA B 242 68.81 -60.38 68.91
CA ALA B 242 69.22 -60.99 70.17
C ALA B 242 70.60 -60.49 70.54
N THR B 243 70.84 -60.31 71.84
CA THR B 243 72.12 -59.77 72.27
C THR B 243 73.21 -60.81 72.18
N GLY B 244 72.97 -61.99 72.74
CA GLY B 244 74.05 -62.91 73.03
C GLY B 244 73.73 -63.67 74.28
N ALA B 245 74.57 -63.56 75.30
CA ALA B 245 74.28 -64.19 76.59
C ALA B 245 72.86 -63.86 77.03
N ALA B 246 72.23 -64.83 77.68
CA ALA B 246 70.80 -64.72 77.94
C ALA B 246 70.49 -63.72 79.05
N GLY B 247 71.30 -63.69 80.10
CA GLY B 247 70.97 -62.87 81.24
C GLY B 247 71.17 -61.38 81.02
N ASP B 248 72.08 -61.01 80.13
CA ASP B 248 72.49 -59.62 80.02
C ASP B 248 73.05 -59.36 78.63
N PHE B 249 73.82 -58.28 78.49
CA PHE B 249 74.48 -57.99 77.23
C PHE B 249 75.46 -59.11 76.89
N ALA B 250 76.03 -59.01 75.69
CA ALA B 250 77.02 -59.99 75.27
C ALA B 250 78.23 -59.94 76.20
N ALA B 251 78.97 -61.04 76.25
CA ALA B 251 80.09 -61.09 77.17
C ALA B 251 81.33 -60.44 76.58
N VAL B 252 81.75 -60.87 75.40
CA VAL B 252 83.02 -60.43 74.85
C VAL B 252 82.92 -59.00 74.31
N ASN B 253 82.07 -58.80 73.32
CA ASN B 253 81.90 -57.49 72.70
C ASN B 253 80.44 -57.09 72.91
N ALA B 254 80.17 -56.33 73.96
CA ALA B 254 78.81 -56.03 74.38
C ALA B 254 78.30 -54.74 73.80
N SER B 255 78.84 -54.31 72.67
CA SER B 255 78.39 -53.10 72.03
C SER B 255 78.00 -53.33 70.59
N ASP B 256 78.07 -54.55 70.10
CA ASP B 256 77.55 -54.83 68.77
C ASP B 256 76.05 -55.03 68.80
N ALA B 257 75.53 -55.58 69.90
CA ALA B 257 74.09 -55.81 70.00
C ALA B 257 73.32 -54.51 69.87
N VAL B 258 73.90 -53.40 70.31
CA VAL B 258 73.22 -52.12 70.14
C VAL B 258 73.38 -51.63 68.72
N VAL B 259 74.57 -51.78 68.14
CA VAL B 259 74.78 -51.20 66.81
C VAL B 259 74.24 -52.12 65.73
N ASP B 260 74.14 -53.43 65.97
CA ASP B 260 73.44 -54.27 65.01
C ASP B 260 71.94 -54.18 65.18
N LEU B 261 71.47 -53.40 66.15
CA LEU B 261 70.07 -53.01 66.28
C LEU B 261 69.77 -51.73 65.52
N VAL B 262 70.68 -50.76 65.59
CA VAL B 262 70.49 -49.50 64.87
C VAL B 262 70.43 -49.74 63.38
N TYR B 263 71.16 -50.72 62.89
CA TYR B 263 71.22 -51.01 61.47
C TYR B 263 70.27 -52.12 61.05
N ALA B 264 69.31 -52.46 61.90
CA ALA B 264 68.25 -53.39 61.54
C ALA B 264 66.89 -52.71 61.51
N LEU B 265 66.84 -51.40 61.26
CA LEU B 265 65.60 -50.65 61.32
C LEU B 265 65.10 -50.24 59.95
N GLY B 266 65.96 -49.70 59.10
CA GLY B 266 65.50 -49.25 57.79
C GLY B 266 65.89 -47.80 57.62
N ALA B 267 66.49 -47.50 56.46
CA ALA B 267 67.06 -46.19 56.25
C ALA B 267 66.03 -45.08 56.24
N GLU B 268 64.75 -45.40 56.06
CA GLU B 268 63.71 -44.38 56.07
C GLU B 268 63.16 -44.15 57.45
N TYR B 269 63.16 -45.18 58.31
CA TYR B 269 62.75 -45.05 59.70
C TYR B 269 63.89 -44.62 60.60
N ARG B 270 65.13 -44.68 60.14
CA ARG B 270 66.28 -44.24 60.90
C ARG B 270 66.50 -42.74 60.78
N ALA B 271 65.66 -42.04 60.05
CA ALA B 271 65.83 -40.59 59.92
C ALA B 271 65.60 -39.93 61.26
N ASN B 272 64.44 -40.18 61.86
CA ASN B 272 64.10 -39.66 63.18
C ASN B 272 63.57 -40.81 64.04
N ALA B 273 64.49 -41.53 64.66
CA ALA B 273 64.16 -42.60 65.59
C ALA B 273 64.82 -42.31 66.93
N SER B 274 64.46 -43.12 67.93
CA SER B 274 65.00 -42.92 69.26
C SER B 274 64.95 -44.23 70.02
N PHE B 275 65.91 -44.42 70.92
CA PHE B 275 65.90 -45.59 71.79
C PHE B 275 64.90 -45.37 72.91
N VAL B 276 64.38 -46.46 73.46
CA VAL B 276 63.46 -46.41 74.57
C VAL B 276 63.95 -47.39 75.62
N MET B 277 64.47 -46.88 76.72
CA MET B 277 65.00 -47.69 77.79
C MET B 277 64.50 -47.15 79.12
N ASN B 278 64.73 -47.93 80.18
CA ASN B 278 64.49 -47.44 81.53
C ASN B 278 65.82 -47.01 82.14
N SER B 279 65.73 -46.27 83.24
CA SER B 279 66.93 -45.65 83.77
C SER B 279 67.96 -46.66 84.23
N LYS B 280 67.57 -47.91 84.44
CA LYS B 280 68.55 -48.91 84.85
C LYS B 280 69.23 -49.56 83.66
N THR B 281 68.56 -49.66 82.52
CA THR B 281 69.23 -50.20 81.35
C THR B 281 70.14 -49.17 80.71
N ALA B 282 69.72 -47.91 80.70
CA ALA B 282 70.62 -46.84 80.30
C ALA B 282 71.84 -46.80 81.20
N GLY B 283 71.70 -47.25 82.44
CA GLY B 283 72.86 -47.42 83.29
C GLY B 283 73.77 -48.51 82.80
N ALA B 284 73.22 -49.70 82.56
CA ALA B 284 74.02 -50.81 82.06
C ALA B 284 74.64 -50.49 80.71
N VAL B 285 73.98 -49.67 79.90
CA VAL B 285 74.56 -49.26 78.64
C VAL B 285 75.72 -48.32 78.87
N ARG B 286 75.64 -47.49 79.90
CA ARG B 286 76.74 -46.57 80.15
C ARG B 286 77.95 -47.27 80.73
N LYS B 287 77.77 -48.40 81.40
CA LYS B 287 78.86 -49.18 81.96
C LYS B 287 79.59 -50.02 80.93
N MET B 288 79.34 -49.81 79.64
CA MET B 288 80.04 -50.56 78.61
C MET B 288 81.39 -49.93 78.35
N LYS B 289 82.45 -50.70 78.55
CA LYS B 289 83.81 -50.19 78.46
C LYS B 289 84.64 -51.07 77.55
N ASP B 290 85.71 -50.51 77.02
CA ASP B 290 86.64 -51.20 76.15
C ASP B 290 87.57 -52.06 77.00
N ALA B 291 88.64 -52.59 76.40
CA ALA B 291 89.55 -53.45 77.14
C ALA B 291 90.33 -52.70 78.20
N ASP B 292 90.36 -51.38 78.15
CA ASP B 292 91.01 -50.57 79.17
C ASP B 292 90.06 -50.13 80.27
N GLY B 293 88.76 -50.10 80.01
CA GLY B 293 87.80 -49.65 80.98
C GLY B 293 87.52 -48.16 80.88
N ARG B 294 87.14 -47.70 79.69
CA ARG B 294 87.01 -46.27 79.43
C ARG B 294 85.59 -45.83 79.09
N PHE B 295 84.58 -46.68 79.29
CA PHE B 295 83.18 -46.28 79.15
C PHE B 295 82.89 -45.73 77.74
N LEU B 296 82.91 -46.64 76.77
CA LEU B 296 82.71 -46.28 75.36
C LEU B 296 81.67 -45.19 75.15
N TRP B 297 80.59 -45.23 75.92
CA TRP B 297 79.59 -44.18 75.96
C TRP B 297 79.90 -43.24 77.12
N ALA B 298 80.04 -41.95 76.83
CA ALA B 298 80.36 -40.95 77.86
C ALA B 298 81.67 -41.30 78.56
N ASP B 299 82.76 -41.16 77.79
CA ASP B 299 84.07 -41.67 78.17
C ASP B 299 84.46 -41.32 79.60
N SER B 300 84.56 -40.03 79.90
CA SER B 300 85.11 -39.59 81.18
C SER B 300 84.09 -39.76 82.30
N LEU B 301 84.58 -39.69 83.54
CA LEU B 301 83.71 -39.65 84.70
C LEU B 301 83.26 -38.25 85.03
N ALA B 302 83.36 -37.31 84.11
CA ALA B 302 82.77 -36.00 84.29
C ALA B 302 81.78 -35.67 83.18
N ALA B 303 81.22 -36.69 82.53
CA ALA B 303 80.45 -36.48 81.31
C ALA B 303 78.96 -36.35 81.59
N GLY B 304 78.37 -37.36 82.20
CA GLY B 304 76.94 -37.40 82.38
C GLY B 304 76.27 -38.18 81.26
N GLU B 305 74.93 -38.15 81.26
CA GLU B 305 74.18 -38.90 80.22
C GLU B 305 74.22 -38.07 78.94
N PRO B 306 74.98 -38.46 77.87
CA PRO B 306 75.09 -37.71 76.60
C PRO B 306 73.77 -37.68 75.84
N ALA B 307 72.94 -38.70 76.01
CA ALA B 307 71.60 -38.75 75.45
C ALA B 307 71.60 -38.65 73.93
N ARG B 308 72.67 -39.10 73.29
CA ARG B 308 72.74 -39.23 71.84
C ARG B 308 73.33 -40.58 71.48
N LEU B 309 72.84 -41.63 72.12
CA LEU B 309 73.36 -42.98 71.90
C LEU B 309 73.31 -43.35 70.42
N MET B 310 74.48 -43.55 69.83
CA MET B 310 74.62 -43.93 68.42
C MET B 310 74.00 -42.88 67.50
N GLY B 311 74.17 -41.62 67.83
CA GLY B 311 73.69 -40.54 67.00
C GLY B 311 72.22 -40.23 67.12
N TYR B 312 71.45 -41.04 67.82
CA TYR B 312 70.01 -40.88 67.94
C TYR B 312 69.63 -40.56 69.38
N PRO B 313 68.54 -39.84 69.60
CA PRO B 313 68.14 -39.50 70.96
C PRO B 313 67.78 -40.72 71.76
N VAL B 314 67.61 -40.52 73.06
CA VAL B 314 67.26 -41.59 73.98
C VAL B 314 66.10 -41.11 74.84
N LEU B 315 65.09 -41.97 74.98
CA LEU B 315 63.95 -41.67 75.83
C LEU B 315 64.05 -42.58 77.04
N ILE B 316 64.32 -41.99 78.21
CA ILE B 316 64.45 -42.79 79.42
C ILE B 316 63.05 -43.03 79.95
N ALA B 317 62.42 -44.10 79.49
CA ALA B 317 61.07 -44.45 79.90
C ALA B 317 61.15 -45.51 80.98
N GLU B 318 60.79 -45.14 82.20
CA GLU B 318 60.90 -46.03 83.34
C GLU B 318 59.90 -47.16 83.31
N ASP B 319 59.04 -47.20 82.29
CA ASP B 319 58.02 -48.23 82.21
C ASP B 319 58.45 -49.42 81.37
N MET B 320 59.58 -49.34 80.68
CA MET B 320 60.10 -50.46 79.93
C MET B 320 60.59 -51.55 80.88
N PRO B 321 60.62 -52.80 80.44
CA PRO B 321 61.18 -53.85 81.28
C PRO B 321 62.68 -53.72 81.38
N ASP B 322 63.23 -54.25 82.47
CA ASP B 322 64.66 -54.22 82.66
C ASP B 322 65.29 -55.50 82.13
N ILE B 323 66.61 -55.59 82.21
CA ILE B 323 67.33 -56.72 81.67
C ILE B 323 66.96 -57.98 82.44
N ALA B 324 66.60 -59.03 81.71
CA ALA B 324 66.14 -60.27 82.31
C ALA B 324 66.53 -61.42 81.40
N ALA B 325 65.91 -62.58 81.62
CA ALA B 325 66.28 -63.79 80.88
C ALA B 325 65.94 -63.66 79.39
N ASN B 326 64.77 -63.12 79.07
CA ASN B 326 64.37 -62.96 77.68
C ASN B 326 63.75 -61.59 77.43
N ALA B 327 64.07 -60.60 78.26
CA ALA B 327 63.38 -59.32 78.20
C ALA B 327 63.79 -58.49 76.99
N TYR B 328 62.85 -57.70 76.52
CA TYR B 328 63.08 -56.76 75.42
C TYR B 328 63.35 -55.37 75.97
N ALA B 329 64.46 -55.25 76.70
CA ALA B 329 64.68 -54.06 77.52
C ALA B 329 65.03 -52.82 76.71
N ILE B 330 65.46 -52.96 75.46
CA ILE B 330 65.80 -51.83 74.61
C ILE B 330 64.96 -51.92 73.34
N ALA B 331 64.25 -50.84 73.04
CA ALA B 331 63.51 -50.73 71.80
C ALA B 331 64.09 -49.58 71.00
N PHE B 332 63.94 -49.67 69.69
CA PHE B 332 64.48 -48.67 68.80
C PHE B 332 63.54 -48.58 67.61
N GLY B 333 63.23 -47.36 67.20
CA GLY B 333 62.44 -47.20 66.00
C GLY B 333 61.82 -45.82 65.93
N ASP B 334 61.13 -45.59 64.83
CA ASP B 334 60.48 -44.32 64.55
C ASP B 334 59.06 -44.40 65.06
N PHE B 335 58.87 -44.02 66.32
CA PHE B 335 57.55 -44.08 66.92
C PHE B 335 56.63 -43.00 66.36
N GLY B 336 57.17 -41.98 65.71
CA GLY B 336 56.33 -41.04 65.01
C GLY B 336 55.45 -41.72 63.98
N ASN B 337 55.94 -42.81 63.39
CA ASN B 337 55.14 -43.66 62.52
C ASN B 337 54.77 -44.98 63.16
N GLY B 338 55.54 -45.44 64.15
CA GLY B 338 55.31 -46.76 64.70
C GLY B 338 54.15 -46.87 65.64
N TYR B 339 53.87 -45.83 66.42
CA TYR B 339 52.84 -45.87 67.43
C TYR B 339 51.90 -44.70 67.25
N THR B 340 50.61 -44.97 67.33
CA THR B 340 49.57 -43.95 67.18
C THR B 340 48.78 -43.88 68.48
N ILE B 341 48.86 -42.73 69.15
CA ILE B 341 48.08 -42.47 70.36
C ILE B 341 46.84 -41.72 69.94
N ALA B 342 45.68 -42.26 70.29
CA ALA B 342 44.40 -41.59 70.08
C ALA B 342 43.94 -41.05 71.41
N GLU B 343 43.56 -39.78 71.43
CA GLU B 343 43.34 -39.10 72.71
C GLU B 343 42.10 -38.24 72.62
N ARG B 344 41.79 -37.61 73.74
CA ARG B 344 40.83 -36.53 73.85
C ARG B 344 41.38 -35.60 74.94
N PRO B 345 41.64 -34.34 74.62
CA PRO B 345 42.43 -33.50 75.54
C PRO B 345 41.75 -33.25 76.87
N ASP B 346 40.43 -33.06 76.88
CA ASP B 346 39.75 -32.70 78.10
C ASP B 346 39.73 -33.88 79.07
N LEU B 347 39.57 -33.55 80.35
CA LEU B 347 39.58 -34.51 81.44
C LEU B 347 38.27 -34.37 82.20
N ARG B 348 37.40 -35.37 82.09
CA ARG B 348 36.09 -35.29 82.73
C ARG B 348 36.17 -35.69 84.19
N VAL B 349 35.70 -34.81 85.07
CA VAL B 349 35.74 -35.04 86.50
C VAL B 349 34.32 -34.91 87.06
N LEU B 350 33.96 -35.83 87.95
CA LEU B 350 32.68 -35.83 88.62
C LEU B 350 32.90 -36.21 90.07
N ARG B 351 32.24 -35.52 90.99
CA ARG B 351 32.32 -35.85 92.40
C ARG B 351 30.91 -35.95 92.98
N ASP B 352 30.67 -36.99 93.75
CA ASP B 352 29.34 -37.28 94.26
C ASP B 352 29.36 -37.49 95.77
N PRO B 353 28.92 -36.54 96.54
CA PRO B 353 28.76 -36.79 97.98
C PRO B 353 27.56 -37.71 98.23
N PHE B 354 26.97 -38.22 97.16
CA PHE B 354 25.68 -38.88 97.17
C PHE B 354 25.75 -40.41 97.21
N SER B 355 26.64 -41.02 96.44
CA SER B 355 26.69 -42.48 96.38
C SER B 355 27.01 -43.07 97.75
N ALA B 356 28.20 -42.80 98.26
CA ALA B 356 28.59 -43.20 99.61
C ALA B 356 28.51 -41.94 100.46
N LYS B 357 27.45 -41.85 101.26
CA LYS B 357 27.07 -40.56 101.84
C LYS B 357 28.17 -39.91 102.66
N PRO B 358 28.82 -40.57 103.63
CA PRO B 358 29.86 -39.89 104.40
C PRO B 358 31.16 -39.66 103.66
N HIS B 359 31.20 -39.85 102.35
CA HIS B 359 32.41 -39.71 101.55
C HIS B 359 32.06 -38.89 100.30
N VAL B 360 33.04 -38.72 99.41
CA VAL B 360 32.89 -37.82 98.28
C VAL B 360 33.12 -38.51 96.94
N LEU B 361 34.10 -39.42 96.85
CA LEU B 361 34.32 -40.24 95.65
C LEU B 361 34.58 -39.38 94.41
N PHE B 362 35.74 -38.72 94.42
CA PHE B 362 36.12 -37.87 93.30
C PHE B 362 36.43 -38.71 92.06
N TYR B 363 35.50 -38.79 91.13
CA TYR B 363 35.70 -39.59 89.93
C TYR B 363 36.25 -38.70 88.83
N ALA B 364 37.49 -38.97 88.41
CA ALA B 364 38.11 -38.30 87.29
C ALA B 364 38.45 -39.34 86.23
N SER B 365 38.20 -39.00 84.97
CA SER B 365 38.39 -39.95 83.89
C SER B 365 38.88 -39.23 82.64
N LYS B 366 39.94 -39.77 82.04
CA LYS B 366 40.45 -39.31 80.76
C LYS B 366 40.58 -40.51 79.85
N ARG B 367 40.19 -40.37 78.60
CA ARG B 367 40.18 -41.49 77.68
C ARG B 367 41.26 -41.36 76.62
N VAL B 368 42.01 -42.45 76.45
CA VAL B 368 43.16 -42.51 75.55
C VAL B 368 43.26 -43.94 75.06
N GLY B 369 43.88 -44.11 73.90
CA GLY B 369 44.05 -45.44 73.36
C GLY B 369 45.09 -45.43 72.26
N GLY B 370 45.58 -46.61 71.94
CA GLY B 370 46.59 -46.72 70.91
C GLY B 370 47.27 -48.06 70.76
N ASP B 371 47.74 -48.35 69.55
CA ASP B 371 48.58 -49.54 69.31
C ASP B 371 49.53 -49.20 68.16
N VAL B 372 50.25 -50.20 67.70
CA VAL B 372 51.25 -49.97 66.67
C VAL B 372 50.59 -49.67 65.34
N SER B 373 50.95 -48.54 64.75
CA SER B 373 50.44 -48.20 63.43
C SER B 373 51.28 -48.84 62.33
N ASP B 374 52.58 -48.95 62.57
CA ASP B 374 53.52 -49.50 61.59
C ASP B 374 54.41 -50.49 62.29
N PHE B 375 54.42 -51.74 61.83
CA PHE B 375 55.20 -52.77 62.48
C PHE B 375 56.66 -52.72 62.08
N ALA B 376 56.96 -52.25 60.87
CA ALA B 376 58.35 -52.14 60.45
C ALA B 376 59.06 -50.95 61.06
N ALA B 377 58.38 -50.17 61.89
CA ALA B 377 58.97 -48.96 62.41
C ALA B 377 59.68 -49.15 63.74
N ILE B 378 59.33 -50.18 64.49
CA ILE B 378 59.88 -50.43 65.81
C ILE B 378 60.71 -51.70 65.77
N LYS B 379 61.92 -51.62 66.30
CA LYS B 379 62.80 -52.78 66.43
C LYS B 379 63.18 -52.94 67.90
N LEU B 380 63.26 -54.17 68.35
CA LEU B 380 63.48 -54.50 69.75
C LEU B 380 64.83 -55.19 69.91
N LEU B 381 65.28 -55.25 71.15
CA LEU B 381 66.55 -55.91 71.48
C LEU B 381 66.28 -56.97 72.54
N LYS B 382 66.12 -58.21 72.10
CA LYS B 382 65.84 -59.29 73.02
C LYS B 382 67.12 -59.75 73.70
N PHE B 383 67.11 -59.77 75.02
CA PHE B 383 68.28 -60.16 75.80
C PHE B 383 68.31 -61.68 75.93
N ALA B 384 68.67 -62.34 74.83
CA ALA B 384 68.76 -63.79 74.79
C ALA B 384 69.70 -64.17 73.66
N ALA B 385 69.80 -65.47 73.39
CA ALA B 385 70.66 -65.96 72.32
C ALA B 385 69.84 -66.47 71.15
N ALA C 89 19.71 -44.50 72.27
CA ALA C 89 19.20 -45.55 73.13
C ALA C 89 19.88 -45.51 74.48
N LEU C 90 20.37 -46.65 74.95
CA LEU C 90 20.86 -46.75 76.32
C LEU C 90 22.29 -47.23 76.47
N ASN C 91 22.95 -47.66 75.40
CA ASN C 91 24.34 -48.10 75.56
C ASN C 91 25.08 -47.92 74.24
N SER C 92 26.39 -48.08 74.31
CA SER C 92 27.29 -47.91 73.19
C SER C 92 27.40 -49.23 72.42
N ALA C 93 28.44 -49.35 71.60
CA ALA C 93 28.57 -50.43 70.63
C ALA C 93 28.58 -51.81 71.27
N VAL C 94 28.46 -51.88 72.60
CA VAL C 94 28.35 -53.18 73.25
C VAL C 94 27.12 -53.93 72.77
N ALA C 95 26.13 -53.24 72.22
CA ALA C 95 24.97 -53.87 71.62
C ALA C 95 24.65 -53.20 70.30
N ALA C 96 23.87 -53.88 69.47
CA ALA C 96 23.45 -53.33 68.19
C ALA C 96 22.65 -52.06 68.39
N GLU C 97 21.49 -52.16 69.05
CA GLU C 97 20.73 -50.99 69.45
C GLU C 97 21.57 -50.09 70.35
N GLY C 98 21.49 -48.79 70.12
CA GLY C 98 22.38 -47.87 70.80
C GLY C 98 23.73 -47.79 70.11
N GLY C 99 24.13 -48.87 69.43
CA GLY C 99 25.44 -48.91 68.84
C GLY C 99 25.55 -48.16 67.53
N TYR C 100 24.50 -48.18 66.71
CA TYR C 100 24.59 -47.58 65.39
C TYR C 100 24.85 -46.09 65.43
N LEU C 101 24.66 -45.46 66.59
CA LEU C 101 24.87 -44.02 66.68
C LEU C 101 26.35 -43.66 66.82
N VAL C 102 27.23 -44.63 66.97
CA VAL C 102 28.67 -44.40 67.05
C VAL C 102 29.34 -45.01 65.83
N ASP C 103 30.32 -44.28 65.29
CA ASP C 103 31.05 -44.72 64.12
C ASP C 103 32.52 -44.31 64.26
N PRO C 104 33.43 -45.23 64.03
CA PRO C 104 34.86 -44.91 64.18
C PRO C 104 35.33 -43.90 63.15
N GLN C 105 36.47 -43.28 63.45
CA GLN C 105 37.05 -42.25 62.61
C GLN C 105 38.30 -42.79 61.94
N THR C 106 38.28 -42.87 60.63
CA THR C 106 39.42 -43.40 59.88
C THR C 106 40.46 -42.32 59.65
N SER C 107 41.65 -42.76 59.28
CA SER C 107 42.69 -41.82 58.88
C SER C 107 42.34 -41.19 57.54
N GLU C 108 42.88 -39.99 57.31
CA GLU C 108 42.52 -39.26 56.09
C GLU C 108 43.22 -39.84 54.86
N THR C 109 44.41 -40.40 55.03
CA THR C 109 45.12 -41.08 53.95
C THR C 109 45.52 -42.45 54.43
N ILE C 110 45.60 -43.41 53.53
CA ILE C 110 46.04 -44.74 53.93
C ILE C 110 47.56 -44.81 53.82
N ARG C 111 48.19 -45.30 54.87
CA ARG C 111 49.63 -45.22 55.01
C ARG C 111 50.26 -46.59 54.80
N GLY C 112 51.51 -46.58 54.36
CA GLY C 112 52.22 -47.80 54.07
C GLY C 112 53.58 -47.83 54.76
N VAL C 113 54.23 -48.99 54.66
CA VAL C 113 55.55 -49.16 55.22
C VAL C 113 56.56 -48.36 54.38
N LEU C 114 57.45 -47.65 55.06
CA LEU C 114 58.46 -46.85 54.39
C LEU C 114 59.64 -47.72 53.98
N ARG C 115 60.06 -47.60 52.74
CA ARG C 115 61.18 -48.36 52.22
C ARG C 115 62.21 -47.41 51.63
N SER C 116 63.48 -47.82 51.70
CA SER C 116 64.57 -46.94 51.33
C SER C 116 64.54 -46.60 49.85
N THR C 117 65.00 -45.38 49.54
CA THR C 117 65.00 -44.88 48.18
C THR C 117 66.41 -44.74 47.60
N ALA C 118 67.42 -45.30 48.26
CA ALA C 118 68.76 -45.33 47.71
C ALA C 118 68.81 -46.43 46.64
N SER C 119 69.14 -46.04 45.41
CA SER C 119 68.92 -46.92 44.28
C SER C 119 70.09 -47.06 43.33
N LEU C 120 71.24 -46.47 43.62
CA LEU C 120 72.43 -46.50 42.79
C LEU C 120 72.21 -45.72 41.51
N ARG C 121 71.01 -45.22 41.28
CA ARG C 121 70.78 -44.28 40.20
C ARG C 121 71.26 -42.89 40.58
N GLN C 122 71.57 -42.68 41.85
CA GLN C 122 72.06 -41.40 42.31
C GLN C 122 73.54 -41.24 42.00
N ILE C 123 74.28 -42.34 41.93
CA ILE C 123 75.70 -42.30 41.67
C ILE C 123 76.04 -42.75 40.26
N ALA C 124 75.25 -43.63 39.65
CA ALA C 124 75.53 -44.06 38.30
C ALA C 124 75.17 -42.96 37.32
N SER C 125 75.41 -43.21 36.04
CA SER C 125 75.21 -42.22 34.98
C SER C 125 73.99 -42.60 34.17
N VAL C 126 72.99 -41.74 34.19
CA VAL C 126 71.77 -41.98 33.44
C VAL C 126 71.83 -41.22 32.14
N VAL C 127 71.26 -41.80 31.09
CA VAL C 127 71.17 -41.16 29.79
C VAL C 127 69.74 -41.27 29.32
N ASN C 128 69.31 -40.31 28.50
CA ASN C 128 67.97 -40.28 27.94
C ASN C 128 68.05 -40.84 26.54
N VAL C 129 67.82 -42.14 26.41
CA VAL C 129 67.88 -42.82 25.12
C VAL C 129 66.47 -43.10 24.64
N GLU C 130 66.20 -42.78 23.38
CA GLU C 130 64.96 -43.12 22.70
C GLU C 130 65.35 -44.06 21.57
N ALA C 131 65.50 -45.33 21.90
CA ALA C 131 65.97 -46.32 20.94
C ALA C 131 65.75 -47.69 21.54
N THR C 132 66.17 -48.73 20.83
CA THR C 132 66.00 -50.07 21.35
C THR C 132 67.12 -50.46 22.28
N SER C 133 68.21 -49.71 22.29
CA SER C 133 69.39 -50.09 23.05
C SER C 133 70.31 -48.88 23.16
N PHE C 134 71.45 -49.11 23.79
CA PHE C 134 72.49 -48.10 23.92
C PHE C 134 73.83 -48.80 23.76
N ASP C 135 74.74 -48.17 23.05
CA ASP C 135 76.07 -48.71 22.87
C ASP C 135 77.06 -47.80 23.57
N VAL C 136 78.17 -48.36 24.03
CA VAL C 136 79.24 -47.57 24.58
C VAL C 136 80.53 -48.04 23.95
N LEU C 137 81.30 -47.12 23.41
CA LEU C 137 82.55 -47.46 22.75
C LEU C 137 83.68 -47.07 23.68
N VAL C 138 84.45 -48.07 24.12
CA VAL C 138 85.51 -47.84 25.07
C VAL C 138 86.86 -48.14 24.42
N ASP C 139 87.91 -47.70 25.08
CA ASP C 139 89.28 -47.99 24.70
C ASP C 139 89.82 -48.96 25.73
N LYS C 140 89.61 -50.25 25.50
CA LYS C 140 90.07 -51.23 26.46
C LYS C 140 91.59 -51.26 26.57
N THR C 141 92.31 -50.81 25.55
CA THR C 141 93.76 -50.67 25.61
C THR C 141 94.14 -49.25 25.22
N ASP C 142 95.44 -48.96 25.15
CA ASP C 142 95.92 -47.63 24.82
C ASP C 142 96.92 -47.73 23.68
N MET C 143 97.46 -46.59 23.29
CA MET C 143 98.36 -46.50 22.15
C MET C 143 99.73 -47.04 22.52
N GLY C 144 100.68 -46.87 21.61
CA GLY C 144 102.07 -47.19 21.87
C GLY C 144 102.95 -46.04 21.47
N SER C 145 104.03 -45.86 22.21
CA SER C 145 105.03 -44.85 21.92
C SER C 145 106.36 -45.54 21.64
N GLY C 146 107.23 -44.84 20.94
CA GLY C 146 108.43 -45.48 20.45
C GLY C 146 109.74 -45.09 21.08
N TRP C 147 109.87 -43.84 21.52
CA TRP C 147 111.16 -43.24 21.83
C TRP C 147 112.11 -43.42 20.65
N ALA C 148 111.69 -42.86 19.53
CA ALA C 148 112.35 -43.11 18.26
C ALA C 148 113.71 -42.42 18.22
N SER C 149 114.65 -43.05 17.51
CA SER C 149 115.98 -42.51 17.33
C SER C 149 115.96 -41.50 16.19
N GLU C 150 117.14 -41.08 15.73
CA GLU C 150 117.23 -40.10 14.67
C GLU C 150 117.19 -40.75 13.30
N THR C 151 118.16 -41.61 13.01
CA THR C 151 118.22 -42.32 11.74
C THR C 151 117.69 -43.72 11.98
N ALA C 152 116.38 -43.87 11.86
CA ALA C 152 115.76 -45.17 12.09
C ALA C 152 114.70 -45.57 11.08
N ALA C 153 114.09 -44.63 10.35
CA ALA C 153 112.88 -44.91 9.58
C ALA C 153 111.86 -45.61 10.47
N LEU C 154 111.40 -44.86 11.47
CA LEU C 154 110.60 -45.42 12.54
C LEU C 154 109.39 -46.18 12.01
N SER C 155 109.04 -47.25 12.71
CA SER C 155 107.88 -48.05 12.33
C SER C 155 106.64 -47.58 13.10
N GLU C 156 105.49 -47.95 12.56
CA GLU C 156 104.22 -47.53 13.16
C GLU C 156 104.03 -48.18 14.51
N THR C 157 103.22 -47.54 15.35
CA THR C 157 102.95 -47.99 16.71
C THR C 157 101.59 -48.67 16.76
N ALA C 158 101.16 -49.01 17.98
CA ALA C 158 99.88 -49.67 18.18
C ALA C 158 98.76 -48.64 18.21
N THR C 159 97.53 -49.14 18.25
CA THR C 159 96.33 -48.31 18.28
C THR C 159 95.40 -48.89 19.33
N PRO C 160 94.62 -48.05 20.02
CA PRO C 160 93.77 -48.55 21.10
C PRO C 160 92.63 -49.38 20.55
N GLN C 161 92.67 -50.69 20.80
CA GLN C 161 91.59 -51.54 20.36
C GLN C 161 90.33 -51.24 21.17
N ILE C 162 89.18 -51.52 20.59
CA ILE C 162 87.92 -50.89 20.99
C ILE C 162 86.89 -51.97 21.28
N ASP C 163 86.09 -51.74 22.32
CA ASP C 163 85.02 -52.63 22.72
C ASP C 163 83.70 -51.86 22.74
N ARG C 164 82.63 -52.55 22.39
CA ARG C 164 81.29 -51.97 22.37
C ARG C 164 80.38 -52.80 23.25
N ILE C 165 79.69 -52.15 24.18
CA ILE C 165 78.81 -52.80 25.13
C ILE C 165 77.40 -52.30 24.88
N THR C 166 76.45 -53.22 24.75
CA THR C 166 75.08 -52.89 24.40
C THR C 166 74.20 -52.87 25.64
N ILE C 167 73.26 -51.93 25.68
CA ILE C 167 72.35 -51.76 26.79
C ILE C 167 70.93 -52.02 26.31
N PRO C 168 70.42 -53.25 26.43
CA PRO C 168 69.18 -53.61 25.73
C PRO C 168 67.96 -52.76 26.08
N LEU C 169 67.97 -51.97 27.15
CA LEU C 169 66.87 -51.07 27.47
C LEU C 169 65.53 -51.81 27.59
N HIS C 170 65.47 -52.68 28.60
CA HIS C 170 64.27 -53.46 28.87
C HIS C 170 63.18 -52.57 29.44
N GLU C 171 62.01 -53.16 29.73
CA GLU C 171 60.91 -52.42 30.32
C GLU C 171 60.44 -53.09 31.60
N LEU C 172 59.81 -52.28 32.44
CA LEU C 172 59.30 -52.71 33.74
C LEU C 172 57.83 -52.36 33.81
N ALA C 173 56.98 -53.36 33.93
CA ALA C 173 55.54 -53.19 33.77
C ALA C 173 54.79 -53.49 35.06
N ALA C 174 53.82 -52.64 35.39
CA ALA C 174 52.90 -52.88 36.49
C ALA C 174 51.48 -52.68 35.99
N MET C 175 50.62 -53.66 36.23
CA MET C 175 49.23 -53.62 35.79
C MET C 175 48.32 -54.05 36.93
N PRO C 176 47.97 -53.13 37.82
CA PRO C 176 47.01 -53.45 38.88
C PRO C 176 45.59 -53.24 38.40
N LYS C 177 44.69 -54.10 38.86
CA LYS C 177 43.29 -54.02 38.48
C LYS C 177 42.45 -53.63 39.69
N ALA C 178 41.68 -52.56 39.54
CA ALA C 178 40.74 -52.12 40.55
C ALA C 178 39.35 -52.07 39.95
N SER C 179 38.35 -52.51 40.70
CA SER C 179 36.99 -52.49 40.21
C SER C 179 36.55 -51.05 39.96
N GLN C 180 35.50 -50.90 39.16
CA GLN C 180 35.04 -49.56 38.83
C GLN C 180 34.15 -49.00 39.91
N ARG C 181 33.26 -49.83 40.47
CA ARG C 181 32.38 -49.33 41.51
C ARG C 181 33.18 -48.95 42.76
N LEU C 182 34.15 -49.78 43.15
CA LEU C 182 35.04 -49.41 44.23
C LEU C 182 35.73 -48.09 43.96
N LEU C 183 36.20 -47.90 42.74
CA LEU C 183 36.94 -46.71 42.38
C LEU C 183 36.09 -45.46 42.46
N ASP C 184 34.77 -45.58 42.32
CA ASP C 184 33.89 -44.43 42.28
C ASP C 184 33.44 -44.00 43.67
N ASP C 185 33.07 -44.94 44.53
CA ASP C 185 32.44 -44.63 45.81
C ASP C 185 33.40 -44.68 46.99
N SER C 186 34.71 -44.57 46.75
CA SER C 186 35.67 -44.58 47.83
C SER C 186 36.01 -43.16 48.24
N ALA C 187 35.99 -42.90 49.54
CA ALA C 187 36.42 -41.60 50.03
C ALA C 187 37.90 -41.35 49.79
N PHE C 188 38.66 -42.41 49.55
CA PHE C 188 40.08 -42.31 49.22
C PHE C 188 40.24 -42.31 47.72
N ASP C 189 41.28 -41.65 47.24
CA ASP C 189 41.58 -41.63 45.81
C ASP C 189 42.42 -42.85 45.48
N ILE C 190 41.78 -43.88 44.94
CA ILE C 190 42.51 -45.09 44.60
C ILE C 190 43.40 -44.87 43.40
N GLU C 191 43.00 -43.99 42.48
CA GLU C 191 43.74 -43.85 41.24
C GLU C 191 45.06 -43.12 41.43
N THR C 192 45.14 -42.22 42.40
CA THR C 192 46.41 -41.56 42.69
C THR C 192 47.16 -42.20 43.84
N TRP C 193 46.56 -43.15 44.55
CA TRP C 193 47.31 -43.92 45.52
C TRP C 193 48.01 -45.09 44.85
N LEU C 194 47.38 -45.68 43.83
CA LEU C 194 48.06 -46.70 43.04
C LEU C 194 49.24 -46.10 42.31
N ALA C 195 49.01 -45.03 41.54
CA ALA C 195 50.09 -44.37 40.84
C ALA C 195 51.17 -43.87 41.78
N ASN C 196 50.84 -43.67 43.05
CA ASN C 196 51.85 -43.32 44.03
C ASN C 196 52.65 -44.55 44.45
N ARG C 197 51.97 -45.69 44.61
CA ARG C 197 52.63 -46.92 45.02
C ARG C 197 53.32 -47.63 43.87
N ILE C 198 53.02 -47.25 42.63
CA ILE C 198 53.73 -47.81 41.48
C ILE C 198 55.06 -47.11 41.29
N ALA C 199 55.04 -45.78 41.29
CA ALA C 199 56.28 -45.03 41.16
C ALA C 199 57.26 -45.38 42.26
N ASP C 200 56.76 -45.76 43.42
CA ASP C 200 57.65 -46.21 44.49
C ASP C 200 58.19 -47.60 44.18
N LYS C 201 57.36 -48.48 43.65
CA LYS C 201 57.81 -49.83 43.35
C LYS C 201 58.77 -49.85 42.16
N PHE C 202 58.55 -48.99 41.17
CA PHE C 202 59.44 -48.97 40.04
C PHE C 202 60.83 -48.49 40.43
N ALA C 203 60.89 -47.41 41.22
CA ALA C 203 62.16 -46.95 41.74
C ALA C 203 62.80 -47.93 42.69
N ARG C 204 62.08 -48.99 43.08
CA ARG C 204 62.61 -50.00 43.98
C ARG C 204 62.83 -51.34 43.31
N ALA C 205 62.18 -51.59 42.19
CA ALA C 205 62.42 -52.82 41.44
C ALA C 205 63.59 -52.69 40.49
N GLU C 206 63.78 -51.52 39.90
CA GLU C 206 64.97 -51.28 39.10
C GLU C 206 66.19 -50.95 39.95
N ALA C 207 65.99 -50.55 41.20
CA ALA C 207 67.13 -50.36 42.09
C ALA C 207 67.82 -51.68 42.39
N ALA C 208 67.07 -52.77 42.41
CA ALA C 208 67.64 -54.07 42.69
C ALA C 208 68.23 -54.72 41.45
N ALA C 209 67.67 -54.44 40.28
CA ALA C 209 68.24 -54.98 39.05
C ALA C 209 69.55 -54.28 38.72
N PHE C 210 69.70 -53.02 39.15
CA PHE C 210 70.94 -52.30 38.92
C PHE C 210 72.11 -52.91 39.67
N ILE C 211 71.85 -53.80 40.63
CA ILE C 211 72.93 -54.36 41.42
C ILE C 211 73.03 -55.86 41.17
N SER C 212 71.97 -56.59 41.49
CA SER C 212 71.97 -58.04 41.38
C SER C 212 70.97 -58.50 40.33
N GLY C 213 70.82 -57.72 39.26
CA GLY C 213 69.98 -58.12 38.16
C GLY C 213 70.76 -58.94 37.15
N ASP C 214 70.08 -59.90 36.53
CA ASP C 214 70.65 -60.72 35.48
C ASP C 214 70.28 -60.13 34.13
N GLY C 215 70.53 -60.89 33.06
CA GLY C 215 70.38 -60.33 31.73
C GLY C 215 69.00 -60.45 31.13
N VAL C 216 68.20 -61.40 31.59
CA VAL C 216 66.92 -61.69 30.95
C VAL C 216 65.93 -60.56 31.25
N ASP C 217 65.60 -59.78 30.23
CA ASP C 217 64.53 -58.78 30.28
C ASP C 217 64.71 -57.79 31.41
N LYS C 218 65.90 -57.68 31.98
CA LYS C 218 66.10 -56.78 33.09
C LYS C 218 67.55 -56.32 33.11
N PRO C 219 67.82 -55.14 33.66
CA PRO C 219 69.21 -54.64 33.69
C PRO C 219 70.12 -55.57 34.46
N THR C 220 71.30 -55.82 33.90
CA THR C 220 72.28 -56.68 34.56
C THR C 220 73.10 -55.80 35.49
N GLY C 221 72.94 -55.99 36.80
CA GLY C 221 73.71 -55.24 37.75
C GLY C 221 75.18 -55.61 37.70
N PHE C 222 75.99 -54.79 38.36
CA PHE C 222 77.44 -54.97 38.27
C PHE C 222 77.91 -56.24 38.95
N LEU C 223 77.11 -56.83 39.83
CA LEU C 223 77.54 -58.02 40.55
C LEU C 223 77.57 -59.26 39.67
N THR C 224 76.81 -59.28 38.59
CA THR C 224 76.79 -60.41 37.67
C THR C 224 77.75 -60.20 36.49
N LYS C 225 79.02 -59.92 36.76
CA LYS C 225 79.96 -59.53 35.72
C LYS C 225 81.28 -60.30 35.85
N THR C 226 81.19 -61.62 35.98
CA THR C 226 82.33 -62.54 36.02
C THR C 226 83.52 -62.01 36.80
N LYS C 227 83.34 -61.84 38.12
CA LYS C 227 84.38 -61.28 38.97
C LYS C 227 85.65 -62.11 38.90
N VAL C 228 86.79 -61.43 38.86
CA VAL C 228 88.09 -62.08 38.84
C VAL C 228 88.96 -61.40 39.89
N ALA C 229 89.85 -62.18 40.50
CA ALA C 229 90.71 -61.64 41.53
C ALA C 229 91.59 -60.54 40.97
N ASN C 230 91.75 -59.48 41.74
CA ASN C 230 92.56 -58.36 41.30
C ASN C 230 94.01 -58.79 41.14
N GLY C 231 94.76 -58.00 40.37
CA GLY C 231 96.09 -58.38 39.98
C GLY C 231 96.14 -59.22 38.73
N ALA C 232 95.10 -60.01 38.50
CA ALA C 232 94.90 -60.71 37.24
C ALA C 232 93.75 -60.08 36.47
N TRP C 233 93.51 -58.80 36.69
CA TRP C 233 92.34 -58.16 36.14
C TRP C 233 92.48 -57.95 34.65
N ALA C 234 91.44 -58.31 33.91
CA ALA C 234 91.33 -58.13 32.48
C ALA C 234 90.20 -57.15 32.20
N TRP C 235 89.92 -56.92 30.92
CA TRP C 235 88.88 -55.96 30.60
C TRP C 235 87.49 -56.53 30.77
N GLY C 236 87.31 -57.82 30.52
CA GLY C 236 85.97 -58.36 30.56
C GLY C 236 85.45 -58.76 31.91
N SER C 237 86.10 -58.33 32.99
CA SER C 237 85.76 -58.83 34.31
C SER C 237 85.98 -57.74 35.35
N LEU C 238 85.31 -57.89 36.49
CA LEU C 238 85.42 -56.97 37.60
C LEU C 238 86.41 -57.51 38.62
N GLY C 239 87.31 -56.65 39.09
CA GLY C 239 88.35 -57.06 40.01
C GLY C 239 87.89 -56.95 41.45
N TYR C 240 88.17 -57.99 42.23
CA TYR C 240 87.79 -58.03 43.63
C TYR C 240 89.01 -58.31 44.49
N VAL C 241 88.93 -57.90 45.75
CA VAL C 241 89.96 -58.19 46.73
C VAL C 241 89.33 -59.00 47.86
N ALA C 242 90.12 -59.88 48.46
CA ALA C 242 89.62 -60.81 49.44
C ALA C 242 89.87 -60.30 50.85
N THR C 243 88.99 -60.67 51.77
CA THR C 243 89.02 -60.14 53.12
C THR C 243 89.84 -60.98 54.08
N GLY C 244 90.19 -62.21 53.73
CA GLY C 244 90.76 -63.09 54.72
C GLY C 244 89.79 -64.18 55.12
N ALA C 245 89.18 -64.07 56.29
CA ALA C 245 88.27 -65.10 56.77
C ALA C 245 87.16 -65.37 55.77
N ALA C 246 86.55 -66.55 55.91
CA ALA C 246 85.56 -67.01 54.94
C ALA C 246 84.18 -66.45 55.21
N GLY C 247 83.88 -66.10 56.44
CA GLY C 247 82.57 -65.55 56.73
C GLY C 247 82.55 -64.04 56.73
N ASP C 248 83.43 -63.43 57.52
CA ASP C 248 83.38 -62.00 57.77
C ASP C 248 84.76 -61.42 57.50
N PHE C 249 84.98 -60.17 57.91
CA PHE C 249 86.30 -59.54 57.81
C PHE C 249 87.35 -60.42 58.46
N ALA C 250 88.61 -60.17 58.14
CA ALA C 250 89.70 -60.97 58.69
C ALA C 250 89.65 -60.95 60.21
N ALA C 251 89.80 -62.13 60.81
CA ALA C 251 89.72 -62.22 62.26
C ALA C 251 90.96 -61.62 62.91
N VAL C 252 92.14 -61.86 62.33
CA VAL C 252 93.38 -61.38 62.93
C VAL C 252 93.51 -59.88 62.75
N ASN C 253 93.26 -59.39 61.54
CA ASN C 253 93.41 -57.96 61.28
C ASN C 253 92.42 -57.58 60.18
N ALA C 254 91.28 -57.03 60.59
CA ALA C 254 90.32 -56.48 59.66
C ALA C 254 90.74 -55.05 59.33
N SER C 255 89.89 -54.32 58.62
CA SER C 255 90.05 -52.92 58.29
C SER C 255 91.22 -52.67 57.36
N ASP C 256 91.99 -53.69 57.02
CA ASP C 256 93.00 -53.55 55.98
C ASP C 256 92.49 -54.06 54.65
N ALA C 257 91.61 -55.05 54.68
CA ALA C 257 90.92 -55.47 53.47
C ALA C 257 90.00 -54.39 52.94
N VAL C 258 89.78 -53.33 53.71
CA VAL C 258 89.00 -52.19 53.23
C VAL C 258 89.92 -51.13 52.65
N VAL C 259 91.07 -50.89 53.28
CA VAL C 259 91.95 -49.82 52.81
C VAL C 259 92.66 -50.23 51.53
N ASP C 260 92.87 -51.52 51.30
CA ASP C 260 93.41 -51.92 50.02
C ASP C 260 92.32 -52.12 48.96
N LEU C 261 91.06 -52.25 49.39
CA LEU C 261 89.96 -52.13 48.46
C LEU C 261 89.92 -50.72 47.88
N VAL C 262 90.22 -49.72 48.69
CA VAL C 262 90.26 -48.35 48.21
C VAL C 262 91.37 -48.19 47.20
N TYR C 263 92.56 -48.69 47.53
CA TYR C 263 93.74 -48.48 46.70
C TYR C 263 93.84 -49.47 45.56
N ALA C 264 92.74 -50.10 45.19
CA ALA C 264 92.70 -50.98 44.03
C ALA C 264 91.99 -50.33 42.85
N LEU C 265 91.79 -49.02 42.87
CA LEU C 265 91.11 -48.34 41.77
C LEU C 265 92.01 -47.52 40.87
N GLY C 266 93.01 -46.84 41.42
CA GLY C 266 93.74 -45.89 40.63
C GLY C 266 93.31 -44.49 40.98
N ALA C 267 94.26 -43.57 41.10
CA ALA C 267 93.95 -42.25 41.61
C ALA C 267 93.07 -41.44 40.68
N GLU C 268 92.71 -41.96 39.52
CA GLU C 268 91.81 -41.24 38.63
C GLU C 268 90.35 -41.62 38.85
N TYR C 269 90.08 -42.89 39.08
CA TYR C 269 88.72 -43.32 39.44
C TYR C 269 88.37 -43.03 40.88
N ARG C 270 89.37 -42.84 41.74
CA ARG C 270 89.10 -42.44 43.11
C ARG C 270 88.81 -40.96 43.25
N ALA C 271 88.83 -40.21 42.15
CA ALA C 271 88.49 -38.80 42.22
C ALA C 271 87.07 -38.62 42.74
N ASN C 272 86.13 -39.42 42.26
CA ASN C 272 84.77 -39.45 42.78
C ASN C 272 84.29 -40.89 42.74
N ALA C 273 84.50 -41.61 43.85
CA ALA C 273 84.02 -42.96 44.03
C ALA C 273 83.26 -43.04 45.33
N SER C 274 82.57 -44.15 45.55
CA SER C 274 81.77 -44.29 46.75
C SER C 274 81.54 -45.76 47.04
N PHE C 275 81.64 -46.13 48.31
CA PHE C 275 81.30 -47.48 48.72
C PHE C 275 79.81 -47.71 48.56
N VAL C 276 79.43 -48.96 48.33
CA VAL C 276 78.04 -49.36 48.22
C VAL C 276 77.85 -50.59 49.07
N MET C 277 77.04 -50.49 50.12
CA MET C 277 76.76 -51.61 51.01
C MET C 277 75.27 -51.61 51.30
N ASN C 278 74.78 -52.70 51.87
CA ASN C 278 73.41 -52.70 52.33
C ASN C 278 73.38 -52.22 53.78
N SER C 279 72.21 -52.27 54.41
CA SER C 279 72.10 -51.69 55.74
C SER C 279 72.86 -52.52 56.77
N LYS C 280 72.65 -53.83 56.78
CA LYS C 280 73.25 -54.66 57.81
C LYS C 280 74.71 -54.94 57.56
N THR C 281 75.34 -54.26 56.60
CA THR C 281 76.77 -54.37 56.41
C THR C 281 77.49 -53.17 56.97
N ALA C 282 76.98 -51.96 56.70
CA ALA C 282 77.56 -50.79 57.35
C ALA C 282 77.51 -50.94 58.86
N GLY C 283 76.55 -51.70 59.37
CA GLY C 283 76.58 -52.06 60.77
C GLY C 283 77.72 -52.99 61.10
N ALA C 284 77.99 -53.96 60.21
CA ALA C 284 79.11 -54.86 60.41
C ALA C 284 80.44 -54.15 60.20
N VAL C 285 80.48 -53.10 59.39
CA VAL C 285 81.68 -52.27 59.31
C VAL C 285 81.85 -51.45 60.57
N ARG C 286 80.75 -50.98 61.15
CA ARG C 286 80.85 -50.18 62.37
C ARG C 286 81.14 -51.04 63.58
N LYS C 287 80.77 -52.32 63.56
CA LYS C 287 81.14 -53.23 64.63
C LYS C 287 82.62 -53.52 64.67
N MET C 288 83.39 -53.03 63.69
CA MET C 288 84.82 -53.25 63.68
C MET C 288 85.47 -52.48 64.80
N LYS C 289 86.18 -53.19 65.67
CA LYS C 289 86.83 -52.60 66.83
C LYS C 289 88.30 -52.98 66.81
N ASP C 290 89.14 -52.09 67.31
CA ASP C 290 90.57 -52.36 67.35
C ASP C 290 90.86 -53.25 68.55
N ALA C 291 92.15 -53.41 68.88
CA ALA C 291 92.51 -54.32 69.96
C ALA C 291 92.03 -53.82 71.32
N ASP C 292 91.90 -52.50 71.48
CA ASP C 292 91.48 -51.95 72.76
C ASP C 292 89.98 -52.07 72.98
N GLY C 293 89.19 -52.13 71.91
CA GLY C 293 87.76 -52.16 72.03
C GLY C 293 87.06 -50.94 71.49
N ARG C 294 87.81 -49.94 71.04
CA ARG C 294 87.23 -48.76 70.42
C ARG C 294 86.89 -49.05 68.97
N PHE C 295 86.04 -48.19 68.39
CA PHE C 295 85.61 -48.36 67.02
C PHE C 295 86.58 -47.66 66.08
N LEU C 296 86.99 -48.35 65.02
CA LEU C 296 87.81 -47.72 63.99
C LEU C 296 87.04 -46.63 63.28
N TRP C 297 85.74 -46.85 63.08
CA TRP C 297 84.86 -45.95 62.36
C TRP C 297 83.89 -45.31 63.35
N ALA C 298 83.73 -43.99 63.27
CA ALA C 298 82.85 -43.26 64.18
C ALA C 298 83.26 -43.50 65.63
N ASP C 299 84.41 -42.89 65.97
CA ASP C 299 85.18 -43.22 67.17
C ASP C 299 84.35 -43.52 68.42
N SER C 300 83.56 -42.56 68.89
CA SER C 300 82.84 -42.79 70.13
C SER C 300 81.65 -43.70 69.90
N LEU C 301 81.05 -44.18 70.99
CA LEU C 301 79.89 -45.04 70.83
C LEU C 301 78.67 -44.24 70.43
N ALA C 302 78.63 -42.96 70.78
CA ALA C 302 77.63 -42.07 70.21
C ALA C 302 78.05 -41.69 68.79
N ALA C 303 77.31 -40.76 68.19
CA ALA C 303 77.72 -40.11 66.95
C ALA C 303 77.98 -41.13 65.84
N GLY C 304 76.91 -41.73 65.36
CA GLY C 304 77.05 -42.72 64.30
C GLY C 304 77.07 -42.11 62.91
N GLU C 305 77.43 -42.96 61.94
CA GLU C 305 77.36 -42.64 60.52
C GLU C 305 78.14 -41.37 60.19
N PRO C 306 79.47 -41.41 60.19
CA PRO C 306 80.25 -40.22 59.84
C PRO C 306 80.13 -39.79 58.38
N ALA C 307 79.34 -40.50 57.57
CA ALA C 307 79.08 -40.09 56.20
C ALA C 307 80.35 -40.03 55.36
N ARG C 308 81.33 -40.85 55.72
CA ARG C 308 82.58 -40.91 54.97
C ARG C 308 83.34 -42.14 55.42
N LEU C 309 83.83 -42.94 54.50
CA LEU C 309 84.64 -44.11 54.83
C LEU C 309 85.90 -44.01 54.00
N MET C 310 87.05 -43.97 54.66
CA MET C 310 88.33 -43.81 53.99
C MET C 310 88.33 -42.58 53.09
N GLY C 311 87.56 -41.56 53.48
CA GLY C 311 87.49 -40.34 52.72
C GLY C 311 86.51 -40.32 51.57
N TYR C 312 85.69 -41.35 51.42
CA TYR C 312 84.78 -41.44 50.29
C TYR C 312 83.35 -41.69 50.77
N PRO C 313 82.36 -41.21 50.02
CA PRO C 313 80.96 -41.40 50.42
C PRO C 313 80.59 -42.87 50.51
N VAL C 314 79.46 -43.12 51.14
CA VAL C 314 78.93 -44.46 51.33
C VAL C 314 77.46 -44.46 50.92
N LEU C 315 77.09 -45.38 50.03
CA LEU C 315 75.70 -45.52 49.59
C LEU C 315 75.14 -46.78 50.20
N ILE C 316 74.16 -46.65 51.08
CA ILE C 316 73.55 -47.81 51.75
C ILE C 316 72.43 -48.29 50.83
N ALA C 317 72.81 -49.11 49.85
CA ALA C 317 71.86 -49.69 48.91
C ALA C 317 71.45 -51.05 49.43
N GLU C 318 70.22 -51.16 49.93
CA GLU C 318 69.78 -52.36 50.63
C GLU C 318 69.54 -53.52 49.73
N ASP C 319 69.95 -53.48 48.47
CA ASP C 319 69.76 -54.58 47.54
C ASP C 319 71.05 -55.33 47.25
N MET C 320 72.14 -54.99 47.92
CA MET C 320 73.33 -55.81 47.76
C MET C 320 73.31 -56.95 48.76
N PRO C 321 73.99 -58.05 48.46
CA PRO C 321 74.04 -59.15 49.41
C PRO C 321 74.73 -58.74 50.70
N ASP C 322 74.36 -59.44 51.78
CA ASP C 322 74.96 -59.19 53.07
C ASP C 322 76.23 -60.01 53.22
N ILE C 323 76.84 -59.98 54.40
CA ILE C 323 78.07 -60.72 54.64
C ILE C 323 77.75 -62.20 54.77
N ALA C 324 78.33 -63.00 53.90
CA ALA C 324 78.03 -64.42 53.80
C ALA C 324 79.30 -65.14 53.35
N ALA C 325 79.14 -66.38 52.86
CA ALA C 325 80.30 -67.22 52.56
C ALA C 325 81.22 -66.58 51.52
N ASN C 326 80.69 -66.29 50.33
CA ASN C 326 81.52 -65.73 49.27
C ASN C 326 80.88 -64.49 48.66
N ALA C 327 80.15 -63.72 49.46
CA ALA C 327 79.43 -62.58 48.95
C ALA C 327 80.36 -61.40 48.71
N TYR C 328 80.01 -60.59 47.72
CA TYR C 328 80.71 -59.33 47.47
C TYR C 328 79.93 -58.19 48.10
N ALA C 329 79.83 -58.24 49.43
CA ALA C 329 78.88 -57.40 50.14
C ALA C 329 79.25 -55.93 50.15
N ILE C 330 80.49 -55.59 49.82
CA ILE C 330 80.93 -54.20 49.77
C ILE C 330 81.55 -53.97 48.41
N ALA C 331 81.00 -53.02 47.67
CA ALA C 331 81.56 -52.63 46.38
C ALA C 331 82.03 -51.19 46.47
N PHE C 332 83.17 -50.92 45.87
CA PHE C 332 83.76 -49.59 45.87
C PHE C 332 84.21 -49.26 44.47
N GLY C 333 83.81 -48.11 43.98
CA GLY C 333 84.20 -47.71 42.64
C GLY C 333 83.52 -46.41 42.27
N ASP C 334 83.90 -45.93 41.10
CA ASP C 334 83.32 -44.72 40.54
C ASP C 334 82.24 -45.17 39.58
N PHE C 335 80.99 -45.10 40.02
CA PHE C 335 79.90 -45.57 39.18
C PHE C 335 79.47 -44.52 38.17
N GLY C 336 79.82 -43.26 38.41
CA GLY C 336 79.55 -42.23 37.42
C GLY C 336 80.11 -42.59 36.06
N ASN C 337 81.22 -43.31 36.04
CA ASN C 337 81.79 -43.83 34.80
C ASN C 337 81.64 -45.32 34.65
N GLY C 338 81.51 -46.05 35.75
CA GLY C 338 81.52 -47.50 35.70
C GLY C 338 80.21 -48.14 35.26
N TYR C 339 79.09 -47.59 35.70
CA TYR C 339 77.78 -48.16 35.44
C TYR C 339 76.92 -47.15 34.72
N THR C 340 76.45 -47.51 33.53
CA THR C 340 75.64 -46.65 32.70
C THR C 340 74.19 -47.12 32.73
N ILE C 341 73.29 -46.21 33.07
CA ILE C 341 71.86 -46.48 33.08
C ILE C 341 71.26 -45.86 31.84
N ALA C 342 70.60 -46.67 31.04
CA ALA C 342 69.87 -46.19 29.87
C ALA C 342 68.39 -46.28 30.17
N GLU C 343 67.70 -45.14 30.03
CA GLU C 343 66.31 -45.06 30.45
C GLU C 343 65.58 -44.10 29.55
N ARG C 344 64.26 -44.04 29.74
CA ARG C 344 63.41 -43.06 29.09
C ARG C 344 62.69 -42.28 30.18
N PRO C 345 62.74 -40.96 30.17
CA PRO C 345 62.34 -40.14 31.32
C PRO C 345 60.84 -39.92 31.45
N ASP C 346 60.08 -41.01 31.39
CA ASP C 346 58.63 -40.88 31.53
C ASP C 346 58.04 -42.24 31.89
N LEU C 347 56.91 -42.21 32.57
CA LEU C 347 56.19 -43.41 32.97
C LEU C 347 54.89 -43.41 32.18
N ARG C 348 54.82 -44.26 31.18
CA ARG C 348 53.70 -44.27 30.26
C ARG C 348 52.53 -45.05 30.83
N VAL C 349 51.40 -44.38 31.01
CA VAL C 349 50.23 -44.93 31.68
C VAL C 349 49.16 -45.24 30.64
N LEU C 350 48.36 -46.25 30.93
CA LEU C 350 47.26 -46.64 30.06
C LEU C 350 46.21 -47.34 30.90
N ARG C 351 45.07 -46.69 31.14
CA ARG C 351 43.96 -47.33 31.82
C ARG C 351 42.90 -47.70 30.81
N ASP C 352 42.37 -48.92 30.92
CA ASP C 352 41.37 -49.41 29.98
C ASP C 352 40.17 -50.00 30.71
N PRO C 353 39.04 -49.32 30.73
CA PRO C 353 37.82 -49.95 31.22
C PRO C 353 37.25 -50.97 30.26
N PHE C 354 37.92 -51.21 29.13
CA PHE C 354 37.39 -52.04 28.07
C PHE C 354 37.76 -53.52 28.21
N SER C 355 38.96 -53.83 28.69
CA SER C 355 39.39 -55.22 28.75
C SER C 355 38.57 -56.01 29.76
N ALA C 356 38.64 -55.62 31.03
CA ALA C 356 37.80 -56.19 32.08
C ALA C 356 36.71 -55.16 32.35
N LYS C 357 35.47 -55.51 31.99
CA LYS C 357 34.43 -54.47 31.88
C LYS C 357 34.13 -53.78 33.20
N PRO C 358 33.67 -54.47 34.25
CA PRO C 358 33.36 -53.74 35.48
C PRO C 358 34.59 -53.33 36.27
N HIS C 359 35.78 -53.55 35.74
CA HIS C 359 37.05 -53.18 36.35
C HIS C 359 37.71 -52.10 35.50
N VAL C 360 38.84 -51.60 35.95
CA VAL C 360 39.52 -50.48 35.30
C VAL C 360 40.89 -50.88 34.76
N LEU C 361 41.61 -51.75 35.46
CA LEU C 361 42.81 -52.38 34.91
C LEU C 361 43.86 -51.34 34.52
N PHE C 362 44.41 -50.67 35.55
CA PHE C 362 45.46 -49.69 35.31
C PHE C 362 46.70 -50.35 34.76
N TYR C 363 47.49 -49.60 34.01
CA TYR C 363 48.72 -50.11 33.43
C TYR C 363 49.70 -48.96 33.28
N ALA C 364 50.89 -49.14 33.85
CA ALA C 364 51.95 -48.14 33.79
C ALA C 364 53.27 -48.86 33.75
N SER C 365 54.12 -48.52 32.78
CA SER C 365 55.33 -49.31 32.56
C SER C 365 56.43 -48.42 32.01
N LYS C 366 57.33 -47.98 32.87
CA LYS C 366 58.53 -47.33 32.36
C LYS C 366 59.54 -48.38 31.94
N ARG C 367 60.48 -47.97 31.10
CA ARG C 367 61.44 -48.90 30.52
C ARG C 367 62.86 -48.41 30.76
N VAL C 368 63.71 -49.33 31.23
CA VAL C 368 65.01 -48.98 31.77
C VAL C 368 65.96 -50.12 31.48
N GLY C 369 67.25 -49.81 31.40
CA GLY C 369 68.27 -50.82 31.20
C GLY C 369 69.63 -50.30 31.57
N GLY C 370 70.57 -51.22 31.74
CA GLY C 370 71.93 -50.82 32.02
C GLY C 370 72.85 -51.88 32.59
N ASP C 371 74.10 -51.91 32.16
CA ASP C 371 75.11 -52.73 32.80
C ASP C 371 76.37 -51.89 32.94
N VAL C 372 77.47 -52.55 33.31
CA VAL C 372 78.72 -51.82 33.54
C VAL C 372 79.24 -51.28 32.22
N SER C 373 79.85 -50.10 32.29
CA SER C 373 80.45 -49.46 31.12
C SER C 373 81.96 -49.35 31.20
N ASP C 374 82.53 -49.38 32.40
CA ASP C 374 83.97 -49.24 32.59
C ASP C 374 84.35 -50.25 33.67
N PHE C 375 84.88 -51.40 33.25
CA PHE C 375 85.21 -52.45 34.20
C PHE C 375 86.32 -52.04 35.17
N ALA C 376 87.08 -51.01 34.82
CA ALA C 376 88.16 -50.55 35.68
C ALA C 376 87.69 -49.62 36.79
N ALA C 377 86.41 -49.27 36.82
CA ALA C 377 85.92 -48.25 37.75
C ALA C 377 85.00 -48.83 38.81
N ILE C 378 85.00 -50.15 38.99
CA ILE C 378 84.21 -50.79 40.03
C ILE C 378 85.04 -51.95 40.57
N LYS C 379 85.39 -51.89 41.85
CA LYS C 379 86.10 -52.97 42.51
C LYS C 379 85.22 -53.52 43.63
N LEU C 380 85.30 -54.82 43.84
CA LEU C 380 84.45 -55.54 44.78
C LEU C 380 85.29 -56.08 45.93
N LEU C 381 84.61 -56.65 46.92
CA LEU C 381 85.28 -57.15 48.13
C LEU C 381 84.70 -58.52 48.49
N LYS C 382 85.35 -59.57 48.02
CA LYS C 382 84.91 -60.93 48.33
C LYS C 382 85.28 -61.28 49.75
N PHE C 383 84.39 -62.00 50.41
CA PHE C 383 84.57 -62.37 51.82
C PHE C 383 85.04 -63.81 52.00
N ALA C 384 85.83 -64.34 51.07
CA ALA C 384 86.18 -65.75 51.12
C ALA C 384 87.63 -66.00 51.54
N ALA C 385 88.60 -65.42 50.86
CA ALA C 385 89.99 -65.79 51.10
C ALA C 385 90.77 -64.67 51.75
N ALA D 89 55.96 -54.65 12.09
CA ALA D 89 55.45 -56.01 12.18
C ALA D 89 55.28 -56.41 13.63
N LEU D 90 55.53 -57.67 13.93
CA LEU D 90 55.37 -58.20 15.28
C LEU D 90 56.56 -57.79 16.14
N ASN D 91 56.71 -58.47 17.27
CA ASN D 91 57.72 -58.22 18.28
C ASN D 91 59.09 -57.92 17.69
N SER D 92 59.84 -57.03 18.34
CA SER D 92 61.21 -56.73 17.96
C SER D 92 62.21 -57.66 18.60
N ALA D 93 61.79 -58.81 19.10
CA ALA D 93 62.73 -59.76 19.67
C ALA D 93 63.35 -60.61 18.57
N VAL D 94 62.52 -61.33 17.82
CA VAL D 94 63.01 -62.15 16.72
C VAL D 94 63.53 -61.24 15.61
N ALA D 95 64.60 -61.67 14.95
CA ALA D 95 65.24 -60.83 13.95
C ALA D 95 64.33 -60.59 12.76
N ALA D 96 63.77 -61.68 12.21
CA ALA D 96 62.98 -61.55 10.99
C ALA D 96 61.60 -60.96 11.26
N GLU D 97 61.09 -61.07 12.48
CA GLU D 97 59.80 -60.47 12.79
C GLU D 97 59.88 -58.95 12.76
N GLY D 98 60.68 -58.37 13.65
CA GLY D 98 60.91 -56.95 13.59
C GLY D 98 62.30 -56.58 14.09
N GLY D 99 63.12 -57.59 14.37
CA GLY D 99 64.41 -57.33 14.95
C GLY D 99 65.28 -56.41 14.10
N TYR D 100 65.13 -56.49 12.79
CA TYR D 100 65.96 -55.69 11.89
C TYR D 100 65.56 -54.23 11.86
N LEU D 101 64.33 -53.90 12.24
CA LEU D 101 63.90 -52.51 12.17
C LEU D 101 64.64 -51.64 13.17
N VAL D 102 64.85 -52.16 14.37
CA VAL D 102 65.35 -51.38 15.50
C VAL D 102 66.87 -51.37 15.48
N ASP D 103 67.44 -50.18 15.64
CA ASP D 103 68.88 -50.03 15.68
C ASP D 103 69.28 -49.25 16.94
N PRO D 104 70.35 -49.65 17.61
CA PRO D 104 70.71 -49.01 18.87
C PRO D 104 71.33 -47.64 18.69
N GLN D 105 71.02 -46.76 19.62
CA GLN D 105 71.63 -45.43 19.64
C GLN D 105 73.09 -45.57 20.01
N THR D 106 73.99 -45.13 19.12
CA THR D 106 75.39 -45.50 19.25
C THR D 106 76.03 -44.98 20.53
N SER D 107 76.25 -43.67 20.64
CA SER D 107 76.88 -43.09 21.81
C SER D 107 77.00 -41.59 21.55
N GLU D 108 77.46 -40.87 22.57
CA GLU D 108 77.75 -39.45 22.38
C GLU D 108 79.20 -39.20 22.00
N THR D 109 80.14 -39.90 22.62
CA THR D 109 81.56 -39.87 22.30
C THR D 109 82.11 -41.27 22.53
N ILE D 110 83.37 -41.46 22.18
CA ILE D 110 84.05 -42.74 22.38
C ILE D 110 84.88 -42.64 23.64
N ARG D 111 84.36 -43.21 24.73
CA ARG D 111 84.93 -42.99 26.04
C ARG D 111 86.10 -43.94 26.26
N GLY D 112 87.05 -43.56 27.10
CA GLY D 112 88.20 -44.40 27.33
C GLY D 112 88.46 -44.62 28.81
N VAL D 113 89.41 -45.52 29.07
CA VAL D 113 89.84 -45.82 30.42
C VAL D 113 90.62 -44.63 30.97
N LEU D 114 90.36 -44.27 32.22
CA LEU D 114 91.04 -43.16 32.86
C LEU D 114 92.38 -43.65 33.35
N ARG D 115 93.44 -42.92 33.05
CA ARG D 115 94.78 -43.28 33.45
C ARG D 115 95.39 -42.13 34.25
N SER D 116 96.27 -42.47 35.18
CA SER D 116 96.76 -41.47 36.11
C SER D 116 97.60 -40.41 35.39
N THR D 117 97.53 -39.19 35.90
CA THR D 117 98.24 -38.06 35.31
C THR D 117 99.38 -37.52 36.17
N ALA D 118 99.79 -38.24 37.21
CA ALA D 118 100.96 -37.86 37.98
C ALA D 118 102.22 -38.24 37.22
N SER D 119 103.07 -37.25 36.95
CA SER D 119 104.14 -37.45 35.97
C SER D 119 105.52 -37.01 36.43
N LEU D 120 105.68 -36.58 37.68
CA LEU D 120 106.97 -36.13 38.21
C LEU D 120 107.43 -34.87 37.50
N ARG D 121 106.68 -34.43 36.50
CA ARG D 121 106.91 -33.14 35.89
C ARG D 121 106.22 -32.14 36.80
N GLN D 122 105.38 -32.62 37.72
CA GLN D 122 104.80 -31.73 38.72
C GLN D 122 105.76 -31.00 39.71
N ILE D 123 106.67 -31.81 40.26
CA ILE D 123 107.70 -31.30 41.15
C ILE D 123 109.11 -31.09 40.63
N ALA D 124 109.46 -31.75 39.52
CA ALA D 124 110.78 -31.57 38.96
C ALA D 124 110.87 -30.21 38.29
N SER D 125 112.05 -29.90 37.77
CA SER D 125 112.33 -28.61 37.17
C SER D 125 112.41 -28.78 35.66
N VAL D 126 111.49 -28.15 34.93
CA VAL D 126 111.45 -28.22 33.48
C VAL D 126 112.12 -26.98 32.92
N VAL D 127 112.79 -27.14 31.78
CA VAL D 127 113.43 -26.02 31.09
C VAL D 127 113.02 -26.08 29.64
N ASN D 128 112.96 -24.92 28.98
CA ASN D 128 112.59 -24.83 27.57
C ASN D 128 113.89 -24.73 26.79
N VAL D 129 114.41 -25.84 26.34
CA VAL D 129 115.66 -25.83 25.61
C VAL D 129 115.37 -26.05 24.13
N GLU D 130 116.00 -25.23 23.30
CA GLU D 130 115.83 -25.33 21.86
C GLU D 130 117.10 -25.79 21.15
N ALA D 131 118.08 -26.27 21.89
CA ALA D 131 119.28 -26.83 21.30
C ALA D 131 119.10 -28.33 21.12
N THR D 132 120.19 -29.03 20.80
CA THR D 132 120.13 -30.48 20.68
C THR D 132 120.29 -31.19 22.01
N SER D 133 120.58 -30.45 23.08
CA SER D 133 120.85 -31.03 24.40
C SER D 133 120.80 -29.91 25.41
N PHE D 134 121.09 -30.25 26.65
CA PHE D 134 121.18 -29.27 27.71
C PHE D 134 122.36 -29.70 28.57
N ASP D 135 123.19 -28.73 28.97
CA ASP D 135 124.35 -29.00 29.82
C ASP D 135 124.20 -28.32 31.17
N VAL D 136 123.97 -29.11 32.20
CA VAL D 136 123.99 -28.55 33.54
C VAL D 136 125.41 -28.72 34.06
N LEU D 137 125.98 -27.63 34.57
CA LEU D 137 127.32 -27.64 35.12
C LEU D 137 127.19 -27.70 36.64
N VAL D 138 127.94 -28.61 37.26
CA VAL D 138 127.72 -28.92 38.71
C VAL D 138 129.08 -29.28 39.30
N ASP D 139 129.60 -28.46 40.21
CA ASP D 139 130.87 -28.81 40.89
C ASP D 139 130.61 -30.08 41.71
N LYS D 140 131.49 -31.08 41.59
CA LYS D 140 131.25 -32.37 42.29
C LYS D 140 131.87 -32.32 43.68
N THR D 141 132.68 -31.29 43.94
CA THR D 141 133.35 -31.11 45.23
C THR D 141 133.32 -29.65 45.59
N ASP D 142 133.95 -29.30 46.70
CA ASP D 142 133.94 -27.93 47.17
C ASP D 142 135.36 -27.42 47.42
N MET D 143 135.44 -26.18 47.89
CA MET D 143 136.70 -25.52 48.07
C MET D 143 137.43 -26.04 49.31
N GLY D 144 138.52 -25.37 49.66
CA GLY D 144 139.22 -25.69 50.88
C GLY D 144 139.50 -24.46 51.70
N SER D 145 139.50 -24.62 53.02
CA SER D 145 139.86 -23.50 53.87
C SER D 145 140.49 -24.06 55.13
N GLY D 146 141.28 -23.23 55.81
CA GLY D 146 142.07 -23.74 56.91
C GLY D 146 142.65 -22.59 57.71
N TRP D 147 143.23 -22.95 58.85
CA TRP D 147 143.56 -22.00 59.90
C TRP D 147 145.07 -21.91 60.08
N ALA D 148 145.71 -23.03 60.37
CA ALA D 148 147.16 -23.13 60.40
C ALA D 148 147.72 -23.95 59.24
N SER D 149 146.85 -24.61 58.47
CA SER D 149 147.27 -25.34 57.28
C SER D 149 147.43 -24.43 56.06
N GLU D 150 147.24 -23.12 56.22
CA GLU D 150 147.53 -22.19 55.15
C GLU D 150 148.95 -21.64 55.22
N THR D 151 149.47 -21.41 56.43
CA THR D 151 150.84 -20.94 56.55
C THR D 151 151.83 -22.07 56.27
N ALA D 152 151.64 -23.23 56.93
CA ALA D 152 152.56 -24.34 56.78
C ALA D 152 152.64 -24.80 55.33
N ALA D 153 151.52 -25.26 54.79
CA ALA D 153 151.48 -25.73 53.41
C ALA D 153 150.36 -25.00 52.67
N LEU D 154 150.04 -25.47 51.47
CA LEU D 154 148.90 -24.95 50.71
C LEU D 154 149.05 -23.46 50.40
N SER D 155 150.05 -23.13 49.59
CA SER D 155 150.07 -21.80 49.00
C SER D 155 148.85 -21.52 48.14
N GLU D 156 148.21 -22.57 47.63
CA GLU D 156 147.03 -22.46 46.80
C GLU D 156 145.97 -23.40 47.35
N THR D 157 144.72 -22.96 47.28
CA THR D 157 143.61 -23.75 47.80
C THR D 157 143.05 -24.71 46.76
N ALA D 158 142.69 -25.90 47.21
CA ALA D 158 141.98 -26.85 46.36
C ALA D 158 140.61 -26.29 45.98
N THR D 159 140.40 -26.06 44.69
CA THR D 159 139.20 -25.46 44.13
C THR D 159 138.22 -26.53 43.67
N PRO D 160 136.95 -26.18 43.45
CA PRO D 160 135.96 -27.20 43.08
C PRO D 160 136.19 -27.69 41.67
N GLN D 161 136.24 -29.00 41.50
CA GLN D 161 136.33 -29.59 40.17
C GLN D 161 134.93 -29.66 39.60
N ILE D 162 134.68 -28.88 38.55
CA ILE D 162 133.33 -28.80 38.01
C ILE D 162 133.06 -29.95 37.05
N ASP D 163 131.78 -30.18 36.79
CA ASP D 163 131.33 -31.28 35.97
C ASP D 163 130.13 -30.83 35.16
N ARG D 164 129.95 -31.48 34.00
CA ARG D 164 128.89 -31.13 33.06
C ARG D 164 128.08 -32.38 32.76
N ILE D 165 126.77 -32.30 32.96
CA ILE D 165 125.85 -33.40 32.71
C ILE D 165 125.04 -33.05 31.48
N THR D 166 125.08 -33.90 30.47
CA THR D 166 124.40 -33.62 29.22
C THR D 166 123.00 -34.21 29.23
N ILE D 167 122.06 -33.49 28.64
CA ILE D 167 120.68 -33.92 28.58
C ILE D 167 120.38 -34.11 27.09
N PRO D 168 120.54 -35.31 26.55
CA PRO D 168 120.53 -35.46 25.09
C PRO D 168 119.26 -35.00 24.41
N LEU D 169 118.17 -34.79 25.16
CA LEU D 169 116.93 -34.24 24.61
C LEU D 169 116.43 -35.11 23.45
N HIS D 170 116.05 -36.33 23.78
CA HIS D 170 115.57 -37.26 22.78
C HIS D 170 114.20 -36.83 22.28
N GLU D 171 113.62 -37.63 21.41
CA GLU D 171 112.26 -37.39 20.92
C GLU D 171 111.38 -38.57 21.27
N LEU D 172 110.10 -38.29 21.48
CA LEU D 172 109.10 -39.30 21.80
C LEU D 172 108.13 -39.36 20.62
N ALA D 173 108.08 -40.51 19.95
CA ALA D 173 107.37 -40.60 18.68
C ALA D 173 106.22 -41.58 18.77
N ALA D 174 105.07 -41.18 18.20
CA ALA D 174 103.92 -42.05 18.03
C ALA D 174 103.45 -41.94 16.60
N MET D 175 103.20 -43.08 15.96
CA MET D 175 102.75 -43.11 14.57
C MET D 175 101.70 -44.18 14.38
N PRO D 176 100.48 -43.96 14.86
CA PRO D 176 99.42 -44.94 14.64
C PRO D 176 98.83 -44.83 13.25
N LYS D 177 98.59 -45.98 12.64
CA LYS D 177 98.09 -46.07 11.27
C LYS D 177 96.59 -46.21 11.29
N ALA D 178 95.90 -45.43 10.47
CA ALA D 178 94.45 -45.45 10.40
C ALA D 178 94.03 -45.50 8.94
N SER D 179 93.09 -46.41 8.65
CA SER D 179 92.67 -46.60 7.26
C SER D 179 91.84 -45.42 6.80
N GLN D 180 91.85 -45.19 5.48
CA GLN D 180 91.11 -44.05 4.96
C GLN D 180 89.61 -44.32 4.94
N ARG D 181 89.21 -45.58 4.75
CA ARG D 181 87.80 -45.93 4.88
C ARG D 181 87.27 -45.55 6.25
N LEU D 182 87.98 -45.94 7.31
CA LEU D 182 87.53 -45.66 8.65
C LEU D 182 87.45 -44.16 8.91
N LEU D 183 88.42 -43.41 8.41
CA LEU D 183 88.42 -41.96 8.61
C LEU D 183 87.23 -41.28 7.96
N ASP D 184 86.50 -41.96 7.09
CA ASP D 184 85.33 -41.40 6.42
C ASP D 184 84.02 -42.06 6.83
N ASP D 185 84.01 -43.37 7.03
CA ASP D 185 82.80 -44.09 7.36
C ASP D 185 82.35 -43.87 8.79
N SER D 186 83.24 -43.48 9.68
CA SER D 186 82.93 -43.43 11.09
C SER D 186 82.18 -42.17 11.45
N ALA D 187 81.23 -42.30 12.39
CA ALA D 187 80.51 -41.15 12.89
C ALA D 187 81.32 -40.35 13.91
N PHE D 188 82.29 -40.99 14.56
CA PHE D 188 83.14 -40.31 15.52
C PHE D 188 84.29 -39.62 14.80
N ASP D 189 84.69 -38.47 15.32
CA ASP D 189 85.86 -37.78 14.78
C ASP D 189 87.11 -38.49 15.24
N ILE D 190 87.54 -39.51 14.49
CA ILE D 190 88.73 -40.27 14.87
C ILE D 190 90.00 -39.48 14.63
N GLU D 191 89.95 -38.51 13.71
CA GLU D 191 91.12 -37.66 13.47
C GLU D 191 91.54 -36.97 14.76
N THR D 192 90.61 -36.29 15.42
CA THR D 192 90.88 -35.57 16.65
C THR D 192 90.67 -36.40 17.89
N TRP D 193 90.40 -37.70 17.74
CA TRP D 193 90.40 -38.60 18.88
C TRP D 193 91.76 -39.27 19.05
N LEU D 194 92.50 -39.44 17.96
CA LEU D 194 93.88 -39.88 18.09
C LEU D 194 94.76 -38.77 18.65
N ALA D 195 94.55 -37.53 18.21
CA ALA D 195 95.38 -36.45 18.72
C ALA D 195 95.14 -36.24 20.21
N ASN D 196 93.98 -36.67 20.71
CA ASN D 196 93.73 -36.64 22.14
C ASN D 196 94.43 -37.79 22.83
N ARG D 197 94.42 -38.97 22.20
CA ARG D 197 95.05 -40.13 22.80
C ARG D 197 96.55 -40.13 22.61
N ILE D 198 97.07 -39.28 21.72
CA ILE D 198 98.52 -39.17 21.60
C ILE D 198 99.05 -38.26 22.69
N ALA D 199 98.45 -37.07 22.83
CA ALA D 199 98.85 -36.16 23.88
C ALA D 199 98.71 -36.79 25.26
N ASP D 200 97.76 -37.71 25.42
CA ASP D 200 97.62 -38.42 26.69
C ASP D 200 98.71 -39.46 26.85
N LYS D 201 99.07 -40.16 25.77
CA LYS D 201 100.09 -41.18 25.89
C LYS D 201 101.47 -40.56 26.05
N PHE D 202 101.70 -39.40 25.41
CA PHE D 202 103.00 -38.75 25.53
C PHE D 202 103.22 -38.25 26.95
N ALA D 203 102.22 -37.59 27.52
CA ALA D 203 102.33 -37.15 28.91
C ALA D 203 102.41 -38.32 29.88
N ARG D 204 102.16 -39.54 29.42
CA ARG D 204 102.21 -40.72 30.26
C ARG D 204 103.38 -41.64 29.91
N ALA D 205 103.94 -41.52 28.72
CA ALA D 205 105.12 -42.27 28.31
C ALA D 205 106.40 -41.60 28.76
N GLU D 206 106.43 -40.27 28.79
CA GLU D 206 107.57 -39.58 29.35
C GLU D 206 107.52 -39.55 30.87
N ALA D 207 106.36 -39.80 31.46
CA ALA D 207 106.28 -39.92 32.91
C ALA D 207 107.03 -41.16 33.40
N ALA D 208 107.07 -42.20 32.58
CA ALA D 208 107.76 -43.42 33.00
C ALA D 208 109.25 -43.34 32.71
N ALA D 209 109.64 -42.63 31.65
CA ALA D 209 111.06 -42.47 31.37
C ALA D 209 111.71 -41.53 32.37
N PHE D 210 110.94 -40.59 32.91
CA PHE D 210 111.46 -39.70 33.93
C PHE D 210 111.84 -40.42 35.21
N ILE D 211 111.38 -41.64 35.40
CA ILE D 211 111.63 -42.40 36.62
C ILE D 211 112.47 -43.64 36.37
N SER D 212 111.97 -44.56 35.55
CA SER D 212 112.70 -45.79 35.31
C SER D 212 113.13 -45.92 33.86
N GLY D 213 113.47 -44.81 33.20
CA GLY D 213 113.98 -44.90 31.85
C GLY D 213 115.48 -45.09 31.84
N ASP D 214 115.96 -45.92 30.92
CA ASP D 214 117.39 -46.07 30.73
C ASP D 214 117.88 -44.94 29.85
N GLY D 215 119.10 -45.03 29.35
CA GLY D 215 119.68 -43.93 28.62
C GLY D 215 119.39 -43.91 27.14
N VAL D 216 119.25 -45.09 26.54
CA VAL D 216 119.19 -45.21 25.08
C VAL D 216 117.95 -44.47 24.56
N ASP D 217 118.19 -43.37 23.86
CA ASP D 217 117.18 -42.61 23.13
C ASP D 217 116.03 -42.17 24.01
N LYS D 218 116.19 -42.18 25.34
CA LYS D 218 115.12 -41.83 26.24
C LYS D 218 115.69 -41.27 27.53
N PRO D 219 114.97 -40.41 28.22
CA PRO D 219 115.47 -39.83 29.46
C PRO D 219 115.88 -40.80 30.55
N THR D 220 116.99 -40.50 31.20
CA THR D 220 117.45 -41.33 32.32
C THR D 220 116.74 -41.00 33.62
N GLY D 221 115.79 -41.83 34.01
CA GLY D 221 115.05 -41.60 35.24
C GLY D 221 116.01 -41.75 36.39
N PHE D 222 115.58 -41.22 37.54
CA PHE D 222 116.51 -41.21 38.67
C PHE D 222 116.79 -42.60 39.21
N LEU D 223 115.96 -43.59 38.90
CA LEU D 223 116.18 -44.92 39.46
C LEU D 223 117.33 -45.67 38.82
N THR D 224 117.73 -45.32 37.61
CA THR D 224 118.87 -45.98 36.98
C THR D 224 120.18 -45.23 37.20
N LYS D 225 120.52 -44.96 38.46
CA LYS D 225 121.65 -44.09 38.78
C LYS D 225 122.56 -44.71 39.84
N THR D 226 122.94 -45.97 39.64
CA THR D 226 123.89 -46.71 40.47
C THR D 226 123.73 -46.41 41.97
N LYS D 227 122.59 -46.82 42.50
CA LYS D 227 122.27 -46.54 43.89
C LYS D 227 123.34 -47.11 44.82
N VAL D 228 123.71 -46.34 45.85
CA VAL D 228 124.69 -46.76 46.85
C VAL D 228 124.10 -46.47 48.22
N ALA D 229 124.43 -47.30 49.20
CA ALA D 229 123.90 -47.12 50.55
C ALA D 229 124.34 -45.79 51.12
N ASN D 230 123.41 -45.13 51.81
CA ASN D 230 123.71 -43.84 52.41
C ASN D 230 124.75 -44.00 53.51
N GLY D 231 125.40 -42.90 53.85
CA GLY D 231 126.53 -42.93 54.76
C GLY D 231 127.78 -43.18 53.96
N ALA D 232 127.65 -43.90 52.85
CA ALA D 232 128.72 -44.05 51.88
C ALA D 232 128.41 -43.27 50.60
N TRP D 233 127.65 -42.20 50.70
CA TRP D 233 127.17 -41.50 49.53
C TRP D 233 128.28 -40.72 48.85
N ALA D 234 128.38 -40.87 47.54
CA ALA D 234 129.33 -40.16 46.69
C ALA D 234 128.55 -39.27 45.74
N TRP D 235 129.27 -38.60 44.85
CA TRP D 235 128.58 -37.70 43.94
C TRP D 235 127.92 -38.44 42.80
N GLY D 236 128.49 -39.54 42.35
CA GLY D 236 127.93 -40.20 41.18
C GLY D 236 126.77 -41.13 41.46
N SER D 237 126.18 -41.05 42.64
CA SER D 237 125.19 -42.05 43.01
C SER D 237 124.14 -41.44 43.92
N LEU D 238 122.99 -42.11 43.96
CA LEU D 238 121.87 -41.73 44.81
C LEU D 238 121.89 -42.57 46.06
N GLY D 239 121.71 -41.93 47.20
CA GLY D 239 121.80 -42.64 48.46
C GLY D 239 120.47 -43.23 48.86
N TYR D 240 120.49 -44.49 49.31
CA TYR D 240 119.28 -45.17 49.71
C TYR D 240 119.43 -45.71 51.12
N VAL D 241 118.30 -45.91 51.78
CA VAL D 241 118.28 -46.53 53.09
C VAL D 241 117.46 -47.80 53.02
N ALA D 242 117.85 -48.78 53.81
CA ALA D 242 117.26 -50.11 53.76
C ALA D 242 116.20 -50.25 54.84
N THR D 243 115.19 -51.07 54.59
CA THR D 243 114.08 -51.11 55.53
C THR D 243 114.30 -52.16 56.61
N GLY D 244 115.23 -53.07 56.41
CA GLY D 244 115.31 -54.21 57.31
C GLY D 244 114.86 -55.56 56.80
N ALA D 245 113.73 -55.64 56.12
CA ALA D 245 113.21 -56.91 55.65
C ALA D 245 113.36 -56.98 54.13
N ALA D 246 113.36 -58.20 53.60
CA ALA D 246 113.64 -58.36 52.18
C ALA D 246 112.40 -58.15 51.32
N GLY D 247 111.22 -58.38 51.87
CA GLY D 247 110.03 -58.16 51.08
C GLY D 247 109.34 -56.83 51.20
N ASP D 248 109.01 -56.46 52.43
CA ASP D 248 108.16 -55.32 52.73
C ASP D 248 108.85 -54.49 53.80
N PHE D 249 108.08 -53.61 54.44
CA PHE D 249 108.60 -52.72 55.51
C PHE D 249 109.14 -53.53 56.70
N ALA D 250 109.81 -52.87 57.64
CA ALA D 250 110.44 -53.58 58.77
C ALA D 250 109.39 -54.20 59.70
N ALA D 251 109.74 -55.31 60.36
CA ALA D 251 108.82 -55.94 61.34
C ALA D 251 108.85 -55.15 62.65
N VAL D 252 107.86 -55.36 63.52
CA VAL D 252 107.76 -54.67 64.84
C VAL D 252 107.61 -53.14 64.64
N ASN D 253 108.65 -52.47 64.13
CA ASN D 253 108.58 -51.03 63.90
C ASN D 253 108.95 -50.77 62.44
N ALA D 254 107.94 -50.64 61.59
CA ALA D 254 108.08 -50.25 60.19
C ALA D 254 108.14 -48.75 59.96
N SER D 255 107.43 -47.99 60.77
CA SER D 255 107.41 -46.53 60.78
C SER D 255 108.77 -45.87 60.95
N ASP D 256 109.84 -46.64 61.12
CA ASP D 256 111.17 -46.03 61.15
C ASP D 256 111.88 -46.08 59.81
N ALA D 257 111.62 -47.07 58.98
CA ALA D 257 112.18 -47.01 57.63
C ALA D 257 111.66 -45.84 56.82
N VAL D 258 110.61 -45.16 57.27
CA VAL D 258 110.16 -43.96 56.56
C VAL D 258 110.78 -42.70 57.14
N VAL D 259 110.90 -42.63 58.46
CA VAL D 259 111.39 -41.43 59.14
C VAL D 259 112.90 -41.25 58.99
N ASP D 260 113.67 -42.32 58.79
CA ASP D 260 115.09 -42.10 58.51
C ASP D 260 115.34 -41.86 57.04
N LEU D 261 114.40 -42.21 56.17
CA LEU D 261 114.47 -41.70 54.81
C LEU D 261 114.32 -40.20 54.77
N VAL D 262 113.49 -39.63 55.64
CA VAL D 262 113.35 -38.18 55.68
C VAL D 262 114.64 -37.54 56.16
N TYR D 263 115.23 -38.11 57.21
CA TYR D 263 116.40 -37.48 57.89
C TYR D 263 117.70 -37.89 57.20
N ALA D 264 117.62 -38.35 55.95
CA ALA D 264 118.78 -38.68 55.14
C ALA D 264 118.93 -37.69 54.00
N LEU D 265 118.27 -36.55 54.05
CA LEU D 265 118.36 -35.59 52.95
C LEU D 265 119.21 -34.37 53.24
N GLY D 266 119.16 -33.83 54.46
CA GLY D 266 119.80 -32.56 54.71
C GLY D 266 118.81 -31.41 54.78
N ALA D 267 119.01 -30.52 55.75
CA ALA D 267 118.01 -29.48 56.02
C ALA D 267 117.86 -28.46 54.91
N GLU D 268 118.68 -28.53 53.86
CA GLU D 268 118.49 -27.59 52.77
C GLU D 268 117.61 -28.14 51.66
N TYR D 269 117.77 -29.43 51.35
CA TYR D 269 116.90 -30.09 50.40
C TYR D 269 115.56 -30.48 50.99
N ARG D 270 115.46 -30.58 52.32
CA ARG D 270 114.18 -30.85 52.94
C ARG D 270 113.32 -29.61 53.08
N ALA D 271 113.80 -28.44 52.66
CA ALA D 271 112.98 -27.25 52.73
C ALA D 271 111.72 -27.41 51.90
N ASN D 272 111.86 -27.99 50.71
CA ASN D 272 110.73 -28.35 49.87
C ASN D 272 111.06 -29.66 49.17
N ALA D 273 110.68 -30.77 49.79
CA ALA D 273 110.85 -32.10 49.23
C ALA D 273 109.51 -32.81 49.27
N SER D 274 109.43 -33.96 48.61
CA SER D 274 108.19 -34.71 48.56
C SER D 274 108.46 -36.17 48.22
N PHE D 275 107.74 -37.04 48.91
CA PHE D 275 107.79 -38.47 48.62
C PHE D 275 107.17 -38.76 47.26
N VAL D 276 107.64 -39.84 46.64
CA VAL D 276 107.12 -40.30 45.36
C VAL D 276 106.88 -41.80 45.50
N MET D 277 105.63 -42.22 45.40
CA MET D 277 105.26 -43.63 45.48
C MET D 277 104.21 -43.92 44.41
N ASN D 278 103.97 -45.19 44.16
CA ASN D 278 102.85 -45.54 43.30
C ASN D 278 101.61 -45.73 44.16
N SER D 279 100.52 -46.15 43.53
CA SER D 279 99.26 -46.23 44.26
C SER D 279 99.28 -47.35 45.29
N LYS D 280 99.69 -48.55 44.89
CA LYS D 280 99.62 -49.69 45.78
C LYS D 280 100.73 -49.72 46.81
N THR D 281 101.52 -48.65 46.92
CA THR D 281 102.50 -48.54 48.00
C THR D 281 101.98 -47.58 49.06
N ALA D 282 101.44 -46.45 48.63
CA ALA D 282 100.79 -45.56 49.57
C ALA D 282 99.68 -46.27 50.31
N GLY D 283 99.08 -47.29 49.71
CA GLY D 283 98.18 -48.13 50.46
C GLY D 283 98.90 -48.97 51.49
N ALA D 284 100.06 -49.52 51.13
CA ALA D 284 100.85 -50.29 52.07
C ALA D 284 101.51 -49.39 53.12
N VAL D 285 101.77 -48.14 52.79
CA VAL D 285 102.21 -47.19 53.80
C VAL D 285 101.08 -46.83 54.72
N ARG D 286 99.87 -46.74 54.19
CA ARG D 286 98.72 -46.40 55.02
C ARG D 286 98.25 -47.57 55.86
N LYS D 287 98.50 -48.80 55.40
CA LYS D 287 98.20 -49.97 56.23
C LYS D 287 99.12 -50.09 57.43
N MET D 288 100.13 -49.24 57.57
CA MET D 288 101.00 -49.33 58.73
C MET D 288 100.21 -48.92 59.96
N LYS D 289 100.13 -49.84 60.92
CA LYS D 289 99.37 -49.67 62.15
C LYS D 289 100.26 -49.94 63.35
N ASP D 290 99.97 -49.25 64.45
CA ASP D 290 100.73 -49.41 65.68
C ASP D 290 100.23 -50.68 66.37
N ALA D 291 100.62 -50.90 67.62
CA ALA D 291 100.23 -52.15 68.25
C ALA D 291 98.73 -52.24 68.47
N ASP D 292 98.07 -51.10 68.66
CA ASP D 292 96.64 -51.21 68.90
C ASP D 292 95.84 -51.42 67.62
N GLY D 293 96.33 -50.94 66.47
CA GLY D 293 95.51 -51.11 65.29
C GLY D 293 94.91 -49.85 64.69
N ARG D 294 95.08 -48.72 65.39
CA ARG D 294 94.46 -47.46 64.94
C ARG D 294 95.26 -46.91 63.76
N PHE D 295 96.34 -47.61 63.37
CA PHE D 295 97.20 -47.17 62.25
C PHE D 295 98.02 -46.04 62.86
N LEU D 296 98.86 -45.38 62.06
CA LEU D 296 99.59 -44.18 62.47
C LEU D 296 99.38 -43.04 61.44
N TRP D 297 99.05 -43.48 60.22
CA TRP D 297 98.82 -42.54 59.12
C TRP D 297 97.33 -42.55 58.89
N ALA D 298 96.71 -41.36 58.94
CA ALA D 298 95.27 -41.24 58.73
C ALA D 298 94.50 -42.11 59.73
N ASP D 299 94.55 -41.69 61.00
CA ASP D 299 94.05 -42.49 62.12
C ASP D 299 92.69 -43.12 61.86
N SER D 300 91.66 -42.31 61.66
CA SER D 300 90.31 -42.86 61.58
C SER D 300 90.07 -43.52 60.23
N LEU D 301 89.08 -44.41 60.18
CA LEU D 301 88.64 -44.92 58.89
C LEU D 301 87.84 -43.90 58.10
N ALA D 302 87.54 -42.74 58.66
CA ALA D 302 86.87 -41.68 57.92
C ALA D 302 87.84 -40.61 57.45
N ALA D 303 89.08 -41.00 57.15
CA ALA D 303 90.17 -40.05 56.92
C ALA D 303 90.40 -39.75 55.45
N GLY D 304 90.78 -40.75 54.67
CA GLY D 304 91.23 -40.51 53.33
C GLY D 304 92.65 -39.98 53.31
N GLU D 305 93.23 -39.99 52.11
CA GLU D 305 94.62 -39.59 51.87
C GLU D 305 94.91 -38.27 52.57
N PRO D 306 95.66 -38.26 53.67
CA PRO D 306 95.97 -36.99 54.34
C PRO D 306 96.89 -36.03 53.64
N ALA D 307 97.41 -36.34 52.46
CA ALA D 307 98.19 -35.39 51.65
C ALA D 307 99.44 -34.90 52.36
N ARG D 308 100.03 -35.68 53.25
CA ARG D 308 101.24 -35.31 53.96
C ARG D 308 101.84 -36.54 54.64
N LEU D 309 103.13 -36.73 54.46
CA LEU D 309 103.85 -37.81 55.11
C LEU D 309 105.05 -37.18 55.78
N MET D 310 105.15 -37.33 57.10
CA MET D 310 106.24 -36.72 57.85
C MET D 310 106.32 -35.21 57.59
N GLY D 311 105.19 -34.58 57.31
CA GLY D 311 105.19 -33.17 57.05
C GLY D 311 105.52 -32.78 55.64
N TYR D 312 105.62 -33.73 54.71
CA TYR D 312 106.02 -33.46 53.34
C TYR D 312 105.01 -34.02 52.36
N PRO D 313 104.84 -33.38 51.21
CA PRO D 313 103.87 -33.85 50.22
C PRO D 313 104.16 -35.26 49.74
N VAL D 314 103.16 -35.84 49.09
CA VAL D 314 103.25 -37.19 48.54
C VAL D 314 102.78 -37.14 47.10
N LEU D 315 103.60 -37.65 46.19
CA LEU D 315 103.27 -37.72 44.77
C LEU D 315 103.01 -39.17 44.41
N ILE D 316 101.78 -39.50 44.02
CA ILE D 316 101.45 -40.86 43.66
C ILE D 316 101.76 -41.06 42.18
N ALA D 317 103.01 -41.36 41.89
CA ALA D 317 103.49 -41.58 40.52
C ALA D 317 103.42 -43.06 40.18
N GLU D 318 102.47 -43.44 39.32
CA GLU D 318 102.20 -44.85 39.07
C GLU D 318 103.28 -45.49 38.21
N ASP D 319 104.41 -44.82 38.02
CA ASP D 319 105.52 -45.34 37.25
C ASP D 319 106.69 -45.76 38.13
N MET D 320 106.52 -45.71 39.46
CA MET D 320 107.53 -46.23 40.35
C MET D 320 107.32 -47.72 40.57
N PRO D 321 108.39 -48.45 40.90
CA PRO D 321 108.26 -49.86 41.19
C PRO D 321 107.39 -50.07 42.41
N ASP D 322 106.77 -51.24 42.47
CA ASP D 322 105.96 -51.57 43.62
C ASP D 322 106.86 -52.20 44.68
N ILE D 323 106.26 -52.65 45.78
CA ILE D 323 107.04 -53.27 46.84
C ILE D 323 107.44 -54.67 46.42
N ALA D 324 108.75 -54.92 46.38
CA ALA D 324 109.27 -56.19 45.87
C ALA D 324 110.55 -56.51 46.61
N ALA D 325 111.34 -57.44 46.05
CA ALA D 325 112.52 -57.94 46.74
C ALA D 325 113.52 -56.83 47.04
N ASN D 326 113.99 -56.13 46.02
CA ASN D 326 114.99 -55.10 46.23
C ASN D 326 114.58 -53.79 45.55
N ALA D 327 113.29 -53.51 45.49
CA ALA D 327 112.81 -52.34 44.77
C ALA D 327 113.00 -51.07 45.59
N TYR D 328 113.20 -49.96 44.89
CA TYR D 328 113.26 -48.65 45.51
C TYR D 328 111.91 -47.94 45.38
N ALA D 329 110.91 -48.56 46.02
CA ALA D 329 109.52 -48.19 45.75
C ALA D 329 109.15 -46.83 46.32
N ILE D 330 109.94 -46.26 47.22
CA ILE D 330 109.67 -44.94 47.77
C ILE D 330 110.92 -44.08 47.59
N ALA D 331 110.77 -42.97 46.90
CA ALA D 331 111.85 -42.00 46.74
C ALA D 331 111.43 -40.71 47.40
N PHE D 332 112.39 -40.08 48.08
CA PHE D 332 112.13 -38.82 48.77
C PHE D 332 113.26 -37.87 48.46
N GLY D 333 112.93 -36.66 48.05
CA GLY D 333 113.96 -35.69 47.75
C GLY D 333 113.37 -34.43 47.18
N ASP D 334 114.25 -33.47 46.97
CA ASP D 334 113.89 -32.18 46.38
C ASP D 334 114.22 -32.28 44.90
N PHE D 335 113.20 -32.50 44.09
CA PHE D 335 113.42 -32.66 42.66
C PHE D 335 113.53 -31.33 41.94
N GLY D 336 113.08 -30.23 42.54
CA GLY D 336 113.28 -28.93 41.95
C GLY D 336 114.73 -28.66 41.64
N ASN D 337 115.64 -29.21 42.45
CA ASN D 337 117.06 -29.11 42.17
C ASN D 337 117.65 -30.44 41.73
N GLY D 338 117.04 -31.55 42.13
CA GLY D 338 117.63 -32.84 41.87
C GLY D 338 117.45 -33.37 40.48
N TYR D 339 116.29 -33.16 39.89
CA TYR D 339 115.95 -33.70 38.58
C TYR D 339 115.57 -32.60 37.62
N THR D 340 116.30 -32.51 36.51
CA THR D 340 116.10 -31.48 35.51
C THR D 340 115.44 -32.08 34.27
N ILE D 341 114.32 -31.50 33.85
CA ILE D 341 113.62 -31.90 32.64
C ILE D 341 113.93 -30.88 31.56
N ALA D 342 114.48 -31.36 30.45
CA ALA D 342 114.73 -30.54 29.27
C ALA D 342 113.73 -30.90 28.19
N GLU D 343 113.03 -29.88 27.69
CA GLU D 343 111.91 -30.13 26.79
C GLU D 343 111.77 -29.01 25.78
N ARG D 344 111.09 -29.34 24.69
CA ARG D 344 110.55 -28.40 23.72
C ARG D 344 109.04 -28.37 23.90
N PRO D 345 108.43 -27.20 24.02
CA PRO D 345 107.08 -27.14 24.62
C PRO D 345 105.99 -27.76 23.77
N ASP D 346 105.86 -27.35 22.52
CA ASP D 346 104.85 -27.88 21.61
C ASP D 346 105.30 -29.15 20.88
N LEU D 347 104.33 -29.96 20.49
CA LEU D 347 104.58 -31.19 19.76
C LEU D 347 103.99 -31.02 18.36
N ARG D 348 104.72 -31.50 17.37
CA ARG D 348 104.29 -31.32 15.99
C ARG D 348 103.70 -32.61 15.44
N VAL D 349 102.60 -32.47 14.71
CA VAL D 349 101.87 -33.59 14.14
C VAL D 349 102.04 -33.54 12.63
N LEU D 350 102.11 -34.72 12.01
CA LEU D 350 102.26 -34.85 10.57
C LEU D 350 101.46 -36.06 10.10
N ARG D 351 100.46 -35.83 9.26
CA ARG D 351 99.67 -36.91 8.69
C ARG D 351 100.02 -37.03 7.22
N ASP D 352 100.41 -38.23 6.79
CA ASP D 352 100.82 -38.43 5.40
C ASP D 352 99.95 -39.48 4.71
N PRO D 353 99.02 -39.08 3.89
CA PRO D 353 98.22 -40.07 3.17
C PRO D 353 99.01 -40.71 2.04
N PHE D 354 100.33 -40.52 2.04
CA PHE D 354 101.18 -40.88 0.91
C PHE D 354 101.97 -42.16 1.11
N SER D 355 102.61 -42.34 2.27
CA SER D 355 103.51 -43.47 2.45
C SER D 355 102.76 -44.80 2.34
N ALA D 356 101.82 -45.04 3.24
CA ALA D 356 100.91 -46.17 3.13
C ALA D 356 99.63 -45.63 2.52
N LYS D 357 99.36 -46.02 1.27
CA LYS D 357 98.35 -45.31 0.49
C LYS D 357 96.94 -45.47 1.06
N PRO D 358 96.40 -46.67 1.27
CA PRO D 358 95.03 -46.77 1.78
C PRO D 358 94.88 -46.31 3.22
N HIS D 359 95.96 -45.87 3.88
CA HIS D 359 95.89 -45.41 5.27
C HIS D 359 96.43 -43.99 5.38
N VAL D 360 96.62 -43.49 6.61
CA VAL D 360 96.97 -42.11 6.84
C VAL D 360 98.28 -41.95 7.61
N LEU D 361 98.53 -42.79 8.62
CA LEU D 361 99.78 -42.77 9.38
C LEU D 361 100.00 -41.40 10.06
N PHE D 362 99.16 -41.14 11.05
CA PHE D 362 99.28 -39.90 11.82
C PHE D 362 100.58 -39.90 12.62
N TYR D 363 101.53 -39.06 12.24
CA TYR D 363 102.83 -39.02 12.90
C TYR D 363 102.89 -37.80 13.81
N ALA D 364 103.12 -38.04 15.10
CA ALA D 364 103.19 -37.00 16.11
C ALA D 364 104.35 -37.31 17.04
N SER D 365 105.21 -36.32 17.27
CA SER D 365 106.45 -36.60 17.99
C SER D 365 106.90 -35.37 18.77
N LYS D 366 106.62 -35.36 20.06
CA LYS D 366 107.18 -34.40 21.00
C LYS D 366 108.57 -34.88 21.40
N ARG D 367 109.47 -33.95 21.67
CA ARG D 367 110.83 -34.29 22.08
C ARG D 367 111.12 -33.76 23.47
N VAL D 368 111.72 -34.61 24.30
CA VAL D 368 111.89 -34.33 25.72
C VAL D 368 113.08 -35.13 26.22
N GLY D 369 113.72 -34.64 27.28
CA GLY D 369 114.81 -35.35 27.89
C GLY D 369 115.07 -34.85 29.29
N GLY D 370 115.83 -35.64 30.05
CA GLY D 370 116.21 -35.22 31.38
C GLY D 370 116.70 -36.33 32.28
N ASP D 371 117.73 -36.07 33.08
CA ASP D 371 118.13 -36.99 34.12
C ASP D 371 118.42 -36.19 35.38
N VAL D 372 118.99 -36.85 36.39
CA VAL D 372 119.25 -36.19 37.66
C VAL D 372 120.31 -35.11 37.46
N SER D 373 120.16 -34.02 38.19
CA SER D 373 121.10 -32.91 38.17
C SER D 373 121.83 -32.73 39.48
N ASP D 374 121.26 -33.21 40.59
CA ASP D 374 121.82 -33.06 41.92
C ASP D 374 121.65 -34.38 42.65
N PHE D 375 122.70 -35.18 42.70
CA PHE D 375 122.60 -36.50 43.33
C PHE D 375 122.32 -36.41 44.82
N ALA D 376 122.56 -35.26 45.42
CA ALA D 376 122.35 -35.06 46.85
C ALA D 376 120.90 -34.76 47.20
N ALA D 377 120.04 -34.59 46.21
CA ALA D 377 118.67 -34.15 46.44
C ALA D 377 117.63 -35.21 46.17
N ILE D 378 118.03 -36.47 46.10
CA ILE D 378 117.08 -37.58 45.92
C ILE D 378 117.58 -38.75 46.75
N LYS D 379 116.80 -39.16 47.73
CA LYS D 379 117.13 -40.33 48.53
C LYS D 379 116.05 -41.39 48.33
N LEU D 380 116.47 -42.64 48.32
CA LEU D 380 115.62 -43.76 48.03
C LEU D 380 115.44 -44.66 49.24
N LEU D 381 114.56 -45.65 49.09
CA LEU D 381 114.20 -46.55 50.18
C LEU D 381 114.19 -47.99 49.63
N LYS D 382 115.30 -48.68 49.75
CA LYS D 382 115.41 -50.05 49.30
C LYS D 382 114.67 -50.94 50.29
N PHE D 383 113.99 -51.98 49.80
CA PHE D 383 113.19 -52.83 50.67
C PHE D 383 113.97 -54.11 50.96
N ALA D 384 115.29 -53.95 51.05
CA ALA D 384 116.22 -55.05 51.21
C ALA D 384 116.77 -54.98 52.64
N ALA D 385 117.84 -55.72 52.89
CA ALA D 385 118.30 -55.85 54.26
C ALA D 385 119.63 -55.13 54.46
N ALA E 89 124.93 -31.96 5.78
CA ALA E 89 123.67 -31.70 6.44
C ALA E 89 122.87 -32.97 6.57
N LEU E 90 123.43 -34.06 6.07
CA LEU E 90 122.70 -35.32 5.92
C LEU E 90 122.28 -35.93 7.25
N ASN E 91 122.70 -35.37 8.38
CA ASN E 91 122.46 -36.05 9.64
C ASN E 91 122.54 -35.05 10.78
N SER E 92 122.57 -35.57 12.00
CA SER E 92 122.87 -34.81 13.20
C SER E 92 124.01 -35.56 13.88
N ALA E 93 124.23 -35.28 15.15
CA ALA E 93 125.45 -35.67 15.85
C ALA E 93 125.73 -37.18 15.78
N VAL E 94 124.88 -37.92 15.08
CA VAL E 94 125.20 -39.30 14.76
C VAL E 94 126.53 -39.40 14.02
N ALA E 95 126.90 -38.37 13.27
CA ALA E 95 128.19 -38.35 12.58
C ALA E 95 128.68 -36.93 12.49
N ALA E 96 129.78 -36.74 11.77
CA ALA E 96 130.39 -35.43 11.55
C ALA E 96 129.93 -34.76 10.26
N GLU E 97 128.76 -35.13 9.75
CA GLU E 97 128.06 -34.35 8.74
C GLU E 97 126.84 -33.72 9.43
N GLY E 98 126.92 -32.43 9.68
CA GLY E 98 125.93 -31.75 10.48
C GLY E 98 126.19 -31.82 11.97
N GLY E 99 126.94 -32.81 12.44
CA GLY E 99 127.21 -32.91 13.87
C GLY E 99 127.89 -31.69 14.44
N TYR E 100 128.71 -31.01 13.64
CA TYR E 100 129.34 -29.79 14.10
C TYR E 100 128.35 -28.64 14.19
N LEU E 101 127.24 -28.71 13.46
CA LEU E 101 126.31 -27.59 13.41
C LEU E 101 125.45 -27.48 14.66
N VAL E 102 125.31 -28.56 15.41
CA VAL E 102 124.46 -28.59 16.60
C VAL E 102 125.33 -28.37 17.82
N ASP E 103 124.90 -27.46 18.69
CA ASP E 103 125.65 -27.18 19.90
C ASP E 103 124.72 -27.22 21.10
N PRO E 104 125.10 -27.94 22.16
CA PRO E 104 124.24 -28.01 23.34
C PRO E 104 124.17 -26.68 24.05
N GLN E 105 123.06 -26.46 24.75
CA GLN E 105 122.84 -25.24 25.50
C GLN E 105 123.15 -25.46 26.97
N THR E 106 124.03 -24.64 27.52
CA THR E 106 124.44 -24.78 28.90
C THR E 106 123.42 -24.14 29.83
N SER E 107 123.55 -24.45 31.11
CA SER E 107 122.66 -23.86 32.10
C SER E 107 122.89 -22.35 32.18
N GLU E 108 122.04 -21.68 32.94
CA GLU E 108 122.23 -20.23 33.12
C GLU E 108 123.27 -19.94 34.18
N THR E 109 123.23 -20.63 35.31
CA THR E 109 124.19 -20.45 36.38
C THR E 109 124.78 -21.79 36.77
N ILE E 110 126.07 -21.77 37.12
CA ILE E 110 126.72 -22.92 37.72
C ILE E 110 126.06 -23.24 39.05
N ARG E 111 125.40 -24.39 39.14
CA ARG E 111 124.72 -24.75 40.37
C ARG E 111 125.55 -25.74 41.16
N GLY E 112 125.35 -25.72 42.48
CA GLY E 112 126.09 -26.56 43.39
C GLY E 112 125.22 -27.32 44.36
N VAL E 113 125.86 -28.21 45.10
CA VAL E 113 125.16 -28.98 46.12
C VAL E 113 124.81 -28.07 47.28
N LEU E 114 123.58 -28.16 47.76
CA LEU E 114 123.13 -27.35 48.88
C LEU E 114 123.58 -28.01 50.17
N ARG E 115 124.18 -27.22 51.06
CA ARG E 115 124.66 -27.73 52.33
C ARG E 115 124.04 -26.89 53.44
N SER E 116 123.84 -27.53 54.58
CA SER E 116 123.09 -26.89 55.65
C SER E 116 123.82 -25.68 56.20
N THR E 117 123.02 -24.70 56.62
CA THR E 117 123.52 -23.43 57.14
C THR E 117 123.30 -23.28 58.64
N ALA E 118 122.94 -24.35 59.35
CA ALA E 118 122.85 -24.26 60.80
C ALA E 118 124.25 -24.29 61.38
N SER E 119 124.62 -23.23 62.11
CA SER E 119 126.01 -23.01 62.46
C SER E 119 126.25 -22.67 63.92
N LEU E 120 125.23 -22.71 64.77
CA LEU E 120 125.36 -22.38 66.18
C LEU E 120 125.67 -20.89 66.35
N ARG E 121 125.82 -20.18 65.24
CA ARG E 121 125.91 -18.74 65.32
C ARG E 121 124.55 -18.09 65.50
N GLN E 122 123.46 -18.84 65.32
CA GLN E 122 122.14 -18.26 65.53
C GLN E 122 121.76 -18.21 67.00
N ILE E 123 122.29 -19.11 67.83
CA ILE E 123 121.96 -19.16 69.24
C ILE E 123 123.10 -18.63 70.12
N ALA E 124 124.34 -18.75 69.67
CA ALA E 124 125.45 -18.23 70.46
C ALA E 124 125.48 -16.71 70.38
N SER E 125 126.42 -16.11 71.10
CA SER E 125 126.51 -14.66 71.18
C SER E 125 127.72 -14.20 70.39
N VAL E 126 127.49 -13.44 69.33
CA VAL E 126 128.55 -12.92 68.51
C VAL E 126 128.83 -11.49 68.93
N VAL E 127 130.09 -11.08 68.84
CA VAL E 127 130.45 -9.70 69.14
C VAL E 127 131.31 -9.18 68.01
N ASN E 128 131.24 -7.88 67.76
CA ASN E 128 132.00 -7.23 66.71
C ASN E 128 133.23 -6.62 67.36
N VAL E 129 134.33 -7.37 67.33
CA VAL E 129 135.58 -7.05 68.07
C VAL E 129 136.78 -7.10 67.12
N GLU E 130 137.26 -5.94 66.66
CA GLU E 130 138.46 -5.87 65.79
C GLU E 130 139.71 -6.35 66.55
N ALA E 131 139.82 -5.98 67.83
CA ALA E 131 141.00 -6.35 68.67
C ALA E 131 141.48 -7.77 68.41
N THR E 132 142.80 -7.95 68.36
CA THR E 132 143.46 -9.21 68.07
C THR E 132 142.97 -10.34 68.95
N SER E 133 142.03 -10.07 69.85
CA SER E 133 141.41 -11.09 70.68
C SER E 133 140.22 -10.45 71.39
N PHE E 134 139.56 -11.24 72.23
CA PHE E 134 138.46 -10.76 73.04
C PHE E 134 138.56 -11.41 74.42
N ASP E 135 138.29 -10.62 75.45
CA ASP E 135 138.30 -11.13 76.82
C ASP E 135 136.89 -11.10 77.38
N VAL E 136 136.61 -12.03 78.26
CA VAL E 136 135.36 -12.06 78.99
C VAL E 136 135.71 -12.25 80.45
N LEU E 137 134.81 -11.84 81.33
CA LEU E 137 135.09 -11.80 82.76
C LEU E 137 133.97 -12.52 83.48
N VAL E 138 134.26 -13.66 84.08
CA VAL E 138 133.21 -14.41 84.75
C VAL E 138 133.53 -14.51 86.23
N ASP E 139 132.52 -14.87 87.00
CA ASP E 139 132.60 -15.15 88.43
C ASP E 139 132.44 -16.65 88.63
N LYS E 140 133.53 -17.42 88.60
CA LYS E 140 133.36 -18.85 88.76
C LYS E 140 132.77 -19.22 90.11
N THR E 141 132.94 -18.39 91.14
CA THR E 141 132.27 -18.61 92.41
C THR E 141 131.55 -17.32 92.77
N ASP E 142 130.92 -17.30 93.93
CA ASP E 142 130.19 -16.10 94.33
C ASP E 142 130.64 -15.67 95.72
N MET E 143 130.03 -14.59 96.19
CA MET E 143 130.44 -14.06 97.48
C MET E 143 129.87 -14.94 98.58
N GLY E 144 130.01 -14.50 99.83
CA GLY E 144 129.34 -15.22 100.88
C GLY E 144 128.58 -14.24 101.77
N SER E 145 127.43 -14.69 102.25
CA SER E 145 126.61 -13.92 103.17
C SER E 145 126.43 -14.70 104.46
N GLY E 146 126.94 -14.18 105.56
CA GLY E 146 126.93 -15.00 106.74
C GLY E 146 125.93 -14.42 107.73
N TRP E 147 125.33 -15.25 108.57
CA TRP E 147 124.17 -14.84 109.33
C TRP E 147 124.69 -14.09 110.55
N ALA E 148 124.74 -12.77 110.44
CA ALA E 148 125.42 -11.94 111.43
C ALA E 148 124.75 -12.06 112.79
N SER E 149 125.53 -12.46 113.79
CA SER E 149 125.00 -12.46 115.14
C SER E 149 124.91 -11.04 115.66
N GLU E 150 124.31 -10.92 116.85
CA GLU E 150 124.12 -9.60 117.45
C GLU E 150 125.46 -8.99 117.84
N THR E 151 126.28 -9.75 118.56
CA THR E 151 127.53 -9.29 119.15
C THR E 151 128.71 -10.12 118.67
N ALA E 152 128.79 -10.37 117.37
CA ALA E 152 129.81 -11.26 116.83
C ALA E 152 131.03 -10.54 116.30
N ALA E 153 130.92 -9.27 115.94
CA ALA E 153 131.97 -8.55 115.21
C ALA E 153 132.36 -9.33 113.95
N LEU E 154 131.38 -9.45 113.05
CA LEU E 154 131.53 -10.26 111.85
C LEU E 154 132.74 -9.82 111.04
N SER E 155 133.46 -10.79 110.50
CA SER E 155 134.67 -10.53 109.75
C SER E 155 134.39 -10.55 108.25
N GLU E 156 135.40 -10.17 107.47
CA GLU E 156 135.23 -10.03 106.02
C GLU E 156 134.98 -11.38 105.37
N THR E 157 134.17 -11.36 104.32
CA THR E 157 133.72 -12.56 103.63
C THR E 157 134.43 -12.67 102.28
N ALA E 158 134.03 -13.68 101.50
CA ALA E 158 134.71 -14.00 100.25
C ALA E 158 134.25 -13.06 99.15
N THR E 159 135.19 -12.29 98.61
CA THR E 159 134.92 -11.52 97.41
C THR E 159 134.89 -12.46 96.21
N PRO E 160 134.01 -12.24 95.25
CA PRO E 160 133.94 -13.13 94.08
C PRO E 160 135.19 -13.00 93.22
N ARG E 164 138.93 -14.64 84.08
CA ARG E 164 139.07 -14.05 82.75
C ARG E 164 139.35 -15.17 81.76
N ILE E 165 138.48 -15.31 80.76
CA ILE E 165 138.67 -16.25 79.66
C ILE E 165 139.00 -15.44 78.41
N THR E 166 140.03 -15.86 77.70
CA THR E 166 140.52 -15.15 76.52
C THR E 166 140.09 -15.86 75.26
N ILE E 167 139.76 -15.08 74.25
CA ILE E 167 139.31 -15.58 72.95
C ILE E 167 140.30 -15.18 71.88
N PRO E 168 141.28 -16.04 71.55
CA PRO E 168 142.42 -15.60 70.73
C PRO E 168 142.06 -15.04 69.36
N LEU E 169 140.84 -15.25 68.86
CA LEU E 169 140.41 -14.66 67.59
C LEU E 169 141.32 -15.08 66.43
N HIS E 170 141.25 -16.36 66.10
CA HIS E 170 142.06 -16.95 65.04
C HIS E 170 141.62 -16.46 63.67
N GLU E 171 142.24 -17.03 62.62
CA GLU E 171 142.10 -16.56 61.25
C GLU E 171 141.78 -17.72 60.31
N LEU E 172 140.80 -17.50 59.43
CA LEU E 172 140.34 -18.54 58.52
C LEU E 172 140.58 -18.05 57.10
N ALA E 173 141.43 -18.76 56.35
CA ALA E 173 141.94 -18.28 55.08
C ALA E 173 141.53 -19.18 53.92
N ALA E 174 141.14 -18.54 52.83
CA ALA E 174 140.87 -19.21 51.56
C ALA E 174 141.61 -18.46 50.46
N MET E 175 142.36 -19.20 49.64
CA MET E 175 143.08 -18.61 48.51
C MET E 175 142.89 -19.50 47.30
N PRO E 176 141.78 -19.35 46.58
CA PRO E 176 141.57 -20.14 45.36
C PRO E 176 142.32 -19.55 44.18
N LYS E 177 142.87 -20.45 43.37
CA LYS E 177 143.69 -20.11 42.22
C LYS E 177 142.81 -20.21 41.00
N ALA E 178 142.99 -19.29 40.04
CA ALA E 178 142.21 -19.27 38.82
C ALA E 178 143.05 -18.68 37.69
N SER E 179 142.99 -19.31 36.53
CA SER E 179 143.77 -18.83 35.39
C SER E 179 143.15 -17.57 34.81
N GLN E 180 144.01 -16.64 34.38
CA GLN E 180 143.49 -15.37 33.87
C GLN E 180 142.73 -15.55 32.58
N ARG E 181 143.16 -16.48 31.73
CA ARG E 181 142.41 -16.75 30.51
C ARG E 181 140.98 -17.15 30.80
N LEU E 182 140.77 -17.93 31.87
CA LEU E 182 139.43 -18.37 32.21
C LEU E 182 138.53 -17.21 32.62
N LEU E 183 139.07 -16.22 33.30
CA LEU E 183 138.26 -15.11 33.78
C LEU E 183 137.87 -14.13 32.68
N ASP E 184 138.14 -14.45 31.42
CA ASP E 184 137.77 -13.58 30.32
C ASP E 184 136.83 -14.24 29.32
N ASP E 185 136.91 -15.54 29.15
CA ASP E 185 136.15 -16.23 28.13
C ASP E 185 134.92 -16.96 28.65
N SER E 186 134.87 -17.28 29.94
CA SER E 186 133.69 -17.95 30.47
C SER E 186 132.53 -16.96 30.60
N ALA E 187 131.32 -17.47 30.37
CA ALA E 187 130.13 -16.64 30.49
C ALA E 187 129.70 -16.43 31.92
N PHE E 188 130.15 -17.27 32.84
CA PHE E 188 129.76 -17.15 34.24
C PHE E 188 130.71 -16.22 34.97
N ASP E 189 130.18 -15.55 35.98
CA ASP E 189 131.00 -14.64 36.79
C ASP E 189 131.86 -15.49 37.73
N ILE E 190 132.96 -15.99 37.19
CA ILE E 190 133.92 -16.76 37.98
C ILE E 190 134.53 -15.89 39.06
N GLU E 191 134.56 -14.57 38.86
CA GLU E 191 134.97 -13.67 39.94
C GLU E 191 134.03 -13.78 41.12
N THR E 192 132.73 -13.91 40.86
CA THR E 192 131.73 -13.94 41.92
C THR E 192 131.39 -15.34 42.39
N TRP E 193 131.42 -16.34 41.51
CA TRP E 193 131.12 -17.69 41.94
C TRP E 193 132.18 -18.22 42.90
N LEU E 194 133.43 -17.76 42.77
CA LEU E 194 134.41 -18.09 43.79
C LEU E 194 134.17 -17.33 45.08
N ALA E 195 133.58 -16.14 45.01
CA ALA E 195 133.28 -15.41 46.23
C ALA E 195 132.04 -15.95 46.91
N ASN E 196 131.18 -16.63 46.14
CA ASN E 196 130.02 -17.28 46.73
C ASN E 196 130.39 -18.60 47.41
N ARG E 197 131.30 -19.37 46.81
CA ARG E 197 131.65 -20.66 47.41
C ARG E 197 132.63 -20.53 48.56
N ILE E 198 133.28 -19.38 48.74
CA ILE E 198 134.11 -19.22 49.91
C ILE E 198 133.26 -18.85 51.11
N ALA E 199 132.39 -17.85 50.93
CA ALA E 199 131.49 -17.46 52.01
C ALA E 199 130.62 -18.63 52.44
N ASP E 200 130.34 -19.57 51.55
CA ASP E 200 129.62 -20.77 51.93
C ASP E 200 130.51 -21.69 52.72
N LYS E 201 131.78 -21.82 52.31
CA LYS E 201 132.70 -22.70 53.02
C LYS E 201 133.10 -22.12 54.36
N PHE E 202 133.21 -20.79 54.45
CA PHE E 202 133.58 -20.16 55.70
C PHE E 202 132.50 -20.30 56.75
N ALA E 203 131.24 -20.04 56.37
CA ALA E 203 130.14 -20.24 57.30
C ALA E 203 129.96 -21.70 57.67
N ARG E 204 130.64 -22.61 57.00
CA ARG E 204 130.53 -24.02 57.29
C ARG E 204 131.80 -24.61 57.89
N ALA E 205 132.94 -23.93 57.73
CA ALA E 205 134.18 -24.40 58.36
C ALA E 205 134.30 -23.88 59.79
N GLU E 206 133.81 -22.67 60.05
CA GLU E 206 133.78 -22.19 61.41
C GLU E 206 132.59 -22.74 62.17
N ALA E 207 131.58 -23.24 61.48
CA ALA E 207 130.47 -23.91 62.15
C ALA E 207 130.92 -25.21 62.80
N ALA E 208 131.93 -25.86 62.24
CA ALA E 208 132.42 -27.11 62.81
C ALA E 208 133.42 -26.86 63.91
N ALA E 209 134.16 -25.76 63.84
CA ALA E 209 135.07 -25.43 64.93
C ALA E 209 134.30 -24.98 66.16
N PHE E 210 133.11 -24.42 65.95
CA PHE E 210 132.25 -24.01 67.06
C PHE E 210 131.77 -25.18 67.90
N ILE E 211 131.89 -26.41 67.42
CA ILE E 211 131.39 -27.58 68.13
C ILE E 211 132.53 -28.50 68.55
N SER E 212 133.25 -29.04 67.58
CA SER E 212 134.32 -29.97 67.88
C SER E 212 135.68 -29.44 67.47
N GLY E 213 135.91 -28.13 67.56
CA GLY E 213 137.21 -27.60 67.26
C GLY E 213 138.08 -27.59 68.50
N ASP E 214 139.38 -27.86 68.30
CA ASP E 214 140.32 -27.72 69.38
C ASP E 214 140.73 -26.26 69.51
N GLY E 215 141.58 -25.98 70.48
CA GLY E 215 141.95 -24.60 70.72
C GLY E 215 142.98 -24.08 69.75
N VAL E 216 143.83 -24.99 69.27
CA VAL E 216 144.99 -24.61 68.47
C VAL E 216 144.54 -23.94 67.17
N ASP E 217 144.82 -22.64 67.09
CA ASP E 217 144.68 -21.79 65.91
C ASP E 217 143.28 -21.78 65.31
N LYS E 218 142.28 -22.24 66.06
CA LYS E 218 140.92 -22.32 65.60
C LYS E 218 140.02 -22.23 66.83
N PRO E 219 138.81 -21.72 66.70
CA PRO E 219 137.94 -21.63 67.88
C PRO E 219 137.68 -23.01 68.46
N THR E 220 137.79 -23.12 69.77
CA THR E 220 137.53 -24.38 70.46
C THR E 220 136.05 -24.54 70.78
N GLY E 221 135.41 -25.49 70.11
CA GLY E 221 134.01 -25.74 70.39
C GLY E 221 133.78 -26.32 71.76
N PHE E 222 132.52 -26.33 72.16
CA PHE E 222 132.16 -26.74 73.51
C PHE E 222 132.38 -28.24 73.75
N LEU E 223 132.56 -29.02 72.69
CA LEU E 223 132.65 -30.51 72.86
C LEU E 223 134.05 -30.91 73.32
N THR E 224 135.02 -30.00 73.25
CA THR E 224 136.37 -30.22 73.75
C THR E 224 136.65 -29.49 75.07
N LYS E 225 135.81 -29.72 76.08
CA LYS E 225 135.87 -28.94 77.33
C LYS E 225 135.83 -29.84 78.55
N THR E 226 136.68 -30.88 78.55
CA THR E 226 136.86 -31.80 79.70
C THR E 226 135.55 -32.11 80.42
N LYS E 227 134.66 -32.83 79.72
CA LYS E 227 133.27 -33.09 80.18
C LYS E 227 133.27 -33.98 81.44
N VAL E 228 132.49 -33.58 82.44
CA VAL E 228 132.39 -34.26 83.72
C VAL E 228 130.93 -34.63 84.01
N ALA E 229 130.75 -35.75 84.69
CA ALA E 229 129.40 -36.22 85.02
C ALA E 229 128.68 -35.22 85.90
N ASN E 230 127.40 -35.00 85.63
CA ASN E 230 126.65 -34.05 86.40
C ASN E 230 126.53 -34.53 87.84
N GLY E 231 126.26 -33.59 88.74
CA GLY E 231 126.28 -33.89 90.16
C GLY E 231 127.68 -33.74 90.72
N ALA E 232 128.66 -33.99 89.86
CA ALA E 232 130.07 -33.72 90.13
C ALA E 232 130.58 -32.54 89.31
N TRP E 233 129.69 -31.63 88.96
CA TRP E 233 130.04 -30.57 88.02
C TRP E 233 130.95 -29.55 88.71
N ALA E 234 132.02 -29.19 88.02
CA ALA E 234 132.94 -28.17 88.51
C ALA E 234 132.87 -26.99 87.55
N TRP E 235 133.67 -25.97 87.80
CA TRP E 235 133.59 -24.81 86.93
C TRP E 235 134.31 -25.00 85.62
N GLY E 236 135.40 -25.75 85.61
CA GLY E 236 136.20 -25.87 84.40
C GLY E 236 135.68 -26.90 83.42
N SER E 237 134.45 -27.37 83.59
CA SER E 237 133.99 -28.49 82.79
C SER E 237 132.50 -28.38 82.53
N LEU E 238 132.06 -29.07 81.47
CA LEU E 238 130.66 -29.16 81.08
C LEU E 238 130.05 -30.43 81.62
N GLY E 239 128.86 -30.31 82.18
CA GLY E 239 128.18 -31.42 82.81
C GLY E 239 127.34 -32.21 81.82
N TYR E 240 127.44 -33.53 81.91
CA TYR E 240 126.71 -34.42 81.02
C TYR E 240 125.88 -35.39 81.84
N VAL E 241 124.82 -35.91 81.21
CA VAL E 241 124.00 -36.94 81.80
C VAL E 241 124.06 -38.17 80.91
N ALA E 242 123.96 -39.34 81.52
CA ALA E 242 124.16 -40.59 80.80
C ALA E 242 122.82 -41.19 80.41
N THR E 243 122.81 -41.90 79.31
CA THR E 243 121.55 -42.41 78.75
C THR E 243 121.20 -43.79 79.27
N GLY E 244 122.14 -44.50 79.88
CA GLY E 244 121.90 -45.90 80.15
C GLY E 244 122.73 -46.80 79.26
N ALA E 245 122.09 -47.38 78.24
CA ALA E 245 122.78 -48.31 77.36
C ALA E 245 124.02 -47.66 76.75
N ALA E 246 124.94 -48.49 76.27
CA ALA E 246 126.23 -48.02 75.82
C ALA E 246 126.21 -47.51 74.38
N GLY E 247 125.28 -47.98 73.55
CA GLY E 247 125.26 -47.48 72.19
C GLY E 247 124.31 -46.32 71.97
N ASP E 248 123.05 -46.52 72.33
CA ASP E 248 121.98 -45.59 72.01
C ASP E 248 121.22 -45.26 73.29
N PHE E 249 120.07 -44.61 73.13
CA PHE E 249 119.19 -44.34 74.26
C PHE E 249 118.87 -45.62 75.01
N ALA E 250 118.39 -45.45 76.24
CA ALA E 250 118.06 -46.58 77.09
C ALA E 250 117.08 -47.50 76.39
N ALA E 251 117.35 -48.81 76.46
CA ALA E 251 116.48 -49.76 75.78
C ALA E 251 115.14 -49.90 76.49
N VAL E 252 115.16 -49.90 77.83
CA VAL E 252 113.94 -50.10 78.60
C VAL E 252 113.05 -48.87 78.55
N ASN E 253 113.62 -47.68 78.72
CA ASN E 253 112.84 -46.45 78.74
C ASN E 253 113.71 -45.32 78.21
N ALA E 254 113.56 -44.99 76.94
CA ALA E 254 114.23 -43.83 76.42
C ALA E 254 113.38 -42.61 76.73
N SER E 255 113.76 -41.46 76.20
CA SER E 255 112.97 -40.24 76.34
C SER E 255 112.97 -39.81 77.79
N ASP E 256 113.57 -40.60 78.68
CA ASP E 256 113.77 -40.20 80.06
C ASP E 256 115.17 -39.62 80.23
N ALA E 257 116.14 -40.10 79.45
CA ALA E 257 117.44 -39.46 79.40
C ALA E 257 117.38 -38.06 78.82
N VAL E 258 116.26 -37.67 78.22
CA VAL E 258 116.09 -36.31 77.73
C VAL E 258 115.43 -35.41 78.76
N VAL E 259 114.43 -35.90 79.49
CA VAL E 259 113.73 -35.02 80.42
C VAL E 259 114.58 -34.69 81.63
N ASP E 260 115.51 -35.58 82.00
CA ASP E 260 116.42 -35.20 83.06
C ASP E 260 117.63 -34.46 82.52
N LEU E 261 117.92 -34.57 81.23
CA LEU E 261 118.86 -33.65 80.61
C LEU E 261 118.33 -32.23 80.62
N VAL E 262 117.02 -32.07 80.42
CA VAL E 262 116.44 -30.74 80.48
C VAL E 262 116.52 -30.20 81.89
N TYR E 263 116.14 -31.02 82.87
CA TYR E 263 116.07 -30.56 84.24
C TYR E 263 117.42 -30.63 84.93
N ALA E 264 118.50 -30.70 84.16
CA ALA E 264 119.86 -30.64 84.67
C ALA E 264 120.52 -29.31 84.38
N LEU E 265 119.76 -28.28 84.01
CA LEU E 265 120.36 -26.99 83.69
C LEU E 265 120.15 -25.93 84.75
N GLY E 266 119.00 -25.89 85.39
CA GLY E 266 118.64 -24.80 86.27
C GLY E 266 117.68 -23.84 85.62
N ALA E 267 116.67 -23.41 86.37
CA ALA E 267 115.56 -22.64 85.82
C ALA E 267 115.95 -21.26 85.33
N GLU E 268 117.21 -20.85 85.49
CA GLU E 268 117.63 -19.56 84.99
C GLU E 268 118.20 -19.63 83.59
N TYR E 269 118.97 -20.68 83.30
CA TYR E 269 119.47 -20.93 81.96
C TYR E 269 118.43 -21.53 81.03
N ARG E 270 117.37 -22.11 81.57
CA ARG E 270 116.28 -22.61 80.74
C ARG E 270 115.33 -21.53 80.27
N ALA E 271 115.54 -20.27 80.64
CA ALA E 271 114.67 -19.21 80.13
C ALA E 271 114.74 -19.15 78.62
N ASN E 272 115.94 -19.27 78.06
CA ASN E 272 116.13 -19.38 76.62
C ASN E 272 117.28 -20.34 76.35
N ALA E 273 116.94 -21.62 76.20
CA ALA E 273 117.90 -22.65 75.86
C ALA E 273 117.36 -23.40 74.65
N SER E 274 118.21 -24.24 74.05
CA SER E 274 117.79 -24.97 72.86
C SER E 274 118.65 -26.20 72.69
N PHE E 275 118.01 -27.31 72.33
CA PHE E 275 118.77 -28.48 71.98
C PHE E 275 119.55 -28.24 70.70
N VAL E 276 120.67 -28.94 70.57
CA VAL E 276 121.51 -28.89 69.38
C VAL E 276 121.84 -30.33 69.02
N MET E 277 121.37 -30.78 67.86
CA MET E 277 121.64 -32.13 67.39
C MET E 277 122.01 -32.05 65.92
N ASN E 278 122.53 -33.15 65.40
CA ASN E 278 122.74 -33.25 63.97
C ASN E 278 121.49 -33.83 63.33
N SER E 279 121.53 -34.10 62.04
CA SER E 279 120.31 -34.51 61.36
C SER E 279 119.90 -35.91 61.80
N LYS E 280 120.83 -36.85 61.78
CA LYS E 280 120.51 -38.25 62.06
C LYS E 280 120.34 -38.53 63.55
N THR E 281 120.28 -37.51 64.39
CA THR E 281 119.95 -37.72 65.80
C THR E 281 118.50 -37.33 66.04
N ALA E 282 118.08 -36.19 65.50
CA ALA E 282 116.67 -35.85 65.55
C ALA E 282 115.84 -36.93 64.89
N GLY E 283 116.41 -37.67 63.94
CA GLY E 283 115.75 -38.84 63.43
C GLY E 283 115.66 -39.95 64.45
N ALA E 284 116.73 -40.16 65.22
CA ALA E 284 116.69 -41.16 66.27
C ALA E 284 115.81 -40.72 67.43
N VAL E 285 115.67 -39.42 67.63
CA VAL E 285 114.70 -38.93 68.60
C VAL E 285 113.28 -39.11 68.10
N ARG E 286 113.07 -38.92 66.80
CA ARG E 286 111.73 -39.10 66.27
C ARG E 286 111.35 -40.57 66.16
N LYS E 287 112.33 -41.44 65.99
CA LYS E 287 112.08 -42.87 66.01
C LYS E 287 111.68 -43.38 67.38
N MET E 288 111.73 -42.55 68.41
CA MET E 288 111.35 -42.97 69.74
C MET E 288 109.86 -43.21 69.78
N LYS E 289 109.46 -44.43 70.14
CA LYS E 289 108.07 -44.83 70.20
C LYS E 289 107.75 -45.43 71.56
N ASP E 290 106.50 -45.25 71.98
CA ASP E 290 106.06 -45.78 73.26
C ASP E 290 105.73 -47.26 73.09
N ALA E 291 105.08 -47.85 74.10
CA ALA E 291 104.80 -49.28 74.05
C ALA E 291 103.80 -49.61 72.95
N ASP E 292 102.90 -48.69 72.61
CA ASP E 292 101.89 -48.95 71.60
C ASP E 292 102.43 -48.85 70.19
N GLY E 293 103.49 -48.07 69.97
CA GLY E 293 104.02 -47.89 68.63
C GLY E 293 103.86 -46.48 68.09
N ARG E 294 103.21 -45.62 68.84
CA ARG E 294 103.07 -44.23 68.46
C ARG E 294 104.35 -43.46 68.81
N PHE E 295 104.52 -42.30 68.22
CA PHE E 295 105.71 -41.49 68.45
C PHE E 295 105.51 -40.57 69.64
N LEU E 296 106.51 -40.56 70.52
CA LEU E 296 106.48 -39.60 71.63
C LEU E 296 106.56 -38.17 71.12
N TRP E 297 107.32 -37.94 70.06
CA TRP E 297 107.53 -36.62 69.49
C TRP E 297 106.80 -36.58 68.16
N ALA E 298 106.02 -35.53 67.93
CA ALA E 298 105.26 -35.40 66.69
C ALA E 298 104.33 -36.60 66.49
N ASP E 299 103.32 -36.68 67.37
CA ASP E 299 102.51 -37.88 67.54
C ASP E 299 102.13 -38.58 66.24
N SER E 300 101.42 -37.89 65.34
CA SER E 300 100.93 -38.54 64.14
C SER E 300 102.07 -38.80 63.16
N LEU E 301 101.93 -39.84 62.34
CA LEU E 301 102.98 -40.12 61.36
C LEU E 301 103.04 -39.06 60.28
N ALA E 302 101.99 -38.27 60.11
CA ALA E 302 102.08 -37.08 59.30
C ALA E 302 102.58 -35.92 60.16
N ALA E 303 102.94 -34.82 59.49
CA ALA E 303 103.29 -33.57 60.16
C ALA E 303 104.47 -33.74 61.11
N GLY E 304 105.65 -33.97 60.53
CA GLY E 304 106.86 -34.12 61.30
C GLY E 304 107.50 -32.80 61.70
N GLU E 305 108.55 -32.96 62.50
CA GLU E 305 109.45 -31.88 63.00
C GLU E 305 108.60 -30.79 63.66
N PRO E 306 108.04 -30.98 64.91
CA PRO E 306 107.26 -29.97 65.62
C PRO E 306 108.03 -28.73 66.05
N ALA E 307 109.32 -28.62 65.78
CA ALA E 307 110.09 -27.41 66.05
C ALA E 307 110.09 -27.05 67.54
N ARG E 308 109.96 -28.05 68.40
CA ARG E 308 109.98 -27.83 69.84
C ARG E 308 110.14 -29.17 70.52
N LEU E 309 111.07 -29.27 71.46
CA LEU E 309 111.27 -30.49 72.23
C LEU E 309 111.27 -30.04 73.69
N MET E 310 110.36 -30.59 74.49
CA MET E 310 110.19 -30.20 75.89
C MET E 310 109.95 -28.71 76.02
N GLY E 311 109.32 -28.10 75.03
CA GLY E 311 109.07 -26.68 75.15
C GLY E 311 110.22 -25.81 74.74
N TYR E 312 111.28 -26.36 74.15
CA TYR E 312 112.43 -25.55 73.83
C TYR E 312 112.80 -25.73 72.36
N PRO E 313 113.34 -24.71 71.72
CA PRO E 313 113.71 -24.84 70.32
C PRO E 313 114.74 -25.94 70.13
N VAL E 314 114.91 -26.35 68.87
CA VAL E 314 115.86 -27.37 68.49
C VAL E 314 116.65 -26.83 67.31
N LEU E 315 117.98 -26.86 67.42
CA LEU E 315 118.85 -26.42 66.35
C LEU E 315 119.50 -27.67 65.76
N ILE E 316 119.19 -27.96 64.50
CA ILE E 316 119.76 -29.13 63.87
C ILE E 316 121.10 -28.75 63.27
N ALA E 317 122.15 -28.77 64.07
CA ALA E 317 123.49 -28.45 63.65
C ALA E 317 124.20 -29.74 63.26
N GLU E 318 124.38 -29.94 61.95
CA GLU E 318 124.88 -31.19 61.40
C GLU E 318 126.36 -31.39 61.63
N ASP E 319 126.98 -30.60 62.49
CA ASP E 319 128.40 -30.73 62.78
C ASP E 319 128.68 -31.35 64.14
N MET E 320 127.64 -31.78 64.85
CA MET E 320 127.83 -32.52 66.08
C MET E 320 127.98 -34.01 65.81
N PRO E 321 128.64 -34.74 66.70
CA PRO E 321 128.76 -36.18 66.51
C PRO E 321 127.41 -36.88 66.55
N ASP E 322 127.34 -38.02 65.89
CA ASP E 322 126.13 -38.82 65.87
C ASP E 322 126.10 -39.75 67.07
N ILE E 323 125.09 -40.62 67.11
CA ILE E 323 124.97 -41.55 68.21
C ILE E 323 126.02 -42.64 68.05
N ALA E 324 126.88 -42.78 69.04
CA ALA E 324 128.03 -43.67 68.97
C ALA E 324 128.32 -44.18 70.37
N ALA E 325 129.52 -44.72 70.57
CA ALA E 325 129.83 -45.37 71.85
C ALA E 325 129.69 -44.40 73.01
N ASN E 326 130.43 -43.30 72.97
CA ASN E 326 130.41 -42.34 74.06
C ASN E 326 130.19 -40.93 73.54
N ALA E 327 129.44 -40.77 72.46
CA ALA E 327 129.29 -39.46 71.87
C ALA E 327 128.31 -38.59 72.66
N TYR E 328 128.57 -37.30 72.64
CA TYR E 328 127.67 -36.30 73.20
C TYR E 328 126.82 -35.70 72.10
N ALA E 329 125.99 -36.57 71.50
CA ALA E 329 125.33 -36.25 70.25
C ALA E 329 124.23 -35.23 70.44
N ILE E 330 123.80 -34.99 71.67
CA ILE E 330 122.78 -34.00 71.98
C ILE E 330 123.32 -33.08 73.04
N ALA E 331 123.37 -31.80 72.73
CA ALA E 331 123.77 -30.79 73.69
C ALA E 331 122.59 -29.86 73.93
N PHE E 332 122.41 -29.48 75.19
CA PHE E 332 121.33 -28.60 75.59
C PHE E 332 121.88 -27.54 76.51
N GLY E 333 121.56 -26.30 76.22
CA GLY E 333 122.04 -25.22 77.06
C GLY E 333 121.67 -23.89 76.48
N ASP E 334 121.99 -22.85 77.25
CA ASP E 334 121.76 -21.47 76.82
C ASP E 334 123.06 -20.97 76.23
N PHE E 335 123.15 -20.98 74.92
CA PHE E 335 124.40 -20.56 74.28
C PHE E 335 124.49 -19.04 74.15
N GLY E 336 123.38 -18.32 74.25
CA GLY E 336 123.45 -16.87 74.27
C GLY E 336 124.38 -16.37 75.35
N ASN E 337 124.46 -17.09 76.47
CA ASN E 337 125.40 -16.80 77.53
C ASN E 337 126.52 -17.81 77.62
N GLY E 338 126.30 -19.03 77.16
CA GLY E 338 127.28 -20.08 77.36
C GLY E 338 128.44 -20.04 76.41
N TYR E 339 128.23 -19.71 75.13
CA TYR E 339 129.30 -19.73 74.15
C TYR E 339 129.39 -18.35 73.52
N THR E 340 130.54 -17.70 73.63
CA THR E 340 130.73 -16.36 73.08
C THR E 340 131.60 -16.48 71.84
N ILE E 341 131.11 -15.95 70.73
CA ILE E 341 131.83 -15.92 69.46
C ILE E 341 132.39 -14.54 69.23
N ALA E 342 133.71 -14.47 69.06
CA ALA E 342 134.39 -13.23 68.72
C ALA E 342 134.84 -13.29 67.26
N GLU E 343 134.43 -12.30 66.48
CA GLU E 343 134.68 -12.34 65.04
C GLU E 343 134.86 -10.93 64.51
N ARG E 344 135.52 -10.83 63.36
CA ARG E 344 135.64 -9.59 62.61
C ARG E 344 134.55 -9.51 61.55
N PRO E 345 133.88 -8.37 61.41
CA PRO E 345 132.63 -8.33 60.64
C PRO E 345 132.79 -8.07 59.15
N ASP E 346 133.66 -8.83 58.50
CA ASP E 346 133.82 -8.67 57.07
C ASP E 346 134.52 -9.89 56.48
N LEU E 347 134.23 -10.18 55.22
CA LEU E 347 134.84 -11.28 54.50
C LEU E 347 135.67 -10.63 53.40
N ARG E 348 136.96 -10.46 53.66
CA ARG E 348 137.80 -9.72 52.74
C ARG E 348 138.28 -10.63 51.61
N VAL E 349 137.99 -10.22 50.37
CA VAL E 349 138.49 -10.88 49.17
C VAL E 349 139.20 -9.84 48.32
N LEU E 350 140.43 -10.14 47.91
CA LEU E 350 141.16 -9.21 47.06
C LEU E 350 141.95 -9.98 46.01
N ARG E 351 141.72 -9.62 44.75
CA ARG E 351 142.45 -10.21 43.63
C ARG E 351 143.86 -9.65 43.58
N ASP E 352 144.75 -10.40 42.93
CA ASP E 352 146.10 -9.91 42.65
C ASP E 352 146.70 -10.73 41.51
N PRO E 353 146.66 -10.21 40.29
CA PRO E 353 147.39 -10.86 39.19
C PRO E 353 148.90 -10.87 39.38
N PHE E 354 149.40 -10.33 40.48
CA PHE E 354 150.83 -10.11 40.63
C PHE E 354 151.58 -11.31 41.20
N SER E 355 150.94 -12.08 42.09
CA SER E 355 151.64 -13.16 42.76
C SER E 355 152.05 -14.26 41.77
N ALA E 356 151.08 -14.81 41.06
CA ALA E 356 151.34 -15.72 39.95
C ALA E 356 150.81 -15.05 38.70
N LYS E 357 151.69 -14.79 37.73
CA LYS E 357 151.32 -13.93 36.62
C LYS E 357 150.25 -14.53 35.70
N PRO E 358 150.36 -15.76 35.21
CA PRO E 358 149.28 -16.29 34.36
C PRO E 358 147.98 -16.55 35.09
N HIS E 359 147.92 -16.34 36.40
CA HIS E 359 146.74 -16.62 37.20
C HIS E 359 146.27 -15.35 37.89
N VAL E 360 145.28 -15.49 38.77
CA VAL E 360 144.71 -14.36 39.50
C VAL E 360 144.85 -14.52 41.00
N LEU E 361 144.63 -15.73 41.53
CA LEU E 361 144.92 -16.05 42.93
C LEU E 361 144.15 -15.13 43.89
N PHE E 362 142.83 -15.31 43.90
CA PHE E 362 141.98 -14.60 44.83
C PHE E 362 142.36 -14.94 46.26
N TYR E 363 142.39 -13.92 47.12
CA TYR E 363 142.74 -14.12 48.53
C TYR E 363 141.55 -13.74 49.39
N ALA E 364 141.16 -14.65 50.28
CA ALA E 364 139.97 -14.45 51.10
C ALA E 364 140.20 -14.99 52.50
N SER E 365 139.92 -14.16 53.50
CA SER E 365 140.24 -14.48 54.88
C SER E 365 139.24 -13.82 55.79
N LYS E 366 138.98 -14.46 56.92
CA LYS E 366 138.22 -13.84 57.99
C LYS E 366 138.80 -14.27 59.33
N ARG E 367 138.57 -13.45 60.36
CA ARG E 367 139.06 -13.69 61.70
C ARG E 367 137.87 -14.00 62.60
N VAL E 368 137.83 -15.21 63.14
CA VAL E 368 136.78 -15.63 64.06
C VAL E 368 137.41 -16.34 65.25
N GLY E 369 136.73 -16.30 66.38
CA GLY E 369 137.18 -17.00 67.56
C GLY E 369 136.05 -17.16 68.54
N GLY E 370 136.24 -18.06 69.49
CA GLY E 370 135.25 -18.24 70.53
C GLY E 370 135.35 -19.54 71.30
N ASP E 371 135.15 -19.48 72.61
CA ASP E 371 135.00 -20.69 73.41
C ASP E 371 133.84 -20.48 74.37
N VAL E 372 133.70 -21.41 75.31
CA VAL E 372 132.61 -21.37 76.27
C VAL E 372 132.82 -20.20 77.22
N SER E 373 131.72 -19.56 77.62
CA SER E 373 131.82 -18.46 78.56
C SER E 373 131.18 -18.78 79.90
N ASP E 374 130.25 -19.73 79.93
CA ASP E 374 129.54 -20.11 81.14
C ASP E 374 129.39 -21.62 81.18
N PHE E 375 130.26 -22.29 81.94
CA PHE E 375 130.20 -23.74 81.96
C PHE E 375 128.93 -24.29 82.58
N ALA E 376 128.19 -23.47 83.32
CA ALA E 376 126.96 -23.90 83.94
C ALA E 376 125.77 -23.86 83.01
N ALA E 377 125.95 -23.36 81.79
CA ALA E 377 124.85 -23.11 80.87
C ALA E 377 124.85 -24.03 79.66
N ILE E 378 125.61 -25.13 79.69
CA ILE E 378 125.62 -26.10 78.62
C ILE E 378 125.74 -27.49 79.19
N LYS E 379 124.73 -28.33 78.97
CA LYS E 379 124.77 -29.73 79.38
C LYS E 379 124.71 -30.63 78.16
N LEU E 380 125.43 -31.74 78.25
CA LEU E 380 125.60 -32.69 77.15
C LEU E 380 124.92 -34.00 77.53
N LEU E 381 124.90 -34.94 76.59
CA LEU E 381 124.21 -36.21 76.78
C LEU E 381 125.12 -37.33 76.28
N LYS E 382 125.88 -37.91 77.19
CA LYS E 382 126.77 -39.01 76.87
C LYS E 382 125.94 -40.27 76.72
N PHE E 383 126.29 -41.11 75.75
CA PHE E 383 125.51 -42.30 75.47
C PHE E 383 126.16 -43.55 76.04
N ALA E 384 126.86 -43.45 77.17
CA ALA E 384 127.62 -44.58 77.66
C ALA E 384 127.01 -45.28 78.87
N ALA E 385 126.75 -44.56 79.96
CA ALA E 385 126.36 -45.22 81.20
C ALA E 385 124.92 -44.95 81.58
N THR F 109 130.32 -4.80 80.57
CA THR F 109 129.38 -5.52 81.41
C THR F 109 129.88 -6.93 81.72
N ILE F 110 130.64 -7.05 82.81
CA ILE F 110 131.12 -8.35 83.25
C ILE F 110 129.95 -9.28 83.49
N ARG F 111 130.03 -10.49 82.96
CA ARG F 111 128.96 -11.46 83.14
C ARG F 111 129.27 -12.36 84.32
N GLY F 112 128.20 -12.89 84.92
CA GLY F 112 128.34 -13.74 86.07
C GLY F 112 127.56 -15.01 85.84
N VAL F 113 127.72 -15.96 86.76
CA VAL F 113 126.96 -17.19 86.64
C VAL F 113 125.52 -16.88 86.97
N LEU F 114 124.60 -17.40 86.17
CA LEU F 114 123.18 -17.17 86.39
C LEU F 114 122.74 -18.18 87.45
N ARG F 115 122.05 -17.70 88.47
CA ARG F 115 121.58 -18.54 89.54
C ARG F 115 120.07 -18.37 89.69
N SER F 116 119.40 -19.42 90.13
CA SER F 116 117.95 -19.39 90.12
C SER F 116 117.42 -18.34 91.10
N THR F 117 116.30 -17.72 90.72
CA THR F 117 115.68 -16.68 91.52
C THR F 117 114.36 -17.08 92.16
N ALA F 118 114.02 -18.36 92.16
CA ALA F 118 112.83 -18.81 92.87
C ALA F 118 113.12 -18.88 94.36
N SER F 119 112.34 -18.14 95.14
CA SER F 119 112.73 -17.89 96.52
C SER F 119 111.65 -18.10 97.57
N LEU F 120 110.46 -18.57 97.21
CA LEU F 120 109.38 -18.79 98.17
C LEU F 120 108.88 -17.48 98.76
N ARG F 121 109.50 -16.37 98.42
CA ARG F 121 108.97 -15.06 98.78
C ARG F 121 107.88 -14.75 97.78
N GLN F 122 107.80 -15.50 96.70
CA GLN F 122 106.72 -15.35 95.74
C GLN F 122 105.31 -15.75 96.24
N ILE F 123 105.26 -16.85 96.98
CA ILE F 123 104.01 -17.33 97.54
C ILE F 123 103.75 -17.11 99.02
N ALA F 124 104.77 -16.91 99.83
CA ALA F 124 104.59 -16.67 101.26
C ALA F 124 104.07 -15.26 101.48
N SER F 125 103.83 -14.94 102.75
CA SER F 125 103.25 -13.66 103.12
C SER F 125 104.36 -12.83 103.75
N VAL F 126 104.69 -11.72 103.12
CA VAL F 126 105.74 -10.83 103.62
C VAL F 126 105.06 -9.72 104.38
N VAL F 127 105.72 -9.23 105.43
CA VAL F 127 105.21 -8.12 106.21
C VAL F 127 106.35 -7.12 106.37
N ASN F 128 106.00 -5.85 106.51
CA ASN F 128 106.97 -4.78 106.68
C ASN F 128 107.08 -4.49 108.16
N VAL F 129 108.04 -5.13 108.82
CA VAL F 129 108.24 -4.99 110.26
C VAL F 129 109.43 -4.08 110.51
N GLU F 130 109.27 -3.17 111.46
CA GLU F 130 110.31 -2.24 111.85
C GLU F 130 110.90 -2.54 113.22
N ALA F 131 110.27 -3.41 114.00
CA ALA F 131 110.68 -3.64 115.37
C ALA F 131 111.72 -4.76 115.42
N THR F 132 112.10 -5.17 116.62
CA THR F 132 113.09 -6.22 116.79
C THR F 132 112.54 -7.60 116.47
N SER F 133 111.24 -7.74 116.30
CA SER F 133 110.64 -9.04 116.04
C SER F 133 109.22 -8.82 115.53
N PHE F 134 108.54 -9.92 115.30
CA PHE F 134 107.14 -9.93 114.90
C PHE F 134 106.48 -11.07 115.64
N ASP F 135 105.30 -10.83 116.15
CA ASP F 135 104.56 -11.87 116.84
C ASP F 135 103.33 -12.18 116.00
N VAL F 136 102.88 -13.39 116.07
CA VAL F 136 101.63 -13.77 115.45
C VAL F 136 100.86 -14.54 116.50
N LEU F 137 99.55 -14.37 116.53
CA LEU F 137 98.74 -14.95 117.59
C LEU F 137 97.78 -15.93 116.97
N VAL F 138 97.79 -17.17 117.47
CA VAL F 138 96.95 -18.21 116.90
C VAL F 138 96.13 -18.87 117.99
N ASP F 139 95.10 -19.60 117.57
CA ASP F 139 94.26 -20.42 118.42
C ASP F 139 94.52 -21.90 118.17
N LYS F 140 95.48 -22.46 118.91
CA LYS F 140 95.86 -23.86 118.77
C LYS F 140 94.71 -24.83 119.07
N THR F 141 93.69 -24.39 119.81
CA THR F 141 92.50 -25.19 120.05
C THR F 141 91.25 -24.43 119.63
N ASP F 142 90.06 -24.98 119.88
CA ASP F 142 88.83 -24.35 119.44
C ASP F 142 87.84 -24.14 120.58
N MET F 143 86.67 -23.61 120.19
CA MET F 143 85.63 -23.22 121.12
C MET F 143 84.87 -24.37 121.72
N GLY F 144 84.79 -25.51 121.04
CA GLY F 144 84.19 -26.69 121.64
C GLY F 144 82.81 -26.46 122.23
N SER F 145 81.93 -25.79 121.51
CA SER F 145 80.57 -25.61 122.00
C SER F 145 79.74 -26.88 121.83
N GLY F 146 78.70 -27.00 122.64
CA GLY F 146 77.91 -28.21 122.72
C GLY F 146 76.52 -28.04 122.15
N TRP F 147 75.78 -29.15 122.00
CA TRP F 147 74.34 -29.07 121.84
C TRP F 147 73.69 -29.10 123.22
N ALA F 148 73.09 -27.98 123.61
CA ALA F 148 72.51 -27.89 124.93
C ALA F 148 71.30 -28.80 125.04
N SER F 149 71.04 -29.26 126.27
CA SER F 149 69.81 -29.97 126.56
C SER F 149 68.71 -28.98 126.89
N GLU F 150 67.50 -29.51 127.05
CA GLU F 150 66.40 -28.63 127.41
C GLU F 150 66.49 -28.16 128.85
N THR F 151 66.94 -29.03 129.74
CA THR F 151 67.03 -28.76 131.17
C THR F 151 68.38 -29.26 131.68
N ALA F 152 69.36 -28.35 131.75
CA ALA F 152 70.71 -28.72 132.15
C ALA F 152 71.43 -27.47 132.61
N ALA F 153 72.73 -27.64 132.90
CA ALA F 153 73.52 -26.54 133.44
C ALA F 153 73.83 -25.50 132.38
N LEU F 154 74.49 -25.91 131.29
CA LEU F 154 74.99 -25.00 130.26
C LEU F 154 75.97 -23.99 130.87
N SER F 155 77.14 -24.51 131.25
CA SER F 155 78.17 -23.68 131.88
C SER F 155 79.52 -23.89 131.22
N GLU F 156 80.08 -22.81 130.68
CA GLU F 156 81.52 -22.68 130.40
C GLU F 156 82.02 -23.80 129.49
N THR F 157 81.56 -23.75 128.24
CA THR F 157 81.88 -24.80 127.28
C THR F 157 83.38 -24.99 127.11
N ALA F 158 84.06 -24.02 126.52
CA ALA F 158 85.50 -24.07 126.26
C ALA F 158 85.90 -22.78 125.57
N THR F 159 87.21 -22.50 125.56
CA THR F 159 87.69 -21.27 125.00
C THR F 159 89.06 -21.60 124.42
N PRO F 160 89.40 -21.08 123.24
CA PRO F 160 90.68 -21.46 122.62
C PRO F 160 91.84 -20.98 123.45
N GLN F 161 92.85 -21.82 123.61
CA GLN F 161 94.10 -21.36 124.20
C GLN F 161 94.95 -20.79 123.09
N ILE F 162 95.42 -19.56 123.29
CA ILE F 162 96.15 -18.86 122.25
C ILE F 162 97.63 -19.20 122.31
N ASP F 163 98.37 -18.85 121.27
CA ASP F 163 99.80 -19.09 121.22
C ASP F 163 100.42 -18.00 120.36
N ARG F 164 101.51 -17.44 120.82
CA ARG F 164 102.20 -16.37 120.11
C ARG F 164 103.50 -16.92 119.54
N ILE F 165 103.66 -16.81 118.23
CA ILE F 165 104.85 -17.28 117.54
C ILE F 165 105.68 -16.07 117.17
N THR F 166 106.93 -16.06 117.61
CA THR F 166 107.81 -14.91 117.47
C THR F 166 108.69 -15.05 116.24
N ILE F 167 108.93 -13.93 115.57
CA ILE F 167 109.74 -13.89 114.36
C ILE F 167 110.97 -13.03 114.66
N PRO F 168 112.08 -13.63 115.08
CA PRO F 168 113.17 -12.82 115.65
C PRO F 168 113.74 -11.75 114.73
N LEU F 169 113.44 -11.80 113.43
CA LEU F 169 113.87 -10.76 112.49
C LEU F 169 115.39 -10.57 112.54
N HIS F 170 116.09 -11.60 112.08
CA HIS F 170 117.55 -11.58 112.06
C HIS F 170 118.04 -10.64 110.98
N GLU F 171 119.36 -10.64 110.77
CA GLU F 171 119.96 -9.89 109.69
C GLU F 171 120.95 -10.78 108.94
N LEU F 172 121.15 -10.47 107.67
CA LEU F 172 122.01 -11.24 106.79
C LEU F 172 123.07 -10.29 106.26
N ALA F 173 124.34 -10.55 106.59
CA ALA F 173 125.40 -9.59 106.34
C ALA F 173 126.40 -10.15 105.35
N ALA F 174 126.83 -9.32 104.40
CA ALA F 174 127.90 -9.65 103.48
C ALA F 174 128.88 -8.50 103.44
N MET F 175 130.18 -8.83 103.48
CA MET F 175 131.23 -7.82 103.38
C MET F 175 132.29 -8.27 102.39
N PRO F 176 132.17 -7.88 101.12
CA PRO F 176 133.28 -8.00 100.18
C PRO F 176 134.09 -6.72 100.10
N LYS F 177 135.37 -6.87 99.82
CA LYS F 177 136.27 -5.73 99.67
C LYS F 177 136.58 -5.51 98.19
N ALA F 178 136.80 -4.24 97.82
CA ALA F 178 136.85 -3.86 96.41
C ALA F 178 138.26 -3.71 95.86
N SER F 179 139.28 -3.69 96.71
CA SER F 179 140.66 -3.55 96.25
C SER F 179 140.85 -2.30 95.38
N ALA F 187 134.74 0.88 83.05
CA ALA F 187 134.31 -0.31 82.28
C ALA F 187 133.76 -1.37 83.25
N PHE F 188 134.61 -1.90 84.13
CA PHE F 188 134.17 -2.92 85.11
C PHE F 188 133.12 -2.32 86.04
N ASP F 189 133.30 -1.05 86.45
CA ASP F 189 132.37 -0.40 87.40
C ASP F 189 132.08 -1.37 88.55
N ILE F 190 133.07 -2.21 88.87
CA ILE F 190 132.90 -3.28 89.90
C ILE F 190 132.11 -2.62 91.04
N GLU F 191 132.33 -1.34 91.30
CA GLU F 191 131.66 -0.69 92.46
C GLU F 191 130.13 -0.90 92.42
N THR F 192 129.51 -0.56 91.29
CA THR F 192 128.05 -0.76 91.11
C THR F 192 127.62 -2.22 90.88
N TRP F 193 128.20 -2.83 89.84
CA TRP F 193 128.19 -4.29 89.64
C TRP F 193 128.12 -5.01 90.99
N LEU F 194 128.89 -4.54 91.98
CA LEU F 194 128.90 -5.27 93.25
C LEU F 194 127.55 -5.20 93.93
N ALA F 195 126.83 -4.09 93.77
CA ALA F 195 125.48 -4.01 94.33
C ALA F 195 124.55 -5.00 93.67
N ASN F 196 124.89 -5.47 92.46
CA ASN F 196 124.12 -6.50 91.79
C ASN F 196 124.40 -7.89 92.35
N ARG F 197 125.65 -8.23 92.65
CA ARG F 197 125.95 -9.56 93.17
C ARG F 197 125.66 -9.69 94.65
N ILE F 198 125.46 -8.57 95.34
CA ILE F 198 125.06 -8.62 96.74
C ILE F 198 123.56 -8.86 96.83
N ALA F 199 122.79 -8.06 96.10
CA ALA F 199 121.34 -8.23 96.04
C ALA F 199 120.95 -9.61 95.52
N ASP F 200 121.79 -10.19 94.66
CA ASP F 200 121.53 -11.55 94.19
C ASP F 200 121.83 -12.59 95.24
N LYS F 201 122.90 -12.41 96.01
CA LYS F 201 123.20 -13.43 97.02
C LYS F 201 122.22 -13.34 98.18
N PHE F 202 121.76 -12.15 98.51
CA PHE F 202 120.79 -12.03 99.59
C PHE F 202 119.47 -12.68 99.21
N ALA F 203 118.99 -12.40 98.00
CA ALA F 203 117.79 -13.06 97.52
C ALA F 203 117.96 -14.57 97.33
N ARG F 204 119.19 -15.07 97.41
CA ARG F 204 119.42 -16.50 97.26
C ARG F 204 119.88 -17.17 98.54
N ALA F 205 120.40 -16.41 99.50
CA ALA F 205 120.80 -16.95 100.79
C ALA F 205 119.62 -17.02 101.76
N GLU F 206 118.71 -16.07 101.69
CA GLU F 206 117.50 -16.14 102.49
C GLU F 206 116.46 -17.07 101.87
N ALA F 207 116.60 -17.39 100.59
CA ALA F 207 115.72 -18.36 99.97
C ALA F 207 115.92 -19.75 100.54
N ALA F 208 117.13 -20.05 101.00
CA ALA F 208 117.39 -21.38 101.55
C ALA F 208 117.01 -21.46 103.02
N ALA F 209 117.11 -20.34 103.75
CA ALA F 209 116.69 -20.35 105.14
C ALA F 209 115.17 -20.42 105.25
N PHE F 210 114.45 -19.91 104.26
CA PHE F 210 113.00 -20.00 104.24
C PHE F 210 112.50 -21.42 104.13
N ILE F 211 113.37 -22.36 103.77
CA ILE F 211 112.98 -23.75 103.56
C ILE F 211 113.67 -24.66 104.56
N SER F 212 115.00 -24.72 104.53
CA SER F 212 115.71 -25.62 105.41
C SER F 212 116.61 -24.88 106.39
N GLY F 213 116.20 -23.72 106.87
CA GLY F 213 117.00 -23.03 107.88
C GLY F 213 116.63 -23.48 109.28
N ASP F 214 117.58 -23.28 110.18
CA ASP F 214 117.37 -23.54 111.60
C ASP F 214 116.88 -22.26 112.27
N GLY F 215 116.69 -22.34 113.57
CA GLY F 215 116.29 -21.15 114.30
C GLY F 215 117.44 -20.24 114.65
N VAL F 216 118.67 -20.76 114.63
CA VAL F 216 119.82 -20.05 115.18
C VAL F 216 120.18 -18.93 114.20
N ASP F 217 119.94 -17.68 114.63
CA ASP F 217 120.37 -16.47 113.93
C ASP F 217 119.93 -16.44 112.48
N LYS F 218 118.95 -17.25 112.11
CA LYS F 218 118.49 -17.33 110.72
C LYS F 218 117.04 -17.77 110.71
N PRO F 219 116.28 -17.40 109.68
CA PRO F 219 114.87 -17.77 109.61
C PRO F 219 114.71 -19.29 109.61
N THR F 220 113.72 -19.76 110.38
CA THR F 220 113.45 -21.19 110.46
C THR F 220 112.52 -21.59 109.32
N GLY F 221 113.05 -22.34 108.35
CA GLY F 221 112.22 -22.81 107.26
C GLY F 221 111.21 -23.84 107.70
N PHE F 222 110.26 -24.10 106.82
CA PHE F 222 109.17 -25.01 107.19
C PHE F 222 109.62 -26.46 107.34
N LEU F 223 110.76 -26.83 106.77
CA LEU F 223 111.20 -28.22 106.83
C LEU F 223 111.72 -28.64 108.19
N THR F 224 112.18 -27.70 109.00
CA THR F 224 112.68 -27.99 110.35
C THR F 224 111.60 -27.81 111.41
N LYS F 225 110.46 -28.48 111.24
CA LYS F 225 109.30 -28.24 112.09
C LYS F 225 108.69 -29.55 112.59
N THR F 226 109.53 -30.43 113.12
CA THR F 226 109.13 -31.70 113.75
C THR F 226 107.98 -32.39 113.03
N LYS F 227 108.20 -32.83 111.81
CA LYS F 227 107.16 -33.45 111.00
C LYS F 227 106.55 -34.67 111.69
N VAL F 228 105.23 -34.79 111.58
CA VAL F 228 104.48 -35.92 112.12
C VAL F 228 103.56 -36.42 111.01
N ALA F 229 103.31 -37.72 111.00
CA ALA F 229 102.46 -38.29 109.95
C ALA F 229 101.06 -37.69 109.99
N ASN F 230 100.53 -37.41 108.81
CA ASN F 230 99.21 -36.82 108.71
C ASN F 230 98.15 -37.81 109.19
N GLY F 231 97.00 -37.27 109.56
CA GLY F 231 95.96 -38.05 110.20
C GLY F 231 96.17 -38.08 111.68
N ALA F 232 97.43 -37.99 112.12
CA ALA F 232 97.80 -37.80 113.51
C ALA F 232 98.34 -36.40 113.73
N TRP F 233 97.90 -35.46 112.90
CA TRP F 233 98.46 -34.13 112.87
C TRP F 233 98.03 -33.35 114.10
N ALA F 234 98.97 -32.69 114.75
CA ALA F 234 98.75 -31.83 115.91
C ALA F 234 99.12 -30.40 115.52
N TRP F 235 99.03 -29.49 116.48
CA TRP F 235 99.33 -28.11 116.14
C TRP F 235 100.81 -27.82 116.03
N GLY F 236 101.64 -28.49 116.83
CA GLY F 236 103.03 -28.13 116.79
C GLY F 236 103.86 -28.78 115.71
N SER F 237 103.23 -29.39 114.72
CA SER F 237 103.98 -30.19 113.76
C SER F 237 103.32 -30.14 112.38
N LEU F 238 104.12 -30.44 111.37
CA LEU F 238 103.67 -30.49 109.98
C LEU F 238 103.35 -31.92 109.59
N GLY F 239 102.21 -32.10 108.94
CA GLY F 239 101.73 -33.41 108.55
C GLY F 239 102.27 -33.80 107.18
N TYR F 240 102.73 -35.04 107.09
CA TYR F 240 103.29 -35.57 105.85
C TYR F 240 102.57 -36.85 105.47
N VAL F 241 102.61 -37.15 104.18
CA VAL F 241 102.08 -38.40 103.64
C VAL F 241 103.21 -39.16 102.98
N ALA F 242 103.14 -40.48 103.01
CA ALA F 242 104.24 -41.31 102.55
C ALA F 242 104.02 -41.78 101.12
N THR F 243 105.12 -41.98 100.40
CA THR F 243 105.03 -42.30 98.98
C THR F 243 104.98 -43.80 98.72
N GLY F 244 105.30 -44.61 99.71
CA GLY F 244 105.49 -46.01 99.40
C GLY F 244 106.94 -46.42 99.46
N ALA F 245 107.58 -46.57 98.30
CA ALA F 245 108.97 -47.01 98.24
C ALA F 245 109.86 -46.11 99.07
N ALA F 246 111.03 -46.65 99.44
CA ALA F 246 111.91 -45.94 100.36
C ALA F 246 112.80 -44.92 99.66
N GLY F 247 113.09 -45.11 98.38
CA GLY F 247 113.91 -44.12 97.71
C GLY F 247 113.13 -43.06 96.96
N ASP F 248 112.24 -43.50 96.07
CA ASP F 248 111.55 -42.60 95.15
C ASP F 248 110.06 -42.89 95.25
N PHE F 249 109.28 -42.36 94.30
CA PHE F 249 107.86 -42.63 94.21
C PHE F 249 107.55 -44.12 94.17
N ALA F 250 106.31 -44.47 94.47
CA ALA F 250 105.89 -45.86 94.47
C ALA F 250 106.16 -46.52 93.13
N ALA F 251 106.73 -47.73 93.19
CA ALA F 251 107.08 -48.44 91.98
C ALA F 251 105.84 -48.96 91.25
N VAL F 252 104.84 -49.44 91.99
CA VAL F 252 103.65 -50.03 91.39
C VAL F 252 102.77 -48.95 90.78
N ASN F 253 102.54 -47.86 91.52
CA ASN F 253 101.67 -46.78 91.08
C ASN F 253 102.18 -45.48 91.68
N ALA F 254 102.92 -44.73 90.87
CA ALA F 254 103.31 -43.39 91.29
C ALA F 254 102.16 -42.45 90.97
N SER F 255 102.39 -41.15 91.14
CA SER F 255 101.42 -40.13 90.77
C SER F 255 100.20 -40.20 91.67
N ASP F 256 100.13 -41.17 92.58
CA ASP F 256 99.11 -41.20 93.60
C ASP F 256 99.61 -40.59 94.89
N ALA F 257 100.91 -40.71 95.17
CA ALA F 257 101.48 -39.98 96.29
C ALA F 257 101.39 -38.49 96.10
N VAL F 258 101.06 -38.02 94.90
CA VAL F 258 100.85 -36.60 94.70
C VAL F 258 99.38 -36.23 94.88
N VAL F 259 98.47 -37.07 94.39
CA VAL F 259 97.06 -36.72 94.46
C VAL F 259 96.53 -36.86 95.88
N ASP F 260 97.13 -37.73 96.68
CA ASP F 260 96.71 -37.74 98.08
C ASP F 260 97.48 -36.72 98.91
N LEU F 261 98.62 -36.26 98.41
CA LEU F 261 99.23 -35.07 99.00
C LEU F 261 98.34 -33.85 98.80
N VAL F 262 97.68 -33.76 97.65
CA VAL F 262 96.77 -32.65 97.41
C VAL F 262 95.57 -32.69 98.35
N TYR F 263 94.95 -33.85 98.49
CA TYR F 263 93.73 -33.97 99.26
C TYR F 263 93.97 -34.13 100.75
N ALA F 264 95.15 -33.75 101.23
CA ALA F 264 95.47 -33.75 102.65
C ALA F 264 95.49 -32.35 103.24
N LEU F 265 94.93 -31.35 102.55
CA LEU F 265 94.95 -29.97 103.05
C LEU F 265 93.61 -29.47 103.57
N GLY F 266 92.50 -29.84 102.96
CA GLY F 266 91.26 -29.18 103.34
C GLY F 266 90.89 -28.18 102.28
N ALA F 267 89.61 -28.12 101.92
CA ALA F 267 89.20 -27.32 100.78
C ALA F 267 89.36 -25.83 100.99
N GLU F 268 89.81 -25.39 102.15
CA GLU F 268 90.03 -23.96 102.35
C GLU F 268 91.44 -23.51 102.04
N TYR F 269 92.43 -24.32 102.41
CA TYR F 269 93.82 -24.02 102.05
C TYR F 269 94.13 -24.37 100.60
N ARG F 270 93.34 -25.23 99.97
CA ARG F 270 93.55 -25.51 98.56
C ARG F 270 92.99 -24.44 97.64
N ALA F 271 92.38 -23.39 98.19
CA ALA F 271 91.88 -22.31 97.35
C ALA F 271 93.02 -21.66 96.59
N ASN F 272 94.14 -21.43 97.26
CA ASN F 272 95.37 -20.95 96.62
C ASN F 272 96.56 -21.63 97.31
N ALA F 273 96.98 -22.76 96.77
CA ALA F 273 98.14 -23.47 97.24
C ALA F 273 99.06 -23.74 96.06
N SER F 274 100.26 -24.20 96.34
CA SER F 274 101.24 -24.45 95.28
C SER F 274 102.29 -25.42 95.78
N PHE F 275 102.66 -26.36 94.90
CA PHE F 275 103.76 -27.26 95.18
C PHE F 275 105.07 -26.52 95.21
N VAL F 276 106.02 -27.05 95.98
CA VAL F 276 107.37 -26.49 96.06
C VAL F 276 108.33 -27.65 95.92
N MET F 277 109.11 -27.66 94.84
CA MET F 277 110.10 -28.69 94.57
C MET F 277 111.37 -28.04 94.06
N ASN F 278 112.46 -28.80 94.02
CA ASN F 278 113.65 -28.32 93.35
C ASN F 278 113.59 -28.75 91.89
N SER F 279 114.66 -28.49 91.14
CA SER F 279 114.62 -28.74 89.70
C SER F 279 114.60 -30.23 89.41
N LYS F 280 115.52 -30.99 90.00
CA LYS F 280 115.63 -32.39 89.65
C LYS F 280 114.56 -33.25 90.28
N THR F 281 113.55 -32.66 90.89
CA THR F 281 112.38 -33.40 91.37
C THR F 281 111.22 -33.23 90.42
N ALA F 282 110.97 -32.00 89.98
CA ALA F 282 109.98 -31.79 88.93
C ALA F 282 110.33 -32.60 87.70
N GLY F 283 111.62 -32.86 87.50
CA GLY F 283 112.01 -33.80 86.47
C GLY F 283 111.62 -35.22 86.79
N ALA F 284 111.78 -35.61 88.05
CA ALA F 284 111.36 -36.95 88.44
C ALA F 284 109.85 -37.08 88.47
N VAL F 285 109.12 -35.99 88.70
CA VAL F 285 107.67 -36.01 88.56
C VAL F 285 107.30 -36.07 87.08
N ARG F 286 108.05 -35.40 86.23
CA ARG F 286 107.73 -35.41 84.82
C ARG F 286 108.13 -36.73 84.17
N LYS F 287 109.12 -37.42 84.73
CA LYS F 287 109.49 -38.74 84.27
C LYS F 287 108.44 -39.77 84.59
N MET F 288 107.39 -39.41 85.32
CA MET F 288 106.32 -40.34 85.63
C MET F 288 105.53 -40.66 84.38
N LYS F 289 105.49 -41.94 84.04
CA LYS F 289 104.80 -42.42 82.85
C LYS F 289 103.82 -43.51 83.25
N ASP F 290 102.73 -43.59 82.50
CA ASP F 290 101.72 -44.58 82.78
C ASP F 290 102.19 -45.91 82.20
N ALA F 291 101.32 -46.91 82.13
CA ALA F 291 101.81 -48.20 81.68
C ALA F 291 102.22 -48.19 80.21
N ASP F 292 101.62 -47.36 79.38
CA ASP F 292 102.01 -47.36 77.98
C ASP F 292 103.30 -46.60 77.70
N GLY F 293 103.63 -45.59 78.49
CA GLY F 293 104.82 -44.82 78.16
C GLY F 293 104.46 -43.45 77.67
N ARG F 294 103.56 -42.69 78.32
CA ARG F 294 103.31 -41.37 77.78
C ARG F 294 103.43 -40.13 78.67
N PHE F 295 104.03 -40.23 79.85
CA PHE F 295 104.25 -39.02 80.70
C PHE F 295 102.91 -38.38 81.10
N LEU F 296 102.37 -38.79 82.23
CA LEU F 296 101.10 -38.31 82.79
C LEU F 296 101.13 -36.79 82.85
N TRP F 297 102.29 -36.21 83.11
CA TRP F 297 102.42 -34.78 83.22
C TRP F 297 103.16 -34.31 81.98
N ALA F 298 102.63 -33.28 81.32
CA ALA F 298 103.23 -32.75 80.09
C ALA F 298 103.12 -33.78 78.95
N ASP F 299 101.92 -33.87 78.37
CA ASP F 299 101.52 -35.00 77.49
C ASP F 299 102.59 -35.26 76.42
N SER F 300 102.72 -34.36 75.44
CA SER F 300 103.69 -34.55 74.32
C SER F 300 105.11 -34.23 74.78
N LEU F 301 106.12 -34.71 74.04
CA LEU F 301 107.52 -34.34 74.38
C LEU F 301 107.67 -32.83 74.23
N ALA F 302 107.07 -32.24 73.19
CA ALA F 302 107.23 -30.79 72.92
C ALA F 302 106.57 -29.93 74.00
N ALA F 303 106.05 -30.52 75.08
CA ALA F 303 105.15 -29.81 75.97
C ALA F 303 105.87 -28.72 76.76
N GLY F 304 106.82 -29.11 77.60
CA GLY F 304 107.41 -28.21 78.56
C GLY F 304 106.80 -28.38 79.94
N GLU F 305 107.05 -27.41 80.78
CA GLU F 305 106.49 -27.33 82.12
C GLU F 305 105.06 -26.85 81.98
N PRO F 306 104.04 -27.70 82.16
CA PRO F 306 102.66 -27.19 82.03
C PRO F 306 102.24 -26.24 83.14
N ALA F 307 103.09 -25.97 84.12
CA ALA F 307 102.88 -24.97 85.16
C ALA F 307 101.64 -25.14 86.01
N ARG F 308 101.12 -26.35 86.23
CA ARG F 308 99.92 -26.51 87.07
C ARG F 308 99.73 -27.94 87.54
N LEU F 309 100.74 -28.54 88.16
CA LEU F 309 100.56 -29.89 88.71
C LEU F 309 99.27 -30.01 89.52
N MET F 310 98.42 -30.95 89.09
CA MET F 310 97.11 -31.20 89.71
C MET F 310 96.26 -29.94 89.81
N GLY F 311 96.40 -29.00 88.89
CA GLY F 311 95.61 -27.80 88.92
C GLY F 311 96.11 -26.69 89.81
N TYR F 312 97.32 -26.82 90.37
CA TYR F 312 97.86 -25.86 91.30
C TYR F 312 99.24 -25.43 90.83
N PRO F 313 99.66 -24.20 91.10
CA PRO F 313 100.98 -23.76 90.66
C PRO F 313 102.07 -24.62 91.23
N VAL F 314 103.26 -24.48 90.64
CA VAL F 314 104.45 -25.20 91.06
C VAL F 314 105.59 -24.22 91.21
N LEU F 315 106.24 -24.24 92.38
CA LEU F 315 107.39 -23.38 92.64
C LEU F 315 108.64 -24.23 92.64
N ILE F 316 109.52 -24.00 91.67
CA ILE F 316 110.77 -24.75 91.55
C ILE F 316 111.79 -24.04 92.42
N ALA F 317 111.79 -24.37 93.71
CA ALA F 317 112.71 -23.80 94.70
C ALA F 317 113.92 -24.71 94.85
N GLU F 318 115.08 -24.26 94.36
CA GLU F 318 116.23 -25.16 94.29
C GLU F 318 116.90 -25.48 95.64
N ASP F 319 116.29 -25.11 96.76
CA ASP F 319 116.78 -25.38 98.10
C ASP F 319 115.96 -26.46 98.80
N MET F 320 115.05 -27.09 98.10
CA MET F 320 114.42 -28.21 98.77
C MET F 320 115.29 -29.44 98.58
N PRO F 321 115.22 -30.40 99.50
CA PRO F 321 115.99 -31.62 99.32
C PRO F 321 115.72 -32.46 98.09
N ASP F 322 116.72 -33.21 97.66
CA ASP F 322 116.49 -34.16 96.58
C ASP F 322 115.71 -35.40 96.96
N ILE F 323 115.48 -36.30 96.00
CA ILE F 323 114.71 -37.49 96.30
C ILE F 323 115.77 -38.35 96.96
N ALA F 324 115.52 -38.77 98.20
CA ALA F 324 116.51 -39.47 98.99
C ALA F 324 115.78 -40.45 99.91
N ALA F 325 116.48 -40.92 100.93
CA ALA F 325 115.93 -41.96 101.79
C ALA F 325 114.64 -41.52 102.46
N ASN F 326 114.68 -40.44 103.21
CA ASN F 326 113.51 -39.96 103.93
C ASN F 326 113.28 -38.47 103.70
N ALA F 327 113.61 -37.95 102.53
CA ALA F 327 113.50 -36.53 102.30
C ALA F 327 112.07 -36.14 102.03
N TYR F 328 111.73 -34.92 102.42
CA TYR F 328 110.43 -34.32 102.13
C TYR F 328 110.57 -33.42 100.90
N ALA F 329 110.89 -34.05 99.78
CA ALA F 329 111.35 -33.31 98.61
C ALA F 329 110.24 -32.51 97.94
N ILE F 330 108.97 -32.80 98.24
CA ILE F 330 107.84 -32.05 97.68
C ILE F 330 106.97 -31.58 98.82
N ALA F 331 106.77 -30.27 98.92
CA ALA F 331 105.86 -29.71 99.90
C ALA F 331 104.72 -29.03 99.15
N PHE F 332 103.51 -29.18 99.68
CA PHE F 332 102.32 -28.62 99.08
C PHE F 332 101.52 -27.99 100.20
N GLY F 333 101.11 -26.75 99.99
CA GLY F 333 100.34 -26.07 101.00
C GLY F 333 100.11 -24.64 100.58
N ASP F 334 99.34 -23.94 101.40
CA ASP F 334 99.05 -22.54 101.18
C ASP F 334 100.02 -21.76 102.05
N PHE F 335 101.06 -21.24 101.43
CA PHE F 335 102.07 -20.54 102.18
C PHE F 335 101.67 -19.11 102.48
N GLY F 336 100.69 -18.57 101.75
CA GLY F 336 100.18 -17.25 102.09
C GLY F 336 99.72 -17.15 103.53
N ASN F 337 99.24 -18.26 104.09
CA ASN F 337 98.90 -18.32 105.51
C ASN F 337 99.88 -19.16 106.31
N GLY F 338 100.55 -20.11 105.67
CA GLY F 338 101.37 -21.04 106.41
C GLY F 338 102.70 -20.48 106.84
N TYR F 339 103.33 -19.69 106.00
CA TYR F 339 104.67 -19.17 106.26
C TYR F 339 104.66 -17.65 106.22
N THR F 340 105.05 -17.03 107.32
CA THR F 340 105.06 -15.58 107.44
C THR F 340 106.50 -15.11 107.39
N ILE F 341 106.79 -14.20 106.46
CA ILE F 341 108.11 -13.60 106.34
C ILE F 341 108.04 -12.19 106.93
N ALA F 342 108.87 -11.92 107.91
CA ALA F 342 108.99 -10.59 108.49
C ALA F 342 110.30 -9.98 108.04
N GLU F 343 110.23 -8.82 107.42
CA GLU F 343 111.43 -8.26 106.81
C GLU F 343 111.36 -6.75 106.87
N ARG F 344 112.46 -6.12 106.50
CA ARG F 344 112.51 -4.70 106.24
C ARG F 344 112.86 -4.48 104.78
N PRO F 345 112.11 -3.63 104.03
CA PRO F 345 112.24 -3.39 102.53
C PRO F 345 113.64 -2.91 102.12
N ASP F 346 114.53 -2.68 103.09
CA ASP F 346 115.79 -1.92 102.82
C ASP F 346 117.02 -2.83 102.91
N LEU F 347 117.83 -2.85 101.85
CA LEU F 347 119.11 -3.63 101.86
C LEU F 347 120.07 -3.00 102.89
N ARG F 348 120.07 -1.66 102.98
CA ARG F 348 120.95 -0.95 103.96
C ARG F 348 122.43 -1.24 103.72
N VAL F 349 122.86 -1.24 102.45
CA VAL F 349 124.31 -1.44 102.12
C VAL F 349 125.12 -0.24 102.67
N LEU F 350 126.32 -0.50 103.20
CA LEU F 350 127.20 0.59 103.70
C LEU F 350 128.49 0.60 102.90
N ARG F 351 128.87 1.77 102.35
CA ARG F 351 130.15 1.89 101.60
C ARG F 351 131.21 2.51 102.51
N ASP F 352 132.35 1.84 102.65
CA ASP F 352 133.27 2.07 103.76
C ASP F 352 134.65 2.47 103.25
N PRO F 353 134.99 3.76 103.16
CA PRO F 353 136.30 4.17 102.65
C PRO F 353 137.40 4.22 103.71
N PHE F 354 137.13 3.82 104.95
CA PHE F 354 138.11 3.84 106.02
C PHE F 354 138.41 2.41 106.47
N SER F 355 139.49 2.29 107.24
CA SER F 355 139.85 1.04 107.92
C SER F 355 140.26 -0.06 106.96
N ALA F 356 140.18 0.20 105.66
CA ALA F 356 140.69 -0.71 104.65
C ALA F 356 141.23 0.07 103.45
N LYS F 357 141.83 1.23 103.69
CA LYS F 357 142.19 2.23 102.69
C LYS F 357 142.76 1.68 101.38
N PRO F 358 143.56 0.61 101.39
CA PRO F 358 143.91 -0.02 100.09
C PRO F 358 142.70 -0.58 99.35
N HIS F 359 141.59 -0.78 100.03
CA HIS F 359 140.37 -1.34 99.47
C HIS F 359 139.21 -0.37 99.69
N VAL F 360 137.99 -0.82 99.41
CA VAL F 360 136.80 -0.01 99.58
C VAL F 360 135.76 -0.71 100.46
N LEU F 361 135.77 -2.05 100.52
CA LEU F 361 135.10 -2.80 101.58
C LEU F 361 133.61 -2.48 101.65
N PHE F 362 132.87 -2.92 100.64
CA PHE F 362 131.43 -2.78 100.65
C PHE F 362 130.79 -3.66 101.71
N TYR F 363 129.79 -3.11 102.38
CA TYR F 363 129.09 -3.78 103.47
C TYR F 363 127.59 -3.68 103.21
N ALA F 364 126.85 -4.72 103.56
CA ALA F 364 125.44 -4.80 103.23
C ALA F 364 124.75 -5.83 104.11
N SER F 365 123.65 -5.44 104.74
CA SER F 365 122.98 -6.27 105.73
C SER F 365 121.49 -5.98 105.72
N LYS F 366 120.73 -6.84 105.06
CA LYS F 366 119.28 -6.84 105.16
C LYS F 366 118.83 -7.59 106.39
N ARG F 367 117.75 -7.12 107.01
CA ARG F 367 117.16 -7.77 108.16
C ARG F 367 115.90 -8.52 107.71
N VAL F 368 115.88 -9.83 107.97
CA VAL F 368 114.74 -10.66 107.56
C VAL F 368 114.60 -11.79 108.55
N GLY F 369 113.39 -12.29 108.69
CA GLY F 369 113.13 -13.43 109.56
C GLY F 369 111.80 -14.06 109.23
N GLY F 370 111.60 -15.27 109.72
CA GLY F 370 110.32 -15.92 109.53
C GLY F 370 110.25 -17.41 109.72
N ASP F 371 109.17 -17.90 110.35
CA ASP F 371 108.91 -19.32 110.37
C ASP F 371 107.44 -19.59 110.08
N VAL F 372 106.98 -20.83 110.26
CA VAL F 372 105.59 -21.14 109.94
C VAL F 372 104.67 -20.44 110.91
N SER F 373 103.52 -20.01 110.41
CA SER F 373 102.50 -19.36 111.22
C SER F 373 101.23 -20.19 111.36
N ASP F 374 100.99 -21.10 110.41
CA ASP F 374 99.81 -21.93 110.39
C ASP F 374 100.24 -23.33 109.98
N PHE F 375 100.40 -24.21 110.96
CA PHE F 375 100.89 -25.55 110.69
C PHE F 375 99.94 -26.37 109.83
N ALA F 376 98.69 -25.96 109.72
CA ALA F 376 97.71 -26.68 108.93
C ALA F 376 97.76 -26.34 107.44
N ALA F 377 98.60 -25.39 107.05
CA ALA F 377 98.57 -24.91 105.67
C ALA F 377 99.80 -25.30 104.88
N ILE F 378 100.58 -26.25 105.36
CA ILE F 378 101.76 -26.77 104.68
C ILE F 378 101.81 -28.27 104.93
N LYS F 379 101.70 -29.05 103.86
CA LYS F 379 101.83 -30.49 103.96
C LYS F 379 103.04 -30.95 103.17
N LEU F 380 103.71 -31.97 103.69
CA LEU F 380 104.94 -32.46 103.12
C LEU F 380 104.75 -33.86 102.56
N LEU F 381 105.79 -34.36 101.90
CA LEU F 381 105.75 -35.65 101.22
C LEU F 381 107.02 -36.43 101.51
N LYS F 382 106.98 -37.29 102.52
CA LYS F 382 108.12 -38.11 102.88
C LYS F 382 108.23 -39.24 101.86
N PHE F 383 109.46 -39.59 101.50
CA PHE F 383 109.69 -40.61 100.48
C PHE F 383 110.04 -41.95 101.11
N ALA F 384 109.45 -42.19 102.28
CA ALA F 384 109.75 -43.37 103.07
C ALA F 384 108.56 -44.31 102.97
N ALA F 385 108.55 -45.35 103.79
CA ALA F 385 107.55 -46.40 103.65
C ALA F 385 106.58 -46.39 104.83
N ALA G 89 -73.21 29.35 36.94
CA ALA G 89 -71.94 28.68 37.19
C ALA G 89 -72.02 27.80 38.42
N LEU G 90 -72.43 26.56 38.21
CA LEU G 90 -72.46 25.56 39.26
C LEU G 90 -72.65 24.20 38.60
N ASN G 91 -72.46 23.15 39.39
CA ASN G 91 -72.74 21.76 39.04
C ASN G 91 -72.32 21.41 37.61
N SER G 92 -71.01 21.35 37.39
CA SER G 92 -70.40 21.11 36.09
C SER G 92 -70.99 19.94 35.31
N ALA G 93 -71.79 19.10 35.96
CA ALA G 93 -72.45 18.02 35.25
C ALA G 93 -73.45 18.54 34.22
N VAL G 94 -74.15 19.62 34.52
CA VAL G 94 -75.15 20.19 33.63
C VAL G 94 -74.46 21.08 32.62
N ALA G 95 -74.83 20.93 31.34
CA ALA G 95 -74.13 21.67 30.30
C ALA G 95 -74.41 23.17 30.39
N ALA G 96 -75.67 23.55 30.47
CA ALA G 96 -76.02 24.97 30.43
C ALA G 96 -75.64 25.70 31.70
N GLU G 97 -75.35 25.00 32.78
CA GLU G 97 -75.08 25.66 34.05
C GLU G 97 -73.59 25.89 34.28
N GLY G 98 -72.77 24.85 34.15
CA GLY G 98 -71.34 25.05 34.20
C GLY G 98 -70.58 24.12 33.29
N GLY G 99 -71.31 23.24 32.60
CA GLY G 99 -70.65 22.17 31.88
C GLY G 99 -69.91 22.58 30.65
N TYR G 100 -70.00 23.83 30.23
CA TYR G 100 -69.36 24.24 28.99
C TYR G 100 -67.88 24.55 29.20
N LEU G 101 -67.51 25.00 30.39
CA LEU G 101 -66.14 25.35 30.72
C LEU G 101 -65.47 24.27 31.57
N VAL G 102 -65.22 23.10 30.96
CA VAL G 102 -64.57 21.97 31.62
C VAL G 102 -63.37 21.48 30.84
N ASP G 103 -63.54 21.18 29.55
CA ASP G 103 -62.44 20.87 28.63
C ASP G 103 -61.54 19.74 29.10
N PRO G 104 -61.95 18.48 28.99
CA PRO G 104 -61.05 17.38 29.37
C PRO G 104 -59.79 17.33 28.52
N GLN G 105 -58.72 16.84 29.14
CA GLN G 105 -57.47 16.63 28.41
C GLN G 105 -57.64 15.45 27.46
N THR G 106 -57.11 15.58 26.25
CA THR G 106 -57.28 14.49 25.29
C THR G 106 -56.11 13.50 25.32
N SER G 107 -54.92 13.94 24.95
CA SER G 107 -53.69 13.14 25.05
C SER G 107 -52.54 13.95 24.47
N GLU G 108 -51.33 13.43 24.58
CA GLU G 108 -50.22 14.00 23.85
C GLU G 108 -49.97 13.29 22.51
N THR G 109 -50.44 12.07 22.35
CA THR G 109 -50.24 11.32 21.12
C THR G 109 -51.26 10.20 21.06
N ILE G 110 -51.71 9.89 19.84
CA ILE G 110 -52.60 8.76 19.63
C ILE G 110 -51.81 7.47 19.71
N ARG G 111 -52.22 6.57 20.57
CA ARG G 111 -51.48 5.35 20.85
C ARG G 111 -52.21 4.16 20.25
N GLY G 112 -51.60 2.99 20.38
CA GLY G 112 -52.19 1.78 19.85
C GLY G 112 -51.50 0.55 20.41
N VAL G 113 -51.98 -0.60 19.97
CA VAL G 113 -51.45 -1.88 20.43
C VAL G 113 -50.02 -2.05 19.94
N LEU G 114 -49.21 -2.74 20.73
CA LEU G 114 -47.82 -3.03 20.39
C LEU G 114 -47.77 -4.39 19.72
N ARG G 115 -47.24 -4.45 18.51
CA ARG G 115 -47.14 -5.68 17.76
C ARG G 115 -45.68 -6.08 17.60
N SER G 116 -45.44 -7.38 17.50
CA SER G 116 -44.08 -7.91 17.57
C SER G 116 -43.28 -7.51 16.36
N THR G 117 -41.98 -7.26 16.57
CA THR G 117 -41.08 -6.87 15.51
C THR G 117 -40.29 -8.03 14.93
N ALA G 118 -40.27 -9.17 15.58
CA ALA G 118 -39.55 -10.34 15.08
C ALA G 118 -40.16 -10.82 13.78
N SER G 119 -39.36 -10.86 12.71
CA SER G 119 -39.94 -10.98 11.38
C SER G 119 -39.27 -12.00 10.46
N LEU G 120 -38.26 -12.74 10.94
CA LEU G 120 -37.46 -13.62 10.11
C LEU G 120 -36.66 -12.85 9.08
N ARG G 121 -36.82 -11.53 9.07
CA ARG G 121 -36.01 -10.71 8.20
C ARG G 121 -34.63 -10.47 8.77
N GLN G 122 -34.47 -10.60 10.08
CA GLN G 122 -33.17 -10.38 10.70
C GLN G 122 -32.28 -11.60 10.67
N ILE G 123 -32.79 -12.76 10.23
CA ILE G 123 -31.94 -13.93 10.09
C ILE G 123 -31.83 -14.36 8.64
N ALA G 124 -32.82 -14.03 7.82
CA ALA G 124 -32.78 -14.49 6.45
C ALA G 124 -31.88 -13.60 5.60
N SER G 125 -31.60 -14.05 4.39
CA SER G 125 -30.68 -13.36 3.49
C SER G 125 -31.46 -12.34 2.66
N VAL G 126 -31.29 -11.07 2.98
CA VAL G 126 -32.01 -10.00 2.30
C VAL G 126 -31.17 -9.53 1.13
N VAL G 127 -31.70 -9.65 -0.09
CA VAL G 127 -30.99 -9.27 -1.31
C VAL G 127 -31.69 -8.10 -1.94
N ASN G 128 -30.97 -7.00 -2.10
CA ASN G 128 -31.45 -5.81 -2.80
C ASN G 128 -31.52 -6.14 -4.29
N VAL G 129 -32.71 -6.45 -4.78
CA VAL G 129 -32.90 -6.80 -6.19
C VAL G 129 -33.81 -5.77 -6.83
N GLU G 130 -33.48 -5.38 -8.06
CA GLU G 130 -34.28 -4.43 -8.83
C GLU G 130 -34.56 -5.05 -10.20
N ALA G 131 -35.57 -5.91 -10.25
CA ALA G 131 -35.95 -6.62 -11.47
C ALA G 131 -37.33 -7.23 -11.21
N THR G 132 -37.81 -8.00 -12.17
CA THR G 132 -39.11 -8.63 -11.98
C THR G 132 -39.05 -9.82 -11.05
N SER G 133 -37.87 -10.38 -10.83
CA SER G 133 -37.72 -11.61 -10.05
C SER G 133 -36.29 -11.70 -9.58
N PHE G 134 -35.98 -12.82 -8.93
CA PHE G 134 -34.62 -13.18 -8.55
C PHE G 134 -34.45 -14.66 -8.77
N ASP G 135 -33.40 -15.05 -9.47
CA ASP G 135 -33.18 -16.45 -9.85
C ASP G 135 -31.92 -16.94 -9.15
N VAL G 136 -32.08 -17.67 -8.08
CA VAL G 136 -30.93 -18.22 -7.38
C VAL G 136 -30.61 -19.57 -8.02
N LEU G 137 -29.31 -19.86 -8.09
CA LEU G 137 -28.80 -21.06 -8.73
C LEU G 137 -28.04 -21.89 -7.72
N VAL G 138 -28.44 -23.14 -7.55
CA VAL G 138 -27.89 -24.02 -6.54
C VAL G 138 -27.39 -25.29 -7.20
N ASP G 139 -26.67 -26.09 -6.43
CA ASP G 139 -26.26 -27.41 -6.84
C ASP G 139 -26.95 -28.42 -5.94
N LYS G 140 -27.77 -29.27 -6.54
CA LYS G 140 -28.52 -30.24 -5.78
C LYS G 140 -27.77 -31.57 -5.61
N THR G 141 -26.62 -31.71 -6.25
CA THR G 141 -25.76 -32.88 -6.08
C THR G 141 -24.31 -32.43 -6.04
N ASP G 142 -23.42 -33.37 -5.79
CA ASP G 142 -21.99 -33.12 -5.72
C ASP G 142 -21.27 -33.83 -6.85
N MET G 143 -19.97 -33.55 -6.97
CA MET G 143 -19.16 -34.19 -8.00
C MET G 143 -18.87 -35.64 -7.63
N GLY G 144 -18.06 -36.29 -8.44
CA GLY G 144 -17.70 -37.68 -8.21
C GLY G 144 -16.29 -37.84 -7.66
N SER G 145 -16.10 -38.92 -6.92
CA SER G 145 -14.84 -39.21 -6.27
C SER G 145 -13.86 -39.84 -7.26
N GLY G 146 -12.64 -40.05 -6.80
CA GLY G 146 -11.62 -40.60 -7.66
C GLY G 146 -11.10 -41.97 -7.30
N TRP G 147 -9.91 -41.99 -6.69
CA TRP G 147 -9.16 -43.21 -6.45
C TRP G 147 -9.02 -44.02 -7.73
N ALA G 148 -8.48 -43.37 -8.75
CA ALA G 148 -8.21 -44.03 -10.02
C ALA G 148 -6.94 -44.85 -9.91
N SER G 149 -6.88 -45.91 -10.71
CA SER G 149 -5.78 -46.87 -10.63
C SER G 149 -4.54 -46.29 -11.31
N GLU G 150 -3.50 -47.11 -11.38
CA GLU G 150 -2.29 -46.77 -12.10
C GLU G 150 -2.40 -47.09 -13.58
N THR G 151 -3.00 -48.23 -13.91
CA THR G 151 -3.11 -48.71 -15.28
C THR G 151 -4.58 -48.99 -15.59
N ALA G 152 -5.31 -47.93 -15.89
CA ALA G 152 -6.67 -48.04 -16.43
C ALA G 152 -7.13 -46.66 -16.87
N ALA G 153 -7.73 -46.56 -18.05
CA ALA G 153 -8.25 -45.28 -18.49
C ALA G 153 -9.38 -44.87 -17.56
N LEU G 154 -9.21 -43.76 -16.86
CA LEU G 154 -10.20 -43.35 -15.88
C LEU G 154 -11.39 -42.72 -16.56
N SER G 155 -12.58 -43.07 -16.08
CA SER G 155 -13.81 -42.69 -16.76
C SER G 155 -14.21 -41.27 -16.40
N GLU G 156 -15.23 -40.79 -17.10
CA GLU G 156 -15.77 -39.46 -16.83
C GLU G 156 -16.42 -39.44 -15.46
N THR G 157 -16.20 -38.35 -14.74
CA THR G 157 -16.71 -38.20 -13.38
C THR G 157 -18.03 -37.43 -13.41
N ALA G 158 -18.97 -37.88 -12.57
CA ALA G 158 -20.27 -37.23 -12.50
C ALA G 158 -20.14 -35.78 -12.07
N THR G 159 -20.84 -34.92 -12.77
CA THR G 159 -20.91 -33.48 -12.52
C THR G 159 -22.12 -33.15 -11.67
N PRO G 160 -22.13 -32.00 -11.01
CA PRO G 160 -23.29 -31.62 -10.21
C PRO G 160 -24.50 -31.27 -11.06
N GLN G 161 -25.67 -31.56 -10.54
CA GLN G 161 -26.91 -31.13 -11.16
C GLN G 161 -27.33 -29.79 -10.58
N ILE G 162 -27.88 -28.94 -11.44
CA ILE G 162 -28.11 -27.54 -11.11
C ILE G 162 -29.60 -27.27 -11.08
N ASP G 163 -30.01 -26.43 -10.13
CA ASP G 163 -31.39 -26.05 -9.92
C ASP G 163 -31.49 -24.54 -9.94
N ARG G 164 -32.62 -24.03 -10.42
CA ARG G 164 -32.86 -22.59 -10.48
C ARG G 164 -34.19 -22.28 -9.81
N ILE G 165 -34.17 -21.33 -8.88
CA ILE G 165 -35.33 -20.98 -8.08
C ILE G 165 -35.65 -19.52 -8.33
N THR G 166 -36.90 -19.24 -8.67
CA THR G 166 -37.33 -17.92 -9.10
C THR G 166 -38.04 -17.22 -7.95
N ILE G 167 -37.49 -16.10 -7.49
CA ILE G 167 -38.14 -15.29 -6.47
C ILE G 167 -39.02 -14.26 -7.19
N PRO G 168 -40.34 -14.43 -7.20
CA PRO G 168 -41.17 -13.60 -8.09
C PRO G 168 -41.22 -12.13 -7.73
N LEU G 169 -40.89 -11.73 -6.51
CA LEU G 169 -40.79 -10.32 -6.13
C LEU G 169 -42.10 -9.57 -6.39
N HIS G 170 -43.10 -9.91 -5.58
CA HIS G 170 -44.40 -9.25 -5.64
C HIS G 170 -44.32 -7.88 -4.99
N GLU G 171 -45.47 -7.23 -4.83
CA GLU G 171 -45.56 -5.98 -4.10
C GLU G 171 -46.70 -6.05 -3.09
N LEU G 172 -46.64 -5.14 -2.12
CA LEU G 172 -47.59 -5.10 -1.02
C LEU G 172 -48.03 -3.64 -0.88
N ALA G 173 -49.33 -3.39 -1.02
CA ALA G 173 -49.83 -2.04 -1.17
C ALA G 173 -50.96 -1.73 -0.20
N ALA G 174 -51.07 -0.45 0.14
CA ALA G 174 -52.16 0.07 0.94
C ALA G 174 -52.44 1.51 0.52
N MET G 175 -53.70 1.91 0.59
CA MET G 175 -54.11 3.24 0.14
C MET G 175 -55.23 3.75 1.03
N PRO G 176 -54.90 4.45 2.11
CA PRO G 176 -55.93 5.05 2.95
C PRO G 176 -56.29 6.47 2.49
N LYS G 177 -57.50 6.87 2.86
CA LYS G 177 -57.99 8.21 2.56
C LYS G 177 -57.80 9.12 3.77
N ALA G 178 -57.85 10.43 3.53
CA ALA G 178 -57.52 11.36 4.59
C ALA G 178 -58.55 12.47 4.81
N SER G 179 -59.25 12.90 3.76
CA SER G 179 -60.25 13.96 3.89
C SER G 179 -59.64 15.26 4.40
N GLN G 180 -58.88 15.92 3.53
CA GLN G 180 -58.04 17.02 3.97
C GLN G 180 -58.84 18.23 4.42
N ARG G 181 -59.64 18.02 5.45
CA ARG G 181 -60.16 19.09 6.29
C ARG G 181 -60.05 18.55 7.71
N LEU G 182 -59.81 17.24 7.79
CA LEU G 182 -59.33 16.61 9.02
C LEU G 182 -57.82 16.72 9.11
N LEU G 183 -57.15 16.56 7.99
CA LEU G 183 -55.69 16.53 8.00
C LEU G 183 -55.10 17.90 8.33
N ASP G 184 -55.86 18.98 8.13
CA ASP G 184 -55.33 20.33 8.30
C ASP G 184 -55.31 20.78 9.75
N ASP G 185 -56.34 20.46 10.51
CA ASP G 185 -56.55 21.03 11.85
C ASP G 185 -56.82 19.91 12.83
N SER G 186 -55.75 19.26 13.30
CA SER G 186 -55.90 18.14 14.20
C SER G 186 -54.92 18.13 15.37
N ALA G 187 -54.05 19.13 15.48
CA ALA G 187 -53.10 19.30 16.58
C ALA G 187 -52.00 18.25 16.56
N PHE G 188 -52.03 17.29 15.64
CA PHE G 188 -50.93 16.37 15.46
C PHE G 188 -50.96 15.80 14.06
N ASP G 189 -49.88 15.14 13.68
CA ASP G 189 -49.65 14.70 12.30
C ASP G 189 -50.41 13.41 12.04
N ILE G 190 -51.38 13.46 11.14
CA ILE G 190 -51.94 12.24 10.58
C ILE G 190 -51.09 11.76 9.41
N GLU G 191 -50.41 12.68 8.73
CA GLU G 191 -49.56 12.29 7.62
C GLU G 191 -48.39 11.44 8.08
N THR G 192 -47.86 11.69 9.28
CA THR G 192 -46.83 10.82 9.82
C THR G 192 -47.41 9.68 10.65
N TRP G 193 -48.68 9.75 11.01
CA TRP G 193 -49.28 8.65 11.74
C TRP G 193 -49.68 7.53 10.79
N LEU G 194 -50.27 7.88 9.64
CA LEU G 194 -50.52 6.85 8.63
C LEU G 194 -49.22 6.26 8.14
N ALA G 195 -48.14 7.05 8.10
CA ALA G 195 -46.85 6.51 7.69
C ALA G 195 -46.33 5.52 8.71
N ASN G 196 -46.51 5.81 10.01
CA ASN G 196 -46.02 4.93 11.05
C ASN G 196 -46.82 3.64 11.15
N ARG G 197 -48.07 3.62 10.67
CA ARG G 197 -48.85 2.40 10.72
C ARG G 197 -48.73 1.60 9.43
N ILE G 198 -48.44 2.25 8.31
CA ILE G 198 -48.24 1.54 7.07
C ILE G 198 -46.85 0.92 7.03
N ALA G 199 -45.81 1.70 7.38
CA ALA G 199 -44.48 1.14 7.46
C ALA G 199 -44.39 0.06 8.52
N ASP G 200 -45.33 0.03 9.45
CA ASP G 200 -45.41 -1.03 10.45
C ASP G 200 -46.23 -2.22 9.95
N LYS G 201 -47.38 -1.95 9.34
CA LYS G 201 -48.21 -3.05 8.82
C LYS G 201 -47.49 -3.79 7.71
N PHE G 202 -46.62 -3.11 6.97
CA PHE G 202 -45.86 -3.79 5.93
C PHE G 202 -44.81 -4.69 6.54
N ALA G 203 -44.08 -4.20 7.54
CA ALA G 203 -43.11 -5.02 8.24
C ALA G 203 -43.77 -6.15 9.02
N ARG G 204 -45.08 -6.22 9.05
CA ARG G 204 -45.80 -7.29 9.73
C ARG G 204 -46.56 -8.20 8.80
N ALA G 205 -46.99 -7.72 7.63
CA ALA G 205 -47.64 -8.59 6.67
C ALA G 205 -46.62 -9.34 5.81
N GLU G 206 -45.46 -8.73 5.56
CA GLU G 206 -44.37 -9.45 4.92
C GLU G 206 -43.67 -10.39 5.87
N ALA G 207 -43.86 -10.22 7.17
CA ALA G 207 -43.25 -11.11 8.15
C ALA G 207 -44.01 -12.42 8.25
N ALA G 208 -45.31 -12.39 8.00
CA ALA G 208 -46.10 -13.61 7.99
C ALA G 208 -45.96 -14.34 6.67
N ALA G 209 -45.78 -13.60 5.58
CA ALA G 209 -45.61 -14.25 4.29
C ALA G 209 -44.30 -15.01 4.22
N PHE G 210 -43.25 -14.52 4.87
CA PHE G 210 -41.96 -15.17 4.90
C PHE G 210 -41.96 -16.46 5.69
N ILE G 211 -43.06 -16.82 6.32
CA ILE G 211 -43.13 -18.00 7.16
C ILE G 211 -44.17 -19.00 6.65
N SER G 212 -45.40 -18.53 6.44
CA SER G 212 -46.47 -19.40 5.99
C SER G 212 -47.17 -18.84 4.77
N GLY G 213 -46.64 -17.79 4.15
CA GLY G 213 -47.27 -17.26 2.97
C GLY G 213 -47.24 -18.28 1.83
N ASP G 214 -48.36 -18.41 1.14
CA ASP G 214 -48.44 -19.36 0.05
C ASP G 214 -47.74 -18.75 -1.17
N GLY G 215 -47.85 -19.40 -2.32
CA GLY G 215 -47.13 -18.95 -3.48
C GLY G 215 -47.70 -17.72 -4.14
N VAL G 216 -49.03 -17.68 -4.30
CA VAL G 216 -49.64 -16.73 -5.22
C VAL G 216 -49.57 -15.33 -4.65
N ASP G 217 -48.99 -14.42 -5.42
CA ASP G 217 -49.02 -12.98 -5.15
C ASP G 217 -48.49 -12.64 -3.76
N LYS G 218 -47.53 -13.41 -3.26
CA LYS G 218 -46.91 -13.15 -1.97
C LYS G 218 -45.75 -14.11 -1.80
N PRO G 219 -44.74 -13.79 -1.00
CA PRO G 219 -43.62 -14.71 -0.84
C PRO G 219 -44.11 -16.05 -0.29
N THR G 220 -43.46 -17.12 -0.72
CA THR G 220 -43.83 -18.46 -0.28
C THR G 220 -42.99 -18.78 0.95
N GLY G 221 -43.63 -18.82 2.10
CA GLY G 221 -42.91 -19.15 3.32
C GLY G 221 -42.33 -20.54 3.27
N PHE G 222 -41.32 -20.77 4.12
CA PHE G 222 -40.64 -22.05 4.10
C PHE G 222 -41.52 -23.19 4.59
N LEU G 223 -42.65 -22.91 5.22
CA LEU G 223 -43.52 -23.97 5.71
C LEU G 223 -44.37 -24.58 4.61
N THR G 224 -44.54 -23.90 3.49
CA THR G 224 -45.30 -24.44 2.38
C THR G 224 -44.36 -25.03 1.32
N LYS G 225 -43.54 -25.99 1.72
CA LYS G 225 -42.49 -26.53 0.85
C LYS G 225 -42.46 -28.05 0.89
N THR G 226 -43.62 -28.68 0.78
CA THR G 226 -43.77 -30.13 0.56
C THR G 226 -42.74 -30.97 1.31
N LYS G 227 -42.58 -30.67 2.59
CA LYS G 227 -41.54 -31.26 3.41
C LYS G 227 -41.68 -32.77 3.51
N VAL G 228 -40.55 -33.44 3.67
CA VAL G 228 -40.47 -34.89 3.70
C VAL G 228 -39.69 -35.30 4.93
N ALA G 229 -39.90 -36.54 5.37
CA ALA G 229 -39.23 -37.03 6.56
C ALA G 229 -37.72 -37.06 6.36
N ASN G 230 -37.00 -36.63 7.39
CA ASN G 230 -35.55 -36.60 7.31
C ASN G 230 -35.00 -38.02 7.26
N GLY G 231 -33.84 -38.17 6.66
CA GLY G 231 -33.29 -39.49 6.41
C GLY G 231 -33.66 -39.94 5.01
N ALA G 232 -34.89 -39.66 4.61
CA ALA G 232 -35.32 -39.77 3.22
C ALA G 232 -35.23 -38.43 2.51
N TRP G 233 -34.36 -37.55 2.98
CA TRP G 233 -34.32 -36.19 2.48
C TRP G 233 -33.76 -36.14 1.07
N ALA G 234 -34.45 -35.41 0.21
CA ALA G 234 -34.00 -35.07 -1.13
C ALA G 234 -33.97 -33.55 -1.24
N TRP G 235 -33.62 -33.05 -2.42
CA TRP G 235 -33.47 -31.61 -2.57
C TRP G 235 -34.81 -30.90 -2.71
N GLY G 236 -35.81 -31.55 -3.27
CA GLY G 236 -37.04 -30.85 -3.58
C GLY G 236 -37.91 -30.49 -2.40
N SER G 237 -37.45 -30.73 -1.19
CA SER G 237 -38.32 -30.60 -0.04
C SER G 237 -37.50 -30.36 1.21
N LEU G 238 -38.18 -29.93 2.26
CA LEU G 238 -37.58 -29.75 3.57
C LEU G 238 -37.60 -31.06 4.34
N GLY G 239 -36.75 -31.15 5.35
CA GLY G 239 -36.64 -32.33 6.19
C GLY G 239 -37.12 -32.02 7.59
N TYR G 240 -37.93 -32.91 8.14
CA TYR G 240 -38.44 -32.76 9.48
C TYR G 240 -38.08 -33.96 10.32
N VAL G 241 -38.03 -33.75 11.63
CA VAL G 241 -37.84 -34.84 12.58
C VAL G 241 -39.06 -34.89 13.48
N ALA G 242 -39.51 -36.09 13.77
CA ALA G 242 -40.73 -36.28 14.53
C ALA G 242 -40.42 -36.30 16.02
N THR G 243 -41.41 -35.89 16.82
CA THR G 243 -41.16 -35.77 18.25
C THR G 243 -41.50 -37.04 19.01
N GLY G 244 -42.66 -37.61 18.75
CA GLY G 244 -43.19 -38.59 19.69
C GLY G 244 -44.70 -38.52 19.72
N ALA G 245 -45.25 -38.24 20.90
CA ALA G 245 -46.70 -38.21 21.08
C ALA G 245 -47.38 -37.35 20.03
N ALA G 246 -48.66 -37.60 19.79
CA ALA G 246 -49.35 -37.08 18.62
C ALA G 246 -49.63 -35.58 18.67
N GLY G 247 -49.49 -34.94 19.83
CA GLY G 247 -49.87 -33.55 19.89
C GLY G 247 -48.95 -32.63 20.68
N ASP G 248 -47.81 -33.13 21.12
CA ASP G 248 -46.83 -32.34 21.85
C ASP G 248 -45.55 -33.16 21.93
N PHE G 249 -44.58 -32.68 22.70
CA PHE G 249 -43.36 -33.43 22.91
C PHE G 249 -43.67 -34.77 23.56
N ALA G 250 -42.83 -35.76 23.26
CA ALA G 250 -43.04 -37.09 23.79
C ALA G 250 -42.89 -37.08 25.30
N ALA G 251 -43.90 -37.58 26.01
CA ALA G 251 -43.88 -37.53 27.46
C ALA G 251 -43.19 -38.74 28.07
N VAL G 252 -42.01 -39.07 27.55
CA VAL G 252 -41.12 -40.01 28.22
C VAL G 252 -39.73 -39.39 28.35
N ASN G 253 -39.18 -38.92 27.23
CA ASN G 253 -38.00 -38.06 27.23
C ASN G 253 -38.25 -36.97 26.19
N ALA G 254 -38.84 -35.87 26.64
CA ALA G 254 -39.27 -34.83 25.71
C ALA G 254 -38.11 -34.14 25.03
N SER G 255 -36.95 -34.09 25.70
CA SER G 255 -35.83 -33.33 25.16
C SER G 255 -35.16 -34.03 23.99
N ASP G 256 -35.25 -35.35 23.91
CA ASP G 256 -34.58 -36.06 22.82
C ASP G 256 -35.10 -35.59 21.47
N ALA G 257 -36.37 -35.19 21.40
CA ALA G 257 -36.93 -34.74 20.13
C ALA G 257 -36.29 -33.44 19.68
N VAL G 258 -35.78 -32.63 20.61
CA VAL G 258 -35.16 -31.37 20.23
C VAL G 258 -33.70 -31.57 19.84
N VAL G 259 -33.01 -32.48 20.54
CA VAL G 259 -31.58 -32.63 20.31
C VAL G 259 -31.31 -33.22 18.94
N ASP G 260 -32.05 -34.25 18.56
CA ASP G 260 -31.83 -34.82 17.25
C ASP G 260 -32.31 -33.90 16.14
N LEU G 261 -33.16 -32.91 16.47
CA LEU G 261 -33.48 -31.87 15.50
C LEU G 261 -32.26 -30.99 15.24
N VAL G 262 -31.47 -30.74 16.28
CA VAL G 262 -30.27 -29.93 16.10
C VAL G 262 -29.24 -30.69 15.28
N TYR G 263 -28.99 -31.94 15.67
CA TYR G 263 -27.88 -32.74 15.07
C TYR G 263 -28.33 -33.38 13.75
N ALA G 264 -29.51 -33.05 13.26
CA ALA G 264 -29.95 -33.49 11.95
C ALA G 264 -29.67 -32.47 10.87
N LEU G 265 -29.36 -31.24 11.24
CA LEU G 265 -29.26 -30.15 10.28
C LEU G 265 -27.97 -30.17 9.47
N GLY G 266 -27.00 -30.97 9.84
CA GLY G 266 -25.73 -30.91 9.13
C GLY G 266 -24.78 -29.95 9.80
N ALA G 267 -23.52 -30.33 9.90
CA ALA G 267 -22.58 -29.62 10.75
C ALA G 267 -22.21 -28.26 10.18
N GLU G 268 -22.30 -28.09 8.87
CA GLU G 268 -21.80 -26.84 8.29
C GLU G 268 -22.78 -25.70 8.51
N TYR G 269 -24.09 -25.98 8.45
CA TYR G 269 -25.08 -24.95 8.72
C TYR G 269 -25.23 -24.68 10.21
N ARG G 270 -24.93 -25.66 11.07
CA ARG G 270 -25.08 -25.45 12.50
C ARG G 270 -24.13 -24.41 13.04
N ALA G 271 -23.17 -23.94 12.25
CA ALA G 271 -22.25 -22.91 12.72
C ALA G 271 -23.01 -21.66 13.13
N ASN G 272 -23.92 -21.20 12.29
CA ASN G 272 -24.76 -20.04 12.58
C ASN G 272 -26.18 -20.40 12.17
N ALA G 273 -26.92 -20.98 13.10
CA ALA G 273 -28.31 -21.34 12.87
C ALA G 273 -29.15 -20.73 13.98
N SER G 274 -30.44 -21.00 13.96
CA SER G 274 -31.34 -20.45 14.95
C SER G 274 -32.63 -21.26 14.96
N PHE G 275 -33.35 -21.17 16.06
CA PHE G 275 -34.68 -21.73 16.15
C PHE G 275 -35.70 -20.67 15.76
N VAL G 276 -36.85 -21.11 15.28
CA VAL G 276 -37.95 -20.23 14.92
C VAL G 276 -39.22 -20.78 15.54
N MET G 277 -39.73 -20.10 16.57
CA MET G 277 -40.95 -20.54 17.23
C MET G 277 -41.81 -19.33 17.49
N ASN G 278 -43.08 -19.56 17.79
CA ASN G 278 -43.95 -18.47 18.21
C ASN G 278 -43.90 -18.38 19.74
N SER G 279 -44.73 -17.52 20.31
CA SER G 279 -44.68 -17.31 21.75
C SER G 279 -45.14 -18.56 22.49
N LYS G 280 -46.33 -19.06 22.18
CA LYS G 280 -46.84 -20.17 22.95
C LYS G 280 -46.17 -21.50 22.61
N THR G 281 -45.20 -21.50 21.71
CA THR G 281 -44.37 -22.67 21.53
C THR G 281 -43.17 -22.64 22.44
N ALA G 282 -42.49 -21.48 22.52
CA ALA G 282 -41.43 -21.30 23.49
C ALA G 282 -41.92 -21.51 24.91
N GLY G 283 -43.22 -21.40 25.14
CA GLY G 283 -43.77 -21.83 26.41
C GLY G 283 -43.74 -23.34 26.53
N ALA G 284 -44.20 -24.04 25.49
CA ALA G 284 -44.18 -25.50 25.52
C ALA G 284 -42.78 -26.05 25.64
N VAL G 285 -41.78 -25.29 25.20
CA VAL G 285 -40.39 -25.67 25.45
C VAL G 285 -40.03 -25.42 26.91
N ARG G 286 -40.46 -24.28 27.46
CA ARG G 286 -40.16 -23.99 28.84
C ARG G 286 -40.81 -24.99 29.79
N LYS G 287 -42.00 -25.49 29.43
CA LYS G 287 -42.69 -26.45 30.29
C LYS G 287 -42.02 -27.80 30.33
N MET G 288 -40.95 -28.03 29.58
CA MET G 288 -40.32 -29.34 29.56
C MET G 288 -39.61 -29.59 30.88
N LYS G 289 -39.89 -30.72 31.51
CA LYS G 289 -39.33 -31.08 32.79
C LYS G 289 -38.69 -32.47 32.69
N ASP G 290 -37.78 -32.74 33.61
CA ASP G 290 -37.10 -34.03 33.62
C ASP G 290 -37.87 -35.02 34.51
N ALA G 291 -37.25 -36.16 34.81
CA ALA G 291 -37.92 -37.15 35.64
C ALA G 291 -38.19 -36.65 37.05
N ASP G 292 -37.49 -35.61 37.49
CA ASP G 292 -37.73 -35.06 38.82
C ASP G 292 -38.83 -34.02 38.84
N GLY G 293 -39.11 -33.38 37.71
CA GLY G 293 -40.09 -32.33 37.66
C GLY G 293 -39.52 -30.93 37.63
N ARG G 294 -38.21 -30.78 37.48
CA ARG G 294 -37.59 -29.47 37.35
C ARG G 294 -37.20 -29.23 35.90
N PHE G 295 -36.93 -27.97 35.58
CA PHE G 295 -36.87 -27.53 34.19
C PHE G 295 -35.59 -27.97 33.49
N LEU G 296 -35.72 -28.30 32.20
CA LEU G 296 -34.57 -28.54 31.35
C LEU G 296 -34.01 -27.24 30.81
N TRP G 297 -34.84 -26.45 30.16
CA TRP G 297 -34.49 -25.12 29.68
C TRP G 297 -34.90 -24.10 30.73
N ALA G 298 -34.01 -23.14 30.99
CA ALA G 298 -34.27 -22.11 32.01
C ALA G 298 -34.49 -22.74 33.38
N ASP G 299 -33.38 -23.25 33.92
CA ASP G 299 -33.36 -24.12 35.09
C ASP G 299 -34.40 -23.82 36.18
N SER G 300 -34.48 -22.58 36.66
CA SER G 300 -35.33 -22.29 37.80
C SER G 300 -36.64 -21.65 37.35
N LEU G 301 -37.59 -21.57 38.29
CA LEU G 301 -38.83 -20.87 38.00
C LEU G 301 -38.58 -19.39 37.76
N ALA G 302 -37.63 -18.81 38.48
CA ALA G 302 -37.17 -17.48 38.14
C ALA G 302 -36.31 -17.53 36.88
N ALA G 303 -35.82 -16.37 36.45
CA ALA G 303 -34.77 -16.30 35.44
C ALA G 303 -35.18 -17.00 34.14
N GLY G 304 -36.11 -16.37 33.42
CA GLY G 304 -36.58 -16.94 32.19
C GLY G 304 -35.77 -16.51 30.97
N GLU G 305 -36.09 -17.15 29.84
CA GLU G 305 -35.53 -16.84 28.52
C GLU G 305 -34.02 -16.89 28.51
N PRO G 306 -33.42 -18.08 28.57
CA PRO G 306 -31.96 -18.18 28.50
C PRO G 306 -31.34 -17.61 27.23
N ALA G 307 -32.14 -17.23 26.24
CA ALA G 307 -31.68 -16.63 25.00
C ALA G 307 -30.82 -17.59 24.18
N ARG G 308 -30.79 -18.86 24.56
CA ARG G 308 -30.05 -19.89 23.84
C ARG G 308 -30.81 -21.19 24.00
N LEU G 309 -31.27 -21.77 22.91
CA LEU G 309 -31.88 -23.10 22.95
C LEU G 309 -30.84 -24.05 22.39
N MET G 310 -30.15 -24.75 23.30
CA MET G 310 -29.10 -25.69 22.95
C MET G 310 -27.95 -24.98 22.22
N GLY G 311 -27.58 -23.81 22.71
CA GLY G 311 -26.46 -23.07 22.18
C GLY G 311 -26.75 -22.18 20.99
N TYR G 312 -27.98 -22.19 20.47
CA TYR G 312 -28.29 -21.43 19.28
C TYR G 312 -29.35 -20.39 19.58
N PRO G 313 -29.32 -19.25 18.88
CA PRO G 313 -30.29 -18.20 19.16
C PRO G 313 -31.72 -18.67 18.92
N VAL G 314 -32.66 -17.93 19.46
CA VAL G 314 -34.08 -18.21 19.31
C VAL G 314 -34.73 -16.99 18.71
N LEU G 315 -35.54 -17.19 17.67
CA LEU G 315 -36.34 -16.14 17.06
C LEU G 315 -37.79 -16.43 17.37
N ILE G 316 -38.42 -15.58 18.16
CA ILE G 316 -39.82 -15.77 18.54
C ILE G 316 -40.64 -15.11 17.44
N ALA G 317 -40.89 -15.86 16.36
CA ALA G 317 -41.61 -15.37 15.19
C ALA G 317 -43.06 -15.79 15.34
N GLU G 318 -43.91 -14.83 15.71
CA GLU G 318 -45.29 -15.09 16.11
C GLU G 318 -46.16 -15.60 14.97
N ASP G 319 -45.60 -15.79 13.78
CA ASP G 319 -46.35 -16.30 12.65
C ASP G 319 -46.15 -17.79 12.42
N MET G 320 -45.34 -18.44 13.26
CA MET G 320 -45.20 -19.88 13.19
C MET G 320 -46.47 -20.54 13.72
N PRO G 321 -46.82 -21.71 13.22
CA PRO G 321 -48.02 -22.38 13.72
C PRO G 321 -47.79 -22.90 15.12
N ASP G 322 -48.83 -22.79 15.95
CA ASP G 322 -48.73 -23.31 17.30
C ASP G 322 -48.87 -24.83 17.26
N ILE G 323 -48.67 -25.46 18.42
CA ILE G 323 -48.54 -26.91 18.47
C ILE G 323 -49.90 -27.55 18.26
N ALA G 324 -50.16 -27.98 17.04
CA ALA G 324 -51.34 -28.73 16.68
C ALA G 324 -50.96 -30.21 16.55
N ALA G 325 -51.89 -31.02 16.02
CA ALA G 325 -51.64 -32.45 15.90
C ALA G 325 -50.41 -32.74 15.05
N ASN G 326 -50.41 -32.30 13.79
CA ASN G 326 -49.29 -32.54 12.89
C ASN G 326 -48.64 -31.25 12.44
N ALA G 327 -48.63 -30.23 13.29
CA ALA G 327 -48.06 -28.96 12.92
C ALA G 327 -46.55 -28.95 13.13
N TYR G 328 -45.87 -28.12 12.34
CA TYR G 328 -44.43 -27.98 12.40
C TYR G 328 -44.16 -26.67 13.14
N ALA G 329 -44.18 -26.76 14.47
CA ALA G 329 -44.15 -25.56 15.28
C ALA G 329 -42.76 -25.01 15.53
N ILE G 330 -41.72 -25.86 15.47
CA ILE G 330 -40.34 -25.43 15.68
C ILE G 330 -39.56 -25.75 14.43
N ALA G 331 -38.85 -24.77 13.91
CA ALA G 331 -38.02 -24.94 12.73
C ALA G 331 -36.62 -24.45 13.06
N PHE G 332 -35.67 -25.36 13.07
CA PHE G 332 -34.28 -25.04 13.33
C PHE G 332 -33.54 -25.03 12.00
N GLY G 333 -32.86 -23.94 11.70
CA GLY G 333 -32.20 -23.85 10.42
C GLY G 333 -31.30 -22.64 10.34
N ASP G 334 -30.36 -22.72 9.39
CA ASP G 334 -29.52 -21.58 9.04
C ASP G 334 -30.27 -20.78 8.00
N PHE G 335 -31.13 -19.88 8.46
CA PHE G 335 -31.94 -19.13 7.52
C PHE G 335 -31.15 -18.09 6.76
N GLY G 336 -29.92 -17.81 7.16
CA GLY G 336 -29.07 -16.97 6.34
C GLY G 336 -28.77 -17.59 4.99
N ASN G 337 -28.68 -18.92 4.93
CA ASN G 337 -28.50 -19.62 3.68
C ASN G 337 -29.77 -20.26 3.18
N GLY G 338 -30.72 -20.57 4.06
CA GLY G 338 -31.94 -21.21 3.65
C GLY G 338 -32.90 -20.29 2.95
N TYR G 339 -33.34 -19.24 3.64
CA TYR G 339 -34.36 -18.35 3.11
C TYR G 339 -33.71 -17.11 2.51
N THR G 340 -34.03 -16.83 1.25
CA THR G 340 -33.52 -15.67 0.55
C THR G 340 -34.66 -14.68 0.34
N ILE G 341 -34.51 -13.48 0.88
CA ILE G 341 -35.51 -12.43 0.78
C ILE G 341 -35.04 -11.47 -0.30
N ALA G 342 -35.73 -11.47 -1.44
CA ALA G 342 -35.47 -10.52 -2.50
C ALA G 342 -36.44 -9.37 -2.35
N GLU G 343 -35.92 -8.16 -2.40
CA GLU G 343 -36.77 -7.00 -2.14
C GLU G 343 -36.12 -5.77 -2.74
N ARG G 344 -36.91 -4.70 -2.82
CA ARG G 344 -36.41 -3.38 -3.15
C ARG G 344 -36.47 -2.54 -1.89
N PRO G 345 -35.37 -1.98 -1.45
CA PRO G 345 -35.26 -1.41 -0.10
C PRO G 345 -35.77 0.02 0.01
N ASP G 346 -37.00 0.26 -0.42
CA ASP G 346 -37.61 1.58 -0.36
C ASP G 346 -39.12 1.42 -0.41
N LEU G 347 -39.81 2.18 0.43
CA LEU G 347 -41.26 2.16 0.54
C LEU G 347 -41.79 3.40 -0.16
N ARG G 348 -42.11 3.28 -1.44
CA ARG G 348 -42.47 4.45 -2.22
C ARG G 348 -43.89 4.90 -1.89
N VAL G 349 -44.05 6.19 -1.65
CA VAL G 349 -45.32 6.79 -1.25
C VAL G 349 -45.75 7.78 -2.32
N LEU G 350 -47.06 7.93 -2.48
CA LEU G 350 -47.62 8.84 -3.48
C LEU G 350 -48.93 9.36 -2.92
N ARG G 351 -48.90 10.52 -2.27
CA ARG G 351 -50.12 11.13 -1.79
C ARG G 351 -50.82 11.84 -2.94
N ASP G 352 -52.14 11.71 -2.97
CA ASP G 352 -52.95 11.93 -4.16
C ASP G 352 -54.00 13.01 -3.92
N PRO G 353 -53.60 14.28 -3.86
CA PRO G 353 -54.60 15.34 -3.65
C PRO G 353 -55.52 15.54 -4.83
N PHE G 354 -55.42 14.74 -5.90
CA PHE G 354 -56.14 15.02 -7.13
C PHE G 354 -57.30 14.06 -7.42
N SER G 355 -57.16 12.76 -7.17
CA SER G 355 -58.20 11.83 -7.59
C SER G 355 -59.48 12.06 -6.81
N ALA G 356 -59.43 11.89 -5.49
CA ALA G 356 -60.57 12.18 -4.62
C ALA G 356 -60.38 13.60 -4.13
N LYS G 357 -61.11 14.54 -4.74
CA LYS G 357 -60.79 15.95 -4.58
C LYS G 357 -60.87 16.46 -3.15
N PRO G 358 -61.90 16.15 -2.35
CA PRO G 358 -61.89 16.59 -0.96
C PRO G 358 -61.07 15.72 -0.02
N HIS G 359 -60.36 14.72 -0.53
CA HIS G 359 -59.53 13.84 0.29
C HIS G 359 -58.10 13.86 -0.24
N VAL G 360 -57.23 13.10 0.41
CA VAL G 360 -55.81 13.09 0.07
C VAL G 360 -55.36 11.73 -0.48
N LEU G 361 -55.92 10.63 0.02
CA LEU G 361 -55.74 9.33 -0.60
C LEU G 361 -54.27 8.93 -0.69
N PHE G 362 -53.65 8.76 0.48
CA PHE G 362 -52.27 8.31 0.56
C PHE G 362 -52.15 6.93 -0.04
N TYR G 363 -51.05 6.68 -0.75
CA TYR G 363 -50.82 5.39 -1.39
C TYR G 363 -49.37 4.97 -1.12
N ALA G 364 -49.22 3.85 -0.41
CA ALA G 364 -47.91 3.31 -0.09
C ALA G 364 -47.80 1.88 -0.58
N SER G 365 -46.64 1.53 -1.13
CA SER G 365 -46.42 0.21 -1.69
C SER G 365 -44.94 -0.13 -1.53
N LYS G 366 -44.66 -1.39 -1.22
CA LYS G 366 -43.29 -1.88 -1.19
C LYS G 366 -43.24 -3.24 -1.85
N ARG G 367 -42.13 -3.52 -2.52
CA ARG G 367 -41.96 -4.75 -3.28
C ARG G 367 -41.04 -5.70 -2.53
N VAL G 368 -41.48 -6.94 -2.39
CA VAL G 368 -40.75 -7.93 -1.61
C VAL G 368 -41.09 -9.31 -2.15
N GLY G 369 -40.21 -10.27 -1.90
CA GLY G 369 -40.45 -11.63 -2.30
C GLY G 369 -39.40 -12.55 -1.71
N GLY G 370 -39.69 -13.85 -1.73
CA GLY G 370 -38.69 -14.80 -1.27
C GLY G 370 -39.18 -16.17 -0.86
N ASP G 371 -38.40 -17.21 -1.15
CA ASP G 371 -38.67 -18.54 -0.63
C ASP G 371 -37.34 -19.18 -0.26
N VAL G 372 -37.38 -20.47 0.07
CA VAL G 372 -36.17 -21.19 0.44
C VAL G 372 -35.27 -21.35 -0.77
N SER G 373 -34.05 -20.87 -0.67
CA SER G 373 -33.06 -21.09 -1.71
C SER G 373 -32.23 -22.34 -1.45
N ASP G 374 -32.12 -22.79 -0.22
CA ASP G 374 -31.34 -23.97 0.15
C ASP G 374 -32.21 -24.88 0.99
N PHE G 375 -32.68 -25.97 0.40
CA PHE G 375 -33.53 -26.90 1.13
C PHE G 375 -32.77 -27.69 2.18
N ALA G 376 -31.45 -27.61 2.21
CA ALA G 376 -30.67 -28.32 3.21
C ALA G 376 -30.51 -27.51 4.49
N ALA G 377 -30.66 -26.19 4.43
CA ALA G 377 -30.32 -25.32 5.54
C ALA G 377 -31.46 -25.13 6.51
N ILE G 378 -32.56 -25.86 6.37
CA ILE G 378 -33.71 -25.71 7.24
C ILE G 378 -34.23 -27.09 7.59
N LYS G 379 -34.45 -27.33 8.87
CA LYS G 379 -35.08 -28.55 9.34
C LYS G 379 -36.27 -28.18 10.19
N LEU G 380 -37.25 -29.06 10.26
CA LEU G 380 -38.50 -28.78 10.94
C LEU G 380 -38.73 -29.82 12.03
N LEU G 381 -39.56 -29.45 13.00
CA LEU G 381 -39.95 -30.34 14.09
C LEU G 381 -41.45 -30.60 13.99
N LYS G 382 -41.82 -31.83 13.65
CA LYS G 382 -43.20 -32.21 13.46
C LYS G 382 -43.67 -32.96 14.69
N PHE G 383 -44.89 -32.66 15.14
CA PHE G 383 -45.40 -33.21 16.39
C PHE G 383 -46.32 -34.41 16.18
N ALA G 384 -46.13 -35.15 15.08
CA ALA G 384 -47.02 -36.27 14.82
C ALA G 384 -46.59 -37.54 15.53
N ALA G 385 -45.45 -38.10 15.15
CA ALA G 385 -45.05 -39.43 15.61
C ALA G 385 -43.74 -39.86 14.97
N ALA H 89 7.10 -36.60 107.34
CA ALA H 89 7.38 -35.91 106.09
C ALA H 89 7.62 -36.91 104.98
N LEU H 90 7.14 -38.13 105.16
CA LEU H 90 7.21 -39.13 104.12
C LEU H 90 6.16 -38.82 103.06
N ASN H 91 5.83 -39.81 102.24
CA ASN H 91 4.94 -39.63 101.11
C ASN H 91 3.68 -38.87 101.49
N SER H 92 3.11 -38.18 100.52
CA SER H 92 1.83 -37.50 100.67
C SER H 92 0.68 -38.39 100.24
N ALA H 93 0.66 -39.62 100.73
CA ALA H 93 -0.34 -40.58 100.33
C ALA H 93 -1.11 -41.15 101.50
N VAL H 94 -0.48 -41.35 102.65
CA VAL H 94 -1.14 -41.90 103.81
C VAL H 94 -1.45 -40.79 104.80
N ALA H 95 -2.47 -41.02 105.62
CA ALA H 95 -2.94 -40.00 106.53
C ALA H 95 -1.87 -39.58 107.51
N ALA H 96 -1.44 -40.50 108.38
CA ALA H 96 -0.53 -40.12 109.46
C ALA H 96 0.90 -40.03 108.95
N GLU H 97 1.06 -39.33 107.84
CA GLU H 97 2.33 -38.93 107.26
C GLU H 97 2.04 -37.65 106.50
N GLY H 98 2.89 -37.31 105.54
CA GLY H 98 2.69 -36.07 104.80
C GLY H 98 1.31 -35.87 104.19
N GLY H 99 0.47 -36.91 104.19
CA GLY H 99 -0.81 -36.84 103.53
C GLY H 99 -1.80 -35.88 104.16
N TYR H 100 -1.50 -35.32 105.32
CA TYR H 100 -2.41 -34.39 105.98
C TYR H 100 -2.20 -32.95 105.57
N LEU H 101 -1.01 -32.60 105.11
CA LEU H 101 -0.65 -31.22 104.78
C LEU H 101 -0.59 -30.96 103.29
N VAL H 102 -1.54 -31.48 102.52
CA VAL H 102 -1.59 -31.31 101.07
C VAL H 102 -2.62 -30.27 100.64
N ASP H 103 -3.84 -30.32 101.20
CA ASP H 103 -4.82 -29.24 101.10
C ASP H 103 -5.15 -28.79 99.66
N PRO H 104 -6.00 -29.52 98.95
CA PRO H 104 -6.28 -29.20 97.54
C PRO H 104 -6.78 -27.78 97.34
N GLN H 105 -6.59 -27.28 96.10
CA GLN H 105 -7.11 -25.99 95.68
C GLN H 105 -8.64 -26.03 95.58
N THR H 106 -9.24 -24.86 95.34
CA THR H 106 -10.69 -24.79 95.49
C THR H 106 -11.39 -24.04 94.35
N SER H 107 -10.70 -23.77 93.24
CA SER H 107 -11.37 -23.27 92.03
C SER H 107 -12.12 -21.97 92.31
N GLU H 108 -11.35 -20.90 92.48
CA GLU H 108 -11.80 -19.64 93.08
C GLU H 108 -13.23 -19.24 92.78
N THR H 109 -13.75 -19.52 91.59
CA THR H 109 -15.13 -19.16 91.26
C THR H 109 -16.00 -20.41 91.27
N ILE H 110 -17.22 -20.26 91.75
CA ILE H 110 -18.19 -21.34 91.73
C ILE H 110 -19.01 -21.27 90.45
N ARG H 111 -18.78 -22.22 89.56
CA ARG H 111 -19.38 -22.24 88.24
C ARG H 111 -20.65 -23.07 88.27
N GLY H 112 -21.58 -22.77 87.35
CA GLY H 112 -22.84 -23.45 87.31
C GLY H 112 -23.15 -23.97 85.91
N VAL H 113 -24.23 -24.73 85.82
CA VAL H 113 -24.64 -25.26 84.52
C VAL H 113 -25.20 -24.11 83.70
N LEU H 114 -24.80 -24.06 82.43
CA LEU H 114 -25.25 -23.01 81.52
C LEU H 114 -26.60 -23.36 80.91
N ARG H 115 -27.52 -22.41 80.94
CA ARG H 115 -28.85 -22.58 80.38
C ARG H 115 -29.08 -21.44 79.39
N SER H 116 -29.89 -21.72 78.37
CA SER H 116 -30.03 -20.76 77.29
C SER H 116 -30.68 -19.48 77.77
N THR H 117 -30.27 -18.36 77.18
CA THR H 117 -30.75 -17.05 77.54
C THR H 117 -31.61 -16.41 76.46
N ALA H 118 -32.05 -17.18 75.46
CA ALA H 118 -32.98 -16.66 74.48
C ALA H 118 -34.35 -16.59 75.10
N SER H 119 -34.93 -15.39 75.13
CA SER H 119 -36.08 -15.13 75.97
C SER H 119 -37.24 -14.41 75.32
N LEU H 120 -37.23 -14.14 74.02
CA LEU H 120 -38.31 -13.41 73.35
C LEU H 120 -38.34 -11.96 73.81
N ARG H 121 -37.49 -11.58 74.75
CA ARG H 121 -37.34 -10.17 75.10
C ARG H 121 -36.49 -9.47 74.06
N GLN H 122 -35.84 -10.23 73.19
CA GLN H 122 -35.02 -9.66 72.13
C GLN H 122 -35.84 -9.19 70.95
N ILE H 123 -37.01 -9.79 70.71
CA ILE H 123 -37.82 -9.41 69.58
C ILE H 123 -39.07 -8.64 69.99
N ALA H 124 -39.57 -8.89 71.19
CA ALA H 124 -40.75 -8.16 71.63
C ALA H 124 -40.39 -6.73 71.99
N SER H 125 -41.41 -5.95 72.35
CA SER H 125 -41.25 -4.54 72.64
C SER H 125 -41.38 -4.32 74.14
N VAL H 126 -40.31 -3.85 74.77
CA VAL H 126 -40.32 -3.60 76.20
C VAL H 126 -40.56 -2.11 76.43
N VAL H 127 -41.28 -1.78 77.51
CA VAL H 127 -41.53 -0.40 77.90
C VAL H 127 -41.23 -0.30 79.38
N ASN H 128 -40.81 0.88 79.83
CA ASN H 128 -40.52 1.07 81.24
C ASN H 128 -41.69 1.74 81.93
N VAL H 129 -42.60 0.94 82.50
CA VAL H 129 -43.77 1.52 83.16
C VAL H 129 -43.62 1.44 84.67
N GLU H 130 -43.76 2.57 85.34
CA GLU H 130 -43.84 2.62 86.80
C GLU H 130 -45.30 2.87 87.19
N ALA H 131 -46.12 1.83 87.04
CA ALA H 131 -47.53 1.94 87.37
C ALA H 131 -48.02 0.55 87.75
N THR H 132 -49.35 0.42 87.88
CA THR H 132 -49.90 -0.87 88.22
C THR H 132 -50.24 -1.71 87.01
N SER H 133 -50.26 -1.11 85.83
CA SER H 133 -50.60 -1.84 84.61
C SER H 133 -50.18 -1.00 83.42
N PHE H 134 -50.48 -1.52 82.24
CA PHE H 134 -50.24 -0.84 80.98
C PHE H 134 -51.39 -1.11 80.05
N ASP H 135 -51.83 -0.09 79.35
CA ASP H 135 -52.90 -0.20 78.38
C ASP H 135 -52.36 0.07 76.99
N VAL H 136 -52.97 -0.53 75.99
CA VAL H 136 -52.64 -0.22 74.61
C VAL H 136 -53.94 0.04 73.86
N LEU H 137 -53.98 1.11 73.11
CA LEU H 137 -55.18 1.51 72.40
C LEU H 137 -54.97 1.19 70.93
N VAL H 138 -55.68 0.18 70.44
CA VAL H 138 -55.49 -0.31 69.09
C VAL H 138 -56.67 0.15 68.23
N ASP H 139 -56.50 0.04 66.93
CA ASP H 139 -57.57 0.30 65.96
C ASP H 139 -57.97 -1.06 65.40
N LYS H 140 -58.88 -1.73 66.07
CA LYS H 140 -59.29 -3.04 65.56
C LYS H 140 -59.97 -2.98 64.21
N THR H 141 -60.55 -1.85 63.82
CA THR H 141 -61.10 -1.68 62.48
C THR H 141 -60.52 -0.42 61.86
N ASP H 142 -60.99 -0.09 60.66
CA ASP H 142 -60.49 1.09 59.95
C ASP H 142 -61.65 1.98 59.52
N MET H 143 -61.29 3.06 58.84
CA MET H 143 -62.25 4.08 58.43
C MET H 143 -63.09 3.62 57.25
N GLY H 144 -63.87 4.55 56.70
CA GLY H 144 -64.62 4.35 55.50
C GLY H 144 -64.41 5.47 54.52
N SER H 145 -64.47 5.15 53.23
CA SER H 145 -64.36 6.12 52.16
C SER H 145 -65.65 6.09 51.37
N GLY H 146 -65.94 7.19 50.67
CA GLY H 146 -67.23 7.34 50.05
C GLY H 146 -67.28 7.23 48.55
N TRP H 147 -66.21 7.66 47.87
CA TRP H 147 -66.25 7.91 46.44
C TRP H 147 -67.40 8.86 46.11
N ALA H 148 -67.29 10.07 46.62
CA ALA H 148 -68.38 11.04 46.56
C ALA H 148 -68.60 11.55 45.14
N SER H 149 -69.82 12.00 44.87
CA SER H 149 -70.23 12.45 43.56
C SER H 149 -70.12 13.98 43.45
N GLU H 150 -70.65 14.53 42.36
CA GLU H 150 -70.56 15.96 42.10
C GLU H 150 -71.40 16.75 43.10
N THR H 151 -72.67 16.37 43.23
CA THR H 151 -73.62 17.03 44.13
C THR H 151 -74.26 16.00 45.05
N ALA H 152 -73.44 15.16 45.65
CA ALA H 152 -73.94 14.05 46.44
C ALA H 152 -74.18 14.38 47.90
N ALA H 153 -73.51 15.39 48.43
CA ALA H 153 -73.57 15.70 49.87
C ALA H 153 -73.21 14.45 50.68
N LEU H 154 -71.94 14.05 50.55
CA LEU H 154 -71.46 12.78 51.09
C LEU H 154 -71.89 12.58 52.53
N SER H 155 -72.38 11.38 52.82
CA SER H 155 -72.72 11.02 54.19
C SER H 155 -71.47 11.00 55.06
N GLU H 156 -71.68 10.99 56.36
CA GLU H 156 -70.57 10.84 57.30
C GLU H 156 -70.10 9.39 57.29
N THR H 157 -68.82 9.20 57.03
CA THR H 157 -68.27 7.86 56.87
C THR H 157 -68.08 7.21 58.23
N ALA H 158 -67.60 5.96 58.21
CA ALA H 158 -67.32 5.25 59.45
C ALA H 158 -66.05 5.80 60.08
N THR H 159 -65.67 5.20 61.21
CA THR H 159 -64.57 5.67 62.02
C THR H 159 -64.08 4.45 62.79
N PRO H 160 -62.78 4.27 62.96
CA PRO H 160 -62.31 3.04 63.59
C PRO H 160 -62.69 2.99 65.05
N GLN H 161 -63.16 1.83 65.48
CA GLN H 161 -63.47 1.63 66.89
C GLN H 161 -62.21 1.19 67.63
N ILE H 162 -62.10 1.64 68.86
CA ILE H 162 -60.85 1.56 69.62
C ILE H 162 -60.99 0.52 70.72
N ASP H 163 -59.95 -0.26 70.93
CA ASP H 163 -59.94 -1.30 71.95
C ASP H 163 -58.75 -1.08 72.87
N ARG H 164 -58.98 -1.22 74.17
CA ARG H 164 -57.93 -1.06 75.16
C ARG H 164 -57.56 -2.42 75.72
N ILE H 165 -56.27 -2.73 75.71
CA ILE H 165 -55.75 -4.00 76.20
C ILE H 165 -54.87 -3.70 77.41
N THR H 166 -55.16 -4.34 78.53
CA THR H 166 -54.48 -4.04 79.78
C THR H 166 -53.38 -5.05 80.08
N ILE H 167 -52.28 -4.56 80.65
CA ILE H 167 -51.11 -5.36 81.00
C ILE H 167 -50.91 -5.33 82.51
N PRO H 168 -51.44 -6.28 83.26
CA PRO H 168 -51.51 -6.13 84.72
C PRO H 168 -50.18 -5.93 85.44
N LEU H 169 -49.03 -6.18 84.81
CA LEU H 169 -47.72 -5.90 85.40
C LEU H 169 -47.54 -6.62 86.75
N HIS H 170 -47.44 -7.95 86.67
CA HIS H 170 -47.26 -8.77 87.86
C HIS H 170 -45.81 -8.69 88.34
N GLU H 171 -45.49 -9.49 89.36
CA GLU H 171 -44.15 -9.50 89.92
C GLU H 171 -43.65 -10.93 90.11
N LEU H 172 -42.32 -11.05 90.18
CA LEU H 172 -41.62 -12.33 90.19
C LEU H 172 -40.68 -12.33 91.38
N ALA H 173 -40.89 -13.23 92.33
CA ALA H 173 -40.19 -13.17 93.61
C ALA H 173 -39.31 -14.39 93.82
N ALA H 174 -38.10 -14.18 94.31
CA ALA H 174 -37.22 -15.28 94.70
C ALA H 174 -36.70 -14.99 96.10
N MET H 175 -36.89 -15.93 97.01
CA MET H 175 -36.48 -15.79 98.40
C MET H 175 -35.70 -17.01 98.84
N PRO H 176 -34.41 -17.06 98.54
CA PRO H 176 -33.57 -18.16 99.02
C PRO H 176 -33.05 -17.89 100.43
N LYS H 177 -32.77 -18.96 101.14
CA LYS H 177 -32.25 -18.90 102.50
C LYS H 177 -30.74 -19.04 102.48
N ALA H 178 -30.09 -18.61 103.57
CA ALA H 178 -28.64 -18.43 103.55
C ALA H 178 -27.87 -19.00 104.73
N SER H 179 -28.47 -19.12 105.92
CA SER H 179 -27.80 -19.76 107.06
C SER H 179 -26.50 -19.04 107.41
N GLN H 180 -26.66 -17.88 108.03
CA GLN H 180 -25.63 -16.87 108.26
C GLN H 180 -24.23 -17.44 108.51
N ARG H 181 -24.14 -18.56 109.23
CA ARG H 181 -22.84 -19.21 109.40
C ARG H 181 -22.13 -19.38 108.07
N LEU H 182 -22.84 -19.95 107.09
CA LEU H 182 -22.23 -20.20 105.80
C LEU H 182 -21.71 -18.92 105.16
N LEU H 183 -22.46 -17.83 105.28
CA LEU H 183 -22.06 -16.61 104.61
C LEU H 183 -20.75 -16.08 105.16
N ASP H 184 -20.59 -16.08 106.49
CA ASP H 184 -19.45 -15.43 107.11
C ASP H 184 -18.17 -16.22 106.98
N ASP H 185 -18.25 -17.53 106.79
CA ASP H 185 -17.07 -18.36 106.75
C ASP H 185 -16.82 -19.03 105.41
N SER H 186 -17.68 -18.83 104.43
CA SER H 186 -17.42 -19.40 103.11
C SER H 186 -16.33 -18.60 102.41
N ALA H 187 -15.42 -19.30 101.74
CA ALA H 187 -14.37 -18.62 101.00
C ALA H 187 -14.90 -17.87 99.80
N PHE H 188 -16.06 -18.27 99.27
CA PHE H 188 -16.69 -17.59 98.16
C PHE H 188 -17.64 -16.52 98.67
N ASP H 189 -17.83 -15.48 97.87
CA ASP H 189 -18.81 -14.47 98.21
C ASP H 189 -20.16 -15.02 97.79
N ILE H 190 -20.85 -15.67 98.73
CA ILE H 190 -22.13 -16.28 98.43
C ILE H 190 -23.16 -15.22 98.09
N GLU H 191 -23.10 -14.06 98.74
CA GLU H 191 -24.09 -13.02 98.51
C GLU H 191 -24.12 -12.61 97.04
N THR H 192 -22.97 -12.34 96.45
CA THR H 192 -22.94 -11.93 95.06
C THR H 192 -23.12 -13.10 94.11
N TRP H 193 -23.03 -14.33 94.60
CA TRP H 193 -23.33 -15.47 93.75
C TRP H 193 -24.83 -15.74 93.71
N LEU H 194 -25.53 -15.53 94.83
CA LEU H 194 -26.98 -15.65 94.81
C LEU H 194 -27.59 -14.62 93.87
N ALA H 195 -27.23 -13.34 94.04
CA ALA H 195 -27.80 -12.31 93.19
C ALA H 195 -27.46 -12.53 91.73
N ASN H 196 -26.40 -13.28 91.46
CA ASN H 196 -26.09 -13.65 90.08
C ASN H 196 -26.98 -14.77 89.60
N ARG H 197 -27.24 -15.75 90.45
CA ARG H 197 -28.09 -16.86 90.03
C ARG H 197 -29.57 -16.51 90.11
N ILE H 198 -29.90 -15.41 90.80
CA ILE H 198 -31.28 -14.96 90.81
C ILE H 198 -31.59 -14.17 89.55
N ALA H 199 -30.73 -13.20 89.23
CA ALA H 199 -30.91 -12.42 88.01
C ALA H 199 -30.90 -13.30 86.78
N ASP H 200 -30.19 -14.42 86.83
CA ASP H 200 -30.22 -15.37 85.72
C ASP H 200 -31.52 -16.14 85.70
N LYS H 201 -32.04 -16.52 86.86
CA LYS H 201 -33.28 -17.28 86.88
C LYS H 201 -34.46 -16.37 86.52
N PHE H 202 -34.41 -15.10 86.90
CA PHE H 202 -35.49 -14.20 86.58
C PHE H 202 -35.55 -13.95 85.08
N ALA H 203 -34.40 -13.70 84.45
CA ALA H 203 -34.37 -13.55 83.01
C ALA H 203 -34.75 -14.84 82.29
N ARG H 204 -34.84 -15.95 83.00
CA ARG H 204 -35.22 -17.22 82.41
C ARG H 204 -36.58 -17.71 82.86
N ALA H 205 -37.08 -17.19 83.99
CA ALA H 205 -38.42 -17.51 84.48
C ALA H 205 -39.49 -16.64 83.86
N GLU H 206 -39.17 -15.37 83.58
CA GLU H 206 -40.09 -14.51 82.88
C GLU H 206 -40.05 -14.76 81.38
N ALA H 207 -39.00 -15.42 80.89
CA ALA H 207 -38.94 -15.82 79.50
C ALA H 207 -39.97 -16.88 79.17
N ALA H 208 -40.32 -17.72 80.14
CA ALA H 208 -41.29 -18.78 79.90
C ALA H 208 -42.72 -18.26 80.06
N ALA H 209 -42.93 -17.28 80.93
CA ALA H 209 -44.26 -16.70 81.06
C ALA H 209 -44.62 -15.87 79.85
N PHE H 210 -43.61 -15.32 79.17
CA PHE H 210 -43.85 -14.56 77.96
C PHE H 210 -44.40 -15.42 76.84
N ILE H 211 -44.33 -16.74 76.98
CA ILE H 211 -44.77 -17.66 75.94
C ILE H 211 -45.94 -18.49 76.42
N SER H 212 -45.75 -19.27 77.47
CA SER H 212 -46.81 -20.15 77.95
C SER H 212 -47.28 -19.78 79.35
N GLY H 213 -47.31 -18.50 79.70
CA GLY H 213 -47.85 -18.11 80.98
C GLY H 213 -49.33 -17.87 80.91
N ASP H 214 -50.02 -18.14 82.01
CA ASP H 214 -51.45 -17.89 82.09
C ASP H 214 -51.68 -16.52 82.71
N GLY H 215 -52.91 -16.24 83.12
CA GLY H 215 -53.23 -14.90 83.59
C GLY H 215 -52.95 -14.66 85.06
N VAL H 216 -52.99 -15.70 85.88
CA VAL H 216 -52.90 -15.53 87.32
C VAL H 216 -51.48 -15.11 87.72
N ASP H 217 -51.35 -13.86 88.16
CA ASP H 217 -50.14 -13.31 88.76
C ASP H 217 -48.92 -13.44 87.87
N LYS H 218 -49.10 -13.68 86.57
CA LYS H 218 -47.95 -13.85 85.69
C LYS H 218 -48.34 -13.44 84.29
N PRO H 219 -47.39 -12.97 83.48
CA PRO H 219 -47.70 -12.54 82.11
C PRO H 219 -48.30 -13.67 81.29
N THR H 220 -49.36 -13.35 80.54
CA THR H 220 -50.01 -14.33 79.69
C THR H 220 -49.27 -14.37 78.36
N GLY H 221 -48.58 -15.47 78.11
CA GLY H 221 -47.88 -15.62 76.86
C GLY H 221 -48.83 -15.73 75.69
N PHE H 222 -48.27 -15.62 74.49
CA PHE H 222 -49.12 -15.61 73.32
C PHE H 222 -49.78 -16.94 73.06
N LEU H 223 -49.28 -18.02 73.65
CA LEU H 223 -49.87 -19.33 73.40
C LEU H 223 -51.21 -19.51 74.10
N THR H 224 -51.45 -18.78 75.18
CA THR H 224 -52.72 -18.86 75.91
C THR H 224 -53.70 -17.78 75.45
N LYS H 225 -53.98 -17.68 74.15
CA LYS H 225 -54.76 -16.58 73.61
C LYS H 225 -55.85 -17.08 72.68
N THR H 226 -56.61 -18.07 73.12
CA THR H 226 -57.77 -18.63 72.43
C THR H 226 -57.56 -18.72 70.91
N LYS H 227 -56.61 -19.57 70.53
CA LYS H 227 -56.25 -19.73 69.13
C LYS H 227 -57.46 -20.15 68.29
N VAL H 228 -57.55 -19.58 67.09
CA VAL H 228 -58.62 -19.91 66.15
C VAL H 228 -57.96 -20.18 64.81
N ALA H 229 -58.56 -21.09 64.04
CA ALA H 229 -57.99 -21.43 62.74
C ALA H 229 -57.96 -20.23 61.84
N ASN H 230 -56.87 -20.07 61.10
CA ASN H 230 -56.72 -18.94 60.21
C ASN H 230 -57.73 -19.02 59.08
N GLY H 231 -57.98 -17.88 58.45
CA GLY H 231 -59.05 -17.79 57.47
C GLY H 231 -60.35 -17.47 58.17
N ALA H 232 -60.46 -17.91 59.43
CA ALA H 232 -61.54 -17.51 60.32
C ALA H 232 -61.03 -16.59 61.41
N TRP H 233 -59.97 -15.84 61.13
CA TRP H 233 -59.31 -15.06 62.15
C TRP H 233 -60.15 -13.85 62.53
N ALA H 234 -60.30 -13.65 63.83
CA ALA H 234 -61.01 -12.50 64.39
C ALA H 234 -60.00 -11.65 65.15
N TRP H 235 -60.49 -10.58 65.79
CA TRP H 235 -59.54 -9.73 66.49
C TRP H 235 -59.11 -10.30 67.83
N GLY H 236 -60.00 -11.00 68.52
CA GLY H 236 -59.64 -11.44 69.86
C GLY H 236 -58.84 -12.72 69.94
N SER H 237 -58.28 -13.20 68.84
CA SER H 237 -57.67 -14.52 68.84
C SER H 237 -56.50 -14.56 67.87
N LEU H 238 -55.60 -15.51 68.09
CA LEU H 238 -54.44 -15.73 67.24
C LEU H 238 -54.72 -16.83 66.23
N GLY H 239 -54.38 -16.57 64.98
CA GLY H 239 -54.63 -17.49 63.89
C GLY H 239 -53.49 -18.47 63.72
N TYR H 240 -53.84 -19.74 63.55
CA TYR H 240 -52.87 -20.80 63.38
C TYR H 240 -53.15 -21.57 62.10
N VAL H 241 -52.12 -22.21 61.58
CA VAL H 241 -52.24 -23.10 60.43
C VAL H 241 -51.80 -24.48 60.84
N ALA H 242 -52.42 -25.49 60.25
CA ALA H 242 -52.21 -26.88 60.64
C ALA H 242 -51.21 -27.57 59.74
N THR H 243 -50.51 -28.54 60.31
CA THR H 243 -49.40 -29.19 59.61
C THR H 243 -49.86 -30.42 58.84
N GLY H 244 -51.06 -30.91 59.12
CA GLY H 244 -51.41 -32.21 58.57
C GLY H 244 -51.44 -33.28 59.63
N ALA H 245 -50.42 -34.13 59.67
CA ALA H 245 -50.39 -35.24 60.62
C ALA H 245 -50.55 -34.75 62.05
N ALA H 246 -50.97 -35.68 62.91
CA ALA H 246 -51.32 -35.31 64.29
C ALA H 246 -50.10 -35.26 65.20
N GLY H 247 -49.04 -35.99 64.88
CA GLY H 247 -47.88 -35.93 65.73
C GLY H 247 -46.84 -34.93 65.27
N ASP H 248 -46.41 -35.06 64.02
CA ASP H 248 -45.29 -34.29 63.51
C ASP H 248 -45.73 -33.62 62.21
N PHE H 249 -44.77 -33.08 61.48
CA PHE H 249 -45.02 -32.51 60.16
C PHE H 249 -45.74 -33.48 59.24
N ALA H 250 -46.33 -32.96 58.17
CA ALA H 250 -47.07 -33.76 57.22
C ALA H 250 -46.21 -34.89 56.66
N ALA H 251 -46.79 -36.08 56.59
CA ALA H 251 -46.03 -37.23 56.11
C ALA H 251 -45.82 -37.16 54.61
N VAL H 252 -46.82 -36.72 53.85
CA VAL H 252 -46.70 -36.69 52.40
C VAL H 252 -45.78 -35.56 51.95
N ASN H 253 -45.95 -34.36 52.49
CA ASN H 253 -45.15 -33.20 52.09
C ASN H 253 -45.05 -32.27 53.30
N ALA H 254 -43.93 -32.36 54.00
CA ALA H 254 -43.70 -31.40 55.05
C ALA H 254 -43.12 -30.14 54.43
N SER H 255 -42.71 -29.21 55.28
CA SER H 255 -42.02 -28.01 54.83
C SER H 255 -42.97 -27.12 54.02
N ASP H 256 -44.19 -27.58 53.78
CA ASP H 256 -45.18 -26.70 53.19
C ASP H 256 -46.06 -26.09 54.27
N ALA H 257 -46.28 -26.81 55.36
CA ALA H 257 -46.93 -26.23 56.52
C ALA H 257 -46.10 -25.11 57.13
N VAL H 258 -44.85 -24.97 56.71
CA VAL H 258 -44.03 -23.86 57.16
C VAL H 258 -44.13 -22.69 56.20
N VAL H 259 -44.17 -22.97 54.89
CA VAL H 259 -44.20 -21.89 53.92
C VAL H 259 -45.57 -21.23 53.88
N ASP H 260 -46.64 -21.94 54.22
CA ASP H 260 -47.91 -21.25 54.32
C ASP H 260 -48.14 -20.63 55.69
N LEU H 261 -47.38 -21.07 56.70
CA LEU H 261 -47.32 -20.31 57.94
C LEU H 261 -46.70 -18.94 57.70
N VAL H 262 -45.70 -18.86 56.84
CA VAL H 262 -45.10 -17.57 56.52
C VAL H 262 -46.10 -16.68 55.81
N TYR H 263 -46.82 -17.24 54.83
CA TYR H 263 -47.70 -16.42 53.96
C TYR H 263 -49.07 -16.22 54.63
N ALA H 264 -49.17 -16.46 55.94
CA ALA H 264 -50.39 -16.23 56.69
C ALA H 264 -50.28 -15.01 57.58
N LEU H 265 -49.30 -14.14 57.34
CA LEU H 265 -49.10 -12.97 58.18
C LEU H 265 -49.51 -11.65 57.54
N GLY H 266 -49.27 -11.46 56.26
CA GLY H 266 -49.45 -10.17 55.61
C GLY H 266 -48.11 -9.50 55.40
N ALA H 267 -47.93 -8.91 54.22
CA ALA H 267 -46.62 -8.40 53.84
C ALA H 267 -46.18 -7.21 54.68
N GLU H 268 -47.01 -6.72 55.60
CA GLU H 268 -46.57 -5.61 56.44
C GLU H 268 -45.97 -6.10 57.75
N TYR H 269 -46.55 -7.15 58.33
CA TYR H 269 -45.97 -7.74 59.51
C TYR H 269 -44.79 -8.64 59.17
N ARG H 270 -44.68 -9.09 57.93
CA ARG H 270 -43.52 -9.85 57.52
C ARG H 270 -42.33 -8.97 57.21
N ALA H 271 -42.47 -7.65 57.32
CA ALA H 271 -41.33 -6.78 57.09
C ALA H 271 -40.22 -7.09 58.06
N ASN H 272 -40.56 -7.31 59.33
CA ASN H 272 -39.63 -7.79 60.34
C ASN H 272 -40.38 -8.73 61.25
N ALA H 273 -40.35 -10.02 60.93
CA ALA H 273 -40.94 -11.07 61.73
C ALA H 273 -39.88 -12.14 61.96
N SER H 274 -40.17 -13.08 62.84
CA SER H 274 -39.18 -14.11 63.14
C SER H 274 -39.86 -15.32 63.74
N PHE H 275 -39.42 -16.50 63.30
CA PHE H 275 -39.89 -17.73 63.90
C PHE H 275 -39.38 -17.85 65.32
N VAL H 276 -40.14 -18.55 66.14
CA VAL H 276 -39.76 -18.83 67.52
C VAL H 276 -39.98 -20.31 67.77
N MET H 277 -38.90 -21.04 68.02
CA MET H 277 -38.97 -22.48 68.30
C MET H 277 -38.06 -22.79 69.46
N ASN H 278 -38.18 -23.99 70.02
CA ASN H 278 -37.20 -24.42 70.99
C ASN H 278 -36.08 -25.16 70.26
N SER H 279 -35.14 -25.71 71.03
CA SER H 279 -33.97 -26.31 70.41
C SER H 279 -34.33 -27.60 69.69
N LYS H 280 -35.06 -28.49 70.34
CA LYS H 280 -35.33 -29.80 69.78
C LYS H 280 -36.42 -29.76 68.72
N THR H 281 -36.86 -28.59 68.28
CA THR H 281 -37.75 -28.46 67.15
C THR H 281 -36.99 -28.03 65.92
N ALA H 282 -36.10 -27.04 66.07
CA ALA H 282 -35.21 -26.66 65.00
C ALA H 282 -34.36 -27.85 64.55
N GLY H 283 -34.12 -28.79 65.46
CA GLY H 283 -33.52 -30.04 65.05
C GLY H 283 -34.45 -30.87 64.19
N ALA H 284 -35.73 -30.89 64.55
CA ALA H 284 -36.69 -31.62 63.74
C ALA H 284 -36.95 -30.91 62.42
N VAL H 285 -36.77 -29.60 62.40
CA VAL H 285 -36.82 -28.88 61.12
C VAL H 285 -35.59 -29.19 60.29
N ARG H 286 -34.41 -29.32 60.93
CA ARG H 286 -33.23 -29.62 60.14
C ARG H 286 -33.21 -31.06 59.70
N LYS H 287 -33.85 -31.94 60.45
CA LYS H 287 -33.99 -33.33 60.03
C LYS H 287 -34.92 -33.47 58.84
N MET H 288 -35.56 -32.38 58.41
CA MET H 288 -36.44 -32.45 57.25
C MET H 288 -35.62 -32.68 56.00
N LYS H 289 -35.94 -33.76 55.30
CA LYS H 289 -35.20 -34.12 54.10
C LYS H 289 -36.18 -34.29 52.95
N ASP H 290 -35.72 -33.97 51.76
CA ASP H 290 -36.57 -34.11 50.59
C ASP H 290 -36.56 -35.58 50.18
N ALA H 291 -37.08 -35.87 48.99
CA ALA H 291 -37.19 -37.25 48.55
C ALA H 291 -35.82 -37.87 48.29
N ASP H 292 -34.84 -37.05 47.91
CA ASP H 292 -33.52 -37.55 47.59
C ASP H 292 -32.67 -37.88 48.80
N GLY H 293 -32.91 -37.25 49.95
CA GLY H 293 -32.11 -37.46 51.13
C GLY H 293 -31.28 -36.27 51.56
N ARG H 294 -31.31 -35.19 50.79
CA ARG H 294 -30.63 -33.96 51.13
C ARG H 294 -31.47 -33.17 52.11
N PHE H 295 -30.86 -32.21 52.78
CA PHE H 295 -31.60 -31.42 53.75
C PHE H 295 -32.25 -30.24 53.05
N LEU H 296 -33.54 -30.04 53.33
CA LEU H 296 -34.23 -28.87 52.81
C LEU H 296 -33.62 -27.61 53.41
N TRP H 297 -33.24 -27.69 54.68
CA TRP H 297 -32.69 -26.56 55.41
C TRP H 297 -31.21 -26.80 55.66
N ALA H 298 -30.38 -25.80 55.40
CA ALA H 298 -28.94 -25.94 55.59
C ALA H 298 -28.40 -27.10 54.75
N ASP H 299 -28.40 -26.85 53.43
CA ASP H 299 -28.21 -27.85 52.39
C ASP H 299 -27.23 -28.98 52.71
N SER H 300 -26.02 -28.65 53.15
CA SER H 300 -24.98 -29.66 53.35
C SER H 300 -24.97 -30.16 54.78
N LEU H 301 -24.32 -31.29 54.98
CA LEU H 301 -24.17 -31.82 56.34
C LEU H 301 -23.13 -31.08 57.13
N ALA H 302 -22.26 -30.33 56.47
CA ALA H 302 -21.49 -29.32 57.16
C ALA H 302 -22.32 -28.04 57.29
N ALA H 303 -21.76 -27.06 57.98
CA ALA H 303 -22.31 -25.69 57.99
C ALA H 303 -23.80 -25.67 58.30
N GLY H 304 -24.13 -25.99 59.56
CA GLY H 304 -25.49 -25.99 60.01
C GLY H 304 -25.94 -24.64 60.55
N GLU H 305 -27.22 -24.65 60.95
CA GLU H 305 -27.96 -23.50 61.53
C GLU H 305 -27.72 -22.26 60.65
N PRO H 306 -28.35 -22.14 59.43
CA PRO H 306 -28.20 -20.98 58.56
C PRO H 306 -28.77 -19.68 59.10
N ALA H 307 -29.34 -19.66 60.30
CA ALA H 307 -29.79 -18.42 60.92
C ALA H 307 -30.84 -17.72 60.07
N ARG H 308 -31.61 -18.49 59.31
CA ARG H 308 -32.67 -17.93 58.47
C ARG H 308 -33.57 -19.06 58.00
N LEU H 309 -34.87 -18.87 58.14
CA LEU H 309 -35.87 -19.82 57.68
C LEU H 309 -36.86 -19.05 56.82
N MET H 310 -37.01 -19.46 55.57
CA MET H 310 -37.88 -18.81 54.62
C MET H 310 -37.57 -17.32 54.52
N GLY H 311 -36.31 -16.96 54.73
CA GLY H 311 -35.88 -15.58 54.65
C GLY H 311 -36.07 -14.75 55.90
N TYR H 312 -36.45 -15.36 57.01
CA TYR H 312 -36.74 -14.60 58.23
C TYR H 312 -35.94 -15.18 59.39
N PRO H 313 -35.56 -14.36 60.36
CA PRO H 313 -34.76 -14.85 61.50
C PRO H 313 -35.49 -15.94 62.27
N VAL H 314 -34.72 -16.63 63.11
CA VAL H 314 -35.22 -17.70 63.96
C VAL H 314 -34.73 -17.48 65.38
N LEU H 315 -35.65 -17.48 66.32
CA LEU H 315 -35.33 -17.34 67.74
C LEU H 315 -35.53 -18.69 68.41
N ILE H 316 -34.45 -19.29 68.91
CA ILE H 316 -34.53 -20.58 69.56
C ILE H 316 -34.85 -20.30 71.03
N ALA H 317 -36.13 -20.12 71.31
CA ALA H 317 -36.62 -19.86 72.67
C ALA H 317 -37.02 -21.18 73.29
N GLU H 318 -36.22 -21.66 74.23
CA GLU H 318 -36.38 -22.99 74.80
C GLU H 318 -37.54 -23.11 75.71
N ASP H 319 -38.43 -22.13 75.74
CA ASP H 319 -39.60 -22.18 76.60
C ASP H 319 -40.89 -22.44 75.85
N MET H 320 -40.82 -22.71 74.55
CA MET H 320 -42.01 -23.10 73.84
C MET H 320 -42.22 -24.60 73.94
N PRO H 321 -43.46 -25.07 73.81
CA PRO H 321 -43.71 -26.50 73.84
C PRO H 321 -43.03 -27.18 72.66
N ASP H 322 -42.72 -28.45 72.84
CA ASP H 322 -42.11 -29.20 71.76
C ASP H 322 -43.20 -29.78 70.87
N ILE H 323 -42.78 -30.57 69.90
CA ILE H 323 -43.73 -31.17 68.96
C ILE H 323 -44.47 -32.31 69.63
N ALA H 324 -45.79 -32.20 69.68
CA ALA H 324 -46.62 -33.16 70.40
C ALA H 324 -47.95 -33.26 69.67
N ALA H 325 -48.97 -33.81 70.35
CA ALA H 325 -50.24 -34.09 69.67
C ALA H 325 -50.85 -32.83 69.11
N ASN H 326 -51.13 -31.85 69.96
CA ASN H 326 -51.76 -30.61 69.54
C ASN H 326 -50.92 -29.49 70.13
N ALA H 327 -49.81 -29.16 69.47
CA ALA H 327 -48.92 -28.17 70.04
C ALA H 327 -48.67 -27.09 69.02
N TYR H 328 -48.46 -25.87 69.50
CA TYR H 328 -48.06 -24.76 68.65
C TYR H 328 -46.56 -24.59 68.76
N ALA H 329 -45.83 -25.62 68.32
CA ALA H 329 -44.42 -25.70 68.61
C ALA H 329 -43.61 -24.69 67.83
N ILE H 330 -44.17 -24.10 66.79
CA ILE H 330 -43.51 -23.08 65.99
C ILE H 330 -44.45 -21.88 65.92
N ALA H 331 -43.98 -20.73 66.37
CA ALA H 331 -44.76 -19.49 66.23
C ALA H 331 -43.99 -18.55 65.33
N PHE H 332 -44.71 -17.87 64.46
CA PHE H 332 -44.13 -16.92 63.51
C PHE H 332 -44.96 -15.66 63.51
N GLY H 333 -44.30 -14.52 63.65
CA GLY H 333 -45.02 -13.27 63.64
C GLY H 333 -44.08 -12.13 63.94
N ASP H 334 -44.62 -10.91 63.83
CA ASP H 334 -43.88 -9.66 64.15
C ASP H 334 -44.17 -9.31 65.61
N PHE H 335 -43.26 -9.69 66.52
CA PHE H 335 -43.49 -9.44 67.93
C PHE H 335 -43.17 -8.02 68.35
N GLY H 336 -42.41 -7.27 67.56
CA GLY H 336 -42.20 -5.86 67.89
C GLY H 336 -43.51 -5.11 68.06
N ASN H 337 -44.52 -5.54 67.30
CA ASN H 337 -45.90 -4.99 67.37
C ASN H 337 -46.76 -5.97 68.16
N GLY H 338 -46.56 -7.28 67.94
CA GLY H 338 -47.51 -8.28 68.35
C GLY H 338 -47.52 -8.53 69.84
N TYR H 339 -46.37 -8.51 70.49
CA TYR H 339 -46.27 -8.83 71.90
C TYR H 339 -45.62 -7.67 72.64
N THR H 340 -46.34 -7.10 73.61
CA THR H 340 -45.85 -5.96 74.36
C THR H 340 -45.47 -6.41 75.77
N ILE H 341 -44.24 -6.12 76.16
CA ILE H 341 -43.73 -6.42 77.49
C ILE H 341 -43.71 -5.13 78.31
N ALA H 342 -44.39 -5.13 79.44
CA ALA H 342 -44.38 -4.01 80.36
C ALA H 342 -43.57 -4.40 81.59
N GLU H 343 -42.55 -3.61 81.92
CA GLU H 343 -41.67 -4.02 82.99
C GLU H 343 -41.14 -2.80 83.71
N ARG H 344 -40.69 -3.01 84.93
CA ARG H 344 -39.92 -2.01 85.66
C ARG H 344 -38.46 -2.44 85.61
N PRO H 345 -37.58 -1.59 85.18
CA PRO H 345 -36.23 -2.00 84.80
C PRO H 345 -35.23 -2.10 85.95
N ASP H 346 -35.61 -2.83 87.00
CA ASP H 346 -34.71 -2.98 88.13
C ASP H 346 -35.11 -4.18 88.96
N LEU H 347 -34.12 -4.76 89.64
CA LEU H 347 -34.34 -5.91 90.52
C LEU H 347 -34.09 -5.46 91.95
N ARG H 348 -35.17 -5.13 92.64
CA ARG H 348 -35.06 -4.70 94.02
C ARG H 348 -34.82 -5.91 94.92
N VAL H 349 -33.82 -5.81 95.78
CA VAL H 349 -33.40 -6.90 96.65
C VAL H 349 -33.49 -6.43 98.09
N LEU H 350 -33.75 -7.37 98.99
CA LEU H 350 -33.96 -7.08 100.41
C LEU H 350 -33.46 -8.26 101.22
N ARG H 351 -32.41 -8.05 102.00
CA ARG H 351 -31.89 -9.09 102.88
C ARG H 351 -32.32 -8.78 104.31
N ASP H 352 -32.70 -9.82 105.04
CA ASP H 352 -33.23 -9.63 106.40
C ASP H 352 -32.72 -10.72 107.34
N PRO H 353 -31.75 -10.41 108.16
CA PRO H 353 -31.34 -11.37 109.19
C PRO H 353 -32.35 -11.45 110.32
N PHE H 354 -33.51 -10.84 110.13
CA PHE H 354 -34.52 -10.74 111.18
C PHE H 354 -35.57 -11.84 111.11
N SER H 355 -36.07 -12.16 109.92
CA SER H 355 -37.20 -13.08 109.80
C SER H 355 -36.87 -14.44 110.38
N ALA H 356 -35.93 -15.14 109.75
CA ALA H 356 -35.41 -16.41 110.25
C ALA H 356 -34.02 -16.15 110.79
N LYS H 357 -33.86 -16.28 112.11
CA LYS H 357 -32.71 -15.65 112.78
C LYS H 357 -31.37 -16.25 112.37
N PRO H 358 -31.12 -17.55 112.51
CA PRO H 358 -29.80 -18.06 112.11
C PRO H 358 -29.52 -17.96 110.63
N HIS H 359 -30.49 -17.55 109.83
CA HIS H 359 -30.36 -17.43 108.38
C HIS H 359 -30.53 -15.96 107.98
N VAL H 360 -30.45 -15.69 106.68
CA VAL H 360 -30.51 -14.34 106.16
C VAL H 360 -31.70 -14.13 105.24
N LEU H 361 -32.07 -15.15 104.46
CA LEU H 361 -33.34 -15.13 103.72
C LEU H 361 -33.41 -13.96 102.74
N PHE H 362 -32.52 -13.98 101.75
CA PHE H 362 -32.51 -12.94 100.73
C PHE H 362 -33.85 -12.91 100.00
N TYR H 363 -34.19 -11.75 99.46
CA TYR H 363 -35.49 -11.57 98.81
C TYR H 363 -35.33 -10.58 97.66
N ALA H 364 -35.45 -11.09 96.44
CA ALA H 364 -35.27 -10.29 95.23
C ALA H 364 -36.47 -10.50 94.33
N SER H 365 -37.07 -9.41 93.87
CA SER H 365 -38.32 -9.49 93.14
C SER H 365 -38.46 -8.36 92.15
N LYS H 366 -38.16 -8.63 90.88
CA LYS H 366 -38.48 -7.71 89.80
C LYS H 366 -39.94 -7.91 89.42
N ARG H 367 -40.60 -6.86 88.95
CA ARG H 367 -41.98 -6.94 88.55
C ARG H 367 -42.10 -6.70 87.05
N VAL H 368 -42.81 -7.60 86.37
CA VAL H 368 -42.86 -7.63 84.92
C VAL H 368 -44.23 -8.13 84.50
N GLY H 369 -44.66 -7.73 83.31
CA GLY H 369 -45.93 -8.22 82.78
C GLY H 369 -46.00 -8.00 81.30
N GLY H 370 -46.95 -8.68 80.66
CA GLY H 370 -47.17 -8.48 79.25
C GLY H 370 -47.95 -9.55 78.55
N ASP H 371 -48.83 -9.15 77.63
CA ASP H 371 -49.47 -10.11 76.74
C ASP H 371 -49.49 -9.56 75.32
N VAL H 372 -50.21 -10.22 74.42
CA VAL H 372 -50.23 -9.77 73.03
C VAL H 372 -50.92 -8.42 72.94
N SER H 373 -50.44 -7.57 72.04
CA SER H 373 -51.04 -6.26 71.82
C SER H 373 -51.66 -6.12 70.44
N ASP H 374 -51.23 -6.92 69.47
CA ASP H 374 -51.71 -6.87 68.09
C ASP H 374 -51.88 -8.31 67.64
N PHE H 375 -53.12 -8.81 67.68
CA PHE H 375 -53.43 -10.18 67.37
C PHE H 375 -53.16 -10.55 65.92
N ALA H 376 -53.04 -9.57 65.04
CA ALA H 376 -52.79 -9.83 63.64
C ALA H 376 -51.32 -10.07 63.32
N ALA H 377 -50.43 -9.94 64.30
CA ALA H 377 -49.01 -9.98 64.06
C ALA H 377 -48.34 -11.21 64.64
N ILE H 378 -49.10 -12.23 64.99
CA ILE H 378 -48.56 -13.48 65.49
C ILE H 378 -49.39 -14.63 64.93
N LYS H 379 -48.79 -15.50 64.14
CA LYS H 379 -49.46 -16.69 63.63
C LYS H 379 -48.76 -17.91 64.17
N LEU H 380 -49.55 -18.95 64.46
CA LEU H 380 -49.06 -20.16 65.09
C LEU H 380 -49.15 -21.33 64.14
N LEU H 381 -48.64 -22.47 64.59
CA LEU H 381 -48.57 -23.68 63.75
C LEU H 381 -48.99 -24.88 64.59
N LYS H 382 -50.26 -25.22 64.52
CA LYS H 382 -50.77 -26.37 65.25
C LYS H 382 -50.37 -27.64 64.51
N PHE H 383 -50.04 -28.68 65.27
CA PHE H 383 -49.56 -29.93 64.71
C PHE H 383 -50.63 -31.02 64.69
N ALA H 384 -51.90 -30.67 64.51
CA ALA H 384 -52.93 -31.70 64.65
C ALA H 384 -53.51 -32.14 63.31
N ALA H 385 -54.04 -31.22 62.52
CA ALA H 385 -54.80 -31.58 61.31
C ALA H 385 -55.33 -30.36 60.60
N ALA I 89 -55.49 1.61 102.09
CA ALA I 89 -54.07 1.28 102.09
C ALA I 89 -53.87 -0.20 102.35
N LEU I 90 -54.22 -1.00 101.37
CA LEU I 90 -54.05 -2.44 101.41
C LEU I 90 -53.77 -2.90 99.99
N ASN I 91 -54.00 -4.19 99.74
CA ASN I 91 -53.85 -4.75 98.41
C ASN I 91 -54.42 -3.84 97.34
N SER I 92 -53.65 -3.65 96.27
CA SER I 92 -54.11 -2.90 95.12
C SER I 92 -55.02 -3.69 94.22
N ALA I 93 -55.42 -4.90 94.63
CA ALA I 93 -56.29 -5.73 93.82
C ALA I 93 -57.75 -5.39 94.06
N VAL I 94 -58.17 -5.46 95.34
CA VAL I 94 -59.53 -5.09 95.69
C VAL I 94 -59.67 -3.58 95.57
N ALA I 95 -60.68 -3.14 94.81
CA ALA I 95 -60.81 -1.72 94.50
C ALA I 95 -61.15 -0.91 95.73
N ALA I 96 -61.93 -1.48 96.64
CA ALA I 96 -62.40 -0.73 97.80
C ALA I 96 -61.29 -0.37 98.77
N GLU I 97 -60.10 -0.96 98.63
CA GLU I 97 -59.01 -0.74 99.56
C GLU I 97 -57.84 0.00 98.92
N GLY I 98 -57.32 -0.50 97.82
CA GLY I 98 -56.25 0.22 97.16
C GLY I 98 -56.49 0.40 95.67
N GLY I 99 -57.32 -0.47 95.10
CA GLY I 99 -57.51 -0.47 93.67
C GLY I 99 -58.04 0.83 93.10
N TYR I 100 -58.39 1.78 93.97
CA TYR I 100 -58.80 3.09 93.52
C TYR I 100 -57.63 4.05 93.34
N LEU I 101 -56.44 3.66 93.81
CA LEU I 101 -55.30 4.55 93.86
C LEU I 101 -54.23 4.22 92.82
N VAL I 102 -54.60 3.52 91.74
CA VAL I 102 -53.58 2.94 90.88
C VAL I 102 -53.50 3.60 89.51
N ASP I 103 -54.63 3.70 88.79
CA ASP I 103 -54.67 4.44 87.53
C ASP I 103 -53.61 3.99 86.53
N PRO I 104 -53.82 2.87 85.83
CA PRO I 104 -52.78 2.34 84.94
C PRO I 104 -52.26 3.36 83.94
N GLN I 105 -50.98 3.22 83.61
CA GLN I 105 -50.36 4.08 82.62
C GLN I 105 -50.98 3.82 81.25
N THR I 106 -51.39 4.89 80.57
CA THR I 106 -52.36 4.73 79.49
C THR I 106 -51.75 4.10 78.24
N SER I 107 -50.83 4.81 77.58
CA SER I 107 -50.04 4.33 76.45
C SER I 107 -49.21 5.50 75.96
N GLU I 108 -48.32 5.23 75.02
CA GLU I 108 -47.56 6.32 74.42
C GLU I 108 -48.28 6.91 73.21
N THR I 109 -48.90 6.05 72.41
CA THR I 109 -49.67 6.47 71.24
C THR I 109 -50.86 5.54 71.10
N ILE I 110 -51.71 5.85 70.14
CA ILE I 110 -52.83 4.97 69.82
C ILE I 110 -52.41 4.13 68.62
N ARG I 111 -51.82 2.98 68.89
CA ARG I 111 -51.23 2.15 67.86
C ARG I 111 -52.31 1.55 66.98
N GLY I 112 -51.96 1.29 65.73
CA GLY I 112 -52.94 0.79 64.78
C GLY I 112 -52.57 -0.53 64.15
N VAL I 113 -53.55 -1.19 63.53
CA VAL I 113 -53.27 -2.42 62.80
C VAL I 113 -52.50 -2.09 61.53
N LEU I 114 -51.45 -2.84 61.27
CA LEU I 114 -50.63 -2.63 60.08
C LEU I 114 -51.30 -3.26 58.87
N ARG I 115 -51.38 -2.49 57.79
CA ARG I 115 -52.00 -2.96 56.56
C ARG I 115 -51.09 -2.66 55.38
N SER I 116 -51.19 -3.49 54.36
CA SER I 116 -50.34 -3.39 53.19
C SER I 116 -50.67 -2.14 52.38
N THR I 117 -49.66 -1.60 51.72
CA THR I 117 -49.80 -0.38 50.94
C THR I 117 -49.53 -0.55 49.46
N ALA I 118 -49.20 -1.75 49.00
CA ALA I 118 -49.03 -2.01 47.58
C ALA I 118 -50.32 -1.70 46.83
N SER I 119 -50.20 -0.97 45.72
CA SER I 119 -51.38 -0.30 45.18
C SER I 119 -51.53 -0.37 43.67
N LEU I 120 -50.65 -1.07 42.95
CA LEU I 120 -50.64 -1.06 41.48
C LEU I 120 -50.31 0.33 40.97
N ARG I 121 -50.12 1.27 41.88
CA ARG I 121 -49.84 2.64 41.49
C ARG I 121 -48.41 2.82 41.05
N GLN I 122 -47.50 2.00 41.58
CA GLN I 122 -46.09 2.13 41.23
C GLN I 122 -45.74 1.42 39.94
N ILE I 123 -46.67 0.69 39.33
CA ILE I 123 -46.43 0.05 38.04
C ILE I 123 -47.33 0.58 36.95
N ALA I 124 -48.39 1.30 37.28
CA ALA I 124 -49.29 1.84 36.27
C ALA I 124 -48.88 3.26 35.91
N SER I 125 -49.38 3.73 34.77
CA SER I 125 -49.05 5.07 34.28
C SER I 125 -49.86 6.10 35.06
N VAL I 126 -49.18 6.91 35.85
CA VAL I 126 -49.81 7.96 36.61
C VAL I 126 -49.57 9.28 35.90
N VAL I 127 -50.61 9.86 35.32
CA VAL I 127 -50.52 11.11 34.58
C VAL I 127 -51.27 12.18 35.37
N ASN I 128 -50.56 13.24 35.73
CA ASN I 128 -51.18 14.32 36.49
C ASN I 128 -52.09 15.12 35.58
N VAL I 129 -53.39 15.06 35.85
CA VAL I 129 -54.39 15.74 35.05
C VAL I 129 -55.09 16.80 35.90
N GLU I 130 -55.24 17.99 35.33
CA GLU I 130 -56.04 19.06 35.93
C GLU I 130 -57.14 19.38 34.93
N ALA I 131 -58.21 18.61 35.01
CA ALA I 131 -59.34 18.73 34.08
C ALA I 131 -60.46 17.87 34.62
N THR I 132 -61.57 17.86 33.91
CA THR I 132 -62.70 17.05 34.34
C THR I 132 -62.52 15.58 34.06
N SER I 133 -61.52 15.22 33.25
CA SER I 133 -61.29 13.86 32.83
C SER I 133 -60.03 13.83 31.98
N PHE I 134 -59.42 12.66 31.91
CA PHE I 134 -58.33 12.40 31.00
C PHE I 134 -58.78 11.41 29.94
N ASP I 135 -58.35 11.62 28.72
CA ASP I 135 -58.72 10.79 27.59
C ASP I 135 -57.49 10.08 27.05
N VAL I 136 -57.73 9.02 26.29
CA VAL I 136 -56.66 8.38 25.55
C VAL I 136 -57.21 8.03 24.17
N LEU I 137 -56.60 8.61 23.15
CA LEU I 137 -56.94 8.29 21.77
C LEU I 137 -56.21 7.01 21.42
N VAL I 138 -56.95 5.93 21.23
CA VAL I 138 -56.36 4.65 20.85
C VAL I 138 -57.07 4.14 19.60
N ASP I 139 -56.30 3.75 18.60
CA ASP I 139 -56.88 3.18 17.39
C ASP I 139 -57.15 1.69 17.63
N LYS I 140 -58.40 1.28 17.46
CA LYS I 140 -58.76 -0.10 17.74
C LYS I 140 -58.05 -1.06 16.80
N THR I 141 -58.35 -0.97 15.51
CA THR I 141 -57.89 -1.93 14.53
C THR I 141 -56.66 -1.44 13.79
N ASP I 142 -56.02 -2.36 13.06
CA ASP I 142 -54.83 -2.04 12.30
C ASP I 142 -55.20 -1.48 10.93
N MET I 143 -54.19 -1.15 10.14
CA MET I 143 -54.43 -0.48 8.86
C MET I 143 -55.23 -1.35 7.92
N GLY I 144 -54.68 -2.49 7.53
CA GLY I 144 -55.29 -3.27 6.48
C GLY I 144 -54.65 -2.97 5.15
N SER I 145 -53.91 -3.96 4.64
CA SER I 145 -53.03 -3.79 3.46
C SER I 145 -52.77 -5.16 2.84
N GLY I 146 -52.97 -5.29 1.53
CA GLY I 146 -52.81 -6.60 0.86
C GLY I 146 -51.90 -6.48 -0.36
N TRP I 147 -51.35 -7.60 -0.83
CA TRP I 147 -50.53 -7.54 -2.06
C TRP I 147 -51.43 -7.04 -3.20
N ALA I 148 -51.01 -5.99 -3.92
CA ALA I 148 -51.86 -5.38 -4.96
C ALA I 148 -52.09 -6.31 -6.15
N SER I 149 -51.06 -7.07 -6.57
CA SER I 149 -51.15 -7.93 -7.77
C SER I 149 -50.76 -7.11 -9.01
N GLU I 150 -50.40 -7.77 -10.12
CA GLU I 150 -49.92 -7.00 -11.30
C GLU I 150 -51.03 -6.09 -11.81
N THR I 151 -52.26 -6.61 -11.92
CA THR I 151 -53.38 -5.82 -12.49
C THR I 151 -54.55 -5.79 -11.51
N ALA I 152 -55.06 -4.60 -11.20
CA ALA I 152 -56.24 -4.47 -10.29
C ALA I 152 -56.65 -2.99 -10.25
N ALA I 153 -57.86 -2.71 -9.75
CA ALA I 153 -58.26 -1.32 -9.58
C ALA I 153 -57.52 -0.66 -8.43
N LEU I 154 -57.17 -1.41 -7.40
CA LEU I 154 -56.51 -0.87 -6.21
C LEU I 154 -57.38 0.20 -5.54
N SER I 155 -58.49 -0.26 -4.97
CA SER I 155 -59.37 0.65 -4.26
C SER I 155 -58.81 0.97 -2.88
N GLU I 156 -59.54 1.83 -2.16
CA GLU I 156 -59.12 2.25 -0.84
C GLU I 156 -59.33 1.12 0.16
N THR I 157 -58.30 0.82 0.94
CA THR I 157 -58.33 -0.39 1.74
C THR I 157 -59.06 -0.22 3.07
N ALA I 158 -58.47 0.53 3.99
CA ALA I 158 -59.01 0.63 5.35
C ALA I 158 -58.10 1.53 6.17
N THR I 159 -58.64 2.05 7.26
CA THR I 159 -57.97 3.04 8.08
C THR I 159 -58.35 2.75 9.53
N PRO I 160 -57.41 2.87 10.47
CA PRO I 160 -57.71 2.49 11.86
C PRO I 160 -58.79 3.38 12.44
N GLN I 161 -59.85 2.75 12.95
CA GLN I 161 -60.93 3.53 13.54
C GLN I 161 -60.54 3.96 14.95
N ILE I 162 -60.44 5.27 15.15
CA ILE I 162 -59.98 5.82 16.41
C ILE I 162 -61.08 5.72 17.45
N ASP I 163 -60.75 5.19 18.62
CA ASP I 163 -61.69 5.12 19.72
C ASP I 163 -61.10 5.83 20.92
N ARG I 164 -61.95 6.52 21.66
CA ARG I 164 -61.55 7.37 22.76
C ARG I 164 -62.00 6.74 24.07
N ILE I 165 -61.07 6.61 25.01
CA ILE I 165 -61.36 6.10 26.34
C ILE I 165 -61.29 7.27 27.30
N THR I 166 -62.29 7.40 28.16
CA THR I 166 -62.39 8.53 29.07
C THR I 166 -62.08 8.08 30.49
N ILE I 167 -61.21 8.83 31.16
CA ILE I 167 -60.89 8.62 32.57
C ILE I 167 -61.61 9.69 33.37
N PRO I 168 -62.81 9.43 33.88
CA PRO I 168 -63.64 10.51 34.41
C PRO I 168 -63.07 11.23 35.61
N LEU I 169 -62.04 10.71 36.28
CA LEU I 169 -61.39 11.40 37.39
C LEU I 169 -62.39 11.77 38.49
N HIS I 170 -62.92 10.74 39.14
CA HIS I 170 -63.81 10.94 40.28
C HIS I 170 -63.00 11.39 41.48
N GLU I 171 -63.68 11.55 42.62
CA GLU I 171 -63.01 11.95 43.85
C GLU I 171 -63.27 10.93 44.94
N LEU I 172 -62.32 10.84 45.86
CA LEU I 172 -62.37 9.90 46.97
C LEU I 172 -62.48 10.70 48.25
N ALA I 173 -63.53 10.47 49.02
CA ALA I 173 -63.87 11.35 50.13
C ALA I 173 -64.06 10.55 51.41
N ALA I 174 -63.93 11.26 52.53
CA ALA I 174 -64.12 10.65 53.85
C ALA I 174 -64.42 11.77 54.84
N MET I 175 -65.44 11.57 55.66
CA MET I 175 -65.84 12.52 56.69
C MET I 175 -65.97 11.81 58.03
N PRO I 176 -64.86 11.62 58.74
CA PRO I 176 -64.95 11.16 60.13
C PRO I 176 -65.55 12.24 61.00
N LYS I 177 -66.63 11.89 61.69
CA LYS I 177 -67.38 12.84 62.50
C LYS I 177 -66.94 12.68 63.95
N ALA I 178 -65.97 13.49 64.35
CA ALA I 178 -65.43 13.42 65.70
C ALA I 178 -66.13 14.43 66.59
N SER I 179 -66.52 14.00 67.77
CA SER I 179 -67.16 14.90 68.71
C SER I 179 -66.16 15.95 69.19
N GLN I 180 -66.71 17.06 69.69
CA GLN I 180 -65.84 18.13 70.17
C GLN I 180 -65.29 17.82 71.56
N ARG I 181 -66.10 17.19 72.41
CA ARG I 181 -65.62 16.79 73.72
C ARG I 181 -64.42 15.86 73.60
N LEU I 182 -64.56 14.79 72.85
CA LEU I 182 -63.47 13.83 72.73
C LEU I 182 -62.48 14.35 71.70
N LEU I 183 -62.16 15.63 71.81
CA LEU I 183 -61.13 16.21 70.96
C LEU I 183 -60.22 17.15 71.71
N ASP I 184 -60.67 17.73 72.83
CA ASP I 184 -59.86 18.60 73.66
C ASP I 184 -59.64 18.05 75.05
N ASP I 185 -60.45 17.11 75.50
CA ASP I 185 -60.22 16.41 76.76
C ASP I 185 -59.59 15.04 76.55
N SER I 186 -58.99 14.79 75.39
CA SER I 186 -58.30 13.54 75.12
C SER I 186 -56.80 13.79 75.05
N ALA I 187 -56.04 12.92 75.72
CA ALA I 187 -54.60 13.11 75.77
C ALA I 187 -53.93 12.79 74.44
N PHE I 188 -54.60 12.04 73.57
CA PHE I 188 -54.06 11.70 72.26
C PHE I 188 -54.48 12.74 71.24
N ASP I 189 -53.54 13.12 70.38
CA ASP I 189 -53.88 14.06 69.32
C ASP I 189 -54.73 13.38 68.28
N ILE I 190 -56.05 13.52 68.39
CA ILE I 190 -56.96 12.86 67.47
C ILE I 190 -57.01 13.59 66.14
N GLU I 191 -56.83 14.91 66.14
CA GLU I 191 -56.91 15.67 64.90
C GLU I 191 -55.78 15.32 63.95
N THR I 192 -54.64 14.88 64.47
CA THR I 192 -53.58 14.38 63.60
C THR I 192 -53.62 12.87 63.44
N TRP I 193 -54.27 12.17 64.35
CA TRP I 193 -54.43 10.72 64.18
C TRP I 193 -55.44 10.42 63.08
N LEU I 194 -56.53 11.18 63.01
CA LEU I 194 -57.49 10.97 61.94
C LEU I 194 -56.87 11.26 60.58
N ALA I 195 -55.96 12.23 60.51
CA ALA I 195 -55.34 12.54 59.23
C ALA I 195 -54.46 11.41 58.75
N ASN I 196 -53.75 10.74 59.67
CA ASN I 196 -52.92 9.61 59.26
C ASN I 196 -53.78 8.42 58.88
N ARG I 197 -54.89 8.21 59.58
CA ARG I 197 -55.81 7.14 59.18
C ARG I 197 -56.40 7.41 57.80
N ILE I 198 -56.75 8.66 57.53
CA ILE I 198 -57.35 9.01 56.25
C ILE I 198 -56.32 8.92 55.13
N ALA I 199 -55.16 9.56 55.32
CA ALA I 199 -54.11 9.48 54.32
C ALA I 199 -53.63 8.05 54.10
N ASP I 200 -53.94 7.14 55.02
CA ASP I 200 -53.66 5.72 54.82
C ASP I 200 -54.81 5.00 54.14
N LYS I 201 -56.05 5.34 54.50
CA LYS I 201 -57.20 4.69 53.88
C LYS I 201 -57.35 5.10 52.42
N PHE I 202 -56.97 6.33 52.09
CA PHE I 202 -57.06 6.76 50.70
C PHE I 202 -56.10 5.98 49.81
N ALA I 203 -54.85 5.82 50.27
CA ALA I 203 -53.91 5.01 49.52
C ALA I 203 -54.35 3.56 49.42
N ARG I 204 -55.26 3.12 50.28
CA ARG I 204 -55.77 1.77 50.23
C ARG I 204 -57.13 1.67 49.58
N ALA I 205 -57.91 2.76 49.57
CA ALA I 205 -59.18 2.75 48.84
C ALA I 205 -58.95 2.90 47.35
N GLU I 206 -58.03 3.78 46.95
CA GLU I 206 -57.65 3.89 45.55
C GLU I 206 -56.84 2.71 45.07
N ALA I 207 -56.32 1.89 45.98
CA ALA I 207 -55.58 0.70 45.58
C ALA I 207 -56.53 -0.42 45.17
N ALA I 208 -57.61 -0.60 45.92
CA ALA I 208 -58.57 -1.64 45.57
C ALA I 208 -59.38 -1.25 44.35
N ALA I 209 -59.59 0.05 44.13
CA ALA I 209 -60.36 0.49 42.99
C ALA I 209 -59.63 0.20 41.68
N PHE I 210 -58.31 0.34 41.68
CA PHE I 210 -57.54 0.07 40.47
C PHE I 210 -57.52 -1.39 40.09
N ILE I 211 -58.09 -2.26 40.91
CA ILE I 211 -58.07 -3.70 40.67
C ILE I 211 -59.47 -4.25 40.47
N SER I 212 -60.41 -3.86 41.32
CA SER I 212 -61.76 -4.42 41.25
C SER I 212 -62.83 -3.35 41.41
N GLY I 213 -62.52 -2.09 41.15
CA GLY I 213 -63.53 -1.05 41.23
C GLY I 213 -64.45 -1.06 40.03
N ASP I 214 -65.70 -0.70 40.25
CA ASP I 214 -66.66 -0.63 39.15
C ASP I 214 -66.60 0.75 38.52
N GLY I 215 -67.47 0.99 37.55
CA GLY I 215 -67.41 2.23 36.81
C GLY I 215 -68.02 3.42 37.52
N VAL I 216 -68.95 3.17 38.43
CA VAL I 216 -69.78 4.23 38.98
C VAL I 216 -68.99 5.03 40.01
N ASP I 217 -68.72 6.29 39.70
CA ASP I 217 -68.11 7.25 40.60
C ASP I 217 -66.75 6.81 41.15
N LYS I 218 -66.09 5.86 40.51
CA LYS I 218 -64.80 5.37 40.97
C LYS I 218 -64.11 4.66 39.82
N PRO I 219 -62.79 4.51 39.88
CA PRO I 219 -62.06 3.89 38.77
C PRO I 219 -62.52 2.47 38.52
N THR I 220 -62.41 2.03 37.27
CA THR I 220 -62.73 0.64 36.95
C THR I 220 -61.43 -0.16 37.04
N GLY I 221 -61.40 -1.12 37.95
CA GLY I 221 -60.26 -2.02 38.02
C GLY I 221 -60.14 -2.87 36.77
N PHE I 222 -58.94 -3.34 36.50
CA PHE I 222 -58.72 -4.10 35.29
C PHE I 222 -59.37 -5.47 35.34
N LEU I 223 -59.86 -5.90 36.49
CA LEU I 223 -60.56 -7.18 36.56
C LEU I 223 -62.02 -7.07 36.17
N THR I 224 -62.58 -5.86 36.18
CA THR I 224 -63.97 -5.65 35.77
C THR I 224 -64.06 -5.25 34.30
N LYS I 225 -63.46 -6.03 33.41
CA LYS I 225 -63.35 -5.66 32.00
C LYS I 225 -63.72 -6.82 31.09
N THR I 226 -64.85 -7.47 31.37
CA THR I 226 -65.49 -8.47 30.50
C THR I 226 -64.49 -9.40 29.82
N LYS I 227 -63.77 -10.15 30.66
CA LYS I 227 -62.65 -10.97 30.20
C LYS I 227 -63.09 -11.97 29.13
N VAL I 228 -62.18 -12.24 28.20
CA VAL I 228 -62.40 -13.19 27.11
C VAL I 228 -61.23 -14.17 27.08
N ALA I 229 -61.50 -15.40 26.67
CA ALA I 229 -60.46 -16.41 26.59
C ALA I 229 -59.42 -16.01 25.58
N ASN I 230 -58.14 -16.09 25.96
CA ASN I 230 -57.07 -15.71 25.07
C ASN I 230 -57.04 -16.60 23.84
N GLY I 231 -56.31 -16.16 22.83
CA GLY I 231 -56.34 -16.82 21.53
C GLY I 231 -57.51 -16.35 20.72
N ALA I 232 -58.68 -16.26 21.32
CA ALA I 232 -59.84 -15.62 20.72
C ALA I 232 -59.97 -14.17 21.18
N TRP I 233 -58.84 -13.52 21.46
CA TRP I 233 -58.85 -12.22 22.10
C TRP I 233 -59.11 -11.11 21.09
N ALA I 234 -59.95 -10.17 21.47
CA ALA I 234 -60.28 -8.98 20.70
C ALA I 234 -59.94 -7.75 21.51
N TRP I 235 -60.10 -6.58 20.89
CA TRP I 235 -59.69 -5.34 21.54
C TRP I 235 -60.57 -4.98 22.73
N GLY I 236 -61.80 -5.44 22.75
CA GLY I 236 -62.70 -5.02 23.81
C GLY I 236 -62.57 -5.71 25.14
N SER I 237 -61.63 -6.64 25.31
CA SER I 237 -61.62 -7.44 26.52
C SER I 237 -60.20 -7.85 26.88
N LEU I 238 -60.04 -8.28 28.12
CA LEU I 238 -58.78 -8.81 28.61
C LEU I 238 -58.73 -10.31 28.41
N GLY I 239 -57.57 -10.82 28.09
CA GLY I 239 -57.39 -12.23 27.79
C GLY I 239 -56.90 -13.00 28.99
N TYR I 240 -57.34 -14.25 29.10
CA TYR I 240 -56.95 -15.09 30.21
C TYR I 240 -56.57 -16.47 29.71
N VAL I 241 -55.81 -17.18 30.54
CA VAL I 241 -55.46 -18.57 30.29
C VAL I 241 -55.94 -19.39 31.47
N ALA I 242 -56.47 -20.57 31.18
CA ALA I 242 -57.02 -21.43 32.21
C ALA I 242 -55.94 -22.30 32.82
N THR I 243 -56.05 -22.54 34.13
CA THR I 243 -55.05 -23.37 34.79
C THR I 243 -55.36 -24.85 34.60
N GLY I 244 -56.60 -25.25 34.88
CA GLY I 244 -56.89 -26.66 34.98
C GLY I 244 -58.06 -26.91 35.89
N ALA I 245 -57.84 -27.75 36.91
CA ALA I 245 -58.88 -28.07 37.87
C ALA I 245 -59.54 -26.81 38.40
N ALA I 246 -60.82 -26.94 38.75
CA ALA I 246 -61.65 -25.77 39.04
C ALA I 246 -61.24 -25.07 40.32
N GLY I 247 -60.53 -25.75 41.22
CA GLY I 247 -60.24 -25.15 42.51
C GLY I 247 -58.96 -24.34 42.57
N ASP I 248 -57.88 -24.86 42.01
CA ASP I 248 -56.56 -24.28 42.20
C ASP I 248 -55.72 -24.56 40.96
N PHE I 249 -54.41 -24.46 41.12
CA PHE I 249 -53.47 -24.82 40.05
C PHE I 249 -53.69 -26.27 39.63
N ALA I 250 -53.14 -26.61 38.47
CA ALA I 250 -53.24 -27.96 37.96
C ALA I 250 -52.61 -28.93 38.94
N ALA I 251 -53.33 -30.02 39.24
CA ALA I 251 -52.85 -30.94 40.27
C ALA I 251 -51.69 -31.79 39.78
N VAL I 252 -51.76 -32.26 38.54
CA VAL I 252 -50.74 -33.19 38.06
C VAL I 252 -49.39 -32.49 37.90
N ASN I 253 -49.35 -31.37 37.19
CA ASN I 253 -48.12 -30.61 36.99
C ASN I 253 -48.48 -29.13 37.06
N ALA I 254 -48.36 -28.55 38.25
CA ALA I 254 -48.60 -27.12 38.39
C ALA I 254 -47.47 -26.34 37.72
N SER I 255 -47.54 -25.02 37.83
CA SER I 255 -46.54 -24.10 37.30
C SER I 255 -46.44 -24.14 35.78
N ASP I 256 -47.24 -24.98 35.14
CA ASP I 256 -47.37 -24.85 33.69
C ASP I 256 -48.33 -23.74 33.33
N ALA I 257 -49.25 -23.40 34.23
CA ALA I 257 -50.16 -22.30 34.02
C ALA I 257 -49.48 -20.96 34.23
N VAL I 258 -48.34 -20.94 34.89
CA VAL I 258 -47.59 -19.69 35.04
C VAL I 258 -46.68 -19.46 33.85
N VAL I 259 -45.99 -20.52 33.39
CA VAL I 259 -45.06 -20.35 32.29
C VAL I 259 -45.77 -20.05 30.98
N ASP I 260 -47.04 -20.42 30.85
CA ASP I 260 -47.77 -20.04 29.66
C ASP I 260 -48.47 -18.70 29.81
N LEU I 261 -48.77 -18.29 31.05
CA LEU I 261 -49.26 -16.94 31.26
C LEU I 261 -48.20 -15.93 30.86
N VAL I 262 -46.93 -16.25 31.05
CA VAL I 262 -45.86 -15.35 30.69
C VAL I 262 -45.79 -15.19 29.19
N TYR I 263 -46.01 -16.27 28.44
CA TYR I 263 -45.85 -16.26 27.00
C TYR I 263 -47.16 -16.00 26.26
N ALA I 264 -48.27 -15.90 26.98
CA ALA I 264 -49.52 -15.53 26.36
C ALA I 264 -49.65 -14.03 26.14
N LEU I 265 -48.70 -13.24 26.62
CA LEU I 265 -48.88 -11.80 26.64
C LEU I 265 -48.37 -11.09 25.39
N GLY I 266 -47.40 -11.66 24.68
CA GLY I 266 -46.86 -10.96 23.54
C GLY I 266 -45.54 -10.30 23.86
N ALA I 267 -44.56 -10.43 22.97
CA ALA I 267 -43.18 -10.09 23.30
C ALA I 267 -42.91 -8.60 23.33
N GLU I 268 -43.82 -7.76 22.82
CA GLU I 268 -43.56 -6.32 22.85
C GLU I 268 -43.90 -5.71 24.19
N TYR I 269 -44.97 -6.19 24.83
CA TYR I 269 -45.28 -5.77 26.18
C TYR I 269 -44.51 -6.56 27.22
N ARG I 270 -44.06 -7.77 26.89
CA ARG I 270 -43.39 -8.61 27.86
C ARG I 270 -42.06 -8.05 28.30
N ALA I 271 -41.53 -7.04 27.62
CA ALA I 271 -40.22 -6.51 27.96
C ALA I 271 -40.21 -5.94 29.38
N ASN I 272 -41.19 -5.11 29.71
CA ASN I 272 -41.32 -4.56 31.06
C ASN I 272 -42.74 -4.83 31.55
N ALA I 273 -42.94 -6.00 32.13
CA ALA I 273 -44.21 -6.42 32.68
C ALA I 273 -43.95 -7.02 34.06
N SER I 274 -45.02 -7.29 34.80
CA SER I 274 -44.84 -7.89 36.11
C SER I 274 -46.12 -8.62 36.48
N PHE I 275 -46.00 -9.50 37.46
CA PHE I 275 -47.15 -10.20 38.00
C PHE I 275 -47.84 -9.34 39.04
N VAL I 276 -49.11 -9.64 39.28
CA VAL I 276 -49.87 -9.00 40.35
C VAL I 276 -50.63 -10.08 41.08
N MET I 277 -50.27 -10.34 42.33
CA MET I 277 -50.93 -11.35 43.14
C MET I 277 -51.14 -10.78 44.53
N ASN I 278 -51.92 -11.49 45.34
CA ASN I 278 -51.99 -11.14 46.75
C ASN I 278 -51.00 -11.98 47.54
N SER I 279 -51.03 -11.87 48.86
CA SER I 279 -50.06 -12.58 49.67
C SER I 279 -50.27 -14.08 49.59
N LYS I 280 -51.51 -14.54 49.73
CA LYS I 280 -51.73 -15.96 49.83
C LYS I 280 -51.65 -16.65 48.48
N THR I 281 -51.70 -15.90 47.38
CA THR I 281 -51.45 -16.51 46.08
C THR I 281 -49.97 -16.75 45.86
N ALA I 282 -49.14 -15.77 46.23
CA ALA I 282 -47.70 -15.97 46.18
C ALA I 282 -47.28 -17.13 47.06
N GLY I 283 -48.05 -17.42 48.11
CA GLY I 283 -47.80 -18.62 48.87
C GLY I 283 -48.10 -19.88 48.07
N ALA I 284 -49.19 -19.87 47.31
CA ALA I 284 -49.52 -21.02 46.47
C ALA I 284 -48.52 -21.19 45.33
N VAL I 285 -47.93 -20.10 44.86
CA VAL I 285 -46.88 -20.20 43.85
C VAL I 285 -45.60 -20.73 44.46
N ARG I 286 -45.34 -20.40 45.72
CA ARG I 286 -44.13 -20.89 46.36
C ARG I 286 -44.24 -22.34 46.79
N LYS I 287 -45.45 -22.79 47.13
CA LYS I 287 -45.66 -24.18 47.51
C LYS I 287 -45.59 -25.14 46.34
N MET I 288 -45.38 -24.64 45.12
CA MET I 288 -45.23 -25.52 43.97
C MET I 288 -43.84 -26.12 43.98
N LYS I 289 -43.77 -27.43 43.79
CA LYS I 289 -42.53 -28.16 43.94
C LYS I 289 -42.45 -29.23 42.87
N ASP I 290 -41.29 -29.86 42.78
CA ASP I 290 -41.06 -30.95 41.83
C ASP I 290 -41.38 -32.28 42.51
N ALA I 291 -41.00 -33.40 41.88
CA ALA I 291 -41.29 -34.70 42.45
C ALA I 291 -40.42 -35.02 43.66
N ASP I 292 -39.38 -34.23 43.91
CA ASP I 292 -38.60 -34.38 45.13
C ASP I 292 -39.24 -33.66 46.30
N GLY I 293 -39.93 -32.56 46.03
CA GLY I 293 -40.44 -31.71 47.10
C GLY I 293 -39.48 -30.58 47.37
N ARG I 294 -39.07 -29.89 46.30
CA ARG I 294 -37.94 -28.97 46.38
C ARG I 294 -38.29 -27.54 45.96
N PHE I 295 -39.58 -27.17 45.96
CA PHE I 295 -39.97 -25.76 45.89
C PHE I 295 -39.40 -25.06 44.65
N LEU I 296 -39.93 -25.43 43.48
CA LEU I 296 -39.49 -24.91 42.20
C LEU I 296 -39.08 -23.44 42.24
N TRP I 297 -39.81 -22.63 42.97
CA TRP I 297 -39.49 -21.23 43.20
C TRP I 297 -38.80 -21.11 44.55
N ALA I 298 -37.55 -20.61 44.56
CA ALA I 298 -36.77 -20.43 45.80
C ALA I 298 -36.60 -21.77 46.54
N ASP I 299 -35.81 -22.64 45.92
CA ASP I 299 -35.76 -24.05 46.31
C ASP I 299 -35.39 -24.25 47.77
N SER I 300 -34.48 -23.44 48.31
CA SER I 300 -34.00 -23.66 49.67
C SER I 300 -35.09 -23.29 50.68
N LEU I 301 -34.78 -23.47 51.95
CA LEU I 301 -35.64 -22.98 53.01
C LEU I 301 -35.14 -21.70 53.65
N ALA I 302 -34.04 -21.13 53.16
CA ALA I 302 -33.81 -19.71 53.40
C ALA I 302 -34.55 -18.88 52.36
N ALA I 303 -34.13 -18.98 51.11
CA ALA I 303 -34.99 -18.78 49.95
C ALA I 303 -35.45 -17.35 49.71
N GLY I 304 -35.33 -16.47 50.69
CA GLY I 304 -35.39 -15.05 50.41
C GLY I 304 -36.66 -14.40 49.86
N GLU I 305 -37.61 -15.23 49.44
CA GLU I 305 -38.81 -14.75 48.68
C GLU I 305 -38.32 -13.91 47.50
N PRO I 306 -37.82 -14.53 46.38
CA PRO I 306 -36.97 -13.90 45.35
C PRO I 306 -37.56 -12.67 44.68
N ALA I 307 -38.87 -12.50 44.68
CA ALA I 307 -39.54 -11.35 44.08
C ALA I 307 -39.27 -11.21 42.58
N ARG I 308 -38.68 -12.23 41.96
CA ARG I 308 -38.48 -12.26 40.51
C ARG I 308 -39.04 -13.58 40.00
N LEU I 309 -40.18 -13.54 39.33
CA LEU I 309 -40.83 -14.74 38.82
C LEU I 309 -40.67 -14.74 37.30
N MET I 310 -40.04 -15.79 36.76
CA MET I 310 -39.83 -15.92 35.32
C MET I 310 -39.03 -14.75 34.78
N GLY I 311 -38.21 -14.13 35.62
CA GLY I 311 -37.47 -12.98 35.18
C GLY I 311 -38.25 -11.68 35.21
N TYR I 312 -39.52 -11.73 35.58
CA TYR I 312 -40.34 -10.54 35.63
C TYR I 312 -40.76 -10.25 37.06
N PRO I 313 -40.80 -8.98 37.45
CA PRO I 313 -41.08 -8.63 38.85
C PRO I 313 -42.44 -9.12 39.29
N VAL I 314 -42.67 -9.03 40.59
CA VAL I 314 -43.92 -9.44 41.19
C VAL I 314 -44.40 -8.32 42.10
N LEU I 315 -45.68 -7.96 41.96
CA LEU I 315 -46.32 -6.99 42.85
C LEU I 315 -47.33 -7.73 43.71
N ILE I 316 -47.12 -7.71 45.02
CA ILE I 316 -48.01 -8.41 45.94
C ILE I 316 -49.10 -7.40 46.31
N ALA I 317 -50.16 -7.40 45.51
CA ALA I 317 -51.29 -6.49 45.71
C ALA I 317 -52.40 -7.24 46.43
N GLU I 318 -52.66 -6.87 47.68
CA GLU I 318 -53.57 -7.62 48.53
C GLU I 318 -55.03 -7.47 48.13
N ASP I 319 -55.35 -6.69 47.11
CA ASP I 319 -56.73 -6.48 46.70
C ASP I 319 -57.14 -7.39 45.55
N MET I 320 -56.22 -8.17 45.00
CA MET I 320 -56.57 -9.15 43.99
C MET I 320 -57.39 -10.26 44.63
N PRO I 321 -58.17 -10.99 43.85
CA PRO I 321 -58.90 -12.12 44.42
C PRO I 321 -57.96 -13.27 44.70
N ASP I 322 -58.36 -14.12 45.64
CA ASP I 322 -57.57 -15.29 45.97
C ASP I 322 -57.91 -16.43 45.03
N ILE I 323 -57.25 -17.57 45.23
CA ILE I 323 -57.52 -18.75 44.42
C ILE I 323 -58.89 -19.28 44.79
N ALA I 324 -59.78 -19.38 43.81
CA ALA I 324 -61.17 -19.69 44.06
C ALA I 324 -61.71 -20.48 42.87
N ALA I 325 -63.04 -20.56 42.78
CA ALA I 325 -63.67 -21.38 41.74
C ALA I 325 -63.31 -20.88 40.35
N ASN I 326 -63.66 -19.63 40.04
CA ASN I 326 -63.38 -19.06 38.73
C ASN I 326 -62.69 -17.72 38.88
N ALA I 327 -61.83 -17.60 39.87
CA ALA I 327 -61.19 -16.34 40.14
C ALA I 327 -60.03 -16.10 39.18
N TYR I 328 -59.62 -14.84 39.10
CA TYR I 328 -58.46 -14.43 38.31
C TYR I 328 -57.48 -13.87 39.32
N ALA I 329 -56.69 -14.75 39.92
CA ALA I 329 -55.87 -14.36 41.07
C ALA I 329 -54.50 -13.85 40.68
N ILE I 330 -53.98 -14.29 39.53
CA ILE I 330 -52.67 -13.86 39.04
C ILE I 330 -52.90 -13.12 37.74
N ALA I 331 -52.38 -11.90 37.66
CA ALA I 331 -52.52 -11.07 36.47
C ALA I 331 -51.13 -10.62 36.05
N PHE I 332 -50.60 -11.27 35.02
CA PHE I 332 -49.32 -10.87 34.45
C PHE I 332 -49.59 -9.93 33.30
N GLY I 333 -49.06 -8.72 33.38
CA GLY I 333 -49.31 -7.75 32.35
C GLY I 333 -48.36 -6.58 32.46
N ASP I 334 -48.23 -5.87 31.35
CA ASP I 334 -47.47 -4.62 31.29
C ASP I 334 -48.43 -3.50 31.62
N PHE I 335 -48.47 -3.10 32.89
CA PHE I 335 -49.39 -2.07 33.33
C PHE I 335 -48.87 -0.66 33.12
N GLY I 336 -47.62 -0.50 32.70
CA GLY I 336 -47.17 0.81 32.27
C GLY I 336 -47.95 1.32 31.08
N ASN I 337 -48.25 0.44 30.13
CA ASN I 337 -49.09 0.77 28.99
C ASN I 337 -50.54 0.40 29.18
N GLY I 338 -50.82 -0.66 29.95
CA GLY I 338 -52.17 -1.15 30.09
C GLY I 338 -53.08 -0.27 30.90
N TYR I 339 -52.73 -0.02 32.15
CA TYR I 339 -53.58 0.72 33.07
C TYR I 339 -53.08 2.14 33.20
N THR I 340 -53.97 3.10 32.93
CA THR I 340 -53.66 4.53 33.04
C THR I 340 -54.38 5.10 34.24
N ILE I 341 -53.62 5.72 35.15
CA ILE I 341 -54.17 6.40 36.31
C ILE I 341 -54.08 7.90 36.07
N ALA I 342 -55.20 8.58 36.22
CA ALA I 342 -55.24 10.04 36.15
C ALA I 342 -55.56 10.59 37.53
N GLU I 343 -54.82 11.60 37.95
CA GLU I 343 -54.96 12.06 39.32
C GLU I 343 -54.43 13.48 39.48
N ARG I 344 -54.77 14.07 40.61
CA ARG I 344 -54.18 15.27 41.18
C ARG I 344 -53.43 14.90 42.45
N PRO I 345 -52.30 15.51 42.72
CA PRO I 345 -51.48 15.06 43.84
C PRO I 345 -51.96 15.54 45.20
N ASP I 346 -52.48 16.75 45.26
CA ASP I 346 -52.81 17.37 46.52
C ASP I 346 -54.05 16.75 47.14
N LEU I 347 -54.27 17.07 48.42
CA LEU I 347 -55.40 16.59 49.20
C LEU I 347 -56.00 17.75 49.98
N ARG I 348 -57.32 17.72 50.16
CA ARG I 348 -58.08 18.81 50.76
C ARG I 348 -58.48 18.45 52.18
N VAL I 349 -58.31 19.38 53.12
CA VAL I 349 -58.45 19.06 54.54
C VAL I 349 -59.49 19.94 55.22
N LEU I 350 -60.59 20.23 54.54
CA LEU I 350 -61.65 21.05 55.13
C LEU I 350 -62.20 20.42 56.39
N ARG I 351 -62.17 21.17 57.50
CA ARG I 351 -62.84 20.78 58.73
C ARG I 351 -63.80 21.89 59.15
N ASP I 352 -64.99 21.50 59.60
CA ASP I 352 -66.06 22.47 59.87
C ASP I 352 -66.70 22.23 61.23
N PRO I 353 -66.33 23.02 62.24
CA PRO I 353 -67.10 22.99 63.49
C PRO I 353 -68.46 23.63 63.37
N PHE I 354 -68.85 24.06 62.18
CA PHE I 354 -70.05 24.87 61.98
C PHE I 354 -71.26 24.04 61.59
N SER I 355 -71.11 23.07 60.69
CA SER I 355 -72.27 22.36 60.18
C SER I 355 -73.01 21.63 61.28
N ALA I 356 -72.41 20.57 61.83
CA ALA I 356 -72.94 19.88 62.99
C ALA I 356 -72.24 20.46 64.20
N LYS I 357 -72.96 21.28 64.96
CA LYS I 357 -72.30 22.13 65.96
C LYS I 357 -71.55 21.34 67.02
N PRO I 358 -72.14 20.35 67.71
CA PRO I 358 -71.38 19.67 68.76
C PRO I 358 -70.20 18.87 68.24
N HIS I 359 -70.13 18.58 66.95
CA HIS I 359 -69.10 17.76 66.36
C HIS I 359 -68.22 18.61 65.45
N VAL I 360 -67.27 17.97 64.76
CA VAL I 360 -66.25 18.68 64.00
C VAL I 360 -66.25 18.32 62.52
N LEU I 361 -66.50 17.05 62.19
CA LEU I 361 -66.71 16.64 60.79
C LEU I 361 -65.50 16.93 59.90
N PHE I 362 -64.38 16.28 60.19
CA PHE I 362 -63.21 16.44 59.35
C PHE I 362 -63.48 15.88 57.96
N TYR I 363 -63.23 16.67 56.93
CA TYR I 363 -63.51 16.26 55.56
C TYR I 363 -62.22 16.32 54.77
N ALA I 364 -61.73 15.16 54.35
CA ALA I 364 -60.53 15.05 53.55
C ALA I 364 -60.88 14.35 52.25
N SER I 365 -60.35 14.87 51.15
CA SER I 365 -60.73 14.34 49.84
C SER I 365 -59.60 14.53 48.86
N LYS I 366 -59.33 13.49 48.08
CA LYS I 366 -58.44 13.59 46.94
C LYS I 366 -59.11 12.90 45.77
N ARG I 367 -58.86 13.40 44.57
CA ARG I 367 -59.57 12.94 43.39
C ARG I 367 -58.61 12.24 42.44
N VAL I 368 -59.06 11.10 41.92
CA VAL I 368 -58.21 10.18 41.17
C VAL I 368 -59.12 9.27 40.37
N GLY I 369 -58.63 8.81 39.23
CA GLY I 369 -59.41 7.91 38.40
C GLY I 369 -58.55 7.21 37.38
N GLY I 370 -59.11 6.12 36.83
CA GLY I 370 -58.39 5.35 35.83
C GLY I 370 -59.06 4.07 35.38
N ASP I 371 -58.87 3.70 34.11
CA ASP I 371 -59.27 2.40 33.61
C ASP I 371 -58.20 1.91 32.67
N VAL I 372 -58.41 0.73 32.06
CA VAL I 372 -57.36 0.17 31.21
C VAL I 372 -57.29 0.96 29.91
N SER I 373 -56.08 1.39 29.58
CA SER I 373 -55.84 2.11 28.35
C SER I 373 -55.33 1.21 27.24
N ASP I 374 -54.99 -0.03 27.55
CA ASP I 374 -54.53 -0.99 26.55
C ASP I 374 -55.02 -2.37 26.97
N PHE I 375 -55.98 -2.91 26.23
CA PHE I 375 -56.51 -4.22 26.57
C PHE I 375 -55.53 -5.35 26.23
N ALA I 376 -54.51 -5.06 25.43
CA ALA I 376 -53.57 -6.11 25.04
C ALA I 376 -52.43 -6.30 26.01
N ALA I 377 -52.19 -5.33 26.89
CA ALA I 377 -51.01 -5.34 27.76
C ALA I 377 -51.29 -5.93 29.13
N ILE I 378 -52.41 -6.63 29.29
CA ILE I 378 -52.73 -7.30 30.54
C ILE I 378 -53.34 -8.65 30.21
N LYS I 379 -52.79 -9.71 30.80
CA LYS I 379 -53.34 -11.05 30.68
C LYS I 379 -53.68 -11.56 32.06
N LEU I 380 -54.61 -12.51 32.11
CA LEU I 380 -55.14 -12.99 33.37
C LEU I 380 -54.99 -14.50 33.48
N LEU I 381 -55.10 -15.01 34.71
CA LEU I 381 -54.99 -16.44 34.97
C LEU I 381 -56.29 -16.89 35.63
N LYS I 382 -57.21 -17.39 34.83
CA LYS I 382 -58.45 -17.94 35.36
C LYS I 382 -58.21 -19.32 35.92
N PHE I 383 -58.80 -19.61 37.07
CA PHE I 383 -58.53 -20.83 37.83
C PHE I 383 -59.58 -21.90 37.57
N ALA I 384 -60.06 -22.00 36.34
CA ALA I 384 -61.00 -23.05 35.98
C ALA I 384 -60.49 -23.80 34.76
N ALA I 385 -61.31 -24.69 34.22
CA ALA I 385 -60.93 -25.45 33.03
C ALA I 385 -60.90 -24.56 31.80
N ALA J 89 43.86 -53.46 46.15
CA ALA J 89 42.73 -52.55 46.10
C ALA J 89 41.85 -52.82 44.91
N LEU J 90 40.89 -53.73 45.09
CA LEU J 90 39.89 -54.04 44.08
C LEU J 90 38.68 -54.63 44.78
N ASN J 91 37.62 -54.84 44.01
CA ASN J 91 36.41 -55.56 44.43
C ASN J 91 35.94 -55.19 45.82
N SER J 92 35.45 -53.96 45.98
CA SER J 92 34.97 -53.46 47.27
C SER J 92 34.00 -54.40 47.98
N ALA J 93 33.45 -55.38 47.24
CA ALA J 93 32.52 -56.33 47.85
C ALA J 93 33.16 -57.08 49.00
N VAL J 94 34.43 -57.47 48.85
CA VAL J 94 35.15 -58.20 49.89
C VAL J 94 36.05 -57.23 50.63
N ALA J 95 35.99 -57.25 51.95
CA ALA J 95 36.62 -56.22 52.77
C ALA J 95 38.13 -56.37 52.85
N ALA J 96 38.65 -57.58 52.65
CA ALA J 96 40.08 -57.78 52.84
C ALA J 96 40.90 -57.01 51.81
N GLU J 97 40.40 -56.93 50.57
CA GLU J 97 41.17 -56.31 49.50
C GLU J 97 40.92 -54.81 49.40
N GLY J 98 39.69 -54.43 49.10
CA GLY J 98 39.42 -53.01 48.92
C GLY J 98 38.21 -52.53 49.69
N GLY J 99 37.55 -53.43 50.39
CA GLY J 99 36.31 -53.09 51.04
C GLY J 99 36.43 -52.33 52.34
N TYR J 100 37.64 -52.05 52.80
CA TYR J 100 37.82 -51.31 54.04
C TYR J 100 37.70 -49.81 53.87
N LEU J 101 37.57 -49.32 52.64
CA LEU J 101 37.70 -47.92 52.34
C LEU J 101 36.48 -47.38 51.58
N VAL J 102 35.29 -47.75 52.02
CA VAL J 102 34.05 -47.38 51.37
C VAL J 102 33.20 -46.43 52.23
N ASP J 103 32.95 -46.81 53.49
CA ASP J 103 32.31 -45.91 54.46
C ASP J 103 30.95 -45.36 54.02
N PRO J 104 29.88 -46.15 54.10
CA PRO J 104 28.57 -45.66 53.67
C PRO J 104 28.02 -44.57 54.58
N GLN J 105 27.28 -43.64 53.97
CA GLN J 105 26.68 -42.54 54.71
C GLN J 105 25.62 -43.05 55.68
N THR J 106 25.54 -42.44 56.86
CA THR J 106 24.53 -42.86 57.81
C THR J 106 23.27 -42.02 57.74
N SER J 107 23.38 -40.74 58.09
CA SER J 107 22.25 -39.82 58.07
C SER J 107 22.69 -38.45 58.55
N GLU J 108 21.78 -37.50 58.59
CA GLU J 108 22.01 -36.27 59.32
C GLU J 108 21.32 -36.25 60.67
N THR J 109 20.30 -37.07 60.86
CA THR J 109 19.54 -37.09 62.10
C THR J 109 18.81 -38.42 62.20
N ILE J 110 18.48 -38.80 63.42
CA ILE J 110 17.78 -40.05 63.69
C ILE J 110 16.28 -39.78 63.63
N ARG J 111 15.62 -40.29 62.59
CA ARG J 111 14.22 -40.03 62.37
C ARG J 111 13.37 -41.12 63.05
N GLY J 112 12.06 -40.95 62.99
CA GLY J 112 11.16 -41.91 63.60
C GLY J 112 9.76 -41.72 63.08
N VAL J 113 8.84 -42.51 63.62
CA VAL J 113 7.45 -42.45 63.21
C VAL J 113 6.85 -41.13 63.65
N LEU J 114 5.89 -40.64 62.86
CA LEU J 114 5.16 -39.42 63.17
C LEU J 114 3.85 -39.81 63.84
N ARG J 115 3.64 -39.36 65.07
CA ARG J 115 2.43 -39.66 65.81
C ARG J 115 1.58 -38.41 65.96
N SER J 116 0.27 -38.63 66.14
CA SER J 116 -0.70 -37.56 66.08
C SER J 116 -0.57 -36.63 67.29
N THR J 117 -0.70 -35.33 67.06
CA THR J 117 -0.63 -34.34 68.12
C THR J 117 -1.98 -33.88 68.63
N ALA J 118 -3.08 -34.37 68.05
CA ALA J 118 -4.39 -34.04 68.57
C ALA J 118 -4.56 -34.64 69.96
N SER J 119 -4.95 -33.82 70.93
CA SER J 119 -4.77 -34.21 72.32
C SER J 119 -5.93 -33.91 73.26
N LEU J 120 -7.06 -33.42 72.78
CA LEU J 120 -8.16 -32.97 73.64
C LEU J 120 -7.69 -31.86 74.58
N ARG J 121 -6.50 -31.34 74.37
CA ARG J 121 -5.93 -30.35 75.26
C ARG J 121 -6.09 -28.94 74.74
N GLN J 122 -6.22 -28.77 73.44
CA GLN J 122 -6.41 -27.44 72.88
C GLN J 122 -7.89 -27.04 72.87
N ILE J 123 -8.78 -27.90 73.32
CA ILE J 123 -10.18 -27.53 73.47
C ILE J 123 -10.65 -27.60 74.91
N ALA J 124 -9.97 -28.34 75.79
CA ALA J 124 -10.39 -28.44 77.18
C ALA J 124 -9.88 -27.23 77.95
N SER J 125 -10.18 -27.20 79.25
CA SER J 125 -9.84 -26.08 80.11
C SER J 125 -8.61 -26.45 80.93
N VAL J 126 -7.51 -25.76 80.68
CA VAL J 126 -6.25 -25.98 81.38
C VAL J 126 -6.11 -24.95 82.49
N VAL J 127 -5.91 -25.42 83.72
CA VAL J 127 -5.77 -24.57 84.89
C VAL J 127 -4.46 -24.93 85.57
N ASN J 128 -3.48 -24.05 85.50
CA ASN J 128 -2.18 -24.31 86.11
C ASN J 128 -2.33 -24.28 87.62
N VAL J 129 -2.27 -25.43 88.26
CA VAL J 129 -2.46 -25.54 89.70
C VAL J 129 -1.19 -26.08 90.32
N GLU J 130 -0.78 -25.49 91.43
CA GLU J 130 0.38 -25.95 92.18
C GLU J 130 -0.13 -26.37 93.55
N ALA J 131 -0.67 -27.59 93.62
CA ALA J 131 -1.30 -28.14 94.80
C ALA J 131 -1.56 -29.61 94.52
N THR J 132 -2.05 -30.32 95.53
CA THR J 132 -2.22 -31.75 95.36
C THR J 132 -3.45 -32.12 94.56
N SER J 133 -4.49 -31.27 94.57
CA SER J 133 -5.71 -31.58 93.88
C SER J 133 -6.43 -30.27 93.60
N PHE J 134 -7.38 -30.33 92.66
CA PHE J 134 -8.12 -29.17 92.23
C PHE J 134 -9.60 -29.47 92.41
N ASP J 135 -10.28 -28.65 93.20
CA ASP J 135 -11.66 -28.92 93.61
C ASP J 135 -12.56 -27.89 92.95
N VAL J 136 -13.15 -28.24 91.83
CA VAL J 136 -14.10 -27.35 91.19
C VAL J 136 -15.43 -27.43 91.93
N LEU J 137 -16.24 -26.39 91.81
CA LEU J 137 -17.52 -26.34 92.48
C LEU J 137 -18.60 -26.02 91.46
N VAL J 138 -19.66 -26.82 91.44
CA VAL J 138 -20.69 -26.66 90.43
C VAL J 138 -22.05 -26.60 91.11
N ASP J 139 -22.96 -25.81 90.53
CA ASP J 139 -24.35 -25.76 90.96
C ASP J 139 -25.14 -26.70 90.08
N LYS J 140 -25.43 -27.90 90.57
CA LYS J 140 -26.04 -28.90 89.71
C LYS J 140 -27.53 -28.69 89.49
N THR J 141 -28.15 -27.72 90.18
CA THR J 141 -29.54 -27.34 89.94
C THR J 141 -29.65 -25.82 89.93
N ASP J 142 -30.88 -25.31 89.81
CA ASP J 142 -31.10 -23.87 89.85
C ASP J 142 -32.13 -23.54 90.92
N MET J 143 -32.41 -22.25 91.06
CA MET J 143 -33.30 -21.76 92.11
C MET J 143 -34.76 -21.97 91.71
N GLY J 144 -35.67 -21.38 92.47
CA GLY J 144 -37.09 -21.48 92.19
C GLY J 144 -37.68 -20.17 91.68
N SER J 145 -38.73 -20.30 90.90
CA SER J 145 -39.41 -19.15 90.31
C SER J 145 -40.30 -18.48 91.35
N GLY J 146 -41.02 -17.44 90.91
CA GLY J 146 -41.77 -16.55 91.81
C GLY J 146 -43.22 -16.39 91.44
N TRP J 147 -43.57 -15.30 90.75
CA TRP J 147 -44.99 -15.01 90.42
C TRP J 147 -45.81 -14.92 91.72
N ALA J 148 -45.26 -14.26 92.74
CA ALA J 148 -45.96 -14.13 94.05
C ALA J 148 -47.24 -13.31 93.89
N SER J 149 -48.32 -13.74 94.56
CA SER J 149 -49.62 -13.01 94.49
C SER J 149 -49.57 -11.72 95.31
N GLU J 150 -50.48 -10.78 95.01
CA GLU J 150 -50.54 -9.49 95.76
C GLU J 150 -50.49 -9.78 97.27
N THR J 151 -51.40 -10.63 97.76
CA THR J 151 -51.56 -10.81 99.20
C THR J 151 -51.48 -12.31 99.51
N ALA J 152 -50.26 -12.78 99.75
CA ALA J 152 -50.06 -14.16 100.17
C ALA J 152 -48.66 -14.28 100.73
N ALA J 153 -48.54 -14.85 101.92
CA ALA J 153 -47.24 -15.03 102.52
C ALA J 153 -46.41 -15.96 101.65
N LEU J 154 -45.39 -15.42 101.00
CA LEU J 154 -44.59 -16.21 100.07
C LEU J 154 -43.57 -17.03 100.84
N SER J 155 -43.44 -18.29 100.46
CA SER J 155 -42.58 -19.23 101.16
C SER J 155 -41.15 -19.15 100.63
N GLU J 156 -40.23 -19.70 101.42
CA GLU J 156 -38.83 -19.73 101.03
C GLU J 156 -38.66 -20.42 99.69
N THR J 157 -37.81 -19.85 98.85
CA THR J 157 -37.56 -20.40 97.53
C THR J 157 -36.43 -21.41 97.58
N ALA J 158 -36.55 -22.47 96.78
CA ALA J 158 -35.50 -23.47 96.70
C ALA J 158 -34.19 -22.84 96.23
N THR J 159 -33.09 -23.52 96.53
CA THR J 159 -31.74 -23.06 96.23
C THR J 159 -31.01 -24.07 95.35
N PRO J 160 -29.94 -23.66 94.70
CA PRO J 160 -29.14 -24.63 93.93
C PRO J 160 -28.30 -25.47 94.87
N GLN J 161 -28.28 -26.77 94.62
CA GLN J 161 -27.43 -27.63 95.40
C GLN J 161 -26.10 -27.81 94.69
N ILE J 162 -25.06 -28.15 95.46
CA ILE J 162 -23.69 -27.96 95.05
C ILE J 162 -22.95 -29.29 95.11
N ASP J 163 -22.13 -29.54 94.10
CA ASP J 163 -21.25 -30.70 94.05
C ASP J 163 -19.82 -30.24 93.83
N ARG J 164 -18.88 -30.98 94.39
CA ARG J 164 -17.46 -30.66 94.31
C ARG J 164 -16.73 -31.79 93.62
N ILE J 165 -15.89 -31.46 92.64
CA ILE J 165 -15.17 -32.44 91.85
C ILE J 165 -13.69 -32.27 92.10
N THR J 166 -13.02 -33.33 92.52
CA THR J 166 -11.61 -33.29 92.89
C THR J 166 -10.78 -33.79 91.73
N ILE J 167 -9.94 -32.93 91.17
CA ILE J 167 -8.95 -33.31 90.16
C ILE J 167 -7.70 -33.79 90.88
N PRO J 168 -7.44 -35.11 90.95
CA PRO J 168 -6.39 -35.60 91.85
C PRO J 168 -4.98 -35.20 91.42
N LEU J 169 -4.77 -34.81 90.17
CA LEU J 169 -3.46 -34.32 89.71
C LEU J 169 -2.35 -35.35 89.93
N HIS J 170 -2.45 -36.47 89.21
CA HIS J 170 -1.40 -37.47 89.20
C HIS J 170 -0.19 -36.95 88.43
N GLU J 171 0.84 -37.78 88.31
CA GLU J 171 2.03 -37.41 87.55
C GLU J 171 2.39 -38.52 86.58
N LEU J 172 3.33 -38.20 85.70
CA LEU J 172 3.69 -39.05 84.57
C LEU J 172 5.21 -39.02 84.44
N ALA J 173 5.86 -40.16 84.64
CA ALA J 173 7.32 -40.19 84.77
C ALA J 173 7.94 -41.26 83.88
N ALA J 174 9.11 -40.92 83.32
CA ALA J 174 9.90 -41.83 82.51
C ALA J 174 11.37 -41.62 82.83
N MET J 175 12.16 -42.69 82.71
CA MET J 175 13.56 -42.66 83.14
C MET J 175 14.41 -43.57 82.26
N PRO J 176 14.96 -43.03 81.17
CA PRO J 176 15.89 -43.81 80.34
C PRO J 176 17.36 -43.57 80.66
N LYS J 177 18.14 -44.65 80.63
CA LYS J 177 19.58 -44.57 80.83
C LYS J 177 20.28 -44.20 79.54
N ALA J 178 21.56 -43.83 79.65
CA ALA J 178 22.32 -43.48 78.47
C ALA J 178 23.75 -44.01 78.43
N SER J 179 24.34 -44.32 79.59
CA SER J 179 25.81 -44.53 79.69
C SER J 179 26.60 -43.30 79.24
N GLN J 180 27.37 -42.70 80.15
CA GLN J 180 28.11 -41.45 79.80
C GLN J 180 29.06 -41.73 78.63
N ARG J 181 29.58 -42.96 78.52
CA ARG J 181 30.57 -43.32 77.46
C ARG J 181 29.97 -43.22 76.05
N LEU J 182 28.65 -43.29 75.90
CA LEU J 182 27.99 -43.24 74.56
C LEU J 182 27.72 -41.79 74.14
N LEU J 183 27.22 -40.99 75.07
CA LEU J 183 26.75 -39.62 74.91
C LEU J 183 27.85 -38.72 74.36
N ASP J 184 29.06 -38.86 74.87
CA ASP J 184 30.13 -37.94 74.51
C ASP J 184 30.65 -38.14 73.10
N ASP J 185 30.50 -39.34 72.53
CA ASP J 185 31.03 -39.64 71.20
C ASP J 185 29.93 -40.27 70.35
N SER J 186 29.02 -39.46 69.83
CA SER J 186 27.93 -39.99 69.02
C SER J 186 27.60 -39.17 67.79
N ALA J 187 28.24 -38.01 67.59
CA ALA J 187 28.11 -37.22 66.37
C ALA J 187 26.72 -36.62 66.20
N PHE J 188 25.78 -36.93 67.08
CA PHE J 188 24.54 -36.17 67.18
C PHE J 188 23.95 -36.39 68.55
N ASP J 189 23.21 -35.39 69.02
CA ASP J 189 22.94 -35.25 70.45
C ASP J 189 21.83 -36.19 70.86
N ILE J 190 22.13 -37.09 71.79
CA ILE J 190 21.10 -37.89 72.44
C ILE J 190 20.45 -37.12 73.56
N GLU J 191 21.17 -36.17 74.16
CA GLU J 191 20.59 -35.32 75.20
C GLU J 191 19.31 -34.68 74.72
N THR J 192 19.36 -33.92 73.63
CA THR J 192 18.17 -33.30 73.09
C THR J 192 17.28 -34.29 72.33
N TRP J 193 17.73 -35.52 72.12
CA TRP J 193 16.89 -36.49 71.44
C TRP J 193 16.05 -37.29 72.43
N LEU J 194 16.56 -37.54 73.63
CA LEU J 194 15.72 -38.16 74.65
C LEU J 194 14.70 -37.17 75.18
N ALA J 195 15.05 -35.88 75.22
CA ALA J 195 14.07 -34.88 75.63
C ALA J 195 13.04 -34.62 74.54
N ASN J 196 13.42 -34.80 73.27
CA ASN J 196 12.44 -34.68 72.20
C ASN J 196 11.51 -35.89 72.16
N ARG J 197 11.93 -37.03 72.66
CA ARG J 197 11.09 -38.22 72.68
C ARG J 197 10.25 -38.30 73.93
N ILE J 198 10.77 -37.84 75.06
CA ILE J 198 10.01 -37.84 76.30
C ILE J 198 8.90 -36.80 76.22
N ALA J 199 9.21 -35.60 75.74
CA ALA J 199 8.22 -34.55 75.66
C ALA J 199 7.04 -34.94 74.76
N ASP J 200 7.25 -35.84 73.81
CA ASP J 200 6.14 -36.28 72.98
C ASP J 200 5.42 -37.47 73.59
N LYS J 201 6.13 -38.40 74.23
CA LYS J 201 5.46 -39.52 74.87
C LYS J 201 4.58 -39.05 76.01
N PHE J 202 5.01 -38.02 76.72
CA PHE J 202 4.18 -37.46 77.78
C PHE J 202 2.97 -36.75 77.19
N ALA J 203 3.19 -35.91 76.17
CA ALA J 203 2.09 -35.23 75.51
C ALA J 203 1.18 -36.18 74.76
N ARG J 204 1.58 -37.43 74.57
CA ARG J 204 0.75 -38.42 73.91
C ARG J 204 0.11 -39.41 74.86
N ALA J 205 0.71 -39.64 76.02
CA ALA J 205 0.08 -40.50 77.02
C ALA J 205 -0.94 -39.73 77.83
N GLU J 206 -0.66 -38.46 78.12
CA GLU J 206 -1.65 -37.64 78.80
C GLU J 206 -2.84 -37.34 77.90
N ALA J 207 -2.67 -37.42 76.58
CA ALA J 207 -3.78 -37.21 75.67
C ALA J 207 -4.72 -38.39 75.65
N ALA J 208 -4.17 -39.60 75.71
CA ALA J 208 -4.99 -40.80 75.73
C ALA J 208 -5.71 -40.96 77.06
N ALA J 209 -5.16 -40.38 78.12
CA ALA J 209 -5.77 -40.50 79.43
C ALA J 209 -6.94 -39.56 79.58
N PHE J 210 -6.94 -38.44 78.87
CA PHE J 210 -8.04 -37.50 78.93
C PHE J 210 -9.31 -38.03 78.29
N ILE J 211 -9.26 -39.18 77.65
CA ILE J 211 -10.41 -39.69 76.92
C ILE J 211 -10.85 -41.01 77.52
N SER J 212 -9.98 -42.01 77.48
CA SER J 212 -10.33 -43.33 77.98
C SER J 212 -9.63 -43.65 79.29
N GLY J 213 -8.97 -42.67 79.89
CA GLY J 213 -8.23 -42.92 81.12
C GLY J 213 -9.19 -43.21 82.25
N ASP J 214 -8.82 -44.18 83.08
CA ASP J 214 -9.63 -44.53 84.22
C ASP J 214 -9.18 -43.72 85.43
N GLY J 215 -9.63 -44.10 86.62
CA GLY J 215 -9.31 -43.33 87.78
C GLY J 215 -7.91 -43.52 88.30
N VAL J 216 -7.46 -44.77 88.38
CA VAL J 216 -6.29 -45.09 89.18
C VAL J 216 -5.05 -44.46 88.57
N ASP J 217 -4.39 -43.61 89.34
CA ASP J 217 -3.08 -43.05 89.06
C ASP J 217 -3.02 -42.25 87.78
N LYS J 218 -4.15 -42.01 87.12
CA LYS J 218 -4.17 -41.29 85.85
C LYS J 218 -5.52 -40.62 85.70
N PRO J 219 -5.60 -39.55 84.91
CA PRO J 219 -6.87 -38.80 84.81
C PRO J 219 -8.01 -39.64 84.28
N THR J 220 -9.22 -39.33 84.77
CA THR J 220 -10.43 -39.98 84.27
C THR J 220 -10.89 -39.26 83.01
N GLY J 221 -10.82 -39.94 81.88
CA GLY J 221 -11.35 -39.38 80.66
C GLY J 221 -12.85 -39.22 80.72
N PHE J 222 -13.38 -38.45 79.77
CA PHE J 222 -14.81 -38.19 79.79
C PHE J 222 -15.64 -39.40 79.40
N LEU J 223 -15.02 -40.45 78.89
CA LEU J 223 -15.78 -41.61 78.47
C LEU J 223 -16.03 -42.61 79.59
N THR J 224 -15.27 -42.52 80.67
CA THR J 224 -15.49 -43.38 81.83
C THR J 224 -16.31 -42.68 82.90
N LYS J 225 -17.50 -42.22 82.55
CA LYS J 225 -18.29 -41.37 83.44
C LYS J 225 -19.75 -41.81 83.50
N THR J 226 -19.98 -43.10 83.72
CA THR J 226 -21.30 -43.68 84.03
C THR J 226 -22.45 -43.03 83.27
N LYS J 227 -22.29 -42.94 81.96
CA LYS J 227 -23.21 -42.20 81.11
C LYS J 227 -24.59 -42.85 81.07
N VAL J 228 -25.61 -42.01 80.90
CA VAL J 228 -27.00 -42.45 80.84
C VAL J 228 -27.66 -41.84 79.61
N ALA J 229 -28.66 -42.54 79.08
CA ALA J 229 -29.35 -42.09 77.87
C ALA J 229 -29.92 -40.71 78.07
N ASN J 230 -29.86 -39.89 77.03
CA ASN J 230 -30.36 -38.53 77.13
C ASN J 230 -31.88 -38.55 77.29
N GLY J 231 -32.42 -37.44 77.74
CA GLY J 231 -33.83 -37.40 78.11
C GLY J 231 -34.01 -37.78 79.56
N ALA J 232 -33.35 -38.86 79.98
CA ALA J 232 -33.24 -39.21 81.39
C ALA J 232 -31.95 -38.69 82.01
N TRP J 233 -31.42 -37.59 81.50
CA TRP J 233 -30.10 -37.11 81.90
C TRP J 233 -30.16 -36.45 83.27
N ALA J 234 -29.30 -36.88 84.16
CA ALA J 234 -29.09 -36.27 85.47
C ALA J 234 -27.70 -35.67 85.52
N TRP J 235 -27.40 -35.00 86.63
CA TRP J 235 -26.11 -34.32 86.72
C TRP J 235 -24.96 -35.31 86.87
N GLY J 236 -25.19 -36.46 87.48
CA GLY J 236 -24.08 -37.36 87.72
C GLY J 236 -23.56 -38.10 86.50
N SER J 237 -24.17 -37.93 85.33
CA SER J 237 -23.85 -38.79 84.20
C SER J 237 -23.86 -38.00 82.91
N LEU J 238 -23.12 -38.51 81.93
CA LEU J 238 -23.16 -37.94 80.59
C LEU J 238 -24.35 -38.49 79.82
N GLY J 239 -24.75 -37.74 78.79
CA GLY J 239 -25.94 -38.06 78.03
C GLY J 239 -25.56 -38.52 76.62
N TYR J 240 -26.14 -39.64 76.21
CA TYR J 240 -25.89 -40.19 74.90
C TYR J 240 -27.17 -40.30 74.10
N VAL J 241 -27.03 -40.21 72.78
CA VAL J 241 -28.13 -40.41 71.87
C VAL J 241 -27.77 -41.55 70.93
N ALA J 242 -28.69 -42.49 70.76
CA ALA J 242 -28.41 -43.70 70.02
C ALA J 242 -28.67 -43.50 68.54
N THR J 243 -27.97 -44.26 67.72
CA THR J 243 -28.03 -44.08 66.28
C THR J 243 -29.06 -44.99 65.63
N GLY J 244 -28.93 -46.29 65.85
CA GLY J 244 -29.63 -47.24 65.00
C GLY J 244 -28.99 -48.61 65.06
N ALA J 245 -28.61 -49.15 63.90
CA ALA J 245 -27.93 -50.43 63.85
C ALA J 245 -26.77 -50.46 64.83
N ALA J 246 -26.41 -51.66 65.28
CA ALA J 246 -25.48 -51.79 66.40
C ALA J 246 -24.07 -51.40 66.00
N GLY J 247 -23.65 -51.71 64.79
CA GLY J 247 -22.28 -51.48 64.40
C GLY J 247 -22.07 -50.35 63.42
N ASP J 248 -23.07 -49.50 63.20
CA ASP J 248 -22.99 -48.47 62.18
C ASP J 248 -24.19 -47.54 62.35
N PHE J 249 -24.11 -46.37 61.73
CA PHE J 249 -25.27 -45.51 61.64
C PHE J 249 -26.41 -46.26 60.96
N ALA J 250 -27.64 -45.90 61.31
CA ALA J 250 -28.77 -46.51 60.65
C ALA J 250 -28.70 -46.21 59.16
N ALA J 251 -28.67 -47.24 58.34
CA ALA J 251 -28.47 -47.02 56.91
C ALA J 251 -29.79 -46.84 56.18
N VAL J 252 -30.63 -45.96 56.72
CA VAL J 252 -31.81 -45.47 56.01
C VAL J 252 -31.80 -43.96 56.08
N ASN J 253 -31.49 -43.41 57.26
CA ASN J 253 -31.26 -41.98 57.44
C ASN J 253 -30.12 -41.88 58.45
N ALA J 254 -28.90 -41.83 57.93
CA ALA J 254 -27.73 -41.87 58.80
C ALA J 254 -27.53 -40.55 59.52
N SER J 255 -27.86 -39.43 58.87
CA SER J 255 -27.57 -38.14 59.44
C SER J 255 -28.52 -37.73 60.55
N ASP J 256 -29.71 -38.34 60.61
CA ASP J 256 -30.65 -37.98 61.66
C ASP J 256 -30.09 -38.28 63.05
N ALA J 257 -29.14 -39.22 63.14
CA ALA J 257 -28.49 -39.48 64.42
C ALA J 257 -27.51 -38.38 64.79
N VAL J 258 -27.01 -37.62 63.82
CA VAL J 258 -26.09 -36.53 64.11
C VAL J 258 -26.84 -35.24 64.42
N VAL J 259 -27.88 -34.93 63.65
CA VAL J 259 -28.56 -33.64 63.81
C VAL J 259 -29.16 -33.52 65.19
N ASP J 260 -29.55 -34.63 65.81
CA ASP J 260 -30.06 -34.56 67.17
C ASP J 260 -28.98 -34.77 68.21
N LEU J 261 -27.80 -35.27 67.81
CA LEU J 261 -26.64 -35.21 68.71
C LEU J 261 -26.22 -33.77 68.94
N VAL J 262 -26.31 -32.95 67.90
CA VAL J 262 -25.95 -31.54 68.03
C VAL J 262 -26.98 -30.81 68.88
N TYR J 263 -28.25 -30.98 68.56
CA TYR J 263 -29.31 -30.24 69.21
C TYR J 263 -29.72 -30.84 70.55
N ALA J 264 -28.93 -31.77 71.06
CA ALA J 264 -29.13 -32.32 72.39
C ALA J 264 -28.32 -31.60 73.45
N LEU J 265 -27.38 -30.74 73.06
CA LEU J 265 -26.43 -30.21 74.01
C LEU J 265 -26.86 -28.89 74.64
N GLY J 266 -27.59 -28.05 73.92
CA GLY J 266 -28.02 -26.80 74.53
C GLY J 266 -27.37 -25.62 73.86
N ALA J 267 -28.16 -24.60 73.54
CA ALA J 267 -27.66 -23.53 72.69
C ALA J 267 -26.57 -22.71 73.36
N GLU J 268 -26.42 -22.81 74.67
CA GLU J 268 -25.41 -22.01 75.35
C GLU J 268 -24.04 -22.66 75.35
N TYR J 269 -23.99 -23.99 75.28
CA TYR J 269 -22.73 -24.67 75.05
C TYR J 269 -22.40 -24.81 73.59
N ARG J 270 -23.42 -24.93 72.74
CA ARG J 270 -23.19 -25.05 71.31
C ARG J 270 -22.54 -23.82 70.70
N ALA J 271 -22.40 -22.73 71.45
CA ALA J 271 -21.73 -21.54 70.92
C ALA J 271 -20.30 -21.86 70.53
N ASN J 272 -19.59 -22.57 71.40
CA ASN J 272 -18.24 -23.06 71.10
C ASN J 272 -18.16 -24.51 71.55
N ALA J 273 -18.55 -25.41 70.66
CA ALA J 273 -18.48 -26.84 70.87
C ALA J 273 -17.68 -27.46 69.73
N SER J 274 -17.47 -28.76 69.81
CA SER J 274 -16.70 -29.45 68.79
C SER J 274 -16.94 -30.94 68.89
N PHE J 275 -16.82 -31.62 67.76
CA PHE J 275 -16.86 -33.07 67.74
C PHE J 275 -15.49 -33.63 68.07
N VAL J 276 -15.49 -34.82 68.66
CA VAL J 276 -14.26 -35.53 68.98
C VAL J 276 -14.44 -36.95 68.51
N MET J 277 -13.60 -37.39 67.57
CA MET J 277 -13.63 -38.74 67.05
C MET J 277 -12.21 -39.18 66.80
N ASN J 278 -12.02 -40.45 66.46
CA ASN J 278 -10.74 -40.87 65.94
C ASN J 278 -10.78 -40.78 64.42
N SER J 279 -9.75 -41.29 63.75
CA SER J 279 -9.68 -41.12 62.30
C SER J 279 -10.67 -42.04 61.60
N LYS J 280 -10.73 -43.30 62.01
CA LYS J 280 -11.60 -44.24 61.31
C LYS J 280 -13.07 -44.08 61.69
N THR J 281 -13.41 -43.12 62.57
CA THR J 281 -14.79 -42.74 62.73
C THR J 281 -15.15 -41.56 61.83
N ALA J 282 -14.30 -40.55 61.80
CA ALA J 282 -14.49 -39.46 60.86
C ALA J 282 -14.50 -39.97 59.43
N GLY J 283 -13.83 -41.09 59.18
CA GLY J 283 -14.00 -41.76 57.91
C GLY J 283 -15.41 -42.31 57.75
N ALA J 284 -15.91 -42.97 58.80
CA ALA J 284 -17.27 -43.49 58.74
C ALA J 284 -18.29 -42.38 58.58
N VAL J 285 -17.97 -41.19 59.07
CA VAL J 285 -18.85 -40.05 58.84
C VAL J 285 -18.74 -39.57 57.40
N ARG J 286 -17.54 -39.60 56.84
CA ARG J 286 -17.39 -39.17 55.45
C ARG J 286 -18.10 -40.13 54.51
N LYS J 287 -18.13 -41.42 54.84
CA LYS J 287 -18.82 -42.40 54.01
C LYS J 287 -20.33 -42.25 54.04
N MET J 288 -20.86 -41.35 54.86
CA MET J 288 -22.31 -41.16 54.92
C MET J 288 -22.81 -40.64 53.59
N LYS J 289 -23.84 -41.29 53.08
CA LYS J 289 -24.43 -40.95 51.79
C LYS J 289 -25.91 -40.63 51.98
N ASP J 290 -26.47 -39.93 51.01
CA ASP J 290 -27.91 -39.71 51.00
C ASP J 290 -28.57 -40.87 50.25
N ALA J 291 -29.86 -40.74 49.94
CA ALA J 291 -30.54 -41.82 49.22
C ALA J 291 -30.05 -41.94 47.79
N ASP J 292 -29.66 -40.83 47.17
CA ASP J 292 -29.16 -40.90 45.80
C ASP J 292 -27.82 -41.61 45.71
N GLY J 293 -27.11 -41.74 46.81
CA GLY J 293 -25.84 -42.43 46.83
C GLY J 293 -24.65 -41.51 46.82
N ARG J 294 -24.86 -40.21 46.88
CA ARG J 294 -23.76 -39.26 46.92
C ARG J 294 -23.54 -38.79 48.35
N PHE J 295 -22.39 -38.15 48.57
CA PHE J 295 -21.94 -37.85 49.91
C PHE J 295 -22.70 -36.70 50.53
N LEU J 296 -23.00 -36.83 51.83
CA LEU J 296 -23.56 -35.71 52.58
C LEU J 296 -22.47 -34.73 53.00
N TRP J 297 -21.46 -35.24 53.69
CA TRP J 297 -20.29 -34.47 54.09
C TRP J 297 -19.25 -34.51 52.99
N ALA J 298 -18.67 -33.35 52.67
CA ALA J 298 -17.63 -33.26 51.63
C ALA J 298 -18.17 -33.78 50.29
N ASP J 299 -19.04 -32.96 49.71
CA ASP J 299 -19.93 -33.34 48.62
C ASP J 299 -19.37 -34.35 47.62
N SER J 300 -18.19 -34.11 47.06
CA SER J 300 -17.67 -34.98 46.01
C SER J 300 -16.46 -35.78 46.49
N LEU J 301 -16.03 -36.71 45.63
CA LEU J 301 -14.83 -37.48 45.91
C LEU J 301 -13.55 -36.67 45.82
N ALA J 302 -13.60 -35.47 45.26
CA ALA J 302 -12.49 -34.56 45.38
C ALA J 302 -12.72 -33.60 46.54
N ALA J 303 -11.62 -33.07 47.09
CA ALA J 303 -11.67 -32.02 48.10
C ALA J 303 -12.47 -32.48 49.33
N GLY J 304 -11.87 -33.39 50.09
CA GLY J 304 -12.45 -33.86 51.32
C GLY J 304 -12.10 -33.01 52.52
N GLU J 305 -12.63 -33.44 53.68
CA GLU J 305 -12.42 -32.83 54.98
C GLU J 305 -12.89 -31.38 55.04
N PRO J 306 -14.20 -31.16 55.09
CA PRO J 306 -14.71 -29.78 55.14
C PRO J 306 -14.31 -28.99 56.38
N ALA J 307 -13.74 -29.63 57.40
CA ALA J 307 -13.34 -28.96 58.64
C ALA J 307 -14.52 -28.33 59.37
N ARG J 308 -15.72 -28.81 59.09
CA ARG J 308 -16.93 -28.37 59.77
C ARG J 308 -17.88 -29.56 59.79
N LEU J 309 -18.24 -30.04 60.96
CA LEU J 309 -19.27 -31.07 61.06
C LEU J 309 -20.52 -30.37 61.59
N MET J 310 -21.43 -30.07 60.68
CA MET J 310 -22.66 -29.35 61.02
C MET J 310 -22.35 -28.02 61.70
N GLY J 311 -21.34 -27.34 61.18
CA GLY J 311 -20.97 -26.01 61.65
C GLY J 311 -19.99 -25.97 62.79
N TYR J 312 -19.62 -27.11 63.37
CA TYR J 312 -18.77 -27.09 64.54
C TYR J 312 -17.46 -27.80 64.26
N PRO J 313 -16.34 -27.32 64.82
CA PRO J 313 -15.04 -27.90 64.48
C PRO J 313 -14.96 -29.36 64.84
N VAL J 314 -13.96 -30.02 64.26
CA VAL J 314 -13.73 -31.45 64.46
C VAL J 314 -12.33 -31.65 64.99
N LEU J 315 -12.21 -32.32 66.13
CA LEU J 315 -10.93 -32.75 66.69
C LEU J 315 -10.80 -34.23 66.45
N ILE J 316 -9.74 -34.65 65.75
CA ILE J 316 -9.54 -36.06 65.45
C ILE J 316 -8.62 -36.61 66.54
N ALA J 317 -9.24 -37.04 67.64
CA ALA J 317 -8.51 -37.60 68.76
C ALA J 317 -8.43 -39.10 68.58
N GLU J 318 -7.24 -39.61 68.32
CA GLU J 318 -7.04 -41.01 67.97
C GLU J 318 -7.17 -41.94 69.12
N ASP J 319 -7.66 -41.51 70.27
CA ASP J 319 -7.76 -42.36 71.44
C ASP J 319 -9.21 -42.67 71.83
N MET J 320 -10.17 -42.24 71.04
CA MET J 320 -11.55 -42.62 71.26
C MET J 320 -11.82 -43.98 70.63
N PRO J 321 -12.82 -44.70 71.13
CA PRO J 321 -13.11 -46.00 70.54
C PRO J 321 -13.62 -45.86 69.12
N ASP J 322 -13.43 -46.90 68.33
CA ASP J 322 -13.93 -46.94 66.98
C ASP J 322 -15.35 -47.51 67.01
N ILE J 323 -15.95 -47.75 65.85
CA ILE J 323 -17.33 -48.17 65.77
C ILE J 323 -17.46 -49.62 66.20
N ALA J 324 -17.86 -49.82 67.45
CA ALA J 324 -18.16 -51.15 67.98
C ALA J 324 -19.66 -51.35 68.09
N ALA J 325 -20.05 -52.43 68.75
CA ALA J 325 -21.48 -52.70 68.97
C ALA J 325 -22.09 -51.63 69.85
N ASN J 326 -21.56 -51.44 71.05
CA ASN J 326 -22.08 -50.44 71.98
C ASN J 326 -21.04 -49.37 72.25
N ALA J 327 -20.32 -48.96 71.22
CA ALA J 327 -19.29 -47.96 71.42
C ALA J 327 -19.89 -46.57 71.53
N TYR J 328 -19.05 -45.62 71.92
CA TYR J 328 -19.36 -44.20 71.88
C TYR J 328 -18.23 -43.59 71.07
N ALA J 329 -18.36 -43.59 69.75
CA ALA J 329 -17.24 -43.21 68.91
C ALA J 329 -17.18 -41.72 68.65
N ILE J 330 -18.30 -41.02 68.76
CA ILE J 330 -18.35 -39.58 68.54
C ILE J 330 -18.82 -38.92 69.83
N ALA J 331 -18.12 -37.88 70.24
CA ALA J 331 -18.51 -37.09 71.41
C ALA J 331 -18.59 -35.64 70.99
N PHE J 332 -19.75 -35.04 71.19
CA PHE J 332 -19.99 -33.65 70.88
C PHE J 332 -20.20 -32.91 72.18
N GLY J 333 -19.57 -31.76 72.33
CA GLY J 333 -19.78 -30.98 73.53
C GLY J 333 -18.77 -29.88 73.63
N ASP J 334 -19.05 -28.96 74.55
CA ASP J 334 -18.15 -27.87 74.89
C ASP J 334 -17.20 -28.36 75.96
N PHE J 335 -16.03 -28.82 75.54
CA PHE J 335 -15.03 -29.28 76.50
C PHE J 335 -14.30 -28.13 77.18
N GLY J 336 -14.49 -26.89 76.71
CA GLY J 336 -13.98 -25.77 77.47
C GLY J 336 -14.59 -25.66 78.84
N ASN J 337 -15.85 -26.05 78.97
CA ASN J 337 -16.52 -26.14 80.25
C ASN J 337 -16.67 -27.56 80.73
N GLY J 338 -16.79 -28.51 79.79
CA GLY J 338 -17.03 -29.89 80.18
C GLY J 338 -15.84 -30.53 80.86
N TYR J 339 -14.65 -30.39 80.29
CA TYR J 339 -13.48 -31.08 80.78
C TYR J 339 -12.47 -30.07 81.31
N THR J 340 -12.08 -30.22 82.57
CA THR J 340 -11.12 -29.35 83.23
C THR J 340 -9.83 -30.10 83.44
N ILE J 341 -8.75 -29.59 82.87
CA ILE J 341 -7.43 -30.18 83.01
C ILE J 341 -6.62 -29.35 84.00
N ALA J 342 -6.26 -29.96 85.11
CA ALA J 342 -5.39 -29.33 86.10
C ALA J 342 -4.00 -29.89 85.94
N GLU J 343 -3.02 -29.01 85.86
CA GLU J 343 -1.66 -29.45 85.60
C GLU J 343 -0.69 -28.40 86.15
N ARG J 344 0.59 -28.77 86.13
CA ARG J 344 1.66 -27.85 86.44
C ARG J 344 2.47 -27.61 85.17
N PRO J 345 2.62 -26.38 84.73
CA PRO J 345 3.04 -26.09 83.35
C PRO J 345 4.54 -26.15 83.11
N ASP J 346 5.16 -27.25 83.54
CA ASP J 346 6.57 -27.46 83.24
C ASP J 346 6.90 -28.94 83.39
N LEU J 347 7.80 -29.40 82.55
CA LEU J 347 8.24 -30.80 82.55
C LEU J 347 9.64 -30.81 83.16
N ARG J 348 9.70 -30.98 84.48
CA ARG J 348 10.98 -30.89 85.17
C ARG J 348 11.82 -32.13 84.89
N VAL J 349 13.02 -31.91 84.34
CA VAL J 349 13.93 -32.97 83.98
C VAL J 349 15.09 -32.97 84.96
N LEU J 350 15.61 -34.17 85.25
CA LEU J 350 16.69 -34.35 86.20
C LEU J 350 17.58 -35.48 85.69
N ARG J 351 18.78 -35.15 85.25
CA ARG J 351 19.72 -36.18 84.81
C ARG J 351 20.60 -36.58 85.98
N ASP J 352 20.89 -37.88 86.08
CA ASP J 352 21.41 -38.51 87.29
C ASP J 352 22.69 -39.27 86.98
N PRO J 353 23.82 -38.57 86.85
CA PRO J 353 25.09 -39.28 86.63
C PRO J 353 25.60 -40.02 87.85
N PHE J 354 24.85 -40.05 88.94
CA PHE J 354 25.34 -40.56 90.22
C PHE J 354 24.81 -41.94 90.57
N SER J 355 23.54 -42.23 90.33
CA SER J 355 22.99 -43.53 90.73
C SER J 355 23.69 -44.67 90.01
N ALA J 356 23.54 -44.73 88.69
CA ALA J 356 24.30 -45.65 87.86
C ALA J 356 25.55 -44.92 87.39
N LYS J 357 26.72 -45.40 87.83
CA LYS J 357 27.92 -44.58 87.68
C LYS J 357 28.33 -44.40 86.22
N PRO J 358 28.50 -45.45 85.42
CA PRO J 358 28.88 -45.21 84.02
C PRO J 358 27.72 -44.73 83.14
N HIS J 359 26.51 -44.62 83.66
CA HIS J 359 25.34 -44.20 82.91
C HIS J 359 24.89 -42.82 83.37
N VAL J 360 23.79 -42.34 82.80
CA VAL J 360 23.29 -41.01 83.09
C VAL J 360 21.88 -41.02 83.67
N LEU J 361 21.06 -42.00 83.28
CA LEU J 361 19.77 -42.25 83.94
C LEU J 361 18.89 -40.99 83.95
N PHE J 362 18.54 -40.53 82.75
CA PHE J 362 17.74 -39.32 82.61
C PHE J 362 16.37 -39.50 83.26
N TYR J 363 15.89 -38.48 83.95
CA TYR J 363 14.62 -38.55 84.66
C TYR J 363 13.78 -37.34 84.30
N ALA J 364 12.59 -37.59 83.78
CA ALA J 364 11.65 -36.54 83.41
C ALA J 364 10.27 -36.89 83.92
N SER J 365 9.51 -35.88 84.31
CA SER J 365 8.20 -36.09 84.89
C SER J 365 7.36 -34.84 84.75
N LYS J 366 6.07 -35.02 84.48
CA LYS J 366 5.12 -33.92 84.41
C LYS J 366 3.84 -34.32 85.13
N ARG J 367 3.30 -33.40 85.90
CA ARG J 367 2.11 -33.64 86.72
C ARG J 367 0.89 -33.11 86.00
N VAL J 368 -0.10 -33.98 85.81
CA VAL J 368 -1.28 -33.64 85.02
C VAL J 368 -2.45 -34.45 85.53
N GLY J 369 -3.65 -33.89 85.43
CA GLY J 369 -4.86 -34.59 85.83
C GLY J 369 -6.08 -33.83 85.37
N GLY J 370 -7.20 -34.52 85.37
CA GLY J 370 -8.45 -33.86 85.02
C GLY J 370 -9.61 -34.75 84.64
N ASP J 371 -10.81 -34.40 85.11
CA ASP J 371 -12.01 -35.08 84.67
C ASP J 371 -13.08 -34.08 84.31
N VAL J 372 -14.29 -34.55 84.00
CA VAL J 372 -15.34 -33.66 83.57
C VAL J 372 -15.81 -32.79 84.72
N SER J 373 -15.81 -31.48 84.51
CA SER J 373 -16.29 -30.54 85.50
C SER J 373 -17.73 -30.13 85.28
N ASP J 374 -18.25 -30.33 84.07
CA ASP J 374 -19.63 -30.00 83.75
C ASP J 374 -20.21 -31.15 82.94
N PHE J 375 -21.14 -31.89 83.52
CA PHE J 375 -21.71 -33.04 82.85
C PHE J 375 -22.71 -32.66 81.76
N ALA J 376 -23.22 -31.44 81.80
CA ALA J 376 -24.16 -30.99 80.78
C ALA J 376 -23.50 -30.47 79.52
N ALA J 377 -22.16 -30.37 79.51
CA ALA J 377 -21.43 -29.78 78.40
C ALA J 377 -20.80 -30.81 77.49
N ILE J 378 -21.16 -32.08 77.64
CA ILE J 378 -20.65 -33.14 76.77
C ILE J 378 -21.81 -34.06 76.45
N LYS J 379 -22.02 -34.32 75.16
CA LYS J 379 -23.02 -35.28 74.71
C LYS J 379 -22.32 -36.34 73.89
N LEU J 380 -22.77 -37.58 74.02
CA LEU J 380 -22.13 -38.72 73.41
C LEU J 380 -23.03 -39.33 72.35
N LEU J 381 -22.43 -40.11 71.46
CA LEU J 381 -23.15 -40.79 70.39
C LEU J 381 -22.89 -42.27 70.53
N LYS J 382 -23.84 -42.99 71.10
CA LYS J 382 -23.76 -44.43 71.23
C LYS J 382 -24.28 -45.05 69.95
N PHE J 383 -23.63 -46.13 69.52
CA PHE J 383 -23.99 -46.79 68.27
C PHE J 383 -24.87 -48.02 68.49
N ALA J 384 -25.61 -48.07 69.59
CA ALA J 384 -26.29 -49.32 69.93
C ALA J 384 -27.62 -49.47 69.20
N ALA J 385 -28.58 -48.59 69.48
CA ALA J 385 -29.95 -48.78 68.99
C ALA J 385 -30.84 -47.59 69.31
N ALA K 89 -46.86 -1.96 -23.81
CA ALA K 89 -46.36 -1.14 -22.72
C ALA K 89 -47.25 -1.28 -21.51
N LEU K 90 -48.24 -2.16 -21.61
CA LEU K 90 -49.16 -2.39 -20.52
C LEU K 90 -48.47 -3.22 -19.44
N ASN K 91 -49.25 -3.78 -18.53
CA ASN K 91 -48.76 -4.52 -17.38
C ASN K 91 -47.76 -5.61 -17.76
N SER K 92 -46.92 -5.99 -16.80
CA SER K 92 -45.96 -7.07 -17.00
C SER K 92 -46.51 -8.41 -16.54
N ALA K 93 -47.73 -8.72 -16.97
CA ALA K 93 -48.39 -9.95 -16.58
C ALA K 93 -48.69 -10.86 -17.74
N VAL K 94 -49.27 -10.34 -18.80
CA VAL K 94 -49.50 -11.14 -19.99
C VAL K 94 -48.28 -11.02 -20.89
N ALA K 95 -48.05 -12.06 -21.69
CA ALA K 95 -46.82 -12.14 -22.45
C ALA K 95 -46.75 -11.07 -23.52
N ALA K 96 -47.76 -11.00 -24.40
CA ALA K 96 -47.66 -10.11 -25.54
C ALA K 96 -48.02 -8.69 -25.14
N GLU K 97 -47.42 -8.23 -24.06
CA GLU K 97 -47.48 -6.88 -23.54
C GLU K 97 -46.17 -6.65 -22.81
N GLY K 98 -46.15 -5.70 -21.89
CA GLY K 98 -44.92 -5.47 -21.15
C GLY K 98 -44.32 -6.70 -20.51
N GLY K 99 -45.05 -7.81 -20.48
CA GLY K 99 -44.58 -9.01 -19.81
C GLY K 99 -43.40 -9.69 -20.47
N TYR K 100 -43.01 -9.25 -21.66
CA TYR K 100 -41.88 -9.87 -22.35
C TYR K 100 -40.53 -9.29 -21.97
N LEU K 101 -40.50 -8.08 -21.43
CA LEU K 101 -39.27 -7.32 -21.31
C LEU K 101 -38.86 -7.08 -19.86
N VAL K 102 -38.88 -8.13 -19.04
CA VAL K 102 -38.67 -7.99 -17.60
C VAL K 102 -37.33 -8.57 -17.15
N ASP K 103 -36.96 -9.77 -17.63
CA ASP K 103 -35.59 -10.29 -17.43
C ASP K 103 -35.10 -10.35 -15.99
N PRO K 104 -35.47 -11.38 -15.23
CA PRO K 104 -35.08 -11.46 -13.82
C PRO K 104 -33.57 -11.42 -13.61
N GLN K 105 -33.17 -10.99 -12.41
CA GLN K 105 -31.78 -11.05 -11.98
C GLN K 105 -31.37 -12.50 -11.73
N THR K 106 -30.07 -12.74 -11.60
CA THR K 106 -29.62 -14.12 -11.66
C THR K 106 -28.50 -14.46 -10.66
N SER K 107 -28.51 -13.89 -9.46
CA SER K 107 -27.76 -14.44 -8.33
C SER K 107 -26.27 -14.59 -8.64
N GLU K 108 -25.59 -13.45 -8.66
CA GLU K 108 -24.28 -13.27 -9.29
C GLU K 108 -23.34 -14.46 -9.21
N THR K 109 -23.38 -15.24 -8.12
CA THR K 109 -22.57 -16.44 -8.00
C THR K 109 -23.46 -17.66 -7.83
N ILE K 110 -23.06 -18.78 -8.41
CA ILE K 110 -23.83 -20.01 -8.27
C ILE K 110 -23.43 -20.70 -6.98
N ARG K 111 -24.39 -20.87 -6.08
CA ARG K 111 -24.13 -21.44 -4.77
C ARG K 111 -24.46 -22.92 -4.80
N GLY K 112 -24.18 -23.59 -3.68
CA GLY K 112 -24.47 -25.01 -3.57
C GLY K 112 -24.72 -25.41 -2.14
N VAL K 113 -25.17 -26.66 -1.97
CA VAL K 113 -25.39 -27.20 -0.64
C VAL K 113 -24.06 -27.32 0.09
N LEU K 114 -24.06 -26.92 1.36
CA LEU K 114 -22.84 -26.86 2.15
C LEU K 114 -22.55 -28.20 2.80
N ARG K 115 -21.30 -28.64 2.73
CA ARG K 115 -20.88 -29.92 3.27
C ARG K 115 -19.84 -29.68 4.36
N SER K 116 -19.69 -30.67 5.23
CA SER K 116 -18.77 -30.56 6.35
C SER K 116 -17.32 -30.59 5.88
N THR K 117 -16.48 -29.80 6.55
CA THR K 117 -15.07 -29.66 6.20
C THR K 117 -14.13 -30.40 7.13
N ALA K 118 -14.63 -30.97 8.23
CA ALA K 118 -13.79 -31.74 9.12
C ALA K 118 -13.28 -32.98 8.42
N SER K 119 -11.95 -33.10 8.29
CA SER K 119 -11.36 -34.12 7.43
C SER K 119 -10.28 -34.95 8.12
N LEU K 120 -10.19 -34.87 9.44
CA LEU K 120 -9.18 -35.60 10.20
C LEU K 120 -7.77 -35.13 9.86
N ARG K 121 -7.65 -34.16 8.97
CA ARG K 121 -6.33 -33.62 8.70
C ARG K 121 -5.85 -32.71 9.82
N GLN K 122 -6.77 -32.04 10.50
CA GLN K 122 -6.35 -31.16 11.57
C GLN K 122 -6.01 -31.90 12.86
N ILE K 123 -6.07 -33.23 12.86
CA ILE K 123 -5.55 -33.98 13.99
C ILE K 123 -4.44 -34.92 13.54
N ALA K 124 -4.48 -35.36 12.29
CA ALA K 124 -3.49 -36.32 11.85
C ALA K 124 -2.18 -35.63 11.51
N SER K 125 -1.19 -36.42 11.10
CA SER K 125 0.13 -35.91 10.75
C SER K 125 0.23 -35.83 9.23
N VAL K 126 0.36 -34.63 8.70
CA VAL K 126 0.48 -34.41 7.26
C VAL K 126 1.95 -34.27 6.92
N VAL K 127 2.42 -35.11 6.00
CA VAL K 127 3.82 -35.16 5.60
C VAL K 127 3.89 -34.94 4.10
N ASN K 128 4.55 -33.86 3.69
CA ASN K 128 4.80 -33.60 2.28
C ASN K 128 5.81 -34.64 1.78
N VAL K 129 5.38 -35.51 0.86
CA VAL K 129 6.20 -36.60 0.35
C VAL K 129 6.22 -36.53 -1.16
N GLU K 130 7.39 -36.26 -1.73
CA GLU K 130 7.57 -36.26 -3.18
C GLU K 130 8.27 -37.56 -3.59
N ALA K 131 7.52 -38.65 -3.57
CA ALA K 131 8.06 -39.95 -3.91
C ALA K 131 6.90 -40.91 -4.15
N THR K 132 7.25 -42.16 -4.44
CA THR K 132 6.25 -43.18 -4.72
C THR K 132 5.54 -43.68 -3.49
N SER K 133 6.09 -43.41 -2.31
CA SER K 133 5.58 -43.96 -1.06
C SER K 133 6.32 -43.29 0.07
N PHE K 134 5.78 -43.46 1.27
CA PHE K 134 6.42 -42.97 2.49
C PHE K 134 6.60 -44.14 3.43
N ASP K 135 7.73 -44.17 4.12
CA ASP K 135 7.99 -45.19 5.12
C ASP K 135 8.02 -44.55 6.49
N VAL K 136 7.76 -45.34 7.52
CA VAL K 136 8.00 -44.89 8.87
C VAL K 136 8.74 -45.99 9.60
N LEU K 137 9.64 -45.60 10.50
CA LEU K 137 10.44 -46.55 11.25
C LEU K 137 10.04 -46.42 12.71
N VAL K 138 9.51 -47.50 13.27
CA VAL K 138 9.01 -47.52 14.63
C VAL K 138 9.86 -48.46 15.46
N ASP K 139 9.58 -48.50 16.76
CA ASP K 139 10.23 -49.40 17.69
C ASP K 139 9.13 -50.26 18.32
N LYS K 140 8.87 -51.42 17.73
CA LYS K 140 7.78 -52.24 18.24
C LYS K 140 8.10 -52.80 19.62
N THR K 141 9.36 -52.81 20.04
CA THR K 141 9.76 -53.19 21.40
C THR K 141 10.71 -52.15 21.96
N ASP K 142 11.23 -52.41 23.16
CA ASP K 142 12.17 -51.51 23.83
C ASP K 142 13.42 -52.27 24.21
N MET K 143 14.31 -51.57 24.91
CA MET K 143 15.61 -52.12 25.30
C MET K 143 15.49 -53.02 26.51
N GLY K 144 16.63 -53.36 27.10
CA GLY K 144 16.66 -54.11 28.33
C GLY K 144 17.60 -53.45 29.33
N SER K 145 17.43 -53.83 30.60
CA SER K 145 18.26 -53.33 31.67
C SER K 145 18.66 -54.49 32.57
N GLY K 146 19.81 -54.36 33.20
CA GLY K 146 20.40 -55.51 33.85
C GLY K 146 20.54 -55.44 35.35
N TRP K 147 20.65 -54.24 35.90
CA TRP K 147 21.05 -54.09 37.30
C TRP K 147 22.40 -54.78 37.51
N ALA K 148 23.41 -54.23 36.85
CA ALA K 148 24.73 -54.83 36.84
C ALA K 148 25.28 -54.95 38.25
N SER K 149 26.05 -56.00 38.48
CA SER K 149 26.61 -56.31 39.77
C SER K 149 28.02 -55.74 39.90
N GLU K 150 28.67 -56.05 41.02
CA GLU K 150 30.01 -55.54 41.30
C GLU K 150 31.06 -56.22 40.44
N THR K 151 31.04 -57.55 40.42
CA THR K 151 32.10 -58.36 39.83
C THR K 151 31.53 -59.40 38.88
N ALA K 152 30.64 -58.97 37.98
CA ALA K 152 29.95 -59.91 37.12
C ALA K 152 30.13 -59.65 35.64
N ALA K 153 30.42 -58.40 35.24
CA ALA K 153 30.55 -58.03 33.83
C ALA K 153 29.26 -58.32 33.07
N LEU K 154 28.24 -57.53 33.41
CA LEU K 154 26.90 -57.66 32.85
C LEU K 154 26.93 -57.97 31.36
N SER K 155 26.19 -59.00 30.97
CA SER K 155 26.13 -59.39 29.57
C SER K 155 25.46 -58.30 28.74
N GLU K 156 25.51 -58.45 27.43
CA GLU K 156 24.80 -57.52 26.56
C GLU K 156 23.31 -57.65 26.78
N THR K 157 22.60 -56.55 26.60
CA THR K 157 21.16 -56.56 26.79
C THR K 157 20.45 -56.54 25.45
N ALA K 158 19.14 -56.71 25.50
CA ALA K 158 18.33 -56.70 24.28
C ALA K 158 18.33 -55.31 23.67
N THR K 159 17.98 -55.25 22.40
CA THR K 159 17.99 -54.02 21.63
C THR K 159 16.63 -53.83 20.98
N PRO K 160 16.20 -52.60 20.74
CA PRO K 160 14.87 -52.38 20.19
C PRO K 160 14.81 -52.80 18.73
N GLN K 161 13.93 -53.77 18.44
CA GLN K 161 13.75 -54.21 17.07
C GLN K 161 12.78 -53.29 16.36
N ILE K 162 12.97 -53.14 15.06
CA ILE K 162 12.41 -52.05 14.29
C ILE K 162 11.44 -52.59 13.24
N ASP K 163 10.34 -51.88 13.05
CA ASP K 163 9.37 -52.19 12.02
C ASP K 163 9.24 -51.01 11.08
N ARG K 164 8.97 -51.30 9.82
CA ARG K 164 8.84 -50.28 8.80
C ARG K 164 7.48 -50.41 8.13
N ILE K 165 6.72 -49.32 8.14
CA ILE K 165 5.39 -49.25 7.55
C ILE K 165 5.49 -48.42 6.28
N THR K 166 4.84 -48.86 5.22
CA THR K 166 4.89 -48.18 3.94
C THR K 166 3.57 -47.47 3.68
N ILE K 167 3.67 -46.21 3.22
CA ILE K 167 2.50 -45.41 2.88
C ILE K 167 2.44 -45.27 1.36
N PRO K 168 1.63 -46.04 0.66
CA PRO K 168 1.79 -46.17 -0.80
C PRO K 168 1.53 -44.89 -1.60
N LEU K 169 0.84 -43.90 -1.05
CA LEU K 169 0.66 -42.61 -1.73
C LEU K 169 -0.03 -42.78 -3.09
N HIS K 170 -1.30 -43.18 -3.03
CA HIS K 170 -2.14 -43.30 -4.21
C HIS K 170 -2.54 -41.92 -4.71
N GLU K 171 -3.44 -41.86 -5.68
CA GLU K 171 -3.95 -40.58 -6.15
C GLU K 171 -5.46 -40.57 -6.16
N LEU K 172 -6.02 -39.36 -6.17
CA LEU K 172 -7.45 -39.12 -6.18
C LEU K 172 -7.77 -38.24 -7.38
N ALA K 173 -8.59 -38.74 -8.30
CA ALA K 173 -8.73 -38.12 -9.61
C ALA K 173 -10.19 -37.91 -9.99
N ALA K 174 -10.54 -36.69 -10.35
CA ALA K 174 -11.87 -36.34 -10.82
C ALA K 174 -11.77 -35.73 -12.21
N MET K 175 -12.57 -36.25 -13.14
CA MET K 175 -12.55 -35.80 -14.54
C MET K 175 -13.95 -35.42 -14.98
N PRO K 176 -14.40 -34.20 -14.68
CA PRO K 176 -15.74 -33.78 -15.08
C PRO K 176 -15.79 -33.15 -16.47
N LYS K 177 -16.78 -33.58 -17.25
CA LYS K 177 -16.97 -33.11 -18.62
C LYS K 177 -17.82 -31.86 -18.63
N ALA K 178 -17.57 -30.96 -19.58
CA ALA K 178 -18.09 -29.61 -19.47
C ALA K 178 -18.70 -28.99 -20.72
N SER K 179 -18.68 -29.65 -21.88
CA SER K 179 -19.53 -29.27 -23.02
C SER K 179 -19.29 -27.82 -23.46
N GLN K 180 -18.16 -27.64 -24.17
CA GLN K 180 -17.60 -26.34 -24.55
C GLN K 180 -18.61 -25.24 -24.85
N ARG K 181 -19.73 -25.58 -25.49
CA ARG K 181 -20.75 -24.57 -25.75
C ARG K 181 -21.17 -23.87 -24.47
N LEU K 182 -21.59 -24.65 -23.47
CA LEU K 182 -21.98 -24.05 -22.19
C LEU K 182 -20.83 -23.27 -21.58
N LEU K 183 -19.62 -23.78 -21.70
CA LEU K 183 -18.47 -23.15 -21.09
C LEU K 183 -18.18 -21.78 -21.70
N ASP K 184 -18.72 -21.50 -22.88
CA ASP K 184 -18.48 -20.23 -23.57
C ASP K 184 -19.59 -19.22 -23.33
N ASP K 185 -20.84 -19.64 -23.36
CA ASP K 185 -21.97 -18.73 -23.30
C ASP K 185 -22.57 -18.61 -21.91
N SER K 186 -21.90 -19.11 -20.89
CA SER K 186 -22.43 -19.01 -19.54
C SER K 186 -22.07 -17.66 -18.94
N ALA K 187 -22.90 -17.21 -18.00
CA ALA K 187 -22.61 -15.98 -17.29
C ALA K 187 -21.58 -16.18 -16.19
N PHE K 188 -21.61 -17.33 -15.52
CA PHE K 188 -20.70 -17.62 -14.43
C PHE K 188 -19.41 -18.23 -14.96
N ASP K 189 -18.34 -18.05 -14.20
CA ASP K 189 -17.06 -18.67 -14.54
C ASP K 189 -17.15 -20.15 -14.22
N ILE K 190 -17.49 -20.96 -15.23
CA ILE K 190 -17.67 -22.38 -15.01
C ILE K 190 -16.33 -23.06 -14.76
N GLU K 191 -15.28 -22.60 -15.44
CA GLU K 191 -13.99 -23.25 -15.30
C GLU K 191 -13.44 -23.11 -13.89
N THR K 192 -13.76 -22.01 -13.20
CA THR K 192 -13.33 -21.85 -11.82
C THR K 192 -14.40 -22.22 -10.81
N TRP K 193 -15.62 -22.50 -11.26
CA TRP K 193 -16.61 -23.10 -10.38
C TRP K 193 -16.34 -24.58 -10.21
N LEU K 194 -16.02 -25.27 -11.31
CA LEU K 194 -15.61 -26.66 -11.21
C LEU K 194 -14.36 -26.82 -10.36
N ALA K 195 -13.46 -25.84 -10.38
CA ALA K 195 -12.27 -25.92 -9.55
C ALA K 195 -12.62 -25.86 -8.07
N ASN K 196 -13.69 -25.13 -7.71
CA ASN K 196 -14.11 -25.08 -6.32
C ASN K 196 -14.79 -26.38 -5.91
N ARG K 197 -15.68 -26.90 -6.74
CA ARG K 197 -16.35 -28.15 -6.38
C ARG K 197 -15.39 -29.33 -6.38
N ILE K 198 -14.32 -29.24 -7.17
CA ILE K 198 -13.31 -30.29 -7.16
C ILE K 198 -12.48 -30.20 -5.88
N ALA K 199 -11.93 -29.02 -5.59
CA ALA K 199 -11.15 -28.86 -4.38
C ALA K 199 -11.99 -29.16 -3.14
N ASP K 200 -13.29 -28.89 -3.21
CA ASP K 200 -14.18 -29.22 -2.10
C ASP K 200 -14.43 -30.71 -2.02
N LYS K 201 -14.44 -31.40 -3.17
CA LYS K 201 -14.66 -32.84 -3.16
C LYS K 201 -13.40 -33.60 -2.76
N PHE K 202 -12.25 -33.14 -3.23
CA PHE K 202 -11.01 -33.83 -2.89
C PHE K 202 -10.76 -33.78 -1.39
N ALA K 203 -10.87 -32.59 -0.79
CA ALA K 203 -10.72 -32.47 0.65
C ALA K 203 -11.79 -33.23 1.41
N ARG K 204 -12.85 -33.66 0.75
CA ARG K 204 -13.93 -34.38 1.40
C ARG K 204 -14.02 -35.84 1.00
N ALA K 205 -13.49 -36.21 -0.16
CA ALA K 205 -13.49 -37.60 -0.54
C ALA K 205 -12.35 -38.36 0.11
N GLU K 206 -11.21 -37.71 0.31
CA GLU K 206 -10.11 -38.33 1.03
C GLU K 206 -10.38 -38.40 2.53
N ALA K 207 -11.22 -37.52 3.05
CA ALA K 207 -11.59 -37.62 4.46
C ALA K 207 -12.25 -38.95 4.75
N ALA K 208 -13.03 -39.47 3.81
CA ALA K 208 -13.61 -40.80 3.97
C ALA K 208 -12.54 -41.87 3.89
N ALA K 209 -11.45 -41.59 3.16
CA ALA K 209 -10.40 -42.59 3.01
C ALA K 209 -9.58 -42.73 4.27
N PHE K 210 -9.27 -41.63 4.94
CA PHE K 210 -8.48 -41.69 6.15
C PHE K 210 -9.20 -42.37 7.30
N ILE K 211 -10.49 -42.60 7.17
CA ILE K 211 -11.31 -43.16 8.24
C ILE K 211 -11.64 -44.61 7.96
N SER K 212 -12.26 -44.90 6.82
CA SER K 212 -12.72 -46.25 6.53
C SER K 212 -12.30 -46.72 5.15
N GLY K 213 -11.34 -46.04 4.53
CA GLY K 213 -10.89 -46.47 3.21
C GLY K 213 -10.12 -47.77 3.30
N ASP K 214 -10.35 -48.65 2.34
CA ASP K 214 -9.64 -49.91 2.29
C ASP K 214 -8.25 -49.64 1.73
N GLY K 215 -7.53 -50.70 1.36
CA GLY K 215 -6.17 -50.50 0.92
C GLY K 215 -6.04 -50.24 -0.56
N VAL K 216 -6.90 -50.85 -1.37
CA VAL K 216 -6.72 -50.84 -2.81
C VAL K 216 -6.88 -49.42 -3.35
N ASP K 217 -5.80 -48.88 -3.90
CA ASP K 217 -5.78 -47.61 -4.62
C ASP K 217 -6.22 -46.43 -3.77
N LYS K 218 -6.32 -46.61 -2.45
CA LYS K 218 -6.77 -45.53 -1.58
C LYS K 218 -6.22 -45.79 -0.19
N PRO K 219 -6.07 -44.75 0.62
CA PRO K 219 -5.48 -44.92 1.95
C PRO K 219 -6.29 -45.90 2.79
N THR K 220 -5.59 -46.67 3.62
CA THR K 220 -6.28 -47.59 4.51
C THR K 220 -6.68 -46.82 5.76
N GLY K 221 -7.97 -46.58 5.92
CA GLY K 221 -8.42 -45.88 7.10
C GLY K 221 -8.17 -46.67 8.37
N PHE K 222 -8.14 -45.96 9.48
CA PHE K 222 -7.79 -46.59 10.74
C PHE K 222 -8.85 -47.55 11.25
N LEU K 223 -9.95 -47.73 10.55
CA LEU K 223 -10.93 -48.74 10.95
C LEU K 223 -10.71 -50.07 10.27
N THR K 224 -9.97 -50.09 9.18
CA THR K 224 -9.64 -51.34 8.48
C THR K 224 -8.26 -51.84 8.89
N LYS K 225 -8.08 -52.07 10.18
CA LYS K 225 -6.79 -52.43 10.74
C LYS K 225 -6.91 -53.59 11.72
N THR K 226 -7.63 -54.64 11.32
CA THR K 226 -7.75 -55.90 12.07
C THR K 226 -7.87 -55.70 13.58
N LYS K 227 -8.95 -55.07 14.01
CA LYS K 227 -9.14 -54.71 15.41
C LYS K 227 -9.15 -55.94 16.30
N VAL K 228 -8.58 -55.79 17.50
CA VAL K 228 -8.52 -56.83 18.52
C VAL K 228 -9.01 -56.23 19.82
N ALA K 229 -9.67 -57.05 20.63
CA ALA K 229 -10.10 -56.60 21.94
C ALA K 229 -8.92 -56.09 22.74
N ASN K 230 -9.15 -55.04 23.53
CA ASN K 230 -8.09 -54.50 24.34
C ASN K 230 -7.72 -55.48 25.44
N GLY K 231 -6.54 -55.30 26.01
CA GLY K 231 -6.00 -56.27 26.95
C GLY K 231 -5.32 -57.41 26.22
N ALA K 232 -5.88 -57.82 25.09
CA ALA K 232 -5.22 -58.74 24.17
C ALA K 232 -4.57 -57.99 23.02
N TRP K 233 -4.23 -56.74 23.22
CA TRP K 233 -3.74 -55.90 22.14
C TRP K 233 -2.29 -56.22 21.81
N ALA K 234 -2.00 -56.31 20.52
CA ALA K 234 -0.68 -56.57 20.00
C ALA K 234 -0.23 -55.40 19.16
N TRP K 235 0.98 -55.47 18.62
CA TRP K 235 1.50 -54.34 17.86
C TRP K 235 0.83 -54.23 16.49
N GLY K 236 0.57 -55.35 15.84
CA GLY K 236 0.09 -55.31 14.48
C GLY K 236 -1.37 -54.99 14.28
N SER K 237 -2.06 -54.48 15.30
CA SER K 237 -3.50 -54.32 15.22
C SER K 237 -3.95 -53.22 16.15
N LEU K 238 -5.21 -52.84 16.03
CA LEU K 238 -5.82 -51.80 16.83
C LEU K 238 -6.68 -52.41 17.94
N GLY K 239 -6.70 -51.75 19.08
CA GLY K 239 -7.46 -52.21 20.23
C GLY K 239 -8.77 -51.45 20.37
N TYR K 240 -9.81 -52.15 20.80
CA TYR K 240 -11.12 -51.56 20.99
C TYR K 240 -11.66 -51.95 22.35
N VAL K 241 -12.77 -51.32 22.73
CA VAL K 241 -13.51 -51.73 23.92
C VAL K 241 -14.96 -51.90 23.53
N ALA K 242 -15.62 -52.88 24.15
CA ALA K 242 -17.01 -53.16 23.86
C ALA K 242 -17.91 -52.41 24.83
N THR K 243 -19.08 -52.01 24.33
CA THR K 243 -19.99 -51.23 25.16
C THR K 243 -20.95 -52.13 25.95
N GLY K 244 -21.71 -52.94 25.24
CA GLY K 244 -22.79 -53.67 25.87
C GLY K 244 -23.72 -54.24 24.82
N ALA K 245 -25.01 -53.92 24.92
CA ALA K 245 -25.97 -54.37 23.93
C ALA K 245 -25.48 -54.06 22.52
N ALA K 246 -25.89 -54.89 21.57
CA ALA K 246 -25.35 -54.82 20.22
C ALA K 246 -25.74 -53.54 19.51
N GLY K 247 -26.90 -52.99 19.82
CA GLY K 247 -27.39 -51.87 19.05
C GLY K 247 -26.81 -50.52 19.42
N ASP K 248 -26.64 -50.29 20.72
CA ASP K 248 -26.28 -48.97 21.22
C ASP K 248 -25.42 -49.16 22.46
N PHE K 249 -25.29 -48.11 23.26
CA PHE K 249 -24.59 -48.20 24.53
C PHE K 249 -25.32 -49.14 25.47
N ALA K 250 -24.74 -49.39 26.64
CA ALA K 250 -25.31 -50.34 27.57
C ALA K 250 -26.66 -49.86 28.06
N ALA K 251 -27.57 -50.81 28.31
CA ALA K 251 -28.90 -50.44 28.75
C ALA K 251 -28.89 -49.93 30.18
N VAL K 252 -28.02 -50.48 31.02
CA VAL K 252 -28.04 -50.16 32.44
C VAL K 252 -27.17 -48.95 32.77
N ASN K 253 -25.97 -48.86 32.20
CA ASN K 253 -25.05 -47.77 32.55
C ASN K 253 -24.24 -47.39 31.32
N ALA K 254 -24.71 -46.39 30.59
CA ALA K 254 -23.90 -45.80 29.54
C ALA K 254 -22.85 -44.89 30.16
N SER K 255 -21.97 -44.37 29.31
CA SER K 255 -20.96 -43.40 29.70
C SER K 255 -19.86 -44.02 30.54
N ASP K 256 -20.02 -45.28 30.94
CA ASP K 256 -18.88 -46.01 31.47
C ASP K 256 -18.15 -46.75 30.36
N ALA K 257 -18.85 -47.05 29.28
CA ALA K 257 -18.22 -47.54 28.07
C ALA K 257 -17.43 -46.45 27.36
N VAL K 258 -17.63 -45.20 27.72
CA VAL K 258 -16.86 -44.12 27.14
C VAL K 258 -15.60 -43.84 27.94
N VAL K 259 -15.70 -43.87 29.26
CA VAL K 259 -14.54 -43.51 30.08
C VAL K 259 -13.48 -44.59 30.04
N ASP K 260 -13.89 -45.86 30.01
CA ASP K 260 -12.89 -46.92 29.89
C ASP K 260 -12.26 -46.94 28.51
N LEU K 261 -12.89 -46.28 27.53
CA LEU K 261 -12.20 -46.00 26.28
C LEU K 261 -11.11 -44.97 26.50
N VAL K 262 -11.39 -43.94 27.30
CA VAL K 262 -10.40 -42.91 27.56
C VAL K 262 -9.20 -43.49 28.29
N TYR K 263 -9.47 -44.31 29.32
CA TYR K 263 -8.40 -44.85 30.18
C TYR K 263 -7.83 -46.15 29.59
N ALA K 264 -8.08 -46.40 28.29
CA ALA K 264 -7.47 -47.53 27.62
C ALA K 264 -6.35 -47.12 26.69
N LEU K 265 -6.08 -45.82 26.57
CA LEU K 265 -5.12 -45.32 25.59
C LEU K 265 -3.70 -45.25 26.12
N GLY K 266 -3.51 -44.79 27.35
CA GLY K 266 -2.13 -44.65 27.79
C GLY K 266 -1.90 -43.19 28.13
N ALA K 267 -1.26 -42.97 29.28
CA ALA K 267 -1.15 -41.62 29.81
C ALA K 267 -0.27 -40.72 28.96
N GLU K 268 0.61 -41.30 28.13
CA GLU K 268 1.48 -40.48 27.30
C GLU K 268 0.82 -40.09 25.99
N TYR K 269 -0.07 -40.93 25.47
CA TYR K 269 -0.82 -40.55 24.28
C TYR K 269 -1.97 -39.64 24.62
N ARG K 270 -2.57 -39.80 25.78
CA ARG K 270 -3.70 -38.97 26.18
C ARG K 270 -3.32 -37.54 26.47
N ALA K 271 -2.04 -37.17 26.36
CA ALA K 271 -1.68 -35.78 26.56
C ALA K 271 -2.35 -34.90 25.53
N ASN K 272 -2.38 -35.37 24.28
CA ASN K 272 -3.07 -34.69 23.19
C ASN K 272 -3.78 -35.74 22.35
N ALA K 273 -5.00 -36.09 22.76
CA ALA K 273 -5.83 -37.04 22.04
C ALA K 273 -7.24 -36.48 21.93
N SER K 274 -8.01 -37.01 20.98
CA SER K 274 -9.34 -36.50 20.74
C SER K 274 -10.25 -37.60 20.22
N PHE K 275 -11.54 -37.48 20.49
CA PHE K 275 -12.52 -38.40 19.96
C PHE K 275 -12.79 -38.09 18.49
N VAL K 276 -13.30 -39.08 17.78
CA VAL K 276 -13.70 -38.91 16.38
C VAL K 276 -15.05 -39.59 16.21
N MET K 277 -16.10 -38.79 16.01
CA MET K 277 -17.44 -39.30 15.81
C MET K 277 -18.04 -38.62 14.59
N ASN K 278 -19.18 -39.13 14.12
CA ASN K 278 -19.97 -38.43 13.14
C ASN K 278 -21.07 -37.65 13.84
N SER K 279 -21.74 -36.79 13.08
CA SER K 279 -22.65 -35.83 13.70
C SER K 279 -23.79 -36.51 14.44
N LYS K 280 -24.28 -37.64 13.94
CA LYS K 280 -25.43 -38.28 14.55
C LYS K 280 -25.03 -39.29 15.63
N THR K 281 -23.75 -39.42 15.93
CA THR K 281 -23.34 -40.16 17.12
C THR K 281 -23.07 -39.24 18.28
N ALA K 282 -22.49 -38.06 18.01
CA ALA K 282 -22.39 -37.04 19.05
C ALA K 282 -23.77 -36.58 19.50
N GLY K 283 -24.75 -36.65 18.61
CA GLY K 283 -26.12 -36.44 19.03
C GLY K 283 -26.59 -37.52 19.98
N ALA K 284 -26.19 -38.76 19.73
CA ALA K 284 -26.56 -39.83 20.64
C ALA K 284 -25.80 -39.73 21.95
N VAL K 285 -24.57 -39.22 21.91
CA VAL K 285 -23.82 -39.02 23.14
C VAL K 285 -24.43 -37.91 23.97
N ARG K 286 -24.94 -36.86 23.31
CA ARG K 286 -25.54 -35.76 24.05
C ARG K 286 -26.88 -36.18 24.64
N LYS K 287 -27.67 -36.95 23.90
CA LYS K 287 -28.94 -37.43 24.41
C LYS K 287 -28.78 -38.42 25.55
N MET K 288 -27.56 -38.72 25.98
CA MET K 288 -27.34 -39.56 27.15
C MET K 288 -27.73 -38.80 28.40
N LYS K 289 -28.48 -39.44 29.29
CA LYS K 289 -28.95 -38.79 30.49
C LYS K 289 -29.03 -39.80 31.62
N ASP K 290 -28.93 -39.29 32.84
CA ASP K 290 -28.84 -40.12 34.03
C ASP K 290 -30.22 -40.63 34.43
N ALA K 291 -30.32 -41.21 35.62
CA ALA K 291 -31.60 -41.74 36.08
C ALA K 291 -32.63 -40.66 36.29
N ASP K 292 -32.20 -39.44 36.63
CA ASP K 292 -33.12 -38.34 36.88
C ASP K 292 -33.47 -37.58 35.60
N GLY K 293 -32.90 -37.95 34.46
CA GLY K 293 -33.28 -37.36 33.21
C GLY K 293 -32.45 -36.18 32.75
N ARG K 294 -31.50 -35.72 33.55
CA ARG K 294 -30.65 -34.61 33.14
C ARG K 294 -29.49 -35.12 32.29
N PHE K 295 -28.96 -34.24 31.46
CA PHE K 295 -27.88 -34.62 30.56
C PHE K 295 -26.59 -34.86 31.31
N LEU K 296 -25.85 -35.90 30.88
CA LEU K 296 -24.49 -36.08 31.36
C LEU K 296 -23.54 -35.10 30.67
N TRP K 297 -23.50 -35.14 29.36
CA TRP K 297 -22.74 -34.19 28.57
C TRP K 297 -23.57 -32.95 28.35
N ALA K 298 -22.96 -31.77 28.50
CA ALA K 298 -23.66 -30.49 28.34
C ALA K 298 -24.84 -30.39 29.31
N ASP K 299 -24.48 -30.22 30.58
CA ASP K 299 -25.41 -30.32 31.70
C ASP K 299 -26.80 -29.74 31.44
N SER K 300 -26.88 -28.54 30.88
CA SER K 300 -28.16 -27.86 30.68
C SER K 300 -28.69 -28.11 29.28
N LEU K 301 -29.99 -27.85 29.10
CA LEU K 301 -30.56 -27.99 27.76
C LEU K 301 -30.27 -26.77 26.91
N ALA K 302 -30.08 -25.61 27.51
CA ALA K 302 -29.37 -24.55 26.82
C ALA K 302 -27.89 -24.89 26.78
N ALA K 303 -27.12 -24.09 26.05
CA ALA K 303 -25.66 -24.19 26.05
C ALA K 303 -25.21 -25.59 25.65
N GLY K 304 -25.41 -25.90 24.37
CA GLY K 304 -25.01 -27.18 23.83
C GLY K 304 -23.56 -27.20 23.37
N GLU K 305 -23.19 -28.41 22.95
CA GLU K 305 -21.87 -28.80 22.37
C GLU K 305 -20.75 -28.21 23.21
N PRO K 306 -20.42 -28.76 24.43
CA PRO K 306 -19.33 -28.26 25.29
C PRO K 306 -17.95 -28.36 24.67
N ALA K 307 -17.79 -29.07 23.57
CA ALA K 307 -16.53 -29.14 22.83
C ALA K 307 -15.41 -29.73 23.66
N ARG K 308 -15.74 -30.53 24.66
CA ARG K 308 -14.75 -31.22 25.47
C ARG K 308 -15.43 -32.42 26.09
N LEU K 309 -15.13 -33.61 25.60
CA LEU K 309 -15.73 -34.84 26.11
C LEU K 309 -14.68 -35.56 26.94
N MET K 310 -14.98 -35.77 28.22
CA MET K 310 -14.08 -36.43 29.15
C MET K 310 -12.73 -35.73 29.22
N GLY K 311 -12.71 -34.42 29.04
CA GLY K 311 -11.50 -33.63 29.11
C GLY K 311 -10.70 -33.53 27.84
N TYR K 312 -11.12 -34.18 26.77
CA TYR K 312 -10.39 -34.20 25.52
C TYR K 312 -11.29 -33.74 24.38
N PRO K 313 -10.71 -33.14 23.34
CA PRO K 313 -11.54 -32.55 22.28
C PRO K 313 -12.37 -33.58 21.53
N VAL K 314 -13.19 -33.10 20.61
CA VAL K 314 -14.05 -33.95 19.81
C VAL K 314 -13.93 -33.49 18.36
N LEU K 315 -13.68 -34.43 17.46
CA LEU K 315 -13.72 -34.17 16.03
C LEU K 315 -14.97 -34.80 15.48
N ILE K 316 -15.82 -34.00 14.85
CA ILE K 316 -17.07 -34.48 14.26
C ILE K 316 -16.76 -34.74 12.80
N ALA K 317 -16.32 -35.95 12.51
CA ALA K 317 -16.02 -36.37 11.14
C ALA K 317 -17.15 -37.24 10.65
N GLU K 318 -17.92 -36.73 9.69
CA GLU K 318 -19.11 -37.45 9.26
C GLU K 318 -18.81 -38.70 8.46
N ASP K 319 -17.55 -38.98 8.15
CA ASP K 319 -17.21 -40.16 7.38
C ASP K 319 -17.02 -41.38 8.26
N MET K 320 -17.19 -41.23 9.58
CA MET K 320 -17.15 -42.30 10.54
C MET K 320 -18.47 -43.07 10.52
N PRO K 321 -18.43 -44.37 10.73
CA PRO K 321 -19.67 -45.14 10.75
C PRO K 321 -20.52 -44.77 11.94
N ASP K 322 -21.83 -44.83 11.75
CA ASP K 322 -22.78 -44.53 12.80
C ASP K 322 -23.03 -45.77 13.65
N ILE K 323 -23.79 -45.59 14.73
CA ILE K 323 -24.04 -46.69 15.65
C ILE K 323 -24.85 -47.76 14.95
N ALA K 324 -24.36 -48.99 14.98
CA ALA K 324 -24.93 -50.10 14.23
C ALA K 324 -24.72 -51.38 15.02
N ALA K 325 -24.87 -52.52 14.35
CA ALA K 325 -24.77 -53.81 15.03
C ALA K 325 -23.40 -54.00 15.67
N ASN K 326 -22.35 -54.04 14.86
CA ASN K 326 -20.97 -54.09 15.37
C ASN K 326 -20.21 -53.00 14.63
N ALA K 327 -20.26 -51.79 15.15
CA ALA K 327 -19.68 -50.65 14.46
C ALA K 327 -18.71 -49.93 15.38
N TYR K 328 -17.67 -49.38 14.79
CA TYR K 328 -16.69 -48.60 15.53
C TYR K 328 -17.02 -47.12 15.29
N ALA K 329 -18.01 -46.65 16.04
CA ALA K 329 -18.57 -45.33 15.81
C ALA K 329 -17.80 -44.23 16.52
N ILE K 330 -17.19 -44.52 17.66
CA ILE K 330 -16.35 -43.57 18.39
C ILE K 330 -14.95 -44.14 18.43
N ALA K 331 -13.97 -43.30 18.14
CA ALA K 331 -12.57 -43.73 18.12
C ALA K 331 -11.72 -42.68 18.81
N PHE K 332 -11.39 -42.94 20.06
CA PHE K 332 -10.56 -42.04 20.85
C PHE K 332 -9.10 -42.43 20.70
N GLY K 333 -8.27 -41.49 20.26
CA GLY K 333 -6.87 -41.78 20.10
C GLY K 333 -6.13 -40.53 19.71
N ASP K 334 -4.81 -40.58 19.94
CA ASP K 334 -3.90 -39.52 19.54
C ASP K 334 -3.54 -39.75 18.09
N PHE K 335 -4.24 -39.09 17.17
CA PHE K 335 -3.98 -39.29 15.76
C PHE K 335 -2.79 -38.50 15.24
N GLY K 336 -2.27 -37.55 16.02
CA GLY K 336 -1.04 -36.91 15.61
C GLY K 336 0.10 -37.90 15.44
N ASN K 337 0.19 -38.86 16.36
CA ASN K 337 1.18 -39.92 16.26
C ASN K 337 0.62 -41.17 15.59
N GLY K 338 -0.67 -41.44 15.81
CA GLY K 338 -1.23 -42.69 15.31
C GLY K 338 -1.34 -42.74 13.81
N TYR K 339 -1.92 -41.70 13.22
CA TYR K 339 -2.19 -41.67 11.79
C TYR K 339 -1.28 -40.66 11.10
N THR K 340 -0.56 -41.12 10.09
CA THR K 340 0.33 -40.28 9.30
C THR K 340 -0.22 -40.19 7.88
N ILE K 341 -0.42 -38.95 7.42
CA ILE K 341 -0.88 -38.68 6.07
C ILE K 341 0.33 -38.33 5.21
N ALA K 342 0.45 -38.98 4.06
CA ALA K 342 1.46 -38.63 3.08
C ALA K 342 0.77 -38.04 1.87
N GLU K 343 1.27 -36.91 1.38
CA GLU K 343 0.58 -36.22 0.30
C GLU K 343 1.55 -35.32 -0.44
N ARG K 344 1.15 -34.95 -1.64
CA ARG K 344 1.85 -33.96 -2.44
C ARG K 344 0.93 -32.75 -2.57
N PRO K 345 1.24 -31.64 -1.93
CA PRO K 345 0.26 -30.56 -1.73
C PRO K 345 0.05 -29.70 -2.97
N ASP K 346 -0.41 -30.33 -4.05
CA ASP K 346 -0.78 -29.63 -5.28
C ASP K 346 -1.89 -30.37 -5.97
N LEU K 347 -2.90 -29.62 -6.43
CA LEU K 347 -4.05 -30.20 -7.11
C LEU K 347 -3.83 -29.95 -8.60
N ARG K 348 -3.03 -30.82 -9.21
CA ARG K 348 -2.69 -30.66 -10.62
C ARG K 348 -3.92 -30.85 -11.49
N VAL K 349 -4.15 -29.90 -12.39
CA VAL K 349 -5.32 -29.89 -13.26
C VAL K 349 -4.85 -29.96 -14.70
N LEU K 350 -5.63 -30.62 -15.54
CA LEU K 350 -5.31 -30.78 -16.96
C LEU K 350 -6.61 -30.79 -17.73
N ARG K 351 -6.87 -29.73 -18.49
CA ARG K 351 -8.06 -29.66 -19.33
C ARG K 351 -7.68 -30.00 -20.76
N ASP K 352 -8.45 -30.89 -21.38
CA ASP K 352 -8.15 -31.36 -22.74
C ASP K 352 -9.36 -31.20 -23.62
N PRO K 353 -9.40 -30.17 -24.45
CA PRO K 353 -10.47 -30.06 -25.43
C PRO K 353 -10.29 -31.02 -26.59
N PHE K 354 -9.32 -31.94 -26.46
CA PHE K 354 -8.93 -32.83 -27.54
C PHE K 354 -9.61 -34.18 -27.48
N SER K 355 -9.76 -34.77 -26.29
CA SER K 355 -10.28 -36.12 -26.19
C SER K 355 -11.70 -36.22 -26.76
N ALA K 356 -12.66 -35.56 -26.12
CA ALA K 356 -14.03 -35.48 -26.62
C ALA K 356 -14.22 -34.07 -27.13
N LYS K 357 -14.40 -33.94 -28.45
CA LYS K 357 -14.22 -32.63 -29.08
C LYS K 357 -15.21 -31.58 -28.59
N PRO K 358 -16.53 -31.75 -28.70
CA PRO K 358 -17.43 -30.68 -28.31
C PRO K 358 -17.41 -30.38 -26.82
N HIS K 359 -16.60 -31.07 -26.04
CA HIS K 359 -16.53 -30.90 -24.60
C HIS K 359 -15.11 -30.53 -24.22
N VAL K 360 -14.86 -30.34 -22.92
CA VAL K 360 -13.57 -29.91 -22.43
C VAL K 360 -12.95 -30.92 -21.48
N LEU K 361 -13.75 -31.55 -20.62
CA LEU K 361 -13.32 -32.73 -19.88
C LEU K 361 -12.13 -32.43 -18.97
N PHE K 362 -12.33 -31.49 -18.04
CA PHE K 362 -11.29 -31.14 -17.08
C PHE K 362 -10.86 -32.37 -16.32
N TYR K 363 -9.59 -32.43 -15.93
CA TYR K 363 -9.05 -33.61 -15.27
C TYR K 363 -8.15 -33.17 -14.12
N ALA K 364 -8.68 -33.20 -12.91
CA ALA K 364 -7.95 -32.82 -11.71
C ALA K 364 -7.63 -34.05 -10.90
N SER K 365 -6.41 -34.14 -10.38
CA SER K 365 -5.99 -35.35 -9.68
C SER K 365 -4.88 -35.00 -8.69
N LYS K 366 -5.23 -34.86 -7.42
CA LYS K 366 -4.23 -34.76 -6.38
C LYS K 366 -3.97 -36.15 -5.82
N ARG K 367 -2.78 -36.35 -5.26
CA ARG K 367 -2.40 -37.67 -4.80
C ARG K 367 -2.05 -37.65 -3.33
N VAL K 368 -2.50 -38.69 -2.61
CA VAL K 368 -2.48 -38.70 -1.16
C VAL K 368 -2.57 -40.14 -0.71
N GLY K 369 -2.07 -40.42 0.49
CA GLY K 369 -2.15 -41.76 1.04
C GLY K 369 -1.76 -41.75 2.50
N GLY K 370 -2.20 -42.79 3.20
CA GLY K 370 -1.84 -42.89 4.61
C GLY K 370 -2.56 -43.95 5.42
N ASP K 371 -1.81 -44.63 6.28
CA ASP K 371 -2.37 -45.54 7.27
C ASP K 371 -1.72 -45.28 8.62
N VAL K 372 -2.07 -46.10 9.61
CA VAL K 372 -1.63 -45.85 10.97
C VAL K 372 -0.16 -46.14 11.11
N SER K 373 0.55 -45.26 11.82
CA SER K 373 1.97 -45.41 12.06
C SER K 373 2.28 -45.87 13.47
N ASP K 374 1.35 -45.70 14.41
CA ASP K 374 1.53 -46.11 15.80
C ASP K 374 0.24 -46.74 16.25
N PHE K 375 0.22 -48.08 16.36
CA PHE K 375 -1.01 -48.78 16.67
C PHE K 375 -1.46 -48.58 18.11
N ALA K 376 -0.57 -48.16 18.99
CA ALA K 376 -0.92 -47.94 20.38
C ALA K 376 -1.59 -46.59 20.62
N ALA K 377 -1.71 -45.76 19.59
CA ALA K 377 -2.19 -44.40 19.75
C ALA K 377 -3.64 -44.21 19.36
N ILE K 378 -4.34 -45.27 18.98
CA ILE K 378 -5.74 -45.19 18.59
C ILE K 378 -6.47 -46.33 19.28
N LYS K 379 -7.59 -46.01 19.93
CA LYS K 379 -8.45 -47.02 20.54
C LYS K 379 -9.86 -46.81 20.01
N LEU K 380 -10.57 -47.91 19.81
CA LEU K 380 -11.88 -47.86 19.18
C LEU K 380 -12.97 -48.25 20.18
N LEU K 381 -14.21 -47.99 19.81
CA LEU K 381 -15.36 -48.32 20.63
C LEU K 381 -16.31 -49.19 19.81
N LYS K 382 -16.27 -50.48 20.04
CA LYS K 382 -17.15 -51.42 19.37
C LYS K 382 -18.44 -51.55 20.15
N PHE K 383 -19.54 -51.72 19.44
CA PHE K 383 -20.86 -51.83 20.05
C PHE K 383 -21.34 -53.26 20.06
N ALA K 384 -20.45 -54.22 20.23
CA ALA K 384 -20.84 -55.62 20.13
C ALA K 384 -21.42 -56.17 21.44
N ALA K 385 -20.60 -56.22 22.49
CA ALA K 385 -21.00 -56.90 23.71
C ALA K 385 -20.02 -56.63 24.85
N ALA L 89 9.85 -48.24 -18.60
CA ALA L 89 9.19 -46.96 -18.40
C ALA L 89 7.68 -47.10 -18.57
N LEU L 90 7.08 -47.78 -17.60
CA LEU L 90 5.64 -48.02 -17.57
C LEU L 90 5.21 -47.81 -16.13
N ASN L 91 4.06 -48.36 -15.78
CA ASN L 91 3.54 -48.28 -14.43
C ASN L 91 4.62 -48.56 -13.39
N SER L 92 4.56 -47.84 -12.29
CA SER L 92 5.41 -48.11 -11.14
C SER L 92 4.94 -49.31 -10.34
N ALA L 93 3.91 -50.01 -10.81
CA ALA L 93 3.39 -51.14 -10.05
C ALA L 93 4.25 -52.38 -10.28
N VAL L 94 4.56 -52.68 -11.53
CA VAL L 94 5.36 -53.84 -11.86
C VAL L 94 6.84 -53.48 -11.76
N ALA L 95 7.58 -54.26 -10.97
CA ALA L 95 8.97 -53.93 -10.74
C ALA L 95 9.80 -54.06 -12.00
N ALA L 96 9.49 -55.03 -12.85
CA ALA L 96 10.26 -55.23 -14.07
C ALA L 96 10.05 -54.13 -15.08
N GLU L 97 8.89 -53.46 -15.05
CA GLU L 97 8.55 -52.48 -16.07
C GLU L 97 9.04 -51.09 -15.71
N GLY L 98 8.57 -50.56 -14.60
CA GLY L 98 9.04 -49.28 -14.13
C GLY L 98 9.23 -49.24 -12.64
N GLY L 99 8.72 -50.26 -11.95
CA GLY L 99 8.73 -50.27 -10.50
C GLY L 99 10.09 -50.28 -9.85
N TYR L 100 11.15 -50.33 -10.65
CA TYR L 100 12.51 -50.30 -10.13
C TYR L 100 13.09 -48.90 -10.08
N LEU L 101 12.36 -47.90 -10.53
CA LEU L 101 12.85 -46.54 -10.60
C LEU L 101 12.41 -45.69 -9.43
N VAL L 102 11.62 -46.24 -8.51
CA VAL L 102 10.77 -45.40 -7.66
C VAL L 102 11.41 -45.08 -6.33
N ASP L 103 11.92 -46.07 -5.58
CA ASP L 103 12.67 -45.82 -4.35
C ASP L 103 11.90 -44.99 -3.32
N PRO L 104 10.96 -45.59 -2.59
CA PRO L 104 10.13 -44.83 -1.65
C PRO L 104 10.92 -44.02 -0.66
N GLN L 105 10.37 -42.85 -0.30
CA GLN L 105 11.01 -41.96 0.64
C GLN L 105 10.97 -42.55 2.05
N THR L 106 12.09 -42.46 2.76
CA THR L 106 12.27 -43.30 3.94
C THR L 106 11.60 -42.74 5.18
N SER L 107 12.02 -41.58 5.67
CA SER L 107 11.41 -40.93 6.82
C SER L 107 12.15 -39.65 7.16
N GLU L 108 11.73 -38.97 8.21
CA GLU L 108 12.56 -37.93 8.81
C GLU L 108 13.44 -38.50 9.91
N THR L 109 12.83 -39.26 10.82
CA THR L 109 13.55 -39.88 11.94
C THR L 109 12.83 -41.16 12.28
N ILE L 110 13.41 -41.92 13.22
CA ILE L 110 12.85 -43.19 13.62
C ILE L 110 11.98 -42.97 14.85
N ARG L 111 10.67 -42.91 14.63
CA ARG L 111 9.72 -42.62 15.69
C ARG L 111 9.50 -43.84 16.54
N GLY L 112 9.11 -43.63 17.80
CA GLY L 112 9.00 -44.71 18.75
C GLY L 112 7.68 -44.71 19.51
N VAL L 113 7.45 -45.80 20.23
CA VAL L 113 6.25 -45.93 21.04
C VAL L 113 6.37 -45.05 22.27
N LEU L 114 5.32 -44.31 22.57
CA LEU L 114 5.32 -43.41 23.72
C LEU L 114 4.99 -44.19 24.99
N ARG L 115 5.81 -44.02 26.02
CA ARG L 115 5.60 -44.70 27.29
C ARG L 115 5.67 -43.70 28.43
N SER L 116 4.88 -43.95 29.47
CA SER L 116 4.76 -43.01 30.58
C SER L 116 6.02 -42.97 31.42
N THR L 117 6.33 -41.78 31.93
CA THR L 117 7.52 -41.57 32.75
C THR L 117 7.21 -41.20 34.20
N ALA L 118 5.95 -41.17 34.60
CA ALA L 118 5.63 -40.99 36.01
C ALA L 118 6.30 -42.09 36.82
N SER L 119 7.16 -41.71 37.73
CA SER L 119 8.15 -42.63 38.25
C SER L 119 8.25 -42.72 39.76
N LEU L 120 7.40 -42.04 40.52
CA LEU L 120 7.43 -42.02 41.97
C LEU L 120 8.69 -41.34 42.49
N ARG L 121 9.58 -40.93 41.61
CA ARG L 121 10.78 -40.22 42.04
C ARG L 121 10.46 -38.80 42.44
N GLN L 122 9.40 -38.22 41.89
CA GLN L 122 9.03 -36.85 42.18
C GLN L 122 8.19 -36.70 43.43
N ILE L 123 7.90 -37.79 44.14
CA ILE L 123 7.19 -37.71 45.40
C ILE L 123 7.99 -38.25 46.57
N ALA L 124 9.05 -39.02 46.34
CA ALA L 124 9.83 -39.63 47.40
C ALA L 124 11.06 -38.78 47.72
N SER L 125 11.71 -39.14 48.83
CA SER L 125 12.94 -38.44 49.28
C SER L 125 14.11 -38.84 48.37
N VAL L 126 14.56 -37.93 47.52
CA VAL L 126 15.70 -38.18 46.64
C VAL L 126 16.93 -37.61 47.32
N VAL L 127 17.82 -38.48 47.79
CA VAL L 127 19.02 -38.07 48.51
C VAL L 127 20.21 -38.39 47.63
N ASN L 128 20.91 -37.35 47.19
CA ASN L 128 22.13 -37.51 46.40
C ASN L 128 23.23 -38.02 47.32
N VAL L 129 23.42 -39.33 47.34
CA VAL L 129 24.37 -39.99 48.23
C VAL L 129 25.67 -40.24 47.47
N GLU L 130 26.79 -39.89 48.08
CA GLU L 130 28.12 -40.12 47.50
C GLU L 130 28.84 -41.12 48.40
N ALA L 131 28.53 -42.40 48.23
CA ALA L 131 29.12 -43.46 49.04
C ALA L 131 28.66 -44.79 48.46
N THR L 132 29.11 -45.87 49.07
CA THR L 132 28.69 -47.20 48.64
C THR L 132 27.26 -47.52 49.01
N SER L 133 26.67 -46.73 49.90
CA SER L 133 25.35 -47.05 50.43
C SER L 133 24.87 -45.86 51.25
N PHE L 134 23.56 -45.80 51.43
CA PHE L 134 22.94 -44.82 52.30
C PHE L 134 22.22 -45.54 53.42
N ASP L 135 22.23 -44.96 54.60
CA ASP L 135 21.57 -45.55 55.76
C ASP L 135 20.49 -44.62 56.24
N VAL L 136 19.62 -45.12 57.11
CA VAL L 136 18.69 -44.26 57.83
C VAL L 136 18.61 -44.79 59.25
N LEU L 137 18.75 -43.89 60.22
CA LEU L 137 18.60 -44.25 61.62
C LEU L 137 17.17 -43.97 62.00
N VAL L 138 16.41 -45.01 62.31
CA VAL L 138 15.02 -44.85 62.69
C VAL L 138 14.73 -45.78 63.86
N ASP L 139 14.17 -45.21 64.92
CA ASP L 139 13.86 -46.00 66.12
C ASP L 139 12.60 -46.82 65.89
N LYS L 140 12.68 -48.10 66.22
CA LYS L 140 11.56 -49.00 66.00
C LYS L 140 10.42 -48.71 66.95
N THR L 141 10.69 -48.70 68.24
CA THR L 141 9.67 -48.53 69.27
C THR L 141 9.75 -47.13 69.86
N ASP L 142 8.74 -46.79 70.67
CA ASP L 142 8.71 -45.47 71.28
C ASP L 142 9.34 -45.52 72.66
N MET L 143 9.30 -44.39 73.36
CA MET L 143 10.01 -44.24 74.62
C MET L 143 9.49 -45.21 75.68
N GLY L 144 8.24 -45.04 76.10
CA GLY L 144 7.77 -45.80 77.24
C GLY L 144 7.84 -45.01 78.54
N SER L 145 6.69 -44.85 79.18
CA SER L 145 6.56 -44.06 80.43
C SER L 145 5.35 -44.56 81.22
N GLY L 146 5.29 -44.22 82.51
CA GLY L 146 4.22 -44.71 83.40
C GLY L 146 3.84 -43.68 84.43
N TRP L 147 2.54 -43.56 84.73
CA TRP L 147 2.08 -42.53 85.70
C TRP L 147 2.70 -42.80 87.07
N ALA L 148 2.72 -44.06 87.51
CA ALA L 148 3.39 -44.44 88.79
C ALA L 148 2.56 -44.00 90.00
N SER L 149 3.13 -44.09 91.19
CA SER L 149 2.42 -43.70 92.43
C SER L 149 3.36 -42.85 93.32
N GLU L 150 2.79 -42.03 94.21
CA GLU L 150 3.59 -41.18 95.13
C GLU L 150 4.79 -42.00 95.62
N THR L 151 4.52 -43.20 96.14
CA THR L 151 5.59 -44.07 96.72
C THR L 151 5.74 -45.32 95.83
N ALA L 152 6.78 -45.35 94.99
CA ALA L 152 7.07 -46.50 94.17
C ALA L 152 8.56 -46.55 93.88
N ALA L 153 8.98 -47.55 93.12
CA ALA L 153 10.40 -47.77 92.89
C ALA L 153 10.94 -46.82 91.82
N LEU L 154 10.18 -46.59 90.76
CA LEU L 154 10.63 -45.83 89.59
C LEU L 154 11.88 -46.49 88.98
N SER L 155 11.63 -47.65 88.38
CA SER L 155 12.69 -48.34 87.66
C SER L 155 12.92 -47.66 86.30
N GLU L 156 14.08 -47.93 85.71
CA GLU L 156 14.34 -47.46 84.36
C GLU L 156 13.31 -48.04 83.41
N THR L 157 12.71 -47.18 82.59
CA THR L 157 11.52 -47.60 81.86
C THR L 157 11.87 -48.36 80.59
N ALA L 158 12.39 -47.65 79.59
CA ALA L 158 12.74 -48.23 78.30
C ALA L 158 13.27 -47.09 77.44
N THR L 159 13.95 -47.44 76.37
CA THR L 159 14.58 -46.47 75.50
C THR L 159 14.32 -46.94 74.09
N PRO L 160 14.02 -46.04 73.17
CA PRO L 160 13.63 -46.48 71.83
C PRO L 160 14.76 -47.22 71.14
N GLN L 161 14.60 -48.52 70.93
CA GLN L 161 15.64 -49.27 70.24
C GLN L 161 15.68 -48.84 68.78
N ILE L 162 16.87 -48.58 68.28
CA ILE L 162 17.03 -47.94 66.99
C ILE L 162 17.32 -49.01 65.95
N ASP L 163 17.25 -48.62 64.68
CA ASP L 163 17.46 -49.53 63.58
C ASP L 163 18.13 -48.74 62.45
N ARG L 164 19.03 -49.41 61.75
CA ARG L 164 19.67 -48.84 60.57
C ARG L 164 19.18 -49.59 59.35
N ILE L 165 18.72 -48.85 58.35
CA ILE L 165 18.23 -49.40 57.10
C ILE L 165 19.20 -48.99 56.01
N THR L 166 19.79 -49.96 55.34
CA THR L 166 20.83 -49.69 54.35
C THR L 166 20.22 -49.58 52.96
N ILE L 167 20.55 -48.49 52.27
CA ILE L 167 20.21 -48.28 50.87
C ILE L 167 21.43 -48.67 50.05
N PRO L 168 21.50 -49.89 49.53
CA PRO L 168 22.76 -50.39 48.96
C PRO L 168 23.25 -49.61 47.76
N LEU L 169 22.41 -48.80 47.13
CA LEU L 169 22.83 -47.95 46.01
C LEU L 169 23.44 -48.78 44.89
N HIS L 170 22.61 -49.63 44.30
CA HIS L 170 23.03 -50.49 43.21
C HIS L 170 23.26 -49.64 41.95
N GLU L 171 23.58 -50.30 40.85
CA GLU L 171 23.70 -49.60 39.58
C GLU L 171 22.82 -50.24 38.53
N LEU L 172 22.30 -49.42 37.64
CA LEU L 172 21.44 -49.81 36.55
C LEU L 172 22.22 -49.61 35.26
N ALA L 173 22.42 -50.68 34.50
CA ALA L 173 23.28 -50.62 33.34
C ALA L 173 22.66 -51.36 32.17
N ALA L 174 23.00 -50.91 30.96
CA ALA L 174 22.49 -51.51 29.73
C ALA L 174 23.56 -51.44 28.66
N MET L 175 23.65 -52.50 27.85
CA MET L 175 24.58 -52.57 26.73
C MET L 175 23.86 -52.97 25.46
N PRO L 176 23.44 -52.01 24.65
CA PRO L 176 23.02 -52.34 23.29
C PRO L 176 24.24 -52.50 22.40
N LYS L 177 24.30 -53.61 21.69
CA LYS L 177 25.46 -53.95 20.86
C LYS L 177 25.12 -53.67 19.40
N ALA L 178 25.51 -52.50 18.92
CA ALA L 178 25.25 -52.11 17.55
C ALA L 178 26.43 -52.47 16.67
N SER L 179 26.19 -53.19 15.59
CA SER L 179 27.26 -53.57 14.69
C SER L 179 27.84 -52.34 14.01
N GLN L 180 29.16 -52.37 13.77
CA GLN L 180 29.83 -51.23 13.19
C GLN L 180 29.35 -50.97 11.77
N ARG L 181 28.93 -52.01 11.06
CA ARG L 181 28.38 -51.81 9.72
C ARG L 181 27.16 -50.91 9.77
N LEU L 182 26.21 -51.22 10.64
CA LEU L 182 25.02 -50.38 10.76
C LEU L 182 25.31 -49.24 11.73
N LEU L 183 26.41 -48.53 11.52
CA LEU L 183 26.63 -47.30 12.25
C LEU L 183 27.24 -46.22 11.39
N ASP L 184 27.74 -46.56 10.21
CA ASP L 184 28.35 -45.59 9.30
C ASP L 184 27.72 -45.62 7.92
N ASP L 185 26.64 -46.38 7.72
CA ASP L 185 25.95 -46.40 6.44
C ASP L 185 24.45 -46.17 6.56
N SER L 186 23.91 -46.13 7.77
CA SER L 186 22.49 -45.84 7.95
C SER L 186 22.28 -44.33 7.96
N ALA L 187 21.18 -43.89 7.35
CA ALA L 187 20.91 -42.46 7.31
C ALA L 187 20.59 -41.92 8.69
N PHE L 188 20.08 -42.76 9.58
CA PHE L 188 19.70 -42.34 10.92
C PHE L 188 20.92 -42.38 11.83
N ASP L 189 20.97 -41.45 12.78
CA ASP L 189 22.07 -41.40 13.74
C ASP L 189 21.72 -42.36 14.87
N ILE L 190 22.14 -43.61 14.72
CA ILE L 190 21.83 -44.62 15.72
C ILE L 190 22.68 -44.42 16.97
N GLU L 191 23.85 -43.80 16.83
CA GLU L 191 24.69 -43.57 18.00
C GLU L 191 24.00 -42.67 19.00
N THR L 192 23.24 -41.68 18.54
CA THR L 192 22.49 -40.82 19.43
C THR L 192 21.05 -41.28 19.63
N TRP L 193 20.57 -42.20 18.80
CA TRP L 193 19.24 -42.73 19.01
C TRP L 193 19.22 -43.72 20.15
N LEU L 194 20.31 -44.47 20.34
CA LEU L 194 20.40 -45.34 21.51
C LEU L 194 20.51 -44.53 22.79
N ALA L 195 21.17 -43.38 22.75
CA ALA L 195 21.24 -42.55 23.93
C ALA L 195 19.86 -42.12 24.41
N ASN L 196 18.99 -41.73 23.47
CA ASN L 196 17.62 -41.38 23.86
C ASN L 196 16.85 -42.59 24.34
N ARG L 197 17.04 -43.74 23.67
CA ARG L 197 16.32 -44.94 24.08
C ARG L 197 16.84 -45.49 25.41
N ILE L 198 18.12 -45.30 25.69
CA ILE L 198 18.67 -45.74 26.97
C ILE L 198 18.17 -44.84 28.09
N ALA L 199 18.32 -43.53 27.92
CA ALA L 199 17.89 -42.59 28.95
C ALA L 199 16.41 -42.72 29.23
N ASP L 200 15.62 -43.13 28.25
CA ASP L 200 14.20 -43.35 28.48
C ASP L 200 13.94 -44.66 29.22
N LYS L 201 14.79 -45.66 29.03
CA LYS L 201 14.63 -46.91 29.75
C LYS L 201 15.12 -46.79 31.19
N PHE L 202 16.19 -46.03 31.42
CA PHE L 202 16.69 -45.86 32.78
C PHE L 202 15.71 -45.10 33.63
N ALA L 203 15.13 -44.02 33.11
CA ALA L 203 14.10 -43.30 33.84
C ALA L 203 12.87 -44.17 34.08
N ARG L 204 12.72 -45.25 33.33
CA ARG L 204 11.53 -46.08 33.42
C ARG L 204 11.79 -47.44 34.06
N ALA L 205 13.03 -47.93 34.01
CA ALA L 205 13.33 -49.21 34.67
C ALA L 205 13.58 -49.03 36.15
N GLU L 206 14.11 -47.87 36.55
CA GLU L 206 14.25 -47.58 37.97
C GLU L 206 12.90 -47.29 38.61
N ALA L 207 11.89 -46.93 37.81
CA ALA L 207 10.57 -46.69 38.34
C ALA L 207 9.85 -47.99 38.65
N ALA L 208 10.10 -49.04 37.88
CA ALA L 208 9.51 -50.33 38.19
C ALA L 208 10.10 -50.91 39.46
N ALA L 209 11.38 -50.66 39.72
CA ALA L 209 12.00 -51.18 40.92
C ALA L 209 11.52 -50.46 42.16
N PHE L 210 11.20 -49.17 42.06
CA PHE L 210 10.74 -48.42 43.21
C PHE L 210 9.39 -48.88 43.71
N ILE L 211 8.69 -49.72 42.97
CA ILE L 211 7.34 -50.14 43.31
C ILE L 211 7.28 -51.62 43.61
N SER L 212 7.74 -52.46 42.68
CA SER L 212 7.68 -53.89 42.90
C SER L 212 9.05 -54.55 42.75
N GLY L 213 10.13 -53.79 42.84
CA GLY L 213 11.45 -54.37 42.75
C GLY L 213 11.78 -55.17 43.99
N ASP L 214 12.51 -56.26 43.79
CA ASP L 214 12.97 -57.07 44.90
C ASP L 214 14.35 -56.58 45.33
N GLY L 215 15.03 -57.36 46.15
CA GLY L 215 16.26 -56.86 46.76
C GLY L 215 17.52 -57.12 45.97
N VAL L 216 17.50 -58.15 45.12
CA VAL L 216 18.73 -58.61 44.46
C VAL L 216 19.18 -57.54 43.47
N ASP L 217 20.25 -56.82 43.82
CA ASP L 217 20.92 -55.87 42.96
C ASP L 217 20.01 -54.73 42.49
N LYS L 218 18.84 -54.55 43.08
CA LYS L 218 17.91 -53.54 42.63
C LYS L 218 17.12 -53.04 43.83
N PRO L 219 16.58 -51.82 43.76
CA PRO L 219 15.83 -51.29 44.91
C PRO L 219 14.63 -52.15 45.23
N THR L 220 14.30 -52.22 46.51
CA THR L 220 13.12 -52.96 46.94
C THR L 220 11.93 -52.01 46.93
N GLY L 221 10.97 -52.27 46.04
CA GLY L 221 9.78 -51.46 46.01
C GLY L 221 8.86 -51.77 47.17
N PHE L 222 8.02 -50.79 47.50
CA PHE L 222 7.25 -50.89 48.73
C PHE L 222 6.19 -51.98 48.68
N LEU L 223 6.02 -52.68 47.57
CA LEU L 223 5.04 -53.76 47.52
C LEU L 223 5.61 -55.11 47.91
N THR L 224 6.93 -55.24 47.94
CA THR L 224 7.58 -56.47 48.40
C THR L 224 7.96 -56.36 49.88
N LYS L 225 7.03 -55.98 50.76
CA LYS L 225 7.36 -55.67 52.14
C LYS L 225 6.41 -56.34 53.11
N THR L 226 6.15 -57.63 52.91
CA THR L 226 5.42 -58.50 53.83
C THR L 226 4.25 -57.79 54.53
N LYS L 227 3.32 -57.29 53.70
CA LYS L 227 2.25 -56.43 54.17
C LYS L 227 1.39 -57.13 55.22
N VAL L 228 0.78 -56.34 56.09
CA VAL L 228 -0.02 -56.85 57.20
C VAL L 228 -1.34 -56.09 57.22
N ALA L 229 -2.39 -56.76 57.69
CA ALA L 229 -3.69 -56.13 57.82
C ALA L 229 -3.62 -54.96 58.78
N ASN L 230 -4.14 -53.82 58.34
CA ASN L 230 -4.05 -52.63 59.17
C ASN L 230 -4.89 -52.82 60.44
N GLY L 231 -4.46 -52.16 61.50
CA GLY L 231 -5.02 -52.45 62.81
C GLY L 231 -4.13 -53.42 63.53
N ALA L 232 -3.60 -54.39 62.79
CA ALA L 232 -2.54 -55.27 63.28
C ALA L 232 -1.17 -54.82 62.79
N TRP L 233 -0.96 -53.52 62.64
CA TRP L 233 0.24 -53.00 61.99
C TRP L 233 1.39 -52.92 62.99
N ALA L 234 2.53 -53.47 62.59
CA ALA L 234 3.79 -53.36 63.31
C ALA L 234 4.78 -52.56 62.48
N TRP L 235 5.97 -52.32 63.03
CA TRP L 235 6.94 -51.50 62.33
C TRP L 235 7.49 -52.19 61.09
N GLY L 236 7.58 -53.52 61.12
CA GLY L 236 8.24 -54.21 60.04
C GLY L 236 7.44 -54.44 58.79
N SER L 237 6.28 -53.81 58.62
CA SER L 237 5.44 -54.13 57.48
C SER L 237 4.52 -52.96 57.18
N LEU L 238 4.06 -52.92 55.92
CA LEU L 238 3.12 -51.91 55.46
C LEU L 238 1.70 -52.37 55.70
N GLY L 239 0.84 -51.43 56.09
CA GLY L 239 -0.53 -51.74 56.47
C GLY L 239 -1.48 -51.51 55.32
N TYR L 240 -2.38 -52.47 55.11
CA TYR L 240 -3.32 -52.43 54.01
C TYR L 240 -4.75 -52.50 54.53
N VAL L 241 -5.67 -51.96 53.76
CA VAL L 241 -7.09 -52.07 54.05
C VAL L 241 -7.74 -52.84 52.90
N ALA L 242 -8.71 -53.67 53.24
CA ALA L 242 -9.38 -54.50 52.25
C ALA L 242 -10.58 -53.77 51.69
N THR L 243 -11.00 -54.17 50.49
CA THR L 243 -12.14 -53.52 49.86
C THR L 243 -13.45 -54.22 50.22
N GLY L 244 -13.49 -55.55 50.08
CA GLY L 244 -14.76 -56.24 50.05
C GLY L 244 -14.66 -57.42 49.12
N ALA L 245 -15.50 -57.46 48.09
CA ALA L 245 -15.42 -58.50 47.09
C ALA L 245 -13.99 -58.71 46.63
N ALA L 246 -13.65 -59.96 46.32
CA ALA L 246 -12.28 -60.34 46.05
C ALA L 246 -11.80 -60.00 44.65
N GLY L 247 -12.68 -59.52 43.78
CA GLY L 247 -12.28 -59.27 42.41
C GLY L 247 -12.02 -57.82 42.06
N ASP L 248 -12.82 -56.92 42.60
CA ASP L 248 -12.77 -55.52 42.23
C ASP L 248 -13.19 -54.71 43.45
N PHE L 249 -13.60 -53.46 43.24
CA PHE L 249 -14.11 -52.67 44.34
C PHE L 249 -15.35 -53.32 44.94
N ALA L 250 -15.81 -52.76 46.05
CA ALA L 250 -16.99 -53.30 46.70
C ALA L 250 -18.18 -53.22 45.76
N ALA L 251 -19.01 -54.26 45.78
CA ALA L 251 -20.13 -54.31 44.84
C ALA L 251 -21.23 -53.32 45.23
N VAL L 252 -21.64 -53.32 46.50
CA VAL L 252 -22.77 -52.51 46.89
C VAL L 252 -22.40 -51.03 46.91
N ASN L 253 -21.36 -50.66 47.64
CA ASN L 253 -20.98 -49.26 47.79
C ASN L 253 -19.48 -49.15 47.62
N ALA L 254 -19.03 -48.94 46.38
CA ALA L 254 -17.64 -48.63 46.13
C ALA L 254 -17.32 -47.25 46.66
N SER L 255 -16.07 -46.85 46.51
CA SER L 255 -15.58 -45.56 47.02
C SER L 255 -15.69 -45.48 48.53
N ASP L 256 -16.17 -46.56 49.15
CA ASP L 256 -16.03 -46.68 50.59
C ASP L 256 -14.68 -47.28 50.92
N ALA L 257 -14.13 -48.07 50.00
CA ALA L 257 -12.79 -48.62 50.14
C ALA L 257 -11.71 -47.61 49.84
N VAL L 258 -12.03 -46.51 49.18
CA VAL L 258 -11.04 -45.47 48.93
C VAL L 258 -10.98 -44.48 50.08
N VAL L 259 -12.10 -44.22 50.73
CA VAL L 259 -12.13 -43.19 51.76
C VAL L 259 -11.59 -43.71 53.08
N ASP L 260 -11.82 -44.99 53.41
CA ASP L 260 -11.21 -45.53 54.62
C ASP L 260 -9.73 -45.76 54.41
N LEU L 261 -9.28 -45.88 53.16
CA LEU L 261 -7.85 -45.85 52.88
C LEU L 261 -7.25 -44.52 53.27
N VAL L 262 -7.96 -43.43 52.97
CA VAL L 262 -7.45 -42.10 53.29
C VAL L 262 -7.34 -41.91 54.79
N TYR L 263 -8.26 -42.50 55.54
CA TYR L 263 -8.32 -42.32 56.98
C TYR L 263 -7.64 -43.44 57.73
N ALA L 264 -6.97 -44.35 57.02
CA ALA L 264 -6.15 -45.36 57.65
C ALA L 264 -4.71 -44.94 57.80
N LEU L 265 -4.30 -43.81 57.24
CA LEU L 265 -2.89 -43.46 57.15
C LEU L 265 -2.37 -42.73 58.37
N GLY L 266 -3.21 -42.00 59.07
CA GLY L 266 -2.65 -41.27 60.19
C GLY L 266 -2.61 -39.78 59.89
N ALA L 267 -2.73 -38.99 60.95
CA ALA L 267 -2.98 -37.57 60.76
C ALA L 267 -1.73 -36.82 60.31
N GLU L 268 -0.57 -37.18 60.84
CA GLU L 268 0.63 -36.41 60.54
C GLU L 268 1.14 -36.65 59.13
N TYR L 269 0.77 -37.76 58.51
CA TYR L 269 1.23 -38.05 57.16
C TYR L 269 0.28 -37.55 56.09
N ARG L 270 -0.92 -37.11 56.45
CA ARG L 270 -1.85 -36.59 55.45
C ARG L 270 -1.54 -35.14 55.07
N ALA L 271 -0.55 -34.51 55.69
CA ALA L 271 -0.21 -33.15 55.31
C ALA L 271 0.19 -33.08 53.84
N ASN L 272 1.09 -33.98 53.43
CA ASN L 272 1.45 -34.11 52.02
C ASN L 272 1.54 -35.61 51.71
N ALA L 273 0.40 -36.19 51.38
CA ALA L 273 0.32 -37.57 50.94
C ALA L 273 -0.36 -37.60 49.58
N SER L 274 -0.27 -38.74 48.90
CA SER L 274 -0.88 -38.85 47.59
C SER L 274 -1.14 -40.30 47.26
N PHE L 275 -2.12 -40.51 46.38
CA PHE L 275 -2.42 -41.84 45.90
C PHE L 275 -1.40 -42.26 44.85
N VAL L 276 -1.31 -43.55 44.62
CA VAL L 276 -0.47 -44.10 43.56
C VAL L 276 -1.27 -45.19 42.87
N MET L 277 -1.60 -44.98 41.60
CA MET L 277 -2.35 -45.94 40.82
C MET L 277 -1.72 -46.03 39.45
N ASN L 278 -2.24 -46.93 38.62
CA ASN L 278 -1.89 -46.94 37.21
C ASN L 278 -3.08 -46.41 36.43
N SER L 279 -2.90 -46.26 35.12
CA SER L 279 -3.91 -45.59 34.31
C SER L 279 -5.25 -46.31 34.38
N LYS L 280 -5.24 -47.64 34.31
CA LYS L 280 -6.50 -48.35 34.24
C LYS L 280 -7.18 -48.48 35.60
N THR L 281 -6.46 -48.26 36.69
CA THR L 281 -7.12 -48.25 37.99
C THR L 281 -7.83 -46.93 38.22
N ALA L 282 -7.19 -45.82 37.86
CA ALA L 282 -7.88 -44.54 37.89
C ALA L 282 -9.12 -44.56 37.01
N GLY L 283 -9.12 -45.41 36.00
CA GLY L 283 -10.34 -45.62 35.23
C GLY L 283 -11.42 -46.30 36.05
N ALA L 284 -11.04 -47.32 36.83
CA ALA L 284 -12.03 -48.00 37.65
C ALA L 284 -12.51 -47.11 38.78
N VAL L 285 -11.67 -46.19 39.25
CA VAL L 285 -12.10 -45.21 40.24
C VAL L 285 -13.05 -44.21 39.60
N ARG L 286 -12.75 -43.76 38.40
CA ARG L 286 -13.58 -42.76 37.74
C ARG L 286 -14.92 -43.31 37.32
N LYS L 287 -15.04 -44.62 37.11
CA LYS L 287 -16.31 -45.23 36.76
C LYS L 287 -17.24 -45.40 37.94
N MET L 288 -16.80 -45.06 39.15
CA MET L 288 -17.65 -45.21 40.33
C MET L 288 -18.75 -44.17 40.31
N LYS L 289 -20.00 -44.61 40.39
CA LYS L 289 -21.15 -43.75 40.23
C LYS L 289 -22.14 -44.00 41.35
N ASP L 290 -23.06 -43.05 41.52
CA ASP L 290 -24.12 -43.15 42.52
C ASP L 290 -25.34 -43.84 41.92
N ALA L 291 -26.47 -43.77 42.62
CA ALA L 291 -27.68 -44.41 42.11
C ALA L 291 -28.21 -43.70 40.88
N ASP L 292 -27.91 -42.42 40.73
CA ASP L 292 -28.34 -41.72 39.52
C ASP L 292 -27.48 -42.10 38.33
N GLY L 293 -26.22 -42.43 38.55
CA GLY L 293 -25.30 -42.70 37.46
C GLY L 293 -24.49 -41.47 37.13
N ARG L 294 -23.93 -40.81 38.15
CA ARG L 294 -23.33 -39.50 37.95
C ARG L 294 -21.86 -39.42 38.37
N PHE L 295 -21.13 -40.55 38.42
CA PHE L 295 -19.68 -40.50 38.46
C PHE L 295 -19.15 -39.68 39.64
N LEU L 296 -19.30 -40.25 40.84
CA LEU L 296 -18.90 -39.58 42.08
C LEU L 296 -17.63 -38.76 41.95
N TRP L 297 -16.65 -39.26 41.21
CA TRP L 297 -15.44 -38.52 40.87
C TRP L 297 -15.65 -37.86 39.50
N ALA L 298 -15.64 -36.53 39.46
CA ALA L 298 -15.78 -35.78 38.21
C ALA L 298 -17.12 -36.10 37.54
N ASP L 299 -18.19 -35.61 38.17
CA ASP L 299 -19.55 -36.00 37.81
C ASP L 299 -19.87 -35.78 36.33
N SER L 300 -19.35 -34.68 35.76
CA SER L 300 -19.78 -34.25 34.41
C SER L 300 -19.12 -35.11 33.32
N LEU L 301 -19.80 -35.32 32.19
CA LEU L 301 -19.21 -36.08 31.06
C LEU L 301 -18.01 -35.30 30.51
N ALA L 302 -18.11 -33.96 30.46
CA ALA L 302 -16.94 -33.16 30.02
C ALA L 302 -15.81 -33.46 31.00
N ALA L 303 -16.10 -33.48 32.30
CA ALA L 303 -15.09 -33.94 33.29
C ALA L 303 -13.77 -33.17 33.13
N GLY L 304 -12.67 -33.90 32.86
CA GLY L 304 -11.35 -33.26 32.78
C GLY L 304 -10.34 -33.92 33.71
N GLU L 305 -10.75 -34.97 34.42
CA GLU L 305 -9.85 -35.75 35.31
C GLU L 305 -9.31 -34.85 36.43
N PRO L 306 -10.18 -34.43 37.41
CA PRO L 306 -9.86 -33.66 38.63
C PRO L 306 -8.41 -33.58 39.13
N ALA L 307 -7.61 -34.65 38.98
CA ALA L 307 -6.25 -34.60 39.52
C ALA L 307 -6.20 -34.43 41.03
N ARG L 308 -7.36 -34.50 41.70
CA ARG L 308 -7.44 -34.41 43.14
C ARG L 308 -8.44 -35.47 43.60
N LEU L 309 -7.97 -36.47 44.34
CA LEU L 309 -8.85 -37.50 44.88
C LEU L 309 -8.86 -37.37 46.39
N MET L 310 -10.06 -37.23 46.96
CA MET L 310 -10.23 -37.09 48.40
C MET L 310 -9.38 -35.97 48.98
N GLY L 311 -9.09 -34.95 48.18
CA GLY L 311 -8.32 -33.82 48.64
C GLY L 311 -6.82 -33.98 48.59
N TYR L 312 -6.31 -35.12 48.13
CA TYR L 312 -4.88 -35.37 48.04
C TYR L 312 -4.51 -35.70 46.60
N PRO L 313 -3.34 -35.28 46.15
CA PRO L 313 -2.97 -35.45 44.74
C PRO L 313 -2.93 -36.93 44.36
N VAL L 314 -2.86 -37.17 43.07
CA VAL L 314 -2.86 -38.52 42.53
C VAL L 314 -1.71 -38.64 41.55
N LEU L 315 -0.86 -39.65 41.77
CA LEU L 315 0.23 -39.94 40.85
C LEU L 315 -0.16 -41.20 40.08
N ILE L 316 -0.29 -41.06 38.77
CA ILE L 316 -0.66 -42.18 37.91
C ILE L 316 0.64 -42.85 37.51
N ALA L 317 1.00 -43.89 38.25
CA ALA L 317 2.24 -44.64 38.03
C ALA L 317 1.87 -45.95 37.36
N GLU L 318 2.26 -46.11 36.10
CA GLU L 318 1.89 -47.29 35.34
C GLU L 318 2.56 -48.55 35.84
N ASP L 319 3.48 -48.45 36.79
CA ASP L 319 4.17 -49.61 37.31
C ASP L 319 3.52 -50.20 38.55
N MET L 320 2.42 -49.63 39.00
CA MET L 320 1.65 -50.29 40.04
C MET L 320 0.88 -51.47 39.44
N PRO L 321 0.62 -52.50 40.22
CA PRO L 321 -0.22 -53.58 39.71
C PRO L 321 -1.63 -53.09 39.54
N ASP L 322 -2.35 -53.72 38.61
CA ASP L 322 -3.73 -53.36 38.37
C ASP L 322 -4.65 -54.21 39.25
N ILE L 323 -5.94 -53.97 39.15
CA ILE L 323 -6.90 -54.65 40.00
C ILE L 323 -6.89 -56.14 39.68
N ALA L 324 -6.73 -56.95 40.71
CA ALA L 324 -6.63 -58.40 40.56
C ALA L 324 -7.21 -59.04 41.81
N ALA L 325 -6.89 -60.32 42.02
CA ALA L 325 -7.50 -61.06 43.12
C ALA L 325 -7.11 -60.47 44.47
N ASN L 326 -5.82 -60.46 44.78
CA ASN L 326 -5.34 -59.93 46.05
C ASN L 326 -4.28 -58.86 45.80
N ALA L 327 -4.41 -58.13 44.69
CA ALA L 327 -3.43 -57.14 44.34
C ALA L 327 -3.62 -55.87 45.14
N TYR L 328 -2.54 -55.13 45.30
CA TYR L 328 -2.56 -53.84 45.97
C TYR L 328 -2.39 -52.79 44.88
N ALA L 329 -3.50 -52.39 44.28
CA ALA L 329 -3.46 -51.55 43.10
C ALA L 329 -3.55 -50.07 43.40
N ILE L 330 -3.99 -49.70 44.59
CA ILE L 330 -4.00 -48.31 45.04
C ILE L 330 -3.22 -48.25 46.33
N ALA L 331 -2.29 -47.30 46.41
CA ALA L 331 -1.44 -47.15 47.59
C ALA L 331 -1.40 -45.68 47.97
N PHE L 332 -2.15 -45.30 48.99
CA PHE L 332 -2.15 -43.95 49.50
C PHE L 332 -1.12 -43.87 50.61
N GLY L 333 -0.21 -42.91 50.50
CA GLY L 333 0.85 -42.81 51.48
C GLY L 333 1.64 -41.54 51.29
N ASP L 334 2.32 -41.14 52.36
CA ASP L 334 3.25 -40.01 52.33
C ASP L 334 4.63 -40.56 52.00
N PHE L 335 5.02 -40.48 50.74
CA PHE L 335 6.30 -41.01 50.32
C PHE L 335 7.44 -40.02 50.50
N GLY L 336 7.14 -38.78 50.86
CA GLY L 336 8.21 -37.86 51.21
C GLY L 336 9.02 -38.33 52.40
N ASN L 337 8.37 -39.00 53.34
CA ASN L 337 9.04 -39.65 54.47
C ASN L 337 9.02 -41.15 54.38
N GLY L 338 8.12 -41.72 53.58
CA GLY L 338 7.94 -43.15 53.54
C GLY L 338 8.94 -43.89 52.70
N TYR L 339 9.36 -43.30 51.57
CA TYR L 339 10.26 -43.96 50.65
C TYR L 339 11.45 -43.06 50.37
N THR L 340 12.65 -43.61 50.55
CA THR L 340 13.90 -42.87 50.34
C THR L 340 14.57 -43.40 49.10
N ILE L 341 14.83 -42.52 48.14
CA ILE L 341 15.54 -42.83 46.91
C ILE L 341 16.93 -42.25 47.01
N ALA L 342 17.95 -43.09 46.93
CA ALA L 342 19.33 -42.67 46.93
C ALA L 342 19.91 -42.85 45.55
N GLU L 343 20.52 -41.81 45.00
CA GLU L 343 20.96 -41.83 43.61
C GLU L 343 22.16 -40.91 43.43
N ARG L 344 22.79 -41.06 42.27
CA ARG L 344 23.80 -40.13 41.78
C ARG L 344 23.30 -39.52 40.48
N PRO L 345 23.51 -38.23 40.24
CA PRO L 345 22.85 -37.59 39.09
C PRO L 345 23.43 -38.00 37.75
N ASP L 346 24.72 -38.34 37.69
CA ASP L 346 25.38 -38.52 36.40
C ASP L 346 25.11 -39.90 35.83
N LEU L 347 25.39 -40.02 34.53
CA LEU L 347 25.25 -41.26 33.78
C LEU L 347 26.53 -41.49 32.98
N ARG L 348 27.18 -42.63 33.20
CA ARG L 348 28.44 -42.94 32.53
C ARG L 348 28.16 -43.67 31.23
N VAL L 349 28.72 -43.18 30.13
CA VAL L 349 28.29 -43.59 28.80
C VAL L 349 29.45 -44.15 27.98
N LEU L 350 30.38 -44.81 28.65
CA LEU L 350 31.53 -45.41 27.97
C LEU L 350 31.12 -46.35 26.85
N ARG L 351 31.70 -46.14 25.66
CA ARG L 351 31.51 -47.01 24.50
C ARG L 351 32.85 -47.55 24.04
N ASP L 352 32.87 -48.77 23.53
CA ASP L 352 34.12 -49.47 23.24
C ASP L 352 34.08 -50.23 21.93
N PRO L 353 34.74 -49.75 20.91
CA PRO L 353 34.83 -50.52 19.67
C PRO L 353 35.89 -51.61 19.76
N PHE L 354 36.34 -51.92 20.97
CA PHE L 354 37.46 -52.82 21.20
C PHE L 354 37.07 -54.22 21.65
N SER L 355 36.15 -54.34 22.61
CA SER L 355 35.88 -55.63 23.23
C SER L 355 35.41 -56.66 22.22
N ALA L 356 34.24 -56.43 21.61
CA ALA L 356 33.79 -57.21 20.47
C ALA L 356 34.10 -56.38 19.23
N LYS L 357 35.01 -56.87 18.40
CA LYS L 357 35.64 -56.00 17.41
C LYS L 357 34.67 -55.46 16.36
N PRO L 358 33.91 -56.28 15.63
CA PRO L 358 33.06 -55.71 14.58
C PRO L 358 31.83 -54.97 15.10
N HIS L 359 31.61 -54.95 16.40
CA HIS L 359 30.47 -54.28 17.02
C HIS L 359 30.99 -53.14 17.89
N VAL L 360 30.11 -52.55 18.70
CA VAL L 360 30.42 -51.33 19.44
C VAL L 360 30.15 -51.47 20.94
N LEU L 361 29.01 -52.06 21.30
CA LEU L 361 28.68 -52.29 22.72
C LEU L 361 28.67 -50.97 23.50
N PHE L 362 27.70 -50.13 23.18
CA PHE L 362 27.47 -48.93 23.97
C PHE L 362 27.13 -49.32 25.40
N TYR L 363 27.81 -48.71 26.37
CA TYR L 363 27.58 -49.00 27.78
C TYR L 363 27.13 -47.73 28.48
N ALA L 364 25.98 -47.81 29.15
CA ALA L 364 25.44 -46.70 29.92
C ALA L 364 24.97 -47.24 31.25
N SER L 365 25.37 -46.57 32.34
CA SER L 365 25.06 -47.05 33.67
C SER L 365 24.92 -45.87 34.62
N LYS L 366 23.83 -45.83 35.36
CA LYS L 366 23.67 -44.90 36.47
C LYS L 366 23.26 -45.67 37.70
N ARG L 367 23.65 -45.18 38.87
CA ARG L 367 23.51 -45.90 40.11
C ARG L 367 22.38 -45.34 40.94
N VAL L 368 21.36 -46.16 41.20
CA VAL L 368 20.24 -45.78 42.04
C VAL L 368 19.99 -46.88 43.06
N GLY L 369 19.25 -46.53 44.10
CA GLY L 369 18.86 -47.48 45.11
C GLY L 369 17.90 -46.86 46.08
N GLY L 370 17.12 -47.71 46.75
CA GLY L 370 16.20 -47.18 47.74
C GLY L 370 15.12 -48.13 48.22
N ASP L 371 14.79 -48.06 49.50
CA ASP L 371 13.67 -48.83 50.02
C ASP L 371 12.88 -47.92 50.96
N VAL L 372 11.89 -48.51 51.63
CA VAL L 372 11.01 -47.73 52.49
C VAL L 372 11.77 -47.25 53.72
N SER L 373 11.51 -46.00 54.11
CA SER L 373 12.16 -45.39 55.27
C SER L 373 11.25 -45.25 56.47
N ASP L 374 9.93 -45.21 56.28
CA ASP L 374 8.98 -45.08 57.37
C ASP L 374 7.77 -45.93 57.02
N PHE L 375 7.59 -47.03 57.73
CA PHE L 375 6.55 -47.98 57.38
C PHE L 375 5.15 -47.46 57.65
N ALA L 376 4.99 -46.47 58.52
CA ALA L 376 3.69 -45.92 58.82
C ALA L 376 3.27 -44.83 57.84
N ALA L 377 4.11 -44.51 56.86
CA ALA L 377 3.84 -43.42 55.93
C ALA L 377 3.33 -43.90 54.59
N ILE L 378 3.04 -45.19 54.45
CA ILE L 378 2.52 -45.74 53.22
C ILE L 378 1.46 -46.76 53.58
N LYS L 379 0.28 -46.64 52.98
CA LYS L 379 -0.81 -47.57 53.19
C LYS L 379 -1.28 -48.13 51.86
N LEU L 380 -1.83 -49.33 51.89
CA LEU L 380 -2.18 -50.04 50.67
C LEU L 380 -3.66 -50.39 50.67
N LEU L 381 -4.16 -50.74 49.49
CA LEU L 381 -5.56 -51.12 49.31
C LEU L 381 -5.59 -52.50 48.66
N LYS L 382 -5.74 -53.53 49.47
CA LYS L 382 -5.84 -54.89 48.97
C LYS L 382 -7.25 -55.13 48.46
N PHE L 383 -7.35 -55.92 47.39
CA PHE L 383 -8.64 -56.16 46.72
C PHE L 383 -9.22 -57.52 47.06
N ALA L 384 -9.10 -57.98 48.30
CA ALA L 384 -9.70 -59.23 48.73
C ALA L 384 -10.70 -58.95 49.83
N ALA L 385 -11.24 -60.02 50.41
CA ALA L 385 -12.20 -59.89 51.49
C ALA L 385 -11.50 -59.92 52.84
N ALA M 89 91.11 -47.51 15.91
CA ALA M 89 91.61 -46.50 14.99
C ALA M 89 92.18 -47.14 13.75
N LEU M 90 92.47 -48.42 13.85
CA LEU M 90 93.16 -49.14 12.79
C LEU M 90 92.09 -49.57 11.77
N ASN M 91 92.42 -50.55 10.93
CA ASN M 91 91.53 -50.98 9.86
C ASN M 91 90.12 -51.21 10.35
N SER M 92 89.15 -50.94 9.48
CA SER M 92 87.74 -51.21 9.77
C SER M 92 87.34 -52.65 9.47
N ALA M 93 88.30 -53.53 9.20
CA ALA M 93 87.97 -54.89 8.79
C ALA M 93 87.42 -55.69 9.96
N VAL M 94 88.20 -55.84 10.99
CA VAL M 94 87.79 -56.57 12.18
C VAL M 94 87.18 -55.59 13.15
N ALA M 95 86.19 -56.06 13.93
CA ALA M 95 85.40 -55.17 14.75
C ALA M 95 86.15 -54.65 15.96
N ALA M 96 87.14 -55.40 16.45
CA ALA M 96 87.88 -54.95 17.62
C ALA M 96 88.79 -53.78 17.28
N GLU M 97 89.47 -53.84 16.14
CA GLU M 97 90.47 -52.86 15.76
C GLU M 97 89.81 -51.62 15.15
N GLY M 98 88.78 -51.13 15.83
CA GLY M 98 88.09 -49.95 15.35
C GLY M 98 87.07 -50.21 14.26
N GLY M 99 86.65 -51.45 14.09
CA GLY M 99 85.55 -51.78 13.22
C GLY M 99 84.21 -51.62 13.88
N TYR M 100 84.17 -51.20 15.13
CA TYR M 100 82.95 -50.92 15.87
C TYR M 100 82.46 -49.50 15.66
N LEU M 101 83.21 -48.67 14.93
CA LEU M 101 82.95 -47.24 14.85
C LEU M 101 82.26 -46.86 13.55
N VAL M 102 81.60 -47.80 12.87
CA VAL M 102 81.22 -47.62 11.49
C VAL M 102 79.70 -47.51 11.32
N ASP M 103 78.93 -48.35 12.00
CA ASP M 103 77.47 -48.19 12.03
C ASP M 103 76.81 -48.14 10.66
N PRO M 104 76.59 -49.28 10.00
CA PRO M 104 75.90 -49.29 8.71
C PRO M 104 74.66 -48.41 8.70
N GLN M 105 74.43 -47.76 7.56
CA GLN M 105 73.25 -46.91 7.38
C GLN M 105 72.13 -47.70 6.75
N THR M 106 70.95 -47.66 7.37
CA THR M 106 69.82 -48.42 6.84
C THR M 106 69.18 -47.68 5.69
N SER M 107 68.23 -48.32 5.03
CA SER M 107 67.51 -47.70 3.94
C SER M 107 66.74 -46.48 4.46
N GLU M 108 66.25 -45.67 3.51
CA GLU M 108 65.43 -44.54 3.91
C GLU M 108 64.02 -45.00 4.27
N THR M 109 63.47 -45.92 3.50
CA THR M 109 62.19 -46.54 3.78
C THR M 109 62.35 -48.04 3.72
N ILE M 110 61.46 -48.75 4.40
CA ILE M 110 61.51 -50.21 4.34
C ILE M 110 60.85 -50.68 3.05
N ARG M 111 61.67 -51.22 2.15
CA ARG M 111 61.18 -51.73 0.88
C ARG M 111 60.33 -52.96 1.12
N GLY M 112 59.80 -53.51 0.02
CA GLY M 112 59.02 -54.72 0.13
C GLY M 112 58.91 -55.41 -1.20
N VAL M 113 58.69 -56.73 -1.17
CA VAL M 113 58.45 -57.47 -2.38
C VAL M 113 57.24 -56.87 -3.08
N LEU M 114 57.27 -56.89 -4.40
CA LEU M 114 56.24 -56.28 -5.23
C LEU M 114 55.31 -57.38 -5.68
N ARG M 115 54.06 -57.32 -5.21
CA ARG M 115 53.04 -58.26 -5.62
C ARG M 115 52.08 -57.60 -6.60
N SER M 116 51.28 -58.43 -7.26
CA SER M 116 50.55 -57.98 -8.45
C SER M 116 49.57 -56.86 -8.12
N THR M 117 49.59 -55.82 -8.95
CA THR M 117 48.65 -54.71 -8.86
C THR M 117 47.64 -54.70 -10.00
N ALA M 118 47.79 -55.58 -10.98
CA ALA M 118 46.77 -55.74 -12.01
C ALA M 118 45.53 -56.35 -11.36
N SER M 119 44.52 -55.53 -11.11
CA SER M 119 43.48 -55.92 -10.18
C SER M 119 42.07 -55.84 -10.74
N LEU M 120 41.90 -55.52 -12.03
CA LEU M 120 40.60 -55.36 -12.68
C LEU M 120 39.89 -54.15 -12.13
N ARG M 121 40.47 -53.48 -11.14
CA ARG M 121 39.89 -52.28 -10.58
C ARG M 121 40.10 -51.07 -11.48
N GLN M 122 41.19 -51.08 -12.25
CA GLN M 122 41.47 -49.95 -13.11
C GLN M 122 40.70 -49.98 -14.42
N ILE M 123 40.07 -51.11 -14.75
CA ILE M 123 39.31 -51.23 -15.99
C ILE M 123 37.83 -51.35 -15.75
N ALA M 124 37.39 -51.54 -14.52
CA ALA M 124 35.97 -51.65 -14.21
C ALA M 124 35.45 -50.30 -13.73
N SER M 125 34.17 -50.25 -13.39
CA SER M 125 33.54 -49.02 -12.94
C SER M 125 33.58 -48.98 -11.41
N VAL M 126 34.47 -48.16 -10.87
CA VAL M 126 34.58 -48.00 -9.43
C VAL M 126 33.69 -46.84 -9.01
N VAL M 127 32.77 -47.11 -8.08
CA VAL M 127 31.78 -46.13 -7.65
C VAL M 127 31.95 -45.91 -6.16
N ASN M 128 32.24 -44.68 -5.78
CA ASN M 128 32.25 -44.33 -4.37
C ASN M 128 30.81 -44.37 -3.87
N VAL M 129 30.54 -45.21 -2.88
CA VAL M 129 29.20 -45.37 -2.35
C VAL M 129 29.27 -45.52 -0.83
N GLU M 130 28.73 -44.54 -0.11
CA GLU M 130 28.69 -44.61 1.34
C GLU M 130 27.29 -45.06 1.76
N ALA M 131 27.04 -46.35 1.55
CA ALA M 131 25.75 -46.95 1.88
C ALA M 131 26.00 -48.40 2.27
N THR M 132 24.92 -49.18 2.40
CA THR M 132 25.07 -50.59 2.66
C THR M 132 25.06 -51.41 1.39
N SER M 133 24.83 -50.79 0.25
CA SER M 133 24.69 -51.53 -0.98
C SER M 133 24.79 -50.56 -2.15
N PHE M 134 24.68 -51.09 -3.36
CA PHE M 134 24.66 -50.31 -4.57
C PHE M 134 23.72 -51.01 -5.55
N ASP M 135 22.76 -50.28 -6.09
CA ASP M 135 21.74 -50.87 -6.93
C ASP M 135 21.89 -50.31 -8.34
N VAL M 136 22.57 -51.08 -9.19
CA VAL M 136 22.72 -50.69 -10.59
C VAL M 136 21.40 -50.93 -11.30
N LEU M 137 21.11 -50.09 -12.30
CA LEU M 137 19.85 -50.14 -13.02
C LEU M 137 20.13 -50.17 -14.51
N VAL M 138 19.83 -51.28 -15.15
CA VAL M 138 20.10 -51.46 -16.57
C VAL M 138 18.79 -51.66 -17.32
N ASP M 139 18.89 -51.61 -18.65
CA ASP M 139 17.77 -51.85 -19.55
C ASP M 139 18.06 -53.13 -20.31
N LYS M 140 17.47 -54.23 -19.86
CA LYS M 140 17.75 -55.52 -20.47
C LYS M 140 17.09 -55.72 -21.82
N THR M 141 16.30 -54.75 -22.29
CA THR M 141 15.70 -54.78 -23.61
C THR M 141 15.78 -53.37 -24.18
N ASP M 142 15.21 -53.16 -25.36
CA ASP M 142 15.17 -51.85 -25.98
C ASP M 142 13.75 -51.50 -26.36
N MET M 143 13.59 -50.37 -27.03
CA MET M 143 12.29 -49.88 -27.44
C MET M 143 11.91 -50.46 -28.80
N GLY M 144 10.87 -49.93 -29.40
CA GLY M 144 10.48 -50.29 -30.76
C GLY M 144 10.40 -49.07 -31.64
N SER M 145 10.70 -49.26 -32.91
CA SER M 145 10.64 -48.22 -33.92
C SER M 145 9.60 -48.60 -34.96
N GLY M 146 9.14 -47.62 -35.70
CA GLY M 146 8.00 -47.84 -36.57
C GLY M 146 8.25 -47.90 -38.06
N TRP M 147 9.14 -47.05 -38.58
CA TRP M 147 9.13 -46.73 -40.01
C TRP M 147 7.71 -46.38 -40.43
N ALA M 148 7.10 -45.48 -39.67
CA ALA M 148 5.68 -45.21 -39.81
C ALA M 148 5.37 -44.65 -41.19
N SER M 149 4.28 -45.16 -41.77
CA SER M 149 3.83 -44.67 -43.06
C SER M 149 3.04 -43.38 -42.89
N GLU M 150 2.69 -42.76 -44.02
CA GLU M 150 2.04 -41.46 -44.00
C GLU M 150 0.75 -41.51 -43.20
N THR M 151 -0.16 -42.39 -43.59
CA THR M 151 -1.46 -42.54 -42.92
C THR M 151 -1.55 -43.98 -42.42
N ALA M 152 -1.23 -44.18 -41.14
CA ALA M 152 -1.18 -45.52 -40.59
C ALA M 152 -1.79 -45.66 -39.21
N ALA M 153 -2.24 -44.57 -38.59
CA ALA M 153 -2.82 -44.60 -37.24
C ALA M 153 -1.83 -45.25 -36.26
N LEU M 154 -0.73 -44.54 -36.08
CA LEU M 154 0.39 -44.99 -35.25
C LEU M 154 -0.09 -45.48 -33.90
N SER M 155 0.40 -46.66 -33.50
CA SER M 155 0.01 -47.30 -32.25
C SER M 155 1.15 -47.24 -31.25
N GLU M 156 0.84 -47.57 -30.00
CA GLU M 156 1.83 -47.56 -28.93
C GLU M 156 2.81 -48.71 -29.09
N THR M 157 4.07 -48.44 -28.79
CA THR M 157 5.15 -49.38 -29.04
C THR M 157 5.72 -49.88 -27.72
N ALA M 158 6.72 -50.75 -27.83
CA ALA M 158 7.31 -51.41 -26.69
C ALA M 158 8.13 -50.41 -25.86
N THR M 159 8.62 -50.90 -24.72
CA THR M 159 9.32 -50.07 -23.75
C THR M 159 10.31 -50.97 -23.03
N PRO M 160 11.53 -50.50 -22.77
CA PRO M 160 12.57 -51.40 -22.25
C PRO M 160 12.29 -51.83 -20.82
N GLN M 161 12.09 -53.12 -20.62
CA GLN M 161 11.97 -53.61 -19.26
C GLN M 161 13.33 -53.50 -18.55
N ILE M 162 13.27 -53.33 -17.24
CA ILE M 162 14.39 -52.80 -16.46
C ILE M 162 14.75 -53.79 -15.37
N ASP M 163 16.06 -53.89 -15.08
CA ASP M 163 16.58 -54.78 -14.06
C ASP M 163 17.39 -53.98 -13.05
N ARG M 164 17.29 -54.37 -11.79
CA ARG M 164 18.05 -53.75 -10.71
C ARG M 164 18.93 -54.80 -10.06
N ILE M 165 20.21 -54.49 -9.92
CA ILE M 165 21.23 -55.42 -9.43
C ILE M 165 21.75 -54.89 -8.11
N THR M 166 21.77 -55.74 -7.09
CA THR M 166 22.11 -55.32 -5.73
C THR M 166 23.55 -55.70 -5.42
N ILE M 167 24.45 -54.71 -5.46
CA ILE M 167 25.81 -54.88 -4.97
C ILE M 167 25.79 -54.82 -3.44
N PRO M 168 26.15 -55.88 -2.73
CA PRO M 168 25.95 -55.88 -1.27
C PRO M 168 26.99 -55.10 -0.48
N LEU M 169 28.13 -54.75 -1.06
CA LEU M 169 29.14 -53.90 -0.42
C LEU M 169 29.62 -54.50 0.91
N HIS M 170 30.32 -55.62 0.78
CA HIS M 170 30.92 -56.32 1.92
C HIS M 170 32.14 -55.57 2.44
N GLU M 171 32.74 -56.09 3.50
CA GLU M 171 33.93 -55.48 4.08
C GLU M 171 35.09 -56.46 4.12
N LEU M 172 36.28 -55.90 4.18
CA LEU M 172 37.54 -56.65 4.13
C LEU M 172 38.42 -56.16 5.24
N ALA M 173 38.74 -57.03 6.19
CA ALA M 173 39.40 -56.61 7.41
C ALA M 173 40.63 -57.46 7.70
N ALA M 174 41.68 -56.81 8.19
CA ALA M 174 42.87 -57.46 8.68
C ALA M 174 43.25 -56.78 9.99
N MET M 175 43.85 -57.53 10.90
CA MET M 175 44.20 -57.03 12.24
C MET M 175 45.62 -57.45 12.60
N PRO M 176 46.63 -56.83 11.99
CA PRO M 176 48.00 -57.17 12.35
C PRO M 176 48.34 -56.66 13.74
N LYS M 177 49.17 -57.41 14.45
CA LYS M 177 49.46 -57.18 15.85
C LYS M 177 50.92 -56.78 16.00
N ALA M 178 51.18 -55.51 16.28
CA ALA M 178 52.53 -55.00 16.45
C ALA M 178 52.79 -54.75 17.93
N SER M 179 54.02 -55.03 18.36
CA SER M 179 54.38 -54.83 19.76
C SER M 179 54.69 -53.36 20.01
N GLN M 180 54.21 -52.84 21.13
CA GLN M 180 54.34 -51.42 21.40
C GLN M 180 55.80 -51.02 21.56
N ARG M 181 56.61 -51.91 22.14
CA ARG M 181 58.02 -51.60 22.31
C ARG M 181 58.71 -51.43 20.97
N LEU M 182 58.19 -52.06 19.93
CA LEU M 182 58.73 -51.87 18.59
C LEU M 182 58.36 -50.50 18.04
N LEU M 183 57.15 -50.02 18.31
CA LEU M 183 56.68 -48.80 17.70
C LEU M 183 57.43 -47.56 18.19
N ASP M 184 58.13 -47.65 19.31
CA ASP M 184 58.90 -46.51 19.80
C ASP M 184 60.38 -46.59 19.45
N ASP M 185 60.88 -47.78 19.13
CA ASP M 185 62.31 -48.02 19.02
C ASP M 185 62.78 -48.16 17.59
N SER M 186 61.93 -47.86 16.61
CA SER M 186 62.06 -48.39 15.26
C SER M 186 61.88 -47.29 14.22
N ALA M 187 62.72 -46.26 14.27
CA ALA M 187 62.48 -44.95 13.67
C ALA M 187 61.67 -44.94 12.37
N PHE M 188 61.70 -46.02 11.60
CA PHE M 188 60.74 -46.16 10.51
C PHE M 188 59.32 -46.03 11.03
N ASP M 189 58.49 -45.30 10.31
CA ASP M 189 57.11 -45.13 10.71
C ASP M 189 56.39 -46.46 10.46
N ILE M 190 56.27 -47.28 11.51
CA ILE M 190 55.56 -48.54 11.37
C ILE M 190 54.05 -48.32 11.37
N GLU M 191 53.60 -47.13 11.77
CA GLU M 191 52.18 -46.82 11.65
C GLU M 191 51.77 -46.74 10.19
N THR M 192 52.37 -45.82 9.45
CA THR M 192 52.04 -45.67 8.03
C THR M 192 52.74 -46.67 7.15
N TRP M 193 53.52 -47.60 7.71
CA TRP M 193 54.00 -48.71 6.90
C TRP M 193 52.97 -49.84 6.87
N LEU M 194 52.44 -50.20 8.02
CA LEU M 194 51.36 -51.18 8.06
C LEU M 194 50.17 -50.69 7.25
N ALA M 195 49.77 -49.42 7.46
CA ALA M 195 48.58 -48.90 6.80
C ALA M 195 48.72 -48.96 5.29
N ASN M 196 49.94 -48.92 4.76
CA ASN M 196 50.14 -49.12 3.34
C ASN M 196 50.24 -50.60 2.99
N ARG M 197 50.88 -51.38 3.85
CA ARG M 197 51.04 -52.80 3.55
C ARG M 197 49.72 -53.53 3.72
N ILE M 198 48.83 -53.02 4.57
CA ILE M 198 47.47 -53.58 4.64
C ILE M 198 46.69 -53.21 3.40
N ALA M 199 46.69 -51.92 3.03
CA ALA M 199 45.99 -51.48 1.83
C ALA M 199 46.48 -52.21 0.60
N ASP M 200 47.77 -52.57 0.57
CA ASP M 200 48.28 -53.33 -0.56
C ASP M 200 47.69 -54.72 -0.59
N LYS M 201 47.62 -55.38 0.56
CA LYS M 201 47.00 -56.71 0.60
C LYS M 201 45.51 -56.62 0.31
N PHE M 202 44.85 -55.56 0.78
CA PHE M 202 43.43 -55.41 0.48
C PHE M 202 43.21 -55.24 -1.00
N ALA M 203 44.01 -54.38 -1.65
CA ALA M 203 43.87 -54.17 -3.08
C ALA M 203 44.16 -55.43 -3.87
N ARG M 204 44.90 -56.37 -3.29
CA ARG M 204 45.16 -57.64 -3.93
C ARG M 204 44.15 -58.71 -3.53
N ALA M 205 43.65 -58.66 -2.30
CA ALA M 205 42.63 -59.61 -1.89
C ALA M 205 41.28 -59.29 -2.49
N GLU M 206 40.98 -58.01 -2.71
CA GLU M 206 39.74 -57.66 -3.37
C GLU M 206 39.77 -57.93 -4.86
N ALA M 207 40.96 -58.01 -5.46
CA ALA M 207 41.06 -58.36 -6.87
C ALA M 207 40.87 -59.85 -7.09
N ALA M 208 41.25 -60.66 -6.11
CA ALA M 208 41.01 -62.09 -6.22
C ALA M 208 39.53 -62.39 -6.13
N ALA M 209 38.77 -61.53 -5.45
CA ALA M 209 37.34 -61.71 -5.35
C ALA M 209 36.61 -61.17 -6.58
N PHE M 210 37.13 -60.12 -7.21
CA PHE M 210 36.50 -59.52 -8.38
C PHE M 210 36.52 -60.44 -9.58
N ILE M 211 37.12 -61.62 -9.49
CA ILE M 211 37.28 -62.51 -10.63
C ILE M 211 36.60 -63.85 -10.38
N SER M 212 36.94 -64.50 -9.28
CA SER M 212 36.35 -65.80 -8.98
C SER M 212 35.72 -65.83 -7.61
N GLY M 213 35.50 -64.68 -6.98
CA GLY M 213 34.83 -64.65 -5.70
C GLY M 213 33.37 -65.05 -5.84
N ASP M 214 32.84 -65.64 -4.79
CA ASP M 214 31.44 -65.96 -4.71
C ASP M 214 30.72 -64.86 -3.93
N GLY M 215 29.44 -65.07 -3.63
CA GLY M 215 28.67 -64.02 -3.01
C GLY M 215 28.92 -63.85 -1.53
N VAL M 216 29.34 -64.90 -0.84
CA VAL M 216 29.36 -64.90 0.62
C VAL M 216 30.44 -63.95 1.12
N ASP M 217 30.01 -62.80 1.66
CA ASP M 217 30.88 -61.85 2.32
C ASP M 217 32.02 -61.37 1.44
N LYS M 218 31.87 -61.46 0.13
CA LYS M 218 32.90 -61.02 -0.80
C LYS M 218 32.25 -60.79 -2.15
N PRO M 219 32.82 -59.93 -3.00
CA PRO M 219 32.22 -59.69 -4.31
C PRO M 219 32.14 -60.97 -5.12
N THR M 220 31.14 -61.04 -5.99
CA THR M 220 30.98 -62.19 -6.84
C THR M 220 31.68 -61.89 -8.16
N GLY M 221 32.75 -62.61 -8.43
CA GLY M 221 33.45 -62.41 -9.69
C GLY M 221 32.60 -62.86 -10.85
N PHE M 222 33.06 -62.52 -12.05
CA PHE M 222 32.27 -62.84 -13.22
C PHE M 222 32.31 -64.32 -13.57
N LEU M 223 33.25 -65.08 -13.01
CA LEU M 223 33.30 -66.50 -13.32
C LEU M 223 32.22 -67.29 -12.58
N THR M 224 31.68 -66.76 -11.50
CA THR M 224 30.57 -67.40 -10.79
C THR M 224 29.22 -66.85 -11.23
N LYS M 225 28.92 -66.84 -12.53
CA LYS M 225 27.71 -66.20 -13.04
C LYS M 225 27.00 -67.08 -14.07
N THR M 226 26.79 -68.34 -13.72
CA THR M 226 25.99 -69.32 -14.49
C THR M 226 26.19 -69.19 -16.00
N LYS M 227 27.42 -69.45 -16.42
CA LYS M 227 27.80 -69.28 -17.82
C LYS M 227 26.97 -70.18 -18.73
N VAL M 228 26.63 -69.67 -19.92
CA VAL M 228 25.92 -70.42 -20.93
C VAL M 228 26.64 -70.25 -22.26
N ALA M 229 26.56 -71.27 -23.11
CA ALA M 229 27.22 -71.22 -24.40
C ALA M 229 26.70 -70.03 -25.21
N ASN M 230 27.61 -69.32 -25.85
CA ASN M 230 27.22 -68.15 -26.62
C ASN M 230 26.42 -68.57 -27.84
N GLY M 231 25.44 -67.74 -28.20
CA GLY M 231 24.49 -68.09 -29.23
C GLY M 231 23.17 -68.45 -28.60
N ALA M 232 23.24 -69.28 -27.56
CA ALA M 232 22.12 -69.47 -26.64
C ALA M 232 22.25 -68.55 -25.43
N TRP M 233 22.43 -67.26 -25.67
CA TRP M 233 22.77 -66.32 -24.61
C TRP M 233 21.52 -65.61 -24.13
N ALA M 234 21.23 -65.74 -22.85
CA ALA M 234 20.16 -65.01 -22.18
C ALA M 234 20.76 -63.82 -21.45
N TRP M 235 19.91 -63.02 -20.81
CA TRP M 235 20.40 -61.86 -20.10
C TRP M 235 21.02 -62.23 -18.77
N GLY M 236 20.59 -63.32 -18.15
CA GLY M 236 21.08 -63.65 -16.83
C GLY M 236 22.29 -64.57 -16.80
N SER M 237 23.15 -64.50 -17.81
CA SER M 237 24.29 -65.40 -17.88
C SER M 237 25.39 -64.74 -18.71
N LEU M 238 26.58 -65.34 -18.64
CA LEU M 238 27.73 -64.91 -19.43
C LEU M 238 28.01 -65.93 -20.51
N GLY M 239 28.23 -65.44 -21.74
CA GLY M 239 28.37 -66.31 -22.88
C GLY M 239 29.83 -66.69 -23.14
N TYR M 240 30.04 -67.96 -23.44
CA TYR M 240 31.38 -68.47 -23.68
C TYR M 240 31.43 -69.15 -25.04
N VAL M 241 32.63 -69.27 -25.59
CA VAL M 241 32.86 -70.04 -26.79
C VAL M 241 33.90 -71.10 -26.49
N ALA M 242 33.67 -72.30 -27.01
CA ALA M 242 34.53 -73.44 -26.73
C ALA M 242 35.62 -73.54 -27.79
N THR M 243 36.78 -74.03 -27.36
CA THR M 243 37.95 -74.08 -28.23
C THR M 243 38.04 -75.35 -29.03
N GLY M 244 37.49 -76.46 -28.52
CA GLY M 244 37.70 -77.73 -29.15
C GLY M 244 38.21 -78.77 -28.17
N ALA M 245 39.46 -79.18 -28.30
CA ALA M 245 40.03 -80.17 -27.39
C ALA M 245 39.85 -79.75 -25.94
N ALA M 246 39.80 -80.75 -25.05
CA ALA M 246 39.41 -80.52 -23.66
C ALA M 246 40.43 -79.69 -22.90
N GLY M 247 41.66 -80.15 -22.84
CA GLY M 247 42.65 -79.42 -22.10
C GLY M 247 43.17 -78.21 -22.84
N ASP M 248 43.89 -78.45 -23.93
CA ASP M 248 44.63 -77.42 -24.62
C ASP M 248 43.71 -76.68 -25.60
N PHE M 249 44.28 -75.83 -26.44
CA PHE M 249 43.55 -75.14 -27.48
C PHE M 249 43.09 -76.13 -28.53
N ALA M 250 42.50 -75.63 -29.61
CA ALA M 250 42.07 -76.50 -30.69
C ALA M 250 43.28 -77.17 -31.34
N ALA M 251 43.03 -78.29 -31.99
CA ALA M 251 44.13 -79.07 -32.57
C ALA M 251 44.59 -78.49 -33.91
N VAL M 252 43.67 -78.29 -34.84
CA VAL M 252 44.08 -77.90 -36.18
C VAL M 252 44.05 -76.39 -36.35
N ASN M 253 42.87 -75.80 -36.26
CA ASN M 253 42.74 -74.35 -36.40
C ASN M 253 42.84 -73.67 -35.03
N ALA M 254 43.93 -73.95 -34.34
CA ALA M 254 44.19 -73.26 -33.09
C ALA M 254 44.20 -71.75 -33.32
N SER M 255 43.87 -71.00 -32.27
CA SER M 255 43.88 -69.55 -32.27
C SER M 255 42.76 -68.96 -33.10
N ASP M 256 41.76 -69.76 -33.46
CA ASP M 256 40.52 -69.21 -33.98
C ASP M 256 39.45 -69.14 -32.91
N ALA M 257 39.60 -69.93 -31.84
CA ALA M 257 38.75 -69.79 -30.68
C ALA M 257 38.99 -68.47 -29.98
N VAL M 258 40.05 -67.76 -30.31
CA VAL M 258 40.28 -66.43 -29.79
C VAL M 258 39.66 -65.39 -30.70
N VAL M 259 39.87 -65.51 -32.02
CA VAL M 259 39.41 -64.49 -32.94
C VAL M 259 37.90 -64.51 -33.06
N ASP M 260 37.23 -65.61 -32.72
CA ASP M 260 35.79 -65.57 -32.65
C ASP M 260 35.31 -65.07 -31.30
N LEU M 261 36.04 -65.41 -30.23
CA LEU M 261 35.74 -64.82 -28.93
C LEU M 261 35.85 -63.31 -28.99
N VAL M 262 36.80 -62.80 -29.77
CA VAL M 262 36.86 -61.35 -29.99
C VAL M 262 35.63 -60.90 -30.77
N TYR M 263 35.29 -61.62 -31.84
CA TYR M 263 34.21 -61.25 -32.74
C TYR M 263 32.90 -61.94 -32.41
N ALA M 264 32.73 -62.35 -31.15
CA ALA M 264 31.44 -62.79 -30.63
C ALA M 264 31.01 -61.95 -29.45
N LEU M 265 31.36 -60.67 -29.47
CA LEU M 265 31.13 -59.80 -28.33
C LEU M 265 30.34 -58.53 -28.66
N GLY M 266 30.18 -58.19 -29.93
CA GLY M 266 29.48 -56.98 -30.29
C GLY M 266 30.41 -55.82 -30.50
N ALA M 267 30.23 -55.13 -31.63
CA ALA M 267 31.17 -54.09 -32.03
C ALA M 267 31.19 -52.93 -31.05
N GLU M 268 30.13 -52.74 -30.27
CA GLU M 268 30.09 -51.57 -29.41
C GLU M 268 30.95 -51.73 -28.17
N TYR M 269 30.95 -52.92 -27.57
CA TYR M 269 31.80 -53.14 -26.41
C TYR M 269 33.27 -53.25 -26.82
N ARG M 270 33.54 -53.79 -28.01
CA ARG M 270 34.91 -54.01 -28.44
C ARG M 270 35.72 -52.73 -28.55
N ALA M 271 35.08 -51.57 -28.64
CA ALA M 271 35.83 -50.33 -28.77
C ALA M 271 36.76 -50.14 -27.57
N ASN M 272 36.28 -50.43 -26.37
CA ASN M 272 37.11 -50.46 -25.17
C ASN M 272 36.84 -51.76 -24.43
N ALA M 273 37.53 -52.82 -24.86
CA ALA M 273 37.48 -54.13 -24.25
C ALA M 273 38.90 -54.61 -24.06
N SER M 274 39.07 -55.68 -23.28
CA SER M 274 40.42 -56.13 -22.96
C SER M 274 40.38 -57.57 -22.51
N PHE M 275 41.39 -58.33 -22.90
CA PHE M 275 41.52 -59.69 -22.41
C PHE M 275 41.88 -59.69 -20.94
N VAL M 276 41.54 -60.79 -20.27
CA VAL M 276 41.91 -60.99 -18.88
C VAL M 276 42.35 -62.44 -18.76
N MET M 277 43.65 -62.66 -18.48
CA MET M 277 44.20 -64.00 -18.34
C MET M 277 45.14 -63.99 -17.15
N ASN M 278 45.79 -65.11 -16.89
CA ASN M 278 46.85 -65.13 -15.91
C ASN M 278 48.20 -65.23 -16.60
N SER M 279 49.27 -65.14 -15.81
CA SER M 279 50.59 -65.06 -16.41
C SER M 279 50.96 -66.33 -17.15
N LYS M 280 50.52 -67.49 -16.66
CA LYS M 280 50.87 -68.72 -17.33
C LYS M 280 49.91 -69.07 -18.46
N THR M 281 48.75 -68.43 -18.54
CA THR M 281 47.92 -68.53 -19.72
C THR M 281 48.42 -67.60 -20.81
N ALA M 282 48.89 -66.42 -20.42
CA ALA M 282 49.49 -65.52 -21.39
C ALA M 282 50.72 -66.14 -22.02
N GLY M 283 51.43 -66.99 -21.28
CA GLY M 283 52.53 -67.71 -21.88
C GLY M 283 52.05 -68.78 -22.84
N ALA M 284 51.06 -69.57 -22.43
CA ALA M 284 50.56 -70.64 -23.27
C ALA M 284 49.95 -70.09 -24.55
N VAL M 285 49.44 -68.86 -24.51
CA VAL M 285 48.92 -68.26 -25.74
C VAL M 285 50.04 -67.61 -26.52
N ARG M 286 51.10 -67.16 -25.86
CA ARG M 286 52.23 -66.59 -26.57
C ARG M 286 53.04 -67.65 -27.29
N LYS M 287 53.11 -68.85 -26.74
CA LYS M 287 53.96 -69.90 -27.30
C LYS M 287 53.40 -70.49 -28.58
N MET M 288 52.16 -70.19 -28.95
CA MET M 288 51.59 -70.75 -30.16
C MET M 288 52.34 -70.23 -31.38
N LYS M 289 52.64 -71.13 -32.31
CA LYS M 289 53.40 -70.77 -33.50
C LYS M 289 52.84 -71.51 -34.71
N ASP M 290 53.13 -70.98 -35.90
CA ASP M 290 52.62 -71.55 -37.13
C ASP M 290 53.42 -72.78 -37.50
N ALA M 291 53.20 -73.30 -38.70
CA ALA M 291 53.86 -74.54 -39.12
C ALA M 291 55.35 -74.38 -39.36
N ASP M 292 55.90 -73.18 -39.20
CA ASP M 292 57.33 -72.95 -39.41
C ASP M 292 58.09 -72.67 -38.13
N GLY M 293 57.41 -72.51 -37.01
CA GLY M 293 58.07 -72.28 -35.74
C GLY M 293 58.15 -70.84 -35.30
N ARG M 294 57.56 -69.91 -36.05
CA ARG M 294 57.56 -68.50 -35.68
C ARG M 294 56.24 -68.18 -35.00
N PHE M 295 56.30 -67.70 -33.76
CA PHE M 295 55.07 -67.51 -33.00
C PHE M 295 54.15 -66.49 -33.67
N LEU M 296 52.88 -66.86 -33.82
CA LEU M 296 51.97 -66.18 -34.73
C LEU M 296 51.32 -64.94 -34.14
N TRP M 297 51.29 -64.80 -32.83
CA TRP M 297 50.78 -63.57 -32.22
C TRP M 297 51.87 -62.52 -32.30
N ALA M 298 51.75 -61.61 -33.26
CA ALA M 298 52.76 -60.58 -33.47
C ALA M 298 52.84 -59.61 -32.29
N GLU M 305 55.35 -53.28 -23.41
CA GLU M 305 55.09 -52.87 -22.02
C GLU M 305 53.69 -53.27 -21.56
N PRO M 306 52.63 -52.97 -22.35
CA PRO M 306 51.29 -53.46 -21.97
C PRO M 306 51.02 -54.88 -22.41
N ALA M 307 51.71 -55.37 -23.43
CA ALA M 307 51.56 -56.75 -23.91
C ALA M 307 50.13 -57.04 -24.35
N ARG M 308 49.67 -56.28 -25.34
CA ARG M 308 48.35 -56.48 -25.88
C ARG M 308 48.34 -57.68 -26.82
N LEU M 309 47.14 -58.24 -27.02
CA LEU M 309 46.93 -59.41 -27.86
C LEU M 309 45.89 -59.06 -28.91
N MET M 310 46.26 -59.21 -30.19
CA MET M 310 45.36 -58.91 -31.30
C MET M 310 44.88 -57.47 -31.26
N GLY M 311 45.74 -56.56 -30.81
CA GLY M 311 45.38 -55.17 -30.73
C GLY M 311 44.65 -54.82 -29.46
N TYR M 312 43.87 -55.74 -28.95
CA TYR M 312 43.13 -55.48 -27.73
C TYR M 312 44.04 -55.60 -26.51
N PRO M 313 43.91 -54.71 -25.54
CA PRO M 313 44.75 -54.80 -24.34
C PRO M 313 44.57 -56.12 -23.63
N VAL M 314 45.55 -56.43 -22.79
CA VAL M 314 45.52 -57.65 -21.97
C VAL M 314 45.78 -57.26 -20.54
N LEU M 315 44.89 -57.67 -19.65
CA LEU M 315 45.08 -57.50 -18.22
C LEU M 315 45.58 -58.81 -17.65
N ILE M 316 46.83 -58.84 -17.22
CA ILE M 316 47.42 -60.06 -16.71
C ILE M 316 47.00 -60.19 -15.25
N ALA M 317 45.85 -60.81 -15.02
CA ALA M 317 45.46 -61.16 -13.67
C ALA M 317 46.31 -62.33 -13.21
N GLU M 318 46.12 -62.75 -11.97
CA GLU M 318 46.78 -63.95 -11.49
C GLU M 318 45.79 -64.89 -10.84
N ASP M 319 44.51 -64.68 -11.10
CA ASP M 319 43.45 -65.34 -10.38
C ASP M 319 42.48 -66.08 -11.28
N MET M 320 42.62 -65.97 -12.57
CA MET M 320 41.82 -66.80 -13.46
C MET M 320 42.49 -68.15 -13.61
N PRO M 321 41.72 -69.23 -13.69
CA PRO M 321 42.32 -70.56 -13.73
C PRO M 321 43.21 -70.73 -14.95
N ASP M 322 44.21 -71.56 -14.81
CA ASP M 322 45.08 -71.89 -15.94
C ASP M 322 44.29 -72.73 -16.93
N ILE M 323 44.97 -73.21 -17.97
CA ILE M 323 44.26 -73.92 -19.03
C ILE M 323 43.98 -75.33 -18.55
N ALA M 324 42.83 -75.51 -17.92
CA ALA M 324 42.39 -76.79 -17.40
C ALA M 324 41.33 -77.38 -18.32
N ALA M 325 40.70 -78.48 -17.91
CA ALA M 325 39.73 -79.14 -18.75
C ALA M 325 38.55 -78.23 -19.09
N ASN M 326 37.78 -77.84 -18.09
CA ASN M 326 36.58 -77.04 -18.31
C ASN M 326 36.70 -75.66 -17.67
N ALA M 327 37.90 -75.11 -17.64
CA ALA M 327 38.11 -73.81 -17.03
C ALA M 327 37.99 -72.71 -18.06
N TYR M 328 37.61 -71.52 -17.59
CA TYR M 328 37.52 -70.34 -18.43
C TYR M 328 38.78 -69.53 -18.16
N ALA M 329 39.85 -69.89 -18.85
CA ALA M 329 41.14 -69.29 -18.59
C ALA M 329 41.26 -67.90 -19.19
N ILE M 330 40.50 -67.60 -20.24
CA ILE M 330 40.58 -66.30 -20.89
C ILE M 330 39.18 -65.71 -20.93
N ALA M 331 39.03 -64.52 -20.39
CA ALA M 331 37.84 -63.70 -20.53
C ALA M 331 38.14 -62.54 -21.45
N PHE M 332 37.09 -61.96 -22.00
CA PHE M 332 37.25 -60.82 -22.89
C PHE M 332 35.96 -60.04 -22.86
N GLY M 333 36.04 -58.74 -22.71
CA GLY M 333 34.85 -57.93 -22.72
C GLY M 333 35.15 -56.53 -22.24
N ASP M 334 34.13 -55.69 -22.36
CA ASP M 334 34.19 -54.32 -21.90
C ASP M 334 33.86 -54.32 -20.42
N PHE M 335 34.90 -54.38 -19.60
CA PHE M 335 34.67 -54.38 -18.16
C PHE M 335 34.34 -53.00 -17.63
N GLY M 336 34.55 -51.96 -18.42
CA GLY M 336 34.12 -50.64 -18.01
C GLY M 336 32.61 -50.58 -17.82
N ASN M 337 31.87 -51.35 -18.61
CA ASN M 337 30.43 -51.41 -18.48
C ASN M 337 29.95 -52.74 -17.94
N GLY M 338 30.72 -53.82 -18.09
CA GLY M 338 30.26 -55.12 -17.67
C GLY M 338 30.35 -55.36 -16.18
N TYR M 339 31.32 -54.78 -15.51
CA TYR M 339 31.55 -54.99 -14.09
C TYR M 339 31.54 -53.68 -13.34
N THR M 340 30.79 -53.62 -12.24
CA THR M 340 30.66 -52.40 -11.44
C THR M 340 31.15 -52.69 -10.04
N ILE M 341 32.14 -51.92 -9.60
CA ILE M 341 32.72 -52.06 -8.27
C ILE M 341 32.19 -50.94 -7.39
N ALA M 342 31.62 -51.31 -6.25
CA ALA M 342 31.14 -50.35 -5.27
C ALA M 342 32.01 -50.43 -4.03
N GLU M 343 32.38 -49.28 -3.49
CA GLU M 343 33.35 -49.30 -2.40
C GLU M 343 33.32 -47.98 -1.64
N ARG M 344 33.82 -48.04 -0.40
CA ARG M 344 34.16 -46.86 0.36
C ARG M 344 35.65 -46.61 0.22
N PRO M 345 36.08 -45.53 -0.39
CA PRO M 345 37.48 -45.36 -0.78
C PRO M 345 38.38 -44.84 0.34
N ASP M 346 38.26 -45.45 1.52
CA ASP M 346 39.14 -45.11 2.62
C ASP M 346 39.25 -46.33 3.53
N LEU M 347 40.44 -46.48 4.11
CA LEU M 347 40.77 -47.67 4.90
C LEU M 347 40.77 -47.28 6.37
N ARG M 348 39.80 -47.80 7.11
CA ARG M 348 39.51 -47.35 8.46
C ARG M 348 40.31 -48.19 9.45
N VAL M 349 41.37 -47.61 10.00
CA VAL M 349 42.28 -48.30 10.92
C VAL M 349 41.97 -47.85 12.33
N LEU M 350 41.71 -48.81 13.22
CA LEU M 350 41.46 -48.57 14.63
C LEU M 350 42.54 -49.28 15.42
N ARG M 351 43.46 -48.52 16.01
CA ARG M 351 44.47 -49.14 16.86
C ARG M 351 43.88 -49.42 18.23
N ASP M 352 43.91 -50.70 18.63
CA ASP M 352 43.22 -51.12 19.87
C ASP M 352 44.27 -51.58 20.88
N PRO M 353 45.01 -50.66 21.58
CA PRO M 353 46.09 -50.99 22.50
C PRO M 353 45.66 -51.68 23.78
N PHE M 354 44.41 -52.13 23.87
CA PHE M 354 43.85 -52.67 25.10
C PHE M 354 43.71 -54.18 25.11
N SER M 355 43.19 -54.75 24.03
CA SER M 355 42.85 -56.20 23.99
C SER M 355 44.12 -57.04 24.23
N ALA M 356 45.06 -56.99 23.29
CA ALA M 356 46.39 -57.58 23.45
C ALA M 356 47.27 -56.50 24.09
N LYS M 357 47.67 -56.74 25.34
CA LYS M 357 48.05 -55.60 26.18
C LYS M 357 49.42 -55.02 25.84
N PRO M 358 50.51 -55.79 25.82
CA PRO M 358 51.80 -55.20 25.43
C PRO M 358 51.96 -54.98 23.93
N HIS M 359 50.89 -55.16 23.16
CA HIS M 359 50.87 -54.97 21.72
C HIS M 359 49.90 -53.86 21.38
N VAL M 360 49.63 -53.68 20.08
CA VAL M 360 48.77 -52.60 19.61
C VAL M 360 47.56 -53.12 18.86
N LEU M 361 47.72 -54.15 18.02
CA LEU M 361 46.60 -54.81 17.36
C LEU M 361 45.80 -53.84 16.48
N PHE M 362 46.45 -53.36 15.43
CA PHE M 362 45.81 -52.43 14.50
C PHE M 362 44.66 -53.10 13.76
N TYR M 363 43.43 -52.69 14.04
CA TYR M 363 42.26 -53.22 13.37
C TYR M 363 41.97 -52.36 12.15
N ALA M 364 42.14 -52.93 10.96
CA ALA M 364 41.92 -52.22 9.71
C ALA M 364 40.81 -52.90 8.92
N SER M 365 40.03 -52.10 8.20
CA SER M 365 38.96 -52.65 7.39
C SER M 365 38.60 -51.67 6.30
N LYS M 366 38.13 -52.20 5.17
CA LYS M 366 37.57 -51.41 4.10
C LYS M 366 36.40 -52.19 3.52
N ARG M 367 35.42 -51.46 3.01
CA ARG M 367 34.19 -52.06 2.50
C ARG M 367 34.19 -51.98 0.98
N VAL M 368 33.94 -53.10 0.33
CA VAL M 368 34.02 -53.18 -1.12
C VAL M 368 33.10 -54.30 -1.59
N GLY M 369 32.62 -54.18 -2.81
CA GLY M 369 31.77 -55.20 -3.40
C GLY M 369 31.60 -54.96 -4.87
N GLY M 370 30.96 -55.91 -5.54
CA GLY M 370 30.66 -55.75 -6.94
C GLY M 370 30.51 -57.03 -7.73
N ASP M 371 29.49 -57.08 -8.58
CA ASP M 371 29.31 -58.18 -9.51
C ASP M 371 29.07 -57.64 -10.91
N VAL M 372 28.76 -58.52 -11.86
CA VAL M 372 28.55 -58.06 -13.23
C VAL M 372 27.23 -57.30 -13.31
N SER M 373 27.26 -56.14 -13.95
CA SER M 373 26.07 -55.34 -14.15
C SER M 373 25.53 -55.44 -15.56
N ASP M 374 26.39 -55.62 -16.54
CA ASP M 374 26.01 -55.76 -17.93
C ASP M 374 26.49 -57.13 -18.40
N PHE M 375 25.56 -58.09 -18.48
CA PHE M 375 25.92 -59.46 -18.78
C PHE M 375 26.38 -59.66 -20.21
N ALA M 376 26.12 -58.69 -21.09
CA ALA M 376 26.53 -58.81 -22.48
C ALA M 376 27.93 -58.28 -22.74
N ALA M 377 28.62 -57.76 -21.73
CA ALA M 377 29.89 -57.09 -21.92
C ALA M 377 31.07 -57.94 -21.47
N ILE M 378 30.88 -59.23 -21.25
CA ILE M 378 31.95 -60.13 -20.86
C ILE M 378 31.69 -61.46 -21.55
N LYS M 379 32.61 -61.88 -22.41
CA LYS M 379 32.53 -63.19 -23.06
C LYS M 379 33.70 -64.03 -22.63
N LEU M 380 33.45 -65.31 -22.38
CA LEU M 380 34.43 -66.20 -21.80
C LEU M 380 34.95 -67.19 -22.83
N LEU M 381 35.97 -67.95 -22.45
CA LEU M 381 36.59 -68.95 -23.30
C LEU M 381 36.67 -70.26 -22.52
N LYS M 382 35.69 -71.12 -22.71
CA LYS M 382 35.74 -72.44 -22.13
C LYS M 382 36.54 -73.36 -23.03
N PHE M 383 37.27 -74.29 -22.42
CA PHE M 383 38.12 -75.21 -23.16
C PHE M 383 37.48 -76.58 -23.34
N ALA M 384 36.16 -76.68 -23.20
CA ALA M 384 35.57 -78.01 -23.06
C ALA M 384 35.50 -78.75 -24.39
N ALA M 385 34.73 -78.23 -25.34
CA ALA M 385 34.48 -78.94 -26.59
C ALA M 385 33.73 -78.04 -27.57
N ALA N 89 51.91 -10.09 -87.54
CA ALA N 89 50.77 -9.87 -86.67
C ALA N 89 49.90 -11.11 -86.64
N LEU N 90 50.06 -11.97 -87.62
CA LEU N 90 49.29 -13.20 -87.70
C LEU N 90 49.95 -14.25 -86.80
N ASN N 91 49.60 -15.51 -87.00
CA ASN N 91 49.97 -16.61 -86.12
C ASN N 91 51.45 -16.64 -85.77
N SER N 92 51.76 -17.17 -84.59
CA SER N 92 53.14 -17.28 -84.13
C SER N 92 53.78 -18.62 -84.51
N ALA N 93 53.23 -19.30 -85.50
CA ALA N 93 53.86 -20.54 -85.97
C ALA N 93 54.83 -20.24 -87.12
N VAL N 94 54.33 -19.67 -88.21
CA VAL N 94 55.17 -19.35 -89.35
C VAL N 94 55.98 -18.10 -89.03
N ALA N 95 57.25 -18.10 -89.45
CA ALA N 95 58.18 -17.09 -88.98
C ALA N 95 57.84 -15.71 -89.53
N ALA N 96 57.77 -15.58 -90.86
CA ALA N 96 57.61 -14.26 -91.46
C ALA N 96 56.31 -13.60 -91.04
N GLU N 97 55.27 -14.39 -90.75
CA GLU N 97 53.99 -13.83 -90.31
C GLU N 97 53.94 -13.72 -88.80
N GLY N 98 54.93 -13.03 -88.24
CA GLY N 98 54.94 -12.79 -86.82
C GLY N 98 55.49 -13.91 -85.97
N GLY N 99 56.10 -14.93 -86.59
CA GLY N 99 56.72 -15.97 -85.79
C GLY N 99 58.03 -15.55 -85.17
N TYR N 100 58.67 -14.51 -85.71
CA TYR N 100 59.90 -13.98 -85.14
C TYR N 100 59.67 -13.25 -83.82
N LEU N 101 58.43 -13.25 -83.34
CA LEU N 101 58.02 -12.45 -82.18
C LEU N 101 57.65 -13.33 -81.00
N VAL N 102 58.43 -14.37 -80.74
CA VAL N 102 58.08 -15.39 -79.77
C VAL N 102 59.03 -15.39 -78.57
N ASP N 103 60.34 -15.25 -78.80
CA ASP N 103 61.31 -15.13 -77.72
C ASP N 103 61.24 -16.31 -76.75
N PRO N 104 61.78 -17.46 -77.12
CA PRO N 104 61.82 -18.59 -76.17
C PRO N 104 62.49 -18.19 -74.86
N GLN N 105 61.92 -18.62 -73.75
CA GLN N 105 62.37 -18.21 -72.43
C GLN N 105 63.29 -19.27 -71.85
N THR N 106 64.50 -18.86 -71.45
CA THR N 106 65.46 -19.76 -70.84
C THR N 106 65.23 -19.87 -69.34
N SER N 107 65.78 -20.93 -68.75
CA SER N 107 65.53 -21.21 -67.35
C SER N 107 66.17 -20.15 -66.46
N GLU N 108 65.73 -20.14 -65.20
CA GLU N 108 66.33 -19.24 -64.23
C GLU N 108 67.78 -19.62 -63.97
N THR N 109 68.02 -20.86 -63.61
CA THR N 109 69.36 -21.37 -63.35
C THR N 109 69.63 -22.54 -64.29
N ILE N 110 70.91 -22.75 -64.58
CA ILE N 110 71.31 -23.81 -65.49
C ILE N 110 71.39 -25.13 -64.72
N ARG N 111 70.36 -25.95 -64.82
CA ARG N 111 70.30 -27.21 -64.10
C ARG N 111 71.37 -28.16 -64.59
N GLY N 112 71.79 -29.07 -63.70
CA GLY N 112 72.82 -30.02 -64.05
C GLY N 112 72.36 -31.41 -63.71
N VAL N 113 73.15 -32.42 -64.11
CA VAL N 113 72.78 -33.78 -63.76
C VAL N 113 73.01 -33.94 -62.27
N LEU N 114 72.04 -34.55 -61.60
CA LEU N 114 72.12 -34.76 -60.16
C LEU N 114 72.94 -36.00 -59.84
N ARG N 115 74.23 -35.81 -59.62
CA ARG N 115 75.12 -36.91 -59.27
C ARG N 115 75.09 -37.08 -57.75
N SER N 116 75.30 -38.32 -57.29
CA SER N 116 75.07 -38.56 -55.87
C SER N 116 76.02 -37.78 -54.99
N THR N 117 75.51 -37.36 -53.84
CA THR N 117 76.25 -36.58 -52.86
C THR N 117 76.55 -37.35 -51.59
N ALA N 118 76.35 -38.66 -51.57
CA ALA N 118 76.77 -39.40 -50.38
C ALA N 118 78.28 -39.57 -50.43
N SER N 119 78.94 -39.03 -49.41
CA SER N 119 80.38 -38.85 -49.44
C SER N 119 81.08 -39.32 -48.19
N LEU N 120 80.36 -39.90 -47.24
CA LEU N 120 80.93 -40.37 -45.98
C LEU N 120 81.40 -39.18 -45.17
N ARG N 121 81.32 -37.97 -45.71
CA ARG N 121 81.57 -36.75 -44.97
C ARG N 121 80.38 -36.34 -44.11
N GLN N 122 79.22 -36.94 -44.32
CA GLN N 122 78.09 -36.62 -43.47
C GLN N 122 78.17 -37.36 -42.15
N ILE N 123 78.82 -38.51 -42.12
CA ILE N 123 78.92 -39.31 -40.92
C ILE N 123 80.32 -39.26 -40.30
N ALA N 124 81.36 -39.03 -41.06
CA ALA N 124 82.71 -38.95 -40.52
C ALA N 124 82.88 -37.63 -39.77
N SER N 125 84.05 -37.42 -39.19
CA SER N 125 84.29 -36.24 -38.38
C SER N 125 85.21 -35.32 -39.16
N VAL N 126 84.70 -34.14 -39.48
CA VAL N 126 85.43 -33.14 -40.23
C VAL N 126 86.01 -32.14 -39.25
N VAL N 127 87.19 -31.61 -39.55
CA VAL N 127 87.84 -30.60 -38.74
C VAL N 127 88.30 -29.46 -39.65
N ASN N 128 88.36 -28.26 -39.09
CA ASN N 128 88.82 -27.09 -39.83
C ASN N 128 90.28 -26.85 -39.51
N VAL N 129 91.17 -27.39 -40.34
CA VAL N 129 92.59 -27.23 -40.09
C VAL N 129 93.19 -26.21 -41.06
N GLU N 130 93.80 -25.17 -40.53
CA GLU N 130 94.64 -24.28 -41.35
C GLU N 130 96.11 -24.65 -41.17
N ALA N 131 96.45 -25.84 -41.64
CA ALA N 131 97.80 -26.36 -41.44
C ALA N 131 98.14 -27.29 -42.59
N THR N 132 99.22 -28.03 -42.43
CA THR N 132 99.65 -28.97 -43.44
C THR N 132 99.27 -30.39 -43.12
N SER N 133 98.92 -30.68 -41.88
CA SER N 133 98.50 -32.02 -41.49
C SER N 133 97.65 -31.92 -40.25
N PHE N 134 97.23 -33.08 -39.76
CA PHE N 134 96.48 -33.17 -38.52
C PHE N 134 96.99 -34.38 -37.78
N ASP N 135 97.16 -34.24 -36.47
CA ASP N 135 97.61 -35.33 -35.62
C ASP N 135 96.52 -35.70 -34.63
N VAL N 136 95.81 -36.77 -34.92
CA VAL N 136 94.86 -37.25 -33.92
C VAL N 136 95.66 -37.99 -32.87
N LEU N 137 95.17 -37.97 -31.64
CA LEU N 137 95.79 -38.70 -30.54
C LEU N 137 94.75 -39.62 -29.95
N VAL N 138 95.05 -40.90 -29.88
CA VAL N 138 94.10 -41.89 -29.37
C VAL N 138 94.70 -42.64 -28.19
N ASP N 139 93.84 -43.34 -27.46
CA ASP N 139 94.21 -44.23 -26.37
C ASP N 139 93.96 -45.65 -26.87
N LYS N 140 94.96 -46.24 -27.51
CA LYS N 140 94.73 -47.59 -28.03
C LYS N 140 94.46 -48.63 -26.94
N THR N 141 94.89 -48.43 -25.70
CA THR N 141 94.52 -49.34 -24.62
C THR N 141 93.93 -48.50 -23.48
N ASP N 142 93.62 -49.15 -22.37
CA ASP N 142 93.01 -48.45 -21.24
C ASP N 142 93.80 -48.71 -19.96
N MET N 143 93.29 -48.11 -18.88
CA MET N 143 93.92 -48.14 -17.57
C MET N 143 93.72 -49.48 -16.88
N GLY N 144 94.11 -49.52 -15.61
CA GLY N 144 93.84 -50.67 -14.77
C GLY N 144 93.25 -50.20 -13.46
N SER N 145 92.36 -51.02 -12.92
CA SER N 145 91.74 -50.77 -11.62
C SER N 145 92.09 -51.90 -10.65
N GLY N 146 91.99 -51.59 -9.36
CA GLY N 146 92.48 -52.50 -8.35
C GLY N 146 91.49 -53.24 -7.48
N TRP N 147 90.35 -52.63 -7.17
CA TRP N 147 89.47 -53.09 -6.09
C TRP N 147 90.29 -53.21 -4.79
N ALA N 148 90.77 -52.07 -4.34
CA ALA N 148 91.73 -52.02 -3.25
C ALA N 148 91.13 -52.60 -1.97
N SER N 149 91.83 -53.56 -1.38
CA SER N 149 91.43 -54.09 -0.09
C SER N 149 91.63 -53.02 0.98
N GLU N 150 91.15 -53.34 2.19
CA GLU N 150 91.29 -52.40 3.31
C GLU N 150 92.75 -52.24 3.69
N THR N 151 93.50 -53.33 3.74
CA THR N 151 94.91 -53.34 4.11
C THR N 151 95.65 -54.17 3.07
N ALA N 152 96.08 -53.52 1.99
CA ALA N 152 96.66 -54.25 0.87
C ALA N 152 97.91 -53.63 0.27
N ALA N 153 98.29 -52.41 0.65
CA ALA N 153 99.44 -51.73 0.07
C ALA N 153 99.27 -51.63 -1.45
N LEU N 154 98.26 -50.86 -1.84
CA LEU N 154 97.89 -50.72 -3.24
C LEU N 154 99.08 -50.26 -4.08
N SER N 155 99.23 -50.87 -5.25
CA SER N 155 100.37 -50.66 -6.11
C SER N 155 99.97 -49.85 -7.34
N GLU N 156 100.97 -49.55 -8.18
CA GLU N 156 100.77 -48.79 -9.40
C GLU N 156 100.17 -49.65 -10.51
N THR N 157 99.17 -49.09 -11.18
CA THR N 157 98.47 -49.78 -12.24
C THR N 157 98.80 -49.16 -13.59
N ALA N 158 98.43 -49.86 -14.65
CA ALA N 158 98.80 -49.48 -16.00
C ALA N 158 98.14 -48.17 -16.40
N THR N 159 98.44 -47.72 -17.62
CA THR N 159 98.04 -46.42 -18.13
C THR N 159 97.95 -46.57 -19.63
N PRO N 160 97.03 -45.86 -20.30
CA PRO N 160 96.89 -46.03 -21.74
C PRO N 160 98.15 -45.63 -22.47
N GLN N 161 98.60 -46.50 -23.38
CA GLN N 161 99.61 -46.09 -24.34
C GLN N 161 98.92 -45.38 -25.47
N ILE N 162 99.60 -44.39 -26.04
CA ILE N 162 98.98 -43.40 -26.89
C ILE N 162 99.55 -43.51 -28.29
N ASP N 163 98.68 -43.38 -29.28
CA ASP N 163 99.06 -43.47 -30.69
C ASP N 163 98.67 -42.16 -31.36
N ARG N 164 99.51 -41.70 -32.27
CA ARG N 164 99.26 -40.50 -33.05
C ARG N 164 99.18 -40.89 -34.52
N ILE N 165 98.15 -40.41 -35.20
CA ILE N 165 97.91 -40.70 -36.60
C ILE N 165 97.95 -39.39 -37.36
N THR N 166 98.64 -39.37 -38.48
CA THR N 166 98.86 -38.15 -39.24
C THR N 166 97.92 -38.09 -40.44
N ILE N 167 97.43 -36.89 -40.74
CA ILE N 167 96.51 -36.66 -41.85
C ILE N 167 97.19 -35.73 -42.84
N PRO N 168 97.88 -36.25 -43.86
CA PRO N 168 98.78 -35.39 -44.65
C PRO N 168 98.11 -34.19 -45.30
N LEU N 169 96.79 -34.14 -45.39
CA LEU N 169 96.06 -32.97 -45.91
C LEU N 169 96.52 -32.59 -47.32
N HIS N 170 96.19 -33.45 -48.28
CA HIS N 170 96.50 -33.17 -49.68
C HIS N 170 95.55 -32.11 -50.23
N GLU N 171 95.74 -31.76 -51.51
CA GLU N 171 94.87 -30.81 -52.17
C GLU N 171 94.23 -31.47 -53.40
N LEU N 172 93.14 -30.86 -53.87
CA LEU N 172 92.41 -31.35 -55.02
C LEU N 172 92.12 -30.18 -55.94
N ALA N 173 92.68 -30.20 -57.14
CA ALA N 173 92.68 -29.04 -58.02
C ALA N 173 91.91 -29.32 -59.30
N ALA N 174 91.10 -28.36 -59.72
CA ALA N 174 90.43 -28.38 -61.01
C ALA N 174 90.68 -27.04 -61.68
N MET N 175 90.83 -27.07 -63.01
CA MET N 175 91.14 -25.87 -63.78
C MET N 175 90.39 -25.87 -65.10
N PRO N 176 89.13 -25.41 -65.09
CA PRO N 176 88.38 -25.31 -66.33
C PRO N 176 88.67 -24.00 -67.05
N LYS N 177 88.47 -24.01 -68.36
CA LYS N 177 88.83 -22.87 -69.20
C LYS N 177 87.58 -22.36 -69.90
N ALA N 178 87.08 -21.20 -69.48
CA ALA N 178 85.93 -20.57 -70.09
C ALA N 178 86.37 -19.38 -70.92
N SER N 179 85.89 -19.30 -72.16
CA SER N 179 86.27 -18.21 -73.02
C SER N 179 85.75 -16.88 -72.47
N GLN N 180 86.50 -15.81 -72.74
CA GLN N 180 86.11 -14.53 -72.19
C GLN N 180 84.88 -13.97 -72.88
N ARG N 181 84.77 -14.19 -74.20
CA ARG N 181 83.58 -13.73 -74.92
C ARG N 181 82.33 -14.37 -74.35
N LEU N 182 82.44 -15.56 -73.76
CA LEU N 182 81.28 -16.18 -73.14
C LEU N 182 80.94 -15.51 -71.82
N LEU N 183 81.94 -15.24 -70.99
CA LEU N 183 81.68 -14.70 -69.67
C LEU N 183 80.97 -13.35 -69.71
N ASP N 184 80.95 -12.67 -70.85
CA ASP N 184 80.25 -11.39 -70.94
C ASP N 184 78.83 -11.52 -71.46
N ASP N 185 78.59 -12.42 -72.39
CA ASP N 185 77.35 -12.46 -73.15
C ASP N 185 76.35 -13.48 -72.61
N SER N 186 76.50 -13.87 -71.35
CA SER N 186 75.99 -15.13 -70.84
C SER N 186 75.22 -14.90 -69.55
N ALA N 187 74.07 -14.23 -69.62
CA ALA N 187 73.31 -13.82 -68.45
C ALA N 187 73.31 -14.83 -67.31
N PHE N 188 73.46 -16.11 -67.60
CA PHE N 188 73.77 -17.09 -66.55
C PHE N 188 75.13 -16.82 -65.96
N ASP N 189 75.19 -16.53 -64.67
CA ASP N 189 76.47 -16.13 -64.10
C ASP N 189 77.40 -17.32 -64.12
N ILE N 190 78.22 -17.40 -65.17
CA ILE N 190 79.11 -18.53 -65.36
C ILE N 190 80.16 -18.61 -64.26
N GLU N 191 80.64 -17.47 -63.78
CA GLU N 191 81.69 -17.48 -62.77
C GLU N 191 81.21 -18.05 -61.45
N THR N 192 79.90 -18.11 -61.22
CA THR N 192 79.40 -18.74 -60.01
C THR N 192 78.84 -20.13 -60.26
N TRP N 193 78.52 -20.46 -61.50
CA TRP N 193 78.12 -21.83 -61.81
C TRP N 193 79.34 -22.72 -61.98
N LEU N 194 80.49 -22.14 -62.31
CA LEU N 194 81.71 -22.92 -62.36
C LEU N 194 82.20 -23.29 -60.98
N ALA N 195 82.15 -22.35 -60.03
CA ALA N 195 82.57 -22.68 -58.67
C ALA N 195 81.57 -23.60 -58.00
N ASN N 196 80.33 -23.60 -58.47
CA ASN N 196 79.33 -24.54 -57.97
C ASN N 196 79.51 -25.93 -58.57
N ARG N 197 79.83 -26.02 -59.85
CA ARG N 197 79.99 -27.34 -60.44
C ARG N 197 81.35 -27.93 -60.11
N ILE N 198 82.26 -27.09 -59.63
CA ILE N 198 83.56 -27.58 -59.16
C ILE N 198 83.41 -28.13 -57.75
N ALA N 199 82.79 -27.35 -56.88
CA ALA N 199 82.54 -27.79 -55.51
C ALA N 199 81.71 -29.05 -55.49
N ASP N 200 80.88 -29.26 -56.51
CA ASP N 200 80.13 -30.50 -56.60
C ASP N 200 81.05 -31.63 -57.02
N LYS N 201 81.98 -31.37 -57.93
CA LYS N 201 82.89 -32.42 -58.37
C LYS N 201 83.88 -32.74 -57.27
N PHE N 202 84.30 -31.74 -56.50
CA PHE N 202 85.23 -31.95 -55.41
C PHE N 202 84.62 -32.79 -54.29
N ALA N 203 83.39 -32.46 -53.90
CA ALA N 203 82.70 -33.27 -52.90
C ALA N 203 82.42 -34.68 -53.38
N ARG N 204 82.65 -34.96 -54.65
CA ARG N 204 82.45 -36.28 -55.22
C ARG N 204 83.76 -36.95 -55.61
N ALA N 205 84.82 -36.16 -55.77
CA ALA N 205 86.14 -36.70 -56.04
C ALA N 205 86.85 -37.05 -54.75
N GLU N 206 86.61 -36.28 -53.69
CA GLU N 206 87.11 -36.64 -52.38
C GLU N 206 86.24 -37.68 -51.71
N ALA N 207 85.02 -37.88 -52.21
CA ALA N 207 84.16 -38.94 -51.72
C ALA N 207 84.72 -40.32 -52.07
N ALA N 208 85.44 -40.42 -53.18
CA ALA N 208 86.02 -41.70 -53.58
C ALA N 208 87.34 -41.98 -52.89
N ALA N 209 88.10 -40.93 -52.57
CA ALA N 209 89.34 -41.12 -51.83
C ALA N 209 89.09 -41.49 -50.38
N PHE N 210 87.97 -41.07 -49.83
CA PHE N 210 87.60 -41.41 -48.46
C PHE N 210 87.36 -42.90 -48.26
N ILE N 211 87.21 -43.67 -49.33
CA ILE N 211 86.90 -45.09 -49.25
C ILE N 211 88.03 -45.93 -49.81
N SER N 212 88.33 -45.76 -51.10
CA SER N 212 89.35 -46.57 -51.73
C SER N 212 90.52 -45.74 -52.19
N GLY N 213 90.89 -44.68 -51.47
CA GLY N 213 92.06 -43.93 -51.83
C GLY N 213 93.31 -44.50 -51.18
N ASP N 214 94.41 -44.40 -51.88
CA ASP N 214 95.70 -44.74 -51.33
C ASP N 214 96.31 -43.49 -50.70
N GLY N 215 97.58 -43.57 -50.35
CA GLY N 215 98.19 -42.44 -49.70
C GLY N 215 98.75 -41.38 -50.61
N VAL N 216 99.02 -41.72 -51.87
CA VAL N 216 99.72 -40.80 -52.76
C VAL N 216 98.82 -39.61 -53.09
N ASP N 217 99.18 -38.45 -52.56
CA ASP N 217 98.57 -37.16 -52.89
C ASP N 217 97.06 -37.16 -52.71
N LYS N 218 96.52 -38.12 -51.98
CA LYS N 218 95.07 -38.21 -51.82
C LYS N 218 94.76 -38.91 -50.51
N PRO N 219 93.60 -38.63 -49.90
CA PRO N 219 93.24 -39.26 -48.63
C PRO N 219 93.18 -40.77 -48.76
N THR N 220 93.72 -41.46 -47.75
CA THR N 220 93.70 -42.91 -47.75
C THR N 220 92.38 -43.38 -47.14
N GLY N 221 91.53 -43.97 -47.97
CA GLY N 221 90.26 -44.47 -47.48
C GLY N 221 90.44 -45.64 -46.55
N PHE N 222 89.35 -46.01 -45.87
CA PHE N 222 89.46 -47.05 -44.86
C PHE N 222 89.75 -48.42 -45.46
N LEU N 223 89.51 -48.62 -46.74
CA LEU N 223 89.73 -49.93 -47.34
C LEU N 223 91.19 -50.28 -47.51
N THR N 224 92.08 -49.29 -47.57
CA THR N 224 93.51 -49.53 -47.70
C THR N 224 94.21 -49.53 -46.34
N LYS N 225 93.73 -50.35 -45.40
CA LYS N 225 94.22 -50.31 -44.02
C LYS N 225 94.53 -51.70 -43.50
N THR N 226 95.27 -52.47 -44.27
CA THR N 226 95.78 -53.80 -43.91
C THR N 226 94.78 -54.62 -43.09
N LYS N 227 93.67 -54.96 -43.72
CA LYS N 227 92.59 -55.68 -43.05
C LYS N 227 93.09 -57.00 -42.48
N VAL N 228 92.63 -57.33 -41.28
CA VAL N 228 92.97 -58.58 -40.62
C VAL N 228 91.69 -59.20 -40.11
N ALA N 229 91.65 -60.54 -40.11
CA ALA N 229 90.45 -61.24 -39.67
C ALA N 229 90.12 -60.92 -38.22
N ASN N 230 88.85 -60.73 -37.94
CA ASN N 230 88.43 -60.39 -36.60
C ASN N 230 88.72 -61.56 -35.67
N GLY N 231 88.80 -61.26 -34.38
CA GLY N 231 89.24 -62.22 -33.40
C GLY N 231 90.75 -62.21 -33.28
N ALA N 232 91.43 -61.88 -34.37
CA ALA N 232 92.87 -61.62 -34.35
C ALA N 232 93.14 -60.13 -34.56
N TRP N 233 92.20 -59.30 -34.16
CA TRP N 233 92.24 -57.88 -34.46
C TRP N 233 93.30 -57.19 -33.61
N ALA N 234 94.13 -56.38 -34.26
CA ALA N 234 95.16 -55.58 -33.61
C ALA N 234 94.83 -54.10 -33.79
N TRP N 235 95.70 -53.22 -33.31
CA TRP N 235 95.39 -51.81 -33.43
C TRP N 235 95.65 -51.23 -34.81
N GLY N 236 96.65 -51.71 -35.53
CA GLY N 236 96.98 -51.09 -36.79
C GLY N 236 96.16 -51.57 -37.96
N SER N 237 95.05 -52.25 -37.68
CA SER N 237 94.33 -52.90 -38.76
C SER N 237 92.83 -52.92 -38.47
N LEU N 238 92.06 -53.08 -39.54
CA LEU N 238 90.61 -53.17 -39.48
C LEU N 238 90.19 -54.63 -39.50
N GLY N 239 89.26 -54.97 -38.62
CA GLY N 239 88.82 -56.33 -38.50
C GLY N 239 87.67 -56.63 -39.44
N TYR N 240 87.75 -57.77 -40.10
CA TYR N 240 86.73 -58.17 -41.04
C TYR N 240 86.18 -59.53 -40.66
N VAL N 241 84.97 -59.79 -41.10
CA VAL N 241 84.33 -61.09 -40.92
C VAL N 241 84.04 -61.65 -42.30
N ALA N 242 84.10 -62.96 -42.42
CA ALA N 242 84.00 -63.62 -43.70
C ALA N 242 82.59 -64.12 -43.95
N THR N 243 82.21 -64.16 -45.22
CA THR N 243 80.83 -64.49 -45.57
C THR N 243 80.62 -65.97 -45.78
N GLY N 244 81.68 -66.74 -45.92
CA GLY N 244 81.53 -68.12 -46.34
C GLY N 244 82.00 -68.35 -47.75
N ALA N 245 81.07 -68.47 -48.69
CA ALA N 245 81.42 -68.75 -50.07
C ALA N 245 82.40 -67.72 -50.61
N ALA N 246 83.11 -68.10 -51.68
CA ALA N 246 84.18 -67.27 -52.20
C ALA N 246 83.63 -66.20 -53.15
N GLY N 247 82.49 -66.47 -53.76
CA GLY N 247 81.88 -65.51 -54.65
C GLY N 247 80.85 -64.62 -53.98
N ASP N 248 79.87 -65.23 -53.33
CA ASP N 248 78.72 -64.50 -52.83
C ASP N 248 78.52 -64.86 -51.36
N PHE N 249 77.40 -64.47 -50.78
CA PHE N 249 77.03 -64.84 -49.42
C PHE N 249 77.06 -66.37 -49.25
N ALA N 250 77.11 -66.81 -48.00
CA ALA N 250 77.17 -68.24 -47.70
C ALA N 250 75.97 -68.96 -48.32
N ALA N 251 76.25 -70.09 -48.96
CA ALA N 251 75.19 -70.84 -49.62
C ALA N 251 74.28 -71.56 -48.63
N VAL N 252 74.84 -72.15 -47.58
CA VAL N 252 74.07 -72.92 -46.62
C VAL N 252 73.25 -71.99 -45.75
N ASN N 253 73.88 -70.92 -45.27
CA ASN N 253 73.21 -69.99 -44.38
C ASN N 253 73.80 -68.59 -44.55
N ALA N 254 73.11 -67.79 -45.36
CA ALA N 254 73.49 -66.39 -45.47
C ALA N 254 72.85 -65.62 -44.33
N SER N 255 72.98 -64.30 -44.39
CA SER N 255 72.34 -63.40 -43.44
C SER N 255 72.87 -63.57 -42.03
N ASP N 256 73.77 -64.53 -41.83
CA ASP N 256 74.45 -64.63 -40.56
C ASP N 256 75.80 -63.95 -40.62
N ALA N 257 76.45 -63.96 -41.78
CA ALA N 257 77.65 -63.15 -41.93
C ALA N 257 77.34 -61.66 -41.85
N VAL N 258 76.09 -61.27 -41.91
CA VAL N 258 75.73 -59.87 -41.73
C VAL N 258 75.40 -59.57 -40.28
N VAL N 259 74.68 -60.47 -39.62
CA VAL N 259 74.25 -60.20 -38.24
C VAL N 259 75.43 -60.33 -37.28
N ASP N 260 76.44 -61.13 -37.60
CA ASP N 260 77.62 -61.14 -36.77
C ASP N 260 78.62 -60.07 -37.18
N LEU N 261 78.50 -59.53 -38.38
CA LEU N 261 79.21 -58.30 -38.71
C LEU N 261 78.71 -57.15 -37.85
N VAL N 262 77.41 -57.11 -37.56
CA VAL N 262 76.89 -56.06 -36.70
C VAL N 262 77.43 -56.23 -35.29
N TYR N 263 77.36 -57.46 -34.76
CA TYR N 263 77.74 -57.69 -33.38
C TYR N 263 79.23 -57.92 -33.23
N ALA N 264 80.02 -57.50 -34.21
CA ALA N 264 81.47 -57.53 -34.18
C ALA N 264 82.04 -56.13 -33.98
N LEU N 265 81.20 -55.20 -33.54
CA LEU N 265 81.62 -53.82 -33.36
C LEU N 265 81.80 -53.41 -31.90
N GLY N 266 80.97 -53.87 -30.99
CA GLY N 266 80.97 -53.37 -29.63
C GLY N 266 79.81 -52.44 -29.40
N ALA N 267 79.16 -52.59 -28.25
CA ALA N 267 77.91 -51.87 -28.02
C ALA N 267 78.08 -50.38 -27.91
N GLU N 268 79.32 -49.88 -27.96
CA GLU N 268 79.52 -48.44 -27.91
C GLU N 268 79.61 -47.83 -29.29
N TYR N 269 80.27 -48.52 -30.22
CA TYR N 269 80.30 -48.06 -31.60
C TYR N 269 79.02 -48.38 -32.35
N ARG N 270 78.23 -49.33 -31.86
CA ARG N 270 76.94 -49.58 -32.49
C ARG N 270 75.88 -48.59 -32.07
N ALA N 271 76.21 -47.66 -31.18
CA ALA N 271 75.26 -46.63 -30.79
C ALA N 271 74.84 -45.81 -32.01
N ASN N 272 75.81 -45.44 -32.84
CA ASN N 272 75.57 -44.79 -34.12
C ASN N 272 76.59 -45.31 -35.12
N ALA N 273 76.20 -46.36 -35.83
CA ALA N 273 77.00 -46.94 -36.89
C ALA N 273 76.13 -47.05 -38.13
N SER N 274 76.75 -47.36 -39.26
CA SER N 274 75.98 -47.43 -40.50
C SER N 274 76.73 -48.29 -41.50
N PHE N 275 75.99 -49.14 -42.21
CA PHE N 275 76.56 -49.91 -43.30
C PHE N 275 76.95 -48.98 -44.43
N VAL N 276 77.95 -49.38 -45.21
CA VAL N 276 78.36 -48.62 -46.37
C VAL N 276 78.48 -49.59 -47.53
N MET N 277 77.64 -49.40 -48.55
CA MET N 277 77.65 -50.24 -49.74
C MET N 277 77.50 -49.34 -50.95
N ASN N 278 77.74 -49.89 -52.13
CA ASN N 278 77.44 -49.18 -53.37
C ASN N 278 76.01 -49.52 -53.77
N SER N 279 75.59 -49.05 -54.94
CA SER N 279 74.19 -49.24 -55.33
C SER N 279 73.90 -50.69 -55.64
N LYS N 280 74.73 -51.31 -56.46
CA LYS N 280 74.47 -52.66 -56.90
C LYS N 280 74.79 -53.71 -55.87
N THR N 281 75.11 -53.31 -54.63
CA THR N 281 75.27 -54.28 -53.57
C THR N 281 74.06 -54.31 -52.66
N ALA N 282 73.56 -53.14 -52.29
CA ALA N 282 72.30 -53.06 -51.56
C ALA N 282 71.17 -53.72 -52.33
N GLY N 283 71.26 -53.74 -53.66
CA GLY N 283 70.33 -54.54 -54.42
C GLY N 283 70.54 -56.02 -54.23
N ALA N 284 71.79 -56.45 -54.18
CA ALA N 284 72.05 -57.86 -53.92
C ALA N 284 71.75 -58.24 -52.48
N VAL N 285 71.84 -57.29 -51.55
CA VAL N 285 71.38 -57.56 -50.20
C VAL N 285 69.86 -57.61 -50.15
N ARG N 286 69.18 -56.76 -50.92
CA ARG N 286 67.73 -56.78 -50.90
C ARG N 286 67.16 -57.95 -51.68
N LYS N 287 67.90 -58.46 -52.67
CA LYS N 287 67.45 -59.66 -53.36
C LYS N 287 67.53 -60.91 -52.48
N MET N 288 68.07 -60.81 -51.27
CA MET N 288 68.13 -61.97 -50.41
C MET N 288 66.73 -62.32 -49.94
N LYS N 289 66.32 -63.54 -50.23
CA LYS N 289 65.00 -64.05 -49.90
C LYS N 289 65.19 -65.35 -49.13
N ASP N 290 64.25 -65.64 -48.24
CA ASP N 290 64.34 -66.86 -47.45
C ASP N 290 63.88 -68.02 -48.31
N ALA N 291 63.66 -69.17 -47.71
CA ALA N 291 63.31 -70.34 -48.51
C ALA N 291 61.95 -70.22 -49.16
N ASP N 292 61.03 -69.47 -48.56
CA ASP N 292 59.70 -69.34 -49.11
C ASP N 292 59.62 -68.36 -50.28
N GLY N 293 60.52 -67.37 -50.35
CA GLY N 293 60.53 -66.36 -51.39
C GLY N 293 60.20 -64.96 -50.93
N ARG N 294 59.84 -64.79 -49.67
CA ARG N 294 59.60 -63.46 -49.12
C ARG N 294 60.95 -62.86 -48.74
N PHE N 295 61.02 -61.54 -48.53
CA PHE N 295 62.33 -60.97 -48.22
C PHE N 295 62.59 -61.02 -46.73
N LEU N 296 63.79 -61.47 -46.36
CA LEU N 296 64.22 -61.47 -44.98
C LEU N 296 64.37 -60.09 -44.37
N TRP N 297 64.79 -59.06 -45.11
CA TRP N 297 64.98 -57.76 -44.49
C TRP N 297 63.86 -56.86 -44.99
N ALA N 298 63.22 -56.15 -44.06
CA ALA N 298 62.12 -55.28 -44.40
C ALA N 298 62.53 -53.81 -44.25
N GLU N 305 63.28 -44.57 -47.05
CA GLU N 305 64.11 -43.63 -47.81
C GLU N 305 65.61 -43.77 -47.44
N PRO N 306 65.97 -43.66 -46.15
CA PRO N 306 67.38 -43.85 -45.77
C PRO N 306 67.90 -45.28 -45.92
N ALA N 307 67.06 -46.21 -46.38
CA ALA N 307 67.46 -47.58 -46.71
C ALA N 307 68.02 -48.33 -45.50
N ARG N 308 67.55 -47.96 -44.31
CA ARG N 308 67.93 -48.62 -43.06
C ARG N 308 67.91 -50.13 -43.20
N LEU N 309 68.97 -50.78 -42.71
CA LEU N 309 69.14 -52.22 -42.71
C LEU N 309 69.44 -52.73 -41.32
N MET N 310 68.60 -53.66 -40.86
CA MET N 310 68.69 -54.21 -39.51
C MET N 310 68.68 -53.14 -38.44
N GLY N 311 67.96 -52.05 -38.71
CA GLY N 311 67.86 -50.97 -37.77
C GLY N 311 68.98 -49.96 -37.80
N TYR N 312 69.86 -50.04 -38.78
CA TYR N 312 70.99 -49.11 -38.79
C TYR N 312 71.02 -48.43 -40.14
N PRO N 313 71.46 -47.17 -40.24
CA PRO N 313 71.48 -46.52 -41.53
C PRO N 313 72.38 -47.24 -42.53
N VAL N 314 72.19 -46.88 -43.79
CA VAL N 314 72.96 -47.41 -44.90
C VAL N 314 73.39 -46.21 -45.72
N LEU N 315 74.67 -46.11 -45.99
CA LEU N 315 75.20 -45.02 -46.79
C LEU N 315 75.59 -45.64 -48.13
N ILE N 316 74.91 -45.22 -49.18
CA ILE N 316 75.14 -45.74 -50.53
C ILE N 316 76.27 -44.91 -51.14
N ALA N 317 77.49 -45.33 -50.85
CA ALA N 317 78.71 -44.73 -51.33
C ALA N 317 79.10 -45.49 -52.59
N GLU N 318 78.98 -44.85 -53.75
CA GLU N 318 79.12 -45.53 -55.03
C GLU N 318 80.58 -45.88 -55.35
N ASP N 319 81.49 -45.76 -54.39
CA ASP N 319 82.88 -46.09 -54.60
C ASP N 319 83.34 -47.37 -53.92
N MET N 320 82.44 -48.12 -53.31
CA MET N 320 82.95 -49.38 -52.80
C MET N 320 82.87 -50.49 -53.85
N PRO N 321 83.75 -51.49 -53.73
CA PRO N 321 83.72 -52.62 -54.65
C PRO N 321 82.43 -53.41 -54.53
N ASP N 322 82.10 -54.10 -55.62
CA ASP N 322 80.90 -54.91 -55.61
C ASP N 322 81.26 -56.29 -55.05
N ILE N 323 80.28 -57.19 -55.08
CA ILE N 323 80.51 -58.52 -54.54
C ILE N 323 81.39 -59.28 -55.52
N ALA N 324 82.55 -59.73 -55.05
CA ALA N 324 83.55 -60.36 -55.90
C ALA N 324 84.34 -61.38 -55.10
N ALA N 325 85.50 -61.77 -55.63
CA ALA N 325 86.26 -62.86 -55.04
C ALA N 325 86.64 -62.58 -53.59
N ASN N 326 87.36 -61.49 -53.35
CA ASN N 326 87.82 -61.15 -52.01
C ASN N 326 87.47 -59.71 -51.67
N ALA N 327 86.36 -59.22 -52.19
CA ALA N 327 85.99 -57.83 -51.98
C ALA N 327 85.41 -57.64 -50.60
N TYR N 328 85.64 -56.47 -50.04
CA TYR N 328 85.02 -56.04 -48.78
C TYR N 328 83.82 -55.17 -49.13
N ALA N 329 82.84 -55.78 -49.79
CA ALA N 329 81.79 -54.99 -50.43
C ALA N 329 80.85 -54.33 -49.44
N ILE N 330 80.84 -54.77 -48.19
CA ILE N 330 80.01 -54.19 -47.14
C ILE N 330 80.88 -53.82 -45.96
N ALA N 331 80.89 -52.56 -45.59
CA ALA N 331 81.60 -52.11 -44.41
C ALA N 331 80.58 -51.58 -43.41
N PHE N 332 80.79 -51.90 -42.14
CA PHE N 332 79.90 -51.48 -41.07
C PHE N 332 80.73 -50.96 -39.92
N GLY N 333 80.38 -49.79 -39.42
CA GLY N 333 81.10 -49.23 -38.30
C GLY N 333 80.62 -47.85 -37.98
N ASP N 334 81.16 -47.30 -36.91
CA ASP N 334 80.85 -45.95 -36.47
C ASP N 334 81.95 -45.05 -37.00
N PHE N 335 81.65 -44.36 -38.09
CA PHE N 335 82.63 -43.51 -38.74
C PHE N 335 82.77 -42.15 -38.08
N GLY N 336 81.79 -41.73 -37.28
CA GLY N 336 81.95 -40.51 -36.53
C GLY N 336 83.22 -40.49 -35.71
N ASN N 337 83.66 -41.66 -35.26
CA ASN N 337 84.92 -41.83 -34.56
C ASN N 337 85.96 -42.55 -35.38
N GLY N 338 85.54 -43.36 -36.35
CA GLY N 338 86.48 -44.20 -37.06
C GLY N 338 87.28 -43.47 -38.11
N TYR N 339 86.65 -42.54 -38.83
CA TYR N 339 87.29 -41.86 -39.93
C TYR N 339 87.28 -40.35 -39.69
N THR N 340 88.48 -39.75 -39.65
CA THR N 340 88.63 -38.32 -39.40
C THR N 340 89.01 -37.64 -40.70
N ILE N 341 88.24 -36.64 -41.10
CA ILE N 341 88.52 -35.84 -42.29
C ILE N 341 89.10 -34.49 -41.86
N ALA N 342 90.29 -34.18 -42.36
CA ALA N 342 90.89 -32.87 -42.11
C ALA N 342 90.82 -32.09 -43.41
N GLU N 343 90.21 -30.91 -43.35
CA GLU N 343 89.95 -30.16 -44.57
C GLU N 343 89.98 -28.68 -44.28
N ARG N 344 89.94 -27.89 -45.35
CA ARG N 344 89.71 -26.46 -45.27
C ARG N 344 88.32 -26.16 -45.80
N PRO N 345 87.55 -25.36 -45.11
CA PRO N 345 86.15 -25.11 -45.48
C PRO N 345 85.96 -23.96 -46.47
N ASP N 346 86.71 -23.97 -47.56
CA ASP N 346 86.59 -22.93 -48.57
C ASP N 346 87.21 -23.45 -49.87
N LEU N 347 86.73 -22.92 -50.99
CA LEU N 347 87.24 -23.28 -52.31
C LEU N 347 87.94 -22.07 -52.89
N ARG N 348 89.27 -22.13 -52.96
CA ARG N 348 90.04 -21.00 -53.45
C ARG N 348 90.08 -21.03 -54.96
N VAL N 349 89.37 -20.10 -55.59
CA VAL N 349 89.33 -19.97 -57.05
C VAL N 349 90.16 -18.76 -57.44
N LEU N 350 91.10 -18.96 -58.36
CA LEU N 350 91.98 -17.93 -58.87
C LEU N 350 91.74 -17.81 -60.36
N ARG N 351 91.11 -16.73 -60.78
CA ARG N 351 90.87 -16.53 -62.20
C ARG N 351 92.10 -15.93 -62.84
N ASP N 352 92.51 -16.49 -63.97
CA ASP N 352 93.82 -16.25 -64.56
C ASP N 352 93.64 -15.86 -66.02
N PRO N 353 93.36 -14.59 -66.29
CA PRO N 353 93.10 -14.17 -67.66
C PRO N 353 94.33 -14.13 -68.53
N PHE N 354 95.48 -14.51 -67.97
CA PHE N 354 96.77 -14.26 -68.59
C PHE N 354 97.36 -15.45 -69.34
N SER N 355 97.02 -16.67 -68.97
CA SER N 355 97.69 -17.82 -69.58
C SER N 355 97.20 -18.04 -71.01
N ALA N 356 95.92 -18.37 -71.17
CA ALA N 356 95.29 -18.49 -72.48
C ALA N 356 94.52 -17.20 -72.71
N LYS N 357 95.07 -16.32 -73.54
CA LYS N 357 94.71 -14.91 -73.50
C LYS N 357 93.23 -14.64 -73.82
N PRO N 358 92.65 -15.21 -74.87
CA PRO N 358 91.21 -15.00 -75.08
C PRO N 358 90.31 -15.85 -74.21
N HIS N 359 90.83 -16.52 -73.19
CA HIS N 359 90.06 -17.33 -72.26
C HIS N 359 90.41 -16.91 -70.84
N VAL N 360 89.84 -17.59 -69.84
CA VAL N 360 89.89 -17.14 -68.47
C VAL N 360 90.60 -18.13 -67.55
N LEU N 361 90.37 -19.44 -67.73
CA LEU N 361 91.19 -20.47 -67.09
C LEU N 361 91.11 -20.39 -65.56
N PHE N 362 89.92 -20.67 -65.03
CA PHE N 362 89.72 -20.66 -63.59
C PHE N 362 90.52 -21.76 -62.91
N TYR N 363 91.19 -21.43 -61.82
CA TYR N 363 91.97 -22.39 -61.04
C TYR N 363 91.38 -22.50 -59.65
N ALA N 364 90.86 -23.66 -59.30
CA ALA N 364 90.18 -23.89 -58.05
C ALA N 364 90.70 -25.15 -57.38
N SER N 365 91.07 -25.04 -56.11
CA SER N 365 91.75 -26.15 -55.46
C SER N 365 91.45 -26.12 -53.96
N LYS N 366 90.50 -26.94 -53.52
CA LYS N 366 90.31 -27.17 -52.10
C LYS N 366 91.31 -28.21 -51.66
N ARG N 367 91.75 -28.13 -50.42
CA ARG N 367 92.71 -29.08 -49.89
C ARG N 367 92.08 -29.87 -48.76
N VAL N 368 92.10 -31.19 -48.90
CA VAL N 368 91.38 -32.08 -48.01
C VAL N 368 92.25 -33.29 -47.73
N GLY N 369 92.03 -33.93 -46.58
CA GLY N 369 92.76 -35.13 -46.25
C GLY N 369 92.05 -35.89 -45.14
N GLY N 370 92.45 -37.14 -44.98
CA GLY N 370 91.91 -37.94 -43.90
C GLY N 370 92.09 -39.43 -44.06
N ASP N 371 92.42 -40.11 -42.96
CA ASP N 371 92.41 -41.57 -42.94
C ASP N 371 91.75 -42.04 -41.66
N VAL N 372 91.84 -43.33 -41.35
CA VAL N 372 91.17 -43.85 -40.18
C VAL N 372 91.81 -43.32 -38.92
N SER N 373 90.99 -43.04 -37.92
CA SER N 373 91.46 -42.56 -36.63
C SER N 373 91.25 -43.55 -35.50
N ASP N 374 90.28 -44.46 -35.65
CA ASP N 374 89.94 -45.45 -34.63
C ASP N 374 89.71 -46.78 -35.33
N PHE N 375 90.71 -47.63 -35.32
CA PHE N 375 90.64 -48.91 -36.01
C PHE N 375 89.60 -49.84 -35.43
N ALA N 376 89.15 -49.59 -34.21
CA ALA N 376 88.17 -50.44 -33.55
C ALA N 376 86.74 -50.11 -33.96
N ALA N 377 86.54 -49.07 -34.76
CA ALA N 377 85.22 -48.57 -35.07
C ALA N 377 84.80 -48.82 -36.51
N ILE N 378 85.49 -49.69 -37.21
CA ILE N 378 85.13 -50.04 -38.58
C ILE N 378 85.39 -51.53 -38.76
N LYS N 379 84.33 -52.29 -39.03
CA LYS N 379 84.46 -53.70 -39.32
C LYS N 379 83.99 -53.94 -40.74
N LEU N 380 84.65 -54.86 -41.42
CA LEU N 380 84.39 -55.13 -42.82
C LEU N 380 83.81 -56.52 -43.01
N LEU N 381 83.44 -56.83 -44.25
CA LEU N 381 82.79 -58.09 -44.56
C LEU N 381 83.43 -58.64 -45.84
N LYS N 382 84.45 -59.48 -45.66
CA LYS N 382 85.15 -60.10 -46.77
C LYS N 382 84.30 -61.25 -47.30
N PHE N 383 84.32 -61.41 -48.62
CA PHE N 383 83.50 -62.41 -49.31
C PHE N 383 84.31 -63.65 -49.70
N ALA N 384 85.30 -64.05 -48.91
CA ALA N 384 86.16 -65.13 -49.37
C ALA N 384 85.91 -66.46 -48.67
N ALA N 385 86.00 -66.48 -47.33
CA ALA N 385 85.97 -67.76 -46.63
C ALA N 385 85.94 -67.57 -45.12
N ALA O 89 -5.18 -30.78 -48.34
CA ALA O 89 -4.37 -30.62 -47.14
C ALA O 89 -4.25 -31.96 -46.43
N LEU O 90 -4.78 -33.00 -47.04
CA LEU O 90 -4.71 -34.33 -46.47
C LEU O 90 -3.29 -34.87 -46.72
N ASN O 91 -3.12 -36.19 -46.61
CA ASN O 91 -1.81 -36.81 -46.71
C ASN O 91 -1.00 -36.29 -47.88
N SER O 92 0.32 -36.22 -47.69
CA SER O 92 1.24 -35.81 -48.74
C SER O 92 1.63 -36.96 -49.65
N ALA O 93 0.88 -38.06 -49.64
CA ALA O 93 1.25 -39.25 -50.39
C ALA O 93 0.67 -39.26 -51.79
N VAL O 94 -0.59 -38.91 -51.95
CA VAL O 94 -1.21 -38.84 -53.27
C VAL O 94 -1.17 -37.40 -53.75
N ALA O 95 -1.01 -37.21 -55.05
CA ALA O 95 -0.74 -35.88 -55.58
C ALA O 95 -1.94 -34.97 -55.40
N ALA O 96 -3.14 -35.43 -55.77
CA ALA O 96 -4.31 -34.56 -55.75
C ALA O 96 -4.60 -34.08 -54.33
N GLU O 97 -4.61 -34.99 -53.37
CA GLU O 97 -4.97 -34.63 -51.99
C GLU O 97 -3.76 -34.12 -51.21
N GLY O 98 -3.08 -33.13 -51.75
CA GLY O 98 -2.05 -32.44 -51.01
C GLY O 98 -0.64 -32.87 -51.28
N GLY O 99 -0.42 -33.75 -52.25
CA GLY O 99 0.92 -34.14 -52.61
C GLY O 99 1.57 -33.21 -53.61
N TYR O 100 0.87 -32.19 -54.05
CA TYR O 100 1.42 -31.18 -54.94
C TYR O 100 2.11 -30.06 -54.18
N LEU O 101 2.00 -30.02 -52.85
CA LEU O 101 2.44 -28.90 -52.05
C LEU O 101 3.79 -29.15 -51.40
N VAL O 102 4.58 -30.07 -51.93
CA VAL O 102 5.76 -30.57 -51.24
C VAL O 102 7.06 -30.08 -51.87
N ASP O 103 7.18 -30.15 -53.21
CA ASP O 103 8.29 -29.51 -53.91
C ASP O 103 9.65 -29.95 -53.40
N PRO O 104 10.13 -31.14 -53.80
CA PRO O 104 11.43 -31.64 -53.33
C PRO O 104 12.53 -30.59 -53.36
N GLN O 105 13.43 -30.68 -52.39
CA GLN O 105 14.53 -29.74 -52.23
C GLN O 105 15.77 -30.23 -52.97
N THR O 106 16.27 -29.41 -53.88
CA THR O 106 17.43 -29.81 -54.65
C THR O 106 18.72 -29.51 -53.92
N SER O 107 19.77 -30.21 -54.35
CA SER O 107 21.12 -30.07 -53.72
C SER O 107 21.58 -28.62 -53.83
N GLU O 108 22.33 -28.15 -52.84
CA GLU O 108 22.87 -26.79 -52.87
C GLU O 108 23.88 -26.63 -53.99
N THR O 109 24.80 -27.57 -54.11
CA THR O 109 25.77 -27.60 -55.18
C THR O 109 25.50 -28.80 -56.07
N ILE O 110 26.00 -28.76 -57.30
CA ILE O 110 25.82 -29.89 -58.20
C ILE O 110 27.00 -30.84 -58.03
N ARG O 111 26.74 -32.02 -57.47
CA ARG O 111 27.78 -32.99 -57.25
C ARG O 111 28.26 -33.55 -58.58
N GLY O 112 29.36 -34.27 -58.53
CA GLY O 112 29.94 -34.82 -59.75
C GLY O 112 30.66 -36.11 -59.47
N VAL O 113 30.76 -36.94 -60.51
CA VAL O 113 31.54 -38.17 -60.41
C VAL O 113 33.01 -37.80 -60.25
N LEU O 114 33.74 -38.65 -59.53
CA LEU O 114 35.13 -38.39 -59.19
C LEU O 114 36.04 -39.25 -60.06
N ARG O 115 36.77 -38.62 -60.96
CA ARG O 115 37.75 -39.31 -61.78
C ARG O 115 39.15 -39.01 -61.25
N SER O 116 40.12 -39.80 -61.72
CA SER O 116 41.44 -39.80 -61.12
C SER O 116 42.12 -38.43 -61.26
N THR O 117 42.72 -37.98 -60.17
CA THR O 117 43.44 -36.72 -60.15
C THR O 117 44.94 -36.89 -59.88
N ALA O 118 45.45 -38.11 -59.85
CA ALA O 118 46.90 -38.31 -59.84
C ALA O 118 47.41 -37.94 -61.22
N SER O 119 48.18 -36.86 -61.30
CA SER O 119 48.46 -36.22 -62.57
C SER O 119 49.93 -36.17 -62.95
N LEU O 120 50.84 -36.60 -62.09
CA LEU O 120 52.28 -36.49 -62.27
C LEU O 120 52.72 -35.04 -62.19
N ARG O 121 51.78 -34.10 -62.06
CA ARG O 121 52.15 -32.70 -61.87
C ARG O 121 52.60 -32.46 -60.45
N GLN O 122 52.11 -33.23 -59.50
CA GLN O 122 52.47 -33.07 -58.10
C GLN O 122 53.79 -33.73 -57.75
N ILE O 123 54.48 -34.36 -58.70
CA ILE O 123 55.81 -34.90 -58.46
C ILE O 123 56.81 -34.35 -59.48
N ALA O 124 56.34 -33.65 -60.49
CA ALA O 124 57.23 -33.11 -61.50
C ALA O 124 57.59 -31.66 -61.16
N SER O 125 58.35 -31.04 -62.07
CA SER O 125 58.84 -29.65 -61.88
C SER O 125 57.91 -28.68 -62.61
N VAL O 126 57.05 -27.98 -61.86
CA VAL O 126 56.11 -27.04 -62.45
C VAL O 126 56.70 -25.64 -62.36
N VAL O 127 56.93 -25.03 -63.53
CA VAL O 127 57.51 -23.69 -63.61
C VAL O 127 56.55 -22.79 -64.39
N ASN O 128 56.17 -21.67 -63.78
CA ASN O 128 55.33 -20.70 -64.46
C ASN O 128 56.16 -19.99 -65.53
N VAL O 129 55.67 -20.00 -66.76
CA VAL O 129 56.36 -19.36 -67.87
C VAL O 129 55.35 -18.63 -68.74
N GLU O 130 55.52 -17.32 -68.86
CA GLU O 130 54.65 -16.48 -69.68
C GLU O 130 55.35 -16.19 -71.00
N ALA O 131 55.43 -17.20 -71.86
CA ALA O 131 56.10 -17.06 -73.13
C ALA O 131 55.62 -18.16 -74.06
N THR O 132 56.29 -18.31 -75.20
CA THR O 132 55.91 -19.32 -76.17
C THR O 132 56.54 -20.66 -75.91
N SER O 133 57.48 -20.75 -74.98
CA SER O 133 58.27 -21.96 -74.81
C SER O 133 59.07 -21.83 -73.52
N PHE O 134 59.83 -22.87 -73.22
CA PHE O 134 60.73 -22.89 -72.09
C PHE O 134 61.98 -23.66 -72.49
N ASP O 135 63.15 -23.10 -72.19
CA ASP O 135 64.41 -23.70 -72.57
C ASP O 135 65.11 -24.12 -71.29
N VAL O 136 64.91 -25.38 -70.92
CA VAL O 136 65.60 -25.92 -69.77
C VAL O 136 67.02 -26.28 -70.17
N LEU O 137 67.99 -25.86 -69.37
CA LEU O 137 69.40 -25.99 -69.67
C LEU O 137 70.00 -26.97 -68.69
N VAL O 138 70.43 -28.12 -69.20
CA VAL O 138 71.05 -29.14 -68.36
C VAL O 138 72.52 -29.28 -68.73
N ASP O 139 73.26 -29.91 -67.84
CA ASP O 139 74.67 -30.22 -68.05
C ASP O 139 74.78 -31.73 -68.24
N LYS O 140 75.03 -32.16 -69.46
CA LYS O 140 75.00 -33.59 -69.71
C LYS O 140 76.23 -34.34 -69.21
N THR O 141 77.29 -33.64 -68.85
CA THR O 141 78.51 -34.26 -68.31
C THR O 141 78.96 -33.47 -67.10
N ASP O 142 80.18 -33.76 -66.63
CA ASP O 142 80.74 -33.06 -65.49
C ASP O 142 82.20 -32.71 -65.77
N MET O 143 82.82 -32.03 -64.82
CA MET O 143 84.18 -31.53 -64.94
C MET O 143 85.18 -32.63 -64.62
N GLY O 144 86.45 -32.25 -64.47
CA GLY O 144 87.47 -33.21 -64.11
C GLY O 144 88.40 -32.67 -63.04
N SER O 145 88.68 -33.51 -62.05
CA SER O 145 89.54 -33.17 -60.92
C SER O 145 90.87 -33.90 -61.05
N GLY O 146 91.87 -33.43 -60.32
CA GLY O 146 93.21 -33.93 -60.55
C GLY O 146 93.95 -34.61 -59.43
N TRP O 147 93.65 -34.26 -58.18
CA TRP O 147 94.51 -34.62 -57.04
C TRP O 147 95.94 -34.13 -57.31
N ALA O 148 96.06 -32.82 -57.44
CA ALA O 148 97.33 -32.24 -57.87
C ALA O 148 98.38 -32.42 -56.79
N SER O 149 99.55 -32.92 -57.19
CA SER O 149 100.66 -33.10 -56.28
C SER O 149 101.28 -31.76 -55.94
N GLU O 150 102.35 -31.80 -55.14
CA GLU O 150 102.99 -30.57 -54.70
C GLU O 150 103.72 -29.88 -55.85
N THR O 151 104.41 -30.65 -56.69
CA THR O 151 105.20 -30.13 -57.80
C THR O 151 104.68 -30.77 -59.07
N ALA O 152 103.67 -30.15 -59.68
CA ALA O 152 102.93 -30.87 -60.71
C ALA O 152 102.80 -30.12 -62.03
N ALA O 153 102.74 -28.78 -61.97
CA ALA O 153 102.37 -27.97 -63.14
C ALA O 153 101.02 -28.41 -63.67
N LEU O 154 100.00 -28.11 -62.88
CA LEU O 154 98.62 -28.50 -63.14
C LEU O 154 98.23 -28.20 -64.58
N SER O 155 97.58 -29.16 -65.21
CA SER O 155 97.21 -29.09 -66.61
C SER O 155 95.72 -28.75 -66.75
N GLU O 156 95.23 -28.81 -67.99
CA GLU O 156 93.86 -28.46 -68.30
C GLU O 156 92.90 -29.59 -67.94
N THR O 157 91.69 -29.21 -67.53
CA THR O 157 90.66 -30.16 -67.16
C THR O 157 89.41 -29.91 -67.99
N ALA O 158 88.51 -30.88 -67.96
CA ALA O 158 87.30 -30.83 -68.77
C ALA O 158 86.32 -29.82 -68.19
N THR O 159 85.19 -29.66 -68.87
CA THR O 159 84.18 -28.69 -68.52
C THR O 159 82.85 -29.27 -68.99
N PRO O 160 81.79 -29.16 -68.19
CA PRO O 160 80.57 -29.90 -68.49
C PRO O 160 79.88 -29.33 -69.72
N GLN O 161 79.69 -30.16 -70.73
CA GLN O 161 79.04 -29.67 -71.94
C GLN O 161 77.55 -29.53 -71.69
N ILE O 162 76.96 -28.52 -72.32
CA ILE O 162 75.65 -28.04 -71.98
C ILE O 162 74.63 -28.50 -73.01
N ASP O 163 73.39 -28.68 -72.57
CA ASP O 163 72.30 -29.04 -73.45
C ASP O 163 71.10 -28.15 -73.16
N ARG O 164 70.26 -27.94 -74.18
CA ARG O 164 69.07 -27.12 -74.06
C ARG O 164 67.89 -27.89 -74.64
N ILE O 165 66.80 -27.95 -73.89
CA ILE O 165 65.59 -28.69 -74.26
C ILE O 165 64.45 -27.70 -74.37
N THR O 166 63.73 -27.75 -75.48
CA THR O 166 62.68 -26.78 -75.78
C THR O 166 61.33 -27.33 -75.37
N ILE O 167 60.68 -26.67 -74.42
CA ILE O 167 59.31 -26.96 -74.04
C ILE O 167 58.40 -26.12 -74.93
N PRO O 168 57.73 -26.70 -75.92
CA PRO O 168 57.01 -25.85 -76.88
C PRO O 168 55.79 -25.16 -76.29
N LEU O 169 55.28 -25.60 -75.15
CA LEU O 169 54.20 -24.92 -74.41
C LEU O 169 52.96 -24.77 -75.29
N HIS O 170 52.35 -25.92 -75.57
CA HIS O 170 51.14 -26.00 -76.38
C HIS O 170 49.93 -25.51 -75.60
N GLU O 171 48.77 -25.54 -76.25
CA GLU O 171 47.53 -25.06 -75.67
C GLU O 171 46.46 -26.13 -75.69
N LEU O 172 45.62 -26.13 -74.66
CA LEU O 172 44.57 -27.12 -74.49
C LEU O 172 43.24 -26.40 -74.39
N ALA O 173 42.39 -26.56 -75.39
CA ALA O 173 41.16 -25.78 -75.49
C ALA O 173 39.94 -26.68 -75.44
N ALA O 174 38.89 -26.19 -74.80
CA ALA O 174 37.59 -26.84 -74.76
C ALA O 174 36.52 -25.78 -74.80
N MET O 175 35.39 -26.08 -75.40
CA MET O 175 34.33 -25.10 -75.64
C MET O 175 32.96 -25.72 -75.46
N PRO O 176 32.50 -25.83 -74.22
CA PRO O 176 31.14 -26.33 -73.99
C PRO O 176 30.11 -25.25 -74.27
N LYS O 177 29.01 -25.64 -74.90
CA LYS O 177 27.97 -24.71 -75.33
C LYS O 177 26.76 -24.85 -74.43
N ALA O 178 26.45 -23.81 -73.67
CA ALA O 178 25.31 -23.81 -72.78
C ALA O 178 24.25 -22.84 -73.30
N SER O 179 23.01 -23.30 -73.37
CA SER O 179 21.93 -22.50 -73.93
C SER O 179 21.57 -21.37 -72.98
N GLN O 180 21.46 -20.16 -73.52
CA GLN O 180 21.26 -18.98 -72.69
C GLN O 180 20.02 -19.10 -71.84
N ARG O 181 19.02 -19.83 -72.31
CA ARG O 181 17.81 -20.02 -71.52
C ARG O 181 18.09 -20.74 -70.22
N LEU O 182 19.06 -21.66 -70.22
CA LEU O 182 19.38 -22.41 -69.01
C LEU O 182 20.16 -21.57 -68.02
N LEU O 183 21.03 -20.69 -68.49
CA LEU O 183 21.86 -19.90 -67.58
C LEU O 183 21.06 -18.94 -66.73
N ASP O 184 19.81 -18.68 -67.10
CA ASP O 184 18.96 -17.82 -66.31
C ASP O 184 17.94 -18.59 -65.47
N ASP O 185 17.53 -19.77 -65.93
CA ASP O 185 16.51 -20.53 -65.25
C ASP O 185 17.06 -21.39 -64.13
N SER O 186 18.34 -21.73 -64.17
CA SER O 186 18.93 -22.64 -63.20
C SER O 186 19.33 -21.88 -61.94
N ALA O 187 18.93 -22.40 -60.79
CA ALA O 187 19.39 -21.82 -59.53
C ALA O 187 20.86 -22.06 -59.29
N PHE O 188 21.47 -22.96 -60.06
CA PHE O 188 22.88 -23.27 -59.91
C PHE O 188 23.73 -22.31 -60.70
N ASP O 189 24.91 -21.99 -60.18
CA ASP O 189 25.83 -21.17 -60.95
C ASP O 189 26.42 -22.04 -62.06
N ILE O 190 25.72 -22.10 -63.20
CA ILE O 190 26.19 -22.92 -64.30
C ILE O 190 27.50 -22.41 -64.85
N GLU O 191 27.70 -21.10 -64.84
CA GLU O 191 28.91 -20.53 -65.41
C GLU O 191 30.14 -21.00 -64.66
N THR O 192 30.12 -20.88 -63.32
CA THR O 192 31.28 -21.29 -62.54
C THR O 192 31.36 -22.79 -62.34
N TRP O 193 30.28 -23.53 -62.65
CA TRP O 193 30.38 -24.98 -62.60
C TRP O 193 31.08 -25.52 -63.83
N LEU O 194 30.80 -24.96 -65.01
CA LEU O 194 31.55 -25.34 -66.20
C LEU O 194 33.02 -25.02 -66.02
N ALA O 195 33.33 -23.78 -65.62
CA ALA O 195 34.72 -23.40 -65.43
C ALA O 195 35.40 -24.23 -64.36
N ASN O 196 34.63 -24.81 -63.43
CA ASN O 196 35.20 -25.74 -62.46
C ASN O 196 35.31 -27.13 -63.04
N ARG O 197 34.34 -27.53 -63.86
CA ARG O 197 34.37 -28.84 -64.48
C ARG O 197 35.40 -28.90 -65.59
N ILE O 198 35.58 -27.81 -66.32
CA ILE O 198 36.59 -27.75 -67.37
C ILE O 198 37.98 -27.84 -66.77
N ALA O 199 38.21 -27.10 -65.67
CA ALA O 199 39.51 -27.14 -65.03
C ALA O 199 39.89 -28.55 -64.61
N ASP O 200 38.90 -29.38 -64.28
CA ASP O 200 39.19 -30.77 -63.95
C ASP O 200 39.58 -31.55 -65.19
N LYS O 201 38.80 -31.42 -66.27
CA LYS O 201 39.14 -32.11 -67.50
C LYS O 201 40.46 -31.61 -68.07
N PHE O 202 40.82 -30.36 -67.78
CA PHE O 202 42.10 -29.85 -68.25
C PHE O 202 43.26 -30.40 -67.44
N ALA O 203 43.06 -30.63 -66.15
CA ALA O 203 44.11 -31.23 -65.35
C ALA O 203 44.24 -32.72 -65.63
N ARG O 204 43.15 -33.37 -66.03
CA ARG O 204 43.15 -34.80 -66.31
C ARG O 204 43.56 -35.10 -67.74
N ALA O 205 43.31 -34.20 -68.68
CA ALA O 205 43.70 -34.47 -70.06
C ALA O 205 45.16 -34.13 -70.30
N GLU O 206 45.73 -33.21 -69.53
CA GLU O 206 47.17 -32.99 -69.62
C GLU O 206 47.95 -34.03 -68.84
N ALA O 207 47.32 -34.72 -67.89
CA ALA O 207 48.00 -35.79 -67.19
C ALA O 207 48.30 -36.96 -68.13
N ALA O 208 47.42 -37.23 -69.09
CA ALA O 208 47.71 -38.29 -70.06
C ALA O 208 48.77 -37.85 -71.04
N ALA O 209 48.90 -36.54 -71.27
CA ALA O 209 49.93 -36.04 -72.15
C ALA O 209 51.30 -36.05 -71.48
N PHE O 210 51.34 -35.84 -70.18
CA PHE O 210 52.59 -35.92 -69.43
C PHE O 210 53.14 -37.32 -69.33
N ILE O 211 52.41 -38.33 -69.80
CA ILE O 211 52.83 -39.71 -69.61
C ILE O 211 53.11 -40.37 -70.94
N SER O 212 52.11 -40.45 -71.82
CA SER O 212 52.24 -41.13 -73.09
C SER O 212 51.94 -40.22 -74.26
N GLY O 213 51.74 -38.92 -74.04
CA GLY O 213 51.44 -38.03 -75.13
C GLY O 213 52.66 -37.78 -76.00
N ASP O 214 52.45 -37.73 -77.30
CA ASP O 214 53.51 -37.45 -78.25
C ASP O 214 53.80 -35.95 -78.23
N GLY O 215 54.54 -35.48 -79.23
CA GLY O 215 54.98 -34.10 -79.20
C GLY O 215 54.10 -33.09 -79.92
N VAL O 216 53.38 -33.53 -80.94
CA VAL O 216 52.65 -32.62 -81.81
C VAL O 216 51.45 -32.05 -81.05
N ASP O 217 51.51 -30.76 -80.75
CA ASP O 217 50.44 -30.00 -80.12
C ASP O 217 50.10 -30.52 -78.72
N LYS O 218 51.00 -31.23 -78.07
CA LYS O 218 50.75 -31.73 -76.73
C LYS O 218 52.09 -32.11 -76.10
N PRO O 219 52.21 -32.05 -74.78
CA PRO O 219 53.48 -32.36 -74.14
C PRO O 219 53.89 -33.80 -74.40
N THR O 220 55.19 -34.03 -74.49
CA THR O 220 55.69 -35.37 -74.70
C THR O 220 55.82 -36.03 -73.33
N GLY O 221 55.10 -37.12 -73.13
CA GLY O 221 55.28 -37.88 -71.91
C GLY O 221 56.64 -38.54 -71.89
N PHE O 222 57.02 -39.00 -70.70
CA PHE O 222 58.32 -39.65 -70.58
C PHE O 222 58.35 -41.01 -71.27
N LEU O 223 57.21 -41.58 -71.61
CA LEU O 223 57.19 -42.89 -72.25
C LEU O 223 57.66 -42.83 -73.69
N THR O 224 57.43 -41.70 -74.37
CA THR O 224 57.77 -41.59 -75.79
C THR O 224 59.16 -40.98 -75.99
N LYS O 225 60.16 -41.58 -75.36
CA LYS O 225 61.53 -41.04 -75.37
C LYS O 225 62.54 -42.12 -75.70
N THR O 226 62.29 -42.88 -76.76
CA THR O 226 63.25 -43.81 -77.38
C THR O 226 64.04 -44.63 -76.35
N LYS O 227 63.32 -45.47 -75.62
CA LYS O 227 63.89 -46.20 -74.51
C LYS O 227 65.06 -47.08 -74.97
N VAL O 228 66.04 -47.23 -74.09
CA VAL O 228 67.23 -48.03 -74.35
C VAL O 228 67.49 -48.91 -73.13
N ALA O 229 68.07 -50.08 -73.36
CA ALA O 229 68.37 -50.99 -72.26
C ALA O 229 69.31 -50.32 -71.27
N ASN O 230 69.06 -50.52 -69.99
CA ASN O 230 69.87 -49.86 -68.98
C ASN O 230 71.22 -50.57 -68.85
N GLY O 231 72.27 -49.76 -68.73
CA GLY O 231 73.62 -50.27 -68.78
C GLY O 231 74.27 -49.84 -70.07
N ALA O 232 73.55 -49.98 -71.17
CA ALA O 232 73.90 -49.33 -72.43
C ALA O 232 73.18 -47.99 -72.56
N TRP O 233 73.31 -47.16 -71.54
CA TRP O 233 72.50 -45.95 -71.40
C TRP O 233 73.28 -44.74 -71.90
N ALA O 234 72.63 -43.92 -72.72
CA ALA O 234 73.15 -42.67 -73.22
C ALA O 234 72.27 -41.53 -72.70
N TRP O 235 72.61 -40.30 -73.09
CA TRP O 235 71.91 -39.15 -72.53
C TRP O 235 70.58 -38.89 -73.22
N GLY O 236 70.51 -39.07 -74.53
CA GLY O 236 69.31 -38.66 -75.24
C GLY O 236 68.13 -39.59 -75.13
N SER O 237 68.15 -40.51 -74.16
CA SER O 237 67.11 -41.52 -74.09
C SER O 237 66.99 -42.07 -72.68
N LEU O 238 65.85 -42.69 -72.41
CA LEU O 238 65.56 -43.27 -71.10
C LEU O 238 65.98 -44.73 -71.05
N GLY O 239 66.39 -45.17 -69.88
CA GLY O 239 66.83 -46.53 -69.68
C GLY O 239 65.76 -47.40 -69.03
N TYR O 240 65.73 -48.66 -69.42
CA TYR O 240 64.75 -49.61 -68.92
C TYR O 240 65.44 -50.89 -68.48
N VAL O 241 64.82 -51.58 -67.52
CA VAL O 241 65.25 -52.91 -67.13
C VAL O 241 64.13 -53.89 -67.49
N ALA O 242 64.51 -55.07 -67.92
CA ALA O 242 63.56 -56.07 -68.39
C ALA O 242 63.25 -57.06 -67.29
N THR O 243 62.04 -57.61 -67.32
CA THR O 243 61.60 -58.49 -66.24
C THR O 243 61.82 -59.95 -66.53
N GLY O 244 61.85 -60.34 -67.80
CA GLY O 244 61.90 -61.76 -68.11
C GLY O 244 60.74 -62.17 -69.00
N ALA O 245 59.79 -62.91 -68.44
CA ALA O 245 58.65 -63.37 -69.21
C ALA O 245 57.98 -62.20 -69.92
N ALA O 246 57.38 -62.49 -71.07
CA ALA O 246 56.78 -61.45 -71.91
C ALA O 246 55.65 -60.74 -71.18
N GLY O 247 54.59 -61.47 -70.86
CA GLY O 247 53.46 -60.85 -70.23
C GLY O 247 53.73 -60.44 -68.80
N ASP O 248 53.81 -61.39 -67.90
CA ASP O 248 53.91 -61.11 -66.48
C ASP O 248 55.37 -60.85 -66.09
N PHE O 249 55.64 -60.90 -64.78
CA PHE O 249 57.04 -60.90 -64.28
C PHE O 249 57.65 -62.29 -64.45
N ALA O 250 58.96 -62.43 -64.17
CA ALA O 250 59.63 -63.74 -64.36
C ALA O 250 59.04 -64.77 -63.39
N ALA O 251 58.68 -65.95 -63.90
CA ALA O 251 58.03 -66.98 -63.04
C ALA O 251 58.97 -67.52 -61.96
N VAL O 252 60.21 -67.90 -62.32
CA VAL O 252 61.10 -68.55 -61.32
C VAL O 252 61.46 -67.56 -60.21
N ASN O 253 61.85 -66.34 -60.57
CA ASN O 253 62.15 -65.30 -59.55
C ASN O 253 61.37 -64.05 -59.94
N ALA O 254 60.57 -63.51 -59.01
CA ALA O 254 59.71 -62.35 -59.33
C ALA O 254 59.97 -61.25 -58.30
N SER O 255 59.61 -60.01 -58.63
CA SER O 255 59.84 -58.87 -57.72
C SER O 255 61.34 -58.61 -57.61
N ASP O 256 62.17 -59.44 -58.26
CA ASP O 256 63.56 -59.04 -58.40
C ASP O 256 63.75 -58.06 -59.55
N ALA O 257 62.84 -58.08 -60.52
CA ALA O 257 62.85 -57.04 -61.55
C ALA O 257 62.51 -55.67 -60.96
N VAL O 258 61.87 -55.64 -59.80
CA VAL O 258 61.54 -54.35 -59.19
C VAL O 258 62.64 -53.88 -58.25
N VAL O 259 63.32 -54.79 -57.56
CA VAL O 259 64.37 -54.35 -56.65
C VAL O 259 65.60 -53.90 -57.41
N ASP O 260 65.81 -54.41 -58.62
CA ASP O 260 66.88 -53.86 -59.44
C ASP O 260 66.39 -52.74 -60.33
N LEU O 261 65.07 -52.58 -60.47
CA LEU O 261 64.55 -51.34 -61.02
C LEU O 261 64.84 -50.18 -60.08
N VAL O 262 64.72 -50.41 -58.77
CA VAL O 262 64.99 -49.36 -57.80
C VAL O 262 66.48 -49.06 -57.77
N TYR O 263 67.31 -50.10 -57.70
CA TYR O 263 68.75 -49.95 -57.54
C TYR O 263 69.48 -49.86 -58.87
N ALA O 264 68.79 -49.49 -59.94
CA ALA O 264 69.44 -49.15 -61.20
C ALA O 264 69.21 -47.69 -61.56
N LEU O 265 68.83 -46.87 -60.59
CA LEU O 265 68.49 -45.49 -60.86
C LEU O 265 69.50 -44.49 -60.34
N GLY O 266 70.36 -44.87 -59.41
CA GLY O 266 71.31 -43.91 -58.91
C GLY O 266 70.94 -43.50 -57.50
N ALA O 267 71.96 -43.27 -56.68
CA ALA O 267 71.71 -43.02 -55.27
C ALA O 267 71.05 -41.67 -55.03
N GLU O 268 71.25 -40.72 -55.93
CA GLU O 268 70.78 -39.37 -55.66
C GLU O 268 69.35 -39.15 -56.10
N TYR O 269 68.95 -39.68 -57.25
CA TYR O 269 67.56 -39.56 -57.65
C TYR O 269 66.67 -40.45 -56.79
N ARG O 270 67.22 -41.49 -56.17
CA ARG O 270 66.45 -42.34 -55.29
C ARG O 270 66.10 -41.66 -53.98
N ALA O 271 66.68 -40.51 -53.69
CA ALA O 271 66.36 -39.81 -52.45
C ALA O 271 64.88 -39.50 -52.37
N ASN O 272 64.33 -38.91 -53.43
CA ASN O 272 62.90 -38.68 -53.56
C ASN O 272 62.49 -39.12 -54.96
N ALA O 273 62.18 -40.40 -55.09
CA ALA O 273 61.67 -40.98 -56.32
C ALA O 273 60.36 -41.67 -56.00
N SER O 274 59.64 -42.05 -57.04
CA SER O 274 58.33 -42.65 -56.84
C SER O 274 57.94 -43.44 -58.06
N PHE O 275 57.26 -44.56 -57.83
CA PHE O 275 56.75 -45.37 -58.92
C PHE O 275 55.58 -44.68 -59.58
N VAL O 276 55.36 -44.98 -60.85
CA VAL O 276 54.22 -44.50 -61.59
C VAL O 276 53.60 -45.71 -62.25
N MET O 277 52.39 -46.08 -61.85
CA MET O 277 51.70 -47.22 -62.40
C MET O 277 50.22 -46.87 -62.51
N ASN O 278 49.47 -47.82 -63.07
CA ASN O 278 47.98 -47.71 -63.18
C ASN O 278 47.35 -48.66 -62.16
N SER O 279 46.08 -48.44 -61.84
CA SER O 279 45.37 -49.25 -60.85
C SER O 279 45.34 -50.71 -61.25
N LYS O 280 45.42 -51.01 -62.55
CA LYS O 280 45.43 -52.39 -62.97
C LYS O 280 46.79 -53.04 -62.69
N THR O 281 47.87 -52.28 -62.82
CA THR O 281 49.19 -52.80 -62.50
C THR O 281 49.42 -52.89 -61.00
N ALA O 282 49.02 -51.85 -60.26
CA ALA O 282 49.18 -51.86 -58.82
C ALA O 282 48.45 -53.04 -58.19
N GLY O 283 47.32 -53.45 -58.77
CA GLY O 283 46.69 -54.67 -58.34
C GLY O 283 47.49 -55.89 -58.74
N ALA O 284 48.07 -55.87 -59.94
CA ALA O 284 48.87 -57.00 -60.38
C ALA O 284 50.15 -57.12 -59.59
N VAL O 285 50.64 -56.02 -59.01
CA VAL O 285 51.81 -56.09 -58.15
C VAL O 285 51.42 -56.51 -56.74
N ARG O 286 50.34 -55.93 -56.22
CA ARG O 286 49.87 -56.30 -54.90
C ARG O 286 49.44 -57.74 -54.83
N LYS O 287 49.02 -58.31 -55.96
CA LYS O 287 48.61 -59.72 -56.00
C LYS O 287 49.79 -60.68 -56.02
N MET O 288 51.02 -60.19 -56.02
CA MET O 288 52.17 -61.07 -55.96
C MET O 288 52.32 -61.61 -54.54
N LYS O 289 52.55 -62.91 -54.44
CA LYS O 289 52.60 -63.58 -53.14
C LYS O 289 53.64 -64.68 -53.18
N ASP O 290 54.16 -65.03 -52.00
CA ASP O 290 55.23 -66.01 -51.88
C ASP O 290 54.66 -67.42 -51.89
N ALA O 291 55.52 -68.40 -51.69
CA ALA O 291 55.12 -69.79 -51.82
C ALA O 291 54.13 -70.25 -50.76
N ASP O 292 53.77 -69.41 -49.78
CA ASP O 292 52.77 -69.78 -48.79
C ASP O 292 51.38 -69.26 -49.13
N GLY O 293 51.29 -68.15 -49.85
CA GLY O 293 50.02 -67.56 -50.21
C GLY O 293 49.90 -66.12 -49.73
N ARG O 294 50.64 -65.76 -48.69
CA ARG O 294 50.65 -64.38 -48.22
C ARG O 294 51.38 -63.50 -49.21
N PHE O 295 50.80 -62.34 -49.52
CA PHE O 295 51.44 -61.42 -50.44
C PHE O 295 52.73 -60.86 -49.82
N LEU O 296 53.75 -60.73 -50.67
CA LEU O 296 55.11 -60.53 -50.19
C LEU O 296 55.44 -59.08 -49.87
N TRP O 297 54.79 -58.12 -50.50
CA TRP O 297 55.05 -56.74 -50.12
C TRP O 297 54.34 -56.42 -48.81
N ALA O 298 54.63 -55.25 -48.26
CA ALA O 298 53.99 -54.80 -47.03
C ALA O 298 52.94 -53.73 -47.32
N GLU O 305 47.52 -44.53 -47.19
CA GLU O 305 46.84 -43.76 -48.23
C GLU O 305 47.75 -43.12 -49.29
N PRO O 306 49.05 -42.94 -49.03
CA PRO O 306 49.96 -42.69 -50.17
C PRO O 306 50.24 -43.94 -50.98
N ALA O 307 49.98 -45.11 -50.41
CA ALA O 307 50.19 -46.38 -51.09
C ALA O 307 51.62 -46.52 -51.60
N ARG O 308 52.56 -46.48 -50.67
CA ARG O 308 53.96 -46.60 -51.05
C ARG O 308 54.36 -48.07 -51.21
N LEU O 309 55.32 -48.30 -52.09
CA LEU O 309 55.81 -49.64 -52.38
C LEU O 309 57.31 -49.69 -52.14
N MET O 310 57.76 -50.65 -51.33
CA MET O 310 59.17 -50.81 -51.01
C MET O 310 59.73 -49.54 -50.37
N GLY O 311 58.90 -48.79 -49.66
CA GLY O 311 59.30 -47.57 -49.03
C GLY O 311 59.14 -46.33 -49.90
N TYR O 312 59.25 -46.48 -51.15
CA TYR O 312 59.10 -45.36 -52.06
C TYR O 312 57.63 -45.13 -52.38
N PRO O 313 57.22 -43.88 -52.57
CA PRO O 313 55.81 -43.62 -52.87
C PRO O 313 55.43 -44.18 -54.23
N VAL O 314 54.13 -44.29 -54.45
CA VAL O 314 53.59 -44.74 -55.71
C VAL O 314 52.54 -43.74 -56.17
N LEU O 315 52.74 -43.16 -57.34
CA LEU O 315 51.74 -42.33 -57.97
C LEU O 315 50.89 -43.23 -58.85
N ILE O 316 49.64 -43.44 -58.46
CA ILE O 316 48.77 -44.30 -59.25
C ILE O 316 48.24 -43.46 -60.39
N ALA O 317 48.98 -43.41 -61.49
CA ALA O 317 48.46 -42.75 -62.67
C ALA O 317 47.40 -43.65 -63.29
N GLU O 318 46.78 -43.18 -64.36
CA GLU O 318 45.81 -44.01 -65.05
C GLU O 318 46.03 -43.96 -66.56
N ASP O 319 47.27 -43.70 -66.96
CA ASP O 319 47.56 -43.46 -68.35
C ASP O 319 48.76 -44.23 -68.86
N MET O 320 49.54 -44.86 -67.98
CA MET O 320 50.59 -45.73 -68.45
C MET O 320 50.01 -47.03 -68.98
N PRO O 321 50.70 -47.70 -69.90
CA PRO O 321 50.20 -48.99 -70.40
C PRO O 321 50.08 -50.00 -69.29
N ASP O 322 49.20 -50.98 -69.54
CA ASP O 322 48.96 -52.10 -68.59
C ASP O 322 50.06 -53.15 -68.80
N ILE O 323 49.97 -54.26 -68.09
CA ILE O 323 50.96 -55.33 -68.22
C ILE O 323 50.72 -56.00 -69.55
N ALA O 324 51.36 -55.50 -70.60
CA ALA O 324 51.21 -56.03 -71.94
C ALA O 324 52.50 -56.72 -72.36
N ALA O 325 52.57 -57.12 -73.63
CA ALA O 325 53.73 -57.86 -74.12
C ALA O 325 55.02 -57.10 -73.86
N ASN O 326 55.16 -55.91 -74.43
CA ASN O 326 56.38 -55.13 -74.29
C ASN O 326 56.08 -53.75 -73.75
N ALA O 327 55.12 -53.66 -72.85
CA ALA O 327 54.71 -52.39 -72.30
C ALA O 327 55.55 -52.01 -71.10
N TYR O 328 55.72 -50.71 -70.92
CA TYR O 328 56.48 -50.18 -69.80
C TYR O 328 55.48 -49.77 -68.72
N ALA O 329 54.95 -50.80 -68.05
CA ALA O 329 53.83 -50.58 -67.15
C ALA O 329 54.25 -49.93 -65.84
N ILE O 330 55.51 -50.03 -65.46
CA ILE O 330 56.00 -49.47 -64.21
C ILE O 330 57.17 -48.58 -64.52
N ALA O 331 57.10 -47.34 -64.07
CA ALA O 331 58.22 -46.41 -64.16
C ALA O 331 58.65 -46.04 -62.75
N PHE O 332 59.94 -45.76 -62.61
CA PHE O 332 60.50 -45.36 -61.33
C PHE O 332 61.51 -44.29 -61.62
N GLY O 333 61.42 -43.17 -60.92
CA GLY O 333 62.33 -42.09 -61.18
C GLY O 333 62.00 -40.89 -60.35
N ASP O 334 62.95 -39.97 -60.30
CA ASP O 334 62.78 -38.69 -59.63
C ASP O 334 62.26 -37.72 -60.66
N PHE O 335 60.94 -37.66 -60.81
CA PHE O 335 60.36 -36.76 -61.80
C PHE O 335 60.47 -35.31 -61.39
N GLY O 336 60.77 -35.02 -60.11
CA GLY O 336 61.07 -33.67 -59.71
C GLY O 336 62.23 -33.06 -60.46
N ASN O 337 63.12 -33.90 -60.99
CA ASN O 337 64.21 -33.45 -61.85
C ASN O 337 64.12 -33.97 -63.27
N GLY O 338 63.49 -35.12 -63.46
CA GLY O 338 63.41 -35.73 -64.77
C GLY O 338 62.43 -35.07 -65.71
N TYR O 339 61.30 -34.60 -65.19
CA TYR O 339 60.23 -34.03 -66.00
C TYR O 339 59.97 -32.60 -65.60
N THR O 340 60.04 -31.70 -66.58
CA THR O 340 59.82 -30.27 -66.37
C THR O 340 58.55 -29.84 -67.08
N ILE O 341 57.54 -29.44 -66.30
CA ILE O 341 56.26 -28.99 -66.82
C ILE O 341 56.28 -27.47 -66.90
N ALA O 342 55.97 -26.94 -68.07
CA ALA O 342 55.86 -25.50 -68.26
C ALA O 342 54.41 -25.15 -68.55
N GLU O 343 53.94 -24.05 -67.99
CA GLU O 343 52.54 -23.71 -68.13
C GLU O 343 52.32 -22.26 -67.72
N ARG O 344 51.13 -21.75 -68.05
CA ARG O 344 50.61 -20.50 -67.50
C ARG O 344 49.57 -20.88 -66.46
N PRO O 345 49.80 -20.63 -65.21
CA PRO O 345 49.00 -21.24 -64.14
C PRO O 345 47.62 -20.60 -63.94
N ASP O 346 46.92 -20.38 -65.04
CA ASP O 346 45.57 -19.85 -64.99
C ASP O 346 44.75 -20.48 -66.09
N LEU O 347 43.44 -20.35 -65.96
CA LEU O 347 42.49 -20.84 -66.95
C LEU O 347 41.73 -19.64 -67.48
N ARG O 348 41.92 -19.34 -68.76
CA ARG O 348 41.29 -18.19 -69.39
C ARG O 348 40.01 -18.64 -70.06
N VAL O 349 38.87 -18.17 -69.56
CA VAL O 349 37.57 -18.45 -70.14
C VAL O 349 37.14 -17.23 -70.93
N LEU O 350 36.29 -17.45 -71.93
CA LEU O 350 35.72 -16.37 -72.74
C LEU O 350 34.31 -16.78 -73.12
N ARG O 351 33.31 -16.26 -72.42
CA ARG O 351 31.94 -16.55 -72.77
C ARG O 351 31.55 -15.73 -74.00
N ASP O 352 31.01 -16.40 -75.00
CA ASP O 352 30.85 -15.84 -76.34
C ASP O 352 29.39 -15.95 -76.73
N PRO O 353 28.55 -15.06 -76.21
CA PRO O 353 27.10 -15.20 -76.45
C PRO O 353 26.71 -14.87 -77.87
N PHE O 354 27.69 -14.60 -78.73
CA PHE O 354 27.45 -14.02 -80.04
C PHE O 354 27.51 -15.03 -81.18
N SER O 355 28.45 -15.98 -81.15
CA SER O 355 28.61 -16.89 -82.27
C SER O 355 27.35 -17.71 -82.49
N ALA O 356 27.02 -18.59 -81.54
CA ALA O 356 25.76 -19.32 -81.57
C ALA O 356 24.76 -18.53 -80.73
N LYS O 357 23.85 -17.82 -81.38
CA LYS O 357 23.19 -16.71 -80.71
C LYS O 357 22.35 -17.16 -79.51
N PRO O 358 21.41 -18.08 -79.62
CA PRO O 358 20.63 -18.48 -78.45
C PRO O 358 21.39 -19.29 -77.42
N HIS O 359 22.70 -19.46 -77.58
CA HIS O 359 23.56 -20.18 -76.65
C HIS O 359 24.64 -19.23 -76.13
N VAL O 360 25.61 -19.77 -75.38
CA VAL O 360 26.64 -18.96 -74.74
C VAL O 360 28.04 -19.35 -75.18
N LEU O 361 28.34 -20.63 -75.32
CA LEU O 361 29.57 -21.09 -75.95
C LEU O 361 30.81 -20.61 -75.19
N PHE O 362 30.96 -21.14 -73.97
CA PHE O 362 32.12 -20.83 -73.14
C PHE O 362 33.38 -21.40 -73.77
N TYR O 363 34.34 -20.55 -74.09
CA TYR O 363 35.59 -20.99 -74.71
C TYR O 363 36.71 -20.82 -73.71
N ALA O 364 37.24 -21.94 -73.21
CA ALA O 364 38.27 -21.95 -72.19
C ALA O 364 39.50 -22.69 -72.69
N SER O 365 40.67 -22.19 -72.35
CA SER O 365 41.91 -22.79 -72.81
C SER O 365 43.06 -22.40 -71.89
N LYS O 366 43.79 -23.39 -71.41
CA LYS O 366 45.04 -23.15 -70.70
C LYS O 366 46.20 -23.68 -71.53
N ARG O 367 47.39 -23.15 -71.27
CA ARG O 367 48.58 -23.51 -72.01
C ARG O 367 49.53 -24.28 -71.10
N VAL O 368 50.06 -25.39 -71.59
CA VAL O 368 50.91 -26.24 -70.78
C VAL O 368 51.70 -27.14 -71.72
N GLY O 369 52.97 -27.38 -71.36
CA GLY O 369 53.82 -28.28 -72.13
C GLY O 369 54.96 -28.76 -71.28
N GLY O 370 55.64 -29.80 -71.75
CA GLY O 370 56.77 -30.31 -71.00
C GLY O 370 57.29 -31.66 -71.42
N ASP O 371 58.61 -31.86 -71.39
CA ASP O 371 59.19 -33.16 -71.69
C ASP O 371 60.22 -33.55 -70.64
N VAL O 372 60.93 -34.65 -70.89
CA VAL O 372 61.97 -35.11 -69.97
C VAL O 372 63.16 -34.18 -70.03
N SER O 373 63.52 -33.60 -68.89
CA SER O 373 64.67 -32.70 -68.80
C SER O 373 65.95 -33.44 -68.44
N ASP O 374 65.91 -34.29 -67.42
CA ASP O 374 67.07 -35.06 -66.98
C ASP O 374 66.78 -36.53 -67.26
N PHE O 375 67.39 -37.05 -68.32
CA PHE O 375 67.11 -38.41 -68.77
C PHE O 375 67.65 -39.47 -67.82
N ALA O 376 68.60 -39.13 -66.97
CA ALA O 376 69.13 -40.09 -66.02
C ALA O 376 68.28 -40.22 -64.78
N ALA O 377 67.18 -39.48 -64.69
CA ALA O 377 66.37 -39.44 -63.50
C ALA O 377 65.09 -40.24 -63.61
N ILE O 378 64.87 -40.94 -64.72
CA ILE O 378 63.67 -41.73 -64.92
C ILE O 378 64.10 -43.07 -65.48
N LYS O 379 63.74 -44.15 -64.81
CA LYS O 379 64.00 -45.49 -65.28
C LYS O 379 62.68 -46.20 -65.49
N LEU O 380 62.68 -47.19 -66.37
CA LEU O 380 61.46 -47.89 -66.75
C LEU O 380 61.61 -49.36 -66.46
N LEU O 381 60.48 -50.05 -66.39
CA LEU O 381 60.44 -51.50 -66.19
C LEU O 381 59.74 -52.10 -67.40
N LYS O 382 60.52 -52.44 -68.42
CA LYS O 382 59.96 -53.09 -69.58
C LYS O 382 59.73 -54.56 -69.28
N PHE O 383 58.70 -55.11 -69.90
CA PHE O 383 58.32 -56.51 -69.68
C PHE O 383 58.74 -57.41 -70.83
N ALA O 384 59.87 -57.12 -71.46
CA ALA O 384 60.21 -57.89 -72.65
C ALA O 384 60.91 -59.20 -72.33
N ALA O 385 62.11 -59.12 -71.74
CA ALA O 385 62.96 -60.30 -71.61
C ALA O 385 64.24 -59.97 -70.84
N ALA P 89 18.98 -51.76 16.39
CA ALA P 89 20.32 -51.18 16.36
C ALA P 89 21.36 -52.26 16.08
N LEU P 90 20.92 -53.51 16.21
CA LEU P 90 21.81 -54.66 16.13
C LEU P 90 22.15 -54.88 14.66
N ASN P 91 22.66 -56.06 14.33
CA ASN P 91 23.14 -56.37 12.98
C ASN P 91 22.20 -55.86 11.88
N SER P 92 22.80 -55.38 10.79
CA SER P 92 22.06 -55.00 9.60
C SER P 92 21.79 -56.17 8.68
N ALA P 93 21.88 -57.39 9.20
CA ALA P 93 21.62 -58.57 8.38
C ALA P 93 20.14 -58.89 8.34
N VAL P 94 19.53 -59.08 9.49
CA VAL P 94 18.09 -59.31 9.55
C VAL P 94 17.40 -57.96 9.49
N ALA P 95 16.28 -57.91 8.77
CA ALA P 95 15.62 -56.63 8.59
C ALA P 95 14.94 -56.14 9.85
N ALA P 96 14.49 -57.06 10.71
CA ALA P 96 13.74 -56.66 11.88
C ALA P 96 14.62 -55.95 12.89
N GLU P 97 15.77 -56.53 13.19
CA GLU P 97 16.66 -56.00 14.23
C GLU P 97 17.70 -55.06 13.64
N GLY P 98 17.23 -54.06 12.92
CA GLY P 98 18.08 -53.00 12.42
C GLY P 98 18.31 -53.03 10.93
N GLY P 99 17.96 -54.10 10.24
CA GLY P 99 18.17 -54.13 8.81
C GLY P 99 17.24 -53.25 8.02
N TYR P 100 16.27 -52.60 8.66
CA TYR P 100 15.38 -51.67 7.99
C TYR P 100 15.97 -50.29 7.85
N LEU P 101 17.13 -50.05 8.45
CA LEU P 101 17.71 -48.72 8.57
C LEU P 101 18.81 -48.48 7.56
N VAL P 102 19.00 -49.39 6.61
CA VAL P 102 20.19 -49.36 5.77
C VAL P 102 19.97 -48.56 4.49
N ASP P 103 18.82 -48.74 3.83
CA ASP P 103 18.47 -47.91 2.68
C ASP P 103 19.53 -47.97 1.59
N PRO P 104 19.58 -49.04 0.80
CA PRO P 104 20.58 -49.13 -0.27
C PRO P 104 20.55 -47.91 -1.18
N GLN P 105 21.68 -47.64 -1.81
CA GLN P 105 21.82 -46.52 -2.73
C GLN P 105 21.70 -47.03 -4.16
N THR P 106 21.10 -46.21 -5.03
CA THR P 106 20.92 -46.55 -6.42
C THR P 106 21.87 -45.75 -7.29
N SER P 107 22.08 -46.23 -8.52
CA SER P 107 23.06 -45.63 -9.40
C SER P 107 22.65 -44.20 -9.78
N GLU P 108 23.64 -43.41 -10.16
CA GLU P 108 23.38 -42.00 -10.48
C GLU P 108 22.54 -41.87 -11.73
N THR P 109 22.76 -42.75 -12.70
CA THR P 109 21.99 -42.78 -13.93
C THR P 109 21.44 -44.19 -14.12
N ILE P 110 20.60 -44.35 -15.13
CA ILE P 110 20.09 -45.66 -15.49
C ILE P 110 20.82 -46.15 -16.73
N ARG P 111 21.56 -47.24 -16.58
CA ARG P 111 22.43 -47.76 -17.61
C ARG P 111 21.61 -48.61 -18.58
N GLY P 112 22.29 -49.24 -19.52
CA GLY P 112 21.61 -50.08 -20.47
C GLY P 112 22.58 -50.93 -21.25
N VAL P 113 22.04 -51.97 -21.89
CA VAL P 113 22.85 -52.78 -22.78
C VAL P 113 23.32 -51.90 -23.92
N LEU P 114 24.59 -52.00 -24.26
CA LEU P 114 25.24 -51.07 -25.16
C LEU P 114 25.25 -51.73 -26.54
N ARG P 115 24.31 -51.32 -27.39
CA ARG P 115 24.13 -51.91 -28.71
C ARG P 115 24.92 -51.14 -29.76
N SER P 116 25.15 -51.80 -30.89
CA SER P 116 26.11 -51.30 -31.87
C SER P 116 25.62 -50.01 -32.51
N THR P 117 26.53 -49.04 -32.60
CA THR P 117 26.23 -47.75 -33.22
C THR P 117 26.96 -47.53 -34.53
N ALA P 118 27.64 -48.54 -35.06
CA ALA P 118 28.25 -48.42 -36.38
C ALA P 118 27.12 -48.30 -37.38
N SER P 119 26.89 -47.09 -37.87
CA SER P 119 25.63 -46.75 -38.51
C SER P 119 25.75 -46.25 -39.93
N LEU P 120 26.95 -46.13 -40.48
CA LEU P 120 27.19 -45.66 -41.84
C LEU P 120 26.84 -44.18 -41.96
N ARG P 121 26.30 -43.58 -40.91
CA ARG P 121 26.03 -42.14 -40.92
C ARG P 121 27.32 -41.35 -40.83
N GLN P 122 28.36 -41.94 -40.25
CA GLN P 122 29.63 -41.25 -40.12
C GLN P 122 30.43 -41.25 -41.40
N ILE P 123 30.24 -42.25 -42.26
CA ILE P 123 31.01 -42.33 -43.50
C ILE P 123 30.22 -41.93 -44.72
N ALA P 124 28.93 -41.69 -44.60
CA ALA P 124 28.14 -41.21 -45.72
C ALA P 124 28.08 -39.69 -45.71
N SER P 125 27.36 -39.12 -46.67
CA SER P 125 27.21 -37.67 -46.77
C SER P 125 25.85 -37.31 -46.20
N VAL P 126 25.84 -36.77 -44.99
CA VAL P 126 24.62 -36.39 -44.31
C VAL P 126 24.31 -34.94 -44.63
N VAL P 127 23.11 -34.68 -45.16
CA VAL P 127 22.70 -33.33 -45.55
C VAL P 127 21.38 -33.02 -44.88
N ASN P 128 21.37 -32.03 -44.01
CA ASN P 128 20.15 -31.59 -43.36
C ASN P 128 19.27 -30.89 -44.38
N VAL P 129 18.05 -31.39 -44.57
CA VAL P 129 17.08 -30.80 -45.49
C VAL P 129 15.73 -30.69 -44.81
N GLU P 130 15.14 -29.50 -44.88
CA GLU P 130 13.82 -29.26 -44.32
C GLU P 130 12.77 -29.24 -45.43
N ALA P 131 12.60 -30.38 -46.08
CA ALA P 131 11.61 -30.52 -47.15
C ALA P 131 11.20 -31.98 -47.26
N THR P 132 10.46 -32.31 -48.30
CA THR P 132 9.93 -33.66 -48.45
C THR P 132 10.89 -34.61 -49.12
N SER P 133 11.90 -34.10 -49.81
CA SER P 133 12.82 -34.95 -50.55
C SER P 133 14.09 -34.16 -50.81
N PHE P 134 15.14 -34.89 -51.13
CA PHE P 134 16.41 -34.31 -51.51
C PHE P 134 16.72 -34.75 -52.92
N ASP P 135 17.13 -33.82 -53.77
CA ASP P 135 17.39 -34.10 -55.18
C ASP P 135 18.88 -33.92 -55.42
N VAL P 136 19.62 -35.02 -55.37
CA VAL P 136 21.05 -34.97 -55.59
C VAL P 136 21.32 -34.90 -57.08
N LEU P 137 22.13 -33.94 -57.49
CA LEU P 137 22.40 -33.68 -58.90
C LEU P 137 23.86 -34.02 -59.19
N VAL P 138 24.08 -35.10 -59.92
CA VAL P 138 25.43 -35.56 -60.22
C VAL P 138 25.69 -35.45 -61.70
N ASP P 139 26.96 -35.53 -62.06
CA ASP P 139 27.38 -35.63 -63.44
C ASP P 139 27.79 -37.08 -63.70
N LYS P 140 27.22 -37.67 -64.73
CA LYS P 140 27.50 -39.06 -65.01
C LYS P 140 28.51 -39.25 -66.14
N THR P 141 28.89 -38.20 -66.85
CA THR P 141 29.99 -38.23 -67.81
C THR P 141 30.84 -36.99 -67.60
N ASP P 142 31.79 -36.77 -68.51
CA ASP P 142 32.70 -35.64 -68.44
C ASP P 142 32.73 -34.93 -69.79
N MET P 143 33.52 -33.85 -69.86
CA MET P 143 33.58 -33.01 -71.04
C MET P 143 34.59 -33.54 -72.04
N GLY P 144 34.89 -32.74 -73.04
CA GLY P 144 35.91 -33.08 -74.01
C GLY P 144 36.88 -31.94 -74.21
N SER P 145 38.15 -32.29 -74.37
CA SER P 145 39.23 -31.33 -74.54
C SER P 145 39.84 -31.50 -75.93
N GLY P 146 40.53 -30.46 -76.38
CA GLY P 146 40.92 -30.42 -77.76
C GLY P 146 42.38 -30.62 -78.12
N TRP P 147 43.30 -30.10 -77.32
CA TRP P 147 44.67 -29.90 -77.75
C TRP P 147 44.68 -29.12 -79.07
N ALA P 148 44.18 -27.89 -78.97
CA ALA P 148 43.94 -27.08 -80.13
C ALA P 148 45.23 -26.77 -80.87
N SER P 149 45.13 -26.73 -82.20
CA SER P 149 46.23 -26.30 -83.04
C SER P 149 46.37 -24.79 -82.93
N GLU P 150 47.39 -24.25 -83.61
CA GLU P 150 47.64 -22.81 -83.54
C GLU P 150 46.55 -22.03 -84.27
N THR P 151 46.25 -22.43 -85.51
CA THR P 151 45.38 -21.65 -86.36
C THR P 151 44.42 -22.53 -87.14
N ALA P 152 44.02 -23.66 -86.57
CA ALA P 152 43.22 -24.59 -87.38
C ALA P 152 41.73 -24.33 -87.24
N ALA P 153 41.17 -24.54 -86.05
CA ALA P 153 39.74 -24.39 -85.80
C ALA P 153 39.52 -24.81 -84.35
N LEU P 154 38.26 -24.69 -83.92
CA LEU P 154 37.83 -25.32 -82.67
C LEU P 154 36.32 -25.47 -82.69
N SER P 155 35.84 -26.63 -82.29
CA SER P 155 34.45 -27.04 -82.50
C SER P 155 33.72 -27.22 -81.18
N GLU P 156 32.50 -27.74 -81.26
CA GLU P 156 31.68 -27.99 -80.08
C GLU P 156 32.16 -29.24 -79.38
N THR P 157 32.54 -29.10 -78.12
CA THR P 157 32.96 -30.22 -77.30
C THR P 157 31.82 -30.64 -76.38
N ALA P 158 31.89 -31.90 -75.94
CA ALA P 158 30.82 -32.46 -75.14
C ALA P 158 30.63 -31.69 -73.84
N THR P 159 29.49 -31.90 -73.20
CA THR P 159 29.11 -31.23 -71.98
C THR P 159 28.44 -32.30 -71.14
N PRO P 160 28.78 -32.43 -69.86
CA PRO P 160 28.39 -33.62 -69.11
C PRO P 160 26.88 -33.77 -68.99
N GLN P 161 26.38 -34.95 -69.34
CA GLN P 161 24.98 -35.25 -69.09
C GLN P 161 24.77 -35.53 -67.62
N ILE P 162 23.57 -35.21 -67.14
CA ILE P 162 23.32 -35.06 -65.72
C ILE P 162 22.21 -36.00 -65.28
N ASP P 163 22.38 -36.60 -64.10
CA ASP P 163 21.38 -37.43 -63.46
C ASP P 163 20.88 -36.72 -62.22
N ARG P 164 19.61 -36.91 -61.90
CA ARG P 164 19.01 -36.37 -60.68
C ARG P 164 18.43 -37.52 -59.88
N ILE P 165 18.70 -37.53 -58.57
CA ILE P 165 18.34 -38.63 -57.69
C ILE P 165 17.49 -38.08 -56.55
N THR P 166 16.34 -38.68 -56.31
CA THR P 166 15.35 -38.16 -55.36
C THR P 166 15.37 -38.99 -54.08
N ILE P 167 15.76 -38.36 -52.99
CA ILE P 167 15.78 -38.95 -51.66
C ILE P 167 14.43 -38.77 -50.98
N PRO P 168 13.59 -39.79 -50.90
CA PRO P 168 12.21 -39.58 -50.45
C PRO P 168 12.05 -39.11 -49.01
N LEU P 169 13.08 -39.22 -48.18
CA LEU P 169 13.05 -38.67 -46.82
C LEU P 169 11.87 -39.21 -46.00
N HIS P 170 11.89 -40.52 -45.75
CA HIS P 170 10.83 -41.17 -45.00
C HIS P 170 10.92 -40.81 -43.52
N GLU P 171 9.95 -41.30 -42.77
CA GLU P 171 9.78 -40.93 -41.37
C GLU P 171 9.87 -42.17 -40.49
N LEU P 172 10.39 -41.97 -39.29
CA LEU P 172 10.62 -43.05 -38.33
C LEU P 172 9.99 -42.64 -37.00
N ALA P 173 9.05 -43.45 -36.51
CA ALA P 173 8.24 -43.03 -35.37
C ALA P 173 8.20 -44.09 -34.29
N ALA P 174 8.23 -43.64 -33.05
CA ALA P 174 8.10 -44.50 -31.88
C ALA P 174 7.24 -43.80 -30.85
N MET P 175 6.44 -44.55 -30.11
CA MET P 175 5.52 -43.99 -29.13
C MET P 175 5.47 -44.83 -27.86
N PRO P 176 6.46 -44.69 -27.00
CA PRO P 176 6.41 -45.38 -25.71
C PRO P 176 5.42 -44.70 -24.78
N LYS P 177 4.74 -45.49 -23.97
CA LYS P 177 3.73 -44.99 -23.05
C LYS P 177 4.25 -45.14 -21.62
N ALA P 178 4.45 -44.01 -20.95
CA ALA P 178 4.88 -44.01 -19.56
C ALA P 178 3.74 -43.58 -18.66
N SER P 179 3.76 -44.06 -17.43
CA SER P 179 2.74 -43.71 -16.46
C SER P 179 2.98 -42.31 -15.92
N GLN P 180 1.90 -41.62 -15.58
CA GLN P 180 2.04 -40.26 -15.07
C GLN P 180 2.52 -40.24 -13.64
N ARG P 181 2.13 -41.22 -12.83
CA ARG P 181 2.63 -41.27 -11.47
C ARG P 181 4.12 -41.57 -11.45
N LEU P 182 4.59 -42.40 -12.38
CA LEU P 182 6.00 -42.76 -12.41
C LEU P 182 6.87 -41.54 -12.66
N LEU P 183 6.49 -40.72 -13.63
CA LEU P 183 7.31 -39.57 -14.03
C LEU P 183 7.60 -38.63 -12.87
N ASP P 184 6.83 -38.70 -11.78
CA ASP P 184 7.01 -37.81 -10.65
C ASP P 184 7.40 -38.54 -9.37
N ASP P 185 7.57 -39.86 -9.43
CA ASP P 185 7.94 -40.65 -8.26
C ASP P 185 9.28 -41.35 -8.44
N SER P 186 10.01 -41.02 -9.51
CA SER P 186 11.05 -41.88 -10.06
C SER P 186 12.29 -41.05 -10.39
N ALA P 187 12.90 -40.43 -9.39
CA ALA P 187 13.86 -39.35 -9.54
C ALA P 187 14.79 -39.46 -10.75
N PHE P 188 15.09 -40.67 -11.23
CA PHE P 188 15.71 -40.80 -12.54
C PHE P 188 14.89 -40.07 -13.59
N ASP P 189 15.52 -39.14 -14.30
CA ASP P 189 14.75 -38.32 -15.21
C ASP P 189 14.25 -39.18 -16.37
N ILE P 190 13.03 -39.69 -16.23
CA ILE P 190 12.51 -40.64 -17.21
C ILE P 190 12.24 -39.96 -18.53
N GLU P 191 11.66 -38.76 -18.50
CA GLU P 191 11.27 -38.11 -19.74
C GLU P 191 12.47 -37.85 -20.63
N THR P 192 13.65 -37.63 -20.04
CA THR P 192 14.85 -37.48 -20.86
C THR P 192 15.54 -38.81 -21.10
N TRP P 193 15.25 -39.83 -20.31
CA TRP P 193 15.83 -41.14 -20.57
C TRP P 193 15.16 -41.81 -21.76
N LEU P 194 13.85 -41.64 -21.90
CA LEU P 194 13.18 -42.11 -23.11
C LEU P 194 13.72 -41.38 -24.33
N ALA P 195 14.01 -40.08 -24.20
CA ALA P 195 14.50 -39.33 -25.34
C ALA P 195 15.92 -39.74 -25.69
N ASN P 196 16.75 -40.05 -24.69
CA ASN P 196 18.09 -40.54 -24.97
C ASN P 196 18.05 -41.96 -25.50
N ARG P 197 17.03 -42.72 -25.14
CA ARG P 197 16.91 -44.11 -25.54
C ARG P 197 16.26 -44.28 -26.91
N ILE P 198 15.27 -43.46 -27.24
CA ILE P 198 14.66 -43.52 -28.56
C ILE P 198 15.68 -43.14 -29.63
N ALA P 199 16.43 -42.07 -29.39
CA ALA P 199 17.45 -41.67 -30.35
C ALA P 199 18.46 -42.78 -30.58
N ASP P 200 18.69 -43.62 -29.56
CA ASP P 200 19.55 -44.78 -29.74
C ASP P 200 18.91 -45.79 -30.69
N LYS P 201 17.62 -46.07 -30.49
CA LYS P 201 16.92 -46.99 -31.38
C LYS P 201 16.84 -46.44 -32.79
N PHE P 202 16.67 -45.13 -32.94
CA PHE P 202 16.59 -44.55 -34.27
C PHE P 202 17.94 -44.62 -34.98
N ALA P 203 19.02 -44.27 -34.28
CA ALA P 203 20.35 -44.40 -34.87
C ALA P 203 20.68 -45.84 -35.23
N ARG P 204 19.97 -46.80 -34.66
CA ARG P 204 20.18 -48.21 -34.98
C ARG P 204 19.17 -48.73 -35.97
N ALA P 205 17.97 -48.15 -36.02
CA ALA P 205 17.00 -48.55 -37.03
C ALA P 205 17.28 -47.88 -38.37
N GLU P 206 17.73 -46.62 -38.34
CA GLU P 206 18.15 -45.97 -39.57
C GLU P 206 19.44 -46.54 -40.11
N ALA P 207 20.22 -47.24 -39.28
CA ALA P 207 21.45 -47.84 -39.78
C ALA P 207 21.18 -49.09 -40.60
N ALA P 208 20.21 -49.90 -40.18
CA ALA P 208 19.87 -51.09 -40.95
C ALA P 208 19.18 -50.76 -42.25
N ALA P 209 18.55 -49.59 -42.34
CA ALA P 209 17.89 -49.18 -43.57
C ALA P 209 18.89 -48.70 -44.60
N PHE P 210 19.96 -48.04 -44.17
CA PHE P 210 20.97 -47.53 -45.09
C PHE P 210 21.76 -48.63 -45.77
N ILE P 211 21.57 -49.88 -45.38
CA ILE P 211 22.37 -50.99 -45.86
C ILE P 211 21.52 -51.95 -46.69
N SER P 212 20.40 -52.40 -46.14
CA SER P 212 19.56 -53.38 -46.82
C SER P 212 18.13 -52.92 -46.93
N GLY P 213 17.83 -51.67 -46.59
CA GLY P 213 16.46 -51.21 -46.64
C GLY P 213 15.93 -51.13 -48.05
N ASP P 214 14.65 -51.42 -48.20
CA ASP P 214 13.97 -51.25 -49.47
C ASP P 214 13.49 -49.80 -49.58
N GLY P 215 12.65 -49.52 -50.57
CA GLY P 215 12.23 -48.15 -50.79
C GLY P 215 11.04 -47.73 -49.98
N VAL P 216 10.23 -48.68 -49.55
CA VAL P 216 8.94 -48.38 -48.95
C VAL P 216 9.15 -47.89 -47.52
N ASP P 217 8.84 -46.61 -47.28
CA ASP P 217 8.80 -46.02 -45.96
C ASP P 217 10.14 -46.07 -45.23
N LYS P 218 11.23 -46.32 -45.96
CA LYS P 218 12.55 -46.39 -45.32
C LYS P 218 13.60 -46.18 -46.39
N PRO P 219 14.78 -45.67 -46.02
CA PRO P 219 15.84 -45.46 -47.01
C PRO P 219 16.18 -46.76 -47.72
N THR P 220 16.69 -46.63 -48.93
CA THR P 220 17.10 -47.79 -49.72
C THR P 220 18.59 -47.97 -49.56
N GLY P 221 19.00 -49.12 -49.03
CA GLY P 221 20.41 -49.38 -48.86
C GLY P 221 21.08 -49.63 -50.18
N PHE P 222 22.41 -49.65 -50.15
CA PHE P 222 23.13 -49.88 -51.39
C PHE P 222 23.06 -51.32 -51.85
N LEU P 223 22.58 -52.23 -51.01
CA LEU P 223 22.49 -53.64 -51.41
C LEU P 223 21.30 -53.92 -52.30
N THR P 224 20.25 -53.11 -52.24
CA THR P 224 19.10 -53.24 -53.12
C THR P 224 19.20 -52.26 -54.29
N LYS P 225 20.28 -52.36 -55.06
CA LYS P 225 20.55 -51.39 -56.12
C LYS P 225 20.97 -52.09 -57.42
N THR P 226 20.21 -53.09 -57.82
CA THR P 226 20.37 -53.79 -59.10
C THR P 226 21.83 -54.03 -59.45
N LYS P 227 22.49 -54.83 -58.61
CA LYS P 227 23.92 -55.08 -58.77
C LYS P 227 24.23 -55.69 -60.12
N VAL P 228 25.39 -55.36 -60.68
CA VAL P 228 25.82 -55.86 -61.97
C VAL P 228 27.28 -56.26 -61.87
N ALA P 229 27.65 -57.34 -62.55
CA ALA P 229 29.03 -57.80 -62.52
C ALA P 229 29.95 -56.72 -63.09
N ASN P 230 31.01 -56.44 -62.35
CA ASN P 230 31.91 -55.36 -62.75
C ASN P 230 32.58 -55.70 -64.07
N GLY P 231 32.82 -54.67 -64.87
CA GLY P 231 33.35 -54.84 -66.21
C GLY P 231 32.25 -54.60 -67.22
N ALA P 232 31.10 -55.21 -66.97
CA ALA P 232 29.87 -54.84 -67.67
C ALA P 232 29.08 -53.83 -66.86
N TRP P 233 29.71 -52.73 -66.48
CA TRP P 233 29.15 -51.81 -65.50
C TRP P 233 28.59 -50.58 -66.18
N ALA P 234 27.29 -50.36 -66.04
CA ALA P 234 26.63 -49.14 -66.48
C ALA P 234 26.46 -48.20 -65.29
N TRP P 235 25.78 -47.07 -65.50
CA TRP P 235 25.68 -46.07 -64.45
C TRP P 235 24.61 -46.43 -63.42
N GLY P 236 23.46 -46.90 -63.84
CA GLY P 236 22.38 -47.09 -62.90
C GLY P 236 22.45 -48.37 -62.12
N SER P 237 23.64 -48.76 -61.67
CA SER P 237 23.81 -50.03 -60.97
C SER P 237 25.13 -50.03 -60.23
N LEU P 238 25.21 -50.88 -59.21
CA LEU P 238 26.43 -51.06 -58.43
C LEU P 238 27.21 -52.27 -58.92
N GLY P 239 28.48 -52.05 -59.23
CA GLY P 239 29.31 -53.13 -59.71
C GLY P 239 29.79 -54.01 -58.59
N TYR P 240 29.92 -55.30 -58.88
CA TYR P 240 30.41 -56.26 -57.90
C TYR P 240 31.43 -57.17 -58.55
N VAL P 241 32.21 -57.83 -57.70
CA VAL P 241 33.14 -58.84 -58.17
C VAL P 241 32.83 -60.15 -57.47
N ALA P 242 33.04 -61.25 -58.17
CA ALA P 242 32.70 -62.57 -57.65
C ALA P 242 33.94 -63.24 -57.09
N THR P 243 33.78 -63.88 -55.94
CA THR P 243 34.94 -64.46 -55.25
C THR P 243 35.40 -65.76 -55.89
N GLY P 244 34.49 -66.55 -56.43
CA GLY P 244 34.84 -67.89 -56.83
C GLY P 244 33.92 -68.92 -56.23
N ALA P 245 34.43 -69.73 -55.31
CA ALA P 245 33.63 -70.75 -54.66
C ALA P 245 32.33 -70.15 -54.13
N ALA P 246 31.30 -70.99 -54.04
CA ALA P 246 29.96 -70.49 -53.78
C ALA P 246 29.81 -69.94 -52.37
N GLY P 247 30.09 -70.76 -51.37
CA GLY P 247 29.88 -70.29 -50.01
C GLY P 247 30.93 -69.30 -49.55
N ASP P 248 32.14 -69.78 -49.36
CA ASP P 248 33.23 -69.00 -48.80
C ASP P 248 34.04 -68.34 -49.93
N PHE P 249 35.21 -67.84 -49.58
CA PHE P 249 36.07 -67.20 -50.57
C PHE P 249 36.59 -68.24 -51.57
N ALA P 250 37.44 -67.80 -52.48
CA ALA P 250 37.98 -68.69 -53.48
C ALA P 250 38.76 -69.82 -52.83
N ALA P 251 38.98 -70.89 -53.59
CA ALA P 251 39.63 -72.06 -53.04
C ALA P 251 41.14 -72.00 -53.17
N VAL P 252 41.65 -71.53 -54.31
CA VAL P 252 43.09 -71.55 -54.56
C VAL P 252 43.67 -70.16 -54.28
N ASN P 253 43.27 -69.19 -55.07
CA ASN P 253 43.79 -67.83 -54.94
C ASN P 253 42.82 -66.98 -54.11
N ALA P 254 42.66 -67.38 -52.85
CA ALA P 254 41.88 -66.57 -51.92
C ALA P 254 42.60 -65.25 -51.67
N SER P 255 41.87 -64.31 -51.07
CA SER P 255 42.37 -62.97 -50.79
C SER P 255 42.77 -62.22 -52.05
N ASP P 256 42.41 -62.73 -53.23
CA ASP P 256 42.53 -61.96 -54.45
C ASP P 256 41.22 -61.31 -54.85
N ALA P 257 40.10 -61.94 -54.51
CA ALA P 257 38.83 -61.26 -54.69
C ALA P 257 38.68 -60.06 -53.79
N VAL P 258 39.46 -59.98 -52.71
CA VAL P 258 39.42 -58.81 -51.86
C VAL P 258 40.28 -57.70 -52.44
N VAL P 259 41.45 -58.05 -52.98
CA VAL P 259 42.35 -57.02 -53.49
C VAL P 259 41.89 -56.52 -54.84
N ASP P 260 41.33 -57.39 -55.69
CA ASP P 260 40.81 -56.87 -56.95
C ASP P 260 39.58 -56.02 -56.72
N LEU P 261 38.78 -56.36 -55.72
CA LEU P 261 37.69 -55.47 -55.32
C LEU P 261 38.22 -54.10 -54.89
N VAL P 262 39.40 -54.06 -54.28
CA VAL P 262 39.95 -52.78 -53.89
C VAL P 262 40.41 -52.00 -55.11
N TYR P 263 41.13 -52.65 -56.01
CA TYR P 263 41.67 -52.01 -57.19
C TYR P 263 40.73 -52.09 -58.39
N ALA P 264 39.44 -52.31 -58.15
CA ALA P 264 38.41 -52.19 -59.16
C ALA P 264 37.46 -51.06 -58.83
N LEU P 265 37.94 -50.05 -58.12
CA LEU P 265 37.07 -49.02 -57.58
C LEU P 265 37.40 -47.61 -58.05
N GLY P 266 38.54 -47.41 -58.71
CA GLY P 266 38.90 -46.08 -59.13
C GLY P 266 39.84 -45.41 -58.15
N ALA P 267 40.89 -44.78 -58.67
CA ALA P 267 41.94 -44.27 -57.80
C ALA P 267 41.43 -43.16 -56.89
N GLU P 268 40.45 -42.38 -57.36
CA GLU P 268 40.06 -41.21 -56.59
C GLU P 268 39.13 -41.55 -55.44
N TYR P 269 38.29 -42.56 -55.59
CA TYR P 269 37.47 -42.98 -54.47
C TYR P 269 38.27 -43.76 -53.44
N ARG P 270 39.30 -44.48 -53.89
CA ARG P 270 40.14 -45.24 -52.98
C ARG P 270 40.91 -44.34 -52.03
N ALA P 271 41.00 -43.05 -52.31
CA ALA P 271 41.71 -42.16 -51.40
C ALA P 271 41.08 -42.17 -50.02
N ASN P 272 39.76 -42.12 -49.95
CA ASN P 272 39.03 -42.25 -48.69
C ASN P 272 37.88 -43.22 -48.93
N ALA P 273 38.15 -44.51 -48.75
CA ALA P 273 37.16 -45.56 -48.88
C ALA P 273 37.27 -46.47 -47.68
N SER P 274 36.29 -47.35 -47.50
CA SER P 274 36.30 -48.23 -46.34
C SER P 274 35.48 -49.48 -46.63
N PHE P 275 35.85 -50.57 -45.98
CA PHE P 275 35.07 -51.79 -46.07
C PHE P 275 33.88 -51.71 -45.13
N VAL P 276 32.85 -52.48 -45.44
CA VAL P 276 31.67 -52.60 -44.60
C VAL P 276 31.35 -54.08 -44.48
N MET P 277 31.42 -54.60 -43.26
CA MET P 277 31.12 -56.00 -43.01
C MET P 277 30.35 -56.10 -41.70
N ASN P 278 29.86 -57.29 -41.39
CA ASN P 278 29.29 -57.54 -40.08
C ASN P 278 30.24 -58.40 -39.27
N SER P 279 30.00 -58.44 -37.96
CA SER P 279 30.94 -59.07 -37.05
C SER P 279 31.23 -60.51 -37.46
N LYS P 280 30.21 -61.26 -37.85
CA LYS P 280 30.42 -62.64 -38.23
C LYS P 280 31.05 -62.79 -39.60
N THR P 281 31.34 -61.68 -40.28
CA THR P 281 32.09 -61.70 -41.54
C THR P 281 33.53 -61.25 -41.37
N ALA P 282 33.77 -60.19 -40.61
CA ALA P 282 35.14 -59.79 -40.31
C ALA P 282 35.88 -60.90 -39.60
N GLY P 283 35.16 -61.70 -38.80
CA GLY P 283 35.78 -62.87 -38.20
C GLY P 283 36.20 -63.88 -39.25
N ALA P 284 35.36 -64.10 -40.25
CA ALA P 284 35.72 -65.05 -41.30
C ALA P 284 36.90 -64.55 -42.12
N VAL P 285 37.11 -63.24 -42.18
CA VAL P 285 38.28 -62.71 -42.86
C VAL P 285 39.49 -62.72 -41.93
N ARG P 286 39.29 -62.40 -40.65
CA ARG P 286 40.38 -62.50 -39.70
C ARG P 286 40.87 -63.93 -39.57
N LYS P 287 39.99 -64.91 -39.77
CA LYS P 287 40.37 -66.32 -39.74
C LYS P 287 41.07 -66.79 -41.00
N MET P 288 41.16 -65.95 -42.03
CA MET P 288 41.87 -66.37 -43.24
C MET P 288 43.35 -66.44 -42.95
N LYS P 289 43.95 -67.60 -43.25
CA LYS P 289 45.34 -67.85 -42.92
C LYS P 289 46.03 -68.52 -44.10
N ASP P 290 47.34 -68.30 -44.20
CA ASP P 290 48.12 -68.79 -45.33
C ASP P 290 48.37 -70.29 -45.17
N ALA P 291 49.22 -70.85 -46.04
CA ALA P 291 49.46 -72.28 -46.04
C ALA P 291 50.21 -72.76 -44.82
N ASP P 292 50.65 -71.87 -43.93
CA ASP P 292 51.42 -72.27 -42.76
C ASP P 292 50.65 -72.18 -41.45
N GLY P 293 49.53 -71.46 -41.42
CA GLY P 293 48.72 -71.39 -40.23
C GLY P 293 48.70 -70.04 -39.57
N ARG P 294 49.43 -69.07 -40.11
CA ARG P 294 49.48 -67.72 -39.57
C ARG P 294 48.61 -66.83 -40.45
N PHE P 295 47.61 -66.20 -39.85
CA PHE P 295 46.67 -65.42 -40.64
C PHE P 295 47.38 -64.29 -41.38
N LEU P 296 46.99 -64.12 -42.66
CA LEU P 296 47.75 -63.31 -43.60
C LEU P 296 47.44 -61.82 -43.53
N TRP P 297 46.33 -61.42 -42.92
CA TRP P 297 46.10 -60.00 -42.72
C TRP P 297 46.87 -59.51 -41.49
N ALA P 298 47.00 -58.19 -41.37
CA ALA P 298 47.65 -57.60 -40.20
C ALA P 298 46.64 -56.86 -39.33
N GLU P 305 41.39 -49.98 -32.57
CA GLU P 305 40.00 -49.55 -32.53
C GLU P 305 39.35 -49.48 -33.92
N PRO P 306 39.98 -48.80 -34.90
CA PRO P 306 39.34 -48.75 -36.23
C PRO P 306 39.27 -50.11 -36.90
N ALA P 307 40.21 -51.00 -36.61
CA ALA P 307 40.25 -52.34 -37.16
C ALA P 307 40.25 -52.29 -38.69
N ARG P 308 41.30 -51.69 -39.23
CA ARG P 308 41.39 -51.56 -40.67
C ARG P 308 41.86 -52.86 -41.30
N LEU P 309 41.53 -53.02 -42.58
CA LEU P 309 41.91 -54.19 -43.36
C LEU P 309 42.62 -53.72 -44.60
N MET P 310 43.80 -54.30 -44.86
CA MET P 310 44.61 -53.94 -46.02
C MET P 310 44.87 -52.44 -46.07
N GLY P 311 44.91 -51.80 -44.91
CA GLY P 311 45.12 -50.38 -44.82
C GLY P 311 43.89 -49.53 -44.94
N TYR P 312 42.84 -50.03 -45.56
CA TYR P 312 41.63 -49.22 -45.66
C TYR P 312 40.72 -49.48 -44.46
N PRO P 313 40.10 -48.43 -43.92
CA PRO P 313 39.26 -48.59 -42.73
C PRO P 313 38.18 -49.63 -42.94
N VAL P 314 37.64 -50.13 -41.84
CA VAL P 314 36.56 -51.11 -41.87
C VAL P 314 35.48 -50.66 -40.92
N LEU P 315 34.28 -50.46 -41.44
CA LEU P 315 33.11 -50.14 -40.62
C LEU P 315 32.35 -51.44 -40.41
N ILE P 316 32.47 -52.00 -39.21
CA ILE P 316 31.81 -53.26 -38.92
C ILE P 316 30.34 -52.95 -38.70
N ALA P 317 29.53 -53.10 -39.73
CA ALA P 317 28.09 -52.97 -39.59
C ALA P 317 27.56 -54.21 -38.87
N GLU P 318 26.25 -54.28 -38.71
CA GLU P 318 25.64 -55.48 -38.18
C GLU P 318 24.43 -55.90 -38.99
N ASP P 319 24.28 -55.33 -40.18
CA ASP P 319 23.11 -55.54 -41.01
C ASP P 319 23.47 -56.05 -42.40
N MET P 320 24.74 -56.01 -42.77
CA MET P 320 25.14 -56.60 -44.02
C MET P 320 25.03 -58.11 -43.91
N PRO P 321 24.59 -58.79 -44.97
CA PRO P 321 24.37 -60.22 -44.87
C PRO P 321 25.67 -60.98 -44.67
N ASP P 322 25.57 -62.06 -43.91
CA ASP P 322 26.70 -62.93 -43.63
C ASP P 322 27.12 -63.66 -44.90
N ILE P 323 28.09 -64.56 -44.76
CA ILE P 323 28.68 -65.20 -45.92
C ILE P 323 27.72 -66.30 -46.38
N ALA P 324 26.81 -65.94 -47.26
CA ALA P 324 25.83 -66.86 -47.80
C ALA P 324 26.23 -67.29 -49.20
N ALA P 325 25.32 -68.00 -49.89
CA ALA P 325 25.65 -68.55 -51.20
C ALA P 325 25.96 -67.45 -52.20
N ASN P 326 25.08 -66.44 -52.30
CA ASN P 326 25.27 -65.35 -53.24
C ASN P 326 25.13 -64.00 -52.58
N ALA P 327 25.35 -63.91 -51.27
CA ALA P 327 25.17 -62.66 -50.57
C ALA P 327 26.39 -61.77 -50.76
N TYR P 328 26.16 -60.47 -50.67
CA TYR P 328 27.22 -59.48 -50.81
C TYR P 328 27.66 -59.09 -49.41
N ALA P 329 28.49 -59.94 -48.83
CA ALA P 329 28.84 -59.76 -47.43
C ALA P 329 29.77 -58.59 -47.22
N ILE P 330 30.64 -58.29 -48.18
CA ILE P 330 31.63 -57.24 -48.05
C ILE P 330 31.39 -56.21 -49.13
N ALA P 331 31.27 -54.95 -48.73
CA ALA P 331 31.21 -53.83 -49.64
C ALA P 331 32.34 -52.88 -49.32
N PHE P 332 32.82 -52.18 -50.34
CA PHE P 332 33.96 -51.29 -50.19
C PHE P 332 33.78 -50.15 -51.16
N GLY P 333 33.95 -48.94 -50.66
CA GLY P 333 33.80 -47.78 -51.51
C GLY P 333 33.82 -46.51 -50.69
N ASP P 334 33.91 -45.40 -51.41
CA ASP P 334 33.90 -44.08 -50.81
C ASP P 334 32.46 -43.71 -50.56
N PHE P 335 31.96 -44.04 -49.37
CA PHE P 335 30.58 -43.72 -49.08
C PHE P 335 30.35 -42.25 -48.81
N GLY P 336 31.42 -41.50 -48.56
CA GLY P 336 31.27 -40.05 -48.44
C GLY P 336 30.68 -39.43 -49.68
N ASN P 337 30.94 -40.03 -50.83
CA ASN P 337 30.37 -39.59 -52.09
C ASN P 337 29.28 -40.50 -52.60
N GLY P 338 29.37 -41.80 -52.31
CA GLY P 338 28.44 -42.76 -52.87
C GLY P 338 27.07 -42.75 -52.24
N TYR P 339 27.00 -42.57 -50.92
CA TYR P 339 25.74 -42.65 -50.21
C TYR P 339 25.43 -41.30 -49.56
N THR P 340 24.21 -40.82 -49.77
CA THR P 340 23.76 -39.55 -49.25
C THR P 340 22.63 -39.78 -48.26
N ILE P 341 22.72 -39.14 -47.09
CA ILE P 341 21.69 -39.23 -46.08
C ILE P 341 21.06 -37.85 -45.91
N ALA P 342 19.75 -37.78 -46.04
CA ALA P 342 19.00 -36.55 -45.85
C ALA P 342 18.16 -36.69 -44.60
N GLU P 343 18.25 -35.72 -43.71
CA GLU P 343 17.65 -35.84 -42.39
C GLU P 343 17.31 -34.47 -41.85
N ARG P 344 16.56 -34.46 -40.75
CA ARG P 344 16.36 -33.29 -39.93
C ARG P 344 16.96 -33.57 -38.57
N PRO P 345 17.91 -32.81 -38.11
CA PRO P 345 18.72 -33.20 -36.94
C PRO P 345 18.04 -32.96 -35.60
N ASP P 346 16.79 -33.37 -35.49
CA ASP P 346 16.09 -33.29 -34.22
C ASP P 346 15.12 -34.44 -34.11
N LEU P 347 14.77 -34.77 -32.87
CA LEU P 347 13.86 -35.86 -32.57
C LEU P 347 12.62 -35.22 -31.95
N ARG P 348 11.67 -34.89 -32.80
CA ARG P 348 10.46 -34.16 -32.39
C ARG P 348 9.65 -35.02 -31.44
N VAL P 349 9.61 -34.64 -30.17
CA VAL P 349 8.84 -35.36 -29.16
C VAL P 349 7.55 -34.63 -28.92
N LEU P 350 6.46 -35.37 -28.70
CA LEU P 350 5.16 -34.81 -28.40
C LEU P 350 4.56 -35.62 -27.26
N ARG P 351 4.58 -35.08 -26.05
CA ARG P 351 4.01 -35.78 -24.91
C ARG P 351 2.51 -35.52 -24.88
N ASP P 352 1.73 -36.61 -24.84
CA ASP P 352 0.30 -36.59 -25.08
C ASP P 352 -0.41 -37.13 -23.85
N PRO P 353 -0.61 -36.31 -22.83
CA PRO P 353 -1.31 -36.76 -21.62
C PRO P 353 -2.81 -36.90 -21.78
N PHE P 354 -3.32 -36.87 -22.99
CA PHE P 354 -4.75 -36.82 -23.26
C PHE P 354 -5.34 -38.12 -23.78
N SER P 355 -4.61 -38.85 -24.64
CA SER P 355 -5.20 -40.02 -25.28
C SER P 355 -5.45 -41.13 -24.27
N ALA P 356 -4.39 -41.67 -23.68
CA ALA P 356 -4.49 -42.57 -22.55
C ALA P 356 -4.31 -41.72 -21.31
N LYS P 357 -5.40 -41.48 -20.58
CA LYS P 357 -5.42 -40.31 -19.70
C LYS P 357 -4.41 -40.41 -18.56
N PRO P 358 -4.42 -41.44 -17.71
CA PRO P 358 -3.43 -41.49 -16.63
C PRO P 358 -2.02 -41.82 -17.08
N HIS P 359 -1.76 -41.86 -18.38
CA HIS P 359 -0.45 -42.09 -18.95
C HIS P 359 -0.01 -40.85 -19.73
N VAL P 360 1.17 -40.91 -20.33
CA VAL P 360 1.77 -39.76 -20.99
C VAL P 360 1.99 -39.99 -22.48
N LEU P 361 2.38 -41.20 -22.88
CA LEU P 361 2.33 -41.60 -24.29
C LEU P 361 3.21 -40.69 -25.15
N PHE P 362 4.52 -40.73 -24.87
CA PHE P 362 5.48 -39.90 -25.58
C PHE P 362 5.53 -40.29 -27.04
N TYR P 363 5.24 -39.37 -27.94
CA TYR P 363 5.31 -39.64 -29.37
C TYR P 363 6.49 -38.89 -29.94
N ALA P 364 7.48 -39.64 -30.42
CA ALA P 364 8.70 -39.08 -30.98
C ALA P 364 8.91 -39.62 -32.38
N SER P 365 9.44 -38.80 -33.27
CA SER P 365 9.64 -39.24 -34.65
C SER P 365 10.69 -38.38 -35.32
N LYS P 366 11.83 -38.98 -35.64
CA LYS P 366 12.81 -38.37 -36.53
C LYS P 366 12.60 -38.93 -37.93
N ARG P 367 12.73 -38.07 -38.93
CA ARG P 367 12.51 -38.45 -40.31
C ARG P 367 13.81 -38.34 -41.09
N VAL P 368 14.14 -39.39 -41.83
CA VAL P 368 15.44 -39.53 -42.46
C VAL P 368 15.26 -40.39 -43.71
N GLY P 369 16.03 -40.07 -44.76
CA GLY P 369 16.03 -40.87 -45.96
C GLY P 369 17.38 -40.78 -46.65
N GLY P 370 17.59 -41.68 -47.61
CA GLY P 370 18.82 -41.63 -48.40
C GLY P 370 19.11 -42.85 -49.23
N ASP P 371 19.64 -42.68 -50.43
CA ASP P 371 20.09 -43.83 -51.23
C ASP P 371 21.42 -43.48 -51.87
N VAL P 372 21.88 -44.38 -52.73
CA VAL P 372 23.18 -44.22 -53.39
C VAL P 372 23.11 -43.06 -54.36
N SER P 373 23.90 -42.03 -54.11
CA SER P 373 23.95 -40.86 -54.97
C SER P 373 25.04 -40.94 -56.03
N ASP P 374 26.09 -41.74 -55.80
CA ASP P 374 27.16 -41.94 -56.76
C ASP P 374 27.37 -43.43 -56.93
N PHE P 375 26.92 -43.97 -58.06
CA PHE P 375 26.97 -45.41 -58.27
C PHE P 375 28.37 -45.92 -58.54
N ALA P 376 29.33 -45.04 -58.82
CA ALA P 376 30.69 -45.46 -59.07
C ALA P 376 31.53 -45.57 -57.81
N ALA P 377 30.99 -45.18 -56.67
CA ALA P 377 31.77 -45.09 -55.44
C ALA P 377 31.52 -46.23 -54.48
N ILE P 378 30.86 -47.29 -54.92
CA ILE P 378 30.59 -48.45 -54.08
C ILE P 378 30.75 -49.70 -54.92
N LYS P 379 31.59 -50.63 -54.47
CA LYS P 379 31.72 -51.95 -55.09
C LYS P 379 31.34 -53.01 -54.07
N LEU P 380 30.95 -54.18 -54.57
CA LEU P 380 30.45 -55.25 -53.74
C LEU P 380 31.24 -56.53 -53.99
N LEU P 381 31.15 -57.45 -53.05
CA LEU P 381 31.82 -58.74 -53.12
C LEU P 381 30.76 -59.83 -53.09
N LYS P 382 30.34 -60.28 -54.27
CA LYS P 382 29.41 -61.39 -54.37
C LYS P 382 30.18 -62.69 -54.35
N PHE P 383 29.59 -63.71 -53.72
CA PHE P 383 30.28 -64.98 -53.53
C PHE P 383 29.80 -66.04 -54.53
N ALA P 384 29.44 -65.65 -55.74
CA ALA P 384 28.83 -66.63 -56.65
C ALA P 384 29.88 -67.47 -57.37
N ALA P 385 30.67 -66.84 -58.22
CA ALA P 385 31.57 -67.56 -59.13
C ALA P 385 32.39 -66.58 -59.95
N ALA Q 89 25.19 -29.31 -69.11
CA ALA Q 89 24.96 -27.88 -69.19
C ALA Q 89 24.52 -27.50 -70.58
N LEU Q 90 23.96 -28.45 -71.29
CA LEU Q 90 23.49 -28.23 -72.63
C LEU Q 90 22.08 -27.63 -72.53
N ASN Q 91 21.30 -27.70 -73.61
CA ASN Q 91 19.94 -27.17 -73.62
C ASN Q 91 19.15 -27.59 -72.39
N SER Q 92 18.26 -26.71 -71.94
CA SER Q 92 17.38 -26.97 -70.80
C SER Q 92 16.11 -27.70 -71.19
N ALA Q 93 16.09 -28.36 -72.34
CA ALA Q 93 14.89 -29.01 -72.82
C ALA Q 93 14.83 -30.47 -72.40
N VAL Q 94 15.83 -31.24 -72.73
CA VAL Q 94 15.91 -32.65 -72.35
C VAL Q 94 16.51 -32.74 -70.95
N ALA Q 95 15.90 -33.58 -70.12
CA ALA Q 95 16.30 -33.66 -68.72
C ALA Q 95 17.73 -34.14 -68.58
N ALA Q 96 18.14 -35.08 -69.42
CA ALA Q 96 19.47 -35.66 -69.27
C ALA Q 96 20.56 -34.64 -69.54
N GLU Q 97 20.42 -33.85 -70.61
CA GLU Q 97 21.45 -32.92 -71.02
C GLU Q 97 21.20 -31.54 -70.43
N GLY Q 98 21.07 -31.50 -69.10
CA GLY Q 98 20.99 -30.25 -68.40
C GLY Q 98 19.60 -29.74 -68.10
N GLY Q 99 18.57 -30.52 -68.40
CA GLY Q 99 17.22 -30.13 -68.08
C GLY Q 99 16.78 -30.48 -66.70
N TYR Q 100 17.62 -31.14 -65.92
CA TYR Q 100 17.34 -31.47 -64.54
C TYR Q 100 17.64 -30.33 -63.59
N LEU Q 101 18.17 -29.22 -64.10
CA LEU Q 101 18.77 -28.17 -63.27
C LEU Q 101 17.91 -26.91 -63.22
N VAL Q 102 16.59 -27.02 -63.32
CA VAL Q 102 15.73 -25.89 -63.61
C VAL Q 102 14.76 -25.59 -62.47
N ASP Q 103 14.16 -26.61 -61.86
CA ASP Q 103 13.34 -26.41 -60.66
C ASP Q 103 12.22 -25.38 -60.84
N PRO Q 104 11.09 -25.77 -61.43
CA PRO Q 104 9.99 -24.82 -61.62
C PRO Q 104 9.64 -24.04 -60.36
N GLN Q 105 9.10 -22.84 -60.56
CA GLN Q 105 8.77 -21.95 -59.46
C GLN Q 105 7.30 -22.09 -59.08
N THR Q 106 7.04 -22.41 -57.82
CA THR Q 106 5.67 -22.52 -57.34
C THR Q 106 5.12 -21.13 -57.03
N SER Q 107 3.79 -21.05 -57.04
CA SER Q 107 3.13 -19.78 -56.78
C SER Q 107 3.41 -19.32 -55.35
N GLU Q 108 3.07 -18.06 -55.09
CA GLU Q 108 3.27 -17.53 -53.74
C GLU Q 108 2.24 -18.09 -52.77
N THR Q 109 0.97 -18.10 -53.18
CA THR Q 109 -0.11 -18.64 -52.37
C THR Q 109 -0.90 -19.64 -53.20
N ILE Q 110 -1.53 -20.59 -52.51
CA ILE Q 110 -2.31 -21.61 -53.20
C ILE Q 110 -3.70 -21.08 -53.49
N ARG Q 111 -3.98 -20.83 -54.78
CA ARG Q 111 -5.25 -20.29 -55.21
C ARG Q 111 -6.33 -21.35 -55.08
N GLY Q 112 -7.56 -20.97 -55.42
CA GLY Q 112 -8.65 -21.91 -55.32
C GLY Q 112 -9.79 -21.52 -56.22
N VAL Q 113 -10.68 -22.49 -56.47
CA VAL Q 113 -11.88 -22.21 -57.23
C VAL Q 113 -12.72 -21.22 -56.46
N LEU Q 114 -13.22 -20.21 -57.15
CA LEU Q 114 -13.83 -19.05 -56.53
C LEU Q 114 -15.34 -19.24 -56.52
N ARG Q 115 -15.92 -19.31 -55.33
CA ARG Q 115 -17.33 -19.64 -55.14
C ARG Q 115 -18.10 -18.43 -54.64
N SER Q 116 -19.42 -18.50 -54.75
CA SER Q 116 -20.28 -17.34 -54.52
C SER Q 116 -20.30 -16.98 -53.05
N THR Q 117 -19.91 -15.75 -52.73
CA THR Q 117 -19.96 -15.24 -51.37
C THR Q 117 -21.15 -14.31 -51.12
N ALA Q 118 -22.07 -14.20 -52.07
CA ALA Q 118 -23.30 -13.44 -51.83
C ALA Q 118 -24.09 -14.17 -50.76
N SER Q 119 -24.08 -13.64 -49.55
CA SER Q 119 -24.43 -14.43 -48.38
C SER Q 119 -25.69 -14.00 -47.67
N LEU Q 120 -26.31 -12.89 -48.06
CA LEU Q 120 -27.41 -12.25 -47.35
C LEU Q 120 -26.95 -11.74 -46.00
N ARG Q 121 -25.68 -11.90 -45.67
CA ARG Q 121 -25.14 -11.35 -44.43
C ARG Q 121 -24.86 -9.87 -44.55
N GLN Q 122 -24.62 -9.38 -45.76
CA GLN Q 122 -24.29 -7.98 -45.95
C GLN Q 122 -25.52 -7.10 -46.10
N ILE Q 123 -26.71 -7.68 -46.17
CA ILE Q 123 -27.95 -6.91 -46.21
C ILE Q 123 -28.80 -7.12 -44.98
N ALA Q 124 -28.39 -7.98 -44.06
CA ALA Q 124 -29.12 -8.22 -42.83
C ALA Q 124 -28.41 -7.52 -41.68
N SER Q 125 -29.01 -7.60 -40.49
CA SER Q 125 -28.48 -6.93 -39.30
C SER Q 125 -27.66 -7.94 -38.50
N VAL Q 126 -26.34 -7.82 -38.60
CA VAL Q 126 -25.43 -8.66 -37.85
C VAL Q 126 -25.25 -8.07 -36.46
N VAL Q 127 -25.48 -8.89 -35.43
CA VAL Q 127 -25.36 -8.46 -34.05
C VAL Q 127 -24.46 -9.46 -33.34
N ASN Q 128 -23.26 -9.02 -32.93
CA ASN Q 128 -22.38 -9.89 -32.17
C ASN Q 128 -23.00 -10.18 -30.82
N VAL Q 129 -23.21 -11.45 -30.51
CA VAL Q 129 -23.83 -11.86 -29.25
C VAL Q 129 -23.04 -13.04 -28.69
N GLU Q 130 -22.52 -12.88 -27.48
CA GLU Q 130 -21.79 -13.94 -26.80
C GLU Q 130 -22.70 -14.58 -25.74
N ALA Q 131 -23.67 -15.33 -26.22
CA ALA Q 131 -24.64 -15.96 -25.34
C ALA Q 131 -25.20 -17.18 -26.05
N THR Q 132 -26.21 -17.79 -25.44
CA THR Q 132 -26.84 -18.95 -26.05
C THR Q 132 -28.00 -18.57 -26.94
N SER Q 133 -28.47 -17.33 -26.89
CA SER Q 133 -29.65 -16.93 -27.62
C SER Q 133 -29.65 -15.42 -27.77
N PHE Q 134 -30.55 -14.95 -28.62
CA PHE Q 134 -30.75 -13.52 -28.84
C PHE Q 134 -32.24 -13.29 -28.94
N ASP Q 135 -32.74 -12.27 -28.25
CA ASP Q 135 -34.18 -12.01 -28.21
C ASP Q 135 -34.44 -10.62 -28.76
N VAL Q 136 -34.81 -10.54 -30.04
CA VAL Q 136 -35.28 -9.27 -30.58
C VAL Q 136 -36.68 -9.00 -30.05
N LEU Q 137 -36.97 -7.73 -29.78
CA LEU Q 137 -38.25 -7.33 -29.21
C LEU Q 137 -38.92 -6.35 -30.16
N VAL Q 138 -39.81 -6.85 -31.00
CA VAL Q 138 -40.46 -6.03 -31.99
C VAL Q 138 -41.84 -5.64 -31.47
N ASP Q 139 -42.46 -4.67 -32.11
CA ASP Q 139 -43.81 -4.22 -31.79
C ASP Q 139 -44.70 -4.59 -32.97
N LYS Q 140 -45.51 -5.62 -32.81
CA LYS Q 140 -46.35 -6.08 -33.89
C LYS Q 140 -47.59 -5.21 -34.11
N THR Q 141 -47.76 -4.14 -33.33
CA THR Q 141 -48.88 -3.23 -33.51
C THR Q 141 -48.37 -1.81 -33.31
N ASP Q 142 -49.29 -0.85 -33.18
CA ASP Q 142 -48.92 0.53 -32.91
C ASP Q 142 -49.97 1.16 -32.02
N MET Q 143 -49.75 2.41 -31.67
CA MET Q 143 -50.59 3.13 -30.71
C MET Q 143 -51.80 3.71 -31.43
N GLY Q 144 -52.54 4.57 -30.73
CA GLY Q 144 -53.67 5.25 -31.34
C GLY Q 144 -53.77 6.69 -30.90
N SER Q 145 -54.04 7.58 -31.86
CA SER Q 145 -54.11 9.01 -31.60
C SER Q 145 -55.55 9.49 -31.70
N GLY Q 146 -55.80 10.67 -31.15
CA GLY Q 146 -57.16 11.13 -31.01
C GLY Q 146 -57.62 12.32 -31.83
N TRP Q 147 -56.73 13.29 -32.07
CA TRP Q 147 -57.14 14.62 -32.50
C TRP Q 147 -58.14 15.20 -31.51
N ALA Q 148 -57.66 15.38 -30.29
CA ALA Q 148 -58.54 15.73 -29.18
C ALA Q 148 -59.18 17.10 -29.42
N SER Q 149 -60.40 17.25 -28.92
CA SER Q 149 -61.12 18.51 -29.05
C SER Q 149 -60.66 19.46 -27.96
N GLU Q 150 -61.30 20.63 -27.88
CA GLU Q 150 -60.97 21.57 -26.81
C GLU Q 150 -61.50 21.07 -25.48
N THR Q 151 -62.73 20.58 -25.47
CA THR Q 151 -63.35 19.97 -24.29
C THR Q 151 -63.92 18.61 -24.72
N ALA Q 152 -63.13 17.56 -24.52
CA ALA Q 152 -63.52 16.24 -24.98
C ALA Q 152 -63.37 15.14 -23.95
N ALA Q 153 -62.84 15.43 -22.76
CA ALA Q 153 -62.59 14.40 -21.75
C ALA Q 153 -61.79 13.25 -22.34
N LEU Q 154 -60.55 13.57 -22.70
CA LEU Q 154 -59.65 12.63 -23.34
C LEU Q 154 -59.56 11.34 -22.55
N SER Q 155 -59.72 10.21 -23.24
CA SER Q 155 -59.73 8.91 -22.59
C SER Q 155 -58.45 8.14 -22.93
N GLU Q 156 -58.32 6.95 -22.36
CA GLU Q 156 -57.14 6.12 -22.56
C GLU Q 156 -57.10 5.56 -23.98
N THR Q 157 -55.89 5.34 -24.47
CA THR Q 157 -55.67 4.88 -25.84
C THR Q 157 -54.91 3.57 -25.81
N ALA Q 158 -54.82 2.93 -26.97
CA ALA Q 158 -54.16 1.64 -27.08
C ALA Q 158 -52.64 1.82 -27.02
N THR Q 159 -51.95 0.67 -26.96
CA THR Q 159 -50.51 0.61 -26.80
C THR Q 159 -50.00 -0.50 -27.71
N PRO Q 160 -48.74 -0.45 -28.13
CA PRO Q 160 -48.24 -1.52 -29.01
C PRO Q 160 -48.02 -2.80 -28.23
N GLN Q 161 -48.39 -3.92 -28.83
CA GLN Q 161 -48.12 -5.20 -28.19
C GLN Q 161 -46.84 -5.79 -28.75
N ILE Q 162 -46.14 -6.52 -27.90
CA ILE Q 162 -44.73 -6.84 -28.08
C ILE Q 162 -44.58 -8.30 -28.46
N ASP Q 163 -43.46 -8.61 -29.10
CA ASP Q 163 -43.13 -9.97 -29.50
C ASP Q 163 -41.66 -10.21 -29.23
N ARG Q 164 -41.33 -11.39 -28.74
CA ARG Q 164 -39.96 -11.78 -28.45
C ARG Q 164 -39.60 -12.97 -29.32
N ILE Q 165 -38.60 -12.79 -30.18
CA ILE Q 165 -38.16 -13.82 -31.11
C ILE Q 165 -36.79 -14.30 -30.64
N THR Q 166 -36.67 -15.59 -30.36
CA THR Q 166 -35.45 -16.16 -29.81
C THR Q 166 -34.55 -16.66 -30.92
N ILE Q 167 -33.39 -16.03 -31.08
CA ILE Q 167 -32.38 -16.46 -32.04
C ILE Q 167 -31.52 -17.54 -31.40
N PRO Q 168 -31.69 -18.81 -31.77
CA PRO Q 168 -31.05 -19.87 -30.98
C PRO Q 168 -29.54 -19.87 -31.03
N LEU Q 169 -28.92 -19.29 -32.06
CA LEU Q 169 -27.46 -19.19 -32.15
C LEU Q 169 -26.80 -20.56 -32.09
N HIS Q 170 -27.05 -21.37 -33.12
CA HIS Q 170 -26.48 -22.69 -33.21
C HIS Q 170 -25.00 -22.61 -33.54
N GLU Q 171 -24.37 -23.78 -33.69
CA GLU Q 171 -22.95 -23.85 -34.00
C GLU Q 171 -22.74 -24.49 -35.36
N LEU Q 172 -21.69 -24.05 -36.04
CA LEU Q 172 -21.27 -24.60 -37.32
C LEU Q 172 -19.82 -25.01 -37.17
N ALA Q 173 -19.54 -26.30 -37.31
CA ALA Q 173 -18.23 -26.84 -36.98
C ALA Q 173 -17.70 -27.70 -38.11
N ALA Q 174 -16.40 -27.56 -38.38
CA ALA Q 174 -15.69 -28.36 -39.36
C ALA Q 174 -14.37 -28.81 -38.76
N MET Q 175 -13.90 -29.98 -39.19
CA MET Q 175 -12.69 -30.59 -38.65
C MET Q 175 -11.87 -31.24 -39.74
N PRO Q 176 -11.11 -30.46 -40.50
CA PRO Q 176 -10.27 -31.05 -41.55
C PRO Q 176 -9.00 -31.64 -40.99
N LYS Q 177 -8.61 -32.78 -41.53
CA LYS Q 177 -7.43 -33.51 -41.09
C LYS Q 177 -6.27 -33.23 -42.02
N ALA Q 178 -5.11 -32.91 -41.45
CA ALA Q 178 -3.91 -32.68 -42.23
C ALA Q 178 -2.79 -33.54 -41.69
N SER Q 179 -1.95 -34.06 -42.57
CA SER Q 179 -0.85 -34.94 -42.17
C SER Q 179 0.32 -34.11 -41.68
N GLN Q 180 0.85 -34.46 -40.51
CA GLN Q 180 1.97 -33.71 -39.96
C GLN Q 180 3.19 -33.78 -40.87
N ARG Q 181 3.34 -34.88 -41.61
CA ARG Q 181 4.40 -34.94 -42.60
C ARG Q 181 4.21 -33.91 -43.70
N LEU Q 182 2.99 -33.39 -43.87
CA LEU Q 182 2.78 -32.32 -44.82
C LEU Q 182 3.15 -30.97 -44.24
N LEU Q 183 2.61 -30.64 -43.07
CA LEU Q 183 2.81 -29.34 -42.45
C LEU Q 183 4.28 -28.98 -42.24
N ASP Q 184 5.19 -29.92 -42.47
CA ASP Q 184 6.61 -29.63 -42.37
C ASP Q 184 7.26 -29.38 -43.72
N ASP Q 185 6.82 -30.09 -44.75
CA ASP Q 185 7.48 -30.07 -46.05
C ASP Q 185 6.70 -29.27 -47.07
N SER Q 186 5.95 -28.28 -46.61
CA SER Q 186 4.85 -27.68 -47.39
C SER Q 186 4.90 -26.17 -47.28
N ALA Q 187 5.99 -25.56 -47.75
CA ALA Q 187 6.31 -24.15 -47.50
C ALA Q 187 5.11 -23.19 -47.48
N PHE Q 188 4.00 -23.56 -48.12
CA PHE Q 188 2.77 -22.80 -47.95
C PHE Q 188 2.29 -22.85 -46.51
N ASP Q 189 1.80 -21.73 -46.00
CA ASP Q 189 1.33 -21.71 -44.63
C ASP Q 189 0.00 -22.46 -44.55
N ILE Q 190 0.07 -23.78 -44.44
CA ILE Q 190 -1.14 -24.60 -44.50
C ILE Q 190 -2.05 -24.32 -43.32
N GLU Q 191 -1.47 -24.10 -42.15
CA GLU Q 191 -2.29 -23.86 -40.96
C GLU Q 191 -3.18 -22.63 -41.16
N THR Q 192 -2.70 -21.64 -41.89
CA THR Q 192 -3.51 -20.47 -42.17
C THR Q 192 -4.27 -20.57 -43.49
N TRP Q 193 -3.90 -21.52 -44.36
CA TRP Q 193 -4.68 -21.71 -45.57
C TRP Q 193 -5.95 -22.49 -45.29
N LEU Q 194 -5.93 -23.39 -44.32
CA LEU Q 194 -7.17 -24.03 -43.90
C LEU Q 194 -8.10 -23.02 -43.26
N ALA Q 195 -7.55 -22.10 -42.48
CA ALA Q 195 -8.41 -21.11 -41.83
C ALA Q 195 -9.03 -20.17 -42.84
N ASN Q 196 -8.31 -19.83 -43.91
CA ASN Q 196 -8.92 -19.01 -44.96
C ASN Q 196 -9.92 -19.82 -45.76
N ARG Q 197 -9.72 -21.12 -45.86
CA ARG Q 197 -10.63 -21.96 -46.62
C ARG Q 197 -11.83 -22.38 -45.78
N ILE Q 198 -11.67 -22.50 -44.47
CA ILE Q 198 -12.81 -22.81 -43.59
C ILE Q 198 -13.68 -21.58 -43.39
N ALA Q 199 -13.07 -20.42 -43.15
CA ALA Q 199 -13.84 -19.19 -43.03
C ALA Q 199 -14.65 -18.90 -44.28
N ASP Q 200 -14.23 -19.44 -45.41
CA ASP Q 200 -15.01 -19.33 -46.64
C ASP Q 200 -16.17 -20.32 -46.61
N LYS Q 201 -15.89 -21.58 -46.33
CA LYS Q 201 -16.95 -22.59 -46.33
C LYS Q 201 -17.99 -22.29 -45.27
N PHE Q 202 -17.59 -21.64 -44.17
CA PHE Q 202 -18.58 -21.28 -43.16
C PHE Q 202 -19.44 -20.13 -43.66
N ALA Q 203 -18.83 -19.13 -44.29
CA ALA Q 203 -19.62 -18.06 -44.88
C ALA Q 203 -20.54 -18.56 -45.97
N ARG Q 204 -20.24 -19.71 -46.56
CA ARG Q 204 -21.06 -20.27 -47.60
C ARG Q 204 -22.01 -21.34 -47.09
N ALA Q 205 -21.74 -21.92 -45.93
CA ALA Q 205 -22.68 -22.84 -45.32
C ALA Q 205 -23.70 -22.14 -44.46
N GLU Q 206 -23.32 -21.04 -43.82
CA GLU Q 206 -24.29 -20.25 -43.08
C GLU Q 206 -25.14 -19.40 -43.98
N ALA Q 207 -24.71 -19.13 -45.21
CA ALA Q 207 -25.53 -18.39 -46.15
C ALA Q 207 -26.64 -19.24 -46.73
N ALA Q 208 -26.44 -20.56 -46.79
CA ALA Q 208 -27.49 -21.45 -47.25
C ALA Q 208 -28.58 -21.59 -46.20
N ALA Q 209 -28.19 -21.61 -44.93
CA ALA Q 209 -29.16 -21.76 -43.86
C ALA Q 209 -29.98 -20.50 -43.67
N PHE Q 210 -29.44 -19.35 -44.05
CA PHE Q 210 -30.16 -18.09 -43.93
C PHE Q 210 -31.32 -17.99 -44.90
N ILE Q 211 -31.44 -18.91 -45.84
CA ILE Q 211 -32.45 -18.81 -46.88
C ILE Q 211 -33.40 -19.98 -46.78
N SER Q 212 -32.86 -21.20 -46.85
CA SER Q 212 -33.71 -22.38 -46.84
C SER Q 212 -33.44 -23.29 -45.65
N GLY Q 213 -32.59 -22.88 -44.72
CA GLY Q 213 -32.31 -23.71 -43.57
C GLY Q 213 -33.48 -23.72 -42.62
N ASP Q 214 -33.74 -24.88 -42.05
CA ASP Q 214 -34.85 -25.05 -41.12
C ASP Q 214 -34.37 -24.78 -39.70
N GLY Q 215 -35.17 -25.18 -38.71
CA GLY Q 215 -34.86 -24.81 -37.35
C GLY Q 215 -33.86 -25.68 -36.63
N VAL Q 216 -33.70 -26.92 -37.07
CA VAL Q 216 -32.91 -27.90 -36.32
C VAL Q 216 -31.43 -27.59 -36.46
N ASP Q 217 -30.82 -27.15 -35.37
CA ASP Q 217 -29.37 -26.99 -35.26
C ASP Q 217 -28.79 -26.04 -36.31
N LYS Q 218 -29.62 -25.21 -36.94
CA LYS Q 218 -29.14 -24.30 -37.96
C LYS Q 218 -30.12 -23.15 -38.09
N PRO Q 219 -29.66 -21.98 -38.52
CA PRO Q 219 -30.57 -20.83 -38.65
C PRO Q 219 -31.77 -21.16 -39.52
N THR Q 220 -32.91 -20.59 -39.18
CA THR Q 220 -34.13 -20.83 -39.94
C THR Q 220 -34.16 -19.80 -41.05
N GLY Q 221 -34.07 -20.25 -42.29
CA GLY Q 221 -34.09 -19.34 -43.41
C GLY Q 221 -35.41 -18.59 -43.49
N PHE Q 222 -35.40 -17.50 -44.25
CA PHE Q 222 -36.63 -16.73 -44.36
C PHE Q 222 -37.65 -17.40 -45.25
N LEU Q 223 -37.33 -18.55 -45.85
CA LEU Q 223 -38.30 -19.27 -46.64
C LEU Q 223 -39.13 -20.24 -45.81
N THR Q 224 -38.62 -20.71 -44.69
CA THR Q 224 -39.35 -21.67 -43.86
C THR Q 224 -40.10 -20.95 -42.74
N LYS Q 225 -40.96 -20.01 -43.11
CA LYS Q 225 -41.69 -19.20 -42.14
C LYS Q 225 -43.15 -19.09 -42.53
N THR Q 226 -43.79 -20.21 -42.86
CA THR Q 226 -45.23 -20.34 -43.10
C THR Q 226 -45.81 -19.20 -43.92
N LYS Q 227 -45.41 -19.10 -45.18
CA LYS Q 227 -45.87 -18.05 -46.06
C LYS Q 227 -47.38 -18.07 -46.22
N VAL Q 228 -48.00 -16.89 -46.24
CA VAL Q 228 -49.43 -16.74 -46.45
C VAL Q 228 -49.64 -15.71 -47.54
N ALA Q 229 -50.74 -15.84 -48.28
CA ALA Q 229 -51.02 -14.95 -49.40
C ALA Q 229 -51.14 -13.51 -48.92
N ASN Q 230 -50.55 -12.59 -49.67
CA ASN Q 230 -50.57 -11.20 -49.28
C ASN Q 230 -51.98 -10.63 -49.42
N GLY Q 231 -52.45 -9.99 -48.36
CA GLY Q 231 -53.84 -9.58 -48.28
C GLY Q 231 -54.47 -10.31 -47.14
N ALA Q 232 -54.22 -11.61 -47.06
CA ALA Q 232 -54.48 -12.38 -45.85
C ALA Q 232 -53.23 -12.45 -44.98
N TRP Q 233 -52.65 -11.29 -44.68
CA TRP Q 233 -51.33 -11.23 -44.06
C TRP Q 233 -51.48 -11.11 -42.55
N ALA Q 234 -51.04 -12.13 -41.84
CA ALA Q 234 -50.96 -12.10 -40.39
C ALA Q 234 -49.58 -11.61 -39.97
N TRP Q 235 -49.25 -11.72 -38.69
CA TRP Q 235 -47.92 -11.32 -38.26
C TRP Q 235 -46.94 -12.48 -38.27
N GLY Q 236 -47.38 -13.68 -37.92
CA GLY Q 236 -46.48 -14.81 -37.84
C GLY Q 236 -46.23 -15.48 -39.18
N SER Q 237 -46.12 -14.69 -40.24
CA SER Q 237 -46.03 -15.26 -41.58
C SER Q 237 -45.46 -14.21 -42.53
N LEU Q 238 -45.02 -14.68 -43.69
CA LEU Q 238 -44.48 -13.82 -44.74
C LEU Q 238 -45.47 -13.74 -45.89
N GLY Q 239 -45.71 -12.53 -46.36
CA GLY Q 239 -46.64 -12.33 -47.44
C GLY Q 239 -46.00 -12.62 -48.79
N TYR Q 240 -46.82 -13.10 -49.72
CA TYR Q 240 -46.35 -13.38 -51.05
C TYR Q 240 -47.40 -12.94 -52.07
N VAL Q 241 -46.94 -12.66 -53.28
CA VAL Q 241 -47.82 -12.41 -54.41
C VAL Q 241 -47.53 -13.44 -55.48
N ALA Q 242 -48.57 -13.89 -56.17
CA ALA Q 242 -48.46 -14.95 -57.15
C ALA Q 242 -48.34 -14.39 -58.54
N THR Q 243 -47.73 -15.16 -59.44
CA THR Q 243 -47.44 -14.67 -60.77
C THR Q 243 -48.51 -15.00 -61.80
N GLY Q 244 -49.31 -16.03 -61.57
CA GLY Q 244 -50.22 -16.46 -62.61
C GLY Q 244 -50.00 -17.90 -63.00
N ALA Q 245 -49.46 -18.14 -64.19
CA ALA Q 245 -49.18 -19.49 -64.68
C ALA Q 245 -48.38 -20.28 -63.66
N ALA Q 246 -48.48 -21.61 -63.71
CA ALA Q 246 -48.02 -22.45 -62.62
C ALA Q 246 -46.51 -22.58 -62.59
N GLY Q 247 -45.89 -22.88 -63.71
CA GLY Q 247 -44.45 -23.05 -63.67
C GLY Q 247 -43.69 -21.74 -63.68
N ASP Q 248 -43.79 -21.03 -64.80
CA ASP Q 248 -43.06 -19.82 -65.08
C ASP Q 248 -43.89 -18.58 -64.73
N PHE Q 249 -43.46 -17.42 -65.20
CA PHE Q 249 -44.21 -16.18 -65.02
C PHE Q 249 -45.55 -16.24 -65.74
N ALA Q 250 -46.32 -15.15 -65.64
CA ALA Q 250 -47.60 -15.09 -66.32
C ALA Q 250 -47.41 -15.12 -67.82
N ALA Q 251 -48.44 -15.58 -68.53
CA ALA Q 251 -48.34 -15.70 -69.98
C ALA Q 251 -48.57 -14.37 -70.68
N VAL Q 252 -49.46 -13.54 -70.15
CA VAL Q 252 -49.83 -12.30 -70.82
C VAL Q 252 -49.13 -11.10 -70.19
N ASN Q 253 -49.40 -10.85 -68.91
CA ASN Q 253 -48.87 -9.68 -68.23
C ASN Q 253 -47.62 -10.02 -67.42
N ALA Q 254 -46.59 -10.45 -68.13
CA ALA Q 254 -45.30 -10.67 -67.49
C ALA Q 254 -44.75 -9.33 -67.03
N SER Q 255 -44.07 -9.36 -65.88
CA SER Q 255 -43.48 -8.18 -65.24
C SER Q 255 -44.52 -7.28 -64.61
N ASP Q 256 -45.79 -7.71 -64.58
CA ASP Q 256 -46.78 -7.08 -63.75
C ASP Q 256 -46.94 -7.81 -62.43
N ALA Q 257 -46.45 -9.04 -62.35
CA ALA Q 257 -46.39 -9.77 -61.09
C ALA Q 257 -45.12 -9.49 -60.33
N VAL Q 258 -44.11 -8.92 -60.98
CA VAL Q 258 -42.91 -8.49 -60.28
C VAL Q 258 -43.08 -7.10 -59.73
N VAL Q 259 -43.76 -6.23 -60.49
CA VAL Q 259 -43.86 -4.83 -60.11
C VAL Q 259 -44.84 -4.63 -58.97
N ASP Q 260 -45.81 -5.52 -58.80
CA ASP Q 260 -46.66 -5.41 -57.62
C ASP Q 260 -46.04 -6.11 -56.42
N LEU Q 261 -45.10 -7.03 -56.66
CA LEU Q 261 -44.29 -7.53 -55.56
C LEU Q 261 -43.53 -6.39 -54.90
N VAL Q 262 -43.03 -5.46 -55.71
CA VAL Q 262 -42.36 -4.28 -55.16
C VAL Q 262 -43.34 -3.42 -54.38
N TYR Q 263 -44.48 -3.11 -54.97
CA TYR Q 263 -45.44 -2.19 -54.38
C TYR Q 263 -46.46 -2.91 -53.50
N ALA Q 264 -46.12 -4.09 -52.99
CA ALA Q 264 -46.90 -4.75 -51.95
C ALA Q 264 -46.11 -4.86 -50.65
N LEU Q 265 -45.16 -3.98 -50.44
CA LEU Q 265 -44.21 -4.12 -49.36
C LEU Q 265 -44.20 -2.96 -48.37
N GLY Q 266 -45.01 -1.93 -48.59
CA GLY Q 266 -44.98 -0.80 -47.70
C GLY Q 266 -43.89 0.17 -48.07
N ALA Q 267 -44.19 1.46 -48.02
CA ALA Q 267 -43.26 2.44 -48.55
C ALA Q 267 -41.96 2.47 -47.76
N GLU Q 268 -42.04 2.27 -46.45
CA GLU Q 268 -40.87 2.52 -45.63
C GLU Q 268 -39.84 1.40 -45.75
N TYR Q 269 -40.29 0.15 -45.90
CA TYR Q 269 -39.34 -0.93 -46.12
C TYR Q 269 -38.76 -0.88 -47.54
N ARG Q 270 -39.50 -0.31 -48.49
CA ARG Q 270 -39.01 -0.15 -49.85
C ARG Q 270 -37.90 0.88 -49.97
N ALA Q 271 -37.60 1.60 -48.90
CA ALA Q 271 -36.56 2.63 -48.99
C ALA Q 271 -35.22 1.99 -49.29
N ASN Q 272 -34.86 0.93 -48.57
CA ASN Q 272 -33.68 0.15 -48.83
C ASN Q 272 -34.06 -1.32 -48.77
N ALA Q 273 -34.51 -1.86 -49.89
CA ALA Q 273 -34.88 -3.26 -50.05
C ALA Q 273 -34.06 -3.84 -51.20
N SER Q 274 -34.25 -5.13 -51.45
CA SER Q 274 -33.49 -5.78 -52.51
C SER Q 274 -34.16 -7.08 -52.89
N PHE Q 275 -34.06 -7.42 -54.17
CA PHE Q 275 -34.52 -8.73 -54.61
C PHE Q 275 -33.51 -9.78 -54.18
N VAL Q 276 -33.96 -11.04 -54.14
CA VAL Q 276 -33.08 -12.15 -53.82
C VAL Q 276 -33.39 -13.28 -54.79
N MET Q 277 -32.44 -13.58 -55.67
CA MET Q 277 -32.63 -14.60 -56.68
C MET Q 277 -31.34 -15.41 -56.79
N ASN Q 278 -31.42 -16.54 -57.46
CA ASN Q 278 -30.22 -17.26 -57.84
C ASN Q 278 -29.86 -16.94 -59.28
N SER Q 279 -28.63 -17.27 -59.65
CA SER Q 279 -28.10 -16.83 -60.94
C SER Q 279 -28.93 -17.37 -62.10
N LYS Q 280 -29.62 -18.47 -61.88
CA LYS Q 280 -30.41 -19.09 -62.93
C LYS Q 280 -31.85 -18.60 -62.95
N THR Q 281 -32.27 -17.82 -61.96
CA THR Q 281 -33.53 -17.09 -62.05
C THR Q 281 -33.34 -15.72 -62.65
N ALA Q 282 -32.31 -15.00 -62.21
CA ALA Q 282 -32.00 -13.72 -62.84
C ALA Q 282 -31.72 -13.88 -64.31
N GLY Q 283 -31.16 -15.02 -64.71
CA GLY Q 283 -31.05 -15.32 -66.11
C GLY Q 283 -32.41 -15.50 -66.77
N ALA Q 284 -33.34 -16.14 -66.07
CA ALA Q 284 -34.69 -16.29 -66.60
C ALA Q 284 -35.47 -14.98 -66.55
N VAL Q 285 -35.10 -14.07 -65.66
CA VAL Q 285 -35.74 -12.75 -65.63
C VAL Q 285 -35.19 -11.86 -66.73
N ARG Q 286 -33.87 -11.84 -66.90
CA ARG Q 286 -33.29 -11.01 -67.94
C ARG Q 286 -33.70 -11.48 -69.34
N LYS Q 287 -33.94 -12.78 -69.50
CA LYS Q 287 -34.39 -13.29 -70.79
C LYS Q 287 -35.77 -12.79 -71.18
N MET Q 288 -36.53 -12.24 -70.23
CA MET Q 288 -37.85 -11.70 -70.56
C MET Q 288 -37.72 -10.53 -71.51
N LYS Q 289 -38.39 -10.62 -72.65
CA LYS Q 289 -38.33 -9.60 -73.68
C LYS Q 289 -39.74 -9.26 -74.13
N ASP Q 290 -39.95 -8.02 -74.54
CA ASP Q 290 -41.27 -7.56 -74.94
C ASP Q 290 -41.59 -8.02 -76.35
N ALA Q 291 -42.70 -7.53 -76.90
CA ALA Q 291 -43.24 -8.04 -78.15
C ALA Q 291 -42.36 -7.76 -79.35
N ASP Q 292 -41.36 -6.90 -79.23
CA ASP Q 292 -40.48 -6.58 -80.34
C ASP Q 292 -39.11 -7.23 -80.20
N GLY Q 293 -38.93 -8.11 -79.23
CA GLY Q 293 -37.68 -8.79 -79.01
C GLY Q 293 -36.73 -8.07 -78.10
N ARG Q 294 -36.88 -6.76 -77.94
CA ARG Q 294 -36.02 -6.01 -77.04
C ARG Q 294 -36.39 -6.34 -75.60
N PHE Q 295 -35.41 -6.80 -74.83
CA PHE Q 295 -35.69 -7.19 -73.45
C PHE Q 295 -36.07 -5.98 -72.62
N LEU Q 296 -37.13 -6.13 -71.84
CA LEU Q 296 -37.80 -5.00 -71.20
C LEU Q 296 -37.11 -4.51 -69.94
N TRP Q 297 -36.24 -5.31 -69.34
CA TRP Q 297 -35.54 -4.86 -68.14
C TRP Q 297 -34.32 -4.06 -68.58
N ALA Q 298 -34.39 -2.74 -68.45
CA ALA Q 298 -33.30 -1.86 -68.83
C ALA Q 298 -32.04 -2.15 -68.03
N GLU Q 305 -23.19 -2.15 -60.81
CA GLU Q 305 -22.54 -3.36 -60.32
C GLU Q 305 -23.37 -4.26 -59.38
N PRO Q 306 -24.34 -3.72 -58.62
CA PRO Q 306 -25.18 -4.61 -57.81
C PRO Q 306 -26.16 -5.42 -58.64
N ALA Q 307 -26.13 -5.30 -59.96
CA ALA Q 307 -27.06 -6.01 -60.83
C ALA Q 307 -28.50 -5.65 -60.47
N ARG Q 308 -28.72 -4.37 -60.19
CA ARG Q 308 -30.00 -3.93 -59.67
C ARG Q 308 -31.10 -4.09 -60.70
N LEU Q 309 -32.30 -4.39 -60.21
CA LEU Q 309 -33.49 -4.55 -61.04
C LEU Q 309 -34.52 -3.53 -60.59
N MET Q 310 -35.08 -2.80 -61.56
CA MET Q 310 -36.13 -1.82 -61.30
C MET Q 310 -35.67 -0.79 -60.27
N GLY Q 311 -34.38 -0.51 -60.25
CA GLY Q 311 -33.81 0.44 -59.32
C GLY Q 311 -33.42 -0.14 -57.98
N TYR Q 312 -34.01 -1.26 -57.59
CA TYR Q 312 -33.66 -1.89 -56.33
C TYR Q 312 -32.52 -2.87 -56.54
N PRO Q 313 -31.60 -2.97 -55.59
CA PRO Q 313 -30.49 -3.90 -55.74
C PRO Q 313 -30.98 -5.33 -55.84
N VAL Q 314 -30.10 -6.20 -56.31
CA VAL Q 314 -30.38 -7.62 -56.40
C VAL Q 314 -29.22 -8.36 -55.76
N LEU Q 315 -29.54 -9.26 -54.85
CA LEU Q 315 -28.55 -10.13 -54.24
C LEU Q 315 -28.66 -11.49 -54.93
N ILE Q 316 -27.69 -11.80 -55.78
CA ILE Q 316 -27.73 -13.06 -56.50
C ILE Q 316 -27.26 -14.13 -55.55
N ALA Q 317 -28.18 -14.73 -54.80
CA ALA Q 317 -27.83 -15.83 -53.94
C ALA Q 317 -27.62 -17.08 -54.78
N GLU Q 318 -27.38 -18.20 -54.12
CA GLU Q 318 -27.31 -19.45 -54.85
C GLU Q 318 -28.09 -20.55 -54.13
N ASP Q 319 -28.91 -20.18 -53.17
CA ASP Q 319 -29.70 -21.11 -52.40
C ASP Q 319 -31.17 -20.80 -52.43
N MET Q 320 -31.58 -19.80 -53.20
CA MET Q 320 -32.98 -19.60 -53.48
C MET Q 320 -33.44 -20.71 -54.42
N PRO Q 321 -34.70 -21.14 -54.31
CA PRO Q 321 -35.17 -22.22 -55.17
C PRO Q 321 -35.33 -21.76 -56.61
N ASP Q 322 -35.33 -22.72 -57.51
CA ASP Q 322 -35.47 -22.45 -58.93
C ASP Q 322 -36.93 -22.13 -59.24
N ILE Q 323 -37.24 -21.90 -60.52
CA ILE Q 323 -38.61 -21.62 -60.92
C ILE Q 323 -39.35 -22.95 -61.01
N ALA Q 324 -39.93 -23.37 -59.91
CA ALA Q 324 -40.65 -24.63 -59.82
C ALA Q 324 -42.16 -24.37 -59.84
N ALA Q 325 -42.94 -25.42 -59.62
CA ALA Q 325 -44.38 -25.30 -59.70
C ALA Q 325 -44.93 -24.34 -58.65
N ASN Q 326 -44.46 -24.48 -57.42
CA ASN Q 326 -44.91 -23.62 -56.33
C ASN Q 326 -43.73 -23.05 -55.57
N ALA Q 327 -42.67 -22.72 -56.29
CA ALA Q 327 -41.48 -22.23 -55.64
C ALA Q 327 -41.58 -20.74 -55.35
N TYR Q 328 -40.75 -20.28 -54.42
CA TYR Q 328 -40.61 -18.87 -54.12
C TYR Q 328 -39.20 -18.49 -54.56
N ALA Q 329 -39.07 -18.17 -55.84
CA ALA Q 329 -37.75 -17.97 -56.42
C ALA Q 329 -37.24 -16.56 -56.19
N ILE Q 330 -38.13 -15.59 -56.24
CA ILE Q 330 -37.76 -14.18 -56.10
C ILE Q 330 -38.40 -13.68 -54.82
N ALA Q 331 -37.57 -13.20 -53.91
CA ALA Q 331 -38.03 -12.55 -52.70
C ALA Q 331 -37.57 -11.12 -52.73
N PHE Q 332 -38.40 -10.21 -52.23
CA PHE Q 332 -38.09 -8.80 -52.21
C PHE Q 332 -38.44 -8.28 -50.83
N GLY Q 333 -37.51 -7.57 -50.22
CA GLY Q 333 -37.77 -7.05 -48.89
C GLY Q 333 -36.56 -6.35 -48.34
N ASP Q 334 -36.77 -5.71 -47.20
CA ASP Q 334 -35.72 -5.02 -46.46
C ASP Q 334 -35.20 -5.99 -45.42
N PHE Q 335 -34.14 -6.73 -45.76
CA PHE Q 335 -33.59 -7.68 -44.82
C PHE Q 335 -32.77 -7.03 -43.74
N GLY Q 336 -32.47 -5.73 -43.84
CA GLY Q 336 -31.88 -5.03 -42.73
C GLY Q 336 -32.78 -5.06 -41.50
N ASN Q 337 -34.08 -5.00 -41.72
CA ASN Q 337 -35.08 -5.16 -40.67
C ASN Q 337 -35.70 -6.53 -40.66
N GLY Q 338 -35.82 -7.18 -41.80
CA GLY Q 338 -36.53 -8.46 -41.84
C GLY Q 338 -35.76 -9.58 -41.18
N TYR Q 339 -34.49 -9.72 -41.51
CA TYR Q 339 -33.68 -10.84 -41.04
C TYR Q 339 -32.61 -10.33 -40.08
N THR Q 340 -32.50 -10.98 -38.92
CA THR Q 340 -31.47 -10.66 -37.94
C THR Q 340 -30.50 -11.83 -37.84
N ILE Q 341 -29.21 -11.52 -37.89
CA ILE Q 341 -28.16 -12.52 -37.83
C ILE Q 341 -27.41 -12.32 -36.52
N ALA Q 342 -27.55 -13.25 -35.61
CA ALA Q 342 -26.82 -13.23 -34.35
C ALA Q 342 -25.62 -14.17 -34.48
N GLU Q 343 -24.46 -13.70 -34.07
CA GLU Q 343 -23.25 -14.48 -34.32
C GLU Q 343 -22.18 -14.07 -33.32
N ARG Q 344 -21.12 -14.86 -33.28
CA ARG Q 344 -19.90 -14.51 -32.60
C ARG Q 344 -18.85 -14.19 -33.64
N PRO Q 345 -18.29 -13.02 -33.62
CA PRO Q 345 -17.43 -12.55 -34.72
C PRO Q 345 -16.02 -13.15 -34.68
N ASP Q 346 -15.95 -14.47 -34.53
CA ASP Q 346 -14.66 -15.14 -34.52
C ASP Q 346 -14.83 -16.54 -35.07
N LEU Q 347 -13.73 -17.11 -35.51
CA LEU Q 347 -13.70 -18.49 -35.97
C LEU Q 347 -12.66 -19.21 -35.12
N ARG Q 348 -13.13 -20.11 -34.27
CA ARG Q 348 -12.32 -20.67 -33.20
C ARG Q 348 -11.64 -21.94 -33.68
N VAL Q 349 -10.36 -21.85 -34.00
CA VAL Q 349 -9.56 -22.96 -34.49
C VAL Q 349 -8.86 -23.61 -33.31
N LEU Q 350 -8.80 -24.94 -33.32
CA LEU Q 350 -8.12 -25.72 -32.28
C LEU Q 350 -7.40 -26.87 -32.97
N ARG Q 351 -6.09 -26.79 -33.09
CA ARG Q 351 -5.34 -27.87 -33.71
C ARG Q 351 -5.06 -28.95 -32.69
N ASP Q 352 -5.27 -30.20 -33.09
CA ASP Q 352 -5.31 -31.33 -32.17
C ASP Q 352 -4.32 -32.40 -32.63
N PRO Q 353 -3.05 -32.25 -32.29
CA PRO Q 353 -2.05 -33.21 -32.79
C PRO Q 353 -2.06 -34.53 -32.06
N PHE Q 354 -3.09 -34.80 -31.26
CA PHE Q 354 -3.09 -35.95 -30.36
C PHE Q 354 -4.07 -37.04 -30.75
N SER Q 355 -5.26 -36.71 -31.24
CA SER Q 355 -6.26 -37.74 -31.51
C SER Q 355 -5.83 -38.61 -32.68
N ALA Q 356 -5.73 -38.04 -33.87
CA ALA Q 356 -5.16 -38.75 -35.02
C ALA Q 356 -3.67 -38.53 -34.97
N LYS Q 357 -2.92 -39.58 -34.61
CA LYS Q 357 -1.57 -39.34 -34.10
C LYS Q 357 -0.63 -38.76 -35.14
N PRO Q 358 -0.42 -39.37 -36.31
CA PRO Q 358 0.45 -38.74 -37.31
C PRO Q 358 -0.21 -37.61 -38.09
N HIS Q 359 -1.42 -37.22 -37.73
CA HIS Q 359 -2.16 -36.14 -38.38
C HIS Q 359 -2.37 -35.02 -37.38
N VAL Q 360 -3.01 -33.94 -37.81
CA VAL Q 360 -3.11 -32.72 -37.02
C VAL Q 360 -4.55 -32.41 -36.64
N LEU Q 361 -5.51 -32.64 -37.53
CA LEU Q 361 -6.93 -32.63 -37.17
C LEU Q 361 -7.36 -31.27 -36.61
N PHE Q 362 -7.34 -30.26 -37.47
CA PHE Q 362 -7.80 -28.92 -37.07
C PHE Q 362 -9.29 -28.94 -36.81
N TYR Q 363 -9.72 -28.37 -35.69
CA TYR Q 363 -11.13 -28.29 -35.35
C TYR Q 363 -11.55 -26.83 -35.28
N ALA Q 364 -12.22 -26.36 -36.33
CA ALA Q 364 -12.65 -24.98 -36.44
C ALA Q 364 -14.16 -24.90 -36.35
N SER Q 365 -14.66 -23.92 -35.62
CA SER Q 365 -16.11 -23.79 -35.45
C SER Q 365 -16.44 -22.36 -35.08
N LYS Q 366 -17.31 -21.74 -35.86
CA LYS Q 366 -17.97 -20.50 -35.47
C LYS Q 366 -19.45 -20.80 -35.27
N ARG Q 367 -20.05 -20.14 -34.30
CA ARG Q 367 -21.44 -20.40 -33.98
C ARG Q 367 -22.28 -19.18 -34.31
N VAL Q 368 -23.35 -19.40 -35.06
CA VAL Q 368 -24.12 -18.36 -35.71
C VAL Q 368 -25.58 -18.80 -35.75
N GLY Q 369 -26.49 -17.85 -35.61
CA GLY Q 369 -27.91 -18.15 -35.72
C GLY Q 369 -28.69 -16.93 -36.16
N GLY Q 370 -29.92 -17.16 -36.60
CA GLY Q 370 -30.76 -16.05 -37.00
C GLY Q 370 -32.01 -16.42 -37.78
N ASP Q 371 -33.12 -15.76 -37.48
CA ASP Q 371 -34.34 -15.95 -38.26
C ASP Q 371 -34.94 -14.60 -38.64
N VAL Q 372 -36.14 -14.61 -39.21
CA VAL Q 372 -36.79 -13.36 -39.58
C VAL Q 372 -37.17 -12.60 -38.31
N SER Q 373 -36.80 -11.32 -38.28
CA SER Q 373 -37.11 -10.46 -37.15
C SER Q 373 -38.32 -9.58 -37.38
N ASP Q 374 -38.59 -9.21 -38.63
CA ASP Q 374 -39.71 -8.35 -38.98
C ASP Q 374 -40.46 -9.01 -40.14
N PHE Q 375 -41.58 -9.66 -39.83
CA PHE Q 375 -42.32 -10.36 -40.87
C PHE Q 375 -42.94 -9.43 -41.89
N ALA Q 376 -43.01 -8.14 -41.61
CA ALA Q 376 -43.58 -7.20 -42.56
C ALA Q 376 -42.58 -6.72 -43.60
N ALA Q 377 -41.29 -7.02 -43.43
CA ALA Q 377 -40.25 -6.45 -44.27
C ALA Q 377 -39.75 -7.40 -45.35
N ILE Q 378 -40.44 -8.51 -45.58
CA ILE Q 378 -40.04 -9.47 -46.60
C ILE Q 378 -41.29 -9.93 -47.33
N LYS Q 379 -41.29 -9.80 -48.65
CA LYS Q 379 -42.34 -10.33 -49.49
C LYS Q 379 -41.74 -11.33 -50.46
N LEU Q 380 -42.56 -12.26 -50.92
CA LEU Q 380 -42.11 -13.36 -51.75
C LEU Q 380 -42.92 -13.39 -53.03
N LEU Q 381 -42.46 -14.18 -54.00
CA LEU Q 381 -43.11 -14.33 -55.29
C LEU Q 381 -43.36 -15.80 -55.55
N LYS Q 382 -44.54 -16.28 -55.17
CA LYS Q 382 -44.94 -17.64 -55.48
C LYS Q 382 -45.33 -17.71 -56.95
N PHE Q 383 -45.17 -18.89 -57.54
CA PHE Q 383 -45.43 -19.06 -58.95
C PHE Q 383 -46.66 -19.91 -59.24
N ALA Q 384 -47.56 -20.07 -58.26
CA ALA Q 384 -48.65 -21.02 -58.48
C ALA Q 384 -49.77 -20.40 -59.30
N ALA Q 385 -50.44 -19.39 -58.76
CA ALA Q 385 -51.62 -18.80 -59.38
C ALA Q 385 -52.10 -17.59 -58.58
N ALA R 89 18.77 33.96 -104.86
CA ALA R 89 18.00 34.39 -103.70
C ALA R 89 16.55 34.57 -104.09
N LEU R 90 16.20 34.11 -105.27
CA LEU R 90 14.84 34.22 -105.78
C LEU R 90 13.98 33.15 -105.10
N ASN R 91 12.83 32.87 -105.72
CA ASN R 91 11.87 31.92 -105.19
C ASN R 91 12.53 30.63 -104.73
N SER R 92 11.93 30.00 -103.73
CA SER R 92 12.32 28.67 -103.28
C SER R 92 11.63 27.57 -104.08
N ALA R 93 11.04 27.90 -105.22
CA ALA R 93 10.34 26.91 -106.02
C ALA R 93 11.32 26.09 -106.85
N VAL R 94 12.19 26.75 -107.59
CA VAL R 94 13.20 26.06 -108.37
C VAL R 94 14.42 25.85 -107.48
N ALA R 95 15.14 24.76 -107.71
CA ALA R 95 16.20 24.38 -106.79
C ALA R 95 17.47 25.18 -107.03
N ALA R 96 17.74 25.54 -108.28
CA ALA R 96 18.97 26.27 -108.58
C ALA R 96 18.88 27.71 -108.09
N GLU R 97 17.80 28.40 -108.45
CA GLU R 97 17.66 29.82 -108.12
C GLU R 97 17.10 29.97 -106.71
N GLY R 98 17.87 29.49 -105.75
CA GLY R 98 17.56 29.69 -104.35
C GLY R 98 16.92 28.52 -103.64
N GLY R 99 16.31 27.59 -104.35
CA GLY R 99 15.59 26.52 -103.68
C GLY R 99 16.43 25.54 -102.90
N TYR R 100 17.75 25.66 -102.97
CA TYR R 100 18.65 24.78 -102.25
C TYR R 100 18.82 25.18 -100.80
N LEU R 101 18.31 26.34 -100.40
CA LEU R 101 18.53 26.91 -99.08
C LEU R 101 17.34 26.67 -98.16
N VAL R 102 16.64 25.56 -98.35
CA VAL R 102 15.37 25.32 -97.67
C VAL R 102 15.52 24.38 -96.48
N ASP R 103 16.12 23.21 -96.69
CA ASP R 103 16.30 22.23 -95.62
C ASP R 103 14.99 21.92 -94.92
N PRO R 104 14.12 21.09 -95.52
CA PRO R 104 12.87 20.72 -94.85
C PRO R 104 13.11 20.14 -93.48
N GLN R 105 12.29 20.55 -92.52
CA GLN R 105 12.43 20.08 -91.15
C GLN R 105 11.84 18.69 -91.02
N THR R 106 12.49 17.85 -90.22
CA THR R 106 12.03 16.49 -90.00
C THR R 106 11.25 16.38 -88.69
N SER R 107 10.63 15.24 -88.49
CA SER R 107 9.88 15.00 -87.27
C SER R 107 10.80 14.98 -86.07
N GLU R 108 10.20 14.96 -84.89
CA GLU R 108 10.98 14.78 -83.68
C GLU R 108 11.28 13.30 -83.46
N THR R 109 10.25 12.46 -83.53
CA THR R 109 10.39 11.03 -83.36
C THR R 109 9.84 10.33 -84.58
N ILE R 110 10.50 9.26 -85.01
CA ILE R 110 10.02 8.49 -86.15
C ILE R 110 8.73 7.78 -85.73
N ARG R 111 7.60 8.25 -86.27
CA ARG R 111 6.30 7.72 -85.90
C ARG R 111 6.13 6.33 -86.51
N GLY R 112 4.96 5.73 -86.25
CA GLY R 112 4.70 4.42 -86.80
C GLY R 112 3.22 4.09 -86.74
N VAL R 113 2.81 3.18 -87.63
CA VAL R 113 1.44 2.73 -87.64
C VAL R 113 1.08 2.18 -86.27
N LEU R 114 -0.06 2.59 -85.75
CA LEU R 114 -0.45 2.34 -84.37
C LEU R 114 -1.35 1.11 -84.34
N ARG R 115 -0.74 -0.06 -84.26
CA ARG R 115 -1.49 -1.30 -84.29
C ARG R 115 -2.04 -1.63 -82.90
N SER R 116 -2.97 -2.57 -82.88
CA SER R 116 -3.76 -2.83 -81.67
C SER R 116 -2.89 -3.37 -80.56
N THR R 117 -3.07 -2.83 -79.36
CA THR R 117 -2.35 -3.28 -78.18
C THR R 117 -3.24 -4.05 -77.21
N ALA R 118 -4.53 -4.22 -77.54
CA ALA R 118 -5.40 -5.04 -76.72
C ALA R 118 -4.86 -6.47 -76.73
N SER R 119 -4.37 -6.91 -75.58
CA SER R 119 -3.52 -8.09 -75.54
C SER R 119 -3.96 -9.16 -74.56
N LEU R 120 -5.07 -8.97 -73.86
CA LEU R 120 -5.53 -9.85 -72.79
C LEU R 120 -4.57 -9.81 -71.61
N ARG R 121 -3.48 -9.05 -71.72
CA ARG R 121 -2.54 -8.93 -70.63
C ARG R 121 -3.02 -7.92 -69.61
N GLN R 122 -3.92 -7.01 -69.98
CA GLN R 122 -4.40 -6.02 -69.05
C GLN R 122 -5.53 -6.56 -68.15
N ILE R 123 -6.04 -7.75 -68.43
CA ILE R 123 -7.06 -8.34 -67.58
C ILE R 123 -6.62 -9.65 -66.95
N ALA R 124 -5.62 -10.33 -67.51
CA ALA R 124 -5.21 -11.62 -66.98
C ALA R 124 -4.33 -11.44 -65.76
N SER R 125 -3.92 -12.54 -65.15
CA SER R 125 -3.12 -12.52 -63.94
C SER R 125 -1.66 -12.65 -64.33
N VAL R 126 -0.94 -11.52 -64.33
CA VAL R 126 0.47 -11.49 -64.68
C VAL R 126 1.30 -11.71 -63.43
N VAL R 127 2.22 -12.67 -63.49
CA VAL R 127 3.09 -13.01 -62.37
C VAL R 127 4.52 -13.04 -62.90
N ASN R 128 5.37 -12.18 -62.35
CA ASN R 128 6.78 -12.12 -62.74
C ASN R 128 7.55 -13.24 -62.06
N VAL R 129 8.07 -14.18 -62.85
CA VAL R 129 8.89 -15.28 -62.33
C VAL R 129 10.14 -15.44 -63.18
N GLU R 130 11.29 -15.47 -62.52
CA GLU R 130 12.57 -15.68 -63.19
C GLU R 130 13.01 -17.14 -63.07
N ALA R 131 12.21 -18.04 -63.64
CA ALA R 131 12.48 -19.45 -63.60
C ALA R 131 12.13 -20.04 -64.96
N THR R 132 12.04 -21.38 -65.02
CA THR R 132 11.68 -22.04 -66.26
C THR R 132 10.21 -22.43 -66.31
N SER R 133 9.49 -22.33 -65.21
CA SER R 133 8.09 -22.67 -65.18
C SER R 133 7.44 -22.06 -63.96
N PHE R 134 6.16 -21.76 -64.09
CA PHE R 134 5.36 -21.28 -62.98
C PHE R 134 4.35 -22.36 -62.65
N ASP R 135 4.27 -22.75 -61.39
CA ASP R 135 3.40 -23.85 -60.96
C ASP R 135 2.32 -23.22 -60.08
N VAL R 136 1.23 -22.82 -60.71
CA VAL R 136 0.10 -22.29 -59.98
C VAL R 136 -0.67 -23.41 -59.34
N LEU R 137 -1.19 -23.18 -58.14
CA LEU R 137 -1.86 -24.21 -57.35
C LEU R 137 -3.30 -23.79 -57.14
N VAL R 138 -4.24 -24.61 -57.59
CA VAL R 138 -5.66 -24.35 -57.44
C VAL R 138 -6.27 -25.43 -56.57
N ASP R 139 -7.47 -25.15 -56.05
CA ASP R 139 -8.21 -26.10 -55.23
C ASP R 139 -9.49 -26.45 -56.00
N LYS R 140 -9.45 -27.56 -56.73
CA LYS R 140 -10.57 -27.89 -57.59
C LYS R 140 -11.81 -28.33 -56.80
N THR R 141 -11.76 -28.41 -55.48
CA THR R 141 -12.91 -28.84 -54.70
C THR R 141 -13.00 -27.94 -53.47
N ASP R 142 -13.85 -28.30 -52.52
CA ASP R 142 -14.13 -27.49 -51.35
C ASP R 142 -14.18 -28.38 -50.12
N MET R 143 -14.41 -27.76 -48.97
CA MET R 143 -14.39 -28.45 -47.69
C MET R 143 -15.79 -28.95 -47.33
N GLY R 144 -15.95 -29.38 -46.08
CA GLY R 144 -17.24 -29.80 -45.59
C GLY R 144 -17.50 -29.21 -44.22
N SER R 145 -18.79 -28.99 -43.93
CA SER R 145 -19.22 -28.46 -42.66
C SER R 145 -20.38 -29.28 -42.14
N GLY R 146 -20.65 -29.14 -40.84
CA GLY R 146 -21.53 -30.09 -40.19
C GLY R 146 -22.81 -29.62 -39.52
N TRP R 147 -22.84 -28.38 -39.05
CA TRP R 147 -23.89 -27.95 -38.12
C TRP R 147 -23.95 -28.89 -36.92
N ALA R 148 -22.86 -28.89 -36.16
CA ALA R 148 -22.71 -29.85 -35.09
C ALA R 148 -23.79 -29.66 -34.03
N SER R 149 -24.02 -30.72 -33.27
CA SER R 149 -24.90 -30.67 -32.11
C SER R 149 -24.08 -30.34 -30.87
N GLU R 150 -24.68 -30.51 -29.69
CA GLU R 150 -23.92 -30.38 -28.46
C GLU R 150 -23.16 -31.65 -28.13
N THR R 151 -23.69 -32.80 -28.55
CA THR R 151 -23.13 -34.11 -28.22
C THR R 151 -22.80 -34.89 -29.49
N ALA R 152 -22.39 -34.17 -30.54
CA ALA R 152 -22.28 -34.78 -31.86
C ALA R 152 -21.10 -35.74 -31.96
N ALA R 153 -20.01 -35.48 -31.24
CA ALA R 153 -18.76 -36.22 -31.38
C ALA R 153 -18.30 -36.19 -32.84
N LEU R 154 -17.91 -34.99 -33.25
CA LEU R 154 -17.61 -34.70 -34.65
C LEU R 154 -16.71 -35.76 -35.28
N SER R 155 -16.94 -36.02 -36.56
CA SER R 155 -16.09 -36.85 -37.37
C SER R 155 -15.34 -35.99 -38.38
N GLU R 156 -14.60 -36.64 -39.27
CA GLU R 156 -13.80 -35.91 -40.24
C GLU R 156 -14.69 -35.22 -41.27
N THR R 157 -14.28 -34.02 -41.65
CA THR R 157 -14.88 -33.32 -42.77
C THR R 157 -13.90 -33.33 -43.93
N ALA R 158 -14.43 -33.43 -45.15
CA ALA R 158 -13.58 -33.54 -46.32
C ALA R 158 -12.66 -32.34 -46.44
N THR R 159 -11.55 -32.54 -47.13
CA THR R 159 -10.50 -31.54 -47.26
C THR R 159 -10.28 -31.29 -48.74
N PRO R 160 -10.09 -30.04 -49.18
CA PRO R 160 -10.03 -29.77 -50.61
C PRO R 160 -8.87 -30.48 -51.26
N GLN R 161 -9.10 -31.04 -52.44
CA GLN R 161 -8.04 -31.64 -53.20
C GLN R 161 -7.47 -30.60 -54.16
N ILE R 162 -6.19 -30.78 -54.50
CA ILE R 162 -5.37 -29.72 -55.06
C ILE R 162 -4.92 -30.12 -56.46
N ASP R 163 -4.83 -29.14 -57.33
CA ASP R 163 -4.37 -29.34 -58.70
C ASP R 163 -3.23 -28.37 -58.97
N ARG R 164 -2.25 -28.83 -59.73
CA ARG R 164 -1.09 -28.02 -60.07
C ARG R 164 -1.03 -27.84 -61.58
N ILE R 165 -0.90 -26.60 -62.02
CA ILE R 165 -0.79 -26.26 -63.43
C ILE R 165 0.59 -25.71 -63.68
N THR R 166 1.23 -26.16 -64.76
CA THR R 166 2.59 -25.80 -65.08
C THR R 166 2.60 -24.82 -66.24
N ILE R 167 3.18 -23.64 -66.01
CA ILE R 167 3.33 -22.63 -67.05
C ILE R 167 4.74 -22.70 -67.60
N PRO R 168 4.97 -23.27 -68.79
CA PRO R 168 6.33 -23.58 -69.22
C PRO R 168 7.21 -22.38 -69.51
N LEU R 169 6.65 -21.18 -69.63
CA LEU R 169 7.45 -19.95 -69.74
C LEU R 169 8.41 -20.00 -70.92
N HIS R 170 7.84 -20.01 -72.12
CA HIS R 170 8.62 -19.99 -73.35
C HIS R 170 9.16 -18.59 -73.62
N GLU R 171 9.90 -18.44 -74.70
CA GLU R 171 10.52 -17.17 -75.01
C GLU R 171 10.24 -16.75 -76.45
N LEU R 172 10.51 -15.48 -76.71
CA LEU R 172 10.09 -14.80 -77.93
C LEU R 172 11.23 -13.90 -78.36
N ALA R 173 11.73 -14.09 -79.57
CA ALA R 173 12.98 -13.46 -79.97
C ALA R 173 12.89 -12.83 -81.35
N ALA R 174 13.46 -11.64 -81.48
CA ALA R 174 13.62 -10.95 -82.75
C ALA R 174 15.04 -10.43 -82.84
N MET R 175 15.56 -10.35 -84.07
CA MET R 175 16.96 -9.99 -84.30
C MET R 175 17.08 -9.08 -85.52
N PRO R 176 16.66 -7.82 -85.40
CA PRO R 176 16.77 -6.90 -86.53
C PRO R 176 18.19 -6.39 -86.70
N LYS R 177 18.68 -6.47 -87.93
CA LYS R 177 20.07 -6.15 -88.24
C LYS R 177 20.15 -4.72 -88.76
N ALA R 178 20.52 -3.79 -87.89
CA ALA R 178 20.66 -2.40 -88.29
C ALA R 178 22.12 -2.12 -88.64
N SER R 179 22.32 -1.38 -89.72
CA SER R 179 23.67 -1.08 -90.17
C SER R 179 24.36 -0.15 -89.20
N GLN R 180 25.69 -0.24 -89.16
CA GLN R 180 26.46 0.60 -88.25
C GLN R 180 26.62 2.01 -88.80
N ARG R 181 26.69 2.15 -90.12
CA ARG R 181 26.75 3.48 -90.71
C ARG R 181 25.48 4.25 -90.44
N LEU R 182 24.36 3.57 -90.23
CA LEU R 182 23.13 4.25 -89.93
C LEU R 182 23.05 4.68 -88.47
N LEU R 183 23.47 3.82 -87.56
CA LEU R 183 23.27 4.09 -86.14
C LEU R 183 23.96 5.37 -85.68
N ASP R 184 25.02 5.80 -86.37
CA ASP R 184 25.75 6.98 -85.96
C ASP R 184 25.47 8.21 -86.81
N ASP R 185 24.77 8.06 -87.93
CA ASP R 185 24.55 9.15 -88.86
C ASP R 185 23.10 9.59 -88.93
N SER R 186 22.29 9.25 -87.93
CA SER R 186 20.84 9.18 -88.06
C SER R 186 20.15 9.82 -86.86
N ALA R 187 20.37 11.12 -86.65
CA ALA R 187 20.16 11.84 -85.39
C ALA R 187 19.00 11.34 -84.53
N PHE R 188 18.00 10.69 -85.12
CA PHE R 188 17.07 9.89 -84.32
C PHE R 188 17.83 8.87 -83.48
N ASP R 189 17.16 8.29 -82.50
CA ASP R 189 17.79 7.24 -81.72
C ASP R 189 17.26 5.89 -82.20
N ILE R 190 18.05 5.21 -83.03
CA ILE R 190 17.61 3.93 -83.58
C ILE R 190 17.68 2.84 -82.53
N GLU R 191 18.62 2.92 -81.60
CA GLU R 191 18.75 1.88 -80.58
C GLU R 191 17.50 1.83 -79.72
N THR R 192 16.97 2.98 -79.33
CA THR R 192 15.78 2.99 -78.50
C THR R 192 14.51 2.93 -79.30
N TRP R 193 14.59 3.19 -80.62
CA TRP R 193 13.42 3.00 -81.45
C TRP R 193 13.13 1.53 -81.66
N LEU R 194 14.16 0.75 -82.04
CA LEU R 194 13.98 -0.68 -82.18
C LEU R 194 13.50 -1.31 -80.88
N ALA R 195 14.12 -0.94 -79.77
CA ALA R 195 13.69 -1.50 -78.48
C ALA R 195 12.25 -1.11 -78.17
N ASN R 196 11.86 0.11 -78.55
CA ASN R 196 10.46 0.49 -78.40
C ASN R 196 9.58 -0.23 -79.41
N ARG R 197 10.11 -0.48 -80.60
CA ARG R 197 9.34 -1.15 -81.64
C ARG R 197 9.32 -2.66 -81.45
N ILE R 198 10.40 -3.23 -80.91
CA ILE R 198 10.44 -4.67 -80.68
C ILE R 198 9.46 -5.06 -79.58
N ALA R 199 9.49 -4.33 -78.46
CA ALA R 199 8.55 -4.58 -77.39
C ALA R 199 7.11 -4.42 -77.85
N ASP R 200 6.88 -3.58 -78.87
CA ASP R 200 5.56 -3.47 -79.45
C ASP R 200 5.19 -4.76 -80.17
N LYS R 201 6.11 -5.29 -80.98
CA LYS R 201 5.84 -6.52 -81.70
C LYS R 201 5.70 -7.71 -80.76
N PHE R 202 6.43 -7.71 -79.65
CA PHE R 202 6.29 -8.81 -78.70
C PHE R 202 4.96 -8.75 -77.98
N ALA R 203 4.54 -7.57 -77.53
CA ALA R 203 3.24 -7.44 -76.90
C ALA R 203 2.10 -7.73 -77.87
N ARG R 204 2.38 -7.72 -79.16
CA ARG R 204 1.37 -8.03 -80.16
C ARG R 204 1.47 -9.46 -80.66
N ALA R 205 2.64 -10.10 -80.55
CA ALA R 205 2.76 -11.49 -80.94
C ALA R 205 2.34 -12.42 -79.81
N GLU R 206 2.69 -12.06 -78.57
CA GLU R 206 2.24 -12.84 -77.43
C GLU R 206 0.76 -12.63 -77.14
N ALA R 207 0.16 -11.56 -77.68
CA ALA R 207 -1.28 -11.38 -77.51
C ALA R 207 -2.06 -12.45 -78.23
N ALA R 208 -1.59 -12.86 -79.40
CA ALA R 208 -2.28 -13.91 -80.13
C ALA R 208 -2.06 -15.27 -79.47
N ALA R 209 -0.93 -15.44 -78.80
CA ALA R 209 -0.62 -16.72 -78.19
C ALA R 209 -1.45 -16.96 -76.94
N PHE R 210 -1.82 -15.90 -76.22
CA PHE R 210 -2.66 -16.05 -75.04
C PHE R 210 -4.07 -16.47 -75.39
N ILE R 211 -4.45 -16.43 -76.66
CA ILE R 211 -5.81 -16.71 -77.08
C ILE R 211 -5.89 -17.97 -77.92
N SER R 212 -5.14 -18.01 -79.03
CA SER R 212 -5.18 -19.15 -79.93
C SER R 212 -3.82 -19.82 -80.04
N GLY R 213 -2.96 -19.62 -79.04
CA GLY R 213 -1.65 -20.22 -79.07
C GLY R 213 -1.69 -21.65 -78.58
N ASP R 214 -1.08 -22.54 -79.36
CA ASP R 214 -0.98 -23.93 -78.97
C ASP R 214 0.15 -24.09 -77.96
N GLY R 215 0.56 -25.32 -77.70
CA GLY R 215 1.53 -25.54 -76.64
C GLY R 215 2.98 -25.48 -77.06
N VAL R 216 3.24 -25.64 -78.36
CA VAL R 216 4.61 -25.82 -78.83
C VAL R 216 5.31 -24.46 -78.84
N ASP R 217 6.08 -24.21 -77.79
CA ASP R 217 6.95 -23.04 -77.69
C ASP R 217 6.18 -21.72 -77.74
N LYS R 218 4.94 -21.74 -77.26
CA LYS R 218 4.15 -20.52 -77.11
C LYS R 218 3.08 -20.78 -76.08
N PRO R 219 2.60 -19.75 -75.39
CA PRO R 219 1.57 -19.97 -74.37
C PRO R 219 0.35 -20.66 -74.94
N THR R 220 -0.23 -21.54 -74.14
CA THR R 220 -1.41 -22.27 -74.57
C THR R 220 -2.62 -21.36 -74.38
N GLY R 221 -3.20 -20.89 -75.47
CA GLY R 221 -4.34 -20.02 -75.36
C GLY R 221 -5.55 -20.75 -74.80
N PHE R 222 -6.46 -19.98 -74.22
CA PHE R 222 -7.60 -20.63 -73.59
C PHE R 222 -8.55 -21.25 -74.59
N LEU R 223 -8.34 -21.00 -75.89
CA LEU R 223 -9.25 -21.56 -76.93
C LEU R 223 -8.82 -22.98 -77.30
N THR R 224 -7.59 -23.37 -76.95
CA THR R 224 -7.10 -24.74 -77.16
C THR R 224 -7.08 -25.50 -75.84
N LYS R 225 -8.24 -25.60 -75.20
CA LYS R 225 -8.33 -26.21 -73.87
C LYS R 225 -9.51 -27.17 -73.78
N THR R 226 -9.65 -28.04 -74.78
CA THR R 226 -10.58 -29.17 -74.77
C THR R 226 -11.97 -28.78 -74.25
N LYS R 227 -12.63 -27.92 -75.04
CA LYS R 227 -13.94 -27.31 -74.69
C LYS R 227 -15.01 -28.39 -74.52
N VAL R 228 -15.83 -28.27 -73.47
CA VAL R 228 -16.91 -29.20 -73.17
C VAL R 228 -18.20 -28.41 -73.10
N ALA R 229 -19.29 -29.03 -73.52
CA ALA R 229 -20.58 -28.36 -73.46
C ALA R 229 -20.96 -28.10 -72.01
N ASN R 230 -21.31 -26.85 -71.71
CA ASN R 230 -21.56 -26.48 -70.33
C ASN R 230 -22.78 -27.23 -69.79
N GLY R 231 -22.72 -27.52 -68.50
CA GLY R 231 -23.73 -28.35 -67.87
C GLY R 231 -23.18 -29.73 -67.63
N ALA R 232 -22.53 -30.28 -68.64
CA ALA R 232 -21.68 -31.46 -68.47
C ALA R 232 -20.23 -31.04 -68.25
N TRP R 233 -20.00 -30.16 -67.29
CA TRP R 233 -18.72 -29.50 -67.14
C TRP R 233 -17.84 -30.28 -66.18
N ALA R 234 -16.63 -30.60 -66.63
CA ALA R 234 -15.61 -31.21 -65.80
C ALA R 234 -14.60 -30.14 -65.39
N TRP R 235 -13.58 -30.54 -64.65
CA TRP R 235 -12.60 -29.57 -64.20
C TRP R 235 -11.53 -29.30 -65.23
N GLY R 236 -11.16 -30.29 -66.03
CA GLY R 236 -10.08 -30.09 -66.98
C GLY R 236 -10.52 -29.53 -68.31
N SER R 237 -11.59 -28.75 -68.35
CA SER R 237 -12.16 -28.31 -69.61
C SER R 237 -12.90 -27.01 -69.44
N LEU R 238 -12.99 -26.25 -70.52
CA LEU R 238 -13.75 -25.01 -70.54
C LEU R 238 -15.16 -25.28 -71.03
N GLY R 239 -16.14 -24.74 -70.32
CA GLY R 239 -17.53 -24.95 -70.68
C GLY R 239 -18.05 -23.89 -71.62
N TYR R 240 -18.74 -24.33 -72.66
CA TYR R 240 -19.28 -23.45 -73.67
C TYR R 240 -20.78 -23.63 -73.75
N VAL R 241 -21.46 -22.60 -74.25
CA VAL R 241 -22.88 -22.68 -74.56
C VAL R 241 -23.05 -22.44 -76.05
N ALA R 242 -23.92 -23.22 -76.67
CA ALA R 242 -24.12 -23.13 -78.10
C ALA R 242 -25.28 -22.19 -78.41
N THR R 243 -25.24 -21.60 -79.59
CA THR R 243 -26.22 -20.58 -79.94
C THR R 243 -27.43 -21.13 -80.68
N GLY R 244 -27.25 -22.13 -81.53
CA GLY R 244 -28.32 -22.53 -82.40
C GLY R 244 -27.83 -22.78 -83.81
N ALA R 245 -28.26 -21.97 -84.77
CA ALA R 245 -27.84 -22.16 -86.16
C ALA R 245 -26.31 -22.21 -86.28
N ALA R 246 -25.82 -22.85 -87.34
CA ALA R 246 -24.40 -23.14 -87.45
C ALA R 246 -23.57 -21.87 -87.66
N GLY R 247 -23.99 -21.00 -88.57
CA GLY R 247 -23.19 -19.81 -88.81
C GLY R 247 -23.38 -18.71 -87.79
N ASP R 248 -24.56 -18.11 -87.76
CA ASP R 248 -24.82 -16.92 -86.95
C ASP R 248 -25.41 -17.31 -85.61
N PHE R 249 -25.96 -16.32 -84.92
CA PHE R 249 -26.70 -16.56 -83.70
C PHE R 249 -27.98 -17.34 -84.00
N ALA R 250 -28.78 -17.56 -82.96
CA ALA R 250 -30.03 -18.27 -83.13
C ALA R 250 -30.97 -17.47 -84.01
N ALA R 251 -31.86 -18.18 -84.70
CA ALA R 251 -32.75 -17.52 -85.65
C ALA R 251 -33.93 -16.85 -84.97
N VAL R 252 -34.38 -17.36 -83.83
CA VAL R 252 -35.57 -16.84 -83.16
C VAL R 252 -35.22 -16.07 -81.89
N ASN R 253 -34.64 -16.72 -80.91
CA ASN R 253 -34.26 -16.05 -79.67
C ASN R 253 -32.78 -15.70 -79.69
N ALA R 254 -32.41 -14.83 -80.62
CA ALA R 254 -31.07 -14.29 -80.64
C ALA R 254 -30.83 -13.51 -79.35
N SER R 255 -29.55 -13.32 -79.04
CA SER R 255 -29.13 -12.59 -77.84
C SER R 255 -29.52 -13.31 -76.56
N ASP R 256 -30.14 -14.49 -76.68
CA ASP R 256 -30.38 -15.31 -75.51
C ASP R 256 -29.28 -16.34 -75.32
N ALA R 257 -28.56 -16.68 -76.38
CA ALA R 257 -27.33 -17.44 -76.23
C ALA R 257 -26.24 -16.61 -75.56
N VAL R 258 -26.38 -15.29 -75.57
CA VAL R 258 -25.43 -14.43 -74.87
C VAL R 258 -25.87 -14.18 -73.45
N VAL R 259 -27.17 -13.94 -73.24
CA VAL R 259 -27.61 -13.58 -71.89
C VAL R 259 -27.57 -14.78 -70.97
N ASP R 260 -27.54 -16.00 -71.51
CA ASP R 260 -27.31 -17.16 -70.67
C ASP R 260 -25.84 -17.54 -70.61
N LEU R 261 -25.05 -17.14 -71.61
CA LEU R 261 -23.60 -17.23 -71.48
C LEU R 261 -23.13 -16.41 -70.30
N VAL R 262 -23.79 -15.29 -70.02
CA VAL R 262 -23.41 -14.46 -68.88
C VAL R 262 -23.76 -15.17 -67.59
N TYR R 263 -24.98 -15.66 -67.48
CA TYR R 263 -25.46 -16.26 -66.25
C TYR R 263 -25.15 -17.75 -66.15
N ALA R 264 -24.18 -18.23 -66.93
CA ALA R 264 -23.70 -19.59 -66.81
C ALA R 264 -22.31 -19.64 -66.19
N LEU R 265 -21.82 -18.52 -65.67
CA LEU R 265 -20.44 -18.38 -65.27
C LEU R 265 -20.23 -18.36 -63.75
N GLY R 266 -21.29 -18.29 -62.97
CA GLY R 266 -21.12 -18.28 -61.53
C GLY R 266 -21.16 -16.87 -60.99
N ALA R 267 -21.77 -16.70 -59.82
CA ALA R 267 -22.02 -15.36 -59.33
C ALA R 267 -20.74 -14.62 -58.97
N GLU R 268 -19.69 -15.36 -58.61
CA GLU R 268 -18.50 -14.72 -58.08
C GLU R 268 -17.52 -14.26 -59.16
N TYR R 269 -17.45 -14.97 -60.28
CA TYR R 269 -16.57 -14.52 -61.35
C TYR R 269 -17.19 -13.38 -62.16
N ARG R 270 -18.51 -13.29 -62.19
CA ARG R 270 -19.16 -12.18 -62.90
C ARG R 270 -18.94 -10.83 -62.24
N ALA R 271 -18.52 -10.80 -60.97
CA ALA R 271 -18.31 -9.51 -60.32
C ALA R 271 -17.29 -8.69 -61.07
N ASN R 272 -16.22 -9.32 -61.54
CA ASN R 272 -15.24 -8.69 -62.43
C ASN R 272 -14.91 -9.66 -63.55
N ALA R 273 -15.69 -9.61 -64.62
CA ALA R 273 -15.50 -10.43 -65.81
C ALA R 273 -15.59 -9.53 -67.03
N SER R 274 -15.38 -10.10 -68.21
CA SER R 274 -15.41 -9.31 -69.43
C SER R 274 -15.57 -10.22 -70.64
N PHE R 275 -16.28 -9.74 -71.65
CA PHE R 275 -16.33 -10.44 -72.91
C PHE R 275 -15.00 -10.27 -73.64
N VAL R 276 -14.72 -11.19 -74.55
CA VAL R 276 -13.55 -11.10 -75.42
C VAL R 276 -14.00 -11.47 -76.83
N MET R 277 -13.81 -10.56 -77.77
CA MET R 277 -14.17 -10.77 -79.16
C MET R 277 -13.10 -10.14 -80.02
N ASN R 278 -13.31 -10.15 -81.32
CA ASN R 278 -12.47 -9.38 -82.22
C ASN R 278 -13.27 -8.22 -82.78
N SER R 279 -12.63 -7.41 -83.61
CA SER R 279 -13.30 -6.22 -84.12
C SER R 279 -14.48 -6.60 -85.00
N LYS R 280 -14.35 -7.68 -85.78
CA LYS R 280 -15.41 -8.07 -86.70
C LYS R 280 -16.56 -8.76 -86.00
N THR R 281 -16.37 -9.24 -84.77
CA THR R 281 -17.48 -9.85 -84.06
C THR R 281 -18.26 -8.84 -83.24
N ALA R 282 -17.57 -7.88 -82.62
CA ALA R 282 -18.30 -6.81 -81.95
C ALA R 282 -19.14 -6.02 -82.93
N GLY R 283 -18.69 -5.91 -84.18
CA GLY R 283 -19.54 -5.34 -85.21
C GLY R 283 -20.73 -6.22 -85.52
N ALA R 284 -20.51 -7.53 -85.61
CA ALA R 284 -21.60 -8.45 -85.85
C ALA R 284 -22.55 -8.54 -84.66
N VAL R 285 -22.10 -8.14 -83.47
CA VAL R 285 -22.98 -8.04 -82.33
C VAL R 285 -23.71 -6.71 -82.32
N ARG R 286 -23.00 -5.63 -82.65
CA ARG R 286 -23.62 -4.31 -82.69
C ARG R 286 -24.74 -4.23 -83.71
N LYS R 287 -24.63 -4.98 -84.80
CA LYS R 287 -25.64 -4.97 -85.85
C LYS R 287 -26.88 -5.77 -85.48
N MET R 288 -26.86 -6.55 -84.41
CA MET R 288 -28.05 -7.27 -83.99
C MET R 288 -29.13 -6.27 -83.61
N LYS R 289 -30.32 -6.44 -84.19
CA LYS R 289 -31.39 -5.47 -84.02
C LYS R 289 -32.69 -6.20 -83.76
N ASP R 290 -33.59 -5.54 -83.05
CA ASP R 290 -34.85 -6.16 -82.62
C ASP R 290 -35.84 -6.17 -83.77
N ALA R 291 -37.10 -6.49 -83.46
CA ALA R 291 -38.11 -6.63 -84.50
C ALA R 291 -38.41 -5.33 -85.23
N ASP R 292 -37.89 -4.20 -84.75
CA ASP R 292 -38.15 -2.91 -85.38
C ASP R 292 -37.02 -2.45 -86.29
N GLY R 293 -35.78 -2.75 -85.94
CA GLY R 293 -34.62 -2.29 -86.67
C GLY R 293 -33.65 -1.51 -85.83
N ARG R 294 -34.11 -0.99 -84.70
CA ARG R 294 -33.21 -0.33 -83.75
C ARG R 294 -32.46 -1.40 -82.99
N PHE R 295 -31.13 -1.38 -83.09
CA PHE R 295 -30.31 -2.44 -82.50
C PHE R 295 -30.55 -2.56 -81.00
N LEU R 296 -30.64 -3.81 -80.53
CA LEU R 296 -31.16 -4.10 -79.20
C LEU R 296 -30.13 -3.98 -78.10
N TRP R 297 -28.87 -3.80 -78.43
CA TRP R 297 -27.84 -3.53 -77.42
C TRP R 297 -27.74 -2.02 -77.26
N ALA R 298 -28.14 -1.51 -76.10
CA ALA R 298 -28.07 -0.08 -75.85
C ALA R 298 -26.64 0.43 -75.87
N GLU R 305 -15.76 4.15 -74.10
CA GLU R 305 -14.37 3.81 -74.39
C GLU R 305 -13.89 2.42 -73.93
N PRO R 306 -14.58 1.78 -72.97
CA PRO R 306 -14.37 0.34 -72.79
C PRO R 306 -15.19 -0.50 -73.75
N ALA R 307 -16.18 0.11 -74.41
CA ALA R 307 -17.09 -0.58 -75.30
C ALA R 307 -17.77 -1.76 -74.60
N ARG R 308 -18.39 -1.46 -73.47
CA ARG R 308 -18.94 -2.52 -72.65
C ARG R 308 -20.21 -3.09 -73.29
N LEU R 309 -20.51 -4.34 -72.94
CA LEU R 309 -21.69 -5.04 -73.42
C LEU R 309 -22.42 -5.59 -72.21
N MET R 310 -23.72 -5.33 -72.13
CA MET R 310 -24.55 -5.82 -71.03
C MET R 310 -23.98 -5.41 -69.68
N GLY R 311 -23.25 -4.30 -69.65
CA GLY R 311 -22.65 -3.81 -68.44
C GLY R 311 -21.26 -4.36 -68.15
N TYR R 312 -20.91 -5.50 -68.71
CA TYR R 312 -19.57 -6.03 -68.50
C TYR R 312 -18.63 -5.53 -69.58
N PRO R 313 -17.38 -5.24 -69.22
CA PRO R 313 -16.44 -4.72 -70.21
C PRO R 313 -16.25 -5.70 -71.36
N VAL R 314 -15.74 -5.17 -72.46
CA VAL R 314 -15.41 -5.99 -73.61
C VAL R 314 -13.98 -5.68 -73.99
N LEU R 315 -13.15 -6.70 -74.04
CA LEU R 315 -11.78 -6.56 -74.54
C LEU R 315 -11.80 -6.92 -76.02
N ILE R 316 -11.64 -5.92 -76.87
CA ILE R 316 -11.67 -6.17 -78.30
C ILE R 316 -10.31 -6.70 -78.69
N ALA R 317 -10.15 -8.01 -78.64
CA ALA R 317 -8.93 -8.61 -79.14
C ALA R 317 -8.95 -8.55 -80.66
N GLU R 318 -7.92 -9.09 -81.29
CA GLU R 318 -7.89 -9.17 -82.74
C GLU R 318 -7.49 -10.57 -83.20
N ASP R 319 -7.63 -11.55 -82.32
CA ASP R 319 -7.08 -12.87 -82.56
C ASP R 319 -8.06 -13.98 -82.23
N MET R 320 -9.24 -13.66 -81.75
CA MET R 320 -10.25 -14.68 -81.60
C MET R 320 -10.84 -15.02 -82.97
N PRO R 321 -11.24 -16.27 -83.18
CA PRO R 321 -11.76 -16.66 -84.49
C PRO R 321 -13.03 -15.93 -84.83
N ASP R 322 -13.26 -15.75 -86.13
CA ASP R 322 -14.47 -15.09 -86.58
C ASP R 322 -15.68 -15.96 -86.31
N ILE R 323 -16.86 -15.47 -86.68
CA ILE R 323 -18.06 -16.25 -86.45
C ILE R 323 -18.16 -17.28 -87.56
N ALA R 324 -17.57 -18.44 -87.34
CA ALA R 324 -17.51 -19.52 -88.30
C ALA R 324 -18.53 -20.59 -87.96
N ALA R 325 -18.46 -21.73 -88.64
CA ALA R 325 -19.42 -22.80 -88.42
C ALA R 325 -19.46 -23.23 -86.96
N ASN R 326 -18.31 -23.59 -86.40
CA ASN R 326 -18.26 -24.06 -85.02
C ASN R 326 -17.20 -23.32 -84.23
N ALA R 327 -16.94 -22.07 -84.59
CA ALA R 327 -15.90 -21.31 -83.92
C ALA R 327 -16.41 -20.79 -82.59
N TYR R 328 -15.47 -20.38 -81.75
CA TYR R 328 -15.76 -19.79 -80.45
C TYR R 328 -15.32 -18.35 -80.55
N ALA R 329 -16.22 -17.50 -81.04
CA ALA R 329 -15.86 -16.12 -81.31
C ALA R 329 -16.02 -15.21 -80.10
N ILE R 330 -16.85 -15.59 -79.14
CA ILE R 330 -17.10 -14.77 -77.96
C ILE R 330 -16.77 -15.61 -76.73
N ALA R 331 -15.84 -15.12 -75.94
CA ALA R 331 -15.54 -15.70 -74.64
C ALA R 331 -15.91 -14.70 -73.57
N PHE R 332 -16.13 -15.19 -72.37
CA PHE R 332 -16.55 -14.34 -71.27
C PHE R 332 -16.08 -15.01 -69.99
N GLY R 333 -15.37 -14.27 -69.17
CA GLY R 333 -14.92 -14.84 -67.92
C GLY R 333 -14.02 -13.87 -67.19
N ASP R 334 -13.68 -14.27 -65.96
CA ASP R 334 -12.78 -13.50 -65.11
C ASP R 334 -11.36 -13.94 -65.38
N PHE R 335 -10.74 -13.36 -66.39
CA PHE R 335 -9.38 -13.75 -66.71
C PHE R 335 -8.38 -13.31 -65.66
N GLY R 336 -8.80 -12.47 -64.71
CA GLY R 336 -7.93 -12.18 -63.58
C GLY R 336 -7.69 -13.40 -62.72
N ASN R 337 -8.65 -14.33 -62.71
CA ASN R 337 -8.49 -15.59 -62.02
C ASN R 337 -8.43 -16.78 -62.97
N GLY R 338 -8.89 -16.62 -64.20
CA GLY R 338 -8.96 -17.72 -65.13
C GLY R 338 -7.73 -17.95 -65.97
N TYR R 339 -6.90 -16.93 -66.13
CA TYR R 339 -5.72 -17.03 -66.97
C TYR R 339 -4.53 -16.40 -66.26
N THR R 340 -3.45 -17.15 -66.15
CA THR R 340 -2.24 -16.69 -65.47
C THR R 340 -1.11 -16.54 -66.47
N ILE R 341 -0.51 -15.37 -66.50
CA ILE R 341 0.64 -15.08 -67.35
C ILE R 341 1.88 -15.03 -66.49
N ALA R 342 2.89 -15.80 -66.87
CA ALA R 342 4.19 -15.76 -66.23
C ALA R 342 5.18 -15.21 -67.24
N GLU R 343 6.08 -14.34 -66.78
CA GLU R 343 6.96 -13.65 -67.71
C GLU R 343 8.09 -13.01 -66.94
N ARG R 344 9.07 -12.51 -67.69
CA ARG R 344 10.12 -11.68 -67.13
C ARG R 344 9.90 -10.25 -67.60
N PRO R 345 9.63 -9.32 -66.70
CA PRO R 345 9.11 -8.01 -67.10
C PRO R 345 10.22 -7.05 -67.56
N ASP R 346 10.90 -7.42 -68.62
CA ASP R 346 11.93 -6.58 -69.19
C ASP R 346 12.13 -7.01 -70.64
N LEU R 347 13.18 -6.50 -71.27
CA LEU R 347 13.48 -6.88 -72.64
C LEU R 347 15.00 -6.87 -72.76
N ARG R 348 15.59 -8.06 -72.82
CA ARG R 348 17.03 -8.19 -72.84
C ARG R 348 17.53 -8.03 -74.26
N VAL R 349 18.15 -6.88 -74.55
CA VAL R 349 18.66 -6.55 -75.87
C VAL R 349 20.17 -6.70 -75.84
N LEU R 350 20.68 -7.61 -76.65
CA LEU R 350 22.11 -7.88 -76.78
C LEU R 350 22.52 -7.43 -78.17
N ARG R 351 23.21 -6.30 -78.26
CA ARG R 351 23.67 -5.85 -79.56
C ARG R 351 25.00 -6.53 -79.88
N ASP R 352 25.09 -7.06 -81.09
CA ASP R 352 26.20 -7.93 -81.50
C ASP R 352 26.91 -7.32 -82.71
N PRO R 353 27.87 -6.43 -82.50
CA PRO R 353 28.56 -5.81 -83.64
C PRO R 353 29.61 -6.73 -84.22
N PHE R 354 29.53 -8.01 -83.90
CA PHE R 354 30.57 -8.99 -84.19
C PHE R 354 30.22 -9.96 -85.31
N SER R 355 29.03 -10.54 -85.31
CA SER R 355 28.72 -11.58 -86.29
C SER R 355 28.77 -11.04 -87.71
N ALA R 356 27.86 -10.13 -88.05
CA ALA R 356 27.91 -9.40 -89.32
C ALA R 356 28.62 -8.09 -89.03
N LYS R 357 29.87 -7.99 -89.47
CA LYS R 357 30.78 -7.03 -88.83
C LYS R 357 30.38 -5.58 -89.05
N PRO R 358 30.14 -5.10 -90.27
CA PRO R 358 29.78 -3.69 -90.44
C PRO R 358 28.36 -3.36 -90.03
N HIS R 359 27.64 -4.28 -89.40
CA HIS R 359 26.29 -4.08 -88.90
C HIS R 359 26.27 -4.23 -87.39
N VAL R 360 25.09 -4.24 -86.79
CA VAL R 360 24.95 -4.25 -85.34
C VAL R 360 24.16 -5.46 -84.84
N LEU R 361 23.09 -5.84 -85.53
CA LEU R 361 22.40 -7.11 -85.30
C LEU R 361 21.90 -7.23 -83.86
N PHE R 362 20.97 -6.35 -83.53
CA PHE R 362 20.35 -6.38 -82.20
C PHE R 362 19.63 -7.69 -82.00
N TYR R 363 19.86 -8.32 -80.86
CA TYR R 363 19.20 -9.59 -80.52
C TYR R 363 18.36 -9.36 -79.27
N ALA R 364 17.07 -9.12 -79.46
CA ALA R 364 16.16 -8.87 -78.36
C ALA R 364 15.27 -10.09 -78.15
N SER R 365 14.95 -10.37 -76.89
CA SER R 365 14.21 -11.57 -76.58
C SER R 365 13.55 -11.44 -75.22
N LYS R 366 12.25 -11.66 -75.15
CA LYS R 366 11.50 -11.73 -73.91
C LYS R 366 10.99 -13.15 -73.71
N ARG R 367 10.76 -13.51 -72.45
CA ARG R 367 10.28 -14.83 -72.09
C ARG R 367 8.90 -14.71 -71.46
N VAL R 368 7.92 -15.40 -72.03
CA VAL R 368 6.54 -15.26 -71.61
C VAL R 368 5.85 -16.60 -71.74
N GLY R 369 4.94 -16.89 -70.81
CA GLY R 369 4.17 -18.11 -70.88
C GLY R 369 2.81 -17.89 -70.24
N GLY R 370 1.96 -18.90 -70.35
CA GLY R 370 0.68 -18.83 -69.70
C GLY R 370 -0.37 -19.82 -70.18
N ASP R 371 -1.10 -20.41 -69.24
CA ASP R 371 -2.20 -21.31 -69.51
C ASP R 371 -3.37 -20.88 -68.64
N VAL R 372 -4.50 -21.55 -68.79
CA VAL R 372 -5.64 -21.25 -67.93
C VAL R 372 -5.35 -21.76 -66.53
N SER R 373 -5.67 -20.95 -65.53
CA SER R 373 -5.54 -21.37 -64.14
C SER R 373 -6.82 -21.91 -63.56
N ASP R 374 -7.95 -21.33 -63.93
CA ASP R 374 -9.25 -21.70 -63.37
C ASP R 374 -10.18 -22.01 -64.52
N PHE R 375 -10.45 -23.29 -64.74
CA PHE R 375 -11.32 -23.69 -65.84
C PHE R 375 -12.76 -23.27 -65.62
N ALA R 376 -13.13 -22.89 -64.40
CA ALA R 376 -14.47 -22.41 -64.12
C ALA R 376 -14.62 -20.92 -64.34
N ALA R 377 -13.54 -20.21 -64.64
CA ALA R 377 -13.58 -18.75 -64.73
C ALA R 377 -13.59 -18.24 -66.16
N ILE R 378 -13.77 -19.12 -67.15
CA ILE R 378 -13.81 -18.70 -68.54
C ILE R 378 -14.88 -19.53 -69.24
N LYS R 379 -15.92 -18.86 -69.74
CA LYS R 379 -16.96 -19.52 -70.49
C LYS R 379 -16.93 -19.02 -71.93
N LEU R 380 -17.27 -19.90 -72.86
CA LEU R 380 -17.12 -19.65 -74.28
C LEU R 380 -18.49 -19.69 -74.96
N LEU R 381 -18.49 -19.37 -76.26
CA LEU R 381 -19.70 -19.37 -77.08
C LEU R 381 -19.40 -20.11 -78.37
N LYS R 382 -19.90 -21.33 -78.49
CA LYS R 382 -19.83 -22.06 -79.74
C LYS R 382 -21.06 -21.76 -80.57
N PHE R 383 -20.89 -21.75 -81.90
CA PHE R 383 -21.98 -21.46 -82.80
C PHE R 383 -22.53 -22.70 -83.50
N ALA R 384 -22.41 -23.87 -82.87
CA ALA R 384 -22.78 -25.08 -83.59
C ALA R 384 -24.27 -25.36 -83.54
N ALA R 385 -24.80 -25.61 -82.35
CA ALA R 385 -26.19 -26.04 -82.17
C ALA R 385 -26.53 -26.18 -80.70
N ALA S 89 112.44 -22.32 -49.31
CA ALA S 89 111.06 -21.89 -49.46
C ALA S 89 110.43 -22.57 -50.66
N LEU S 90 111.05 -23.65 -51.08
CA LEU S 90 110.55 -24.43 -52.21
C LEU S 90 109.44 -25.34 -51.70
N ASN S 91 109.13 -26.38 -52.45
CA ASN S 91 108.08 -27.33 -52.10
C ASN S 91 108.18 -27.77 -50.65
N SER S 92 107.03 -28.05 -50.05
CA SER S 92 106.97 -28.54 -48.68
C SER S 92 106.97 -30.05 -48.59
N ALA S 93 107.34 -30.74 -49.67
CA ALA S 93 107.33 -32.20 -49.68
C ALA S 93 108.61 -32.76 -49.10
N VAL S 94 109.75 -32.14 -49.38
CA VAL S 94 111.03 -32.57 -48.84
C VAL S 94 111.44 -31.60 -47.75
N ALA S 95 112.12 -32.12 -46.73
CA ALA S 95 112.29 -31.37 -45.49
C ALA S 95 113.24 -30.19 -45.68
N ALA S 96 114.44 -30.45 -46.18
CA ALA S 96 115.46 -29.41 -46.23
C ALA S 96 115.02 -28.21 -47.07
N GLU S 97 114.24 -28.46 -48.12
CA GLU S 97 113.82 -27.40 -49.03
C GLU S 97 112.50 -26.78 -48.58
N GLY S 98 112.49 -26.33 -47.33
CA GLY S 98 111.33 -25.67 -46.78
C GLY S 98 110.33 -26.56 -46.09
N GLY S 99 110.54 -27.88 -46.09
CA GLY S 99 109.58 -28.77 -45.49
C GLY S 99 109.52 -28.71 -43.98
N TYR S 100 110.47 -28.06 -43.34
CA TYR S 100 110.50 -27.96 -41.89
C TYR S 100 109.62 -26.85 -41.36
N LEU S 101 109.05 -26.03 -42.23
CA LEU S 101 108.34 -24.83 -41.82
C LEU S 101 106.83 -25.06 -41.67
N VAL S 102 106.40 -26.31 -41.56
CA VAL S 102 105.01 -26.64 -41.79
C VAL S 102 104.25 -27.06 -40.53
N ASP S 103 104.91 -27.70 -39.56
CA ASP S 103 104.35 -27.88 -38.21
C ASP S 103 102.94 -28.46 -38.18
N PRO S 104 102.76 -29.77 -38.37
CA PRO S 104 101.42 -30.35 -38.29
C PRO S 104 100.75 -30.04 -36.96
N GLN S 105 99.47 -29.66 -37.01
CA GLN S 105 98.76 -29.32 -35.81
C GLN S 105 98.06 -30.55 -35.23
N THR S 106 97.88 -30.55 -33.92
CA THR S 106 97.41 -31.71 -33.19
C THR S 106 95.92 -31.58 -32.91
N SER S 107 95.35 -32.67 -32.39
CA SER S 107 93.96 -32.65 -31.97
C SER S 107 93.77 -31.60 -30.89
N GLU S 108 92.54 -31.09 -30.80
CA GLU S 108 92.23 -30.15 -29.72
C GLU S 108 92.15 -30.86 -28.39
N THR S 109 91.81 -32.16 -28.41
CA THR S 109 91.71 -32.97 -27.20
C THR S 109 92.06 -34.40 -27.56
N ILE S 110 92.80 -35.07 -26.68
CA ILE S 110 93.25 -36.44 -26.95
C ILE S 110 92.05 -37.37 -26.90
N ARG S 111 91.59 -37.80 -28.07
CA ARG S 111 90.46 -38.72 -28.16
C ARG S 111 90.93 -40.12 -27.77
N GLY S 112 89.97 -41.04 -27.68
CA GLY S 112 90.31 -42.38 -27.23
C GLY S 112 89.34 -43.42 -27.76
N VAL S 113 89.76 -44.68 -27.62
CA VAL S 113 88.91 -45.79 -28.03
C VAL S 113 87.68 -45.83 -27.14
N LEU S 114 86.55 -46.21 -27.72
CA LEU S 114 85.26 -46.23 -27.03
C LEU S 114 84.95 -47.64 -26.58
N ARG S 115 84.75 -47.82 -25.29
CA ARG S 115 84.38 -49.11 -24.72
C ARG S 115 82.99 -49.03 -24.14
N SER S 116 82.38 -50.19 -23.92
CA SER S 116 80.97 -50.24 -23.56
C SER S 116 80.72 -49.60 -22.21
N THR S 117 79.71 -48.75 -22.13
CA THR S 117 79.32 -48.11 -20.89
C THR S 117 78.02 -48.68 -20.32
N ALA S 118 77.45 -49.70 -20.94
CA ALA S 118 76.28 -50.37 -20.39
C ALA S 118 76.68 -51.00 -19.08
N SER S 119 76.22 -50.44 -17.97
CA SER S 119 76.80 -50.74 -16.67
C SER S 119 75.81 -51.24 -15.63
N LEU S 120 74.55 -51.46 -15.99
CA LEU S 120 73.52 -51.94 -15.07
C LEU S 120 73.24 -50.88 -14.01
N ARG S 121 73.98 -49.78 -14.03
CA ARG S 121 73.76 -48.68 -13.11
C ARG S 121 72.63 -47.79 -13.55
N GLN S 122 72.31 -47.79 -14.85
CA GLN S 122 71.17 -47.02 -15.32
C GLN S 122 69.85 -47.74 -15.11
N ILE S 123 69.86 -49.03 -14.75
CA ILE S 123 68.63 -49.76 -14.51
C ILE S 123 68.53 -50.28 -13.08
N ALA S 124 69.53 -50.06 -12.25
CA ALA S 124 69.45 -50.47 -10.86
C ALA S 124 69.12 -49.26 -9.99
N SER S 125 69.09 -49.50 -8.67
CA SER S 125 68.72 -48.47 -7.71
C SER S 125 69.99 -47.92 -7.07
N VAL S 126 70.46 -46.80 -7.56
CA VAL S 126 71.66 -46.18 -7.01
C VAL S 126 71.27 -45.32 -5.81
N VAL S 127 71.92 -45.55 -4.69
CA VAL S 127 71.62 -44.84 -3.44
C VAL S 127 72.91 -44.22 -2.90
N ASN S 128 72.98 -42.89 -2.94
CA ASN S 128 74.13 -42.19 -2.38
C ASN S 128 74.17 -42.42 -0.88
N VAL S 129 75.23 -43.07 -0.40
CA VAL S 129 75.33 -43.40 1.02
C VAL S 129 76.73 -43.02 1.50
N GLU S 130 76.78 -42.15 2.48
CA GLU S 130 78.04 -41.73 3.09
C GLU S 130 78.24 -42.49 4.41
N ALA S 131 78.50 -43.79 4.27
CA ALA S 131 78.64 -44.66 5.42
C ALA S 131 79.53 -45.84 5.02
N THR S 132 79.53 -46.87 5.86
CA THR S 132 80.30 -48.06 5.59
C THR S 132 79.48 -49.16 4.95
N SER S 133 78.16 -49.06 4.99
CA SER S 133 77.30 -50.09 4.45
C SER S 133 75.91 -49.51 4.26
N PHE S 134 75.12 -50.20 3.46
CA PHE S 134 73.73 -49.86 3.25
C PHE S 134 72.91 -51.07 3.67
N ASP S 135 71.86 -50.83 4.43
CA ASP S 135 71.05 -51.91 4.99
C ASP S 135 69.67 -51.84 4.36
N VAL S 136 69.48 -52.59 3.28
CA VAL S 136 68.19 -52.62 2.62
C VAL S 136 67.26 -53.47 3.46
N LEU S 137 66.08 -52.94 3.75
CA LEU S 137 65.08 -53.63 4.55
C LEU S 137 63.90 -53.97 3.66
N VAL S 138 63.73 -55.26 3.37
CA VAL S 138 62.68 -55.72 2.48
C VAL S 138 61.70 -56.55 3.28
N ASP S 139 60.47 -56.65 2.76
CA ASP S 139 59.43 -57.49 3.33
C ASP S 139 59.39 -58.78 2.53
N LYS S 140 59.85 -59.87 3.13
CA LYS S 140 59.94 -61.11 2.38
C LYS S 140 58.63 -61.87 2.30
N THR S 141 57.55 -61.36 2.90
CA THR S 141 56.27 -62.04 2.85
C THR S 141 55.17 -60.97 2.83
N ASP S 142 53.92 -61.39 3.01
CA ASP S 142 52.77 -60.50 2.96
C ASP S 142 51.86 -60.78 4.16
N MET S 143 50.87 -59.92 4.33
CA MET S 143 49.94 -60.01 5.45
C MET S 143 48.84 -61.02 5.14
N GLY S 144 47.83 -61.05 5.99
CA GLY S 144 46.68 -61.88 5.74
C GLY S 144 45.40 -61.09 5.95
N SER S 145 44.48 -61.18 5.01
CA SER S 145 43.21 -60.47 5.06
C SER S 145 42.10 -61.40 5.54
N GLY S 146 40.95 -60.81 5.82
CA GLY S 146 39.89 -61.60 6.41
C GLY S 146 38.68 -61.96 5.57
N TRP S 147 38.15 -61.01 4.80
CA TRP S 147 36.77 -61.07 4.32
C TRP S 147 35.83 -61.33 5.51
N ALA S 148 35.85 -60.38 6.44
CA ALA S 148 35.13 -60.55 7.69
C ALA S 148 33.62 -60.55 7.45
N SER S 149 32.92 -61.28 8.30
CA SER S 149 31.46 -61.34 8.22
C SER S 149 30.86 -60.16 8.96
N GLU S 150 29.53 -60.16 9.08
CA GLU S 150 28.87 -59.11 9.85
C GLU S 150 29.07 -59.34 11.34
N THR S 151 28.92 -60.59 11.79
CA THR S 151 29.12 -60.98 13.18
C THR S 151 30.10 -62.14 13.18
N ALA S 152 31.40 -61.85 13.32
CA ALA S 152 32.40 -62.89 13.23
C ALA S 152 33.47 -62.85 14.31
N ALA S 153 33.65 -61.74 15.02
CA ALA S 153 34.68 -61.62 16.04
C ALA S 153 36.07 -61.90 15.44
N LEU S 154 36.50 -60.98 14.58
CA LEU S 154 37.76 -61.12 13.87
C LEU S 154 38.92 -61.34 14.82
N SER S 155 39.87 -62.16 14.39
CA SER S 155 41.03 -62.53 15.17
C SER S 155 42.27 -61.79 14.69
N GLU S 156 43.41 -62.08 15.31
CA GLU S 156 44.67 -61.55 14.82
C GLU S 156 45.08 -62.26 13.53
N THR S 157 45.81 -61.54 12.68
CA THR S 157 46.25 -62.07 11.40
C THR S 157 47.77 -61.93 11.30
N ALA S 158 48.32 -62.43 10.19
CA ALA S 158 49.75 -62.43 9.99
C ALA S 158 50.26 -61.01 9.75
N THR S 159 51.59 -60.89 9.65
CA THR S 159 52.28 -59.64 9.42
C THR S 159 53.60 -60.05 8.77
N PRO S 160 54.05 -59.36 7.72
CA PRO S 160 55.18 -59.88 6.94
C PRO S 160 56.45 -59.92 7.76
N GLN S 161 57.20 -61.01 7.62
CA GLN S 161 58.53 -61.04 8.19
C GLN S 161 59.47 -60.23 7.30
N ILE S 162 60.51 -59.71 7.93
CA ILE S 162 61.32 -58.65 7.33
C ILE S 162 62.77 -59.09 7.26
N ASP S 163 63.40 -58.82 6.12
CA ASP S 163 64.77 -59.20 5.85
C ASP S 163 65.61 -57.95 5.72
N ARG S 164 66.86 -58.02 6.16
CA ARG S 164 67.80 -56.91 6.06
C ARG S 164 69.00 -57.36 5.25
N ILE S 165 69.41 -56.55 4.28
CA ILE S 165 70.47 -56.89 3.34
C ILE S 165 71.54 -55.83 3.44
N THR S 166 72.78 -56.26 3.71
CA THR S 166 73.89 -55.36 3.99
C THR S 166 74.71 -55.14 2.73
N ILE S 167 74.70 -53.92 2.21
CA ILE S 167 75.53 -53.54 1.07
C ILE S 167 76.89 -53.10 1.59
N PRO S 168 77.94 -53.92 1.48
CA PRO S 168 79.17 -53.64 2.23
C PRO S 168 79.93 -52.41 1.76
N LEU S 169 79.64 -51.88 0.58
CA LEU S 169 80.24 -50.63 0.10
C LEU S 169 81.77 -50.70 0.09
N HIS S 170 82.27 -51.51 -0.84
CA HIS S 170 83.70 -51.71 -1.03
C HIS S 170 84.32 -50.50 -1.72
N GLU S 171 85.59 -50.63 -2.10
CA GLU S 171 86.35 -49.52 -2.68
C GLU S 171 87.03 -49.96 -3.96
N LEU S 172 87.08 -49.04 -4.93
CA LEU S 172 87.60 -49.29 -6.27
C LEU S 172 88.66 -48.22 -6.54
N ALA S 173 89.92 -48.62 -6.68
CA ALA S 173 91.01 -47.66 -6.73
C ALA S 173 91.92 -47.93 -7.90
N ALA S 174 92.35 -46.85 -8.54
CA ALA S 174 93.34 -46.88 -9.61
C ALA S 174 94.42 -45.87 -9.28
N MET S 175 95.64 -46.15 -9.73
CA MET S 175 96.79 -45.28 -9.44
C MET S 175 97.70 -45.22 -10.65
N PRO S 176 97.41 -44.33 -11.59
CA PRO S 176 98.32 -44.11 -12.71
C PRO S 176 99.45 -43.18 -12.33
N LYS S 177 100.62 -43.46 -12.88
CA LYS S 177 101.82 -42.67 -12.61
C LYS S 177 102.16 -41.88 -13.85
N ALA S 178 102.59 -40.65 -13.67
CA ALA S 178 102.90 -39.78 -14.78
C ALA S 178 104.08 -38.89 -14.42
N SER S 179 105.01 -38.74 -15.35
CA SER S 179 106.23 -38.00 -15.08
C SER S 179 105.98 -36.51 -15.13
N GLN S 180 106.57 -35.78 -14.18
CA GLN S 180 106.37 -34.34 -14.12
C GLN S 180 106.92 -33.64 -15.35
N ARG S 181 107.92 -34.24 -16.01
CA ARG S 181 108.42 -33.66 -17.25
C ARG S 181 107.40 -33.73 -18.36
N LEU S 182 106.43 -34.64 -18.24
CA LEU S 182 105.34 -34.69 -19.20
C LEU S 182 104.19 -33.79 -18.80
N LEU S 183 103.85 -33.75 -17.51
CA LEU S 183 102.66 -33.02 -17.08
C LEU S 183 102.72 -31.55 -17.44
N ASP S 184 103.91 -30.95 -17.43
CA ASP S 184 104.05 -29.53 -17.67
C ASP S 184 104.43 -29.19 -19.10
N ASP S 185 104.84 -30.19 -19.90
CA ASP S 185 105.40 -29.95 -21.22
C ASP S 185 104.55 -30.58 -22.32
N SER S 186 103.28 -30.82 -22.05
CA SER S 186 102.43 -31.65 -22.89
C SER S 186 101.06 -31.01 -23.08
N ALA S 187 101.01 -29.80 -23.64
CA ALA S 187 99.93 -28.83 -23.47
C ALA S 187 98.52 -29.39 -23.29
N PHE S 188 98.23 -30.59 -23.79
CA PHE S 188 97.02 -31.28 -23.37
C PHE S 188 96.96 -31.37 -21.86
N ASP S 189 95.76 -31.22 -21.31
CA ASP S 189 95.62 -31.31 -19.87
C ASP S 189 95.68 -32.76 -19.42
N ILE S 190 96.89 -33.25 -19.13
CA ILE S 190 97.05 -34.64 -18.73
C ILE S 190 96.45 -34.86 -17.34
N GLU S 191 96.48 -33.85 -16.48
CA GLU S 191 95.85 -33.97 -15.18
C GLU S 191 94.38 -34.33 -15.30
N THR S 192 93.61 -33.50 -16.01
CA THR S 192 92.18 -33.74 -16.15
C THR S 192 91.86 -34.80 -17.20
N TRP S 193 92.83 -35.24 -17.99
CA TRP S 193 92.54 -36.30 -18.94
C TRP S 193 92.60 -37.66 -18.26
N LEU S 194 93.47 -37.84 -17.28
CA LEU S 194 93.45 -39.06 -16.50
C LEU S 194 92.18 -39.13 -15.65
N ALA S 195 91.85 -38.04 -14.96
CA ALA S 195 90.65 -38.00 -14.14
C ALA S 195 89.40 -38.21 -14.97
N ASN S 196 89.43 -37.84 -16.26
CA ASN S 196 88.33 -38.15 -17.15
C ASN S 196 88.40 -39.57 -17.65
N ARG S 197 89.60 -40.14 -17.70
CA ARG S 197 89.81 -41.50 -18.16
C ARG S 197 89.63 -42.51 -17.04
N ILE S 198 89.98 -42.14 -15.81
CA ILE S 198 89.77 -43.04 -14.68
C ILE S 198 88.30 -43.28 -14.46
N ALA S 199 87.51 -42.20 -14.40
CA ALA S 199 86.07 -42.34 -14.19
C ALA S 199 85.43 -43.18 -15.28
N ASP S 200 85.97 -43.14 -16.49
CA ASP S 200 85.47 -44.00 -17.56
C ASP S 200 85.86 -45.45 -17.33
N LYS S 201 86.97 -45.69 -16.65
CA LYS S 201 87.39 -47.05 -16.35
C LYS S 201 86.68 -47.59 -15.11
N PHE S 202 86.40 -46.73 -14.14
CA PHE S 202 85.71 -47.19 -12.94
C PHE S 202 84.28 -47.59 -13.26
N ALA S 203 83.58 -46.76 -14.03
CA ALA S 203 82.21 -47.09 -14.40
C ALA S 203 82.13 -48.38 -15.20
N ARG S 204 83.22 -48.77 -15.85
CA ARG S 204 83.24 -50.04 -16.58
C ARG S 204 83.78 -51.17 -15.73
N ALA S 205 84.61 -50.85 -14.73
CA ALA S 205 85.11 -51.90 -13.83
C ALA S 205 84.08 -52.27 -12.78
N GLU S 206 83.36 -51.29 -12.24
CA GLU S 206 82.25 -51.59 -11.35
C GLU S 206 81.06 -52.15 -12.10
N ALA S 207 81.00 -51.98 -13.41
CA ALA S 207 79.93 -52.61 -14.17
C ALA S 207 80.08 -54.11 -14.20
N ALA S 208 81.31 -54.61 -14.19
CA ALA S 208 81.55 -56.04 -14.18
C ALA S 208 81.30 -56.63 -12.81
N ALA S 209 81.53 -55.84 -11.77
CA ALA S 209 81.26 -56.33 -10.42
C ALA S 209 79.77 -56.55 -10.20
N PHE S 210 78.95 -55.67 -10.75
CA PHE S 210 77.50 -55.77 -10.54
C PHE S 210 76.89 -56.98 -11.22
N ILE S 211 77.64 -57.72 -12.00
CA ILE S 211 77.05 -58.81 -12.78
C ILE S 211 77.67 -60.12 -12.34
N SER S 212 78.99 -60.23 -12.42
CA SER S 212 79.67 -61.47 -12.08
C SER S 212 80.62 -61.33 -10.90
N GLY S 213 80.61 -60.18 -10.23
CA GLY S 213 81.54 -59.96 -9.14
C GLY S 213 81.22 -60.83 -7.94
N ASP S 214 82.27 -61.28 -7.26
CA ASP S 214 82.11 -62.07 -6.06
C ASP S 214 81.99 -61.13 -4.87
N GLY S 215 82.10 -61.67 -3.65
CA GLY S 215 81.88 -60.84 -2.49
C GLY S 215 83.09 -60.07 -2.03
N VAL S 216 84.28 -60.65 -2.15
CA VAL S 216 85.48 -60.11 -1.54
C VAL S 216 85.85 -58.78 -2.18
N ASP S 217 85.79 -57.71 -1.40
CA ASP S 217 86.30 -56.40 -1.76
C ASP S 217 85.59 -55.79 -2.96
N LYS S 218 84.49 -56.38 -3.41
CA LYS S 218 83.82 -55.88 -4.59
C LYS S 218 82.35 -56.26 -4.53
N PRO S 219 81.47 -55.49 -5.16
CA PRO S 219 80.05 -55.82 -5.12
C PRO S 219 79.78 -57.21 -5.66
N THR S 220 78.83 -57.91 -5.05
CA THR S 220 78.46 -59.22 -5.54
C THR S 220 77.49 -59.04 -6.69
N GLY S 221 77.86 -59.54 -7.87
CA GLY S 221 76.93 -59.52 -8.96
C GLY S 221 75.73 -60.41 -8.73
N PHE S 222 74.69 -60.19 -9.50
CA PHE S 222 73.48 -60.98 -9.30
C PHE S 222 73.66 -62.42 -9.75
N LEU S 223 74.79 -62.77 -10.37
CA LEU S 223 75.01 -64.12 -10.82
C LEU S 223 75.58 -65.03 -9.73
N THR S 224 76.22 -64.46 -8.73
CA THR S 224 76.77 -65.25 -7.63
C THR S 224 75.82 -65.25 -6.44
N LYS S 225 74.59 -65.70 -6.66
CA LYS S 225 73.56 -65.66 -5.64
C LYS S 225 72.82 -66.99 -5.55
N THR S 226 73.57 -68.08 -5.50
CA THR S 226 73.06 -69.45 -5.26
C THR S 226 71.73 -69.72 -5.97
N LYS S 227 71.79 -69.67 -7.30
CA LYS S 227 70.59 -69.81 -8.12
C LYS S 227 69.90 -71.15 -7.87
N VAL S 228 68.56 -71.14 -7.90
CA VAL S 228 67.74 -72.33 -7.73
C VAL S 228 66.77 -72.43 -8.89
N ALA S 229 66.40 -73.66 -9.23
CA ALA S 229 65.44 -73.87 -10.31
C ALA S 229 64.10 -73.22 -9.98
N ASN S 230 63.57 -72.45 -10.92
CA ASN S 230 62.32 -71.75 -10.67
C ASN S 230 61.19 -72.76 -10.51
N GLY S 231 60.28 -72.46 -9.59
CA GLY S 231 59.22 -73.38 -9.22
C GLY S 231 59.52 -73.97 -7.87
N ALA S 232 60.77 -74.37 -7.66
CA ALA S 232 61.29 -74.63 -6.32
C ALA S 232 62.04 -73.42 -5.80
N TRP S 233 61.40 -72.25 -5.84
CA TRP S 233 62.07 -71.00 -5.59
C TRP S 233 61.79 -70.54 -4.16
N ALA S 234 62.86 -70.33 -3.41
CA ALA S 234 62.79 -69.79 -2.05
C ALA S 234 63.16 -68.32 -2.10
N TRP S 235 63.26 -67.69 -0.93
CA TRP S 235 63.56 -66.27 -0.91
C TRP S 235 65.04 -65.97 -1.04
N GLY S 236 65.90 -66.80 -0.45
CA GLY S 236 67.30 -66.49 -0.44
C GLY S 236 68.08 -66.99 -1.64
N SER S 237 67.48 -66.96 -2.81
CA SER S 237 68.12 -67.50 -4.00
C SER S 237 67.43 -66.93 -5.23
N LEU S 238 68.12 -67.00 -6.36
CA LEU S 238 67.57 -66.53 -7.62
C LEU S 238 67.01 -67.71 -8.40
N GLY S 239 65.94 -67.44 -9.14
CA GLY S 239 65.28 -68.47 -9.91
C GLY S 239 65.74 -68.47 -11.35
N TYR S 240 65.89 -69.65 -11.92
CA TYR S 240 66.32 -69.81 -13.29
C TYR S 240 65.42 -70.81 -13.98
N VAL S 241 65.35 -70.70 -15.30
CA VAL S 241 64.66 -71.67 -16.12
C VAL S 241 65.67 -72.27 -17.08
N ALA S 242 65.48 -73.54 -17.40
CA ALA S 242 66.43 -74.25 -18.24
C ALA S 242 65.99 -74.19 -19.69
N THR S 243 66.96 -74.36 -20.59
CA THR S 243 66.69 -74.25 -22.01
C THR S 243 66.39 -75.57 -22.68
N GLY S 244 66.91 -76.68 -22.15
CA GLY S 244 66.82 -77.92 -22.90
C GLY S 244 68.19 -78.51 -23.17
N ALA S 245 68.62 -78.49 -24.43
CA ALA S 245 69.95 -78.97 -24.76
C ALA S 245 71.00 -78.25 -23.92
N ALA S 246 72.14 -78.90 -23.73
CA ALA S 246 73.09 -78.46 -22.73
C ALA S 246 73.93 -77.27 -23.21
N GLY S 247 74.55 -77.40 -24.38
CA GLY S 247 75.49 -76.38 -24.80
C GLY S 247 74.86 -75.10 -25.30
N ASP S 248 73.66 -75.18 -25.86
CA ASP S 248 73.01 -74.04 -26.50
C ASP S 248 71.53 -74.10 -26.19
N PHE S 249 70.73 -73.37 -26.96
CA PHE S 249 69.28 -73.38 -26.82
C PHE S 249 68.72 -74.77 -27.08
N ALA S 250 67.41 -74.91 -26.94
CA ALA S 250 66.76 -76.20 -27.17
C ALA S 250 66.98 -76.64 -28.61
N ALA S 251 66.75 -77.93 -28.84
CA ALA S 251 66.91 -78.49 -30.17
C ALA S 251 65.66 -78.35 -31.02
N VAL S 252 64.49 -78.43 -30.41
CA VAL S 252 63.21 -78.35 -31.13
C VAL S 252 62.50 -77.03 -30.85
N ASN S 253 62.33 -76.68 -29.57
CA ASN S 253 61.54 -75.52 -29.18
C ASN S 253 62.41 -74.32 -28.91
N ALA S 254 63.47 -74.11 -29.69
CA ALA S 254 64.23 -72.87 -29.61
C ALA S 254 63.29 -71.69 -29.53
N SER S 255 63.63 -70.72 -28.69
CA SER S 255 62.85 -69.52 -28.44
C SER S 255 61.60 -69.78 -27.65
N ASP S 256 61.48 -70.97 -27.05
CA ASP S 256 60.44 -71.22 -26.06
C ASP S 256 60.96 -71.11 -24.65
N ALA S 257 62.24 -71.37 -24.44
CA ALA S 257 62.85 -71.14 -23.13
C ALA S 257 62.91 -69.66 -22.80
N VAL S 258 62.92 -68.80 -23.83
CA VAL S 258 62.95 -67.37 -23.58
C VAL S 258 61.57 -66.86 -23.20
N VAL S 259 60.51 -67.43 -23.78
CA VAL S 259 59.17 -66.94 -23.52
C VAL S 259 58.73 -67.31 -22.12
N ASP S 260 58.96 -68.56 -21.71
CA ASP S 260 58.55 -68.93 -20.36
C ASP S 260 59.51 -68.40 -19.31
N LEU S 261 60.64 -67.83 -19.72
CA LEU S 261 61.43 -67.04 -18.78
C LEU S 261 60.78 -65.71 -18.49
N VAL S 262 60.16 -65.11 -19.51
CA VAL S 262 59.46 -63.83 -19.32
C VAL S 262 58.26 -64.02 -18.40
N TYR S 263 57.45 -65.05 -18.67
CA TYR S 263 56.21 -65.28 -17.95
C TYR S 263 56.41 -66.14 -16.71
N ALA S 264 57.63 -66.20 -16.19
CA ALA S 264 57.90 -66.83 -14.91
C ALA S 264 58.47 -65.81 -13.92
N LEU S 265 58.16 -64.54 -14.12
CA LEU S 265 58.79 -63.48 -13.35
C LEU S 265 57.83 -62.66 -12.50
N GLY S 266 56.54 -62.69 -12.76
CA GLY S 266 55.62 -61.90 -11.96
C GLY S 266 55.14 -60.70 -12.76
N ALA S 267 53.89 -60.34 -12.55
CA ALA S 267 53.28 -59.29 -13.37
C ALA S 267 53.89 -57.93 -13.06
N GLU S 268 54.11 -57.65 -11.78
CA GLU S 268 54.52 -56.32 -11.36
C GLU S 268 55.98 -56.04 -11.65
N TYR S 269 56.81 -57.08 -11.79
CA TYR S 269 58.19 -56.86 -12.19
C TYR S 269 58.34 -56.77 -13.69
N ARG S 270 57.44 -57.42 -14.44
CA ARG S 270 57.47 -57.33 -15.89
C ARG S 270 57.03 -55.97 -16.40
N ALA S 271 56.57 -55.07 -15.52
CA ALA S 271 56.17 -53.75 -15.97
C ALA S 271 57.36 -53.00 -16.56
N ASN S 272 58.47 -52.99 -15.84
CA ASN S 272 59.72 -52.44 -16.36
C ASN S 272 60.83 -53.44 -16.03
N ALA S 273 61.00 -54.41 -16.90
CA ALA S 273 62.06 -55.39 -16.80
C ALA S 273 62.84 -55.39 -18.10
N SER S 274 64.03 -55.98 -18.08
CA SER S 274 64.89 -55.95 -19.25
C SER S 274 65.77 -57.17 -19.28
N PHE S 275 66.05 -57.65 -20.49
CA PHE S 275 67.02 -58.72 -20.64
C PHE S 275 68.42 -58.13 -20.47
N VAL S 276 69.34 -58.96 -20.00
CA VAL S 276 70.74 -58.57 -19.88
C VAL S 276 71.57 -59.63 -20.57
N MET S 277 72.30 -59.23 -21.61
CA MET S 277 73.09 -60.15 -22.42
C MET S 277 74.36 -59.43 -22.84
N ASN S 278 75.23 -60.16 -23.53
CA ASN S 278 76.41 -59.57 -24.15
C ASN S 278 76.25 -59.64 -25.67
N SER S 279 77.25 -59.12 -26.37
CA SER S 279 77.17 -59.07 -27.83
C SER S 279 77.19 -60.47 -28.43
N LYS S 280 77.95 -61.39 -27.83
CA LYS S 280 78.01 -62.74 -28.39
C LYS S 280 76.71 -63.48 -28.19
N THR S 281 75.99 -63.20 -27.11
CA THR S 281 74.71 -63.87 -26.88
C THR S 281 73.60 -63.23 -27.71
N ALA S 282 73.49 -61.91 -27.68
CA ALA S 282 72.48 -61.25 -28.48
C ALA S 282 72.68 -61.52 -29.96
N GLY S 283 73.93 -61.71 -30.38
CA GLY S 283 74.16 -62.15 -31.75
C GLY S 283 73.66 -63.56 -31.97
N ALA S 284 73.87 -64.44 -30.99
CA ALA S 284 73.37 -65.80 -31.10
C ALA S 284 71.86 -65.87 -30.99
N VAL S 285 71.23 -64.85 -30.42
CA VAL S 285 69.77 -64.80 -30.42
C VAL S 285 69.25 -64.25 -31.74
N ARG S 286 69.82 -63.13 -32.19
CA ARG S 286 69.42 -62.56 -33.47
C ARG S 286 69.66 -63.53 -34.62
N LYS S 287 70.50 -64.53 -34.42
CA LYS S 287 70.71 -65.57 -35.42
C LYS S 287 69.69 -66.69 -35.35
N MET S 288 68.83 -66.69 -34.34
CA MET S 288 67.80 -67.73 -34.25
C MET S 288 66.79 -67.55 -35.37
N LYS S 289 66.62 -68.58 -36.20
CA LYS S 289 65.75 -68.47 -37.35
C LYS S 289 64.86 -69.69 -37.44
N ASP S 290 63.67 -69.50 -38.00
CA ASP S 290 62.66 -70.54 -38.08
C ASP S 290 62.93 -71.46 -39.26
N ALA S 291 61.95 -72.29 -39.61
CA ALA S 291 62.16 -73.34 -40.60
C ALA S 291 62.42 -72.82 -42.00
N ASP S 292 62.24 -71.53 -42.24
CA ASP S 292 62.40 -70.97 -43.58
C ASP S 292 63.66 -70.14 -43.74
N GLY S 293 64.42 -69.92 -42.68
CA GLY S 293 65.55 -69.03 -42.76
C GLY S 293 65.23 -67.59 -42.47
N ARG S 294 64.03 -67.30 -42.01
CA ARG S 294 63.62 -65.94 -41.65
C ARG S 294 63.69 -65.81 -40.15
N PHE S 295 64.71 -65.11 -39.65
CA PHE S 295 64.99 -65.14 -38.22
C PHE S 295 63.82 -64.57 -37.43
N LEU S 296 63.39 -65.33 -36.42
CA LEU S 296 62.03 -65.23 -35.90
C LEU S 296 61.79 -64.03 -34.99
N TRP S 297 62.81 -63.31 -34.59
CA TRP S 297 62.60 -62.07 -33.88
C TRP S 297 62.50 -60.95 -34.91
N ALA S 298 61.44 -60.16 -34.83
CA ALA S 298 61.24 -59.08 -35.78
C ALA S 298 62.30 -57.99 -35.63
N GLU S 305 67.03 -48.94 -31.06
CA GLU S 305 68.09 -48.19 -30.42
C GLU S 305 68.34 -48.70 -28.99
N PRO S 306 67.27 -48.96 -28.21
CA PRO S 306 67.43 -49.79 -27.01
C PRO S 306 67.64 -51.25 -27.34
N ALA S 307 67.37 -51.65 -28.59
CA ALA S 307 67.56 -53.02 -29.05
C ALA S 307 66.74 -53.98 -28.20
N ARG S 308 65.43 -53.76 -28.23
CA ARG S 308 64.51 -54.54 -27.41
C ARG S 308 64.19 -55.88 -28.04
N LEU S 309 63.97 -56.87 -27.18
CA LEU S 309 63.64 -58.23 -27.57
C LEU S 309 62.31 -58.60 -26.97
N MET S 310 61.37 -59.02 -27.82
CA MET S 310 60.02 -59.36 -27.38
C MET S 310 59.38 -58.21 -26.63
N GLY S 311 59.70 -56.98 -27.04
CA GLY S 311 59.14 -55.79 -26.45
C GLY S 311 59.93 -55.24 -25.28
N TYR S 312 60.56 -56.10 -24.50
CA TYR S 312 61.28 -55.66 -23.32
C TYR S 312 62.67 -55.17 -23.71
N PRO S 313 63.19 -54.14 -23.04
CA PRO S 313 64.52 -53.63 -23.37
C PRO S 313 65.58 -54.68 -23.13
N VAL S 314 66.74 -54.45 -23.74
CA VAL S 314 67.90 -55.32 -23.57
C VAL S 314 69.09 -54.46 -23.19
N LEU S 315 69.72 -54.78 -22.08
CA LEU S 315 70.96 -54.14 -21.71
C LEU S 315 72.11 -54.99 -22.24
N ILE S 316 72.76 -54.53 -23.30
CA ILE S 316 73.87 -55.29 -23.86
C ILE S 316 75.07 -55.01 -22.99
N ALA S 317 75.25 -55.80 -21.95
CA ALA S 317 76.45 -55.69 -21.13
C ALA S 317 77.60 -56.36 -21.86
N GLU S 318 78.77 -56.39 -21.23
CA GLU S 318 79.89 -57.09 -21.82
C GLU S 318 80.56 -58.01 -20.80
N ASP S 319 79.85 -58.35 -19.74
CA ASP S 319 80.42 -59.15 -18.68
C ASP S 319 79.60 -60.37 -18.32
N MET S 320 78.46 -60.58 -18.95
CA MET S 320 77.76 -61.80 -18.63
C MET S 320 78.41 -62.98 -19.35
N PRO S 321 78.33 -64.17 -18.77
CA PRO S 321 78.95 -65.34 -19.41
C PRO S 321 78.37 -65.59 -20.78
N ASP S 322 79.18 -66.22 -21.63
CA ASP S 322 78.77 -66.50 -23.00
C ASP S 322 77.92 -67.77 -23.01
N ILE S 323 77.68 -68.30 -24.20
CA ILE S 323 76.90 -69.52 -24.33
C ILE S 323 77.81 -70.69 -24.01
N ALA S 324 77.89 -71.04 -22.73
CA ALA S 324 78.69 -72.14 -22.24
C ALA S 324 77.78 -73.32 -21.91
N ALA S 325 78.35 -74.33 -21.27
CA ALA S 325 77.58 -75.53 -20.96
C ALA S 325 76.46 -75.26 -19.96
N ASN S 326 76.79 -74.68 -18.81
CA ASN S 326 75.79 -74.38 -17.80
C ASN S 326 75.80 -72.91 -17.41
N ALA S 327 76.06 -72.04 -18.36
CA ALA S 327 76.16 -70.63 -18.06
C ALA S 327 74.78 -69.99 -17.98
N TYR S 328 74.69 -68.94 -17.17
CA TYR S 328 73.48 -68.12 -17.08
C TYR S 328 73.75 -66.89 -17.93
N ALA S 329 73.55 -67.03 -19.24
CA ALA S 329 73.97 -66.01 -20.18
C ALA S 329 72.92 -64.93 -20.39
N ILE S 330 71.65 -65.22 -20.18
CA ILE S 330 70.57 -64.25 -20.34
C ILE S 330 69.84 -64.14 -19.02
N ALA S 331 69.82 -62.95 -18.45
CA ALA S 331 69.04 -62.66 -17.26
C ALA S 331 67.91 -61.73 -17.63
N PHE S 332 66.85 -61.77 -16.83
CA PHE S 332 65.67 -60.96 -17.06
C PHE S 332 65.05 -60.63 -15.72
N GLY S 333 64.81 -59.36 -15.48
CA GLY S 333 64.21 -58.96 -14.22
C GLY S 333 64.19 -57.46 -14.09
N ASP S 334 63.44 -57.02 -13.09
CA ASP S 334 63.32 -55.61 -12.75
C ASP S 334 64.46 -55.25 -11.82
N PHE S 335 65.54 -54.73 -12.39
CA PHE S 335 66.70 -54.40 -11.58
C PHE S 335 66.53 -53.10 -10.82
N GLY S 336 65.46 -52.34 -11.09
CA GLY S 336 65.21 -51.18 -10.27
C GLY S 336 64.92 -51.54 -8.84
N ASN S 337 64.22 -52.65 -8.63
CA ASN S 337 63.96 -53.19 -7.30
C ASN S 337 64.80 -54.41 -6.98
N GLY S 338 65.26 -55.14 -8.00
CA GLY S 338 66.02 -56.35 -7.75
C GLY S 338 67.42 -56.09 -7.25
N TYR S 339 68.10 -55.13 -7.85
CA TYR S 339 69.49 -54.84 -7.54
C TYR S 339 69.62 -53.44 -6.95
N THR S 340 70.27 -53.33 -5.80
CA THR S 340 70.48 -52.06 -5.13
C THR S 340 71.97 -51.74 -5.11
N ILE S 341 72.33 -50.58 -5.65
CA ILE S 341 73.70 -50.11 -5.71
C ILE S 341 73.86 -48.98 -4.71
N ALA S 342 74.89 -49.05 -3.89
CA ALA S 342 75.23 -48.00 -2.96
C ALA S 342 76.61 -47.49 -3.27
N GLU S 343 76.80 -46.18 -3.17
CA GLU S 343 78.06 -45.59 -3.60
C GLU S 343 78.20 -44.19 -3.04
N ARG S 344 79.41 -43.69 -3.13
CA ARG S 344 79.70 -42.28 -2.90
C ARG S 344 79.83 -41.58 -4.23
N PRO S 345 79.14 -40.48 -4.43
CA PRO S 345 79.03 -39.87 -5.76
C PRO S 345 80.18 -38.92 -6.08
N ASP S 346 81.40 -39.42 -6.03
CA ASP S 346 82.55 -38.57 -6.29
C ASP S 346 83.70 -39.44 -6.81
N LEU S 347 84.88 -38.84 -6.89
CA LEU S 347 86.08 -39.57 -7.28
C LEU S 347 87.25 -38.91 -6.57
N ARG S 348 87.65 -39.46 -5.43
CA ARG S 348 88.67 -38.84 -4.61
C ARG S 348 90.04 -39.07 -5.24
N VAL S 349 90.65 -38.00 -5.75
CA VAL S 349 91.96 -38.05 -6.39
C VAL S 349 92.97 -37.42 -5.45
N LEU S 350 94.14 -38.04 -5.34
CA LEU S 350 95.22 -37.57 -4.49
C LEU S 350 96.51 -37.70 -5.28
N ARG S 351 97.07 -36.57 -5.71
CA ARG S 351 98.33 -36.60 -6.44
C ARG S 351 99.49 -36.64 -5.46
N ASP S 352 100.48 -37.47 -5.76
CA ASP S 352 101.50 -37.89 -4.80
C ASP S 352 102.88 -37.59 -5.35
N PRO S 353 103.30 -36.33 -5.33
CA PRO S 353 104.64 -36.00 -5.84
C PRO S 353 105.77 -36.52 -4.98
N PHE S 354 105.48 -37.27 -3.91
CA PHE S 354 106.49 -37.67 -2.94
C PHE S 354 106.93 -39.11 -3.06
N SER S 355 106.01 -40.05 -3.33
CA SER S 355 106.38 -41.46 -3.26
C SER S 355 107.29 -41.86 -4.40
N ALA S 356 106.80 -41.76 -5.64
CA ALA S 356 107.62 -41.95 -6.82
C ALA S 356 108.13 -40.57 -7.20
N LYS S 357 109.41 -40.31 -6.93
CA LYS S 357 109.86 -38.93 -6.82
C LYS S 357 109.82 -38.14 -8.13
N PRO S 358 110.46 -38.57 -9.21
CA PRO S 358 110.39 -37.80 -10.46
C PRO S 358 109.09 -37.96 -11.22
N HIS S 359 108.07 -38.57 -10.62
CA HIS S 359 106.75 -38.75 -11.22
C HIS S 359 105.71 -38.19 -10.25
N VAL S 360 104.43 -38.41 -10.53
CA VAL S 360 103.36 -37.77 -9.78
C VAL S 360 102.44 -38.79 -9.11
N LEU S 361 102.09 -39.87 -9.79
CA LEU S 361 101.40 -40.99 -9.16
C LEU S 361 100.05 -40.59 -8.57
N PHE S 362 99.12 -40.27 -9.47
CA PHE S 362 97.76 -39.89 -9.06
C PHE S 362 97.05 -41.11 -8.49
N TYR S 363 96.39 -40.93 -7.34
CA TYR S 363 95.73 -42.03 -6.64
C TYR S 363 94.25 -41.73 -6.53
N ALA S 364 93.46 -42.24 -7.48
CA ALA S 364 92.03 -42.00 -7.52
C ALA S 364 91.29 -43.25 -7.07
N SER S 365 90.22 -43.06 -6.30
CA SER S 365 89.51 -44.20 -5.73
C SER S 365 88.06 -43.82 -5.50
N LYS S 366 87.16 -44.46 -6.24
CA LYS S 366 85.74 -44.39 -5.99
C LYS S 366 85.31 -45.65 -5.24
N ARG S 367 84.40 -45.51 -4.30
CA ARG S 367 83.96 -46.64 -3.51
C ARG S 367 82.48 -46.88 -3.71
N VAL S 368 82.14 -48.13 -4.04
CA VAL S 368 80.81 -48.51 -4.50
C VAL S 368 80.56 -49.96 -4.11
N GLY S 369 79.33 -50.26 -3.72
CA GLY S 369 78.95 -51.62 -3.39
C GLY S 369 77.52 -51.89 -3.77
N GLY S 370 77.15 -53.16 -3.77
CA GLY S 370 75.77 -53.52 -4.02
C GLY S 370 75.51 -54.96 -4.42
N ASP S 371 74.45 -55.54 -3.88
CA ASP S 371 74.00 -56.87 -4.29
C ASP S 371 72.52 -56.87 -4.60
N VAL S 372 71.93 -58.03 -4.84
CA VAL S 372 70.50 -58.09 -5.07
C VAL S 372 69.75 -57.79 -3.78
N SER S 373 68.70 -57.00 -3.88
CA SER S 373 67.87 -56.68 -2.73
C SER S 373 66.53 -57.38 -2.76
N ASP S 374 65.97 -57.63 -3.93
CA ASP S 374 64.72 -58.35 -4.09
C ASP S 374 65.00 -59.57 -4.95
N PHE S 375 65.08 -60.73 -4.33
CA PHE S 375 65.42 -61.95 -5.04
C PHE S 375 64.32 -62.39 -5.98
N ALA S 376 63.09 -61.95 -5.76
CA ALA S 376 61.99 -62.31 -6.64
C ALA S 376 61.95 -61.51 -7.93
N ALA S 377 62.80 -60.48 -8.05
CA ALA S 377 62.73 -59.55 -9.16
C ALA S 377 63.76 -59.84 -10.24
N ILE S 378 64.40 -61.00 -10.22
CA ILE S 378 65.39 -61.37 -11.22
C ILE S 378 65.23 -62.85 -11.51
N LYS S 379 65.07 -63.18 -12.80
CA LYS S 379 65.06 -64.56 -13.25
C LYS S 379 66.21 -64.76 -14.22
N LEU S 380 66.69 -65.99 -14.30
CA LEU S 380 67.86 -66.32 -15.10
C LEU S 380 67.53 -67.41 -16.10
N LEU S 381 68.43 -67.59 -17.06
CA LEU S 381 68.27 -68.60 -18.09
C LEU S 381 69.51 -69.49 -18.05
N LYS S 382 69.42 -70.60 -17.34
CA LYS S 382 70.49 -71.57 -17.32
C LYS S 382 70.33 -72.47 -18.52
N PHE S 383 71.46 -72.90 -19.09
CA PHE S 383 71.46 -73.58 -20.37
C PHE S 383 71.57 -75.10 -20.27
N ALA S 384 71.46 -75.68 -19.08
CA ALA S 384 71.83 -77.09 -18.96
C ALA S 384 70.71 -78.02 -19.42
N ALA S 385 69.59 -78.04 -18.72
CA ALA S 385 68.53 -79.02 -18.98
C ALA S 385 67.39 -78.85 -17.99
N ALA T 89 -22.98 -28.96 -15.20
CA ALA T 89 -21.73 -28.59 -15.84
C ALA T 89 -21.69 -29.12 -17.26
N LEU T 90 -22.55 -30.09 -17.54
CA LEU T 90 -22.58 -30.76 -18.82
C LEU T 90 -23.30 -29.91 -19.86
N ASN T 91 -23.72 -30.54 -20.95
CA ASN T 91 -24.37 -29.87 -22.07
C ASN T 91 -25.35 -28.79 -21.63
N SER T 92 -25.33 -27.69 -22.38
CA SER T 92 -26.24 -26.57 -22.17
C SER T 92 -27.64 -26.85 -22.70
N ALA T 93 -27.90 -28.03 -23.24
CA ALA T 93 -29.22 -28.31 -23.80
C ALA T 93 -30.21 -28.66 -22.70
N VAL T 94 -30.01 -29.79 -22.03
CA VAL T 94 -30.93 -30.21 -21.00
C VAL T 94 -30.78 -29.29 -19.80
N ALA T 95 -31.92 -28.97 -19.17
CA ALA T 95 -31.92 -27.92 -18.15
C ALA T 95 -31.14 -28.34 -16.91
N ALA T 96 -31.53 -29.44 -16.29
CA ALA T 96 -30.97 -29.82 -15.00
C ALA T 96 -29.47 -30.02 -15.09
N GLU T 97 -28.98 -30.56 -16.20
CA GLU T 97 -27.56 -30.83 -16.38
C GLU T 97 -26.86 -29.61 -16.97
N GLY T 98 -27.06 -28.46 -16.33
CA GLY T 98 -26.37 -27.26 -16.71
C GLY T 98 -27.07 -26.37 -17.70
N GLY T 99 -28.35 -26.59 -17.97
CA GLY T 99 -29.07 -25.73 -18.89
C GLY T 99 -29.60 -24.46 -18.31
N TYR T 100 -29.46 -24.27 -17.01
CA TYR T 100 -29.96 -23.07 -16.34
C TYR T 100 -28.92 -21.96 -16.29
N LEU T 101 -27.77 -22.15 -16.93
CA LEU T 101 -26.65 -21.24 -16.83
C LEU T 101 -26.43 -20.50 -18.13
N VAL T 102 -27.51 -20.13 -18.82
CA VAL T 102 -27.44 -19.66 -20.19
C VAL T 102 -27.83 -18.19 -20.30
N ASP T 103 -29.01 -17.81 -19.80
CA ASP T 103 -29.45 -16.42 -19.81
C ASP T 103 -29.45 -15.82 -21.22
N PRO T 104 -30.44 -16.15 -22.04
CA PRO T 104 -30.54 -15.54 -23.38
C PRO T 104 -30.38 -14.03 -23.39
N GLN T 105 -29.40 -13.52 -24.13
CA GLN T 105 -29.13 -12.10 -24.19
C GLN T 105 -30.15 -11.40 -25.05
N THR T 106 -30.90 -10.48 -24.47
CA THR T 106 -31.98 -9.80 -25.18
C THR T 106 -31.42 -8.71 -26.09
N SER T 107 -32.33 -8.04 -26.79
CA SER T 107 -31.94 -6.99 -27.71
C SER T 107 -31.40 -5.79 -26.95
N GLU T 108 -30.64 -4.95 -27.65
CA GLU T 108 -30.18 -3.71 -27.06
C GLU T 108 -31.31 -2.71 -26.96
N THR T 109 -31.93 -2.37 -28.08
CA THR T 109 -33.09 -1.50 -28.15
C THR T 109 -34.30 -2.30 -28.60
N ILE T 110 -35.45 -2.00 -28.01
CA ILE T 110 -36.69 -2.69 -28.38
C ILE T 110 -37.10 -2.23 -29.77
N ARG T 111 -37.01 -3.13 -30.74
CA ARG T 111 -37.28 -2.80 -32.13
C ARG T 111 -38.77 -2.57 -32.34
N GLY T 112 -39.15 -2.36 -33.59
CA GLY T 112 -40.54 -2.20 -33.93
C GLY T 112 -40.75 -2.25 -35.42
N VAL T 113 -42.00 -2.49 -35.82
CA VAL T 113 -42.34 -2.45 -37.23
C VAL T 113 -42.11 -1.05 -37.75
N LEU T 114 -41.34 -0.95 -38.83
CA LEU T 114 -40.91 0.34 -39.37
C LEU T 114 -41.98 0.81 -40.34
N ARG T 115 -42.92 1.61 -39.84
CA ARG T 115 -44.09 2.01 -40.62
C ARG T 115 -43.78 3.24 -41.46
N SER T 116 -44.74 3.59 -42.32
CA SER T 116 -44.54 4.66 -43.30
C SER T 116 -44.27 5.99 -42.62
N THR T 117 -43.27 6.71 -43.13
CA THR T 117 -42.93 8.02 -42.61
C THR T 117 -43.04 9.12 -43.65
N ALA T 118 -43.34 8.79 -44.91
CA ALA T 118 -43.48 9.80 -45.95
C ALA T 118 -44.74 10.60 -45.63
N SER T 119 -44.56 11.77 -45.03
CA SER T 119 -45.64 12.46 -44.36
C SER T 119 -46.01 13.81 -44.94
N LEU T 120 -45.38 14.24 -46.03
CA LEU T 120 -45.63 15.52 -46.69
C LEU T 120 -45.19 16.66 -45.80
N ARG T 121 -44.73 16.38 -44.60
CA ARG T 121 -44.20 17.42 -43.73
C ARG T 121 -42.83 17.87 -44.21
N GLN T 122 -42.07 16.97 -44.83
CA GLN T 122 -40.73 17.30 -45.27
C GLN T 122 -40.71 18.09 -46.57
N ILE T 123 -41.84 18.21 -47.26
CA ILE T 123 -41.90 18.99 -48.48
C ILE T 123 -42.76 20.23 -48.33
N ALA T 124 -43.65 20.28 -47.36
CA ALA T 124 -44.52 21.42 -47.19
C ALA T 124 -43.80 22.49 -46.37
N SER T 125 -44.50 23.61 -46.14
CA SER T 125 -43.93 24.77 -45.41
C SER T 125 -44.24 24.62 -43.91
N VAL T 126 -43.28 24.09 -43.15
CA VAL T 126 -43.45 23.94 -41.71
C VAL T 126 -42.91 25.17 -41.01
N VAL T 127 -43.73 25.80 -40.19
CA VAL T 127 -43.38 27.02 -39.48
C VAL T 127 -43.74 26.88 -38.01
N ASN T 128 -42.77 27.05 -37.14
CA ASN T 128 -42.98 27.06 -35.70
C ASN T 128 -43.83 28.26 -35.32
N VAL T 129 -44.97 28.03 -34.68
CA VAL T 129 -45.80 29.13 -34.22
C VAL T 129 -46.36 28.78 -32.85
N GLU T 130 -46.06 29.62 -31.86
CA GLU T 130 -46.56 29.45 -30.51
C GLU T 130 -47.75 30.39 -30.33
N ALA T 131 -48.87 29.99 -30.90
CA ALA T 131 -50.08 30.79 -30.85
C ALA T 131 -51.27 29.85 -31.03
N THR T 132 -52.46 30.42 -31.16
CA THR T 132 -53.65 29.64 -31.41
C THR T 132 -53.89 29.38 -32.88
N SER T 133 -53.17 30.06 -33.76
CA SER T 133 -53.45 29.98 -35.19
C SER T 133 -52.33 30.66 -35.94
N PHE T 134 -52.21 30.32 -37.22
CA PHE T 134 -51.27 30.94 -38.12
C PHE T 134 -52.05 31.55 -39.27
N ASP T 135 -51.82 32.84 -39.52
CA ASP T 135 -52.56 33.58 -40.55
C ASP T 135 -51.57 33.98 -41.64
N VAL T 136 -51.56 33.23 -42.74
CA VAL T 136 -50.69 33.60 -43.85
C VAL T 136 -51.33 34.73 -44.65
N LEU T 137 -50.51 35.43 -45.41
CA LEU T 137 -50.96 36.53 -46.24
C LEU T 137 -50.41 36.34 -47.64
N VAL T 138 -51.29 36.20 -48.62
CA VAL T 138 -50.89 35.92 -49.98
C VAL T 138 -51.34 37.07 -50.88
N ASP T 139 -50.84 37.09 -52.10
CA ASP T 139 -51.20 38.08 -53.11
C ASP T 139 -51.88 37.33 -54.25
N LYS T 140 -53.21 37.22 -54.19
CA LYS T 140 -53.89 36.44 -55.21
C LYS T 140 -53.84 37.08 -56.58
N THR T 141 -53.44 38.35 -56.69
CA THR T 141 -53.33 39.00 -57.99
C THR T 141 -51.99 39.71 -58.12
N ASP T 142 -51.79 40.49 -59.17
CA ASP T 142 -50.53 41.17 -59.41
C ASP T 142 -50.79 42.60 -59.82
N MET T 143 -49.71 43.33 -60.09
CA MET T 143 -49.80 44.75 -60.43
C MET T 143 -49.97 44.92 -61.93
N GLY T 144 -49.89 46.14 -62.38
CA GLY T 144 -49.97 46.43 -63.81
C GLY T 144 -48.80 47.29 -64.21
N SER T 145 -48.21 46.96 -65.35
CA SER T 145 -47.07 47.67 -65.89
C SER T 145 -47.53 48.60 -66.99
N GLY T 146 -46.77 49.65 -67.23
CA GLY T 146 -47.23 50.69 -68.12
C GLY T 146 -46.70 50.68 -69.54
N TRP T 147 -45.39 50.50 -69.71
CA TRP T 147 -44.73 50.85 -70.96
C TRP T 147 -45.04 52.31 -71.30
N ALA T 148 -44.58 53.19 -70.42
CA ALA T 148 -44.93 54.59 -70.48
C ALA T 148 -44.42 55.22 -71.77
N SER T 149 -45.22 56.13 -72.31
CA SER T 149 -44.78 56.92 -73.45
C SER T 149 -43.91 58.08 -72.96
N GLU T 150 -43.45 58.88 -73.90
CA GLU T 150 -42.67 60.06 -73.53
C GLU T 150 -43.57 61.12 -72.91
N THR T 151 -44.82 61.21 -73.37
CA THR T 151 -45.80 62.17 -72.90
C THR T 151 -47.13 61.42 -72.78
N ALA T 152 -47.42 60.89 -71.60
CA ALA T 152 -48.57 60.02 -71.43
C ALA T 152 -49.41 60.29 -70.21
N ALA T 153 -48.95 61.10 -69.25
CA ALA T 153 -49.70 61.40 -68.04
C ALA T 153 -50.09 60.10 -67.32
N LEU T 154 -49.08 59.43 -66.78
CA LEU T 154 -49.22 58.11 -66.20
C LEU T 154 -50.39 58.03 -65.23
N SER T 155 -51.28 57.10 -65.47
CA SER T 155 -52.43 56.88 -64.62
C SER T 155 -52.07 55.88 -63.52
N GLU T 156 -52.91 55.79 -62.50
CA GLU T 156 -52.73 54.78 -61.49
C GLU T 156 -52.87 53.40 -62.11
N THR T 157 -52.08 52.47 -61.59
CA THR T 157 -52.07 51.10 -62.07
C THR T 157 -52.66 50.19 -61.00
N ALA T 158 -52.90 48.94 -61.38
CA ALA T 158 -53.49 47.98 -60.46
C ALA T 158 -52.57 47.75 -59.27
N THR T 159 -53.13 47.09 -58.25
CA THR T 159 -52.43 46.88 -57.01
C THR T 159 -52.91 45.54 -56.47
N PRO T 160 -52.00 44.64 -56.07
CA PRO T 160 -52.41 43.26 -55.81
C PRO T 160 -53.35 43.17 -54.62
N GLN T 161 -54.50 42.56 -54.83
CA GLN T 161 -55.39 42.32 -53.71
C GLN T 161 -54.86 41.16 -52.88
N ILE T 162 -55.23 41.14 -51.62
CA ILE T 162 -54.55 40.36 -50.59
C ILE T 162 -55.54 39.42 -49.94
N ASP T 163 -55.12 38.18 -49.73
CA ASP T 163 -55.94 37.14 -49.12
C ASP T 163 -55.25 36.65 -47.86
N ARG T 164 -56.03 36.48 -46.80
CA ARG T 164 -55.52 35.96 -45.54
C ARG T 164 -56.13 34.60 -45.28
N ILE T 165 -55.30 33.65 -44.86
CA ILE T 165 -55.70 32.28 -44.60
C ILE T 165 -55.29 31.94 -43.18
N THR T 166 -56.23 31.46 -42.38
CA THR T 166 -56.00 31.18 -40.97
C THR T 166 -55.80 29.68 -40.78
N ILE T 167 -54.60 29.29 -40.40
CA ILE T 167 -54.30 27.91 -40.02
C ILE T 167 -54.73 27.72 -38.57
N PRO T 168 -55.72 26.89 -38.28
CA PRO T 168 -56.27 26.87 -36.91
C PRO T 168 -55.37 26.25 -35.86
N LEU T 169 -54.38 25.43 -36.23
CA LEU T 169 -53.42 24.86 -35.29
C LEU T 169 -54.12 24.04 -34.20
N HIS T 170 -54.70 22.93 -34.63
CA HIS T 170 -55.35 21.99 -33.72
C HIS T 170 -54.31 21.17 -32.99
N GLU T 171 -54.77 20.31 -32.07
CA GLU T 171 -53.85 19.47 -31.31
C GLU T 171 -54.14 18.00 -31.53
N LEU T 172 -53.13 17.18 -31.27
CA LEU T 172 -53.18 15.74 -31.45
C LEU T 172 -52.69 15.09 -30.17
N ALA T 173 -53.54 14.30 -29.54
CA ALA T 173 -53.25 13.77 -28.21
C ALA T 173 -53.44 12.27 -28.18
N ALA T 174 -52.50 11.58 -27.54
CA ALA T 174 -52.61 10.15 -27.29
C ALA T 174 -52.16 9.87 -25.87
N MET T 175 -52.86 8.97 -25.19
CA MET T 175 -52.61 8.69 -23.78
C MET T 175 -52.43 7.19 -23.55
N PRO T 176 -51.21 6.68 -23.65
CA PRO T 176 -50.97 5.28 -23.33
C PRO T 176 -50.80 5.04 -21.84
N LYS T 177 -51.19 3.85 -21.40
CA LYS T 177 -51.18 3.50 -19.99
C LYS T 177 -50.17 2.38 -19.76
N ALA T 178 -49.10 2.69 -19.05
CA ALA T 178 -48.07 1.72 -18.72
C ALA T 178 -48.09 1.47 -17.23
N SER T 179 -47.98 0.21 -16.83
CA SER T 179 -48.02 -0.13 -15.43
C SER T 179 -46.79 0.41 -14.71
N GLN T 180 -46.95 0.71 -13.43
CA GLN T 180 -45.81 1.18 -12.65
C GLN T 180 -44.90 0.03 -12.27
N ARG T 181 -45.49 -1.14 -11.98
CA ARG T 181 -44.70 -2.33 -11.75
C ARG T 181 -43.85 -2.68 -12.96
N LEU T 182 -44.37 -2.40 -14.16
CA LEU T 182 -43.58 -2.64 -15.36
C LEU T 182 -42.41 -1.68 -15.44
N LEU T 183 -42.68 -0.36 -15.35
CA LEU T 183 -41.63 0.63 -15.53
C LEU T 183 -40.46 0.39 -14.59
N ASP T 184 -40.71 -0.17 -13.41
CA ASP T 184 -39.64 -0.45 -12.47
C ASP T 184 -38.78 -1.62 -12.90
N ASP T 185 -39.40 -2.67 -13.42
CA ASP T 185 -38.79 -3.98 -13.57
C ASP T 185 -38.59 -4.33 -15.05
N SER T 186 -38.15 -3.35 -15.83
CA SER T 186 -38.22 -3.40 -17.28
C SER T 186 -36.95 -2.88 -17.94
N ALA T 187 -35.82 -3.54 -17.73
CA ALA T 187 -34.48 -2.99 -17.95
C ALA T 187 -34.35 -2.02 -19.13
N PHE T 188 -35.21 -2.11 -20.11
CA PHE T 188 -35.30 -1.09 -21.16
C PHE T 188 -35.74 0.25 -20.58
N ASP T 189 -35.85 1.24 -21.44
CA ASP T 189 -36.37 2.55 -21.05
C ASP T 189 -37.77 2.66 -21.63
N ILE T 190 -38.78 2.33 -20.83
CA ILE T 190 -40.15 2.31 -21.33
C ILE T 190 -40.64 3.71 -21.57
N GLU T 191 -40.26 4.66 -20.71
CA GLU T 191 -40.69 6.04 -20.92
C GLU T 191 -40.11 6.60 -22.21
N THR T 192 -38.82 6.38 -22.46
CA THR T 192 -38.23 6.89 -23.69
C THR T 192 -38.76 6.16 -24.92
N TRP T 193 -39.11 4.89 -24.77
CA TRP T 193 -39.70 4.15 -25.88
C TRP T 193 -41.13 4.58 -26.13
N LEU T 194 -41.87 4.91 -25.07
CA LEU T 194 -43.23 5.41 -25.25
C LEU T 194 -43.23 6.74 -25.97
N ALA T 195 -42.36 7.66 -25.55
CA ALA T 195 -42.31 8.95 -26.21
C ALA T 195 -41.79 8.83 -27.64
N ASN T 196 -40.90 7.88 -27.88
CA ASN T 196 -40.40 7.69 -29.24
C ASN T 196 -41.38 6.92 -30.11
N ARG T 197 -42.25 6.12 -29.51
CA ARG T 197 -43.25 5.42 -30.30
C ARG T 197 -44.48 6.31 -30.53
N ILE T 198 -44.78 7.21 -29.60
CA ILE T 198 -45.85 8.18 -29.80
C ILE T 198 -45.46 9.17 -30.88
N ALA T 199 -44.26 9.75 -30.75
CA ALA T 199 -43.80 10.71 -31.75
C ALA T 199 -43.73 10.09 -33.13
N ASP T 200 -43.72 8.76 -33.22
CA ASP T 200 -43.83 8.09 -34.50
C ASP T 200 -45.29 8.00 -34.94
N LYS T 201 -46.20 7.81 -34.00
CA LYS T 201 -47.61 7.78 -34.34
C LYS T 201 -48.13 9.16 -34.70
N PHE T 202 -47.65 10.19 -34.00
CA PHE T 202 -48.09 11.55 -34.32
C PHE T 202 -47.60 11.96 -35.70
N ALA T 203 -46.32 11.71 -36.00
CA ALA T 203 -45.80 12.02 -37.31
C ALA T 203 -46.51 11.23 -38.41
N ARG T 204 -47.24 10.18 -38.05
CA ARG T 204 -47.97 9.38 -39.02
C ARG T 204 -49.46 9.70 -39.05
N ALA T 205 -50.04 10.09 -37.92
CA ALA T 205 -51.45 10.45 -37.91
C ALA T 205 -51.70 11.81 -38.52
N GLU T 206 -50.74 12.73 -38.40
CA GLU T 206 -50.85 14.04 -39.02
C GLU T 206 -50.50 13.99 -40.50
N ALA T 207 -49.95 12.88 -41.00
CA ALA T 207 -49.75 12.74 -42.43
C ALA T 207 -51.06 12.49 -43.15
N ALA T 208 -52.04 11.91 -42.47
CA ALA T 208 -53.36 11.71 -43.06
C ALA T 208 -54.13 13.01 -43.05
N ALA T 209 -53.99 13.81 -42.00
CA ALA T 209 -54.71 15.07 -41.93
C ALA T 209 -54.17 16.07 -42.94
N PHE T 210 -52.88 16.02 -43.23
CA PHE T 210 -52.32 16.94 -44.21
C PHE T 210 -52.72 16.59 -45.63
N ILE T 211 -53.42 15.48 -45.84
CA ILE T 211 -53.74 14.99 -47.17
C ILE T 211 -55.22 14.82 -47.36
N SER T 212 -55.88 14.10 -46.46
CA SER T 212 -57.30 13.84 -46.59
C SER T 212 -58.07 14.28 -45.36
N GLY T 213 -57.42 14.89 -44.38
CA GLY T 213 -58.12 15.30 -43.19
C GLY T 213 -59.08 16.44 -43.49
N ASP T 214 -60.21 16.43 -42.80
CA ASP T 214 -61.19 17.48 -42.92
C ASP T 214 -60.83 18.60 -41.95
N GLY T 215 -61.79 19.48 -41.65
CA GLY T 215 -61.48 20.64 -40.85
C GLY T 215 -61.71 20.51 -39.36
N VAL T 216 -62.53 19.57 -38.92
CA VAL T 216 -62.93 19.51 -37.51
C VAL T 216 -61.76 18.98 -36.69
N ASP T 217 -61.23 19.84 -35.83
CA ASP T 217 -60.21 19.50 -34.83
C ASP T 217 -58.94 18.92 -35.44
N LYS T 218 -58.75 19.02 -36.75
CA LYS T 218 -57.58 18.46 -37.41
C LYS T 218 -57.31 19.25 -38.67
N PRO T 219 -56.07 19.30 -39.13
CA PRO T 219 -55.75 20.08 -40.32
C PRO T 219 -56.52 19.58 -41.53
N THR T 220 -56.80 20.48 -42.45
CA THR T 220 -57.54 20.15 -43.65
C THR T 220 -56.55 19.75 -44.73
N GLY T 221 -56.67 18.51 -45.22
CA GLY T 221 -55.82 18.09 -46.30
C GLY T 221 -56.16 18.79 -47.59
N PHE T 222 -55.21 18.84 -48.50
CA PHE T 222 -55.43 19.54 -49.75
C PHE T 222 -56.46 18.87 -50.63
N LEU T 223 -57.01 17.73 -50.23
CA LEU T 223 -58.05 17.08 -51.02
C LEU T 223 -59.45 17.59 -50.70
N THR T 224 -59.65 18.16 -49.52
CA THR T 224 -60.93 18.76 -49.16
C THR T 224 -60.92 20.27 -49.41
N LYS T 225 -60.62 20.68 -50.64
CA LYS T 225 -60.47 22.10 -50.98
C LYS T 225 -61.21 22.45 -52.26
N THR T 226 -62.47 22.05 -52.35
CA THR T 226 -63.39 22.42 -53.44
C THR T 226 -62.73 22.40 -54.81
N LYS T 227 -62.26 21.22 -55.20
CA LYS T 227 -61.60 21.04 -56.48
C LYS T 227 -62.50 21.51 -57.63
N VAL T 228 -61.96 22.37 -58.48
CA VAL T 228 -62.69 22.88 -59.63
C VAL T 228 -61.89 22.54 -60.88
N ALA T 229 -62.61 22.33 -61.99
CA ALA T 229 -61.96 21.98 -63.23
C ALA T 229 -60.92 23.01 -63.61
N ASN T 230 -59.80 22.56 -64.14
CA ASN T 230 -58.74 23.49 -64.50
C ASN T 230 -59.09 24.23 -65.77
N GLY T 231 -58.63 25.47 -65.86
CA GLY T 231 -59.01 26.36 -66.94
C GLY T 231 -60.11 27.27 -66.46
N ALA T 232 -61.07 26.70 -65.75
CA ALA T 232 -62.04 27.46 -64.96
C ALA T 232 -61.56 27.56 -63.53
N TRP T 233 -60.32 27.99 -63.36
CA TRP T 233 -59.68 27.96 -62.06
C TRP T 233 -59.83 29.32 -61.39
N ALA T 234 -60.38 29.33 -60.18
CA ALA T 234 -60.47 30.50 -59.33
C ALA T 234 -59.42 30.41 -58.23
N TRP T 235 -59.35 31.43 -57.40
CA TRP T 235 -58.34 31.42 -56.35
C TRP T 235 -58.71 30.50 -55.19
N GLY T 236 -59.98 30.47 -54.82
CA GLY T 236 -60.38 29.72 -53.65
C GLY T 236 -60.61 28.23 -53.89
N SER T 237 -59.84 27.65 -54.80
CA SER T 237 -60.09 26.27 -55.18
C SER T 237 -58.84 25.68 -55.82
N LEU T 238 -58.77 24.37 -55.82
CA LEU T 238 -57.68 23.63 -56.43
C LEU T 238 -58.09 23.13 -57.81
N GLY T 239 -57.24 23.33 -58.79
CA GLY T 239 -57.53 22.89 -60.13
C GLY T 239 -57.30 21.40 -60.29
N TYR T 240 -57.87 20.83 -61.34
CA TYR T 240 -57.65 19.43 -61.64
C TYR T 240 -57.84 19.20 -63.13
N VAL T 241 -57.15 18.18 -63.65
CA VAL T 241 -57.31 17.76 -65.03
C VAL T 241 -57.92 16.37 -65.03
N ALA T 242 -58.79 16.12 -66.00
CA ALA T 242 -59.48 14.86 -66.09
C ALA T 242 -58.71 13.89 -66.97
N THR T 243 -58.97 12.61 -66.78
CA THR T 243 -58.24 11.57 -67.50
C THR T 243 -59.00 11.03 -68.70
N GLY T 244 -60.32 11.02 -68.66
CA GLY T 244 -61.07 10.29 -69.66
C GLY T 244 -61.98 9.26 -69.04
N ALA T 245 -61.66 7.98 -69.21
CA ALA T 245 -62.47 6.92 -68.63
C ALA T 245 -62.65 7.13 -67.14
N ALA T 246 -63.76 6.61 -66.61
CA ALA T 246 -64.14 6.87 -65.22
C ALA T 246 -63.30 6.04 -64.25
N GLY T 247 -63.18 4.75 -64.49
CA GLY T 247 -62.53 3.90 -63.52
C GLY T 247 -61.03 4.08 -63.45
N ASP T 248 -60.40 4.40 -64.58
CA ASP T 248 -58.94 4.40 -64.65
C ASP T 248 -58.52 5.47 -65.64
N PHE T 249 -57.29 5.38 -66.11
CA PHE T 249 -56.74 6.37 -67.03
C PHE T 249 -57.48 6.35 -68.36
N ALA T 250 -57.03 7.16 -69.31
CA ALA T 250 -57.70 7.26 -70.59
C ALA T 250 -57.72 5.91 -71.30
N ALA T 251 -58.72 5.73 -72.15
CA ALA T 251 -58.89 4.47 -72.85
C ALA T 251 -57.91 4.32 -74.02
N VAL T 252 -57.65 5.41 -74.74
CA VAL T 252 -56.77 5.37 -75.91
C VAL T 252 -55.45 6.07 -75.63
N ASN T 253 -55.48 7.37 -75.40
CA ASN T 253 -54.25 8.15 -75.23
C ASN T 253 -53.90 8.28 -73.76
N ALA T 254 -53.68 7.13 -73.12
CA ALA T 254 -53.26 7.16 -71.73
C ALA T 254 -51.91 7.88 -71.62
N SER T 255 -51.55 8.23 -70.40
CA SER T 255 -50.32 8.94 -70.10
C SER T 255 -50.26 10.32 -70.73
N ASP T 256 -51.37 10.82 -71.25
CA ASP T 256 -51.44 12.23 -71.59
C ASP T 256 -52.06 13.04 -70.47
N ALA T 257 -52.95 12.41 -69.69
CA ALA T 257 -53.47 13.04 -68.50
C ALA T 257 -52.39 13.26 -67.46
N VAL T 258 -51.30 12.51 -67.52
CA VAL T 258 -50.22 12.72 -66.58
C VAL T 258 -49.32 13.85 -67.04
N VAL T 259 -49.03 13.92 -68.34
CA VAL T 259 -48.12 14.95 -68.83
C VAL T 259 -48.81 16.31 -68.88
N ASP T 260 -50.09 16.36 -69.23
CA ASP T 260 -50.73 17.67 -69.25
C ASP T 260 -51.07 18.13 -67.84
N LEU T 261 -51.16 17.22 -66.89
CA LEU T 261 -51.21 17.63 -65.49
C LEU T 261 -49.90 18.28 -65.07
N VAL T 262 -48.78 17.79 -65.59
CA VAL T 262 -47.50 18.42 -65.31
C VAL T 262 -47.48 19.84 -65.84
N TYR T 263 -47.83 20.01 -67.12
CA TYR T 263 -47.75 21.30 -67.79
C TYR T 263 -49.02 22.12 -67.64
N ALA T 264 -49.83 21.82 -66.63
CA ALA T 264 -50.96 22.67 -66.26
C ALA T 264 -50.75 23.28 -64.88
N LEU T 265 -49.51 23.51 -64.50
CA LEU T 265 -49.19 23.90 -63.13
C LEU T 265 -48.40 25.19 -63.01
N GLY T 266 -47.80 25.68 -64.07
CA GLY T 266 -47.03 26.91 -64.00
C GLY T 266 -45.54 26.65 -63.94
N ALA T 267 -44.80 27.29 -64.84
CA ALA T 267 -43.39 26.98 -65.00
C ALA T 267 -42.56 27.31 -63.78
N GLU T 268 -43.09 28.10 -62.85
CA GLU T 268 -42.33 28.42 -61.65
C GLU T 268 -42.61 27.48 -60.51
N TYR T 269 -43.80 26.89 -60.47
CA TYR T 269 -44.08 25.88 -59.48
C TYR T 269 -43.49 24.53 -59.86
N ARG T 270 -43.39 24.24 -61.15
CA ARG T 270 -42.76 22.99 -61.58
C ARG T 270 -41.28 22.93 -61.28
N ALA T 271 -40.68 24.05 -60.89
CA ALA T 271 -39.25 24.04 -60.59
C ALA T 271 -38.94 23.08 -59.46
N ASN T 272 -39.70 23.16 -58.36
CA ASN T 272 -39.61 22.22 -57.26
C ASN T 272 -41.02 21.74 -56.93
N ALA T 273 -41.48 20.72 -57.65
CA ALA T 273 -42.77 20.11 -57.42
C ALA T 273 -42.60 18.61 -57.44
N SER T 274 -43.65 17.90 -57.02
CA SER T 274 -43.57 16.46 -56.91
C SER T 274 -44.97 15.88 -56.89
N PHE T 275 -45.11 14.69 -57.46
CA PHE T 275 -46.37 13.97 -57.38
C PHE T 275 -46.58 13.46 -55.96
N VAL T 276 -47.84 13.15 -55.66
CA VAL T 276 -48.20 12.50 -54.41
C VAL T 276 -49.18 11.39 -54.77
N MET T 277 -48.83 10.15 -54.42
CA MET T 277 -49.68 9.01 -54.72
C MET T 277 -49.61 8.04 -53.57
N ASN T 278 -50.42 6.98 -53.65
CA ASN T 278 -50.31 5.90 -52.69
C ASN T 278 -49.64 4.71 -53.36
N SER T 279 -49.35 3.69 -52.55
CA SER T 279 -48.50 2.61 -53.02
C SER T 279 -49.16 1.84 -54.16
N LYS T 280 -50.47 1.69 -54.12
CA LYS T 280 -51.15 0.95 -55.18
C LYS T 280 -51.57 1.82 -56.34
N THR T 281 -51.32 3.11 -56.28
CA THR T 281 -51.49 3.96 -57.46
C THR T 281 -50.19 4.08 -58.23
N ALA T 282 -49.08 4.30 -57.53
CA ALA T 282 -47.78 4.29 -58.18
C ALA T 282 -47.46 2.95 -58.81
N GLY T 283 -48.08 1.88 -58.30
CA GLY T 283 -47.93 0.59 -58.96
C GLY T 283 -48.72 0.53 -60.24
N ALA T 284 -49.98 0.97 -60.20
CA ALA T 284 -50.79 0.99 -61.40
C ALA T 284 -50.25 1.96 -62.44
N VAL T 285 -49.39 2.88 -62.04
CA VAL T 285 -48.73 3.76 -63.01
C VAL T 285 -47.57 3.05 -63.66
N ARG T 286 -46.75 2.35 -62.88
CA ARG T 286 -45.63 1.62 -63.46
C ARG T 286 -46.11 0.49 -64.36
N LYS T 287 -47.22 -0.15 -64.01
CA LYS T 287 -47.77 -1.20 -64.87
C LYS T 287 -48.22 -0.67 -66.21
N MET T 288 -48.47 0.64 -66.34
CA MET T 288 -48.81 1.20 -67.63
C MET T 288 -47.68 0.93 -68.60
N LYS T 289 -48.02 0.33 -69.73
CA LYS T 289 -47.02 -0.10 -70.69
C LYS T 289 -47.51 0.20 -72.10
N ASP T 290 -46.57 0.39 -73.01
CA ASP T 290 -46.89 0.81 -74.36
C ASP T 290 -47.48 -0.35 -75.14
N ALA T 291 -47.70 -0.14 -76.44
CA ALA T 291 -48.39 -1.13 -77.26
C ALA T 291 -47.60 -2.41 -77.46
N ASP T 292 -46.39 -2.51 -76.92
CA ASP T 292 -45.57 -3.71 -77.09
C ASP T 292 -45.30 -4.44 -75.79
N GLY T 293 -45.88 -4.00 -74.67
CA GLY T 293 -45.65 -4.62 -73.40
C GLY T 293 -44.54 -3.99 -72.58
N ARG T 294 -43.75 -3.12 -73.17
CA ARG T 294 -42.66 -2.46 -72.46
C ARG T 294 -43.20 -1.26 -71.68
N PHE T 295 -42.71 -1.09 -70.45
CA PHE T 295 -43.10 0.06 -69.65
C PHE T 295 -42.84 1.34 -70.41
N LEU T 296 -43.79 2.27 -70.37
CA LEU T 296 -43.58 3.52 -71.07
C LEU T 296 -42.94 4.58 -70.19
N TRP T 297 -43.05 4.46 -68.88
CA TRP T 297 -42.34 5.36 -67.99
C TRP T 297 -40.92 4.85 -67.81
N ALA T 298 -39.95 5.72 -68.04
CA ALA T 298 -38.56 5.33 -67.92
C ALA T 298 -38.08 5.38 -66.48
N GLU T 305 -34.59 4.28 -56.10
CA GLU T 305 -34.97 4.33 -54.70
C GLU T 305 -35.87 5.53 -54.35
N PRO T 306 -35.56 6.73 -54.86
CA PRO T 306 -36.50 7.85 -54.68
C PRO T 306 -37.75 7.72 -55.54
N ALA T 307 -37.71 6.92 -56.59
CA ALA T 307 -38.88 6.60 -57.41
C ALA T 307 -39.53 7.85 -57.98
N ARG T 308 -38.76 8.56 -58.81
CA ARG T 308 -39.28 9.75 -59.46
C ARG T 308 -40.08 9.37 -60.69
N LEU T 309 -40.92 10.30 -61.15
CA LEU T 309 -41.77 10.10 -62.31
C LEU T 309 -41.62 11.30 -63.24
N MET T 310 -41.32 11.02 -64.51
CA MET T 310 -41.11 12.07 -65.51
C MET T 310 -40.06 13.08 -65.04
N GLY T 311 -39.12 12.62 -64.22
CA GLY T 311 -38.09 13.45 -63.68
C GLY T 311 -38.46 14.14 -62.37
N TYR T 312 -39.74 14.25 -62.07
CA TYR T 312 -40.14 14.92 -60.84
C TYR T 312 -40.28 13.91 -59.71
N PRO T 313 -39.94 14.30 -58.48
CA PRO T 313 -40.03 13.36 -57.36
C PRO T 313 -41.46 12.88 -57.17
N VAL T 314 -41.59 11.78 -56.44
CA VAL T 314 -42.89 11.22 -56.12
C VAL T 314 -42.91 10.89 -54.65
N LEU T 315 -43.82 11.51 -53.90
CA LEU T 315 -43.97 11.24 -52.49
C LEU T 315 -45.06 10.20 -52.31
N ILE T 316 -44.66 8.99 -51.95
CA ILE T 316 -45.63 7.91 -51.85
C ILE T 316 -46.35 8.03 -50.53
N ALA T 317 -47.47 8.73 -50.55
CA ALA T 317 -48.32 8.80 -49.38
C ALA T 317 -49.04 7.47 -49.20
N GLU T 318 -49.74 7.32 -48.09
CA GLU T 318 -50.58 6.15 -47.89
C GLU T 318 -52.00 6.55 -47.57
N ASP T 319 -52.34 7.82 -47.76
CA ASP T 319 -53.62 8.34 -47.36
C ASP T 319 -54.34 9.07 -48.48
N MET T 320 -53.79 9.06 -49.68
CA MET T 320 -54.56 9.53 -50.80
C MET T 320 -55.49 8.43 -51.27
N PRO T 321 -56.62 8.79 -51.89
CA PRO T 321 -57.50 7.77 -52.44
C PRO T 321 -56.84 7.05 -53.60
N ASP T 322 -57.22 5.79 -53.78
CA ASP T 322 -56.75 5.02 -54.91
C ASP T 322 -57.63 5.32 -56.12
N ILE T 323 -57.36 4.65 -57.23
CA ILE T 323 -58.04 4.98 -58.48
C ILE T 323 -59.45 4.39 -58.48
N ALA T 324 -60.41 5.17 -58.01
CA ALA T 324 -61.82 4.81 -57.95
C ALA T 324 -62.56 5.47 -59.10
N ALA T 325 -63.89 5.39 -59.05
CA ALA T 325 -64.71 5.92 -60.14
C ALA T 325 -64.50 7.42 -60.35
N ASN T 326 -64.56 8.21 -59.29
CA ASN T 326 -64.39 9.65 -59.41
C ASN T 326 -63.40 10.17 -58.38
N ALA T 327 -62.30 9.46 -58.18
CA ALA T 327 -61.34 9.81 -57.15
C ALA T 327 -60.19 10.65 -57.71
N TYR T 328 -59.55 11.38 -56.80
CA TYR T 328 -58.37 12.19 -57.10
C TYR T 328 -57.16 11.41 -56.60
N ALA T 329 -56.69 10.49 -57.43
CA ALA T 329 -55.67 9.56 -56.97
C ALA T 329 -54.27 10.15 -57.03
N ILE T 330 -54.01 11.04 -57.99
CA ILE T 330 -52.68 11.60 -58.19
C ILE T 330 -52.78 13.12 -58.05
N ALA T 331 -51.97 13.67 -57.15
CA ALA T 331 -51.85 15.10 -56.99
C ALA T 331 -50.43 15.49 -57.37
N PHE T 332 -50.25 16.74 -57.78
CA PHE T 332 -48.96 17.22 -58.22
C PHE T 332 -48.92 18.70 -58.00
N GLY T 333 -47.86 19.19 -57.38
CA GLY T 333 -47.76 20.60 -57.11
C GLY T 333 -46.59 20.92 -56.23
N ASP T 334 -46.33 22.21 -56.11
CA ASP T 334 -45.24 22.74 -55.29
C ASP T 334 -45.77 22.89 -53.87
N PHE T 335 -45.71 21.81 -53.10
CA PHE T 335 -46.16 21.88 -51.73
C PHE T 335 -45.23 22.72 -50.86
N GLY T 336 -44.05 23.08 -51.36
CA GLY T 336 -43.22 24.02 -50.63
C GLY T 336 -43.91 25.36 -50.46
N ASN T 337 -44.74 25.74 -51.42
CA ASN T 337 -45.53 26.96 -51.35
C ASN T 337 -47.03 26.70 -51.29
N GLY T 338 -47.48 25.58 -51.85
CA GLY T 338 -48.91 25.32 -51.86
C GLY T 338 -49.47 25.02 -50.50
N TYR T 339 -48.76 24.24 -49.71
CA TYR T 339 -49.24 23.77 -48.41
C TYR T 339 -48.36 24.30 -47.30
N THR T 340 -48.99 24.78 -46.23
CA THR T 340 -48.29 25.32 -45.07
C THR T 340 -48.68 24.52 -43.84
N ILE T 341 -47.68 24.17 -43.04
CA ILE T 341 -47.88 23.47 -41.78
C ILE T 341 -47.47 24.37 -40.65
N ALA T 342 -48.31 24.47 -39.62
CA ALA T 342 -48.02 25.25 -38.43
C ALA T 342 -48.01 24.30 -37.24
N GLU T 343 -46.95 24.35 -36.44
CA GLU T 343 -46.81 23.37 -35.37
C GLU T 343 -45.93 23.96 -34.29
N ARG T 344 -45.96 23.29 -33.12
CA ARG T 344 -45.01 23.54 -32.06
C ARG T 344 -44.01 22.41 -32.04
N PRO T 345 -42.73 22.66 -32.23
CA PRO T 345 -41.76 21.59 -32.46
C PRO T 345 -41.39 20.84 -31.20
N ASP T 346 -42.38 20.27 -30.53
CA ASP T 346 -42.12 19.52 -29.31
C ASP T 346 -43.26 18.54 -29.07
N LEU T 347 -43.10 17.73 -28.04
CA LEU T 347 -44.10 16.75 -27.63
C LEU T 347 -44.24 16.90 -26.13
N ARG T 348 -45.41 17.33 -25.66
CA ARG T 348 -45.62 17.58 -24.25
C ARG T 348 -46.20 16.34 -23.61
N VAL T 349 -45.39 15.60 -22.87
CA VAL T 349 -45.81 14.40 -22.17
C VAL T 349 -46.04 14.74 -20.70
N LEU T 350 -47.22 14.42 -20.20
CA LEU T 350 -47.57 14.62 -18.80
C LEU T 350 -47.93 13.26 -18.22
N ARG T 351 -47.01 12.65 -17.48
CA ARG T 351 -47.33 11.40 -16.82
C ARG T 351 -48.20 11.66 -15.61
N ASP T 352 -49.20 10.81 -15.42
CA ASP T 352 -50.25 11.02 -14.44
C ASP T 352 -50.39 9.79 -13.57
N PRO T 353 -49.60 9.68 -12.49
CA PRO T 353 -49.69 8.51 -11.61
C PRO T 353 -50.93 8.45 -10.76
N PHE T 354 -51.91 9.34 -10.97
CA PHE T 354 -53.02 9.52 -10.04
C PHE T 354 -54.34 8.97 -10.55
N SER T 355 -54.62 9.02 -11.85
CA SER T 355 -55.91 8.54 -12.34
C SER T 355 -56.01 7.03 -12.21
N ALA T 356 -55.18 6.30 -12.94
CA ALA T 356 -55.01 4.87 -12.74
C ALA T 356 -53.89 4.68 -11.74
N LYS T 357 -54.21 4.19 -10.54
CA LYS T 357 -53.26 4.31 -9.45
C LYS T 357 -52.04 3.42 -9.62
N PRO T 358 -52.16 2.11 -9.90
CA PRO T 358 -50.97 1.29 -10.11
C PRO T 358 -50.33 1.43 -11.48
N HIS T 359 -50.76 2.40 -12.29
CA HIS T 359 -50.20 2.68 -13.61
C HIS T 359 -49.76 4.14 -13.67
N VAL T 360 -49.30 4.59 -14.83
CA VAL T 360 -48.69 5.90 -14.91
C VAL T 360 -49.39 6.81 -15.92
N LEU T 361 -49.98 6.22 -16.97
CA LEU T 361 -50.92 6.93 -17.84
C LEU T 361 -50.30 8.18 -18.46
N PHE T 362 -49.31 7.96 -19.33
CA PHE T 362 -48.65 9.05 -20.02
C PHE T 362 -49.62 9.77 -20.95
N TYR T 363 -49.73 11.07 -20.81
CA TYR T 363 -50.63 11.88 -21.63
C TYR T 363 -49.77 12.83 -22.46
N ALA T 364 -49.58 12.50 -23.72
CA ALA T 364 -48.73 13.27 -24.62
C ALA T 364 -49.57 13.88 -25.72
N SER T 365 -49.25 15.12 -26.10
CA SER T 365 -50.06 15.84 -27.07
C SER T 365 -49.24 16.94 -27.71
N LYS T 366 -48.92 16.81 -28.99
CA LYS T 366 -48.40 17.92 -29.75
C LYS T 366 -49.49 18.48 -30.62
N ARG T 367 -49.42 19.77 -30.89
CA ARG T 367 -50.48 20.47 -31.60
C ARG T 367 -49.96 21.02 -32.92
N VAL T 368 -50.63 20.65 -34.01
CA VAL T 368 -50.17 20.92 -35.35
C VAL T 368 -51.39 21.24 -36.21
N GLY T 369 -51.21 22.11 -37.19
CA GLY T 369 -52.28 22.43 -38.11
C GLY T 369 -51.71 22.91 -39.42
N GLY T 370 -52.54 22.83 -40.46
CA GLY T 370 -52.12 23.33 -41.75
C GLY T 370 -53.06 23.03 -42.90
N ASP T 371 -53.29 24.01 -43.76
CA ASP T 371 -54.03 23.80 -45.00
C ASP T 371 -53.30 24.47 -46.14
N VAL T 372 -53.88 24.42 -47.33
CA VAL T 372 -53.23 25.03 -48.48
C VAL T 372 -53.22 26.54 -48.33
N SER T 373 -52.09 27.15 -48.62
CA SER T 373 -51.96 28.58 -48.55
C SER T 373 -51.82 29.24 -49.91
N ASP T 374 -51.38 28.52 -50.92
CA ASP T 374 -51.23 29.03 -52.29
C ASP T 374 -51.95 28.06 -53.22
N PHE T 375 -53.21 28.35 -53.50
CA PHE T 375 -54.08 27.43 -54.23
C PHE T 375 -53.63 27.19 -55.66
N ALA T 376 -52.74 28.02 -56.20
CA ALA T 376 -52.29 27.82 -57.56
C ALA T 376 -51.19 26.77 -57.67
N ALA T 377 -50.65 26.32 -56.55
CA ALA T 377 -49.45 25.50 -56.52
C ALA T 377 -49.73 24.02 -56.33
N ILE T 378 -50.99 23.59 -56.46
CA ILE T 378 -51.34 22.18 -56.31
C ILE T 378 -52.40 21.85 -57.34
N LYS T 379 -52.07 20.96 -58.28
CA LYS T 379 -53.02 20.47 -59.25
C LYS T 379 -53.34 19.01 -58.94
N LEU T 380 -54.43 18.51 -59.51
CA LEU T 380 -54.91 17.18 -59.20
C LEU T 380 -55.25 16.44 -60.49
N LEU T 381 -55.48 15.13 -60.35
CA LEU T 381 -55.81 14.27 -61.47
C LEU T 381 -57.10 13.50 -61.14
N LYS T 382 -58.24 14.08 -61.50
CA LYS T 382 -59.51 13.41 -61.29
C LYS T 382 -59.74 12.42 -62.41
N PHE T 383 -60.31 11.27 -62.06
CA PHE T 383 -60.49 10.17 -63.00
C PHE T 383 -61.89 10.09 -63.56
N ALA T 384 -62.65 11.19 -63.58
CA ALA T 384 -64.05 11.07 -63.96
C ALA T 384 -64.23 11.05 -65.46
N ALA T 385 -63.88 12.14 -66.14
CA ALA T 385 -64.15 12.30 -67.56
C ALA T 385 -63.60 13.62 -68.07
N ALA U 89 -62.04 32.31 -18.69
CA ALA U 89 -60.82 31.56 -18.83
C ALA U 89 -61.10 30.15 -19.32
N LEU U 90 -62.34 29.91 -19.72
CA LEU U 90 -62.79 28.58 -20.12
C LEU U 90 -62.30 28.33 -21.54
N ASN U 91 -62.88 27.34 -22.21
CA ASN U 91 -62.40 26.87 -23.50
C ASN U 91 -62.20 28.01 -24.49
N SER U 92 -61.17 27.86 -25.33
CA SER U 92 -60.83 28.83 -26.35
C SER U 92 -61.61 28.64 -27.64
N ALA U 93 -62.74 27.95 -27.59
CA ALA U 93 -63.55 27.70 -28.77
C ALA U 93 -64.59 28.79 -29.01
N VAL U 94 -65.30 29.20 -27.96
CA VAL U 94 -66.27 30.28 -28.07
C VAL U 94 -65.59 31.57 -27.68
N ALA U 95 -66.02 32.66 -28.31
CA ALA U 95 -65.31 33.93 -28.15
C ALA U 95 -65.55 34.54 -26.78
N ALA U 96 -66.77 34.43 -26.26
CA ALA U 96 -67.08 35.06 -24.98
C ALA U 96 -66.31 34.41 -23.84
N GLU U 97 -66.37 33.08 -23.75
CA GLU U 97 -65.76 32.34 -22.64
C GLU U 97 -64.29 32.06 -22.92
N GLY U 98 -63.53 33.11 -23.16
CA GLY U 98 -62.10 33.01 -23.26
C GLY U 98 -61.52 32.98 -24.66
N GLY U 99 -62.35 32.95 -25.68
CA GLY U 99 -61.83 32.89 -27.03
C GLY U 99 -61.36 34.19 -27.59
N TYR U 100 -61.42 35.28 -26.83
CA TYR U 100 -60.95 36.57 -27.28
C TYR U 100 -59.48 36.81 -26.98
N LEU U 101 -58.88 35.93 -26.19
CA LEU U 101 -57.55 36.14 -25.63
C LEU U 101 -56.46 35.44 -26.43
N VAL U 102 -56.67 35.23 -27.73
CA VAL U 102 -55.86 34.30 -28.48
C VAL U 102 -55.01 34.99 -29.55
N ASP U 103 -55.61 35.89 -30.36
CA ASP U 103 -54.84 36.71 -31.30
C ASP U 103 -53.94 35.90 -32.23
N PRO U 104 -54.49 35.31 -33.29
CA PRO U 104 -53.67 34.50 -34.20
C PRO U 104 -52.41 35.22 -34.63
N GLN U 105 -51.35 34.45 -34.88
CA GLN U 105 -50.08 34.98 -35.32
C GLN U 105 -50.02 35.06 -36.83
N THR U 106 -49.55 36.18 -37.35
CA THR U 106 -49.49 36.41 -38.78
C THR U 106 -48.14 35.97 -39.33
N SER U 107 -48.08 35.81 -40.66
CA SER U 107 -46.84 35.50 -41.33
C SER U 107 -45.81 36.61 -41.06
N GLU U 108 -44.54 36.25 -41.23
CA GLU U 108 -43.49 37.25 -41.03
C GLU U 108 -43.21 38.03 -42.31
N THR U 109 -43.41 37.41 -43.46
CA THR U 109 -43.39 38.08 -44.75
C THR U 109 -44.68 37.79 -45.48
N ILE U 110 -45.17 38.75 -46.25
CA ILE U 110 -46.42 38.58 -46.98
C ILE U 110 -46.13 37.75 -48.23
N ARG U 111 -46.56 36.49 -48.21
CA ARG U 111 -46.31 35.59 -49.33
C ARG U 111 -47.09 36.04 -50.55
N GLY U 112 -46.91 35.34 -51.66
CA GLY U 112 -47.60 35.73 -52.87
C GLY U 112 -47.63 34.60 -53.88
N VAL U 113 -48.59 34.69 -54.79
CA VAL U 113 -48.66 33.75 -55.90
C VAL U 113 -47.38 33.87 -56.71
N LEU U 114 -46.85 32.73 -57.14
CA LEU U 114 -45.53 32.63 -57.72
C LEU U 114 -45.66 32.50 -59.24
N ARG U 115 -45.30 33.54 -59.97
CA ARG U 115 -45.42 33.55 -61.42
C ARG U 115 -44.06 33.28 -62.05
N SER U 116 -44.09 33.02 -63.36
CA SER U 116 -42.91 32.54 -64.06
C SER U 116 -41.84 33.63 -64.17
N THR U 117 -40.59 33.25 -63.92
CA THR U 117 -39.47 34.17 -64.03
C THR U 117 -38.59 33.88 -65.23
N ALA U 118 -38.90 32.87 -66.03
CA ALA U 118 -38.15 32.62 -67.26
C ALA U 118 -38.34 33.82 -68.17
N SER U 119 -37.28 34.60 -68.34
CA SER U 119 -37.41 35.95 -68.90
C SER U 119 -36.60 36.22 -70.15
N LEU U 120 -35.77 35.29 -70.60
CA LEU U 120 -34.89 35.45 -71.75
C LEU U 120 -33.81 36.48 -71.42
N ARG U 121 -33.87 37.11 -70.25
CA ARG U 121 -32.81 38.00 -69.83
C ARG U 121 -31.59 37.22 -69.36
N GLN U 122 -31.79 35.98 -68.92
CA GLN U 122 -30.68 35.17 -68.46
C GLN U 122 -29.96 34.44 -69.58
N ILE U 123 -30.48 34.51 -70.80
CA ILE U 123 -29.83 33.86 -71.95
C ILE U 123 -29.49 34.84 -73.05
N ALA U 124 -29.73 36.12 -72.87
CA ALA U 124 -29.39 37.13 -73.86
C ALA U 124 -28.18 37.92 -73.39
N SER U 125 -27.82 38.94 -74.15
CA SER U 125 -26.65 39.76 -73.87
C SER U 125 -27.12 41.06 -73.22
N VAL U 126 -27.11 41.10 -71.90
CA VAL U 126 -27.56 42.26 -71.14
C VAL U 126 -26.39 43.23 -71.00
N VAL U 127 -26.63 44.49 -71.36
CA VAL U 127 -25.61 45.53 -71.32
C VAL U 127 -26.14 46.70 -70.50
N ASN U 128 -25.46 47.02 -69.41
CA ASN U 128 -25.83 48.18 -68.61
C ASN U 128 -25.44 49.44 -69.37
N VAL U 129 -26.42 50.30 -69.63
CA VAL U 129 -26.16 51.50 -70.42
C VAL U 129 -26.91 52.67 -69.78
N GLU U 130 -26.15 53.66 -69.32
CA GLU U 130 -26.72 54.86 -68.70
C GLU U 130 -26.82 55.96 -69.76
N ALA U 131 -27.60 55.68 -70.78
CA ALA U 131 -27.72 56.59 -71.91
C ALA U 131 -29.12 56.49 -72.48
N THR U 132 -29.30 56.99 -73.70
CA THR U 132 -30.59 57.02 -74.35
C THR U 132 -30.82 55.85 -75.27
N SER U 133 -29.78 55.12 -75.63
CA SER U 133 -29.86 54.12 -76.67
C SER U 133 -28.54 53.37 -76.72
N PHE U 134 -28.60 52.15 -77.21
CA PHE U 134 -27.41 51.32 -77.38
C PHE U 134 -27.28 50.98 -78.85
N ASP U 135 -26.08 51.17 -79.40
CA ASP U 135 -25.82 50.97 -80.82
C ASP U 135 -24.84 49.82 -80.96
N VAL U 136 -25.36 48.62 -81.16
CA VAL U 136 -24.47 47.49 -81.40
C VAL U 136 -23.93 47.57 -82.82
N LEU U 137 -22.78 46.95 -83.03
CA LEU U 137 -22.14 46.96 -84.35
C LEU U 137 -21.82 45.52 -84.70
N VAL U 138 -22.42 45.02 -85.77
CA VAL U 138 -22.17 43.68 -86.25
C VAL U 138 -21.45 43.75 -87.58
N ASP U 139 -20.91 42.63 -88.04
CA ASP U 139 -20.25 42.52 -89.33
C ASP U 139 -21.03 41.48 -90.13
N LYS U 140 -21.88 41.93 -91.03
CA LYS U 140 -22.78 41.02 -91.72
C LYS U 140 -22.08 40.16 -92.78
N THR U 141 -20.81 40.41 -93.08
CA THR U 141 -20.04 39.59 -94.01
C THR U 141 -18.67 39.31 -93.40
N ASP U 142 -17.77 38.75 -94.22
CA ASP U 142 -16.45 38.33 -93.80
C ASP U 142 -15.41 38.80 -94.82
N MET U 143 -14.15 38.55 -94.51
CA MET U 143 -13.04 38.95 -95.34
C MET U 143 -12.84 37.94 -96.48
N GLY U 144 -11.72 38.07 -97.18
CA GLY U 144 -11.36 37.11 -98.22
C GLY U 144 -9.92 36.68 -98.08
N SER U 145 -9.69 35.37 -98.22
CA SER U 145 -8.37 34.78 -98.12
C SER U 145 -7.78 34.56 -99.50
N GLY U 146 -6.46 34.38 -99.55
CA GLY U 146 -5.78 34.31 -100.82
C GLY U 146 -5.23 32.97 -101.27
N TRP U 147 -4.65 32.20 -100.37
CA TRP U 147 -3.78 31.08 -100.73
C TRP U 147 -2.72 31.54 -101.72
N ALA U 148 -1.86 32.45 -101.24
CA ALA U 148 -0.89 33.11 -102.10
C ALA U 148 0.10 32.11 -102.67
N SER U 149 0.44 32.29 -103.94
CA SER U 149 1.49 31.51 -104.58
C SER U 149 2.85 32.09 -104.22
N GLU U 150 3.91 31.44 -104.65
CA GLU U 150 5.24 31.98 -104.41
C GLU U 150 5.45 33.26 -105.20
N THR U 151 5.11 33.24 -106.48
CA THR U 151 5.10 34.43 -107.32
C THR U 151 3.64 34.77 -107.63
N ALA U 152 3.08 35.69 -106.86
CA ALA U 152 1.63 35.84 -106.79
C ALA U 152 1.12 37.17 -107.32
N ALA U 153 1.85 38.26 -107.15
CA ALA U 153 1.32 39.59 -107.47
C ALA U 153 -0.01 39.80 -106.74
N LEU U 154 0.08 39.84 -105.41
CA LEU U 154 -1.10 39.85 -104.57
C LEU U 154 -2.01 41.02 -104.89
N SER U 155 -3.30 40.73 -104.98
CA SER U 155 -4.32 41.74 -105.23
C SER U 155 -5.08 42.03 -103.94
N GLU U 156 -6.04 42.94 -104.04
CA GLU U 156 -6.87 43.31 -102.91
C GLU U 156 -7.78 42.16 -102.50
N THR U 157 -8.26 42.23 -101.27
CA THR U 157 -9.25 41.27 -100.77
C THR U 157 -10.40 42.03 -100.13
N ALA U 158 -11.53 41.34 -100.04
CA ALA U 158 -12.73 41.94 -99.48
C ALA U 158 -12.52 42.25 -97.99
N THR U 159 -13.51 42.91 -97.41
CA THR U 159 -13.44 43.42 -96.06
C THR U 159 -14.86 43.42 -95.52
N PRO U 160 -15.08 43.01 -94.28
CA PRO U 160 -16.46 42.84 -93.80
C PRO U 160 -17.19 44.17 -93.79
N GLN U 161 -18.41 44.16 -94.31
CA GLN U 161 -19.24 45.35 -94.18
C GLN U 161 -20.01 45.28 -92.88
N ILE U 162 -20.32 46.44 -92.34
CA ILE U 162 -20.76 46.60 -90.97
C ILE U 162 -22.23 47.01 -90.95
N ASP U 163 -22.90 46.69 -89.85
CA ASP U 163 -24.27 47.11 -89.62
C ASP U 163 -24.38 47.62 -88.19
N ARG U 164 -25.07 48.73 -88.02
CA ARG U 164 -25.31 49.33 -86.71
C ARG U 164 -26.79 49.19 -86.38
N ILE U 165 -27.08 48.61 -85.22
CA ILE U 165 -28.45 48.39 -84.77
C ILE U 165 -28.68 49.21 -83.52
N THR U 166 -29.79 49.93 -83.48
CA THR U 166 -30.06 50.90 -82.44
C THR U 166 -31.07 50.32 -81.45
N ILE U 167 -30.66 50.17 -80.20
CA ILE U 167 -31.56 49.80 -79.11
C ILE U 167 -32.19 51.09 -78.57
N PRO U 168 -33.49 51.31 -78.76
CA PRO U 168 -34.06 52.61 -78.35
C PRO U 168 -34.14 52.82 -76.85
N LEU U 169 -34.12 51.77 -76.03
CA LEU U 169 -34.09 51.89 -74.57
C LEU U 169 -35.29 52.68 -74.04
N HIS U 170 -36.48 52.11 -74.21
CA HIS U 170 -37.70 52.71 -73.70
C HIS U 170 -37.76 52.59 -72.18
N GLU U 171 -38.88 53.03 -71.60
CA GLU U 171 -39.07 52.99 -70.16
C GLU U 171 -40.34 52.22 -69.82
N LEU U 172 -40.27 51.51 -68.70
CA LEU U 172 -41.37 50.69 -68.21
C LEU U 172 -41.72 51.18 -66.81
N ALA U 173 -42.93 51.69 -66.62
CA ALA U 173 -43.30 52.34 -65.39
C ALA U 173 -44.57 51.73 -64.83
N ALA U 174 -44.63 51.69 -63.50
CA ALA U 174 -45.84 51.30 -62.77
C ALA U 174 -46.00 52.23 -61.59
N MET U 175 -47.23 52.63 -61.33
CA MET U 175 -47.55 53.61 -60.30
C MET U 175 -48.68 53.08 -59.42
N PRO U 176 -48.34 52.28 -58.41
CA PRO U 176 -49.36 51.82 -57.47
C PRO U 176 -49.66 52.91 -56.45
N LYS U 177 -50.82 52.78 -55.82
CA LYS U 177 -51.31 53.77 -54.87
C LYS U 177 -51.56 53.09 -53.53
N ALA U 178 -51.03 53.68 -52.47
CA ALA U 178 -51.18 53.13 -51.12
C ALA U 178 -51.58 54.23 -50.16
N SER U 179 -52.58 53.97 -49.33
CA SER U 179 -53.10 55.00 -48.45
C SER U 179 -52.18 55.17 -47.25
N GLN U 180 -51.90 56.44 -46.91
CA GLN U 180 -50.98 56.72 -45.82
C GLN U 180 -51.46 56.11 -44.50
N ARG U 181 -52.77 56.01 -44.32
CA ARG U 181 -53.27 55.30 -43.15
C ARG U 181 -52.76 53.86 -43.13
N LEU U 182 -52.63 53.24 -44.29
CA LEU U 182 -52.16 51.86 -44.34
C LEU U 182 -50.69 51.77 -43.97
N LEU U 183 -49.86 52.67 -44.50
CA LEU U 183 -48.42 52.52 -44.32
C LEU U 183 -47.98 52.64 -42.88
N ASP U 184 -48.81 53.19 -41.99
CA ASP U 184 -48.39 53.41 -40.62
C ASP U 184 -48.93 52.38 -39.65
N ASP U 185 -49.95 51.62 -40.03
CA ASP U 185 -50.62 50.67 -39.14
C ASP U 185 -50.35 49.22 -39.50
N SER U 186 -49.33 48.96 -40.32
CA SER U 186 -49.27 47.77 -41.14
C SER U 186 -47.88 47.13 -41.06
N ALA U 187 -47.49 46.65 -39.89
CA ALA U 187 -46.11 46.24 -39.61
C ALA U 187 -45.37 45.56 -40.78
N PHE U 188 -46.09 44.89 -41.68
CA PHE U 188 -45.47 44.46 -42.92
C PHE U 188 -44.96 45.66 -43.70
N ASP U 189 -43.68 45.65 -44.06
CA ASP U 189 -43.13 46.84 -44.69
C ASP U 189 -43.73 46.99 -46.08
N ILE U 190 -44.92 47.59 -46.14
CA ILE U 190 -45.63 47.81 -47.40
C ILE U 190 -44.79 48.64 -48.35
N GLU U 191 -43.99 49.55 -47.82
CA GLU U 191 -43.20 50.43 -48.68
C GLU U 191 -42.18 49.64 -49.49
N THR U 192 -41.64 48.57 -48.90
CA THR U 192 -40.65 47.75 -49.59
C THR U 192 -41.21 46.44 -50.11
N TRP U 193 -42.42 46.06 -49.70
CA TRP U 193 -43.06 44.93 -50.34
C TRP U 193 -43.59 45.30 -51.72
N LEU U 194 -43.94 46.57 -51.92
CA LEU U 194 -44.28 47.03 -53.26
C LEU U 194 -43.05 47.00 -54.16
N ALA U 195 -41.95 47.60 -53.69
CA ALA U 195 -40.76 47.68 -54.52
C ALA U 195 -40.25 46.30 -54.91
N ASN U 196 -40.54 45.28 -54.11
CA ASN U 196 -40.23 43.92 -54.53
C ASN U 196 -41.26 43.40 -55.50
N ARG U 197 -42.53 43.71 -55.25
CA ARG U 197 -43.59 43.20 -56.11
C ARG U 197 -43.64 43.95 -57.44
N ILE U 198 -43.23 45.21 -57.46
CA ILE U 198 -43.14 45.93 -58.72
C ILE U 198 -42.00 45.40 -59.56
N ALA U 199 -40.78 45.39 -59.00
CA ALA U 199 -39.62 44.90 -59.72
C ALA U 199 -39.83 43.48 -60.20
N ASP U 200 -40.64 42.70 -59.49
CA ASP U 200 -41.02 41.38 -59.99
C ASP U 200 -41.89 41.49 -61.23
N LYS U 201 -42.86 42.39 -61.21
CA LYS U 201 -43.72 42.57 -62.37
C LYS U 201 -42.94 43.09 -63.57
N PHE U 202 -41.95 43.94 -63.33
CA PHE U 202 -41.19 44.48 -64.44
C PHE U 202 -40.39 43.39 -65.14
N ALA U 203 -39.65 42.60 -64.37
CA ALA U 203 -38.88 41.50 -64.96
C ALA U 203 -39.77 40.53 -65.72
N ARG U 204 -41.06 40.55 -65.47
CA ARG U 204 -42.01 39.75 -66.24
C ARG U 204 -42.69 40.55 -67.33
N ALA U 205 -42.77 41.87 -67.19
CA ALA U 205 -43.33 42.68 -68.25
C ALA U 205 -42.31 42.92 -69.35
N GLU U 206 -41.04 43.14 -68.99
CA GLU U 206 -40.00 43.24 -70.00
C GLU U 206 -39.66 41.88 -70.58
N ALA U 207 -40.06 40.79 -69.92
CA ALA U 207 -39.84 39.46 -70.49
C ALA U 207 -40.81 39.19 -71.62
N ALA U 208 -42.00 39.76 -71.55
CA ALA U 208 -42.97 39.57 -72.62
C ALA U 208 -42.64 40.42 -73.83
N ALA U 209 -41.97 41.55 -73.60
CA ALA U 209 -41.60 42.44 -74.71
C ALA U 209 -40.38 41.94 -75.45
N PHE U 210 -39.52 41.17 -74.79
CA PHE U 210 -38.37 40.59 -75.47
C PHE U 210 -38.76 39.54 -76.49
N ILE U 211 -40.00 39.06 -76.46
CA ILE U 211 -40.43 37.94 -77.27
C ILE U 211 -41.44 38.38 -78.31
N SER U 212 -42.46 39.12 -77.90
CA SER U 212 -43.54 39.50 -78.78
C SER U 212 -43.78 41.00 -78.82
N GLY U 213 -42.96 41.79 -78.14
CA GLY U 213 -43.16 43.22 -78.14
C GLY U 213 -42.87 43.83 -79.50
N ASP U 214 -43.57 44.91 -79.80
CA ASP U 214 -43.37 45.61 -81.06
C ASP U 214 -42.35 46.73 -80.86
N GLY U 215 -42.19 47.59 -81.85
CA GLY U 215 -41.19 48.63 -81.73
C GLY U 215 -41.60 49.81 -80.88
N VAL U 216 -42.89 50.08 -80.77
CA VAL U 216 -43.39 51.33 -80.22
C VAL U 216 -43.39 51.26 -78.70
N ASP U 217 -42.54 52.07 -78.09
CA ASP U 217 -42.52 52.28 -76.64
C ASP U 217 -42.21 51.02 -75.85
N LYS U 218 -41.62 50.01 -76.49
CA LYS U 218 -41.24 48.78 -75.82
C LYS U 218 -40.23 48.06 -76.70
N PRO U 219 -39.41 47.17 -76.13
CA PRO U 219 -38.45 46.44 -76.94
C PRO U 219 -39.15 45.62 -78.01
N THR U 220 -38.49 45.45 -79.14
CA THR U 220 -39.05 44.65 -80.23
C THR U 220 -38.63 43.21 -80.00
N GLY U 221 -39.59 42.32 -79.88
CA GLY U 221 -39.27 40.92 -79.70
C GLY U 221 -38.65 40.31 -80.93
N PHE U 222 -37.97 39.18 -80.73
CA PHE U 222 -37.37 38.51 -81.87
C PHE U 222 -38.40 37.88 -82.79
N LEU U 223 -39.68 37.92 -82.43
CA LEU U 223 -40.71 37.39 -83.30
C LEU U 223 -41.20 38.41 -84.32
N THR U 224 -41.11 39.69 -84.01
CA THR U 224 -41.59 40.74 -84.90
C THR U 224 -40.44 41.29 -85.75
N LYS U 225 -39.79 40.41 -86.50
CA LYS U 225 -38.60 40.75 -87.26
C LYS U 225 -38.68 40.21 -88.68
N THR U 226 -39.80 40.45 -89.36
CA THR U 226 -40.01 40.11 -90.77
C THR U 226 -39.42 38.75 -91.18
N LYS U 227 -39.97 37.68 -90.63
CA LYS U 227 -39.45 36.35 -90.87
C LYS U 227 -39.46 36.01 -92.35
N VAL U 228 -38.48 35.19 -92.76
CA VAL U 228 -38.39 34.70 -94.13
C VAL U 228 -38.03 33.22 -94.07
N ALA U 229 -38.52 32.46 -95.05
CA ALA U 229 -38.23 31.04 -95.09
C ALA U 229 -36.73 30.80 -95.16
N ASN U 230 -36.25 29.85 -94.36
CA ASN U 230 -34.82 29.62 -94.30
C ASN U 230 -34.34 28.94 -95.58
N GLY U 231 -33.17 29.37 -96.05
CA GLY U 231 -32.67 28.98 -97.34
C GLY U 231 -32.75 30.17 -98.26
N ALA U 232 -33.88 30.86 -98.21
CA ALA U 232 -33.97 32.22 -98.77
C ALA U 232 -33.76 33.25 -97.68
N TRP U 233 -32.66 33.12 -96.95
CA TRP U 233 -32.45 33.90 -95.74
C TRP U 233 -31.52 35.07 -96.05
N ALA U 234 -31.99 36.28 -95.78
CA ALA U 234 -31.19 37.48 -95.89
C ALA U 234 -30.74 37.93 -94.50
N TRP U 235 -29.98 39.01 -94.44
CA TRP U 235 -29.48 39.47 -93.15
C TRP U 235 -30.54 40.19 -92.32
N GLY U 236 -31.52 40.81 -92.95
CA GLY U 236 -32.46 41.62 -92.22
C GLY U 236 -33.69 40.90 -91.73
N SER U 237 -33.56 39.61 -91.45
CA SER U 237 -34.73 38.79 -91.13
C SER U 237 -34.29 37.60 -90.31
N LEU U 238 -35.27 36.90 -89.75
CA LEU U 238 -35.05 35.67 -89.00
C LEU U 238 -35.57 34.50 -89.81
N GLY U 239 -34.69 33.54 -90.10
CA GLY U 239 -35.09 32.42 -90.92
C GLY U 239 -35.92 31.45 -90.14
N TYR U 240 -36.85 30.80 -90.83
CA TYR U 240 -37.71 29.82 -90.19
C TYR U 240 -37.79 28.58 -91.06
N VAL U 241 -38.19 27.48 -90.44
CA VAL U 241 -38.50 26.26 -91.18
C VAL U 241 -39.93 25.86 -90.84
N ALA U 242 -40.62 25.30 -91.81
CA ALA U 242 -42.03 24.99 -91.68
C ALA U 242 -42.21 23.53 -91.30
N THR U 243 -43.31 23.24 -90.62
CA THR U 243 -43.55 21.89 -90.14
C THR U 243 -44.33 21.05 -91.13
N GLY U 244 -45.19 21.65 -91.93
CA GLY U 244 -46.11 20.88 -92.74
C GLY U 244 -47.54 21.25 -92.46
N ALA U 245 -48.29 20.34 -91.84
CA ALA U 245 -49.70 20.60 -91.54
C ALA U 245 -49.89 21.92 -90.82
N ALA U 246 -51.05 22.54 -91.04
CA ALA U 246 -51.26 23.92 -90.62
C ALA U 246 -51.31 24.05 -89.10
N GLY U 247 -52.14 23.26 -88.45
CA GLY U 247 -52.25 23.37 -87.01
C GLY U 247 -51.06 22.77 -86.28
N ASP U 248 -50.94 21.45 -86.35
CA ASP U 248 -49.93 20.72 -85.60
C ASP U 248 -48.68 20.51 -86.46
N PHE U 249 -47.81 19.64 -86.00
CA PHE U 249 -46.61 19.27 -86.73
C PHE U 249 -47.01 18.50 -87.99
N ALA U 250 -46.02 17.97 -88.70
CA ALA U 250 -46.31 17.21 -89.92
C ALA U 250 -47.12 15.98 -89.59
N ALA U 251 -47.74 15.41 -90.62
CA ALA U 251 -48.56 14.23 -90.41
C ALA U 251 -47.75 12.94 -90.48
N VAL U 252 -46.85 12.82 -91.45
CA VAL U 252 -46.18 11.55 -91.69
C VAL U 252 -44.89 11.46 -90.89
N ASN U 253 -43.91 12.26 -91.29
CA ASN U 253 -42.63 12.32 -90.54
C ASN U 253 -42.68 13.50 -89.59
N ALA U 254 -43.44 13.38 -88.49
CA ALA U 254 -43.42 14.41 -87.48
C ALA U 254 -42.04 14.47 -86.83
N SER U 255 -41.81 15.52 -86.07
CA SER U 255 -40.56 15.69 -85.33
C SER U 255 -39.33 15.67 -86.20
N ASP U 256 -39.48 15.79 -87.52
CA ASP U 256 -38.34 16.00 -88.39
C ASP U 256 -38.13 17.48 -88.67
N ALA U 257 -39.16 18.29 -88.48
CA ALA U 257 -39.01 19.74 -88.59
C ALA U 257 -38.27 20.30 -87.39
N VAL U 258 -38.37 19.65 -86.24
CA VAL U 258 -37.59 20.10 -85.08
C VAL U 258 -36.12 19.86 -85.32
N VAL U 259 -35.75 18.64 -85.70
CA VAL U 259 -34.34 18.34 -85.95
C VAL U 259 -33.86 19.05 -87.20
N ASP U 260 -34.73 19.33 -88.15
CA ASP U 260 -34.34 20.17 -89.28
C ASP U 260 -34.27 21.63 -88.89
N LEU U 261 -34.89 22.00 -87.77
CA LEU U 261 -34.70 23.35 -87.24
C LEU U 261 -33.35 23.49 -86.58
N VAL U 262 -32.92 22.48 -85.82
CA VAL U 262 -31.63 22.54 -85.15
C VAL U 262 -30.51 22.60 -86.18
N TYR U 263 -30.52 21.70 -87.15
CA TYR U 263 -29.46 21.59 -88.13
C TYR U 263 -29.66 22.52 -89.31
N ALA U 264 -30.44 23.58 -89.13
CA ALA U 264 -30.50 24.70 -90.07
C ALA U 264 -30.10 26.00 -89.40
N LEU U 265 -29.24 25.91 -88.38
CA LEU U 265 -28.93 27.04 -87.53
C LEU U 265 -27.48 27.48 -87.57
N GLY U 266 -26.59 26.71 -88.14
CA GLY U 266 -25.18 27.05 -88.13
C GLY U 266 -24.47 26.38 -86.99
N ALA U 267 -23.25 25.91 -87.23
CA ALA U 267 -22.59 25.07 -86.24
C ALA U 267 -22.14 25.85 -85.03
N GLU U 268 -21.59 27.05 -85.22
CA GLU U 268 -21.04 27.78 -84.09
C GLU U 268 -22.12 28.29 -83.16
N TYR U 269 -23.33 28.51 -83.67
CA TYR U 269 -24.41 28.94 -82.80
C TYR U 269 -25.02 27.78 -82.05
N ARG U 270 -24.97 26.57 -82.61
CA ARG U 270 -25.50 25.40 -81.93
C ARG U 270 -24.68 25.00 -80.71
N ALA U 271 -23.51 25.62 -80.51
CA ALA U 271 -22.68 25.26 -79.37
C ALA U 271 -23.39 25.60 -78.06
N ASN U 272 -23.96 26.80 -77.98
CA ASN U 272 -24.76 27.23 -76.83
C ASN U 272 -26.02 27.88 -77.37
N ALA U 273 -27.05 27.06 -77.61
CA ALA U 273 -28.33 27.54 -78.05
C ALA U 273 -29.41 26.83 -77.25
N SER U 274 -30.62 27.35 -77.29
CA SER U 274 -31.68 26.78 -76.48
C SER U 274 -33.04 27.13 -77.08
N PHE U 275 -33.95 26.17 -77.05
CA PHE U 275 -35.30 26.41 -77.54
C PHE U 275 -36.02 27.40 -76.63
N VAL U 276 -37.05 28.03 -77.19
CA VAL U 276 -37.92 28.91 -76.42
C VAL U 276 -39.36 28.54 -76.75
N MET U 277 -40.12 28.12 -75.73
CA MET U 277 -41.50 27.73 -75.90
C MET U 277 -42.29 28.16 -74.67
N ASN U 278 -43.59 27.95 -74.71
CA ASN U 278 -44.44 28.11 -73.56
C ASN U 278 -44.87 26.74 -73.05
N SER U 279 -45.56 26.73 -71.91
CA SER U 279 -45.92 25.45 -71.30
C SER U 279 -46.88 24.67 -72.17
N LYS U 280 -47.75 25.33 -72.92
CA LYS U 280 -48.65 24.62 -73.81
C LYS U 280 -47.87 23.91 -74.91
N THR U 281 -46.82 24.53 -75.44
CA THR U 281 -46.07 23.90 -76.52
C THR U 281 -45.22 22.74 -76.00
N ALA U 282 -44.57 22.93 -74.85
CA ALA U 282 -43.83 21.84 -74.24
C ALA U 282 -44.73 20.65 -73.96
N GLY U 283 -45.96 20.91 -73.53
CA GLY U 283 -46.92 19.83 -73.39
C GLY U 283 -47.27 19.22 -74.72
N ALA U 284 -47.27 20.00 -75.79
CA ALA U 284 -47.56 19.44 -77.11
C ALA U 284 -46.40 18.66 -77.67
N VAL U 285 -45.17 18.97 -77.23
CA VAL U 285 -44.02 18.20 -77.66
C VAL U 285 -43.87 16.94 -76.82
N ARG U 286 -44.00 17.07 -75.49
CA ARG U 286 -43.89 15.90 -74.63
C ARG U 286 -44.99 14.89 -74.92
N LYS U 287 -46.10 15.32 -75.49
CA LYS U 287 -47.17 14.39 -75.86
C LYS U 287 -46.92 13.71 -77.19
N MET U 288 -45.95 14.16 -77.98
CA MET U 288 -45.65 13.49 -79.24
C MET U 288 -45.10 12.10 -78.95
N LYS U 289 -45.70 11.09 -79.59
CA LYS U 289 -45.34 9.71 -79.32
C LYS U 289 -45.26 8.94 -80.63
N ASP U 290 -44.42 7.92 -80.64
CA ASP U 290 -44.20 7.12 -81.84
C ASP U 290 -45.37 6.15 -82.02
N ALA U 291 -45.22 5.19 -82.94
CA ALA U 291 -46.33 4.31 -83.29
C ALA U 291 -46.77 3.40 -82.16
N ASP U 292 -46.07 3.39 -81.02
CA ASP U 292 -46.42 2.49 -79.94
C ASP U 292 -47.03 3.19 -78.74
N GLY U 293 -46.98 4.51 -78.68
CA GLY U 293 -47.42 5.23 -77.52
C GLY U 293 -46.28 5.70 -76.65
N ARG U 294 -45.14 5.04 -76.74
CA ARG U 294 -43.95 5.47 -76.02
C ARG U 294 -43.48 6.79 -76.61
N PHE U 295 -43.68 7.87 -75.87
CA PHE U 295 -43.34 9.19 -76.36
C PHE U 295 -41.88 9.27 -76.77
N LEU U 296 -41.65 9.76 -77.99
CA LEU U 296 -40.35 9.65 -78.64
C LEU U 296 -39.33 10.66 -78.15
N TRP U 297 -39.67 11.49 -77.19
CA TRP U 297 -38.70 12.40 -76.58
C TRP U 297 -38.40 11.86 -75.19
N ALA U 298 -37.26 11.18 -75.06
CA ALA U 298 -36.88 10.64 -73.76
C ALA U 298 -36.55 11.75 -72.77
N GLU U 305 -33.85 19.09 -64.65
CA GLU U 305 -34.35 20.43 -64.33
C GLU U 305 -34.58 21.33 -65.55
N PRO U 306 -33.59 21.51 -66.43
CA PRO U 306 -33.79 22.44 -67.56
C PRO U 306 -34.81 21.96 -68.57
N ALA U 307 -35.28 20.71 -68.44
CA ALA U 307 -36.23 20.13 -69.38
C ALA U 307 -35.70 20.25 -70.80
N ARG U 308 -34.43 19.90 -70.96
CA ARG U 308 -33.79 20.04 -72.26
C ARG U 308 -34.45 19.12 -73.29
N LEU U 309 -34.41 19.55 -74.54
CA LEU U 309 -34.99 18.81 -75.65
C LEU U 309 -33.89 18.51 -76.64
N MET U 310 -33.77 17.25 -77.03
CA MET U 310 -32.76 16.80 -77.98
C MET U 310 -31.36 17.14 -77.47
N GLY U 311 -31.22 17.26 -76.16
CA GLY U 311 -29.97 17.65 -75.54
C GLY U 311 -29.76 19.13 -75.37
N TYR U 312 -30.43 19.96 -76.17
CA TYR U 312 -30.30 21.40 -76.03
C TYR U 312 -31.25 21.92 -74.97
N PRO U 313 -30.84 22.94 -74.22
CA PRO U 313 -31.71 23.46 -73.15
C PRO U 313 -33.00 24.00 -73.74
N VAL U 314 -34.02 24.08 -72.88
CA VAL U 314 -35.32 24.58 -73.27
C VAL U 314 -35.72 25.65 -72.28
N LEU U 315 -35.93 26.87 -72.78
CA LEU U 315 -36.44 27.95 -71.96
C LEU U 315 -37.96 27.94 -72.08
N ILE U 316 -38.64 27.60 -70.99
CA ILE U 316 -40.10 27.60 -70.97
C ILE U 316 -40.51 29.03 -70.65
N ALA U 317 -40.60 29.86 -71.67
CA ALA U 317 -41.19 31.17 -71.49
C ALA U 317 -42.69 31.00 -71.38
N GLU U 318 -43.43 32.10 -71.30
CA GLU U 318 -44.88 31.96 -71.29
C GLU U 318 -45.52 32.99 -72.20
N ASP U 319 -44.75 33.57 -73.10
CA ASP U 319 -45.21 34.68 -73.92
C ASP U 319 -45.09 34.40 -75.40
N MET U 320 -44.64 33.24 -75.78
CA MET U 320 -44.62 32.88 -77.19
C MET U 320 -46.00 32.41 -77.62
N PRO U 321 -46.36 32.62 -78.88
CA PRO U 321 -47.67 32.18 -79.34
C PRO U 321 -47.80 30.68 -79.28
N ASP U 322 -49.02 30.21 -79.09
CA ASP U 322 -49.28 28.78 -79.02
C ASP U 322 -49.20 28.18 -80.41
N ILE U 323 -49.51 26.90 -80.51
CA ILE U 323 -49.44 26.20 -81.79
C ILE U 323 -50.69 26.54 -82.58
N ALA U 324 -50.62 27.60 -83.34
CA ALA U 324 -51.74 28.10 -84.13
C ALA U 324 -51.54 27.71 -85.59
N ALA U 325 -52.39 28.26 -86.46
CA ALA U 325 -52.31 27.91 -87.88
C ALA U 325 -50.99 28.39 -88.49
N ASN U 326 -50.59 29.61 -88.20
CA ASN U 326 -49.36 30.15 -88.78
C ASN U 326 -48.47 30.78 -87.71
N ALA U 327 -48.51 30.25 -86.50
CA ALA U 327 -47.71 30.82 -85.43
C ALA U 327 -46.31 30.22 -85.42
N TYR U 328 -45.41 30.92 -84.75
CA TYR U 328 -44.03 30.47 -84.52
C TYR U 328 -43.94 30.17 -83.04
N ALA U 329 -44.33 28.95 -82.66
CA ALA U 329 -44.41 28.61 -81.24
C ALA U 329 -43.08 28.16 -80.67
N ILE U 330 -42.17 27.67 -81.50
CA ILE U 330 -40.88 27.16 -81.07
C ILE U 330 -39.80 27.93 -81.79
N ALA U 331 -38.99 28.66 -81.05
CA ALA U 331 -37.83 29.35 -81.58
C ALA U 331 -36.59 28.81 -80.88
N PHE U 332 -35.51 28.68 -81.63
CA PHE U 332 -34.30 28.06 -81.11
C PHE U 332 -33.12 28.76 -81.74
N GLY U 333 -32.19 29.19 -80.90
CA GLY U 333 -31.02 29.87 -81.40
C GLY U 333 -30.20 30.43 -80.26
N ASP U 334 -29.03 30.93 -80.63
CA ASP U 334 -28.07 31.49 -79.67
C ASP U 334 -28.49 32.91 -79.36
N PHE U 335 -29.30 33.06 -78.32
CA PHE U 335 -29.72 34.40 -77.92
C PHE U 335 -28.63 35.14 -77.18
N GLY U 336 -27.61 34.45 -76.69
CA GLY U 336 -26.49 35.14 -76.09
C GLY U 336 -25.83 36.09 -77.05
N ASN U 337 -25.85 35.78 -78.34
CA ASN U 337 -25.32 36.65 -79.37
C ASN U 337 -26.37 37.20 -80.30
N GLY U 338 -27.50 36.53 -80.44
CA GLY U 338 -28.53 36.97 -81.35
C GLY U 338 -29.35 38.13 -80.83
N TYR U 339 -29.72 38.08 -79.55
CA TYR U 339 -30.62 39.06 -78.96
C TYR U 339 -29.88 39.85 -77.89
N THR U 340 -29.94 41.17 -78.00
CA THR U 340 -29.24 42.07 -77.10
C THR U 340 -30.24 42.82 -76.23
N ILE U 341 -29.89 43.02 -74.96
CA ILE U 341 -30.71 43.74 -74.01
C ILE U 341 -29.88 44.90 -73.47
N ALA U 342 -30.49 46.07 -73.40
CA ALA U 342 -29.87 47.25 -72.84
C ALA U 342 -30.77 47.79 -71.76
N GLU U 343 -30.20 48.19 -70.63
CA GLU U 343 -31.02 48.59 -69.51
C GLU U 343 -30.19 49.34 -68.49
N ARG U 344 -30.88 49.87 -67.50
CA ARG U 344 -30.27 50.44 -66.32
C ARG U 344 -30.54 49.52 -65.14
N PRO U 345 -29.55 49.15 -64.39
CA PRO U 345 -29.68 48.10 -63.37
C PRO U 345 -30.20 48.62 -62.03
N ASP U 346 -31.32 49.33 -62.06
CA ASP U 346 -31.89 49.89 -60.84
C ASP U 346 -33.40 49.99 -61.00
N LEU U 347 -34.04 50.66 -60.06
CA LEU U 347 -35.49 50.88 -60.12
C LEU U 347 -35.76 52.18 -59.39
N ARG U 348 -35.88 53.27 -60.14
CA ARG U 348 -36.00 54.59 -59.55
C ARG U 348 -37.43 54.81 -59.09
N VAL U 349 -37.66 54.68 -57.79
CA VAL U 349 -38.99 54.77 -57.20
C VAL U 349 -39.16 56.16 -56.59
N LEU U 350 -40.30 56.78 -56.87
CA LEU U 350 -40.61 58.14 -56.42
C LEU U 350 -41.96 58.09 -55.71
N ARG U 351 -41.96 58.24 -54.40
CA ARG U 351 -43.20 58.32 -53.66
C ARG U 351 -43.71 59.76 -53.69
N ASP U 352 -44.97 59.93 -54.08
CA ASP U 352 -45.47 61.29 -54.40
C ASP U 352 -46.69 61.55 -53.51
N PRO U 353 -46.52 61.92 -52.19
CA PRO U 353 -47.64 62.12 -51.26
C PRO U 353 -48.60 63.19 -51.69
N PHE U 354 -48.21 64.05 -52.64
CA PHE U 354 -48.93 65.29 -52.91
C PHE U 354 -50.12 65.12 -53.84
N SER U 355 -49.87 64.54 -55.03
CA SER U 355 -50.90 64.50 -56.10
C SER U 355 -52.18 63.84 -55.58
N ALA U 356 -52.12 62.55 -55.27
CA ALA U 356 -53.19 61.82 -54.60
C ALA U 356 -53.04 62.07 -53.11
N LYS U 357 -53.97 62.81 -52.52
CA LYS U 357 -53.67 63.44 -51.24
C LYS U 357 -53.72 62.48 -50.05
N PRO U 358 -54.80 61.72 -49.82
CA PRO U 358 -54.80 60.80 -48.68
C PRO U 358 -54.08 59.49 -48.94
N HIS U 359 -53.38 59.37 -50.07
CA HIS U 359 -52.62 58.21 -50.47
C HIS U 359 -51.15 58.59 -50.62
N VAL U 360 -50.35 57.69 -51.19
CA VAL U 360 -48.93 57.93 -51.37
C VAL U 360 -48.51 57.85 -52.83
N LEU U 361 -49.07 56.93 -53.60
CA LEU U 361 -48.89 56.89 -55.05
C LEU U 361 -47.41 56.75 -55.43
N PHE U 362 -46.85 55.60 -55.09
CA PHE U 362 -45.47 55.31 -55.44
C PHE U 362 -45.30 55.26 -56.95
N TYR U 363 -44.20 55.79 -57.45
CA TYR U 363 -43.94 55.83 -58.89
C TYR U 363 -42.58 55.19 -59.14
N ALA U 364 -42.59 53.94 -59.60
CA ALA U 364 -41.37 53.20 -59.89
C ALA U 364 -41.30 52.93 -61.37
N SER U 365 -40.12 53.13 -61.95
CA SER U 365 -39.95 53.01 -63.39
C SER U 365 -38.53 52.63 -63.70
N LYS U 366 -38.33 51.43 -64.24
CA LYS U 366 -37.06 51.08 -64.84
C LYS U 366 -37.19 51.20 -66.34
N ARG U 367 -36.07 51.47 -67.00
CA ARG U 367 -36.07 51.66 -68.44
C ARG U 367 -35.15 50.63 -69.08
N VAL U 368 -35.67 49.97 -70.12
CA VAL U 368 -35.07 48.78 -70.69
C VAL U 368 -35.40 48.75 -72.18
N GLY U 369 -34.51 48.15 -72.96
CA GLY U 369 -34.77 48.00 -74.38
C GLY U 369 -33.96 46.86 -74.94
N GLY U 370 -34.27 46.50 -76.19
CA GLY U 370 -33.48 45.50 -76.86
C GLY U 370 -34.17 44.72 -77.96
N ASP U 371 -33.47 44.53 -79.08
CA ASP U 371 -33.92 43.70 -80.18
C ASP U 371 -32.79 42.78 -80.60
N VAL U 372 -33.03 42.02 -81.67
CA VAL U 372 -32.01 41.13 -82.18
C VAL U 372 -30.86 41.94 -82.76
N SER U 373 -29.65 41.47 -82.52
CA SER U 373 -28.46 42.07 -83.11
C SER U 373 -27.78 41.18 -84.12
N ASP U 374 -27.91 39.86 -83.98
CA ASP U 374 -27.33 38.89 -84.91
C ASP U 374 -28.48 38.06 -85.46
N PHE U 375 -29.02 38.47 -86.60
CA PHE U 375 -30.18 37.80 -87.17
C PHE U 375 -29.89 36.35 -87.54
N ALA U 376 -28.62 36.00 -87.71
CA ALA U 376 -28.25 34.64 -88.07
C ALA U 376 -28.20 33.69 -86.89
N ALA U 377 -28.57 34.14 -85.69
CA ALA U 377 -28.42 33.33 -84.50
C ALA U 377 -29.75 32.89 -83.91
N ILE U 378 -30.85 33.05 -84.64
CA ILE U 378 -32.17 32.62 -84.17
C ILE U 378 -32.92 32.03 -85.34
N LYS U 379 -33.44 30.82 -85.17
CA LYS U 379 -34.30 30.19 -86.16
C LYS U 379 -35.65 29.91 -85.53
N LEU U 380 -36.68 29.86 -86.35
CA LEU U 380 -38.05 29.73 -85.87
C LEU U 380 -38.71 28.53 -86.53
N LEU U 381 -39.79 28.07 -85.92
CA LEU U 381 -40.57 26.95 -86.43
C LEU U 381 -41.97 27.44 -86.73
N LYS U 382 -42.24 27.70 -87.99
CA LYS U 382 -43.58 28.07 -88.43
C LYS U 382 -44.37 26.79 -88.67
N PHE U 383 -45.65 26.82 -88.32
CA PHE U 383 -46.50 25.65 -88.48
C PHE U 383 -47.36 25.73 -89.73
N ALA U 384 -46.93 26.46 -90.74
CA ALA U 384 -47.82 26.72 -91.87
C ALA U 384 -47.82 25.58 -92.88
N ALA U 385 -46.69 25.33 -93.52
CA ALA U 385 -46.62 24.40 -94.65
C ALA U 385 -45.18 24.22 -95.13
N ALA V 89 -35.48 71.61 -74.64
CA ALA V 89 -35.35 70.81 -73.43
C ALA V 89 -36.67 70.16 -73.09
N LEU V 90 -37.49 69.95 -74.11
CA LEU V 90 -38.74 69.24 -73.97
C LEU V 90 -38.47 67.76 -74.29
N ASN V 91 -39.52 67.00 -74.58
CA ASN V 91 -39.41 65.55 -74.74
C ASN V 91 -38.28 65.18 -75.69
N SER V 92 -37.62 64.07 -75.38
CA SER V 92 -36.49 63.56 -76.15
C SER V 92 -36.90 62.73 -77.35
N ALA V 93 -38.14 62.85 -77.81
CA ALA V 93 -38.58 62.07 -78.96
C ALA V 93 -38.26 62.79 -80.27
N VAL V 94 -38.72 64.01 -80.40
CA VAL V 94 -38.53 64.78 -81.62
C VAL V 94 -37.17 65.43 -81.60
N ALA V 95 -36.57 65.57 -82.79
CA ALA V 95 -35.19 66.05 -82.87
C ALA V 95 -35.08 67.49 -82.40
N ALA V 96 -36.01 68.35 -82.82
CA ALA V 96 -35.86 69.77 -82.54
C ALA V 96 -35.94 70.05 -81.05
N GLU V 97 -36.89 69.44 -80.35
CA GLU V 97 -37.15 69.78 -78.96
C GLU V 97 -36.36 68.88 -78.01
N GLY V 98 -35.06 68.85 -78.20
CA GLY V 98 -34.21 68.10 -77.30
C GLY V 98 -33.85 66.71 -77.75
N GLY V 99 -34.34 66.25 -78.89
CA GLY V 99 -33.91 64.98 -79.40
C GLY V 99 -32.50 64.96 -79.93
N TYR V 100 -31.86 66.13 -80.01
CA TYR V 100 -30.48 66.22 -80.46
C TYR V 100 -29.47 66.14 -79.32
N LEU V 101 -29.92 66.23 -78.07
CA LEU V 101 -29.02 66.28 -76.94
C LEU V 101 -28.76 64.92 -76.32
N VAL V 102 -29.06 63.83 -77.03
CA VAL V 102 -29.04 62.51 -76.45
C VAL V 102 -27.84 61.69 -76.90
N ASP V 103 -27.59 61.60 -78.21
CA ASP V 103 -26.38 60.96 -78.73
C ASP V 103 -26.19 59.52 -78.25
N PRO V 104 -26.85 58.56 -78.89
CA PRO V 104 -26.81 57.16 -78.44
C PRO V 104 -25.40 56.67 -78.10
N GLN V 105 -25.35 55.69 -77.20
CA GLN V 105 -24.09 55.09 -76.78
C GLN V 105 -23.78 53.86 -77.62
N THR V 106 -22.56 53.76 -78.10
CA THR V 106 -22.17 52.67 -78.99
C THR V 106 -21.63 51.49 -78.21
N SER V 107 -21.44 50.38 -78.91
CA SER V 107 -20.99 49.15 -78.28
C SER V 107 -19.54 49.29 -77.83
N GLU V 108 -19.18 48.49 -76.82
CA GLU V 108 -17.81 48.52 -76.32
C GLU V 108 -16.84 47.95 -77.33
N THR V 109 -17.15 46.77 -77.86
CA THR V 109 -16.41 46.17 -78.95
C THR V 109 -17.30 46.08 -80.17
N ILE V 110 -16.70 45.77 -81.30
CA ILE V 110 -17.47 45.63 -82.54
C ILE V 110 -17.77 44.14 -82.76
N ARG V 111 -18.96 43.71 -82.34
CA ARG V 111 -19.32 42.31 -82.44
C ARG V 111 -19.47 41.92 -83.90
N GLY V 112 -19.26 40.64 -84.18
CA GLY V 112 -19.36 40.20 -85.56
C GLY V 112 -20.25 38.98 -85.64
N VAL V 113 -20.55 38.59 -86.88
CA VAL V 113 -21.35 37.41 -87.08
C VAL V 113 -20.50 36.20 -86.74
N LEU V 114 -21.07 35.26 -86.01
CA LEU V 114 -20.34 34.06 -85.62
C LEU V 114 -20.39 33.07 -86.77
N ARG V 115 -19.23 32.53 -87.12
CA ARG V 115 -19.05 31.56 -88.19
C ARG V 115 -18.37 30.35 -87.55
N SER V 116 -18.62 29.17 -88.08
CA SER V 116 -18.15 28.00 -87.35
C SER V 116 -16.64 27.91 -87.27
N THR V 117 -16.16 27.42 -86.12
CA THR V 117 -14.75 27.27 -85.83
C THR V 117 -14.32 25.82 -85.72
N ALA V 118 -15.16 24.86 -86.11
CA ALA V 118 -14.70 23.48 -86.13
C ALA V 118 -13.82 23.35 -87.35
N SER V 119 -12.57 22.98 -87.16
CA SER V 119 -11.58 23.11 -88.22
C SER V 119 -10.72 21.88 -88.41
N LEU V 120 -11.00 20.79 -87.70
CA LEU V 120 -10.23 19.55 -87.77
C LEU V 120 -8.84 19.79 -87.21
N ARG V 121 -8.53 21.03 -86.86
CA ARG V 121 -7.31 21.37 -86.14
C ARG V 121 -7.44 21.06 -84.66
N GLN V 122 -8.66 20.80 -84.20
CA GLN V 122 -8.87 20.46 -82.81
C GLN V 122 -8.55 19.00 -82.53
N ILE V 123 -8.70 18.12 -83.52
CA ILE V 123 -8.45 16.71 -83.35
C ILE V 123 -7.16 16.25 -84.01
N ALA V 124 -6.71 16.90 -85.08
CA ALA V 124 -5.46 16.54 -85.74
C ALA V 124 -4.29 16.99 -84.88
N SER V 125 -3.09 16.71 -85.34
CA SER V 125 -1.88 17.01 -84.58
C SER V 125 -1.23 18.18 -85.28
N VAL V 126 -1.13 19.30 -84.57
CA VAL V 126 -0.52 20.49 -85.11
C VAL V 126 0.92 20.54 -84.63
N VAL V 127 1.82 21.05 -85.47
CA VAL V 127 3.22 21.20 -85.10
C VAL V 127 3.65 22.61 -85.44
N ASN V 128 4.61 23.14 -84.69
CA ASN V 128 5.13 24.47 -84.96
C ASN V 128 6.43 24.34 -85.73
N VAL V 129 6.35 24.38 -87.05
CA VAL V 129 7.53 24.24 -87.89
C VAL V 129 7.96 25.58 -88.48
N GLU V 130 9.16 26.03 -88.11
CA GLU V 130 9.72 27.27 -88.64
C GLU V 130 10.67 26.94 -89.79
N ALA V 131 10.12 26.33 -90.83
CA ALA V 131 10.91 25.92 -91.97
C ALA V 131 10.03 25.98 -93.22
N THR V 132 10.50 25.37 -94.29
CA THR V 132 9.78 25.38 -95.56
C THR V 132 8.93 24.14 -95.77
N SER V 133 9.08 23.12 -94.94
CA SER V 133 8.29 21.92 -95.06
C SER V 133 8.40 21.16 -93.76
N PHE V 134 7.76 19.99 -93.74
CA PHE V 134 7.85 19.11 -92.58
C PHE V 134 7.92 17.70 -93.13
N ASP V 135 8.79 16.88 -92.55
CA ASP V 135 8.91 15.49 -92.96
C ASP V 135 8.48 14.57 -91.83
N VAL V 136 7.39 13.87 -92.03
CA VAL V 136 6.97 12.85 -91.08
C VAL V 136 7.48 11.51 -91.53
N LEU V 137 8.07 10.76 -90.60
CA LEU V 137 8.63 9.45 -90.88
C LEU V 137 7.77 8.42 -90.18
N VAL V 138 7.28 7.44 -90.94
CA VAL V 138 6.38 6.44 -90.40
C VAL V 138 6.96 5.05 -90.64
N ASP V 139 6.37 4.07 -89.94
CA ASP V 139 6.69 2.66 -90.11
C ASP V 139 5.52 2.00 -90.83
N LYS V 140 5.54 2.03 -92.16
CA LYS V 140 4.44 1.45 -92.90
C LYS V 140 4.29 -0.06 -92.69
N THR V 141 5.35 -0.77 -92.30
CA THR V 141 5.22 -2.17 -91.95
C THR V 141 5.81 -2.38 -90.57
N ASP V 142 5.85 -3.62 -90.11
CA ASP V 142 6.38 -3.90 -88.78
C ASP V 142 7.44 -4.99 -88.85
N MET V 143 7.97 -5.31 -87.68
CA MET V 143 9.06 -6.24 -87.47
C MET V 143 8.56 -7.68 -87.59
N GLY V 144 9.43 -8.62 -87.25
CA GLY V 144 9.04 -10.02 -87.17
C GLY V 144 9.51 -10.60 -85.86
N SER V 145 8.71 -11.53 -85.33
CA SER V 145 9.05 -12.24 -84.11
C SER V 145 9.16 -13.73 -84.40
N GLY V 146 9.89 -14.42 -83.53
CA GLY V 146 10.25 -15.79 -83.80
C GLY V 146 9.60 -16.90 -83.01
N TRP V 147 9.27 -16.64 -81.75
CA TRP V 147 8.97 -17.71 -80.81
C TRP V 147 10.12 -18.70 -80.82
N ALA V 148 11.29 -18.17 -80.50
CA ALA V 148 12.53 -18.93 -80.63
C ALA V 148 12.48 -20.19 -79.80
N SER V 149 13.06 -21.26 -80.32
CA SER V 149 13.17 -22.51 -79.58
C SER V 149 14.40 -22.48 -78.70
N GLU V 150 14.71 -23.60 -78.07
CA GLU V 150 15.88 -23.66 -77.19
C GLU V 150 17.15 -23.81 -78.00
N THR V 151 17.13 -24.66 -79.02
CA THR V 151 18.28 -24.96 -79.86
C THR V 151 17.81 -24.80 -81.30
N ALA V 152 17.89 -23.57 -81.82
CA ALA V 152 17.31 -23.29 -83.14
C ALA V 152 18.21 -22.47 -84.05
N ALA V 153 19.27 -21.85 -83.54
CA ALA V 153 20.15 -21.00 -84.35
C ALA V 153 19.35 -19.88 -85.01
N LEU V 154 18.88 -18.96 -84.17
CA LEU V 154 18.04 -17.85 -84.60
C LEU V 154 18.64 -17.10 -85.77
N SER V 155 17.86 -16.95 -86.83
CA SER V 155 18.31 -16.29 -88.05
C SER V 155 17.76 -14.86 -88.09
N GLU V 156 17.98 -14.18 -89.22
CA GLU V 156 17.55 -12.80 -89.35
C GLU V 156 16.04 -12.67 -89.29
N THR V 157 15.58 -11.55 -88.77
CA THR V 157 14.18 -11.20 -88.75
C THR V 157 13.97 -9.90 -89.51
N ALA V 158 12.71 -9.63 -89.84
CA ALA V 158 12.36 -8.48 -90.64
C ALA V 158 12.67 -7.19 -89.88
N THR V 159 12.52 -6.06 -90.58
CA THR V 159 12.84 -4.77 -90.07
C THR V 159 11.78 -3.84 -90.66
N PRO V 160 11.22 -2.93 -89.88
CA PRO V 160 10.14 -2.09 -90.40
C PRO V 160 10.70 -1.09 -91.39
N GLN V 161 10.03 -0.95 -92.54
CA GLN V 161 10.51 0.02 -93.49
C GLN V 161 9.90 1.39 -93.20
N ILE V 162 10.53 2.42 -93.74
CA ILE V 162 10.28 3.79 -93.35
C ILE V 162 9.80 4.57 -94.57
N ASP V 163 8.75 5.37 -94.38
CA ASP V 163 8.25 6.27 -95.40
C ASP V 163 8.27 7.69 -94.85
N ARG V 164 8.74 8.62 -95.67
CA ARG V 164 8.83 10.03 -95.30
C ARG V 164 7.80 10.80 -96.10
N ILE V 165 7.02 11.63 -95.42
CA ILE V 165 5.93 12.39 -96.03
C ILE V 165 6.25 13.86 -95.87
N THR V 166 6.21 14.61 -96.97
CA THR V 166 6.59 16.02 -96.94
C THR V 166 5.34 16.88 -96.81
N ILE V 167 5.46 17.94 -96.02
CA ILE V 167 4.36 18.88 -95.78
C ILE V 167 4.78 20.24 -96.32
N PRO V 168 4.45 20.58 -97.56
CA PRO V 168 5.10 21.74 -98.19
C PRO V 168 4.94 23.06 -97.45
N LEU V 169 4.01 23.17 -96.49
CA LEU V 169 3.88 24.36 -95.65
C LEU V 169 3.67 25.63 -96.49
N HIS V 170 2.52 25.69 -97.16
CA HIS V 170 2.17 26.84 -97.97
C HIS V 170 1.83 28.03 -97.09
N GLU V 171 1.41 29.13 -97.70
CA GLU V 171 1.01 30.31 -96.97
C GLU V 171 -0.35 30.80 -97.45
N LEU V 172 -0.96 31.65 -96.63
CA LEU V 172 -2.35 32.08 -96.80
C LEU V 172 -2.38 33.58 -96.56
N ALA V 173 -2.74 34.35 -97.59
CA ALA V 173 -2.57 35.79 -97.56
C ALA V 173 -3.91 36.51 -97.64
N ALA V 174 -4.06 37.55 -96.82
CA ALA V 174 -5.20 38.45 -96.86
C ALA V 174 -4.66 39.87 -96.87
N MET V 175 -5.25 40.73 -97.70
CA MET V 175 -4.82 42.12 -97.84
C MET V 175 -6.04 43.03 -97.84
N PRO V 176 -6.55 43.40 -96.67
CA PRO V 176 -7.64 44.37 -96.62
C PRO V 176 -7.10 45.78 -96.68
N LYS V 177 -7.94 46.69 -97.18
CA LYS V 177 -7.55 48.09 -97.34
C LYS V 177 -8.47 48.96 -96.51
N ALA V 178 -7.88 49.75 -95.63
CA ALA V 178 -8.63 50.68 -94.80
C ALA V 178 -8.17 52.09 -95.09
N SER V 179 -9.08 53.04 -95.00
CA SER V 179 -8.73 54.43 -95.22
C SER V 179 -8.06 55.00 -93.99
N GLN V 180 -7.03 55.82 -94.20
CA GLN V 180 -6.31 56.40 -93.07
C GLN V 180 -7.20 57.34 -92.29
N ARG V 181 -8.16 57.96 -92.96
CA ARG V 181 -9.12 58.81 -92.26
C ARG V 181 -9.96 58.02 -91.28
N LEU V 182 -10.30 56.77 -91.63
CA LEU V 182 -11.10 55.95 -90.73
C LEU V 182 -10.30 55.51 -89.52
N LEU V 183 -9.02 55.18 -89.71
CA LEU V 183 -8.24 54.64 -88.61
C LEU V 183 -7.97 55.68 -87.52
N ASP V 184 -8.25 56.95 -87.79
CA ASP V 184 -8.04 58.00 -86.80
C ASP V 184 -9.33 58.46 -86.15
N ASP V 185 -10.49 58.14 -86.73
CA ASP V 185 -11.74 58.80 -86.38
C ASP V 185 -12.77 57.82 -85.84
N SER V 186 -12.36 56.61 -85.47
CA SER V 186 -13.28 55.47 -85.39
C SER V 186 -13.03 54.66 -84.13
N ALA V 187 -13.22 55.28 -82.96
CA ALA V 187 -12.62 54.88 -81.69
C ALA V 187 -12.39 53.39 -81.47
N PHE V 188 -13.17 52.52 -82.11
CA PHE V 188 -12.84 51.10 -82.11
C PHE V 188 -11.46 50.88 -82.72
N ASP V 189 -10.63 50.12 -82.05
CA ASP V 189 -9.30 49.86 -82.61
C ASP V 189 -9.49 49.06 -83.89
N ILE V 190 -9.37 49.73 -85.03
CA ILE V 190 -9.54 49.04 -86.30
C ILE V 190 -8.27 48.26 -86.65
N GLU V 191 -7.12 48.73 -86.22
CA GLU V 191 -5.89 47.97 -86.42
C GLU V 191 -6.04 46.56 -85.90
N THR V 192 -6.40 46.42 -84.62
CA THR V 192 -6.49 45.09 -84.02
C THR V 192 -7.77 44.36 -84.40
N TRP V 193 -8.77 45.05 -84.91
CA TRP V 193 -9.98 44.34 -85.30
C TRP V 193 -9.77 43.60 -86.60
N LEU V 194 -9.01 44.17 -87.53
CA LEU V 194 -8.68 43.46 -88.75
C LEU V 194 -7.79 42.26 -88.44
N ALA V 195 -6.80 42.43 -87.56
CA ALA V 195 -5.94 41.30 -87.25
C ALA V 195 -6.69 40.24 -86.49
N ASN V 196 -7.78 40.60 -85.81
CA ASN V 196 -8.62 39.61 -85.17
C ASN V 196 -9.52 38.93 -86.19
N ARG V 197 -10.07 39.70 -87.12
CA ARG V 197 -10.96 39.14 -88.12
C ARG V 197 -10.19 38.48 -89.26
N ILE V 198 -8.89 38.75 -89.37
CA ILE V 198 -8.07 38.05 -90.36
C ILE V 198 -7.70 36.68 -89.83
N ALA V 199 -7.17 36.65 -88.61
CA ALA V 199 -6.81 35.39 -87.95
C ALA V 199 -8.01 34.48 -87.84
N ASP V 200 -9.21 35.06 -87.75
CA ASP V 200 -10.43 34.27 -87.71
C ASP V 200 -10.74 33.69 -89.08
N LYS V 201 -10.52 34.47 -90.14
CA LYS V 201 -10.81 33.99 -91.48
C LYS V 201 -9.79 32.94 -91.90
N PHE V 202 -8.54 33.09 -91.46
CA PHE V 202 -7.50 32.14 -91.80
C PHE V 202 -7.77 30.78 -91.15
N ALA V 203 -8.14 30.79 -89.87
CA ALA V 203 -8.51 29.55 -89.20
C ALA V 203 -9.76 28.93 -89.80
N ARG V 204 -10.44 29.64 -90.68
CA ARG V 204 -11.64 29.13 -91.32
C ARG V 204 -11.40 28.87 -92.80
N ALA V 205 -10.37 29.49 -93.38
CA ALA V 205 -10.00 29.23 -94.75
C ALA V 205 -9.07 28.04 -94.86
N GLU V 206 -8.21 27.83 -93.86
CA GLU V 206 -7.38 26.65 -93.77
C GLU V 206 -8.14 25.46 -93.21
N ALA V 207 -9.27 25.70 -92.56
CA ALA V 207 -10.11 24.61 -92.11
C ALA V 207 -10.70 23.85 -93.28
N ALA V 208 -10.90 24.55 -94.40
CA ALA V 208 -11.45 23.93 -95.58
C ALA V 208 -10.39 23.22 -96.40
N ALA V 209 -9.16 23.73 -96.36
CA ALA V 209 -8.07 23.05 -97.07
C ALA V 209 -7.67 21.75 -96.39
N PHE V 210 -7.87 21.65 -95.08
CA PHE V 210 -7.58 20.44 -94.33
C PHE V 210 -8.45 19.27 -94.73
N ILE V 211 -9.53 19.51 -95.45
CA ILE V 211 -10.48 18.47 -95.83
C ILE V 211 -10.54 18.32 -97.34
N SER V 212 -10.91 19.37 -98.05
CA SER V 212 -11.05 19.30 -99.48
C SER V 212 -10.05 20.19 -100.20
N GLY V 213 -8.84 20.34 -99.66
CA GLY V 213 -7.82 21.09 -100.36
C GLY V 213 -7.03 20.18 -101.28
N ASP V 214 -6.65 20.71 -102.43
CA ASP V 214 -5.79 19.97 -103.33
C ASP V 214 -4.34 20.37 -103.07
N GLY V 215 -3.43 19.95 -103.94
CA GLY V 215 -2.01 20.16 -103.65
C GLY V 215 -1.52 21.57 -103.88
N VAL V 216 -2.10 22.27 -104.83
CA VAL V 216 -1.54 23.55 -105.27
C VAL V 216 -1.70 24.60 -104.18
N ASP V 217 -0.57 25.01 -103.61
CA ASP V 217 -0.44 26.13 -102.68
C ASP V 217 -1.35 26.03 -101.47
N LYS V 218 -1.87 24.84 -101.15
CA LYS V 218 -2.77 24.72 -100.02
C LYS V 218 -2.67 23.30 -99.48
N PRO V 219 -2.94 23.11 -98.20
CA PRO V 219 -2.85 21.76 -97.62
C PRO V 219 -3.81 20.81 -98.32
N THR V 220 -3.32 19.62 -98.62
CA THR V 220 -4.14 18.62 -99.27
C THR V 220 -4.91 17.86 -98.20
N GLY V 221 -6.23 18.06 -98.17
CA GLY V 221 -7.05 17.37 -97.22
C GLY V 221 -7.11 15.89 -97.47
N PHE V 222 -7.65 15.18 -96.49
CA PHE V 222 -7.66 13.73 -96.59
C PHE V 222 -8.58 13.21 -97.67
N LEU V 223 -9.52 14.01 -98.15
CA LEU V 223 -10.45 13.51 -99.16
C LEU V 223 -9.80 13.36 -100.52
N THR V 224 -8.73 14.07 -100.80
CA THR V 224 -8.03 13.95 -102.09
C THR V 224 -6.86 12.97 -101.97
N LYS V 225 -7.12 11.76 -101.51
CA LYS V 225 -6.04 10.83 -101.19
C LYS V 225 -6.29 9.45 -101.78
N THR V 226 -6.64 9.40 -103.06
CA THR V 226 -6.83 8.17 -103.83
C THR V 226 -7.51 7.06 -103.01
N LYS V 227 -8.76 7.32 -102.64
CA LYS V 227 -9.51 6.39 -101.81
C LYS V 227 -9.60 5.02 -102.47
N VAL V 228 -9.45 3.97 -101.67
CA VAL V 228 -9.56 2.59 -102.14
C VAL V 228 -10.50 1.85 -101.20
N ALA V 229 -11.24 0.89 -101.76
CA ALA V 229 -12.19 0.13 -100.97
C ALA V 229 -11.49 -0.65 -99.86
N ASN V 230 -12.11 -0.66 -98.69
CA ASN V 230 -11.53 -1.36 -97.56
C ASN V 230 -11.49 -2.86 -97.82
N GLY V 231 -10.63 -3.56 -97.09
CA GLY V 231 -10.37 -4.96 -97.36
C GLY V 231 -9.29 -5.12 -98.41
N ALA V 232 -9.20 -4.14 -99.31
CA ALA V 232 -8.10 -4.02 -100.26
C ALA V 232 -7.21 -2.84 -99.92
N TRP V 233 -7.14 -2.49 -98.64
CA TRP V 233 -6.47 -1.26 -98.22
C TRP V 233 -4.96 -1.45 -98.34
N ALA V 234 -4.31 -0.45 -98.93
CA ALA V 234 -2.87 -0.41 -99.08
C ALA V 234 -2.32 0.77 -98.26
N TRP V 235 -1.02 1.02 -98.32
CA TRP V 235 -0.51 2.11 -97.52
C TRP V 235 -0.76 3.47 -98.13
N GLY V 236 -0.76 3.57 -99.46
CA GLY V 236 -0.86 4.88 -100.08
C GLY V 236 -2.27 5.41 -100.24
N SER V 237 -3.26 4.80 -99.57
CA SER V 237 -4.64 5.16 -99.85
C SER V 237 -5.49 5.04 -98.60
N LEU V 238 -6.63 5.74 -98.62
CA LEU V 238 -7.59 5.71 -97.53
C LEU V 238 -8.71 4.72 -97.84
N GLY V 239 -9.04 3.90 -96.87
CA GLY V 239 -10.05 2.88 -97.05
C GLY V 239 -11.45 3.37 -96.74
N TYR V 240 -12.37 3.02 -97.62
CA TYR V 240 -13.77 3.42 -97.48
C TYR V 240 -14.66 2.19 -97.53
N VAL V 241 -15.84 2.32 -96.95
CA VAL V 241 -16.86 1.28 -97.01
C VAL V 241 -18.08 1.88 -97.69
N ALA V 242 -18.81 1.04 -98.41
CA ALA V 242 -19.91 1.53 -99.22
C ALA V 242 -21.23 1.33 -98.50
N THR V 243 -22.18 2.21 -98.77
CA THR V 243 -23.43 2.20 -98.02
C THR V 243 -24.48 1.34 -98.68
N GLY V 244 -24.29 0.96 -99.94
CA GLY V 244 -25.36 0.35 -100.68
C GLY V 244 -25.92 1.25 -101.75
N ALA V 245 -27.08 1.84 -101.50
CA ALA V 245 -27.73 2.69 -102.50
C ALA V 245 -26.81 3.81 -102.95
N ALA V 246 -27.09 4.36 -104.13
CA ALA V 246 -26.21 5.34 -104.73
C ALA V 246 -26.47 6.73 -104.19
N GLY V 247 -27.69 6.97 -103.72
CA GLY V 247 -27.96 8.28 -103.17
C GLY V 247 -27.78 8.35 -101.68
N ASP V 248 -28.45 7.46 -100.93
CA ASP V 248 -28.48 7.58 -99.50
C ASP V 248 -28.08 6.25 -98.87
N PHE V 249 -28.29 6.15 -97.56
CA PHE V 249 -28.06 4.91 -96.82
C PHE V 249 -28.86 3.75 -97.43
N ALA V 250 -28.46 2.54 -97.09
CA ALA V 250 -29.09 1.32 -97.58
C ALA V 250 -30.58 1.32 -97.26
N ALA V 251 -31.39 0.94 -98.25
CA ALA V 251 -32.83 0.94 -98.05
C ALA V 251 -33.27 -0.22 -97.16
N VAL V 252 -32.64 -1.39 -97.34
CA VAL V 252 -33.05 -2.58 -96.60
C VAL V 252 -32.59 -2.49 -95.15
N ASN V 253 -31.35 -2.08 -94.92
CA ASN V 253 -30.79 -2.00 -93.57
C ASN V 253 -29.76 -0.88 -93.55
N ALA V 254 -30.19 0.29 -93.08
CA ALA V 254 -29.23 1.35 -92.88
C ALA V 254 -28.57 1.18 -91.52
N SER V 255 -27.77 2.17 -91.13
CA SER V 255 -27.17 2.20 -89.80
C SER V 255 -26.16 1.07 -89.65
N ASP V 256 -26.06 0.23 -90.66
CA ASP V 256 -25.01 -0.77 -90.69
C ASP V 256 -23.83 -0.32 -91.51
N ALA V 257 -24.06 0.48 -92.55
CA ALA V 257 -22.92 1.09 -93.23
C ALA V 257 -22.21 2.06 -92.31
N VAL V 258 -22.81 2.40 -91.17
CA VAL V 258 -22.13 3.22 -90.18
C VAL V 258 -21.45 2.34 -89.16
N VAL V 259 -22.09 1.25 -88.75
CA VAL V 259 -21.52 0.42 -87.71
C VAL V 259 -20.35 -0.39 -88.24
N ASP V 260 -20.33 -0.71 -89.52
CA ASP V 260 -19.13 -1.34 -90.06
C ASP V 260 -18.09 -0.33 -90.52
N LEU V 261 -18.49 0.93 -90.72
CA LEU V 261 -17.49 2.00 -90.84
C LEU V 261 -16.71 2.18 -89.54
N VAL V 262 -17.40 2.07 -88.41
CA VAL V 262 -16.69 2.18 -87.14
C VAL V 262 -15.73 1.02 -86.97
N TYR V 263 -16.20 -0.20 -87.20
CA TYR V 263 -15.39 -1.37 -86.94
C TYR V 263 -14.47 -1.73 -88.09
N ALA V 264 -14.22 -0.77 -88.98
CA ALA V 264 -13.28 -0.90 -90.07
C ALA V 264 -12.02 -0.10 -89.79
N LEU V 265 -11.82 0.29 -88.54
CA LEU V 265 -10.67 1.09 -88.15
C LEU V 265 -9.59 0.33 -87.40
N GLY V 266 -9.93 -0.59 -86.53
CA GLY V 266 -8.97 -1.21 -85.63
C GLY V 266 -9.09 -0.65 -84.24
N ALA V 267 -9.04 -1.52 -83.24
CA ALA V 267 -9.34 -1.10 -81.88
C ALA V 267 -8.32 -0.15 -81.30
N GLU V 268 -7.26 0.16 -82.04
CA GLU V 268 -6.28 1.12 -81.52
C GLU V 268 -6.57 2.52 -81.99
N TYR V 269 -6.99 2.68 -83.24
CA TYR V 269 -7.39 3.99 -83.72
C TYR V 269 -8.77 4.37 -83.22
N ARG V 270 -9.58 3.41 -82.79
CA ARG V 270 -10.86 3.75 -82.20
C ARG V 270 -10.73 4.19 -80.76
N ALA V 271 -9.51 4.19 -80.21
CA ALA V 271 -9.32 4.67 -78.85
C ALA V 271 -9.73 6.13 -78.72
N ASN V 272 -9.36 6.94 -79.69
CA ASN V 272 -9.80 8.34 -79.80
C ASN V 272 -9.98 8.63 -81.28
N ALA V 273 -11.20 8.42 -81.75
CA ALA V 273 -11.58 8.74 -83.11
C ALA V 273 -12.84 9.59 -83.07
N SER V 274 -13.19 10.15 -84.22
CA SER V 274 -14.36 11.01 -84.27
C SER V 274 -14.88 11.10 -85.69
N PHE V 275 -16.20 11.05 -85.84
CA PHE V 275 -16.81 11.27 -87.13
C PHE V 275 -16.60 12.72 -87.55
N VAL V 276 -16.56 12.96 -88.85
CA VAL V 276 -16.45 14.29 -89.38
C VAL V 276 -17.52 14.42 -90.46
N MET V 277 -18.49 15.29 -90.23
CA MET V 277 -19.58 15.54 -91.15
C MET V 277 -19.83 17.04 -91.22
N ASN V 278 -20.61 17.46 -92.22
CA ASN V 278 -21.08 18.82 -92.27
C ASN V 278 -22.41 18.89 -91.53
N SER V 279 -23.06 20.05 -91.56
CA SER V 279 -24.26 20.19 -90.74
C SER V 279 -25.41 19.35 -91.28
N LYS V 280 -25.70 19.45 -92.57
CA LYS V 280 -26.86 18.77 -93.11
C LYS V 280 -26.64 17.27 -93.31
N THR V 281 -25.53 16.73 -92.81
CA THR V 281 -25.38 15.28 -92.84
C THR V 281 -25.68 14.71 -91.48
N ALA V 282 -25.15 15.33 -90.42
CA ALA V 282 -25.54 14.93 -89.08
C ALA V 282 -27.03 15.07 -88.90
N GLY V 283 -27.64 16.01 -89.62
CA GLY V 283 -29.10 16.08 -89.66
C GLY V 283 -29.73 14.92 -90.38
N ALA V 284 -29.15 14.49 -91.49
CA ALA V 284 -29.70 13.33 -92.17
C ALA V 284 -29.45 12.05 -91.40
N VAL V 285 -28.37 12.00 -90.62
CA VAL V 285 -28.19 10.87 -89.71
C VAL V 285 -29.16 10.93 -88.55
N ARG V 286 -29.45 12.13 -88.03
CA ARG V 286 -30.37 12.21 -86.91
C ARG V 286 -31.81 12.03 -87.34
N LYS V 287 -32.13 12.39 -88.58
CA LYS V 287 -33.48 12.11 -89.07
C LYS V 287 -33.73 10.64 -89.28
N MET V 288 -32.71 9.79 -89.15
CA MET V 288 -32.92 8.37 -89.32
C MET V 288 -33.73 7.81 -88.17
N LYS V 289 -34.85 7.19 -88.52
CA LYS V 289 -35.79 6.61 -87.57
C LYS V 289 -36.01 5.16 -87.96
N ASP V 290 -36.27 4.32 -86.96
CA ASP V 290 -36.49 2.91 -87.22
C ASP V 290 -37.92 2.71 -87.71
N ALA V 291 -38.37 1.45 -87.75
CA ALA V 291 -39.67 1.13 -88.30
C ALA V 291 -40.81 1.66 -87.46
N ASP V 292 -40.60 1.82 -86.16
CA ASP V 292 -41.65 2.29 -85.26
C ASP V 292 -41.85 3.80 -85.35
N GLY V 293 -40.82 4.56 -85.73
CA GLY V 293 -40.85 6.01 -85.82
C GLY V 293 -39.97 6.72 -84.80
N ARG V 294 -39.36 5.97 -83.89
CA ARG V 294 -38.42 6.51 -82.93
C ARG V 294 -37.05 6.67 -83.57
N PHE V 295 -36.15 7.45 -82.98
CA PHE V 295 -34.84 7.61 -83.60
C PHE V 295 -33.94 6.49 -83.10
N LEU V 296 -33.24 5.84 -84.05
CA LEU V 296 -32.24 4.83 -83.75
C LEU V 296 -31.02 5.35 -83.00
N TRP V 297 -30.57 6.58 -83.24
CA TRP V 297 -29.37 7.05 -82.55
C TRP V 297 -29.84 8.05 -81.52
N ALA V 298 -29.96 7.57 -80.29
CA ALA V 298 -30.42 8.40 -79.18
C ALA V 298 -29.24 9.07 -78.48
N GLU V 305 -24.22 18.13 -76.37
CA GLU V 305 -23.78 19.32 -77.08
C GLU V 305 -22.69 18.98 -78.12
N PRO V 306 -21.69 18.15 -77.76
CA PRO V 306 -20.68 17.77 -78.76
C PRO V 306 -21.22 16.88 -79.87
N ALA V 307 -22.51 16.56 -79.86
CA ALA V 307 -23.20 15.81 -80.91
C ALA V 307 -22.64 14.40 -81.12
N ARG V 308 -22.11 13.83 -80.03
CA ARG V 308 -21.59 12.47 -80.00
C ARG V 308 -22.52 11.49 -80.71
N LEU V 309 -21.94 10.63 -81.54
CA LEU V 309 -22.64 9.60 -82.29
C LEU V 309 -22.02 8.24 -82.02
N MET V 310 -22.84 7.31 -81.54
CA MET V 310 -22.42 5.96 -81.18
C MET V 310 -21.28 5.96 -80.17
N GLY V 311 -21.24 6.96 -79.29
CA GLY V 311 -20.22 7.04 -78.29
C GLY V 311 -18.92 7.68 -78.74
N TYR V 312 -18.90 8.27 -79.90
CA TYR V 312 -17.66 8.85 -80.40
C TYR V 312 -17.93 10.30 -80.77
N PRO V 313 -16.96 11.19 -80.62
CA PRO V 313 -17.22 12.58 -80.95
C PRO V 313 -17.59 12.74 -82.41
N VAL V 314 -18.14 13.90 -82.70
CA VAL V 314 -18.54 14.29 -84.04
C VAL V 314 -18.00 15.69 -84.26
N LEU V 315 -17.28 15.88 -85.35
CA LEU V 315 -16.74 17.19 -85.67
C LEU V 315 -17.54 17.72 -86.84
N ILE V 316 -18.27 18.80 -86.62
CA ILE V 316 -19.10 19.41 -87.64
C ILE V 316 -18.26 20.36 -88.47
N ALA V 317 -17.58 19.80 -89.46
CA ALA V 317 -16.72 20.51 -90.38
C ALA V 317 -17.52 20.88 -91.62
N GLU V 318 -17.79 22.17 -91.79
CA GLU V 318 -18.76 22.62 -92.83
C GLU V 318 -18.26 22.29 -94.24
N ASP V 319 -17.01 21.86 -94.38
CA ASP V 319 -16.39 21.69 -95.70
C ASP V 319 -16.46 20.26 -96.20
N MET V 320 -17.13 19.37 -95.52
CA MET V 320 -17.18 18.12 -96.23
C MET V 320 -18.34 18.07 -97.21
N PRO V 321 -18.22 17.24 -98.25
CA PRO V 321 -19.32 17.10 -99.20
C PRO V 321 -20.55 16.54 -98.52
N ASP V 322 -21.69 16.86 -99.11
CA ASP V 322 -22.96 16.38 -98.60
C ASP V 322 -23.25 15.00 -99.18
N ILE V 323 -24.42 14.47 -98.90
CA ILE V 323 -24.81 13.15 -99.38
C ILE V 323 -25.13 13.27 -100.86
N ALA V 324 -24.42 12.53 -101.70
CA ALA V 324 -24.54 12.66 -103.13
C ALA V 324 -24.27 11.31 -103.80
N ALA V 325 -24.00 11.34 -105.10
CA ALA V 325 -23.89 10.11 -105.88
C ALA V 325 -22.77 9.23 -105.34
N ASN V 326 -21.54 9.75 -105.31
CA ASN V 326 -20.40 8.99 -104.86
C ASN V 326 -19.59 9.76 -103.83
N ALA V 327 -20.26 10.58 -103.03
CA ALA V 327 -19.55 11.42 -102.09
C ALA V 327 -19.13 10.62 -100.87
N TYR V 328 -18.00 11.03 -100.29
CA TYR V 328 -17.53 10.48 -99.02
C TYR V 328 -17.94 11.42 -97.91
N ALA V 329 -19.25 11.56 -97.75
CA ALA V 329 -19.78 12.64 -96.93
C ALA V 329 -19.52 12.45 -95.45
N ILE V 330 -19.16 11.24 -95.01
CA ILE V 330 -18.85 10.96 -93.61
C ILE V 330 -17.50 10.29 -93.53
N ALA V 331 -16.59 10.90 -92.78
CA ALA V 331 -15.28 10.32 -92.50
C ALA V 331 -15.16 10.04 -91.01
N PHE V 332 -14.56 8.90 -90.69
CA PHE V 332 -14.39 8.47 -89.31
C PHE V 332 -12.97 7.98 -89.15
N GLY V 333 -12.30 8.47 -88.14
CA GLY V 333 -10.93 8.04 -87.90
C GLY V 333 -10.29 8.81 -86.77
N ASP V 334 -9.08 8.39 -86.45
CA ASP V 334 -8.26 9.03 -85.43
C ASP V 334 -7.31 9.97 -86.14
N PHE V 335 -7.64 11.26 -86.14
CA PHE V 335 -6.85 12.25 -86.84
C PHE V 335 -5.65 12.71 -86.03
N GLY V 336 -5.64 12.48 -84.72
CA GLY V 336 -4.46 12.79 -83.93
C GLY V 336 -3.20 12.15 -84.49
N ASN V 337 -3.35 10.98 -85.10
CA ASN V 337 -2.24 10.33 -85.78
C ASN V 337 -2.37 10.38 -87.28
N GLY V 338 -3.59 10.50 -87.79
CA GLY V 338 -3.81 10.40 -89.22
C GLY V 338 -3.47 11.64 -90.01
N TYR V 339 -3.76 12.82 -89.46
CA TYR V 339 -3.56 14.06 -90.21
C TYR V 339 -2.64 14.99 -89.43
N THR V 340 -1.52 15.37 -90.04
CA THR V 340 -0.53 16.23 -89.41
C THR V 340 -0.61 17.63 -90.01
N ILE V 341 -0.77 18.63 -89.16
CA ILE V 341 -0.81 20.03 -89.54
C ILE V 341 0.53 20.66 -89.19
N ALA V 342 1.20 21.22 -90.18
CA ALA V 342 2.44 21.96 -89.99
C ALA V 342 2.19 23.45 -90.16
N GLU V 343 2.54 24.25 -89.16
CA GLU V 343 2.18 25.65 -89.20
C GLU V 343 3.22 26.49 -88.49
N ARG V 344 3.11 27.80 -88.68
CA ARG V 344 3.71 28.79 -87.80
C ARG V 344 2.61 29.39 -86.94
N PRO V 345 2.70 29.33 -85.63
CA PRO V 345 1.57 29.73 -84.77
C PRO V 345 1.52 31.23 -84.52
N ASP V 346 1.57 32.01 -85.60
CA ASP V 346 1.50 33.46 -85.51
C ASP V 346 1.14 34.00 -86.88
N LEU V 347 0.51 35.16 -86.88
CA LEU V 347 0.09 35.83 -88.11
C LEU V 347 0.92 37.10 -88.28
N ARG V 348 1.64 37.16 -89.39
CA ARG V 348 2.51 38.29 -89.68
C ARG V 348 1.77 39.28 -90.58
N VAL V 349 1.55 40.48 -90.06
CA VAL V 349 0.80 41.52 -90.77
C VAL V 349 1.76 42.66 -91.08
N LEU V 350 1.59 43.27 -92.25
CA LEU V 350 2.45 44.34 -92.73
C LEU V 350 1.58 45.49 -93.20
N ARG V 351 1.48 46.54 -92.39
CA ARG V 351 0.71 47.70 -92.81
C ARG V 351 1.52 48.56 -93.77
N ASP V 352 0.88 49.00 -94.84
CA ASP V 352 1.57 49.50 -96.03
C ASP V 352 0.96 50.84 -96.44
N PRO V 353 1.36 51.92 -95.79
CA PRO V 353 0.73 53.21 -96.08
C PRO V 353 1.18 53.82 -97.40
N PHE V 354 1.89 53.06 -98.23
CA PHE V 354 2.54 53.61 -99.41
C PHE V 354 1.90 53.23 -100.73
N SER V 355 1.48 51.97 -100.90
CA SER V 355 1.03 51.52 -102.21
C SER V 355 -0.25 52.22 -102.63
N ALA V 356 -1.31 52.09 -101.83
CA ALA V 356 -2.52 52.90 -102.00
C ALA V 356 -2.44 54.06 -101.01
N LYS V 357 -2.20 55.27 -101.54
CA LYS V 357 -1.64 56.33 -100.72
C LYS V 357 -2.57 56.88 -99.65
N PRO V 358 -3.82 57.26 -99.96
CA PRO V 358 -4.72 57.71 -98.90
C PRO V 358 -5.27 56.60 -98.03
N HIS V 359 -4.90 55.35 -98.31
CA HIS V 359 -5.32 54.17 -97.57
C HIS V 359 -4.11 53.55 -96.89
N VAL V 360 -4.32 52.39 -96.26
CA VAL V 360 -3.25 51.81 -95.46
C VAL V 360 -2.88 50.40 -95.91
N LEU V 361 -3.84 49.66 -96.48
CA LEU V 361 -3.55 48.41 -97.19
C LEU V 361 -2.76 47.44 -96.32
N PHE V 362 -3.41 46.93 -95.28
CA PHE V 362 -2.80 45.87 -94.48
C PHE V 362 -2.52 44.65 -95.33
N TYR V 363 -1.62 43.80 -94.86
CA TYR V 363 -1.23 42.59 -95.59
C TYR V 363 -0.76 41.55 -94.59
N ALA V 364 -1.61 40.55 -94.32
CA ALA V 364 -1.39 39.58 -93.27
C ALA V 364 -1.42 38.17 -93.84
N SER V 365 -0.39 37.38 -93.53
CA SER V 365 -0.24 36.08 -94.19
C SER V 365 0.46 35.10 -93.26
N LYS V 366 -0.32 34.22 -92.62
CA LYS V 366 0.26 33.10 -91.90
C LYS V 366 0.57 31.96 -92.87
N ARG V 367 1.47 31.08 -92.44
CA ARG V 367 1.90 29.95 -93.24
C ARG V 367 1.47 28.65 -92.57
N VAL V 368 0.69 27.85 -93.28
CA VAL V 368 0.21 26.58 -92.75
C VAL V 368 0.22 25.56 -93.87
N GLY V 369 0.34 24.29 -93.49
CA GLY V 369 0.28 23.19 -94.45
C GLY V 369 0.01 21.90 -93.71
N GLY V 370 -0.36 20.88 -94.48
CA GLY V 370 -0.56 19.57 -93.90
C GLY V 370 -1.37 18.58 -94.70
N ASP V 371 -0.95 17.32 -94.71
CA ASP V 371 -1.75 16.25 -95.27
C ASP V 371 -1.71 15.06 -94.31
N VAL V 372 -2.25 13.92 -94.78
CA VAL V 372 -2.33 12.73 -93.94
C VAL V 372 -0.95 12.15 -93.65
N SER V 373 -0.79 11.61 -92.45
CA SER V 373 0.43 10.97 -92.02
C SER V 373 0.26 9.48 -91.76
N ASP V 374 -0.95 9.02 -91.49
CA ASP V 374 -1.20 7.62 -91.19
C ASP V 374 -2.48 7.21 -91.91
N PHE V 375 -2.29 6.56 -93.06
CA PHE V 375 -3.41 6.17 -93.90
C PHE V 375 -4.31 5.14 -93.24
N ALA V 376 -3.82 4.48 -92.21
CA ALA V 376 -4.59 3.47 -91.50
C ALA V 376 -5.52 4.06 -90.46
N ALA V 377 -5.48 5.37 -90.24
CA ALA V 377 -6.22 5.99 -89.16
C ALA V 377 -7.36 6.87 -89.64
N ILE V 378 -7.78 6.74 -90.89
CA ILE V 378 -8.91 7.50 -91.43
C ILE V 378 -9.67 6.58 -92.37
N LYS V 379 -10.92 6.29 -92.04
CA LYS V 379 -11.79 5.51 -92.92
C LYS V 379 -12.96 6.39 -93.33
N LEU V 380 -13.39 6.21 -94.57
CA LEU V 380 -14.43 7.01 -95.18
C LEU V 380 -15.67 6.18 -95.43
N LEU V 381 -16.72 6.83 -95.88
CA LEU V 381 -18.01 6.17 -96.10
C LEU V 381 -18.55 6.64 -97.44
N LYS V 382 -18.25 5.87 -98.48
CA LYS V 382 -18.73 6.17 -99.81
C LYS V 382 -20.19 5.78 -99.91
N PHE V 383 -20.96 6.60 -100.62
CA PHE V 383 -22.40 6.41 -100.75
C PHE V 383 -22.78 5.80 -102.09
N ALA V 384 -21.95 4.92 -102.67
CA ALA V 384 -22.28 4.49 -104.03
C ALA V 384 -22.81 3.06 -104.10
N ALA V 385 -22.05 2.08 -103.59
CA ALA V 385 -22.37 0.65 -103.77
C ALA V 385 -21.20 -0.22 -103.34
N ALA W 89 -25.64 168.00 -60.68
CA ALA W 89 -24.86 168.70 -59.67
C ALA W 89 -25.07 170.19 -59.77
N LEU W 90 -25.91 170.59 -60.71
CA LEU W 90 -26.26 172.00 -60.87
C LEU W 90 -27.30 172.32 -59.80
N ASN W 91 -28.04 173.42 -59.96
CA ASN W 91 -28.95 173.95 -58.95
C ASN W 91 -29.83 172.89 -58.32
N SER W 92 -30.21 173.10 -57.06
CA SER W 92 -30.99 172.14 -56.31
C SER W 92 -32.50 172.30 -56.51
N ALA W 93 -32.94 173.24 -57.33
CA ALA W 93 -34.37 173.50 -57.47
C ALA W 93 -35.02 172.48 -58.39
N VAL W 94 -34.60 172.42 -59.65
CA VAL W 94 -35.20 171.52 -60.61
C VAL W 94 -34.85 170.08 -60.24
N ALA W 95 -35.77 169.16 -60.56
CA ALA W 95 -35.60 167.78 -60.13
C ALA W 95 -34.50 167.07 -60.91
N ALA W 96 -34.50 167.21 -62.23
CA ALA W 96 -33.55 166.48 -63.06
C ALA W 96 -32.13 166.94 -62.79
N GLU W 97 -31.86 168.23 -62.93
CA GLU W 97 -30.53 168.78 -62.72
C GLU W 97 -30.27 168.88 -61.23
N GLY W 98 -29.96 167.75 -60.62
CA GLY W 98 -29.51 167.75 -59.24
C GLY W 98 -30.56 168.04 -58.20
N GLY W 99 -31.81 167.68 -58.46
CA GLY W 99 -32.85 167.90 -57.47
C GLY W 99 -33.27 166.63 -56.76
N TYR W 100 -32.81 165.48 -57.24
CA TYR W 100 -33.11 164.21 -56.62
C TYR W 100 -32.15 163.86 -55.50
N LEU W 101 -31.10 164.65 -55.31
CA LEU W 101 -29.99 164.31 -54.44
C LEU W 101 -30.13 164.89 -53.04
N VAL W 102 -31.34 165.24 -52.61
CA VAL W 102 -31.54 166.12 -51.47
C VAL W 102 -32.27 165.43 -50.31
N ASP W 103 -33.37 164.72 -50.59
CA ASP W 103 -34.03 163.93 -49.55
C ASP W 103 -34.41 164.72 -48.31
N PRO W 104 -35.53 165.46 -48.33
CA PRO W 104 -35.98 166.18 -47.14
C PRO W 104 -35.89 165.36 -45.86
N GLN W 105 -35.59 166.06 -44.76
CA GLN W 105 -35.43 165.42 -43.46
C GLN W 105 -36.73 165.46 -42.69
N THR W 106 -37.20 164.30 -42.25
CA THR W 106 -38.46 164.21 -41.55
C THR W 106 -38.32 164.63 -40.09
N SER W 107 -39.45 164.79 -39.42
CA SER W 107 -39.42 165.18 -38.02
C SER W 107 -38.96 164.02 -37.15
N GLU W 108 -38.54 164.34 -35.93
CA GLU W 108 -38.01 163.32 -35.03
C GLU W 108 -39.11 162.41 -34.52
N THR W 109 -40.24 162.97 -34.11
CA THR W 109 -41.40 162.22 -33.68
C THR W 109 -42.62 162.75 -34.41
N ILE W 110 -43.61 161.88 -34.65
CA ILE W 110 -44.78 162.31 -35.40
C ILE W 110 -45.66 163.15 -34.49
N ARG W 111 -45.53 164.46 -34.60
CA ARG W 111 -46.26 165.40 -33.75
C ARG W 111 -47.75 165.25 -34.01
N GLY W 112 -48.58 165.59 -33.02
CA GLY W 112 -50.01 165.43 -33.23
C GLY W 112 -50.77 166.68 -32.87
N VAL W 113 -52.06 166.65 -33.23
CA VAL W 113 -52.94 167.75 -32.89
C VAL W 113 -53.23 167.69 -31.40
N LEU W 114 -53.15 168.83 -30.73
CA LEU W 114 -53.43 168.89 -29.30
C LEU W 114 -54.93 168.98 -29.10
N ARG W 115 -55.43 168.13 -28.22
CA ARG W 115 -56.82 168.03 -27.86
C ARG W 115 -56.86 168.21 -26.36
N SER W 116 -57.94 168.77 -25.83
CA SER W 116 -57.87 169.14 -24.42
C SER W 116 -57.71 167.94 -23.52
N THR W 117 -56.96 168.14 -22.44
CA THR W 117 -56.66 167.11 -21.48
C THR W 117 -57.33 167.37 -20.15
N ALA W 118 -58.27 168.30 -20.07
CA ALA W 118 -59.01 168.45 -18.84
C ALA W 118 -60.03 167.35 -18.77
N SER W 119 -59.93 166.53 -17.73
CA SER W 119 -60.66 165.28 -17.71
C SER W 119 -61.37 165.02 -16.41
N LEU W 120 -61.31 165.95 -15.46
CA LEU W 120 -61.94 165.77 -14.16
C LEU W 120 -61.24 164.66 -13.41
N ARG W 121 -60.29 163.98 -14.05
CA ARG W 121 -59.46 163.04 -13.32
C ARG W 121 -58.35 163.72 -12.53
N GLN W 122 -58.09 164.99 -12.79
CA GLN W 122 -57.07 165.69 -12.02
C GLN W 122 -57.58 166.16 -10.67
N ILE W 123 -58.88 166.43 -10.55
CA ILE W 123 -59.46 166.93 -9.31
C ILE W 123 -60.27 165.89 -8.57
N ALA W 124 -60.85 164.91 -9.25
CA ALA W 124 -61.61 163.86 -8.60
C ALA W 124 -60.67 162.91 -7.89
N SER W 125 -61.23 161.90 -7.24
CA SER W 125 -60.43 160.98 -6.45
C SER W 125 -60.34 159.68 -7.21
N VAL W 126 -59.13 159.31 -7.60
CA VAL W 126 -58.87 158.09 -8.33
C VAL W 126 -58.41 157.03 -7.35
N VAL W 127 -58.79 155.78 -7.60
CA VAL W 127 -58.35 154.66 -6.78
C VAL W 127 -57.85 153.57 -7.71
N ASN W 128 -56.90 152.76 -7.24
CA ASN W 128 -56.38 151.68 -8.07
C ASN W 128 -57.06 150.39 -7.66
N VAL W 129 -58.16 150.04 -8.32
CA VAL W 129 -58.89 148.83 -7.97
C VAL W 129 -58.64 147.76 -9.03
N GLU W 130 -58.19 146.60 -8.58
CA GLU W 130 -58.15 145.41 -9.42
C GLU W 130 -59.32 144.51 -9.03
N ALA W 131 -60.51 144.91 -9.44
CA ALA W 131 -61.71 144.16 -9.07
C ALA W 131 -62.81 144.48 -10.07
N THR W 132 -64.03 144.10 -9.73
CA THR W 132 -65.17 144.28 -10.61
C THR W 132 -65.99 145.51 -10.27
N SER W 133 -65.73 146.14 -9.14
CA SER W 133 -66.49 147.31 -8.72
C SER W 133 -65.76 147.96 -7.56
N PHE W 134 -66.36 149.02 -7.02
CA PHE W 134 -65.83 149.69 -5.84
C PHE W 134 -67.03 150.08 -4.99
N ASP W 135 -66.93 149.91 -3.68
CA ASP W 135 -68.00 150.30 -2.77
C ASP W 135 -67.57 151.44 -1.87
N VAL W 136 -67.85 152.66 -2.30
CA VAL W 136 -67.62 153.79 -1.41
C VAL W 136 -68.66 153.75 -0.30
N LEU W 137 -68.20 153.89 0.93
CA LEU W 137 -69.08 153.83 2.10
C LEU W 137 -69.03 155.18 2.79
N VAL W 138 -70.15 155.89 2.81
CA VAL W 138 -70.20 157.19 3.42
C VAL W 138 -71.12 157.15 4.64
N ASP W 139 -71.02 158.18 5.47
CA ASP W 139 -71.90 158.41 6.60
C ASP W 139 -72.73 159.63 6.20
N LYS W 140 -73.86 159.38 5.55
CA LYS W 140 -74.72 160.45 5.07
C LYS W 140 -75.29 161.34 6.17
N THR W 141 -75.39 160.90 7.42
CA THR W 141 -75.81 161.80 8.49
C THR W 141 -74.77 161.76 9.59
N ASP W 142 -75.02 162.46 10.70
CA ASP W 142 -74.04 162.48 11.79
C ASP W 142 -74.67 162.11 13.12
N MET W 143 -73.82 162.14 14.14
CA MET W 143 -74.13 161.74 15.50
C MET W 143 -74.93 162.81 16.23
N GLY W 144 -75.11 162.60 17.53
CA GLY W 144 -75.72 163.61 18.38
C GLY W 144 -74.86 163.80 19.61
N SER W 145 -74.85 165.04 20.11
CA SER W 145 -74.13 165.39 21.32
C SER W 145 -75.09 165.91 22.38
N GLY W 146 -74.67 165.83 23.62
CA GLY W 146 -75.58 166.11 24.71
C GLY W 146 -75.41 167.37 25.51
N TRP W 147 -74.18 167.83 25.69
CA TRP W 147 -73.87 168.84 26.70
C TRP W 147 -74.41 168.37 28.04
N ALA W 148 -73.83 167.30 28.54
CA ALA W 148 -74.34 166.64 29.72
C ALA W 148 -74.29 167.55 30.93
N SER W 149 -75.30 167.45 31.78
CA SER W 149 -75.32 168.16 33.05
C SER W 149 -74.62 167.31 34.11
N GLU W 150 -74.39 167.93 35.27
CA GLU W 150 -73.69 167.23 36.34
C GLU W 150 -74.46 166.01 36.80
N THR W 151 -75.78 166.14 36.95
CA THR W 151 -76.66 165.07 37.41
C THR W 151 -77.77 164.94 36.38
N ALA W 152 -77.55 164.13 35.35
CA ALA W 152 -78.49 164.11 34.23
C ALA W 152 -78.92 162.71 33.84
N ALA W 153 -78.03 161.73 33.98
CA ALA W 153 -78.27 160.37 33.49
C ALA W 153 -78.49 160.38 31.98
N LEU W 154 -77.42 160.69 31.26
CA LEU W 154 -77.46 160.76 29.81
C LEU W 154 -77.77 159.39 29.21
N SER W 155 -78.45 159.40 28.06
CA SER W 155 -78.92 158.18 27.41
C SER W 155 -78.35 158.08 26.00
N GLU W 156 -78.77 157.03 25.30
CA GLU W 156 -78.24 156.72 23.98
C GLU W 156 -78.58 157.83 22.99
N THR W 157 -77.62 158.13 22.14
CA THR W 157 -77.73 159.21 21.16
C THR W 157 -77.68 158.63 19.76
N ALA W 158 -77.76 159.50 18.77
CA ALA W 158 -77.81 159.07 17.38
C ALA W 158 -76.45 158.53 16.93
N THR W 159 -76.44 157.92 15.75
CA THR W 159 -75.27 157.30 15.17
C THR W 159 -75.43 157.48 13.67
N PRO W 160 -74.38 157.76 12.92
CA PRO W 160 -74.55 158.14 11.52
C PRO W 160 -75.01 156.97 10.67
N GLN W 161 -76.07 157.19 9.91
CA GLN W 161 -76.47 156.23 8.90
C GLN W 161 -75.38 156.14 7.85
N ILE W 162 -75.32 155.01 7.16
CA ILE W 162 -74.20 154.68 6.30
C ILE W 162 -74.73 154.18 4.96
N ASP W 163 -74.23 154.76 3.88
CA ASP W 163 -74.63 154.39 2.54
C ASP W 163 -73.47 153.76 1.80
N ARG W 164 -73.78 152.84 0.90
CA ARG W 164 -72.80 152.16 0.07
C ARG W 164 -73.08 152.49 -1.38
N ILE W 165 -72.09 153.04 -2.06
CA ILE W 165 -72.20 153.44 -3.45
C ILE W 165 -71.29 152.55 -4.27
N THR W 166 -71.85 151.91 -5.30
CA THR W 166 -71.12 150.95 -6.09
C THR W 166 -70.60 151.60 -7.36
N ILE W 167 -69.39 151.21 -7.76
CA ILE W 167 -68.73 151.75 -8.94
C ILE W 167 -68.52 150.60 -9.92
N PRO W 168 -69.44 150.36 -10.87
CA PRO W 168 -69.38 149.10 -11.62
C PRO W 168 -68.09 148.86 -12.38
N LEU W 169 -67.24 149.85 -12.56
CA LEU W 169 -65.91 149.67 -13.17
C LEU W 169 -66.02 149.05 -14.57
N HIS W 170 -66.57 149.83 -15.50
CA HIS W 170 -66.73 149.39 -16.87
C HIS W 170 -65.39 149.36 -17.58
N GLU W 171 -65.42 149.05 -18.88
CA GLU W 171 -64.22 148.97 -19.70
C GLU W 171 -64.36 149.86 -20.92
N LEU W 172 -63.23 150.29 -21.46
CA LEU W 172 -63.19 151.21 -22.59
C LEU W 172 -62.25 150.62 -23.63
N ALA W 173 -62.77 150.30 -24.81
CA ALA W 173 -62.02 149.52 -25.78
C ALA W 173 -61.76 150.30 -27.06
N ALA W 174 -60.54 150.20 -27.56
CA ALA W 174 -60.17 150.73 -28.86
C ALA W 174 -59.45 149.65 -29.64
N MET W 175 -59.60 149.67 -30.95
CA MET W 175 -58.97 148.66 -31.81
C MET W 175 -58.62 149.26 -33.17
N PRO W 176 -57.47 149.91 -33.28
CA PRO W 176 -57.02 150.38 -34.59
C PRO W 176 -56.27 149.30 -35.34
N LYS W 177 -56.45 149.29 -36.65
CA LYS W 177 -55.93 148.24 -37.52
C LYS W 177 -54.80 148.81 -38.36
N ALA W 178 -53.58 148.37 -38.07
CA ALA W 178 -52.39 148.86 -38.75
C ALA W 178 -51.83 147.77 -39.64
N SER W 179 -51.47 148.14 -40.86
CA SER W 179 -50.93 147.17 -41.80
C SER W 179 -49.58 146.66 -41.33
N GLN W 180 -49.29 145.40 -41.60
CA GLN W 180 -48.00 144.85 -41.23
C GLN W 180 -46.90 145.35 -42.14
N ARG W 181 -47.23 145.70 -43.38
CA ARG W 181 -46.23 146.23 -44.27
C ARG W 181 -45.78 147.62 -43.84
N LEU W 182 -46.64 148.35 -43.14
CA LEU W 182 -46.26 149.66 -42.63
C LEU W 182 -45.36 149.53 -41.41
N LEU W 183 -45.77 148.72 -40.44
CA LEU W 183 -45.08 148.64 -39.17
C LEU W 183 -43.60 148.30 -39.32
N ASP W 184 -43.20 147.74 -40.45
CA ASP W 184 -41.81 147.37 -40.66
C ASP W 184 -41.02 148.40 -41.45
N ASP W 185 -41.69 149.21 -42.26
CA ASP W 185 -41.03 150.03 -43.26
C ASP W 185 -41.17 151.51 -42.97
N SER W 186 -41.42 151.87 -41.71
CA SER W 186 -41.94 153.18 -41.34
C SER W 186 -41.21 153.73 -40.13
N ALA W 187 -39.90 153.94 -40.27
CA ALA W 187 -38.94 154.03 -39.17
C ALA W 187 -39.44 154.63 -37.86
N PHE W 188 -40.45 155.50 -37.91
CA PHE W 188 -41.13 155.91 -36.68
C PHE W 188 -41.62 154.68 -35.93
N ASP W 189 -41.68 154.77 -34.62
CA ASP W 189 -42.17 153.66 -33.81
C ASP W 189 -43.68 153.68 -33.87
N ILE W 190 -44.24 153.03 -34.89
CA ILE W 190 -45.69 153.04 -35.07
C ILE W 190 -46.37 152.28 -33.93
N GLU W 191 -45.73 151.24 -33.40
CA GLU W 191 -46.40 150.40 -32.42
C GLU W 191 -46.56 151.11 -31.09
N THR W 192 -45.62 151.98 -30.72
CA THR W 192 -45.76 152.76 -29.51
C THR W 192 -46.31 154.15 -29.77
N TRP W 193 -46.46 154.55 -31.02
CA TRP W 193 -47.19 155.78 -31.29
C TRP W 193 -48.68 155.56 -31.14
N LEU W 194 -49.18 154.41 -31.59
CA LEU W 194 -50.58 154.11 -31.35
C LEU W 194 -50.88 154.01 -29.87
N ALA W 195 -50.00 153.38 -29.10
CA ALA W 195 -50.26 153.26 -27.68
C ALA W 195 -50.22 154.63 -27.01
N ASN W 196 -49.54 155.59 -27.63
CA ASN W 196 -49.57 156.96 -27.15
C ASN W 196 -50.86 157.65 -27.56
N ARG W 197 -51.31 157.41 -28.79
CA ARG W 197 -52.53 158.05 -29.26
C ARG W 197 -53.77 157.35 -28.75
N ILE W 198 -53.63 156.13 -28.23
CA ILE W 198 -54.77 155.45 -27.62
C ILE W 198 -54.97 155.96 -26.20
N ALA W 199 -53.90 156.01 -25.41
CA ALA W 199 -53.98 156.52 -24.06
C ALA W 199 -54.49 157.95 -24.04
N ASP W 200 -54.25 158.70 -25.12
CA ASP W 200 -54.79 160.05 -25.20
C ASP W 200 -56.28 160.02 -25.51
N LYS W 201 -56.73 159.10 -26.36
CA LYS W 201 -58.16 159.07 -26.67
C LYS W 201 -58.93 158.52 -25.49
N PHE W 202 -58.34 157.58 -24.76
CA PHE W 202 -59.00 157.01 -23.59
C PHE W 202 -59.12 158.05 -22.48
N ALA W 203 -58.06 158.80 -22.22
CA ALA W 203 -58.12 159.89 -21.25
C ALA W 203 -59.06 160.99 -21.68
N ARG W 204 -59.54 160.95 -22.91
CA ARG W 204 -60.47 161.94 -23.43
C ARG W 204 -61.85 161.38 -23.66
N ALA W 205 -61.97 160.06 -23.78
CA ALA W 205 -63.25 159.40 -23.92
C ALA W 205 -63.88 159.14 -22.56
N GLU W 206 -63.05 158.86 -21.56
CA GLU W 206 -63.51 158.73 -20.19
C GLU W 206 -63.71 160.09 -19.52
N ALA W 207 -63.13 161.14 -20.07
CA ALA W 207 -63.38 162.49 -19.55
C ALA W 207 -64.82 162.91 -19.78
N ALA W 208 -65.44 162.42 -20.85
CA ALA W 208 -66.82 162.80 -21.13
C ALA W 208 -67.80 161.95 -20.37
N ALA W 209 -67.45 160.69 -20.10
CA ALA W 209 -68.33 159.87 -19.30
C ALA W 209 -68.33 160.30 -17.85
N PHE W 210 -67.23 160.89 -17.39
CA PHE W 210 -67.15 161.41 -16.03
C PHE W 210 -68.10 162.55 -15.80
N ILE W 211 -68.66 163.13 -16.85
CA ILE W 211 -69.53 164.28 -16.71
C ILE W 211 -70.94 163.93 -17.17
N SER W 212 -71.09 163.56 -18.43
CA SER W 212 -72.40 163.28 -18.99
C SER W 212 -72.55 161.82 -19.38
N GLY W 213 -71.94 160.92 -18.63
CA GLY W 213 -72.12 159.51 -18.90
C GLY W 213 -73.31 158.95 -18.18
N ASP W 214 -73.96 157.97 -18.82
CA ASP W 214 -75.08 157.27 -18.22
C ASP W 214 -74.58 155.98 -17.59
N GLY W 215 -75.49 155.09 -17.22
CA GLY W 215 -75.10 153.90 -16.50
C GLY W 215 -74.56 152.80 -17.39
N VAL W 216 -75.10 152.68 -18.60
CA VAL W 216 -74.86 151.52 -19.45
C VAL W 216 -73.40 151.50 -19.90
N ASP W 217 -72.64 150.54 -19.38
CA ASP W 217 -71.29 150.21 -19.80
C ASP W 217 -70.33 151.40 -19.74
N LYS W 218 -70.67 152.47 -19.03
CA LYS W 218 -69.82 153.64 -18.97
C LYS W 218 -70.07 154.36 -17.64
N PRO W 219 -69.08 155.08 -17.14
CA PRO W 219 -69.24 155.77 -15.85
C PRO W 219 -70.39 156.76 -15.90
N THR W 220 -71.18 156.79 -14.83
CA THR W 220 -72.29 157.73 -14.78
C THR W 220 -71.73 159.03 -14.26
N GLY W 221 -71.66 160.04 -15.13
CA GLY W 221 -71.17 161.33 -14.71
C GLY W 221 -72.10 162.02 -13.74
N PHE W 222 -71.59 163.08 -13.14
CA PHE W 222 -72.38 163.73 -12.10
C PHE W 222 -73.61 164.43 -12.64
N LEU W 223 -73.67 164.70 -13.93
CA LEU W 223 -74.83 165.42 -14.45
C LEU W 223 -76.06 164.54 -14.52
N THR W 224 -75.89 163.23 -14.58
CA THR W 224 -77.02 162.30 -14.63
C THR W 224 -77.38 161.77 -13.25
N LYS W 225 -77.62 162.68 -12.29
CA LYS W 225 -77.78 162.27 -10.90
C LYS W 225 -79.02 162.90 -10.27
N THR W 226 -80.15 162.80 -10.97
CA THR W 226 -81.46 163.25 -10.51
C THR W 226 -81.39 164.56 -9.73
N LYS W 227 -81.02 165.61 -10.44
CA LYS W 227 -80.85 166.92 -9.84
C LYS W 227 -82.15 167.37 -9.17
N VAL W 228 -82.01 167.98 -7.99
CA VAL W 228 -83.15 168.50 -7.25
C VAL W 228 -82.79 169.91 -6.84
N ALA W 229 -83.81 170.78 -6.79
CA ALA W 229 -83.56 172.17 -6.43
C ALA W 229 -82.99 172.27 -5.02
N ASN W 230 -82.00 173.13 -4.85
CA ASN W 230 -81.39 173.28 -3.55
C ASN W 230 -82.39 173.88 -2.57
N GLY W 231 -82.13 173.68 -1.28
CA GLY W 231 -83.08 174.03 -0.26
C GLY W 231 -84.03 172.88 -0.05
N ALA W 232 -84.26 172.12 -1.10
CA ALA W 232 -84.96 170.85 -1.02
C ALA W 232 -84.00 169.68 -1.25
N TRP W 233 -82.73 169.89 -0.92
CA TRP W 233 -81.69 168.93 -1.25
C TRP W 233 -81.79 167.72 -0.35
N ALA W 234 -81.73 166.54 -0.95
CA ALA W 234 -81.74 165.27 -0.25
C ALA W 234 -80.41 164.56 -0.47
N TRP W 235 -80.26 163.35 0.06
CA TRP W 235 -78.98 162.68 -0.12
C TRP W 235 -78.82 162.07 -1.49
N GLY W 236 -79.89 161.59 -2.11
CA GLY W 236 -79.75 160.89 -3.36
C GLY W 236 -79.68 161.76 -4.58
N SER W 237 -79.47 163.07 -4.40
CA SER W 237 -79.57 163.99 -5.51
C SER W 237 -78.59 165.15 -5.37
N LEU W 238 -78.30 165.78 -6.49
CA LEU W 238 -77.42 166.94 -6.54
C LEU W 238 -78.24 168.22 -6.56
N GLY W 239 -77.84 169.18 -5.74
CA GLY W 239 -78.57 170.41 -5.63
C GLY W 239 -78.12 171.44 -6.63
N TYR W 240 -79.10 172.10 -7.25
CA TYR W 240 -78.82 173.12 -8.24
C TYR W 240 -79.51 174.40 -7.85
N VAL W 241 -78.99 175.52 -8.35
CA VAL W 241 -79.61 176.82 -8.16
C VAL W 241 -79.94 177.37 -9.52
N ALA W 242 -81.02 178.13 -9.59
CA ALA W 242 -81.55 178.61 -10.86
C ALA W 242 -81.09 180.03 -11.13
N THR W 243 -80.95 180.36 -12.40
CA THR W 243 -80.39 181.65 -12.77
C THR W 243 -81.44 182.74 -12.94
N GLY W 244 -82.71 182.39 -13.03
CA GLY W 244 -83.68 183.39 -13.43
C GLY W 244 -84.17 183.13 -14.83
N ALA W 245 -83.68 183.91 -15.81
CA ALA W 245 -84.14 183.77 -17.17
C ALA W 245 -83.98 182.34 -17.66
N ALA W 246 -84.74 181.99 -18.69
CA ALA W 246 -84.78 180.61 -19.17
C ALA W 246 -83.63 180.30 -20.11
N GLY W 247 -83.08 181.30 -20.78
CA GLY W 247 -81.97 181.03 -21.67
C GLY W 247 -80.62 181.24 -21.04
N ASP W 248 -80.38 182.42 -20.48
CA ASP W 248 -79.05 182.81 -20.03
C ASP W 248 -79.16 183.31 -18.59
N PHE W 249 -78.09 183.93 -18.12
CA PHE W 249 -78.08 184.54 -16.80
C PHE W 249 -79.24 185.52 -16.64
N ALA W 250 -79.55 185.84 -15.40
CA ALA W 250 -80.64 186.74 -15.05
C ALA W 250 -80.47 188.10 -15.72
N ALA W 251 -81.55 188.61 -16.29
CA ALA W 251 -81.48 189.89 -16.98
C ALA W 251 -81.35 191.05 -16.00
N VAL W 252 -82.05 191.00 -14.88
CA VAL W 252 -82.07 192.08 -13.90
C VAL W 252 -80.75 192.12 -13.14
N ASN W 253 -80.29 190.96 -12.69
CA ASN W 253 -79.06 190.87 -11.91
C ASN W 253 -78.38 189.53 -12.16
N ALA W 254 -77.40 189.57 -13.06
CA ALA W 254 -76.63 188.36 -13.22
C ALA W 254 -75.55 188.34 -12.16
N SER W 255 -74.66 187.36 -12.25
CA SER W 255 -73.50 187.27 -11.36
C SER W 255 -73.93 187.04 -9.94
N ASP W 256 -75.24 187.02 -9.70
CA ASP W 256 -75.77 186.63 -8.42
C ASP W 256 -76.22 185.18 -8.39
N ALA W 257 -76.69 184.65 -9.51
CA ALA W 257 -76.93 183.22 -9.57
C ALA W 257 -75.62 182.45 -9.47
N VAL W 258 -74.50 183.14 -9.61
CA VAL W 258 -73.20 182.52 -9.42
C VAL W 258 -72.71 182.71 -7.99
N VAL W 259 -72.95 183.89 -7.41
CA VAL W 259 -72.43 184.13 -6.07
C VAL W 259 -73.23 183.34 -5.05
N ASP W 260 -74.50 183.06 -5.33
CA ASP W 260 -75.23 182.17 -4.44
C ASP W 260 -75.05 180.71 -4.83
N LEU W 261 -74.60 180.44 -6.06
CA LEU W 261 -74.11 179.09 -6.38
C LEU W 261 -72.86 178.74 -5.59
N VAL W 262 -71.97 179.71 -5.40
CA VAL W 262 -70.79 179.43 -4.61
C VAL W 262 -71.16 179.17 -3.16
N TYR W 263 -71.99 180.05 -2.59
CA TYR W 263 -72.30 179.95 -1.18
C TYR W 263 -73.43 178.98 -0.89
N ALA W 264 -73.72 178.07 -1.82
CA ALA W 264 -74.70 177.00 -1.65
C ALA W 264 -74.03 175.66 -1.46
N LEU W 265 -72.74 175.65 -1.14
CA LEU W 265 -71.97 174.42 -0.98
C LEU W 265 -71.65 174.06 0.47
N GLY W 266 -71.38 175.03 1.33
CA GLY W 266 -70.88 174.75 2.66
C GLY W 266 -69.41 175.04 2.78
N ALA W 267 -69.03 175.67 3.89
CA ALA W 267 -67.67 176.17 4.03
C ALA W 267 -66.64 175.06 4.11
N GLU W 268 -67.06 173.80 4.11
CA GLU W 268 -66.07 172.74 4.14
C GLU W 268 -65.71 172.26 2.74
N TYR W 269 -66.70 172.16 1.87
CA TYR W 269 -66.45 171.83 0.48
C TYR W 269 -65.93 173.00 -0.34
N ARG W 270 -66.13 174.24 0.11
CA ARG W 270 -65.53 175.36 -0.60
C ARG W 270 -64.08 175.58 -0.26
N ALA W 271 -63.52 174.79 0.66
CA ALA W 271 -62.10 174.94 0.97
C ALA W 271 -61.24 174.69 -0.26
N ASN W 272 -61.58 173.65 -1.02
CA ASN W 272 -60.97 173.36 -2.32
C ASN W 272 -62.06 172.83 -3.24
N ALA W 273 -62.69 173.73 -3.98
CA ALA W 273 -63.69 173.43 -4.98
C ALA W 273 -63.29 174.12 -6.26
N SER W 274 -63.98 173.80 -7.35
CA SER W 274 -63.63 174.39 -8.63
C SER W 274 -64.82 174.34 -9.57
N PHE W 275 -65.03 175.42 -10.30
CA PHE W 275 -66.05 175.44 -11.33
C PHE W 275 -65.68 174.50 -12.47
N VAL W 276 -66.70 174.00 -13.14
CA VAL W 276 -66.52 173.14 -14.31
C VAL W 276 -67.44 173.68 -15.39
N MET W 277 -66.85 174.17 -16.48
CA MET W 277 -67.61 174.70 -17.60
C MET W 277 -66.96 174.21 -18.87
N ASN W 278 -67.65 174.35 -20.00
CA ASN W 278 -67.00 174.10 -21.27
C ASN W 278 -66.39 175.40 -21.76
N SER W 279 -65.82 175.40 -22.96
CA SER W 279 -65.13 176.60 -23.38
C SER W 279 -66.08 177.75 -23.67
N LYS W 280 -67.13 177.51 -24.46
CA LYS W 280 -67.99 178.60 -24.86
C LYS W 280 -68.95 179.03 -23.77
N THR W 281 -68.79 178.51 -22.56
CA THR W 281 -69.55 179.01 -21.43
C THR W 281 -68.66 179.90 -20.59
N ALA W 282 -67.43 179.44 -20.32
CA ALA W 282 -66.46 180.30 -19.67
C ALA W 282 -66.21 181.55 -20.47
N GLY W 283 -66.38 181.48 -21.79
CA GLY W 283 -66.38 182.69 -22.59
C GLY W 283 -67.59 183.57 -22.32
N ALA W 284 -68.75 182.95 -22.17
CA ALA W 284 -69.95 183.71 -21.86
C ALA W 284 -69.93 184.23 -20.43
N VAL W 285 -69.23 183.57 -19.53
CA VAL W 285 -69.04 184.14 -18.21
C VAL W 285 -68.09 185.33 -18.26
N ARG W 286 -67.05 185.25 -19.09
CA ARG W 286 -66.13 186.39 -19.15
C ARG W 286 -66.74 187.54 -19.94
N LYS W 287 -67.64 187.26 -20.87
CA LYS W 287 -68.34 188.34 -21.56
C LYS W 287 -69.31 189.11 -20.67
N MET W 288 -69.55 188.67 -19.44
CA MET W 288 -70.46 189.42 -18.59
C MET W 288 -69.82 190.74 -18.20
N LYS W 289 -70.49 191.84 -18.53
CA LYS W 289 -69.97 193.16 -18.25
C LYS W 289 -71.03 193.96 -17.49
N ASP W 290 -70.55 194.86 -16.63
CA ASP W 290 -71.44 195.70 -15.84
C ASP W 290 -71.96 196.84 -16.70
N ALA W 291 -72.60 197.83 -16.08
CA ALA W 291 -73.22 198.91 -16.84
C ALA W 291 -72.25 199.79 -17.59
N ASP W 292 -71.03 199.94 -17.11
CA ASP W 292 -70.06 200.80 -17.78
C ASP W 292 -69.42 200.19 -19.01
N GLY W 293 -69.35 198.87 -19.10
CA GLY W 293 -68.68 198.21 -20.21
C GLY W 293 -67.44 197.46 -19.82
N ARG W 294 -67.05 197.52 -18.56
CA ARG W 294 -65.93 196.79 -17.98
C ARG W 294 -66.35 195.36 -17.69
N PHE W 295 -65.38 194.50 -17.45
CA PHE W 295 -65.72 193.11 -17.18
C PHE W 295 -65.99 193.00 -15.70
N LEU W 296 -67.07 192.30 -15.39
CA LEU W 296 -67.50 192.00 -14.05
C LEU W 296 -66.53 191.12 -13.28
N TRP W 297 -65.84 190.19 -13.92
CA TRP W 297 -64.93 189.30 -13.19
C TRP W 297 -63.50 189.67 -13.55
N ALA W 298 -62.66 189.79 -12.53
CA ALA W 298 -61.26 190.15 -12.72
C ALA W 298 -60.49 189.00 -13.37
N GLU W 305 -53.16 181.27 -15.59
CA GLU W 305 -53.26 180.01 -16.32
C GLU W 305 -54.43 179.12 -15.88
N PRO W 306 -54.62 178.88 -14.57
CA PRO W 306 -55.76 178.06 -14.14
C PRO W 306 -57.13 178.71 -14.36
N ALA W 307 -57.19 179.91 -14.91
CA ALA W 307 -58.46 180.55 -15.29
C ALA W 307 -59.38 180.76 -14.07
N ARG W 308 -58.76 180.92 -12.91
CA ARG W 308 -59.47 181.18 -11.66
C ARG W 308 -60.62 182.16 -11.83
N LEU W 309 -61.76 181.79 -11.24
CA LEU W 309 -62.99 182.58 -11.24
C LEU W 309 -63.49 182.77 -9.81
N MET W 310 -63.63 184.03 -9.40
CA MET W 310 -64.06 184.39 -8.05
C MET W 310 -63.16 183.76 -6.99
N GLY W 311 -61.89 183.58 -7.30
CA GLY W 311 -60.97 183.01 -6.35
C GLY W 311 -60.94 181.50 -6.30
N TYR W 312 -61.60 180.83 -7.23
CA TYR W 312 -61.68 179.38 -7.23
C TYR W 312 -61.22 178.87 -8.57
N PRO W 313 -60.61 177.69 -8.62
CA PRO W 313 -60.15 177.18 -9.91
C PRO W 313 -61.29 176.99 -10.88
N VAL W 314 -60.94 176.85 -12.15
CA VAL W 314 -61.90 176.62 -13.22
C VAL W 314 -61.40 175.47 -14.06
N LEU W 315 -62.24 174.47 -14.27
CA LEU W 315 -61.91 173.34 -15.09
C LEU W 315 -62.70 173.47 -16.38
N ILE W 316 -62.00 173.64 -17.49
CA ILE W 316 -62.66 173.79 -18.79
C ILE W 316 -62.86 172.39 -19.35
N ALA W 317 -63.96 171.76 -18.95
CA ALA W 317 -64.30 170.42 -19.39
C ALA W 317 -65.23 170.52 -20.60
N GLU W 318 -64.69 170.17 -21.77
CA GLU W 318 -65.41 170.41 -23.02
C GLU W 318 -66.59 169.47 -23.19
N ASP W 319 -66.95 168.72 -22.16
CA ASP W 319 -68.05 167.78 -22.17
C ASP W 319 -69.25 168.24 -21.35
N MET W 320 -69.24 169.46 -20.84
CA MET W 320 -70.43 169.95 -20.17
C MET W 320 -71.38 170.58 -21.18
N PRO W 321 -72.67 170.59 -20.90
CA PRO W 321 -73.61 171.25 -21.80
C PRO W 321 -73.34 172.74 -21.87
N ASP W 322 -73.72 173.34 -22.98
CA ASP W 322 -73.54 174.78 -23.13
C ASP W 322 -74.78 175.47 -22.54
N ILE W 323 -74.85 176.79 -22.67
CA ILE W 323 -75.97 177.52 -22.13
C ILE W 323 -77.17 177.29 -23.05
N ALA W 324 -78.24 176.74 -22.50
CA ALA W 324 -79.41 176.33 -23.25
C ALA W 324 -80.66 176.47 -22.37
N ALA W 325 -81.75 175.82 -22.78
CA ALA W 325 -83.03 176.00 -22.12
C ALA W 325 -82.96 175.61 -20.65
N ASN W 326 -82.59 174.37 -20.36
CA ASN W 326 -82.55 173.90 -18.98
C ASN W 326 -81.22 173.24 -18.66
N ALA W 327 -80.14 173.67 -19.28
CA ALA W 327 -78.85 173.01 -19.10
C ALA W 327 -78.23 173.41 -17.78
N TYR W 328 -77.47 172.49 -17.21
CA TYR W 328 -76.66 172.74 -16.02
C TYR W 328 -75.24 173.05 -16.45
N ALA W 329 -75.08 174.15 -17.18
CA ALA W 329 -73.85 174.41 -17.90
C ALA W 329 -72.67 174.76 -16.99
N ILE W 330 -72.91 175.13 -15.74
CA ILE W 330 -71.85 175.45 -14.80
C ILE W 330 -72.06 174.62 -13.54
N ALA W 331 -71.05 173.83 -13.19
CA ALA W 331 -71.07 173.06 -11.97
C ALA W 331 -69.96 173.54 -11.05
N PHE W 332 -70.27 173.60 -9.77
CA PHE W 332 -69.30 174.05 -8.78
C PHE W 332 -69.38 173.11 -7.61
N GLY W 333 -68.23 172.61 -7.17
CA GLY W 333 -68.23 171.71 -6.04
C GLY W 333 -66.85 171.18 -5.79
N ASP W 334 -66.73 170.42 -4.70
CA ASP W 334 -65.48 169.80 -4.31
C ASP W 334 -65.50 168.36 -4.82
N PHE W 335 -64.82 168.14 -5.93
CA PHE W 335 -64.83 166.81 -6.52
C PHE W 335 -63.84 165.88 -5.86
N GLY W 336 -62.86 166.40 -5.13
CA GLY W 336 -61.97 165.54 -4.38
C GLY W 336 -62.71 164.59 -3.46
N ASN W 337 -63.86 165.00 -2.95
CA ASN W 337 -64.73 164.13 -2.18
C ASN W 337 -65.99 163.74 -2.92
N GLY W 338 -66.41 164.55 -3.89
CA GLY W 338 -67.70 164.33 -4.52
C GLY W 338 -67.71 163.25 -5.58
N TYR W 339 -66.65 163.14 -6.38
CA TYR W 339 -66.63 162.19 -7.48
C TYR W 339 -65.44 161.26 -7.33
N THR W 340 -65.72 159.95 -7.25
CA THR W 340 -64.69 158.93 -7.06
C THR W 340 -64.49 158.16 -8.35
N ILE W 341 -63.26 158.11 -8.82
CA ILE W 341 -62.90 157.34 -10.02
C ILE W 341 -62.23 156.05 -9.59
N ALA W 342 -62.79 154.92 -10.01
CA ALA W 342 -62.20 153.62 -9.79
C ALA W 342 -61.65 153.13 -11.11
N GLU W 343 -60.36 152.78 -11.13
CA GLU W 343 -59.73 152.47 -12.40
C GLU W 343 -58.64 151.43 -12.20
N ARG W 344 -58.22 150.84 -13.31
CA ARG W 344 -57.03 150.00 -13.38
C ARG W 344 -55.95 150.79 -14.10
N PRO W 345 -54.84 151.07 -13.46
CA PRO W 345 -53.87 152.05 -13.95
C PRO W 345 -52.91 151.53 -15.01
N ASP W 346 -53.46 150.92 -16.05
CA ASP W 346 -52.64 150.42 -17.15
C ASP W 346 -53.52 150.20 -18.36
N LEU W 347 -52.92 150.29 -19.53
CA LEU W 347 -53.62 150.10 -20.79
C LEU W 347 -53.09 148.83 -21.43
N ARG W 348 -53.94 147.82 -21.50
CA ARG W 348 -53.53 146.49 -21.94
C ARG W 348 -53.75 146.33 -23.43
N VAL W 349 -52.67 146.07 -24.16
CA VAL W 349 -52.72 145.92 -25.62
C VAL W 349 -52.53 144.46 -25.97
N LEU W 350 -53.34 143.97 -26.90
CA LEU W 350 -53.21 142.63 -27.46
C LEU W 350 -53.10 142.78 -28.96
N ARG W 351 -51.89 142.73 -29.50
CA ARG W 351 -51.75 142.84 -30.94
C ARG W 351 -52.13 141.52 -31.59
N ASP W 352 -52.93 141.60 -32.65
CA ASP W 352 -53.66 140.46 -33.21
C ASP W 352 -53.21 140.26 -34.65
N PRO W 353 -52.03 139.66 -34.86
CA PRO W 353 -51.57 139.43 -36.24
C PRO W 353 -52.42 138.43 -37.01
N PHE W 354 -53.47 137.89 -36.40
CA PHE W 354 -54.21 136.76 -36.95
C PHE W 354 -55.50 137.14 -37.64
N SER W 355 -56.34 137.96 -37.00
CA SER W 355 -57.71 138.16 -37.47
C SER W 355 -57.76 138.75 -38.88
N ALA W 356 -57.32 140.00 -39.03
CA ALA W 356 -57.18 140.61 -40.34
C ALA W 356 -55.77 140.29 -40.80
N LYS W 357 -55.65 139.41 -41.81
CA LYS W 357 -54.42 138.65 -41.97
C LYS W 357 -53.21 139.51 -42.32
N PRO W 358 -53.26 140.41 -43.31
CA PRO W 358 -52.08 141.26 -43.57
C PRO W 358 -51.95 142.43 -42.62
N HIS W 359 -52.91 142.65 -41.71
CA HIS W 359 -52.88 143.74 -40.75
C HIS W 359 -52.58 143.21 -39.36
N VAL W 360 -52.46 144.12 -38.40
CA VAL W 360 -51.99 143.78 -37.06
C VAL W 360 -53.07 143.96 -36.00
N LEU W 361 -53.89 145.00 -36.12
CA LEU W 361 -55.16 145.06 -35.39
C LEU W 361 -54.94 145.05 -33.86
N PHE W 362 -54.34 146.14 -33.40
CA PHE W 362 -54.04 146.34 -31.97
C PHE W 362 -55.32 146.52 -31.18
N TYR W 363 -55.55 145.68 -30.19
CA TYR W 363 -56.70 145.80 -29.30
C TYR W 363 -56.19 146.29 -27.95
N ALA W 364 -56.61 147.48 -27.55
CA ALA W 364 -56.19 148.09 -26.30
C ALA W 364 -57.39 148.56 -25.51
N SER W 365 -57.47 148.17 -24.25
CA SER W 365 -58.69 148.42 -23.49
C SER W 365 -58.38 148.60 -22.02
N LYS W 366 -58.33 149.84 -21.56
CA LYS W 366 -58.30 150.12 -20.12
C LYS W 366 -59.73 150.07 -19.61
N ARG W 367 -59.88 149.74 -18.34
CA ARG W 367 -61.20 149.62 -17.75
C ARG W 367 -61.32 150.54 -16.56
N VAL W 368 -62.33 151.42 -16.60
CA VAL W 368 -62.43 152.55 -15.69
C VAL W 368 -63.90 152.74 -15.33
N GLY W 369 -64.14 153.32 -14.17
CA GLY W 369 -65.50 153.61 -13.75
C GLY W 369 -65.52 154.63 -12.64
N GLY W 370 -66.70 155.20 -12.40
CA GLY W 370 -66.88 156.13 -11.32
C GLY W 370 -68.11 157.00 -11.41
N ASP W 371 -68.79 157.22 -10.28
CA ASP W 371 -69.86 158.21 -10.21
C ASP W 371 -69.68 159.01 -8.93
N VAL W 372 -70.68 159.81 -8.59
CA VAL W 372 -70.57 160.66 -7.42
C VAL W 372 -70.58 159.81 -6.16
N SER W 373 -69.81 160.22 -5.17
CA SER W 373 -69.74 159.55 -3.88
C SER W 373 -70.29 160.38 -2.75
N ASP W 374 -70.34 161.68 -2.92
CA ASP W 374 -70.80 162.62 -1.91
C ASP W 374 -71.67 163.63 -2.63
N PHE W 375 -72.98 163.43 -2.55
CA PHE W 375 -73.93 164.27 -3.24
C PHE W 375 -73.95 165.68 -2.71
N ALA W 376 -73.40 165.91 -1.53
CA ALA W 376 -73.36 167.23 -0.92
C ALA W 376 -72.21 168.08 -1.43
N ALA W 377 -71.33 167.54 -2.26
CA ALA W 377 -70.11 168.23 -2.65
C ALA W 377 -70.08 168.65 -4.10
N ILE W 378 -71.22 168.68 -4.78
CA ILE W 378 -71.31 169.13 -6.16
C ILE W 378 -72.63 169.89 -6.30
N LYS W 379 -72.54 171.18 -6.61
CA LYS W 379 -73.73 171.97 -6.87
C LYS W 379 -73.71 172.44 -8.31
N LEU W 380 -74.87 172.49 -8.93
CA LEU W 380 -75.02 172.81 -10.34
C LEU W 380 -75.74 174.13 -10.49
N LEU W 381 -75.83 174.59 -11.73
CA LEU W 381 -76.42 175.89 -12.03
C LEU W 381 -77.36 175.72 -13.21
N LYS W 382 -78.63 175.48 -12.91
CA LYS W 382 -79.63 175.33 -13.94
C LYS W 382 -79.98 176.70 -14.49
N PHE W 383 -80.19 176.77 -15.79
CA PHE W 383 -80.47 178.02 -16.48
C PHE W 383 -81.94 178.22 -16.81
N ALA W 384 -82.86 177.74 -15.97
CA ALA W 384 -84.26 177.81 -16.39
C ALA W 384 -85.07 178.88 -15.66
N ALA W 385 -85.10 178.85 -14.33
CA ALA W 385 -86.01 179.74 -13.61
C ALA W 385 -85.83 179.68 -12.11
N ALA X 89 -52.76 119.53 -48.96
CA ALA X 89 -52.64 119.44 -47.52
C ALA X 89 -53.90 119.98 -46.86
N LEU X 90 -55.02 119.84 -47.55
CA LEU X 90 -56.31 120.20 -47.00
C LEU X 90 -56.75 119.08 -46.06
N ASN X 91 -58.05 119.03 -45.76
CA ASN X 91 -58.57 118.45 -44.54
C ASN X 91 -57.98 117.10 -44.14
N SER X 92 -58.35 116.03 -44.84
CA SER X 92 -57.98 114.70 -44.37
C SER X 92 -58.49 113.63 -45.31
N ALA X 93 -58.41 112.38 -44.87
CA ALA X 93 -59.06 111.27 -45.57
C ALA X 93 -60.54 111.53 -45.84
N VAL X 94 -61.10 112.60 -45.27
CA VAL X 94 -62.45 113.01 -45.63
C VAL X 94 -62.53 113.27 -47.13
N ALA X 95 -61.45 113.75 -47.73
CA ALA X 95 -61.47 114.12 -49.14
C ALA X 95 -60.63 113.21 -50.02
N ALA X 96 -59.59 112.58 -49.48
CA ALA X 96 -58.58 111.79 -50.19
C ALA X 96 -57.66 112.66 -51.03
N GLU X 97 -57.78 113.98 -50.96
CA GLU X 97 -56.79 114.91 -51.47
C GLU X 97 -56.27 115.67 -50.25
N GLY X 98 -55.09 115.27 -49.80
CA GLY X 98 -54.68 115.48 -48.43
C GLY X 98 -54.94 114.28 -47.56
N GLY X 99 -55.70 113.30 -48.03
CA GLY X 99 -56.01 112.13 -47.25
C GLY X 99 -55.35 110.88 -47.79
N TYR X 100 -54.46 111.05 -48.74
CA TYR X 100 -53.60 109.96 -49.20
C TYR X 100 -52.42 109.74 -48.28
N LEU X 101 -52.34 110.45 -47.16
CA LEU X 101 -51.16 110.44 -46.31
C LEU X 101 -51.46 109.92 -44.91
N VAL X 102 -52.61 109.28 -44.73
CA VAL X 102 -53.11 109.00 -43.39
C VAL X 102 -53.42 107.53 -43.17
N ASP X 103 -52.68 106.64 -43.82
CA ASP X 103 -52.91 105.20 -43.72
C ASP X 103 -53.09 104.74 -42.27
N PRO X 104 -54.12 103.96 -41.98
CA PRO X 104 -54.46 103.62 -40.60
C PRO X 104 -53.59 102.51 -40.05
N GLN X 105 -53.65 102.35 -38.72
CA GLN X 105 -52.80 101.42 -38.00
C GLN X 105 -53.54 100.10 -37.80
N THR X 106 -52.83 98.99 -37.98
CA THR X 106 -53.41 97.66 -37.93
C THR X 106 -52.84 96.87 -36.76
N SER X 107 -53.65 95.96 -36.21
CA SER X 107 -53.25 95.18 -35.06
C SER X 107 -51.98 94.37 -35.34
N GLU X 108 -51.33 93.94 -34.25
CA GLU X 108 -50.14 93.14 -34.39
C GLU X 108 -50.46 91.74 -34.90
N THR X 109 -51.48 91.12 -34.32
CA THR X 109 -51.86 89.77 -34.69
C THR X 109 -53.35 89.73 -35.03
N ILE X 110 -53.68 88.93 -36.02
CA ILE X 110 -55.06 88.71 -36.40
C ILE X 110 -55.75 87.87 -35.33
N ARG X 111 -56.69 88.48 -34.62
CA ARG X 111 -57.32 87.85 -33.48
C ARG X 111 -58.60 87.15 -33.92
N GLY X 112 -59.21 86.43 -32.98
CA GLY X 112 -60.44 85.73 -33.28
C GLY X 112 -61.25 85.49 -32.03
N VAL X 113 -62.44 84.91 -32.24
CA VAL X 113 -63.30 84.53 -31.15
C VAL X 113 -62.69 83.38 -30.38
N LEU X 114 -62.71 83.48 -29.05
CA LEU X 114 -62.19 82.42 -28.19
C LEU X 114 -63.24 81.34 -27.99
N ARG X 115 -62.80 80.09 -27.99
CA ARG X 115 -63.70 78.96 -27.81
C ARG X 115 -63.15 78.04 -26.74
N SER X 116 -64.05 77.27 -26.13
CA SER X 116 -63.74 76.51 -24.93
C SER X 116 -62.71 75.42 -25.22
N THR X 117 -62.06 74.96 -24.15
CA THR X 117 -61.06 73.92 -24.25
C THR X 117 -61.40 72.67 -23.43
N ALA X 118 -62.50 72.66 -22.69
CA ALA X 118 -62.91 71.47 -21.94
C ALA X 118 -63.29 70.38 -22.94
N SER X 119 -62.53 69.30 -22.98
CA SER X 119 -62.56 68.39 -24.10
C SER X 119 -62.87 66.95 -23.76
N LEU X 120 -63.14 66.62 -22.50
CA LEU X 120 -63.37 65.26 -22.04
C LEU X 120 -62.10 64.44 -22.17
N ARG X 121 -61.08 65.02 -22.78
CA ARG X 121 -59.78 64.40 -22.83
C ARG X 121 -59.02 64.66 -21.54
N GLN X 122 -59.44 65.67 -20.78
CA GLN X 122 -58.81 65.96 -19.50
C GLN X 122 -59.07 64.84 -18.50
N ILE X 123 -60.23 64.18 -18.58
CA ILE X 123 -60.58 63.15 -17.64
C ILE X 123 -60.52 61.75 -18.24
N ALA X 124 -60.83 61.58 -19.52
CA ALA X 124 -60.78 60.26 -20.10
C ALA X 124 -59.34 59.76 -20.18
N SER X 125 -59.20 58.44 -20.24
CA SER X 125 -57.88 57.80 -20.26
C SER X 125 -57.41 57.70 -21.69
N VAL X 126 -56.44 58.53 -22.04
CA VAL X 126 -55.85 58.50 -23.37
C VAL X 126 -54.73 57.50 -23.39
N VAL X 127 -54.66 56.71 -24.45
CA VAL X 127 -53.65 55.68 -24.61
C VAL X 127 -52.98 55.89 -25.96
N ASN X 128 -51.66 55.80 -25.97
CA ASN X 128 -50.88 55.93 -27.21
C ASN X 128 -50.88 54.59 -27.94
N VAL X 129 -51.44 54.56 -29.13
CA VAL X 129 -51.46 53.36 -29.95
C VAL X 129 -50.89 53.71 -31.32
N GLU X 130 -50.08 52.82 -31.87
CA GLU X 130 -49.58 52.93 -33.24
C GLU X 130 -50.01 51.67 -33.97
N ALA X 131 -51.24 51.66 -34.43
CA ALA X 131 -51.87 50.51 -35.06
C ALA X 131 -53.13 51.00 -35.75
N THR X 132 -53.96 50.08 -36.19
CA THR X 132 -55.21 50.48 -36.82
C THR X 132 -56.39 50.43 -35.88
N SER X 133 -56.21 49.97 -34.65
CA SER X 133 -57.30 49.90 -33.68
C SER X 133 -56.71 49.71 -32.30
N PHE X 134 -57.60 49.58 -31.32
CA PHE X 134 -57.23 49.23 -29.96
C PHE X 134 -58.33 48.33 -29.43
N ASP X 135 -57.97 47.21 -28.81
CA ASP X 135 -58.93 46.18 -28.44
C ASP X 135 -58.91 45.98 -26.93
N VAL X 136 -59.76 46.70 -26.23
CA VAL X 136 -59.76 46.64 -24.77
C VAL X 136 -60.48 45.37 -24.35
N LEU X 137 -59.90 44.64 -23.41
CA LEU X 137 -60.45 43.36 -22.98
C LEU X 137 -61.00 43.52 -21.57
N VAL X 138 -62.27 43.23 -21.40
CA VAL X 138 -62.95 43.43 -20.13
C VAL X 138 -63.60 42.13 -19.69
N ASP X 139 -63.90 42.07 -18.40
CA ASP X 139 -64.56 40.92 -17.78
C ASP X 139 -65.99 41.36 -17.46
N LYS X 140 -66.92 41.04 -18.33
CA LYS X 140 -68.29 41.50 -18.13
C LYS X 140 -68.95 40.83 -16.94
N THR X 141 -68.55 39.61 -16.59
CA THR X 141 -69.05 38.92 -15.40
C THR X 141 -67.88 38.51 -14.51
N ASP X 142 -68.21 37.85 -13.39
CA ASP X 142 -67.20 37.38 -12.45
C ASP X 142 -67.33 35.88 -12.24
N MET X 143 -66.54 35.36 -11.31
CA MET X 143 -66.45 33.93 -11.06
C MET X 143 -67.62 33.46 -10.21
N GLY X 144 -67.52 32.24 -9.72
CA GLY X 144 -68.47 31.73 -8.74
C GLY X 144 -67.73 31.00 -7.64
N SER X 145 -68.36 30.95 -6.47
CA SER X 145 -67.81 30.30 -5.30
C SER X 145 -68.74 29.19 -4.86
N GLY X 146 -68.17 28.23 -4.12
CA GLY X 146 -68.90 27.02 -3.84
C GLY X 146 -69.36 26.78 -2.42
N TRP X 147 -68.59 27.20 -1.43
CA TRP X 147 -68.80 26.77 -0.05
C TRP X 147 -68.80 25.24 0.01
N ALA X 148 -67.64 24.67 -0.28
CA ALA X 148 -67.52 23.22 -0.34
C ALA X 148 -67.78 22.60 1.01
N SER X 149 -68.40 21.42 0.99
CA SER X 149 -68.66 20.68 2.21
C SER X 149 -67.44 19.83 2.55
N GLU X 150 -67.51 19.09 3.66
CA GLU X 150 -66.40 18.23 4.05
C GLU X 150 -66.21 17.11 3.05
N THR X 151 -67.26 16.34 2.79
CA THR X 151 -67.26 15.26 1.81
C THR X 151 -68.22 15.67 0.68
N ALA X 152 -67.70 16.43 -0.27
CA ALA X 152 -68.60 16.95 -1.29
C ALA X 152 -68.07 16.81 -2.71
N ALA X 153 -66.75 16.95 -2.91
CA ALA X 153 -66.15 17.02 -4.24
C ALA X 153 -66.73 18.19 -5.03
N LEU X 154 -66.38 19.40 -4.57
CA LEU X 154 -66.93 20.63 -5.12
C LEU X 154 -66.93 20.64 -6.64
N SER X 155 -68.10 20.91 -7.21
CA SER X 155 -68.25 20.90 -8.66
C SER X 155 -67.53 22.10 -9.28
N GLU X 156 -67.37 22.04 -10.60
CA GLU X 156 -66.73 23.12 -11.32
C GLU X 156 -67.58 24.37 -11.25
N THR X 157 -66.93 25.50 -10.98
CA THR X 157 -67.61 26.77 -10.81
C THR X 157 -67.45 27.63 -12.07
N ALA X 158 -68.25 28.68 -12.13
CA ALA X 158 -68.27 29.54 -13.31
C ALA X 158 -66.97 30.33 -13.43
N THR X 159 -66.71 30.80 -14.63
CA THR X 159 -65.50 31.53 -14.96
C THR X 159 -65.90 32.79 -15.70
N PRO X 160 -65.23 33.92 -15.46
CA PRO X 160 -65.67 35.17 -16.09
C PRO X 160 -65.55 35.10 -17.61
N GLN X 161 -66.62 35.50 -18.29
CA GLN X 161 -66.54 35.64 -19.73
C GLN X 161 -66.05 37.03 -20.08
N ILE X 162 -65.51 37.14 -21.29
CA ILE X 162 -64.67 38.27 -21.66
C ILE X 162 -65.31 39.00 -22.83
N ASP X 163 -64.99 40.28 -22.96
CA ASP X 163 -65.48 41.11 -24.04
C ASP X 163 -64.32 41.91 -24.61
N ARG X 164 -64.30 42.07 -25.92
CA ARG X 164 -63.27 42.84 -26.60
C ARG X 164 -63.93 43.97 -27.38
N ILE X 165 -63.53 45.20 -27.08
CA ILE X 165 -64.07 46.39 -27.70
C ILE X 165 -62.99 47.00 -28.56
N THR X 166 -63.32 47.29 -29.81
CA THR X 166 -62.35 47.74 -30.80
C THR X 166 -62.45 49.25 -31.00
N ILE X 167 -61.38 49.96 -30.65
CA ILE X 167 -61.25 51.39 -30.87
C ILE X 167 -60.70 51.63 -32.27
N PRO X 168 -61.51 51.96 -33.27
CA PRO X 168 -61.06 51.87 -34.66
C PRO X 168 -60.00 52.88 -35.06
N LEU X 169 -59.71 53.90 -34.26
CA LEU X 169 -58.60 54.83 -34.52
C LEU X 169 -58.69 55.46 -35.91
N HIS X 170 -59.71 56.30 -36.09
CA HIS X 170 -59.87 57.06 -37.32
C HIS X 170 -58.92 58.25 -37.32
N GLU X 171 -59.02 59.09 -38.35
CA GLU X 171 -58.21 60.28 -38.45
C GLU X 171 -59.07 61.51 -38.65
N LEU X 172 -58.42 62.67 -38.56
CA LEU X 172 -59.07 63.97 -38.64
C LEU X 172 -58.15 64.86 -39.44
N ALA X 173 -58.65 65.44 -40.53
CA ALA X 173 -57.80 66.10 -41.51
C ALA X 173 -58.31 67.48 -41.86
N ALA X 174 -57.39 68.40 -42.06
CA ALA X 174 -57.69 69.75 -42.51
C ALA X 174 -56.73 70.10 -43.63
N MET X 175 -57.24 70.74 -44.69
CA MET X 175 -56.41 71.13 -45.83
C MET X 175 -56.86 72.50 -46.33
N PRO X 176 -56.47 73.57 -45.65
CA PRO X 176 -56.78 74.90 -46.13
C PRO X 176 -55.79 75.35 -47.18
N LYS X 177 -56.31 76.00 -48.21
CA LYS X 177 -55.51 76.46 -49.33
C LYS X 177 -55.17 77.94 -49.14
N ALA X 178 -53.94 78.30 -49.50
CA ALA X 178 -53.50 79.69 -49.43
C ALA X 178 -52.66 80.01 -50.65
N SER X 179 -52.87 81.17 -51.22
CA SER X 179 -52.08 81.58 -52.37
C SER X 179 -50.64 81.86 -51.96
N GLN X 180 -49.71 81.66 -52.89
CA GLN X 180 -48.31 81.84 -52.57
C GLN X 180 -47.95 83.31 -52.42
N ARG X 181 -48.62 84.18 -53.17
CA ARG X 181 -48.36 85.61 -53.02
C ARG X 181 -48.75 86.08 -51.62
N LEU X 182 -49.94 85.69 -51.16
CA LEU X 182 -50.38 86.12 -49.84
C LEU X 182 -49.42 85.69 -48.75
N LEU X 183 -48.96 84.44 -48.79
CA LEU X 183 -48.07 83.97 -47.74
C LEU X 183 -46.80 84.79 -47.66
N ASP X 184 -46.35 85.35 -48.78
CA ASP X 184 -45.06 86.00 -48.79
C ASP X 184 -45.14 87.50 -48.54
N ASP X 185 -46.17 88.17 -49.08
CA ASP X 185 -46.19 89.62 -49.02
C ASP X 185 -47.10 90.19 -47.94
N SER X 186 -47.78 89.35 -47.17
CA SER X 186 -48.56 89.85 -46.04
C SER X 186 -47.65 90.01 -44.82
N ALA X 187 -47.88 91.08 -44.07
CA ALA X 187 -47.04 91.38 -42.93
C ALA X 187 -47.28 90.46 -41.75
N PHE X 188 -48.35 89.68 -41.78
CA PHE X 188 -48.63 88.71 -40.72
C PHE X 188 -47.98 87.37 -41.06
N ASP X 189 -48.26 86.38 -40.22
CA ASP X 189 -47.70 85.04 -40.39
C ASP X 189 -48.82 84.11 -40.82
N ILE X 190 -48.99 83.94 -42.12
CA ILE X 190 -50.10 83.12 -42.60
C ILE X 190 -49.80 81.64 -42.45
N GLU X 191 -48.53 81.27 -42.39
CA GLU X 191 -48.21 79.86 -42.15
C GLU X 191 -48.56 79.46 -40.73
N THR X 192 -48.00 80.18 -39.74
CA THR X 192 -48.21 79.81 -38.35
C THR X 192 -49.47 80.40 -37.75
N TRP X 193 -50.30 81.07 -38.53
CA TRP X 193 -51.63 81.38 -38.04
C TRP X 193 -52.63 80.33 -38.49
N LEU X 194 -52.50 79.87 -39.74
CA LEU X 194 -53.26 78.70 -40.17
C LEU X 194 -52.91 77.50 -39.32
N ALA X 195 -51.62 77.30 -39.04
CA ALA X 195 -51.20 76.15 -38.25
C ALA X 195 -51.78 76.19 -36.85
N ASN X 196 -51.97 77.39 -36.31
CA ASN X 196 -52.55 77.52 -34.98
C ASN X 196 -54.05 77.22 -35.01
N ARG X 197 -54.77 77.80 -35.95
CA ARG X 197 -56.20 77.57 -36.04
C ARG X 197 -56.53 76.12 -36.31
N ILE X 198 -55.71 75.43 -37.10
CA ILE X 198 -55.94 74.01 -37.33
C ILE X 198 -55.78 73.23 -36.04
N ALA X 199 -54.67 73.47 -35.32
CA ALA X 199 -54.45 72.79 -34.06
C ALA X 199 -55.48 73.15 -33.01
N ASP X 200 -56.16 74.28 -33.16
CA ASP X 200 -57.25 74.61 -32.25
C ASP X 200 -58.54 73.92 -32.66
N LYS X 201 -58.81 73.84 -33.95
CA LYS X 201 -60.01 73.15 -34.42
C LYS X 201 -59.94 71.67 -34.10
N PHE X 202 -58.76 71.07 -34.20
CA PHE X 202 -58.62 69.64 -33.95
C PHE X 202 -58.99 69.30 -32.52
N ALA X 203 -58.38 70.00 -31.56
CA ALA X 203 -58.68 69.75 -30.16
C ALA X 203 -60.14 70.02 -29.81
N ARG X 204 -60.86 70.71 -30.69
CA ARG X 204 -62.28 70.98 -30.49
C ARG X 204 -63.18 70.13 -31.37
N ALA X 205 -62.69 69.69 -32.52
CA ALA X 205 -63.50 68.86 -33.40
C ALA X 205 -63.57 67.43 -32.90
N GLU X 206 -62.51 66.93 -32.28
CA GLU X 206 -62.55 65.60 -31.71
C GLU X 206 -63.30 65.58 -30.38
N ALA X 207 -63.24 66.68 -29.62
CA ALA X 207 -63.94 66.73 -28.35
C ALA X 207 -65.44 66.64 -28.53
N ALA X 208 -65.94 67.08 -29.69
CA ALA X 208 -67.36 66.92 -29.98
C ALA X 208 -67.69 65.49 -30.36
N ALA X 209 -66.70 64.76 -30.88
CA ALA X 209 -66.93 63.36 -31.22
C ALA X 209 -66.91 62.47 -29.99
N PHE X 210 -66.10 62.80 -29.00
CA PHE X 210 -66.01 61.99 -27.78
C PHE X 210 -67.30 62.01 -26.98
N ILE X 211 -68.30 62.76 -27.39
CA ILE X 211 -69.54 62.89 -26.63
C ILE X 211 -70.74 62.45 -27.45
N SER X 212 -70.83 62.92 -28.70
CA SER X 212 -71.97 62.57 -29.54
C SER X 212 -71.53 62.17 -30.95
N GLY X 213 -70.27 61.84 -31.15
CA GLY X 213 -69.85 61.36 -32.44
C GLY X 213 -70.42 59.98 -32.69
N ASP X 214 -70.86 59.73 -33.92
CA ASP X 214 -71.40 58.43 -34.26
C ASP X 214 -70.25 57.49 -34.59
N GLY X 215 -70.54 56.35 -35.19
CA GLY X 215 -69.50 55.38 -35.46
C GLY X 215 -68.64 55.75 -36.65
N VAL X 216 -69.25 56.23 -37.72
CA VAL X 216 -68.58 56.29 -39.02
C VAL X 216 -67.45 57.32 -38.96
N ASP X 217 -66.23 56.84 -39.19
CA ASP X 217 -65.08 57.69 -39.44
C ASP X 217 -64.71 58.57 -38.26
N LYS X 218 -65.44 58.48 -37.16
CA LYS X 218 -65.20 59.31 -36.00
C LYS X 218 -65.50 58.50 -34.75
N PRO X 219 -64.95 58.90 -33.61
CA PRO X 219 -65.22 58.16 -32.37
C PRO X 219 -66.70 58.15 -32.03
N THR X 220 -67.14 57.06 -31.40
CA THR X 220 -68.50 57.01 -30.89
C THR X 220 -68.51 57.63 -29.51
N GLY X 221 -69.25 58.72 -29.36
CA GLY X 221 -69.39 59.32 -28.06
C GLY X 221 -70.16 58.44 -27.11
N PHE X 222 -70.01 58.72 -25.82
CA PHE X 222 -70.64 57.87 -24.83
C PHE X 222 -72.14 58.05 -24.77
N LEU X 223 -72.69 59.05 -25.46
CA LEU X 223 -74.13 59.22 -25.48
C LEU X 223 -74.81 58.38 -26.56
N THR X 224 -74.07 57.95 -27.57
CA THR X 224 -74.60 57.09 -28.62
C THR X 224 -74.34 55.63 -28.32
N LYS X 225 -74.74 55.14 -27.16
CA LYS X 225 -74.39 53.79 -26.73
C LYS X 225 -75.59 53.05 -26.16
N THR X 226 -76.73 53.12 -26.85
CA THR X 226 -77.94 52.31 -26.58
C THR X 226 -78.33 52.35 -25.10
N LYS X 227 -78.75 53.54 -24.67
CA LYS X 227 -79.07 53.77 -23.26
C LYS X 227 -80.19 52.87 -22.78
N VAL X 228 -80.07 52.43 -21.52
CA VAL X 228 -81.06 51.55 -20.88
C VAL X 228 -81.28 52.04 -19.46
N ALA X 229 -82.55 52.11 -19.07
CA ALA X 229 -82.87 52.65 -17.75
C ALA X 229 -82.17 51.85 -16.67
N ASN X 230 -81.58 52.57 -15.72
CA ASN X 230 -80.83 51.90 -14.66
C ASN X 230 -81.78 51.04 -13.83
N GLY X 231 -81.20 50.07 -13.14
CA GLY X 231 -81.99 49.07 -12.45
C GLY X 231 -82.23 47.90 -13.36
N ALA X 232 -82.46 48.19 -14.63
CA ALA X 232 -82.52 47.16 -15.67
C ALA X 232 -81.26 47.18 -16.53
N TRP X 233 -80.13 47.43 -15.89
CA TRP X 233 -78.89 47.63 -16.61
C TRP X 233 -78.25 46.31 -17.01
N ALA X 234 -77.70 46.27 -18.21
CA ALA X 234 -76.94 45.16 -18.75
C ALA X 234 -75.55 45.67 -19.14
N TRP X 235 -74.73 44.81 -19.72
CA TRP X 235 -73.38 45.23 -20.04
C TRP X 235 -73.29 46.07 -21.30
N GLY X 236 -74.12 45.81 -22.30
CA GLY X 236 -73.99 46.52 -23.54
C GLY X 236 -74.58 47.91 -23.59
N SER X 237 -74.88 48.51 -22.44
CA SER X 237 -75.64 49.74 -22.43
C SER X 237 -75.24 50.62 -21.26
N LEU X 238 -75.20 51.93 -21.51
CA LEU X 238 -75.00 52.91 -20.44
C LEU X 238 -76.33 53.23 -19.77
N GLY X 239 -76.34 53.16 -18.44
CA GLY X 239 -77.57 53.32 -17.70
C GLY X 239 -77.88 54.77 -17.41
N TYR X 240 -79.16 55.12 -17.52
CA TYR X 240 -79.63 56.46 -17.23
C TYR X 240 -80.67 56.42 -16.13
N VAL X 241 -80.86 57.55 -15.48
CA VAL X 241 -81.91 57.70 -14.49
C VAL X 241 -82.86 58.80 -14.96
N ALA X 242 -84.12 58.66 -14.60
CA ALA X 242 -85.14 59.61 -15.02
C ALA X 242 -85.18 60.80 -14.07
N THR X 243 -85.44 61.98 -14.63
CA THR X 243 -85.58 63.16 -13.80
C THR X 243 -86.97 63.26 -13.21
N GLY X 244 -87.98 63.03 -14.02
CA GLY X 244 -89.33 63.40 -13.62
C GLY X 244 -90.02 64.12 -14.75
N ALA X 245 -90.30 65.41 -14.55
CA ALA X 245 -90.91 66.20 -15.60
C ALA X 245 -90.16 66.04 -16.91
N ALA X 246 -90.90 66.18 -18.01
CA ALA X 246 -90.36 65.86 -19.32
C ALA X 246 -89.45 66.94 -19.87
N GLY X 247 -89.76 68.20 -19.58
CA GLY X 247 -88.98 69.27 -20.17
C GLY X 247 -87.69 69.58 -19.45
N ASP X 248 -87.73 69.59 -18.13
CA ASP X 248 -86.62 70.05 -17.32
C ASP X 248 -86.53 69.16 -16.10
N PHE X 249 -85.82 69.61 -15.07
CA PHE X 249 -85.79 68.89 -13.81
C PHE X 249 -87.19 68.72 -13.26
N ALA X 250 -87.31 67.83 -12.28
CA ALA X 250 -88.62 67.54 -11.70
C ALA X 250 -89.19 68.79 -11.05
N ALA X 251 -90.42 69.13 -11.42
CA ALA X 251 -91.04 70.34 -10.89
C ALA X 251 -91.34 70.21 -9.41
N VAL X 252 -91.84 69.05 -8.98
CA VAL X 252 -92.25 68.90 -7.59
C VAL X 252 -91.03 68.89 -6.67
N ASN X 253 -90.00 68.12 -7.02
CA ASN X 253 -88.81 68.01 -6.18
C ASN X 253 -87.62 67.72 -7.08
N ALA X 254 -86.87 68.76 -7.43
CA ALA X 254 -85.64 68.59 -8.18
C ALA X 254 -84.51 68.36 -7.19
N SER X 255 -83.29 68.32 -7.69
CA SER X 255 -82.07 68.17 -6.90
C SER X 255 -81.98 66.81 -6.26
N ASP X 256 -83.00 65.97 -6.38
CA ASP X 256 -82.91 64.58 -5.96
C ASP X 256 -82.72 63.66 -7.15
N ALA X 257 -83.03 64.13 -8.36
CA ALA X 257 -82.65 63.42 -9.57
C ALA X 257 -81.16 63.52 -9.82
N VAL X 258 -80.46 64.38 -9.10
CA VAL X 258 -79.01 64.46 -9.21
C VAL X 258 -78.34 63.55 -8.19
N VAL X 259 -78.87 63.52 -6.97
CA VAL X 259 -78.21 62.73 -5.93
C VAL X 259 -78.39 61.24 -6.19
N ASP X 260 -79.48 60.84 -6.83
CA ASP X 260 -79.60 59.43 -7.19
C ASP X 260 -78.90 59.11 -8.50
N LEU X 261 -78.56 60.13 -9.30
CA LEU X 261 -77.59 59.93 -10.36
C LEU X 261 -76.22 59.59 -9.80
N VAL X 262 -75.85 60.23 -8.70
CA VAL X 262 -74.59 59.93 -8.05
C VAL X 262 -74.60 58.52 -7.50
N TYR X 263 -75.70 58.14 -6.84
CA TYR X 263 -75.77 56.84 -6.13
C TYR X 263 -76.30 55.74 -7.06
N ALA X 264 -76.29 55.99 -8.37
CA ALA X 264 -76.63 54.97 -9.35
C ALA X 264 -75.40 54.36 -10.00
N LEU X 265 -74.21 54.75 -9.58
CA LEU X 265 -73.00 54.45 -10.33
C LEU X 265 -72.10 53.40 -9.71
N GLY X 266 -72.28 53.07 -8.43
CA GLY X 266 -71.38 52.11 -7.81
C GLY X 266 -70.24 52.78 -7.09
N ALA X 267 -69.92 52.27 -5.90
CA ALA X 267 -69.04 53.01 -5.00
C ALA X 267 -67.59 53.02 -5.48
N GLU X 268 -67.12 51.92 -6.08
CA GLU X 268 -65.72 51.86 -6.45
C GLU X 268 -65.41 52.76 -7.65
N TYR X 269 -66.41 53.03 -8.48
CA TYR X 269 -66.20 53.92 -9.60
C TYR X 269 -66.27 55.39 -9.20
N ARG X 270 -67.03 55.72 -8.15
CA ARG X 270 -67.12 57.10 -7.69
C ARG X 270 -65.88 57.57 -7.00
N ALA X 271 -64.85 56.73 -6.85
CA ALA X 271 -63.63 57.17 -6.19
C ALA X 271 -63.01 58.33 -6.94
N ASN X 272 -62.96 58.25 -8.26
CA ASN X 272 -62.55 59.37 -9.12
C ASN X 272 -63.54 59.46 -10.26
N ALA X 273 -64.62 60.20 -10.04
CA ALA X 273 -65.68 60.41 -11.02
C ALA X 273 -65.95 61.89 -11.12
N SER X 274 -66.73 62.28 -12.13
CA SER X 274 -67.01 63.68 -12.33
C SER X 274 -68.28 63.83 -13.16
N PHE X 275 -68.91 64.98 -13.04
CA PHE X 275 -70.04 65.32 -13.88
C PHE X 275 -69.54 65.88 -15.20
N VAL X 276 -70.38 65.77 -16.22
CA VAL X 276 -70.10 66.37 -17.53
C VAL X 276 -71.34 67.12 -17.97
N MET X 277 -71.22 68.44 -18.12
CA MET X 277 -72.32 69.29 -18.50
C MET X 277 -71.85 70.29 -19.53
N ASN X 278 -72.79 70.97 -20.17
CA ASN X 278 -72.44 72.10 -21.01
C ASN X 278 -72.75 73.38 -20.26
N SER X 279 -72.41 74.52 -20.88
CA SER X 279 -72.44 75.77 -20.14
C SER X 279 -73.84 76.10 -19.65
N LYS X 280 -74.85 75.82 -20.46
CA LYS X 280 -76.21 76.19 -20.10
C LYS X 280 -76.95 75.11 -19.34
N THR X 281 -76.36 73.94 -19.14
CA THR X 281 -76.94 73.00 -18.20
C THR X 281 -76.50 73.32 -16.78
N ALA X 282 -75.22 73.66 -16.60
CA ALA X 282 -74.75 74.09 -15.31
C ALA X 282 -75.49 75.32 -14.84
N GLY X 283 -75.90 76.18 -15.76
CA GLY X 283 -76.76 77.29 -15.39
C GLY X 283 -78.08 76.80 -14.82
N ALA X 284 -78.69 75.83 -15.50
CA ALA X 284 -79.94 75.26 -14.99
C ALA X 284 -79.74 74.59 -13.64
N VAL X 285 -78.52 74.14 -13.34
CA VAL X 285 -78.27 73.54 -12.04
C VAL X 285 -78.12 74.62 -10.98
N ARG X 286 -77.50 75.74 -11.32
CA ARG X 286 -77.45 76.82 -10.36
C ARG X 286 -78.79 77.52 -10.22
N LYS X 287 -79.68 77.37 -11.19
CA LYS X 287 -81.03 77.91 -11.08
C LYS X 287 -81.92 77.08 -10.16
N MET X 288 -81.46 75.92 -9.71
CA MET X 288 -82.26 75.10 -8.81
C MET X 288 -82.34 75.76 -7.45
N LYS X 289 -83.56 75.93 -6.95
CA LYS X 289 -83.78 76.58 -5.68
C LYS X 289 -84.79 75.78 -4.86
N ASP X 290 -84.77 76.01 -3.56
CA ASP X 290 -85.63 75.30 -2.62
C ASP X 290 -86.96 76.04 -2.49
N ALA X 291 -87.77 75.66 -1.50
CA ALA X 291 -89.05 76.30 -1.32
C ALA X 291 -88.90 77.74 -0.84
N ASP X 292 -87.89 78.04 -0.02
CA ASP X 292 -87.70 79.41 0.44
C ASP X 292 -87.23 80.31 -0.70
N GLY X 293 -86.42 79.78 -1.61
CA GLY X 293 -85.94 80.59 -2.71
C GLY X 293 -84.44 80.75 -2.78
N ARG X 294 -83.71 80.06 -1.91
CA ARG X 294 -82.25 80.11 -1.95
C ARG X 294 -81.73 79.03 -2.88
N PHE X 295 -80.47 79.18 -3.29
CA PHE X 295 -79.87 78.24 -4.22
C PHE X 295 -79.42 76.98 -3.49
N LEU X 296 -79.67 75.83 -4.09
CA LEU X 296 -79.14 74.58 -3.54
C LEU X 296 -77.64 74.47 -3.79
N TRP X 297 -77.20 74.88 -4.97
CA TRP X 297 -75.79 74.83 -5.35
C TRP X 297 -75.18 76.22 -5.19
N ALA X 298 -74.21 76.34 -4.28
CA ALA X 298 -73.54 77.61 -4.01
C ALA X 298 -74.56 78.67 -3.55
N ASP X 299 -75.06 78.45 -2.33
CA ASP X 299 -76.17 79.18 -1.72
C ASP X 299 -76.20 80.68 -2.02
N SER X 300 -75.08 81.36 -1.91
CA SER X 300 -75.08 82.80 -2.02
C SER X 300 -75.31 83.23 -3.46
N LEU X 301 -75.70 84.49 -3.64
CA LEU X 301 -75.79 85.04 -4.98
C LEU X 301 -74.55 85.79 -5.38
N ALA X 302 -73.61 85.98 -4.46
CA ALA X 302 -72.30 86.52 -4.79
C ALA X 302 -71.33 85.44 -5.23
N ALA X 303 -71.12 84.43 -4.40
CA ALA X 303 -70.21 83.33 -4.74
C ALA X 303 -70.84 82.46 -5.82
N GLY X 304 -70.03 82.05 -6.80
CA GLY X 304 -70.52 81.26 -7.90
C GLY X 304 -69.57 80.13 -8.25
N GLU X 305 -70.19 79.10 -8.86
CA GLU X 305 -69.52 77.93 -9.47
C GLU X 305 -68.57 77.32 -8.45
N PRO X 306 -69.05 76.60 -7.39
CA PRO X 306 -68.21 75.99 -6.35
C PRO X 306 -67.25 74.90 -6.84
N ALA X 307 -67.30 74.54 -8.11
CA ALA X 307 -66.37 73.59 -8.71
C ALA X 307 -66.40 72.22 -8.03
N ARG X 308 -67.50 71.93 -7.33
CA ARG X 308 -67.66 70.66 -6.63
C ARG X 308 -69.16 70.44 -6.53
N LEU X 309 -69.72 69.56 -7.35
CA LEU X 309 -71.14 69.28 -7.31
C LEU X 309 -71.31 67.91 -6.68
N MET X 310 -72.02 67.86 -5.55
CA MET X 310 -72.22 66.64 -4.79
C MET X 310 -70.92 66.01 -4.33
N GLY X 311 -69.82 66.75 -4.38
CA GLY X 311 -68.55 66.24 -3.96
C GLY X 311 -67.67 65.70 -5.05
N TYR X 312 -68.02 65.90 -6.32
CA TYR X 312 -67.24 65.42 -7.44
C TYR X 312 -67.02 66.56 -8.42
N PRO X 313 -65.89 66.58 -9.11
CA PRO X 313 -65.61 67.67 -10.04
C PRO X 313 -66.67 67.78 -11.12
N VAL X 314 -66.65 68.90 -11.82
CA VAL X 314 -67.59 69.16 -12.91
C VAL X 314 -66.81 69.60 -14.12
N LEU X 315 -67.02 68.92 -15.25
CA LEU X 315 -66.40 69.29 -16.51
C LEU X 315 -67.45 69.95 -17.39
N ILE X 316 -67.25 71.22 -17.69
CA ILE X 316 -68.21 71.97 -18.52
C ILE X 316 -67.81 71.73 -19.96
N ALA X 317 -68.27 70.62 -20.51
CA ALA X 317 -67.99 70.25 -21.89
C ALA X 317 -69.13 70.79 -22.74
N GLU X 318 -68.82 71.71 -23.64
CA GLU X 318 -69.86 72.41 -24.37
C GLU X 318 -70.53 71.56 -25.43
N ASP X 319 -70.20 70.28 -25.54
CA ASP X 319 -70.73 69.45 -26.60
C ASP X 319 -71.84 68.53 -26.15
N MET X 320 -72.18 68.52 -24.87
CA MET X 320 -73.31 67.70 -24.48
C MET X 320 -74.62 68.39 -24.83
N PRO X 321 -75.66 67.63 -25.16
CA PRO X 321 -76.94 68.24 -25.48
C PRO X 321 -77.52 68.97 -24.30
N ASP X 322 -77.99 70.18 -24.54
CA ASP X 322 -78.65 70.96 -23.50
C ASP X 322 -80.01 70.35 -23.19
N ILE X 323 -80.66 70.90 -22.18
CA ILE X 323 -81.92 70.32 -21.70
C ILE X 323 -82.97 70.37 -22.79
N ALA X 324 -83.62 69.24 -23.02
CA ALA X 324 -84.63 69.10 -24.06
C ALA X 324 -85.63 68.05 -23.58
N ALA X 325 -86.43 67.52 -24.51
CA ALA X 325 -87.45 66.56 -24.12
C ALA X 325 -86.83 65.28 -23.57
N ASN X 326 -85.98 64.61 -24.35
CA ASN X 326 -85.34 63.37 -23.95
C ASN X 326 -83.83 63.49 -23.99
N ALA X 327 -83.31 64.64 -23.59
CA ALA X 327 -81.90 64.90 -23.70
C ALA X 327 -81.15 64.33 -22.51
N TYR X 328 -79.95 63.82 -22.75
CA TYR X 328 -79.08 63.34 -21.69
C TYR X 328 -78.06 64.43 -21.35
N ALA X 329 -78.57 65.47 -20.69
CA ALA X 329 -77.77 66.68 -20.54
C ALA X 329 -76.66 66.53 -19.50
N ILE X 330 -76.83 65.67 -18.51
CA ILE X 330 -75.85 65.46 -17.46
C ILE X 330 -75.41 64.00 -17.51
N ALA X 331 -74.11 63.78 -17.58
CA ALA X 331 -73.54 62.44 -17.58
C ALA X 331 -72.49 62.38 -16.48
N PHE X 332 -72.80 61.71 -15.40
CA PHE X 332 -71.89 61.52 -14.28
C PHE X 332 -71.27 60.14 -14.40
N GLY X 333 -69.96 60.07 -14.35
CA GLY X 333 -69.31 58.79 -14.46
C GLY X 333 -67.81 58.91 -14.37
N ASP X 334 -67.18 57.78 -14.08
CA ASP X 334 -65.73 57.67 -14.08
C ASP X 334 -65.29 57.44 -15.51
N PHE X 335 -64.80 58.49 -16.16
CA PHE X 335 -64.36 58.36 -17.54
C PHE X 335 -62.93 57.89 -17.65
N GLY X 336 -62.17 57.88 -16.55
CA GLY X 336 -60.86 57.26 -16.58
C GLY X 336 -60.93 55.82 -17.01
N ASN X 337 -61.93 55.09 -16.51
CA ASN X 337 -62.16 53.71 -16.92
C ASN X 337 -63.27 53.59 -17.95
N GLY X 338 -64.20 54.53 -17.97
CA GLY X 338 -65.36 54.42 -18.82
C GLY X 338 -65.10 54.71 -20.27
N TYR X 339 -64.28 55.72 -20.56
CA TYR X 339 -63.98 56.13 -21.92
C TYR X 339 -62.50 55.96 -22.19
N THR X 340 -62.17 55.19 -23.21
CA THR X 340 -60.79 54.95 -23.61
C THR X 340 -60.52 55.67 -24.93
N ILE X 341 -59.57 56.59 -24.91
CA ILE X 341 -59.23 57.41 -26.06
C ILE X 341 -57.93 56.87 -26.64
N ALA X 342 -57.99 56.30 -27.82
CA ALA X 342 -56.80 55.83 -28.52
C ALA X 342 -56.37 56.89 -29.51
N GLU X 343 -55.07 57.13 -29.58
CA GLU X 343 -54.58 58.21 -30.43
C GLU X 343 -53.14 57.96 -30.80
N ARG X 344 -52.68 58.70 -31.79
CA ARG X 344 -51.27 58.77 -32.11
C ARG X 344 -50.78 60.16 -31.75
N PRO X 345 -49.91 60.30 -30.78
CA PRO X 345 -49.74 61.57 -30.08
C PRO X 345 -48.95 62.63 -30.85
N ASP X 346 -49.30 62.84 -32.11
CA ASP X 346 -48.65 63.87 -32.89
C ASP X 346 -49.54 64.27 -34.05
N LEU X 347 -49.15 65.36 -34.71
CA LEU X 347 -49.89 65.91 -35.83
C LEU X 347 -48.96 65.92 -37.04
N ARG X 348 -49.25 65.07 -38.01
CA ARG X 348 -48.48 65.04 -39.24
C ARG X 348 -48.95 66.17 -40.15
N VAL X 349 -47.99 66.86 -40.76
CA VAL X 349 -48.26 68.05 -41.53
C VAL X 349 -47.58 67.92 -42.88
N LEU X 350 -48.22 68.44 -43.92
CA LEU X 350 -47.72 68.29 -45.28
C LEU X 350 -48.20 69.46 -46.11
N ARG X 351 -47.28 70.34 -46.53
CA ARG X 351 -47.58 71.41 -47.45
C ARG X 351 -47.06 71.04 -48.83
N ASP X 352 -47.81 71.40 -49.87
CA ASP X 352 -47.43 71.06 -51.24
C ASP X 352 -47.69 72.21 -52.17
N PRO X 353 -46.67 72.97 -52.55
CA PRO X 353 -46.82 73.91 -53.66
C PRO X 353 -47.05 73.21 -54.99
N PHE X 354 -47.11 71.88 -54.99
CA PHE X 354 -47.06 71.08 -56.21
C PHE X 354 -48.44 70.78 -56.76
N SER X 355 -49.43 70.58 -55.90
CA SER X 355 -50.76 70.24 -56.38
C SER X 355 -51.39 71.41 -57.13
N ALA X 356 -51.62 72.51 -56.44
CA ALA X 356 -52.06 73.76 -57.05
C ALA X 356 -50.86 74.68 -57.14
N LYS X 357 -50.51 75.11 -58.37
CA LYS X 357 -49.20 75.71 -58.56
C LYS X 357 -49.05 77.05 -57.86
N PRO X 358 -49.88 78.07 -58.11
CA PRO X 358 -49.68 79.34 -57.40
C PRO X 358 -50.18 79.35 -55.97
N HIS X 359 -50.69 78.22 -55.47
CA HIS X 359 -51.15 78.07 -54.10
C HIS X 359 -50.19 77.17 -53.34
N VAL X 360 -50.51 76.92 -52.06
CA VAL X 360 -49.67 76.09 -51.22
C VAL X 360 -50.41 74.89 -50.64
N LEU X 361 -51.68 75.07 -50.27
CA LEU X 361 -52.53 73.93 -49.91
C LEU X 361 -51.98 73.15 -48.73
N PHE X 362 -51.90 73.82 -47.58
CA PHE X 362 -51.43 73.20 -46.36
C PHE X 362 -52.31 72.01 -46.00
N TYR X 363 -51.70 70.87 -45.69
CA TYR X 363 -52.44 69.68 -45.32
C TYR X 363 -51.90 69.18 -44.00
N ALA X 364 -52.71 69.27 -42.95
CA ALA X 364 -52.35 68.79 -41.63
C ALA X 364 -53.48 67.91 -41.12
N SER X 365 -53.12 66.75 -40.58
CA SER X 365 -54.11 65.79 -40.11
C SER X 365 -53.56 65.05 -38.91
N LYS X 366 -54.44 64.70 -37.99
CA LYS X 366 -54.10 63.85 -36.87
C LYS X 366 -55.13 62.74 -36.78
N ARG X 367 -54.77 61.66 -36.10
CA ARG X 367 -55.65 60.51 -36.03
C ARG X 367 -55.89 60.11 -34.59
N VAL X 368 -57.14 59.72 -34.31
CA VAL X 368 -57.62 59.53 -32.95
C VAL X 368 -58.90 58.71 -33.01
N GLY X 369 -59.23 58.03 -31.93
CA GLY X 369 -60.47 57.28 -31.86
C GLY X 369 -60.73 56.86 -30.43
N GLY X 370 -61.97 56.46 -30.19
CA GLY X 370 -62.33 56.04 -28.84
C GLY X 370 -63.79 55.79 -28.60
N ASP X 371 -64.12 54.77 -27.81
CA ASP X 371 -65.51 54.56 -27.42
C ASP X 371 -65.54 54.13 -25.95
N VAL X 372 -66.72 53.79 -25.46
CA VAL X 372 -66.89 53.39 -24.08
C VAL X 372 -66.26 52.02 -23.87
N SER X 373 -65.25 51.97 -23.01
CA SER X 373 -64.58 50.70 -22.70
C SER X 373 -65.22 49.96 -21.55
N ASP X 374 -65.75 50.67 -20.55
CA ASP X 374 -66.38 50.06 -19.39
C ASP X 374 -67.75 50.69 -19.23
N PHE X 375 -68.79 49.93 -19.58
CA PHE X 375 -70.14 50.47 -19.57
C PHE X 375 -70.65 50.77 -18.18
N ALA X 376 -70.05 50.18 -17.16
CA ALA X 376 -70.52 50.40 -15.80
C ALA X 376 -69.98 51.67 -15.18
N ALA X 377 -69.09 52.38 -15.87
CA ALA X 377 -68.40 53.52 -15.29
C ALA X 377 -68.92 54.86 -15.75
N ILE X 378 -70.08 54.89 -16.42
CA ILE X 378 -70.69 56.14 -16.86
C ILE X 378 -72.19 56.00 -16.70
N LYS X 379 -72.80 56.90 -15.94
CA LYS X 379 -74.24 56.93 -15.80
C LYS X 379 -74.78 58.24 -16.36
N LEU X 380 -75.99 58.17 -16.92
CA LEU X 380 -76.58 59.29 -17.63
C LEU X 380 -77.81 59.80 -16.90
N LEU X 381 -78.24 61.00 -17.26
CA LEU X 381 -79.41 61.63 -16.66
C LEU X 381 -80.37 62.04 -17.77
N LYS X 382 -81.36 61.19 -18.04
CA LYS X 382 -82.37 61.49 -19.04
C LYS X 382 -83.41 62.41 -18.41
N PHE X 383 -84.00 63.28 -19.24
CA PHE X 383 -84.91 64.29 -18.75
C PHE X 383 -86.37 63.98 -19.09
N ALA X 384 -86.70 62.74 -19.43
CA ALA X 384 -88.03 62.42 -19.92
C ALA X 384 -88.99 61.90 -18.85
N ALA X 385 -88.65 60.76 -18.24
CA ALA X 385 -89.61 60.09 -17.37
C ALA X 385 -89.62 60.71 -15.99
N ALA Y 89 -50.49 47.99 -50.20
CA ALA Y 89 -51.50 47.97 -51.25
C ALA Y 89 -52.44 49.16 -51.10
N LEU Y 90 -53.66 48.99 -51.59
CA LEU Y 90 -54.62 50.07 -51.59
C LEU Y 90 -55.17 50.26 -50.18
N ASN Y 91 -56.32 50.93 -50.08
CA ASN Y 91 -56.93 51.30 -48.80
C ASN Y 91 -56.95 50.14 -47.82
N SER Y 92 -56.84 50.48 -46.55
CA SER Y 92 -56.95 49.53 -45.45
C SER Y 92 -58.38 49.39 -44.95
N ALA Y 93 -59.36 49.84 -45.72
CA ALA Y 93 -60.76 49.64 -45.35
C ALA Y 93 -61.28 48.32 -45.90
N VAL Y 94 -61.22 48.15 -47.22
CA VAL Y 94 -61.63 46.90 -47.84
C VAL Y 94 -60.67 45.80 -47.41
N ALA Y 95 -61.22 44.69 -46.92
CA ALA Y 95 -60.38 43.63 -46.37
C ALA Y 95 -59.49 43.01 -47.42
N ALA Y 96 -60.01 42.84 -48.64
CA ALA Y 96 -59.22 42.21 -49.69
C ALA Y 96 -58.09 43.11 -50.15
N GLU Y 97 -58.35 44.40 -50.32
CA GLU Y 97 -57.34 45.28 -50.88
C GLU Y 97 -56.15 45.44 -49.93
N GLY Y 98 -56.42 45.91 -48.72
CA GLY Y 98 -55.35 46.00 -47.75
C GLY Y 98 -55.80 45.79 -46.32
N GLY Y 99 -57.07 45.46 -46.12
CA GLY Y 99 -57.60 45.39 -44.78
C GLY Y 99 -57.00 44.31 -43.92
N TYR Y 100 -56.42 43.28 -44.54
CA TYR Y 100 -55.82 42.19 -43.80
C TYR Y 100 -54.45 42.53 -43.26
N LEU Y 101 -53.78 43.52 -43.85
CA LEU Y 101 -52.41 43.84 -43.48
C LEU Y 101 -52.33 44.54 -42.13
N VAL Y 102 -53.41 45.10 -41.65
CA VAL Y 102 -53.42 45.87 -40.42
C VAL Y 102 -53.99 45.02 -39.29
N ASP Y 103 -53.30 45.02 -38.14
CA ASP Y 103 -53.73 44.30 -36.97
C ASP Y 103 -53.82 45.26 -35.79
N PRO Y 104 -54.84 45.10 -34.94
CA PRO Y 104 -55.00 46.01 -33.81
C PRO Y 104 -53.98 45.76 -32.71
N GLN Y 105 -53.80 46.78 -31.88
CA GLN Y 105 -53.08 46.61 -30.62
C GLN Y 105 -54.06 46.16 -29.56
N THR Y 106 -53.74 45.09 -28.85
CA THR Y 106 -54.74 44.50 -27.97
C THR Y 106 -54.87 45.27 -26.67
N SER Y 107 -53.88 45.16 -25.79
CA SER Y 107 -53.96 45.78 -24.48
C SER Y 107 -52.70 45.40 -23.71
N GLU Y 108 -52.48 46.09 -22.60
CA GLU Y 108 -51.43 45.69 -21.70
C GLU Y 108 -51.93 44.76 -20.61
N THR Y 109 -53.23 44.73 -20.38
CA THR Y 109 -53.83 43.91 -19.32
C THR Y 109 -55.28 43.66 -19.69
N ILE Y 110 -55.87 42.67 -19.03
CA ILE Y 110 -57.27 42.34 -19.24
C ILE Y 110 -58.07 43.06 -18.15
N ARG Y 111 -58.67 44.18 -18.50
CA ARG Y 111 -59.36 44.99 -17.51
C ARG Y 111 -60.64 44.30 -17.07
N GLY Y 112 -61.28 44.88 -16.06
CA GLY Y 112 -62.50 44.29 -15.57
C GLY Y 112 -63.32 45.29 -14.79
N VAL Y 113 -64.57 44.90 -14.52
CA VAL Y 113 -65.47 45.74 -13.75
C VAL Y 113 -64.91 45.94 -12.35
N LEU Y 114 -65.07 47.15 -11.82
CA LEU Y 114 -64.61 47.46 -10.48
C LEU Y 114 -65.73 47.16 -9.50
N ARG Y 115 -65.48 46.27 -8.55
CA ARG Y 115 -66.48 45.86 -7.59
C ARG Y 115 -66.21 46.52 -6.24
N SER Y 116 -67.12 46.30 -5.30
CA SER Y 116 -67.00 46.93 -4.00
C SER Y 116 -65.83 46.34 -3.21
N THR Y 117 -65.56 46.96 -2.09
CA THR Y 117 -64.53 46.49 -1.17
C THR Y 117 -65.04 46.31 0.24
N ALA Y 118 -65.93 47.18 0.71
CA ALA Y 118 -66.45 47.11 2.06
C ALA Y 118 -67.04 45.74 2.33
N SER Y 119 -66.67 45.15 3.47
CA SER Y 119 -66.95 43.74 3.70
C SER Y 119 -67.46 43.39 5.09
N LEU Y 120 -67.63 44.34 5.99
CA LEU Y 120 -67.96 44.12 7.40
C LEU Y 120 -66.80 43.46 8.10
N ARG Y 121 -65.75 43.11 7.37
CA ARG Y 121 -64.57 42.53 7.97
C ARG Y 121 -63.76 43.56 8.72
N GLN Y 122 -63.83 44.82 8.31
CA GLN Y 122 -63.01 45.85 8.93
C GLN Y 122 -63.68 46.48 10.14
N ILE Y 123 -64.84 46.00 10.55
CA ILE Y 123 -65.47 46.47 11.76
C ILE Y 123 -65.77 45.33 12.73
N ALA Y 124 -65.93 44.11 12.25
CA ALA Y 124 -66.24 42.97 13.08
C ALA Y 124 -65.00 42.51 13.82
N SER Y 125 -65.15 41.50 14.66
CA SER Y 125 -64.06 40.96 15.47
C SER Y 125 -63.49 39.75 14.75
N VAL Y 126 -62.29 39.90 14.22
CA VAL Y 126 -61.63 38.83 13.48
C VAL Y 126 -60.77 38.03 14.45
N VAL Y 127 -60.88 36.71 14.36
CA VAL Y 127 -60.15 35.79 15.24
C VAL Y 127 -59.46 34.76 14.38
N ASN Y 128 -58.13 34.74 14.44
CA ASN Y 128 -57.35 33.74 13.72
C ASN Y 128 -57.41 32.43 14.48
N VAL Y 129 -58.28 31.54 14.06
CA VAL Y 129 -58.52 30.27 14.74
C VAL Y 129 -57.79 29.18 13.97
N GLU Y 130 -57.41 28.11 14.67
CA GLU Y 130 -56.72 26.98 14.07
C GLU Y 130 -57.48 25.67 14.13
N ALA Y 131 -58.42 25.53 15.06
CA ALA Y 131 -59.16 24.28 15.21
C ALA Y 131 -60.23 24.20 14.13
N THR Y 132 -61.17 23.27 14.29
CA THR Y 132 -62.28 23.14 13.35
C THR Y 132 -63.48 23.98 13.75
N SER Y 133 -63.41 24.70 14.86
CA SER Y 133 -64.52 25.53 15.32
C SER Y 133 -64.00 26.50 16.36
N PHE Y 134 -64.74 27.57 16.56
CA PHE Y 134 -64.45 28.56 17.59
C PHE Y 134 -65.67 28.68 18.49
N ASP Y 135 -65.48 28.41 19.77
CA ASP Y 135 -66.57 28.40 20.73
C ASP Y 135 -66.45 29.63 21.62
N VAL Y 136 -67.32 30.59 21.41
CA VAL Y 136 -67.38 31.71 22.33
C VAL Y 136 -68.28 31.30 23.49
N LEU Y 137 -68.00 31.83 24.66
CA LEU Y 137 -68.76 31.49 25.87
C LEU Y 137 -69.44 32.76 26.35
N VAL Y 138 -70.76 32.81 26.23
CA VAL Y 138 -71.55 33.97 26.59
C VAL Y 138 -72.59 33.55 27.61
N ASP Y 139 -72.66 34.28 28.71
CA ASP Y 139 -73.71 34.04 29.69
C ASP Y 139 -74.99 34.71 29.22
N LYS Y 140 -76.08 33.95 29.21
CA LYS Y 140 -77.35 34.48 28.73
C LYS Y 140 -77.87 35.58 29.65
N THR Y 141 -77.87 35.34 30.95
CA THR Y 141 -78.51 36.25 31.90
C THR Y 141 -77.48 36.86 32.81
N ASP Y 142 -77.93 37.73 33.71
CA ASP Y 142 -77.06 38.36 34.68
C ASP Y 142 -77.14 37.63 36.02
N MET Y 143 -76.42 38.15 37.01
CA MET Y 143 -76.33 37.50 38.30
C MET Y 143 -77.69 37.40 38.97
N GLY Y 144 -78.30 38.53 39.28
CA GLY Y 144 -79.54 38.51 40.02
C GLY Y 144 -79.29 38.57 41.50
N SER Y 145 -79.77 39.62 42.16
CA SER Y 145 -79.49 39.80 43.59
C SER Y 145 -80.52 40.74 44.17
N GLY Y 146 -81.35 40.23 45.08
CA GLY Y 146 -82.22 41.08 45.85
C GLY Y 146 -81.46 41.84 46.91
N TRP Y 147 -82.08 42.94 47.38
CA TRP Y 147 -81.74 43.55 48.68
C TRP Y 147 -82.10 42.56 49.79
N ALA Y 148 -81.47 42.66 50.97
CA ALA Y 148 -81.69 41.64 52.02
C ALA Y 148 -82.36 42.25 53.26
N SER Y 149 -83.40 41.59 53.78
CA SER Y 149 -84.07 42.06 55.02
C SER Y 149 -83.13 41.93 56.21
N GLU Y 150 -83.22 42.86 57.16
CA GLU Y 150 -82.36 42.82 58.38
C GLU Y 150 -82.47 41.45 59.07
N THR Y 151 -83.53 40.69 58.77
CA THR Y 151 -83.75 39.42 59.46
C THR Y 151 -84.52 38.47 58.55
N ALA Y 152 -83.81 37.60 57.85
CA ALA Y 152 -84.44 36.69 56.91
C ALA Y 152 -83.48 35.55 56.60
N ALA Y 153 -83.78 34.80 55.53
CA ALA Y 153 -82.99 33.62 55.20
C ALA Y 153 -81.81 33.96 54.28
N LEU Y 154 -82.00 34.89 53.36
CA LEU Y 154 -80.99 35.23 52.36
C LEU Y 154 -80.62 33.99 51.55
N SER Y 155 -81.60 33.51 50.79
CA SER Y 155 -81.43 32.29 50.03
C SER Y 155 -80.45 32.49 48.87
N GLU Y 156 -80.08 31.38 48.23
CA GLU Y 156 -79.21 31.41 47.07
C GLU Y 156 -79.90 32.17 45.94
N THR Y 157 -79.20 33.15 45.37
CA THR Y 157 -79.88 34.09 44.48
C THR Y 157 -80.04 33.56 43.06
N ALA Y 158 -78.93 33.43 42.34
CA ALA Y 158 -78.91 32.96 40.96
C ALA Y 158 -77.47 33.03 40.48
N THR Y 159 -77.26 32.56 39.25
CA THR Y 159 -75.97 32.52 38.61
C THR Y 159 -76.21 32.64 37.11
N PRO Y 160 -75.36 33.34 36.38
CA PRO Y 160 -75.59 33.51 34.94
C PRO Y 160 -75.45 32.19 34.23
N GLN Y 161 -76.55 31.66 33.72
CA GLN Y 161 -76.49 30.42 32.98
C GLN Y 161 -75.77 30.67 31.65
N ILE Y 162 -74.61 30.04 31.50
CA ILE Y 162 -73.72 30.35 30.37
C ILE Y 162 -74.14 29.54 29.16
N ASP Y 163 -73.61 29.91 28.00
CA ASP Y 163 -73.91 29.18 26.78
C ASP Y 163 -72.72 29.29 25.84
N ARG Y 164 -72.66 28.38 24.88
CA ARG Y 164 -71.55 28.27 23.97
C ARG Y 164 -72.08 28.44 22.55
N ILE Y 165 -71.53 29.42 21.83
CA ILE Y 165 -71.84 29.61 20.42
C ILE Y 165 -70.68 29.06 19.62
N THR Y 166 -71.00 28.27 18.60
CA THR Y 166 -69.97 27.60 17.80
C THR Y 166 -69.78 28.33 16.49
N ILE Y 167 -68.51 28.46 16.08
CA ILE Y 167 -68.15 29.06 14.80
C ILE Y 167 -67.53 27.96 13.94
N PRO Y 168 -68.31 27.25 13.13
CA PRO Y 168 -67.81 26.00 12.55
C PRO Y 168 -66.68 26.15 11.54
N LEU Y 169 -66.32 27.36 11.14
CA LEU Y 169 -65.14 27.57 10.28
C LEU Y 169 -65.23 26.73 9.00
N HIS Y 170 -66.25 27.02 8.21
CA HIS Y 170 -66.40 26.36 6.91
C HIS Y 170 -65.32 26.85 5.96
N GLU Y 171 -65.38 26.38 4.72
CA GLU Y 171 -64.41 26.80 3.72
C GLU Y 171 -65.09 27.38 2.51
N LEU Y 172 -64.45 28.37 1.91
CA LEU Y 172 -64.92 29.07 0.73
C LEU Y 172 -64.03 28.64 -0.43
N ALA Y 173 -64.57 27.84 -1.34
CA ALA Y 173 -63.77 27.21 -2.36
C ALA Y 173 -64.32 27.51 -3.73
N ALA Y 174 -63.43 27.90 -4.66
CA ALA Y 174 -63.78 28.13 -6.04
C ALA Y 174 -62.86 27.32 -6.92
N MET Y 175 -63.43 26.54 -7.85
CA MET Y 175 -62.67 25.70 -8.77
C MET Y 175 -63.02 26.08 -10.20
N PRO Y 176 -62.41 27.13 -10.74
CA PRO Y 176 -62.63 27.45 -12.15
C PRO Y 176 -61.74 26.62 -13.05
N LYS Y 177 -62.32 26.00 -14.06
CA LYS Y 177 -61.59 25.17 -15.00
C LYS Y 177 -61.17 26.01 -16.20
N ALA Y 178 -59.94 25.80 -16.66
CA ALA Y 178 -59.42 26.52 -17.81
C ALA Y 178 -58.82 25.53 -18.78
N SER Y 179 -59.22 25.61 -20.05
CA SER Y 179 -58.69 24.71 -21.05
C SER Y 179 -57.18 24.88 -21.16
N GLN Y 180 -56.51 23.80 -21.55
CA GLN Y 180 -55.06 23.86 -21.62
C GLN Y 180 -54.59 24.63 -22.84
N ARG Y 181 -55.28 24.48 -23.98
CA ARG Y 181 -54.89 25.21 -25.18
C ARG Y 181 -54.85 26.70 -24.91
N LEU Y 182 -55.95 27.26 -24.42
CA LEU Y 182 -56.00 28.69 -24.10
C LEU Y 182 -54.90 29.07 -23.13
N LEU Y 183 -54.61 28.21 -22.17
CA LEU Y 183 -53.63 28.54 -21.15
C LEU Y 183 -52.22 28.56 -21.71
N ASP Y 184 -51.96 27.87 -22.82
CA ASP Y 184 -50.62 27.81 -23.41
C ASP Y 184 -50.35 28.93 -24.39
N ASP Y 185 -51.35 29.30 -25.20
CA ASP Y 185 -51.10 30.18 -26.33
C ASP Y 185 -51.62 31.60 -26.13
N SER Y 186 -52.41 31.85 -25.10
CA SER Y 186 -52.86 33.22 -24.84
C SER Y 186 -51.66 34.10 -24.49
N ALA Y 187 -51.69 35.33 -24.98
CA ALA Y 187 -50.62 36.27 -24.68
C ALA Y 187 -50.73 36.83 -23.28
N PHE Y 188 -51.86 36.67 -22.61
CA PHE Y 188 -52.06 37.17 -21.26
C PHE Y 188 -51.70 36.08 -20.26
N ASP Y 189 -51.15 36.50 -19.13
CA ASP Y 189 -50.88 35.55 -18.06
C ASP Y 189 -52.21 35.19 -17.42
N ILE Y 190 -52.86 34.14 -17.92
CA ILE Y 190 -54.18 33.79 -17.40
C ILE Y 190 -54.05 33.12 -16.04
N GLU Y 191 -53.04 32.29 -15.86
CA GLU Y 191 -52.91 31.54 -14.61
C GLU Y 191 -52.77 32.49 -13.42
N THR Y 192 -52.11 33.64 -13.60
CA THR Y 192 -52.07 34.64 -12.55
C THR Y 192 -53.25 35.60 -12.61
N TRP Y 193 -54.00 35.61 -13.70
CA TRP Y 193 -55.19 36.42 -13.75
C TRP Y 193 -56.30 35.80 -12.92
N LEU Y 194 -56.46 34.48 -12.99
CA LEU Y 194 -57.42 33.82 -12.13
C LEU Y 194 -57.03 33.97 -10.67
N ALA Y 195 -55.74 33.93 -10.37
CA ALA Y 195 -55.30 34.08 -8.99
C ALA Y 195 -55.68 35.43 -8.43
N ASN Y 196 -55.77 36.46 -9.28
CA ASN Y 196 -56.25 37.75 -8.83
C ASN Y 196 -57.76 37.76 -8.70
N ARG Y 197 -58.46 37.21 -9.69
CA ARG Y 197 -59.91 37.23 -9.66
C ARG Y 197 -60.46 36.35 -8.54
N ILE Y 198 -59.76 35.26 -8.20
CA ILE Y 198 -60.25 34.37 -7.16
C ILE Y 198 -60.12 35.02 -5.79
N ALA Y 199 -58.94 35.55 -5.48
CA ALA Y 199 -58.75 36.25 -4.22
C ALA Y 199 -59.73 37.41 -4.09
N ASP Y 200 -60.19 37.96 -5.20
CA ASP Y 200 -61.19 39.02 -5.16
C ASP Y 200 -62.58 38.44 -4.94
N LYS Y 201 -62.89 37.31 -5.57
CA LYS Y 201 -64.21 36.73 -5.38
C LYS Y 201 -64.37 36.19 -3.97
N PHE Y 202 -63.30 35.66 -3.38
CA PHE Y 202 -63.38 35.21 -1.99
C PHE Y 202 -63.65 36.38 -1.06
N ALA Y 203 -62.84 37.42 -1.15
CA ALA Y 203 -63.05 38.60 -0.31
C ALA Y 203 -64.41 39.21 -0.52
N ARG Y 204 -65.06 38.91 -1.64
CA ARG Y 204 -66.36 39.47 -1.95
C ARG Y 204 -67.50 38.51 -1.68
N ALA Y 205 -67.25 37.20 -1.76
CA ALA Y 205 -68.29 36.21 -1.50
C ALA Y 205 -68.41 35.86 -0.03
N GLU Y 206 -67.35 36.06 0.76
CA GLU Y 206 -67.48 35.88 2.19
C GLU Y 206 -68.15 37.09 2.83
N ALA Y 207 -68.03 38.25 2.21
CA ALA Y 207 -68.68 39.44 2.76
C ALA Y 207 -70.19 39.31 2.69
N ALA Y 208 -70.71 38.74 1.61
CA ALA Y 208 -72.14 38.49 1.53
C ALA Y 208 -72.56 37.40 2.50
N ALA Y 209 -71.62 36.53 2.87
CA ALA Y 209 -71.93 35.49 3.86
C ALA Y 209 -72.07 36.07 5.25
N PHE Y 210 -71.23 37.05 5.59
CA PHE Y 210 -71.29 37.65 6.92
C PHE Y 210 -72.55 38.44 7.14
N ILE Y 211 -73.24 38.85 6.09
CA ILE Y 211 -74.41 39.68 6.22
C ILE Y 211 -75.70 38.89 6.03
N SER Y 212 -75.74 38.02 5.01
CA SER Y 212 -76.98 37.36 4.64
C SER Y 212 -76.78 35.87 4.44
N GLY Y 213 -75.66 35.31 4.92
CA GLY Y 213 -75.44 33.89 4.76
C GLY Y 213 -76.26 33.11 5.76
N ASP Y 214 -76.80 31.98 5.30
CA ASP Y 214 -77.55 31.12 6.20
C ASP Y 214 -76.57 30.24 6.96
N GLY Y 215 -77.07 29.21 7.61
CA GLY Y 215 -76.20 28.37 8.42
C GLY Y 215 -75.44 27.33 7.65
N VAL Y 216 -76.06 26.73 6.65
CA VAL Y 216 -75.54 25.51 6.05
C VAL Y 216 -74.22 25.79 5.34
N ASP Y 217 -73.15 25.16 5.82
CA ASP Y 217 -71.84 25.18 5.18
C ASP Y 217 -71.32 26.58 4.88
N LYS Y 218 -71.81 27.59 5.60
CA LYS Y 218 -71.37 28.96 5.39
C LYS Y 218 -71.72 29.78 6.61
N PRO Y 219 -71.03 30.89 6.85
CA PRO Y 219 -71.27 31.67 8.06
C PRO Y 219 -72.68 32.22 8.13
N THR Y 220 -73.28 32.17 9.31
CA THR Y 220 -74.64 32.69 9.44
C THR Y 220 -74.53 34.20 9.58
N GLY Y 221 -75.00 34.93 8.57
CA GLY Y 221 -74.95 36.37 8.64
C GLY Y 221 -75.79 36.90 9.78
N PHE Y 222 -75.49 38.12 10.19
CA PHE Y 222 -76.21 38.68 11.32
C PHE Y 222 -77.65 39.02 11.00
N LEU Y 223 -78.04 38.97 9.73
CA LEU Y 223 -79.42 39.22 9.35
C LEU Y 223 -80.30 37.99 9.44
N THR Y 224 -79.71 36.80 9.41
CA THR Y 224 -80.46 35.56 9.55
C THR Y 224 -80.49 35.08 11.00
N LYS Y 225 -80.94 35.95 11.91
CA LYS Y 225 -80.88 35.67 13.34
C LYS Y 225 -82.21 35.99 14.01
N THR Y 226 -83.31 35.52 13.42
CA THR Y 226 -84.66 35.58 13.98
C THR Y 226 -84.95 36.87 14.73
N LYS Y 227 -84.98 37.98 14.00
CA LYS Y 227 -85.15 39.30 14.61
C LYS Y 227 -86.46 39.39 15.38
N VAL Y 228 -86.43 40.12 16.49
CA VAL Y 228 -87.58 40.32 17.36
C VAL Y 228 -87.76 41.82 17.58
N ALA Y 229 -89.01 42.23 17.69
CA ALA Y 229 -89.30 43.65 17.92
C ALA Y 229 -88.64 44.13 19.21
N ASN Y 230 -87.86 45.19 19.09
CA ASN Y 230 -87.16 45.72 20.25
C ASN Y 230 -88.17 46.17 21.30
N GLY Y 231 -87.73 46.16 22.55
CA GLY Y 231 -88.66 46.39 23.64
C GLY Y 231 -89.05 45.04 24.22
N ALA Y 232 -89.26 44.07 23.35
CA ALA Y 232 -89.43 42.68 23.73
C ALA Y 232 -88.19 41.85 23.40
N TRP Y 233 -87.02 42.48 23.50
CA TRP Y 233 -85.78 41.85 23.07
C TRP Y 233 -85.35 40.75 24.04
N ALA Y 234 -84.81 39.67 23.49
CA ALA Y 234 -84.29 38.55 24.25
C ALA Y 234 -82.89 38.24 23.76
N TRP Y 235 -82.23 37.28 24.40
CA TRP Y 235 -80.85 36.99 24.02
C TRP Y 235 -80.77 36.27 22.68
N GLY Y 236 -81.76 35.47 22.35
CA GLY Y 236 -81.68 34.70 21.13
C GLY Y 236 -81.89 35.43 19.84
N SER Y 237 -82.18 36.73 19.88
CA SER Y 237 -82.63 37.45 18.71
C SER Y 237 -82.05 38.85 18.68
N LEU Y 238 -82.08 39.45 17.50
CA LEU Y 238 -81.66 40.84 17.31
C LEU Y 238 -82.88 41.74 17.28
N GLY Y 239 -82.77 42.87 17.97
CA GLY Y 239 -83.87 43.81 18.04
C GLY Y 239 -83.89 44.75 16.85
N TYR Y 240 -85.08 45.08 16.39
CA TYR Y 240 -85.26 45.95 15.26
C TYR Y 240 -86.24 47.06 15.61
N VAL Y 241 -86.14 48.17 14.89
CA VAL Y 241 -87.09 49.26 15.00
C VAL Y 241 -87.71 49.48 13.63
N ALA Y 242 -89.01 49.75 13.62
CA ALA Y 242 -89.74 49.89 12.38
C ALA Y 242 -89.84 51.35 12.00
N THR Y 243 -89.84 51.61 10.69
CA THR Y 243 -89.87 52.98 10.21
C THR Y 243 -91.27 53.56 10.28
N GLY Y 244 -92.23 52.89 9.66
CA GLY Y 244 -93.49 53.53 9.38
C GLY Y 244 -94.12 52.90 8.16
N ALA Y 245 -94.41 53.71 7.14
CA ALA Y 245 -94.92 53.18 5.88
C ALA Y 245 -94.11 51.97 5.45
N ALA Y 246 -94.82 50.95 4.96
CA ALA Y 246 -94.19 49.64 4.74
C ALA Y 246 -93.17 49.67 3.62
N GLY Y 247 -93.33 50.55 2.64
CA GLY Y 247 -92.42 50.53 1.51
C GLY Y 247 -91.05 51.07 1.84
N ASP Y 248 -90.98 52.17 2.59
CA ASP Y 248 -89.74 52.90 2.74
C ASP Y 248 -89.81 53.73 4.02
N PHE Y 249 -88.93 54.72 4.13
CA PHE Y 249 -88.91 55.64 5.27
C PHE Y 249 -90.27 56.25 5.52
N ALA Y 250 -90.49 56.76 6.72
CA ALA Y 250 -91.77 57.40 7.05
C ALA Y 250 -91.98 58.62 6.17
N ALA Y 251 -93.13 58.67 5.50
CA ALA Y 251 -93.36 59.75 4.54
C ALA Y 251 -93.65 61.07 5.24
N VAL Y 252 -94.38 61.02 6.37
CA VAL Y 252 -94.79 62.25 7.03
C VAL Y 252 -93.59 63.00 7.60
N ASN Y 253 -92.72 62.28 8.32
CA ASN Y 253 -91.51 62.88 8.86
C ASN Y 253 -90.45 61.79 8.94
N ALA Y 254 -89.60 61.72 7.92
CA ALA Y 254 -88.53 60.72 7.91
C ALA Y 254 -87.48 61.10 8.93
N SER Y 255 -86.40 60.31 8.97
CA SER Y 255 -85.20 60.56 9.76
C SER Y 255 -85.43 60.46 11.25
N ASP Y 256 -86.66 60.26 11.70
CA ASP Y 256 -86.85 59.90 13.10
C ASP Y 256 -86.63 58.42 13.31
N ALA Y 257 -86.95 57.60 12.32
CA ALA Y 257 -86.68 56.19 12.38
C ALA Y 257 -85.19 55.89 12.41
N VAL Y 258 -84.36 56.85 11.99
CA VAL Y 258 -82.92 56.67 12.12
C VAL Y 258 -82.46 57.08 13.51
N VAL Y 259 -83.09 58.10 14.09
CA VAL Y 259 -82.69 58.55 15.41
C VAL Y 259 -83.03 57.49 16.45
N ASP Y 260 -84.24 56.96 16.41
CA ASP Y 260 -84.58 55.98 17.42
C ASP Y 260 -83.94 54.63 17.16
N LEU Y 261 -83.28 54.45 16.03
CA LEU Y 261 -82.43 53.28 15.84
C LEU Y 261 -81.10 53.46 16.56
N VAL Y 262 -80.57 54.69 16.56
CA VAL Y 262 -79.33 54.96 17.27
C VAL Y 262 -79.54 54.78 18.77
N TYR Y 263 -80.70 55.20 19.26
CA TYR Y 263 -80.96 55.22 20.69
C TYR Y 263 -81.63 53.95 21.19
N ALA Y 264 -81.90 53.00 20.31
CA ALA Y 264 -82.42 51.70 20.70
C ALA Y 264 -81.31 50.71 20.99
N LEU Y 265 -80.05 51.11 20.87
CA LEU Y 265 -78.94 50.18 20.90
C LEU Y 265 -78.46 49.91 22.32
N GLY Y 266 -78.04 50.95 23.04
CA GLY Y 266 -77.49 50.76 24.36
C GLY Y 266 -76.30 51.66 24.58
N ALA Y 267 -76.28 52.35 25.71
CA ALA Y 267 -75.28 53.39 25.94
C ALA Y 267 -73.85 52.86 25.94
N GLU Y 268 -73.67 51.56 26.09
CA GLU Y 268 -72.33 50.99 26.16
C GLU Y 268 -71.79 50.53 24.83
N TYR Y 269 -72.64 50.14 23.89
CA TYR Y 269 -72.17 49.78 22.56
C TYR Y 269 -72.09 50.97 21.63
N ARG Y 270 -72.82 52.06 21.90
CA ARG Y 270 -72.70 53.26 21.09
C ARG Y 270 -71.37 53.95 21.22
N ALA Y 271 -70.49 53.49 22.12
CA ALA Y 271 -69.18 54.11 22.23
C ALA Y 271 -68.44 54.01 20.91
N ASN Y 272 -68.45 52.84 20.29
CA ASN Y 272 -67.92 52.65 18.94
C ASN Y 272 -68.87 51.72 18.18
N ALA Y 273 -69.85 52.32 17.52
CA ALA Y 273 -70.78 51.63 16.66
C ALA Y 273 -70.83 52.34 15.33
N SER Y 274 -71.25 51.62 14.29
CA SER Y 274 -71.28 52.18 12.96
C SER Y 274 -72.47 51.61 12.19
N PHE Y 275 -73.04 52.43 11.33
CA PHE Y 275 -74.12 51.97 10.48
C PHE Y 275 -73.58 51.02 9.42
N VAL Y 276 -74.46 50.17 8.90
CA VAL Y 276 -74.12 49.27 7.82
C VAL Y 276 -75.25 49.28 6.81
N MET Y 277 -75.03 49.95 5.69
CA MET Y 277 -76.02 50.05 4.63
C MET Y 277 -75.35 49.71 3.31
N ASN Y 278 -76.16 49.66 2.25
CA ASN Y 278 -75.60 49.58 0.91
C ASN Y 278 -75.62 50.95 0.28
N SER Y 279 -75.16 51.03 -0.97
CA SER Y 279 -75.06 52.33 -1.63
C SER Y 279 -76.43 52.94 -1.85
N LYS Y 280 -77.32 52.21 -2.51
CA LYS Y 280 -78.61 52.78 -2.88
C LYS Y 280 -79.50 53.06 -1.68
N THR Y 281 -79.10 52.67 -0.47
CA THR Y 281 -79.82 53.10 0.72
C THR Y 281 -79.28 54.43 1.22
N ALA Y 282 -77.96 54.56 1.33
CA ALA Y 282 -77.39 55.86 1.65
C ALA Y 282 -77.80 56.87 0.60
N GLY Y 283 -78.06 56.42 -0.62
CA GLY Y 283 -78.68 57.28 -1.60
C GLY Y 283 -80.07 57.70 -1.21
N ALA Y 284 -80.77 56.87 -0.44
CA ALA Y 284 -82.09 57.24 0.04
C ALA Y 284 -82.04 58.04 1.33
N VAL Y 285 -81.10 57.71 2.21
CA VAL Y 285 -80.89 58.52 3.41
C VAL Y 285 -80.47 59.92 3.03
N ARG Y 286 -79.71 60.06 1.95
CA ARG Y 286 -79.27 61.39 1.53
C ARG Y 286 -80.41 62.17 0.88
N LYS Y 287 -81.36 61.50 0.26
CA LYS Y 287 -82.51 62.17 -0.33
C LYS Y 287 -83.53 62.62 0.71
N MET Y 288 -83.20 62.52 1.99
CA MET Y 288 -84.10 63.02 3.03
C MET Y 288 -83.90 64.51 3.20
N LYS Y 289 -85.00 65.24 3.20
CA LYS Y 289 -84.95 66.69 3.26
C LYS Y 289 -86.01 67.19 4.21
N ASP Y 290 -85.89 68.47 4.59
CA ASP Y 290 -86.84 69.12 5.45
C ASP Y 290 -87.96 69.71 4.60
N ALA Y 291 -88.83 70.52 5.21
CA ALA Y 291 -89.95 71.08 4.46
C ALA Y 291 -89.48 71.98 3.33
N ASP Y 292 -88.35 72.65 3.49
CA ASP Y 292 -87.83 73.49 2.42
C ASP Y 292 -87.15 72.66 1.34
N GLY Y 293 -86.64 71.49 1.69
CA GLY Y 293 -85.92 70.68 0.73
C GLY Y 293 -84.43 70.91 0.81
N ARG Y 294 -83.87 70.85 2.02
CA ARG Y 294 -82.50 71.24 2.25
C ARG Y 294 -81.60 70.09 2.71
N PHE Y 295 -81.97 68.84 2.42
CA PHE Y 295 -81.03 67.72 2.54
C PHE Y 295 -80.47 67.61 3.97
N LEU Y 296 -81.34 67.19 4.89
CA LEU Y 296 -81.00 67.02 6.29
C LEU Y 296 -79.57 66.51 6.52
N TRP Y 297 -79.13 65.58 5.68
CA TRP Y 297 -77.75 65.10 5.70
C TRP Y 297 -76.99 65.77 4.57
N ALA Y 298 -75.94 66.52 4.91
CA ALA Y 298 -75.10 67.20 3.93
C ALA Y 298 -75.92 68.18 3.08
N ASP Y 299 -76.32 69.26 3.75
CA ASP Y 299 -77.36 70.17 3.24
C ASP Y 299 -77.08 70.67 1.83
N SER Y 300 -75.83 71.03 1.54
CA SER Y 300 -75.55 71.64 0.24
C SER Y 300 -75.48 70.59 -0.86
N LEU Y 301 -75.62 71.04 -2.11
CA LEU Y 301 -75.32 70.18 -3.24
C LEU Y 301 -73.85 70.14 -3.58
N ALA Y 302 -73.00 70.74 -2.75
CA ALA Y 302 -71.56 70.71 -2.94
C ALA Y 302 -70.86 69.97 -1.82
N ALA Y 303 -71.57 69.09 -1.13
CA ALA Y 303 -71.07 68.56 0.14
C ALA Y 303 -70.27 67.28 -0.05
N GLY Y 304 -70.89 66.26 -0.61
CA GLY Y 304 -70.29 64.95 -0.63
C GLY Y 304 -70.86 64.06 0.44
N GLU Y 305 -70.30 62.87 0.59
CA GLU Y 305 -70.85 61.90 1.56
C GLU Y 305 -70.13 62.09 2.89
N PRO Y 306 -70.75 62.71 3.95
CA PRO Y 306 -70.10 63.03 5.23
C PRO Y 306 -69.62 61.79 5.98
N ALA Y 307 -70.27 60.65 5.76
CA ALA Y 307 -69.86 59.38 6.34
C ALA Y 307 -69.78 59.42 7.86
N ARG Y 308 -70.57 60.31 8.47
CA ARG Y 308 -70.67 60.39 9.92
C ARG Y 308 -72.12 60.57 10.31
N LEU Y 309 -73.00 59.79 9.71
CA LEU Y 309 -74.44 59.89 9.97
C LEU Y 309 -74.73 59.75 11.46
N MET Y 310 -75.31 60.80 12.04
CA MET Y 310 -75.68 60.84 13.46
C MET Y 310 -74.48 60.69 14.37
N GLY Y 311 -73.32 61.11 13.92
CA GLY Y 311 -72.12 61.07 14.73
C GLY Y 311 -71.38 59.75 14.73
N TYR Y 312 -71.87 58.75 14.00
CA TYR Y 312 -71.26 57.44 13.94
C TYR Y 312 -70.85 57.12 12.52
N PRO Y 313 -69.77 56.37 12.32
CA PRO Y 313 -69.34 56.03 10.97
C PRO Y 313 -70.41 55.27 10.22
N VAL Y 314 -70.23 55.19 8.91
CA VAL Y 314 -71.12 54.44 8.04
C VAL Y 314 -70.28 53.51 7.19
N LEU Y 315 -70.66 52.23 7.17
CA LEU Y 315 -70.04 51.27 6.28
C LEU Y 315 -71.00 51.02 5.14
N ILE Y 316 -70.56 51.32 3.92
CA ILE Y 316 -71.41 51.12 2.74
C ILE Y 316 -71.12 49.69 2.27
N ALA Y 317 -71.81 48.74 2.91
CA ALA Y 317 -71.66 47.33 2.61
C ALA Y 317 -72.68 46.94 1.56
N GLU Y 318 -72.23 46.79 0.32
CA GLU Y 318 -73.12 46.53 -0.80
C GLU Y 318 -73.82 45.19 -0.72
N ASP Y 319 -73.58 44.41 0.32
CA ASP Y 319 -74.23 43.12 0.48
C ASP Y 319 -75.43 43.16 1.41
N MET Y 320 -75.77 44.35 1.94
CA MET Y 320 -76.98 44.50 2.71
C MET Y 320 -78.18 44.50 1.77
N PRO Y 321 -79.37 44.18 2.27
CA PRO Y 321 -80.55 44.25 1.43
C PRO Y 321 -80.96 45.68 1.16
N ASP Y 322 -81.61 45.89 0.03
CA ASP Y 322 -82.09 47.20 -0.34
C ASP Y 322 -83.47 47.44 0.27
N ILE Y 323 -83.98 48.65 0.09
CA ILE Y 323 -85.27 49.02 0.65
C ILE Y 323 -86.37 48.20 -0.01
N ALA Y 324 -87.19 47.54 0.79
CA ALA Y 324 -88.24 46.68 0.29
C ALA Y 324 -89.41 46.73 1.28
N ALA Y 325 -90.33 45.78 1.16
CA ALA Y 325 -91.55 45.80 1.97
C ALA Y 325 -91.27 45.48 3.43
N ASN Y 326 -90.32 44.60 3.70
CA ASN Y 326 -89.98 44.28 5.08
C ASN Y 326 -88.47 44.14 5.27
N ALA Y 327 -87.67 44.70 4.39
CA ALA Y 327 -86.23 44.49 4.43
C ALA Y 327 -85.59 45.26 5.57
N TYR Y 328 -84.54 44.67 6.12
CA TYR Y 328 -83.74 45.31 7.17
C TYR Y 328 -82.54 46.00 6.51
N ALA Y 329 -82.87 47.01 5.70
CA ALA Y 329 -81.87 47.62 4.83
C ALA Y 329 -80.81 48.41 5.58
N ILE Y 330 -81.00 48.69 6.85
CA ILE Y 330 -80.05 49.46 7.65
C ILE Y 330 -79.83 48.73 8.95
N ALA Y 331 -78.57 48.49 9.28
CA ALA Y 331 -78.19 47.91 10.56
C ALA Y 331 -77.25 48.86 11.28
N PHE Y 332 -77.32 48.84 12.60
CA PHE Y 332 -76.53 49.72 13.44
C PHE Y 332 -76.11 48.94 14.67
N GLY Y 333 -74.81 48.80 14.88
CA GLY Y 333 -74.37 48.08 16.05
C GLY Y 333 -72.87 48.16 16.21
N ASP Y 334 -72.41 47.69 17.36
CA ASP Y 334 -70.99 47.57 17.65
C ASP Y 334 -70.57 46.18 17.24
N PHE Y 335 -70.10 46.03 16.01
CA PHE Y 335 -69.74 44.71 15.52
C PHE Y 335 -68.42 44.21 16.06
N GLY Y 336 -67.68 45.03 16.80
CA GLY Y 336 -66.51 44.51 17.48
C GLY Y 336 -66.87 43.49 18.53
N ASN Y 337 -68.02 43.67 19.18
CA ASN Y 337 -68.58 42.68 20.09
C ASN Y 337 -69.72 41.90 19.48
N GLY Y 338 -70.44 42.50 18.54
CA GLY Y 338 -71.61 41.86 17.99
C GLY Y 338 -71.31 40.69 17.08
N TYR Y 339 -70.18 40.73 16.38
CA TYR Y 339 -69.88 39.73 15.36
C TYR Y 339 -68.46 39.25 15.51
N THR Y 340 -68.26 37.94 15.45
CA THR Y 340 -66.95 37.32 15.57
C THR Y 340 -66.66 36.52 14.32
N ILE Y 341 -65.72 37.00 13.51
CA ILE Y 341 -65.26 36.29 12.33
C ILE Y 341 -64.08 35.42 12.70
N ALA Y 342 -64.17 34.14 12.39
CA ALA Y 342 -63.08 33.20 12.60
C ALA Y 342 -62.52 32.82 11.23
N GLU Y 343 -61.19 32.80 11.12
CA GLU Y 343 -60.57 32.74 9.82
C GLU Y 343 -59.23 32.05 9.89
N ARG Y 344 -58.66 31.82 8.71
CA ARG Y 344 -57.31 31.33 8.53
C ARG Y 344 -56.70 32.17 7.42
N PRO Y 345 -55.53 32.77 7.64
CA PRO Y 345 -55.08 33.84 6.73
C PRO Y 345 -54.68 33.35 5.35
N ASP Y 346 -54.28 32.09 5.20
CA ASP Y 346 -53.70 31.63 3.95
C ASP Y 346 -54.77 31.18 2.96
N LEU Y 347 -54.33 30.87 1.75
CA LEU Y 347 -55.21 30.51 0.66
C LEU Y 347 -54.54 29.41 -0.14
N ARG Y 348 -55.16 28.23 -0.19
CA ARG Y 348 -54.60 27.07 -0.87
C ARG Y 348 -54.93 27.12 -2.35
N VAL Y 349 -53.95 26.74 -3.19
CA VAL Y 349 -54.06 26.96 -4.63
C VAL Y 349 -53.84 25.70 -5.44
N LEU Y 350 -54.26 24.55 -4.93
CA LEU Y 350 -54.02 23.28 -5.58
C LEU Y 350 -54.59 23.21 -7.00
N ARG Y 351 -53.73 23.10 -8.01
CA ARG Y 351 -54.15 23.00 -9.41
C ARG Y 351 -53.77 21.63 -9.96
N ASP Y 352 -54.69 21.01 -10.71
CA ASP Y 352 -54.49 19.66 -11.20
C ASP Y 352 -54.78 19.55 -12.69
N PRO Y 353 -53.77 19.44 -13.52
CA PRO Y 353 -54.02 19.20 -14.94
C PRO Y 353 -54.39 17.75 -15.21
N PHE Y 354 -54.66 16.99 -14.15
CA PHE Y 354 -54.82 15.54 -14.21
C PHE Y 354 -56.26 15.08 -14.31
N SER Y 355 -57.15 15.62 -13.47
CA SER Y 355 -58.48 15.02 -13.34
C SER Y 355 -59.29 15.18 -14.63
N ALA Y 356 -59.52 16.40 -15.07
CA ALA Y 356 -60.11 16.66 -16.37
C ALA Y 356 -58.97 16.94 -17.34
N LYS Y 357 -58.71 15.99 -18.23
CA LYS Y 357 -57.39 15.91 -18.86
C LYS Y 357 -57.03 17.14 -19.69
N PRO Y 358 -57.80 17.54 -20.70
CA PRO Y 358 -57.39 18.70 -21.50
C PRO Y 358 -57.55 20.03 -20.78
N HIS Y 359 -57.91 20.04 -19.50
CA HIS Y 359 -58.14 21.25 -18.74
C HIS Y 359 -57.21 21.27 -17.53
N VAL Y 360 -57.32 22.29 -16.69
CA VAL Y 360 -56.36 22.52 -15.62
C VAL Y 360 -57.02 22.57 -14.24
N LEU Y 361 -58.22 23.14 -14.12
CA LEU Y 361 -58.99 23.07 -12.88
C LEU Y 361 -58.24 23.67 -11.70
N PHE Y 362 -58.05 24.98 -11.74
CA PHE Y 362 -57.43 25.68 -10.63
C PHE Y 362 -58.36 25.64 -9.43
N TYR Y 363 -58.01 24.86 -8.41
CA TYR Y 363 -58.80 24.76 -7.21
C TYR Y 363 -58.19 25.62 -6.13
N ALA Y 364 -58.92 26.64 -5.69
CA ALA Y 364 -58.46 27.54 -4.64
C ALA Y 364 -59.49 27.54 -3.53
N SER Y 365 -59.01 27.70 -2.30
CA SER Y 365 -59.90 27.68 -1.16
C SER Y 365 -59.28 28.45 0.00
N LYS Y 366 -60.13 29.23 0.67
CA LYS Y 366 -59.81 29.89 1.92
C LYS Y 366 -60.96 29.60 2.87
N ARG Y 367 -60.67 29.27 4.12
CA ARG Y 367 -61.71 28.81 5.03
C ARG Y 367 -61.97 29.84 6.12
N VAL Y 368 -63.25 30.15 6.32
CA VAL Y 368 -63.66 31.24 7.17
C VAL Y 368 -65.07 30.93 7.67
N GLY Y 369 -65.38 31.39 8.88
CA GLY Y 369 -66.71 31.22 9.43
C GLY Y 369 -66.94 32.21 10.54
N GLY Y 370 -68.21 32.43 10.86
CA GLY Y 370 -68.53 33.34 11.95
C GLY Y 370 -69.97 33.76 12.03
N ASP Y 371 -70.49 33.94 13.24
CA ASP Y 371 -71.84 34.46 13.42
C ASP Y 371 -71.81 35.49 14.53
N VAL Y 372 -72.99 35.94 14.94
CA VAL Y 372 -73.05 36.92 16.01
C VAL Y 372 -72.67 36.27 17.33
N SER Y 373 -71.88 36.99 18.13
CA SER Y 373 -71.53 36.56 19.46
C SER Y 373 -72.35 37.26 20.52
N ASP Y 374 -72.56 38.56 20.37
CA ASP Y 374 -73.36 39.36 21.28
C ASP Y 374 -74.57 39.87 20.52
N PHE Y 375 -75.76 39.48 20.97
CA PHE Y 375 -76.97 39.88 20.29
C PHE Y 375 -77.41 41.29 20.64
N ALA Y 376 -77.03 41.79 21.80
CA ALA Y 376 -77.43 43.12 22.21
C ALA Y 376 -76.64 44.21 21.50
N ALA Y 377 -75.66 43.86 20.68
CA ALA Y 377 -74.84 44.87 20.04
C ALA Y 377 -75.48 45.39 18.75
N ILE Y 378 -75.90 44.50 17.87
CA ILE Y 378 -76.45 44.88 16.59
C ILE Y 378 -77.94 45.18 16.74
N LYS Y 379 -78.36 46.33 16.23
CA LYS Y 379 -79.76 46.68 16.12
C LYS Y 379 -80.08 46.92 14.66
N LEU Y 380 -81.33 46.70 14.28
CA LEU Y 380 -81.74 46.72 12.90
C LEU Y 380 -82.86 47.74 12.70
N LEU Y 381 -83.05 48.15 11.44
CA LEU Y 381 -84.12 49.06 11.06
C LEU Y 381 -85.00 48.39 10.03
N LYS Y 382 -86.16 47.90 10.46
CA LYS Y 382 -87.07 47.20 9.58
C LYS Y 382 -87.96 48.21 8.88
N PHE Y 383 -88.11 48.07 7.57
CA PHE Y 383 -88.88 49.03 6.78
C PHE Y 383 -90.33 48.56 6.70
N ALA Y 384 -91.04 48.75 7.80
CA ALA Y 384 -92.45 48.38 7.86
C ALA Y 384 -93.09 49.17 9.00
N ALA Y 385 -94.34 48.84 9.31
CA ALA Y 385 -95.05 49.53 10.36
C ALA Y 385 -94.96 48.77 11.67
N ALA Z 89 -58.63 9.96 10.14
CA ALA Z 89 -58.58 8.73 9.30
C ALA Z 89 -59.37 8.96 8.01
N LEU Z 90 -60.23 8.00 7.64
CA LEU Z 90 -60.99 8.08 6.37
C LEU Z 90 -61.92 9.30 6.40
N ASN Z 91 -62.56 9.57 7.53
CA ASN Z 91 -63.55 10.68 7.63
C ASN Z 91 -63.10 11.66 8.72
N SER Z 92 -63.60 12.90 8.67
CA SER Z 92 -63.16 13.94 9.64
C SER Z 92 -64.15 14.03 10.80
N ALA Z 93 -64.56 15.25 11.17
CA ALA Z 93 -65.46 15.44 12.34
C ALA Z 93 -66.84 14.84 12.05
N VAL Z 94 -67.14 14.54 10.79
CA VAL Z 94 -68.50 14.04 10.41
C VAL Z 94 -68.76 12.73 11.18
N ALA Z 95 -67.75 11.87 11.31
CA ALA Z 95 -67.91 10.60 12.05
C ALA Z 95 -67.03 10.60 13.29
N ALA Z 96 -67.41 9.82 14.31
CA ALA Z 96 -66.63 9.79 15.58
C ALA Z 96 -65.21 9.28 15.28
N GLU Z 97 -65.09 8.24 14.45
CA GLU Z 97 -63.74 7.77 14.05
C GLU Z 97 -63.14 8.82 13.11
N GLY Z 98 -61.93 9.29 13.40
CA GLY Z 98 -61.32 10.36 12.58
C GLY Z 98 -61.85 11.73 12.99
N GLY Z 99 -62.70 11.78 14.02
CA GLY Z 99 -63.28 13.06 14.46
C GLY Z 99 -62.99 13.31 15.94
N TYR Z 100 -62.52 12.28 16.63
CA TYR Z 100 -61.98 12.43 17.97
C TYR Z 100 -60.68 13.20 18.00
N LEU Z 101 -60.21 13.69 16.86
CA LEU Z 101 -58.90 14.30 16.73
C LEU Z 101 -58.97 15.82 16.61
N VAL Z 102 -60.17 16.40 16.53
CA VAL Z 102 -60.33 17.76 16.04
C VAL Z 102 -61.12 18.65 16.98
N ASP Z 103 -61.02 18.44 18.29
CA ASP Z 103 -61.75 19.24 19.27
C ASP Z 103 -61.70 20.73 18.97
N PRO Z 104 -62.80 21.46 19.19
CA PRO Z 104 -62.83 22.89 18.85
C PRO Z 104 -61.96 23.75 19.75
N GLN Z 105 -61.96 25.05 19.50
CA GLN Z 105 -61.18 26.01 20.26
C GLN Z 105 -62.11 26.99 20.97
N THR Z 106 -61.99 27.09 22.28
CA THR Z 106 -62.85 27.96 23.06
C THR Z 106 -62.19 29.32 23.27
N SER Z 107 -63.01 30.30 23.60
CA SER Z 107 -62.51 31.65 23.83
C SER Z 107 -61.72 31.71 25.13
N GLU Z 108 -60.88 32.74 25.24
CA GLU Z 108 -59.99 32.84 26.39
C GLU Z 108 -60.75 33.19 27.66
N THR Z 109 -61.78 34.02 27.55
CA THR Z 109 -62.60 34.39 28.69
C THR Z 109 -64.05 34.36 28.25
N ILE Z 110 -64.94 34.03 29.19
CA ILE Z 110 -66.35 34.04 28.87
C ILE Z 110 -66.87 35.47 28.93
N ARG Z 111 -67.48 35.92 27.85
CA ARG Z 111 -67.88 37.31 27.71
C ARG Z 111 -69.36 37.45 27.97
N GLY Z 112 -69.77 38.69 28.26
CA GLY Z 112 -71.15 38.96 28.59
C GLY Z 112 -71.66 40.18 27.88
N VAL Z 113 -72.96 40.39 28.00
CA VAL Z 113 -73.60 41.55 27.40
C VAL Z 113 -73.19 42.80 28.17
N LEU Z 114 -72.82 43.84 27.44
CA LEU Z 114 -72.41 45.09 28.05
C LEU Z 114 -73.62 45.90 28.45
N ARG Z 115 -73.70 46.28 29.71
CA ARG Z 115 -74.81 47.07 30.21
C ARG Z 115 -74.31 48.44 30.66
N SER Z 116 -75.19 49.43 30.56
CA SER Z 116 -74.79 50.80 30.82
C SER Z 116 -74.38 50.96 32.26
N THR Z 117 -73.45 51.89 32.50
CA THR Z 117 -72.92 52.12 33.83
C THR Z 117 -73.17 53.54 34.32
N ALA Z 118 -74.12 54.26 33.72
CA ALA Z 118 -74.51 55.56 34.23
C ALA Z 118 -75.42 55.35 35.43
N SER Z 119 -75.02 55.86 36.58
CA SER Z 119 -75.57 55.40 37.84
C SER Z 119 -76.27 56.46 38.67
N LEU Z 120 -76.14 57.73 38.34
CA LEU Z 120 -76.60 58.85 39.16
C LEU Z 120 -75.76 58.95 40.43
N ARG Z 121 -74.85 58.01 40.64
CA ARG Z 121 -73.84 58.15 41.67
C ARG Z 121 -72.77 59.12 41.24
N GLN Z 122 -72.65 59.37 39.94
CA GLN Z 122 -71.65 60.28 39.43
C GLN Z 122 -71.98 61.72 39.76
N ILE Z 123 -73.27 62.06 39.82
CA ILE Z 123 -73.67 63.43 40.07
C ILE Z 123 -74.15 63.63 41.49
N ALA Z 124 -74.75 62.60 42.09
CA ALA Z 124 -75.16 62.73 43.48
C ALA Z 124 -73.93 62.74 44.39
N SER Z 125 -74.17 63.00 45.66
CA SER Z 125 -73.11 63.08 46.66
C SER Z 125 -73.14 61.81 47.50
N VAL Z 126 -72.03 61.10 47.55
CA VAL Z 126 -71.89 59.93 48.40
C VAL Z 126 -71.16 60.35 49.66
N VAL Z 127 -71.50 59.73 50.78
CA VAL Z 127 -70.89 60.02 52.05
C VAL Z 127 -70.52 58.72 52.72
N ASN Z 128 -69.30 58.64 53.24
CA ASN Z 128 -68.83 57.44 53.93
C ASN Z 128 -69.38 57.45 55.34
N VAL Z 129 -70.30 56.53 55.64
CA VAL Z 129 -70.94 56.48 56.95
C VAL Z 129 -70.83 55.06 57.49
N GLU Z 130 -70.38 54.93 58.73
CA GLU Z 130 -70.31 53.66 59.43
C GLU Z 130 -71.29 53.72 60.59
N ALA Z 131 -72.56 53.45 60.29
CA ALA Z 131 -73.62 53.52 61.28
C ALA Z 131 -74.86 52.91 60.65
N THR Z 132 -75.93 52.84 61.43
CA THR Z 132 -77.14 52.22 60.92
C THR Z 132 -77.86 53.08 59.91
N SER Z 133 -77.51 54.35 59.83
CA SER Z 133 -78.29 55.30 59.08
C SER Z 133 -77.53 56.60 58.98
N PHE Z 134 -78.07 57.51 58.20
CA PHE Z 134 -77.49 58.85 58.03
C PHE Z 134 -78.60 59.87 58.11
N ASP Z 135 -78.38 60.93 58.87
CA ASP Z 135 -79.34 62.00 58.99
C ASP Z 135 -78.75 63.27 58.39
N VAL Z 136 -79.60 64.11 57.84
CA VAL Z 136 -79.17 65.42 57.39
C VAL Z 136 -80.03 66.43 58.10
N LEU Z 137 -79.48 67.62 58.31
CA LEU Z 137 -80.20 68.69 58.97
C LEU Z 137 -80.35 69.84 57.99
N VAL Z 138 -81.59 70.19 57.66
CA VAL Z 138 -81.84 71.17 56.61
C VAL Z 138 -82.56 72.37 57.23
N ASP Z 139 -82.85 73.38 56.40
CA ASP Z 139 -83.62 74.54 56.82
C ASP Z 139 -84.79 74.67 55.86
N LYS Z 140 -85.98 74.30 56.29
CA LYS Z 140 -87.14 74.42 55.43
C LYS Z 140 -87.73 75.83 55.41
N THR Z 141 -87.22 76.74 56.23
CA THR Z 141 -87.67 78.13 56.27
C THR Z 141 -86.44 79.00 56.44
N ASP Z 142 -86.62 80.31 56.36
CA ASP Z 142 -85.50 81.24 56.58
C ASP Z 142 -85.88 82.22 57.69
N MET Z 143 -85.00 83.17 57.94
CA MET Z 143 -85.13 84.08 59.06
C MET Z 143 -86.15 85.17 58.76
N GLY Z 144 -86.19 86.18 59.62
CA GLY Z 144 -86.98 87.36 59.37
C GLY Z 144 -86.16 88.60 59.65
N SER Z 145 -86.44 89.65 58.89
CA SER Z 145 -85.77 90.93 59.01
C SER Z 145 -86.79 91.99 59.38
N GLY Z 146 -86.34 92.99 60.12
CA GLY Z 146 -87.28 93.89 60.76
C GLY Z 146 -87.48 95.26 60.15
N TRP Z 147 -86.42 95.89 59.66
CA TRP Z 147 -86.45 97.32 59.32
C TRP Z 147 -86.85 98.13 60.55
N ALA Z 148 -86.00 98.06 61.57
CA ALA Z 148 -86.27 98.70 62.83
C ALA Z 148 -86.46 100.19 62.66
N SER Z 149 -87.36 100.76 63.46
CA SER Z 149 -87.57 102.19 63.46
C SER Z 149 -86.52 102.83 64.35
N GLU Z 150 -86.58 104.15 64.47
CA GLU Z 150 -85.64 104.85 65.34
C GLU Z 150 -85.90 104.49 66.80
N THR Z 151 -87.13 104.70 67.26
CA THR Z 151 -87.56 104.34 68.61
C THR Z 151 -88.86 103.58 68.45
N ALA Z 152 -88.81 102.26 68.60
CA ALA Z 152 -90.00 101.46 68.34
C ALA Z 152 -90.16 100.26 69.27
N ALA Z 153 -89.33 100.12 70.31
CA ALA Z 153 -89.35 98.93 71.16
C ALA Z 153 -89.16 97.68 70.30
N LEU Z 154 -87.96 97.59 69.71
CA LEU Z 154 -87.58 96.54 68.80
C LEU Z 154 -88.04 95.17 69.27
N SER Z 155 -88.82 94.49 68.43
CA SER Z 155 -89.32 93.17 68.73
C SER Z 155 -88.47 92.11 68.03
N GLU Z 156 -88.69 90.86 68.43
CA GLU Z 156 -87.89 89.75 67.94
C GLU Z 156 -88.47 89.16 66.66
N THR Z 157 -87.59 88.64 65.81
CA THR Z 157 -87.95 88.15 64.49
C THR Z 157 -87.93 86.63 64.48
N ALA Z 158 -88.22 86.06 63.32
CA ALA Z 158 -88.32 84.62 63.19
C ALA Z 158 -86.93 84.00 63.08
N THR Z 159 -86.89 82.68 63.22
CA THR Z 159 -85.67 81.90 63.17
C THR Z 159 -86.02 80.66 62.35
N PRO Z 160 -85.10 80.18 61.52
CA PRO Z 160 -85.47 79.08 60.62
C PRO Z 160 -85.82 77.81 61.38
N GLN Z 161 -86.86 77.14 60.93
CA GLN Z 161 -87.19 75.84 61.50
C GLN Z 161 -86.47 74.75 60.74
N ILE Z 162 -85.94 73.79 61.49
CA ILE Z 162 -85.03 72.77 60.96
C ILE Z 162 -85.81 71.50 60.70
N ASP Z 163 -85.44 70.79 59.64
CA ASP Z 163 -85.99 69.49 59.31
C ASP Z 163 -84.86 68.49 59.23
N ARG Z 164 -85.15 67.24 59.61
CA ARG Z 164 -84.16 66.17 59.64
C ARG Z 164 -84.64 65.01 58.78
N ILE Z 165 -83.76 64.51 57.93
CA ILE Z 165 -84.08 63.47 56.97
C ILE Z 165 -83.20 62.27 57.26
N THR Z 166 -83.80 61.09 57.39
CA THR Z 166 -83.09 59.89 57.82
C THR Z 166 -82.84 58.98 56.62
N ILE Z 167 -81.58 58.60 56.44
CA ILE Z 167 -81.15 57.69 55.37
C ILE Z 167 -80.92 56.30 55.94
N PRO Z 168 -81.86 55.36 55.82
CA PRO Z 168 -81.75 54.11 56.59
C PRO Z 168 -80.57 53.21 56.25
N LEU Z 169 -79.83 53.44 55.17
CA LEU Z 169 -78.59 52.71 54.88
C LEU Z 169 -78.83 51.20 54.84
N HIS Z 170 -79.57 50.78 53.82
CA HIS Z 170 -79.90 49.38 53.60
C HIS Z 170 -78.70 48.64 52.99
N GLU Z 171 -78.82 47.33 52.83
CA GLU Z 171 -77.75 46.53 52.26
C GLU Z 171 -78.26 45.68 51.11
N LEU Z 172 -77.35 45.37 50.20
CA LEU Z 172 -77.64 44.65 48.96
C LEU Z 172 -76.68 43.48 48.87
N ALA Z 173 -77.21 42.27 48.77
CA ALA Z 173 -76.41 41.07 48.89
C ALA Z 173 -76.71 40.08 47.78
N ALA Z 174 -75.66 39.45 47.25
CA ALA Z 174 -75.77 38.38 46.27
C ALA Z 174 -75.02 37.17 46.79
N MET Z 175 -75.61 35.98 46.61
CA MET Z 175 -75.05 34.73 47.10
C MET Z 175 -75.14 33.68 46.00
N PRO Z 176 -74.19 33.69 45.05
CA PRO Z 176 -74.18 32.65 44.03
C PRO Z 176 -73.54 31.38 44.55
N LYS Z 177 -74.15 30.26 44.23
CA LYS Z 177 -73.64 28.95 44.63
C LYS Z 177 -72.90 28.33 43.47
N ALA Z 178 -71.72 27.79 43.73
CA ALA Z 178 -70.92 27.15 42.72
C ALA Z 178 -70.40 25.82 43.26
N SER Z 179 -70.37 24.81 42.39
CA SER Z 179 -69.92 23.51 42.82
C SER Z 179 -68.41 23.50 43.00
N GLN Z 180 -67.95 22.74 43.98
CA GLN Z 180 -66.52 22.72 44.28
C GLN Z 180 -65.73 22.04 43.17
N ARG Z 181 -66.30 21.03 42.52
CA ARG Z 181 -65.58 20.38 41.44
C ARG Z 181 -65.52 21.26 40.21
N LEU Z 182 -66.56 22.05 39.96
CA LEU Z 182 -66.52 22.99 38.86
C LEU Z 182 -65.42 24.03 39.05
N LEU Z 183 -65.19 24.45 40.29
CA LEU Z 183 -64.13 25.41 40.57
C LEU Z 183 -62.75 24.79 40.39
N ASP Z 184 -62.61 23.49 40.57
CA ASP Z 184 -61.31 22.85 40.52
C ASP Z 184 -60.89 22.43 39.12
N ASP Z 185 -61.82 22.03 38.27
CA ASP Z 185 -61.46 21.59 36.93
C ASP Z 185 -61.95 22.52 35.84
N SER Z 186 -62.16 23.79 36.15
CA SER Z 186 -62.50 24.76 35.12
C SER Z 186 -61.26 25.47 34.61
N ALA Z 187 -61.18 25.63 33.29
CA ALA Z 187 -60.10 26.38 32.69
C ALA Z 187 -60.26 27.88 32.89
N PHE Z 188 -61.45 28.32 33.28
CA PHE Z 188 -61.73 29.72 33.57
C PHE Z 188 -61.75 29.95 35.07
N ASP Z 189 -61.28 31.12 35.49
CA ASP Z 189 -61.26 31.44 36.92
C ASP Z 189 -62.66 31.84 37.32
N ILE Z 190 -63.44 30.85 37.74
CA ILE Z 190 -64.84 31.09 38.10
C ILE Z 190 -64.96 31.95 39.35
N GLU Z 191 -63.95 31.92 40.22
CA GLU Z 191 -64.04 32.70 41.45
C GLU Z 191 -63.90 34.19 41.16
N THR Z 192 -63.03 34.56 40.22
CA THR Z 192 -62.89 35.98 39.87
C THR Z 192 -63.92 36.42 38.85
N TRP Z 193 -64.64 35.49 38.23
CA TRP Z 193 -65.68 35.87 37.29
C TRP Z 193 -66.96 36.22 38.03
N LEU Z 194 -67.36 35.38 38.98
CA LEU Z 194 -68.53 35.70 39.78
C LEU Z 194 -68.31 36.95 40.60
N ALA Z 195 -67.10 37.13 41.14
CA ALA Z 195 -66.79 38.33 41.88
C ALA Z 195 -66.90 39.57 41.00
N ASN Z 196 -66.56 39.44 39.72
CA ASN Z 196 -66.68 40.55 38.80
C ASN Z 196 -68.13 40.83 38.42
N ARG Z 197 -68.91 39.78 38.15
CA ARG Z 197 -70.30 39.95 37.77
C ARG Z 197 -71.14 40.45 38.94
N ILE Z 198 -70.78 40.10 40.16
CA ILE Z 198 -71.53 40.58 41.31
C ILE Z 198 -71.35 42.08 41.47
N ALA Z 199 -70.09 42.54 41.54
CA ALA Z 199 -69.83 43.96 41.67
C ALA Z 199 -70.43 44.74 40.51
N ASP Z 200 -70.53 44.12 39.34
CA ASP Z 200 -71.19 44.76 38.22
C ASP Z 200 -72.68 44.89 38.48
N LYS Z 201 -73.31 43.83 38.98
CA LYS Z 201 -74.73 43.87 39.29
C LYS Z 201 -75.03 44.78 40.47
N PHE Z 202 -74.10 44.92 41.39
CA PHE Z 202 -74.32 45.81 42.53
C PHE Z 202 -74.37 47.26 42.07
N ALA Z 203 -73.40 47.68 41.27
CA ALA Z 203 -73.42 49.04 40.75
C ALA Z 203 -74.61 49.28 39.83
N ARG Z 204 -75.24 48.23 39.36
CA ARG Z 204 -76.36 48.35 38.44
C ARG Z 204 -77.71 48.22 39.12
N ALA Z 205 -77.79 47.45 40.20
CA ALA Z 205 -79.07 47.28 40.89
C ALA Z 205 -79.34 48.44 41.83
N GLU Z 206 -78.29 49.01 42.42
CA GLU Z 206 -78.48 50.20 43.25
C GLU Z 206 -78.69 51.44 42.41
N ALA Z 207 -78.12 51.49 41.21
CA ALA Z 207 -78.33 52.64 40.34
C ALA Z 207 -79.79 52.78 39.98
N ALA Z 208 -80.52 51.66 39.90
CA ALA Z 208 -81.95 51.72 39.67
C ALA Z 208 -82.72 52.05 40.92
N ALA Z 209 -82.11 51.82 42.09
CA ALA Z 209 -82.79 52.12 43.34
C ALA Z 209 -82.73 53.60 43.68
N PHE Z 210 -81.68 54.28 43.21
CA PHE Z 210 -81.58 55.72 43.43
C PHE Z 210 -82.59 56.51 42.62
N ILE Z 211 -83.25 55.89 41.66
CA ILE Z 211 -84.15 56.57 40.75
C ILE Z 211 -85.59 56.21 41.03
N SER Z 212 -85.87 54.92 41.18
CA SER Z 212 -87.24 54.46 41.34
C SER Z 212 -87.41 53.50 42.51
N GLY Z 213 -86.37 53.25 43.28
CA GLY Z 213 -86.52 52.36 44.42
C GLY Z 213 -87.36 52.99 45.51
N ASP Z 214 -88.21 52.19 46.11
CA ASP Z 214 -89.02 52.65 47.23
C ASP Z 214 -88.17 52.58 48.50
N GLY Z 215 -88.79 52.70 49.66
CA GLY Z 215 -88.03 52.76 50.88
C GLY Z 215 -87.73 51.40 51.50
N VAL Z 216 -88.53 50.40 51.18
CA VAL Z 216 -88.46 49.12 51.87
C VAL Z 216 -87.15 48.41 51.51
N ASP Z 217 -86.23 48.37 52.47
CA ASP Z 217 -84.98 47.62 52.36
C ASP Z 217 -84.14 48.01 51.15
N LYS Z 218 -84.42 49.14 50.53
CA LYS Z 218 -83.65 49.58 49.37
C LYS Z 218 -83.65 51.10 49.34
N PRO Z 219 -82.64 51.71 48.72
CA PRO Z 219 -82.60 53.16 48.66
C PRO Z 219 -83.86 53.72 48.02
N THR Z 220 -84.40 54.76 48.64
CA THR Z 220 -85.64 55.36 48.17
C THR Z 220 -85.32 56.49 47.20
N GLY Z 221 -85.55 56.25 45.92
CA GLY Z 221 -85.12 57.18 44.90
C GLY Z 221 -85.97 58.42 44.83
N PHE Z 222 -85.53 59.37 44.01
CA PHE Z 222 -86.17 60.67 43.99
C PHE Z 222 -87.50 60.69 43.24
N LEU Z 223 -87.75 59.73 42.36
CA LEU Z 223 -89.03 59.75 41.65
C LEU Z 223 -90.19 59.37 42.54
N THR Z 224 -89.94 58.62 43.61
CA THR Z 224 -91.00 58.26 44.56
C THR Z 224 -91.00 59.21 45.75
N LYS Z 225 -91.17 60.50 45.46
CA LYS Z 225 -91.06 61.53 46.49
C LYS Z 225 -92.21 62.51 46.39
N THR Z 226 -93.43 61.99 46.35
CA THR Z 226 -94.68 62.76 46.39
C THR Z 226 -94.62 64.07 45.58
N LYS Z 227 -94.44 63.90 44.28
CA LYS Z 227 -94.34 65.04 43.37
C LYS Z 227 -95.56 65.95 43.51
N VAL Z 228 -95.33 67.25 43.42
CA VAL Z 228 -96.39 68.26 43.50
C VAL Z 228 -96.21 69.21 42.33
N ALA Z 229 -97.33 69.73 41.81
CA ALA Z 229 -97.26 70.66 40.71
C ALA Z 229 -96.44 71.87 41.10
N ASN Z 230 -95.44 72.21 40.29
CA ASN Z 230 -94.60 73.35 40.60
C ASN Z 230 -95.41 74.63 40.51
N GLY Z 231 -94.98 75.63 41.25
CA GLY Z 231 -95.79 76.82 41.45
C GLY Z 231 -96.54 76.66 42.73
N ALA Z 232 -97.06 75.45 42.96
CA ALA Z 232 -97.63 75.07 44.24
C ALA Z 232 -96.63 74.27 45.07
N TRP Z 233 -95.34 74.55 44.90
CA TRP Z 233 -94.29 73.70 45.47
C TRP Z 233 -94.15 73.96 46.97
N ALA Z 234 -94.12 72.87 47.73
CA ALA Z 234 -93.91 72.87 49.17
C ALA Z 234 -92.57 72.21 49.47
N TRP Z 235 -92.23 72.14 50.76
CA TRP Z 235 -90.94 71.57 51.12
C TRP Z 235 -90.94 70.05 51.05
N GLY Z 236 -92.05 69.42 51.36
CA GLY Z 236 -92.06 67.97 51.39
C GLY Z 236 -92.17 67.28 50.06
N SER Z 237 -92.08 68.00 48.95
CA SER Z 237 -92.42 67.43 47.66
C SER Z 237 -91.51 67.96 46.57
N LEU Z 238 -91.39 67.19 45.50
CA LEU Z 238 -90.65 67.59 44.32
C LEU Z 238 -91.57 68.24 43.30
N GLY Z 239 -91.09 69.32 42.69
CA GLY Z 239 -91.91 70.08 41.77
C GLY Z 239 -91.78 69.56 40.35
N TYR Z 240 -92.91 69.41 39.68
CA TYR Z 240 -92.92 68.96 38.30
C TYR Z 240 -93.61 69.99 37.43
N VAL Z 241 -93.12 70.13 36.20
CA VAL Z 241 -93.74 70.99 35.21
C VAL Z 241 -94.26 70.11 34.09
N ALA Z 242 -95.53 70.29 33.74
CA ALA Z 242 -96.15 69.45 32.73
C ALA Z 242 -95.71 69.91 31.35
N THR Z 243 -95.80 68.99 30.40
CA THR Z 243 -95.40 69.29 29.03
C THR Z 243 -96.56 69.82 28.21
N GLY Z 244 -97.74 69.24 28.37
CA GLY Z 244 -98.81 69.49 27.43
C GLY Z 244 -99.58 68.23 27.16
N ALA Z 245 -99.62 67.80 25.90
CA ALA Z 245 -100.32 66.57 25.54
C ALA Z 245 -99.91 65.43 26.46
N ALA Z 246 -100.89 64.59 26.80
CA ALA Z 246 -100.69 63.58 27.84
C ALA Z 246 -99.75 62.47 27.41
N GLY Z 247 -99.51 62.29 26.13
CA GLY Z 247 -98.63 61.23 25.71
C GLY Z 247 -97.18 61.60 25.70
N ASP Z 248 -96.84 62.66 24.98
CA ASP Z 248 -95.47 63.04 24.71
C ASP Z 248 -95.38 64.55 24.87
N PHE Z 249 -94.31 65.13 24.33
CA PHE Z 249 -94.11 66.57 24.34
C PHE Z 249 -95.30 67.31 23.75
N ALA Z 250 -95.39 68.62 24.01
CA ALA Z 250 -96.53 69.40 23.58
C ALA Z 250 -96.76 69.24 22.09
N ALA Z 251 -98.04 69.28 21.69
CA ALA Z 251 -98.36 68.99 20.30
C ALA Z 251 -98.00 70.13 19.38
N VAL Z 252 -98.60 71.31 19.59
CA VAL Z 252 -98.45 72.39 18.62
C VAL Z 252 -97.09 73.06 18.76
N ASN Z 253 -96.56 73.16 19.97
CA ASN Z 253 -95.28 73.84 20.19
C ASN Z 253 -94.57 73.13 21.32
N ALA Z 254 -93.69 72.20 20.98
CA ALA Z 254 -92.89 71.49 21.96
C ALA Z 254 -91.71 72.35 22.36
N SER Z 255 -90.78 71.77 23.10
CA SER Z 255 -89.52 72.39 23.49
C SER Z 255 -89.70 73.58 24.42
N ASP Z 256 -90.93 73.94 24.75
CA ASP Z 256 -91.17 74.91 25.81
C ASP Z 256 -91.43 74.22 27.13
N ALA Z 257 -91.62 72.91 27.13
CA ALA Z 257 -91.65 72.15 28.36
C ALA Z 257 -90.25 71.87 28.89
N VAL Z 258 -89.22 72.05 28.07
CA VAL Z 258 -87.86 71.88 28.55
C VAL Z 258 -87.29 73.20 29.05
N VAL Z 259 -87.54 74.29 28.33
CA VAL Z 259 -86.94 75.56 28.73
C VAL Z 259 -87.66 76.15 29.92
N ASP Z 260 -88.90 75.77 30.19
CA ASP Z 260 -89.52 76.19 31.43
C ASP Z 260 -89.20 75.26 32.59
N LEU Z 261 -88.80 74.02 32.29
CA LEU Z 261 -88.26 73.15 33.34
C LEU Z 261 -86.93 73.66 33.83
N VAL Z 262 -86.08 74.14 32.92
CA VAL Z 262 -84.77 74.64 33.33
C VAL Z 262 -84.93 75.83 34.26
N TYR Z 263 -85.81 76.76 33.89
CA TYR Z 263 -85.98 77.99 34.66
C TYR Z 263 -86.89 77.83 35.85
N ALA Z 264 -87.08 76.59 36.31
CA ALA Z 264 -87.85 76.34 37.51
C ALA Z 264 -86.99 76.08 38.74
N LEU Z 265 -85.67 76.00 38.59
CA LEU Z 265 -84.81 75.63 39.71
C LEU Z 265 -84.40 76.79 40.61
N GLY Z 266 -84.15 77.96 40.05
CA GLY Z 266 -83.49 79.00 40.81
C GLY Z 266 -82.02 79.03 40.48
N ALA Z 267 -81.47 80.23 40.32
CA ALA Z 267 -80.15 80.39 39.74
C ALA Z 267 -79.03 79.85 40.62
N GLU Z 268 -79.30 79.48 41.86
CA GLU Z 268 -78.26 78.96 42.72
C GLU Z 268 -78.06 77.46 42.54
N TYR Z 269 -79.12 76.73 42.23
CA TYR Z 269 -78.98 75.31 41.96
C TYR Z 269 -78.53 75.05 40.53
N ARG Z 270 -78.87 75.94 39.60
CA ARG Z 270 -78.48 75.74 38.22
C ARG Z 270 -77.01 75.96 37.97
N ALA Z 271 -76.25 76.37 38.97
CA ALA Z 271 -74.82 76.56 38.75
C ALA Z 271 -74.17 75.25 38.38
N ASN Z 272 -74.53 74.16 39.06
CA ASN Z 272 -74.08 72.82 38.72
C ASN Z 272 -75.30 71.90 38.76
N ALA Z 273 -76.00 71.81 37.65
CA ALA Z 273 -77.17 70.95 37.53
C ALA Z 273 -77.07 70.19 36.22
N SER Z 274 -77.89 69.15 36.08
CA SER Z 274 -77.83 68.33 34.89
C SER Z 274 -79.17 67.63 34.70
N PHE Z 275 -79.43 67.24 33.45
CA PHE Z 275 -80.61 66.48 33.10
C PHE Z 275 -80.36 65.00 33.33
N VAL Z 276 -81.43 64.26 33.56
CA VAL Z 276 -81.35 62.82 33.76
C VAL Z 276 -82.46 62.18 32.94
N MET Z 277 -82.09 61.39 31.93
CA MET Z 277 -83.03 60.72 31.06
C MET Z 277 -82.50 59.32 30.77
N ASN Z 278 -83.36 58.47 30.23
CA ASN Z 278 -82.88 57.18 29.74
C ASN Z 278 -82.50 57.30 28.28
N SER Z 279 -82.25 56.18 27.63
CA SER Z 279 -81.77 56.23 26.25
C SER Z 279 -82.90 56.67 25.31
N LYS Z 280 -84.06 56.04 25.41
CA LYS Z 280 -85.12 56.32 24.47
C LYS Z 280 -85.84 57.62 24.75
N THR Z 281 -85.46 58.36 25.78
CA THR Z 281 -86.00 59.71 25.97
C THR Z 281 -85.08 60.74 25.34
N ALA Z 282 -83.77 60.62 25.56
CA ALA Z 282 -82.84 61.47 24.83
C ALA Z 282 -83.04 61.33 23.34
N GLY Z 283 -83.40 60.13 22.89
CA GLY Z 283 -83.81 59.97 21.51
C GLY Z 283 -85.10 60.72 21.22
N ALA Z 284 -86.04 60.69 22.16
CA ALA Z 284 -87.27 61.44 21.97
C ALA Z 284 -87.05 62.94 22.04
N VAL Z 285 -85.97 63.39 22.66
CA VAL Z 285 -85.64 64.81 22.68
C VAL Z 285 -84.96 65.22 21.39
N ARG Z 286 -84.12 64.37 20.83
CA ARG Z 286 -83.46 64.73 19.59
C ARG Z 286 -84.44 64.76 18.42
N LYS Z 287 -85.52 63.98 18.49
CA LYS Z 287 -86.51 64.02 17.44
C LYS Z 287 -87.32 65.31 17.42
N MET Z 288 -87.05 66.24 18.35
CA MET Z 288 -87.73 67.52 18.35
C MET Z 288 -87.24 68.38 17.19
N LYS Z 289 -88.19 68.91 16.41
CA LYS Z 289 -87.87 69.68 15.22
C LYS Z 289 -88.74 70.93 15.17
N ASP Z 290 -88.29 71.90 14.39
CA ASP Z 290 -88.98 73.17 14.22
C ASP Z 290 -90.03 73.04 13.12
N ALA Z 291 -90.57 74.17 12.68
CA ALA Z 291 -91.62 74.13 11.66
C ALA Z 291 -91.08 73.72 10.29
N ASP Z 292 -89.81 74.01 10.00
CA ASP Z 292 -89.25 73.62 8.72
C ASP Z 292 -88.82 72.16 8.69
N GLY Z 293 -88.60 71.55 9.84
CA GLY Z 293 -88.23 70.16 9.91
C GLY Z 293 -86.80 69.86 10.26
N ARG Z 294 -86.06 70.83 10.78
CA ARG Z 294 -84.69 70.63 11.23
C ARG Z 294 -84.68 70.42 12.73
N PHE Z 295 -83.66 69.72 13.22
CA PHE Z 295 -83.58 69.42 14.63
C PHE Z 295 -83.24 70.66 15.46
N LEU Z 296 -83.94 70.81 16.58
CA LEU Z 296 -83.59 71.84 17.54
C LEU Z 296 -82.30 71.47 18.27
N TRP Z 297 -82.26 70.26 18.82
CA TRP Z 297 -81.07 69.72 19.48
C TRP Z 297 -80.23 69.02 18.43
N ALA Z 298 -78.93 69.34 18.39
CA ALA Z 298 -78.00 68.72 17.44
C ALA Z 298 -78.46 68.96 16.00
N ASP Z 299 -78.34 70.22 15.58
CA ASP Z 299 -78.93 70.71 14.35
C ASP Z 299 -78.79 69.75 13.17
N SER Z 300 -77.56 69.43 12.79
CA SER Z 300 -77.34 68.61 11.61
C SER Z 300 -77.76 67.17 11.86
N LEU Z 301 -78.11 66.46 10.78
CA LEU Z 301 -78.37 65.03 10.91
C LEU Z 301 -77.09 64.25 11.15
N ALA Z 302 -75.95 64.78 10.76
CA ALA Z 302 -74.68 64.26 11.25
C ALA Z 302 -74.34 64.91 12.58
N ALA Z 303 -73.27 64.43 13.22
CA ALA Z 303 -72.69 65.06 14.40
C ALA Z 303 -73.74 65.21 15.51
N GLY Z 304 -74.09 64.07 16.08
CA GLY Z 304 -75.10 64.02 17.13
C GLY Z 304 -74.53 64.14 18.53
N GLU Z 305 -75.45 64.14 19.51
CA GLU Z 305 -75.19 64.20 20.94
C GLU Z 305 -74.31 65.38 21.32
N PRO Z 306 -74.84 66.60 21.30
CA PRO Z 306 -74.02 67.77 21.66
C PRO Z 306 -73.55 67.78 23.11
N ALA Z 307 -74.02 66.86 23.94
CA ALA Z 307 -73.53 66.68 25.31
C ALA Z 307 -73.73 67.93 26.15
N ARG Z 308 -74.70 68.75 25.78
CA ARG Z 308 -75.02 69.96 26.53
C ARG Z 308 -76.43 70.33 26.14
N LEU Z 309 -77.38 70.14 27.03
CA LEU Z 309 -78.77 70.50 26.78
C LEU Z 309 -79.08 71.73 27.60
N MET Z 310 -79.45 72.82 26.94
CA MET Z 310 -79.71 74.11 27.59
C MET Z 310 -78.50 74.62 28.35
N GLY Z 311 -77.30 74.25 27.92
CA GLY Z 311 -76.10 74.65 28.62
C GLY Z 311 -75.74 73.84 29.83
N TYR Z 312 -76.47 72.76 30.09
CA TYR Z 312 -76.25 71.89 31.24
C TYR Z 312 -76.00 70.47 30.77
N PRO Z 313 -75.19 69.71 31.51
CA PRO Z 313 -74.88 68.35 31.09
C PRO Z 313 -76.12 67.47 31.10
N VAL Z 314 -75.98 66.31 30.46
CA VAL Z 314 -77.06 65.32 30.42
C VAL Z 314 -76.49 64.00 30.92
N LEU Z 315 -77.25 63.33 31.78
CA LEU Z 315 -76.92 62.00 32.25
C LEU Z 315 -77.94 61.03 31.70
N ILE Z 316 -77.47 60.08 30.88
CA ILE Z 316 -78.37 59.08 30.28
C ILE Z 316 -78.47 57.95 31.29
N ALA Z 317 -79.38 58.09 32.24
CA ALA Z 317 -79.58 57.08 33.28
C ALA Z 317 -80.68 56.14 32.84
N GLU Z 318 -80.30 54.93 32.46
CA GLU Z 318 -81.22 53.98 31.85
C GLU Z 318 -82.22 53.41 32.78
N ASP Z 319 -82.35 53.90 34.01
CA ASP Z 319 -83.31 53.39 34.97
C ASP Z 319 -84.53 54.28 35.11
N MET Z 320 -84.55 55.43 34.44
CA MET Z 320 -85.72 56.30 34.51
C MET Z 320 -86.80 55.81 33.56
N PRO Z 321 -88.06 56.02 33.91
CA PRO Z 321 -89.14 55.59 33.02
C PRO Z 321 -89.12 56.36 31.72
N ASP Z 322 -89.51 55.68 30.65
CA ASP Z 322 -89.60 56.34 29.37
C ASP Z 322 -90.91 57.12 29.29
N ILE Z 323 -91.11 57.82 28.17
CA ILE Z 323 -92.27 58.68 28.01
C ILE Z 323 -93.53 57.84 28.02
N ALA Z 324 -94.50 58.23 28.84
CA ALA Z 324 -95.74 57.49 28.97
C ALA Z 324 -96.84 58.49 29.30
N ALA Z 325 -97.98 57.99 29.76
CA ALA Z 325 -99.13 58.85 30.02
C ALA Z 325 -98.82 59.89 31.08
N ASN Z 326 -98.41 59.45 32.26
CA ASN Z 326 -98.10 60.35 33.36
C ASN Z 326 -96.74 60.05 33.92
N ALA Z 327 -95.76 59.88 33.04
CA ALA Z 327 -94.43 59.46 33.44
C ALA Z 327 -93.50 60.65 33.51
N TYR Z 328 -92.63 60.65 34.51
CA TYR Z 328 -91.64 61.70 34.69
C TYR Z 328 -90.34 61.28 34.02
N ALA Z 329 -90.35 61.32 32.70
CA ALA Z 329 -89.25 60.75 31.93
C ALA Z 329 -87.98 61.58 31.99
N ILE Z 330 -88.10 62.89 32.24
CA ILE Z 330 -86.95 63.79 32.31
C ILE Z 330 -86.94 64.45 33.67
N ALA Z 331 -85.79 64.44 34.32
CA ALA Z 331 -85.58 65.15 35.58
C ALA Z 331 -84.42 66.11 35.42
N PHE Z 332 -84.57 67.29 35.98
CA PHE Z 332 -83.55 68.32 35.92
C PHE Z 332 -83.37 68.87 37.31
N GLY Z 333 -82.13 68.91 37.78
CA GLY Z 333 -81.89 69.42 39.10
C GLY Z 333 -80.46 69.21 39.53
N ASP Z 334 -80.06 69.94 40.55
CA ASP Z 334 -78.74 69.84 41.14
C ASP Z 334 -78.74 68.65 42.09
N PHE Z 335 -78.42 67.47 41.55
CA PHE Z 335 -78.43 66.28 42.38
C PHE Z 335 -77.27 66.25 43.36
N GLY Z 336 -76.23 67.03 43.11
CA GLY Z 336 -75.13 67.10 44.07
C GLY Z 336 -75.59 67.54 45.45
N ASN Z 337 -76.54 68.48 45.50
CA ASN Z 337 -77.14 68.90 46.75
C ASN Z 337 -78.49 68.26 46.99
N GLY Z 338 -79.14 67.79 45.93
CA GLY Z 338 -80.49 67.29 46.04
C GLY Z 338 -80.60 65.84 46.45
N TYR Z 339 -79.58 65.04 46.18
CA TYR Z 339 -79.63 63.62 46.48
C TYR Z 339 -78.38 63.21 47.23
N THR Z 340 -78.57 62.60 48.40
CA THR Z 340 -77.47 62.13 49.23
C THR Z 340 -77.46 60.61 49.24
N ILE Z 341 -76.31 60.03 48.98
CA ILE Z 341 -76.12 58.59 48.99
C ILE Z 341 -75.26 58.27 50.21
N ALA Z 342 -75.83 57.56 51.18
CA ALA Z 342 -75.09 57.11 52.35
C ALA Z 342 -74.66 55.68 52.09
N GLU Z 343 -73.40 55.40 52.35
CA GLU Z 343 -72.85 54.11 51.96
C GLU Z 343 -71.69 53.75 52.88
N ARG Z 344 -71.32 52.48 52.84
CA ARG Z 344 -70.08 52.00 53.42
C ARG Z 344 -69.18 51.58 52.26
N PRO Z 345 -68.05 52.23 52.05
CA PRO Z 345 -67.33 52.13 50.78
C PRO Z 345 -66.52 50.85 50.63
N ASP Z 346 -67.13 49.72 50.95
CA ASP Z 346 -66.45 48.45 50.81
C ASP Z 346 -67.47 47.36 50.48
N LEU Z 347 -66.98 46.32 49.84
CA LEU Z 347 -67.78 45.16 49.51
C LEU Z 347 -67.21 44.00 50.33
N ARG Z 348 -68.00 43.46 51.23
CA ARG Z 348 -67.57 42.35 52.06
C ARG Z 348 -67.91 41.04 51.37
N VAL Z 349 -67.03 40.05 51.56
CA VAL Z 349 -67.18 38.74 50.93
C VAL Z 349 -67.11 37.68 52.01
N LEU Z 350 -67.76 36.55 51.75
CA LEU Z 350 -67.72 35.42 52.67
C LEU Z 350 -68.02 34.15 51.88
N ARG Z 351 -66.98 33.39 51.53
CA ARG Z 351 -67.15 32.13 50.84
C ARG Z 351 -67.05 31.00 51.87
N ASP Z 352 -68.01 30.10 51.84
CA ASP Z 352 -68.11 29.05 52.86
C ASP Z 352 -68.38 27.69 52.23
N PRO Z 353 -67.42 26.78 52.28
CA PRO Z 353 -67.71 25.39 51.88
C PRO Z 353 -68.55 24.64 52.90
N PHE Z 354 -68.82 25.24 54.06
CA PHE Z 354 -69.40 24.48 55.17
C PHE Z 354 -70.90 24.30 55.04
N SER Z 355 -71.60 25.24 54.40
CA SER Z 355 -73.06 25.17 54.36
C SER Z 355 -73.51 24.06 53.41
N ALA Z 356 -73.19 24.19 52.13
CA ALA Z 356 -73.48 23.17 51.12
C ALA Z 356 -72.17 22.47 50.82
N LYS Z 357 -72.02 21.23 51.29
CA LYS Z 357 -70.70 20.60 51.32
C LYS Z 357 -70.07 20.47 49.95
N PRO Z 358 -70.73 19.92 48.92
CA PRO Z 358 -70.09 19.86 47.61
C PRO Z 358 -70.00 21.20 46.90
N HIS Z 359 -70.58 22.25 47.45
CA HIS Z 359 -70.59 23.58 46.84
C HIS Z 359 -69.78 24.55 47.68
N VAL Z 360 -69.74 25.80 47.26
CA VAL Z 360 -68.86 26.76 47.91
C VAL Z 360 -69.61 28.03 48.32
N LEU Z 361 -70.72 28.32 47.65
CA LEU Z 361 -71.69 29.30 48.10
C LEU Z 361 -71.05 30.67 48.41
N PHE Z 362 -70.49 31.28 47.36
CA PHE Z 362 -69.97 32.63 47.50
C PHE Z 362 -71.03 33.58 48.00
N TYR Z 363 -70.63 34.60 48.74
CA TYR Z 363 -71.59 35.54 49.32
C TYR Z 363 -70.96 36.91 49.39
N ALA Z 364 -71.54 37.87 48.67
CA ALA Z 364 -71.01 39.21 48.61
C ALA Z 364 -72.14 40.19 48.89
N SER Z 365 -71.79 41.29 49.56
CA SER Z 365 -72.80 42.25 49.96
C SER Z 365 -72.14 43.60 50.19
N LYS Z 366 -72.85 44.66 49.79
CA LYS Z 366 -72.49 46.01 50.16
C LYS Z 366 -73.75 46.70 50.63
N ARG Z 367 -73.60 47.83 51.33
CA ARG Z 367 -74.73 48.47 51.96
C ARG Z 367 -74.75 49.96 51.66
N VAL Z 368 -75.88 50.43 51.13
CA VAL Z 368 -76.03 51.78 50.60
C VAL Z 368 -77.45 52.24 50.86
N GLY Z 369 -77.65 53.55 50.85
CA GLY Z 369 -79.00 54.08 50.96
C GLY Z 369 -79.02 55.54 50.58
N GLY Z 370 -80.23 56.06 50.37
CA GLY Z 370 -80.39 57.48 50.19
C GLY Z 370 -81.65 57.96 49.50
N ASP Z 371 -82.22 59.07 49.99
CA ASP Z 371 -83.25 59.79 49.27
C ASP Z 371 -82.86 61.25 49.14
N VAL Z 372 -83.78 62.09 48.69
CA VAL Z 372 -83.48 63.48 48.49
C VAL Z 372 -83.21 64.16 49.83
N SER Z 373 -82.19 64.99 49.87
CA SER Z 373 -81.90 65.81 51.04
C SER Z 373 -82.30 67.26 50.86
N ASP Z 374 -82.40 67.75 49.64
CA ASP Z 374 -82.80 69.11 49.35
C ASP Z 374 -83.94 69.05 48.33
N PHE Z 375 -85.18 69.18 48.81
CA PHE Z 375 -86.34 69.04 47.94
C PHE Z 375 -86.42 70.12 46.88
N ALA Z 376 -85.69 71.19 47.03
CA ALA Z 376 -85.76 72.29 46.08
C ALA Z 376 -84.78 72.12 44.92
N ALA Z 377 -83.86 71.17 45.01
CA ALA Z 377 -82.79 71.03 44.03
C ALA Z 377 -83.05 69.97 42.99
N ILE Z 378 -84.29 69.51 42.85
CA ILE Z 378 -84.65 68.55 41.81
C ILE Z 378 -86.01 68.94 41.28
N LYS Z 379 -86.11 69.19 39.98
CA LYS Z 379 -87.36 69.43 39.31
C LYS Z 379 -87.62 68.29 38.35
N LEU Z 380 -88.89 68.07 38.04
CA LEU Z 380 -89.30 66.95 37.21
C LEU Z 380 -90.08 67.47 36.01
N LEU Z 381 -90.29 66.59 35.04
CA LEU Z 381 -91.03 66.93 33.83
C LEU Z 381 -92.10 65.87 33.61
N LYS Z 382 -93.31 66.15 34.09
CA LYS Z 382 -94.42 65.24 33.89
C LYS Z 382 -94.98 65.41 32.49
N PHE Z 383 -95.33 64.30 31.85
CA PHE Z 383 -95.80 64.31 30.48
C PHE Z 383 -97.32 64.27 30.37
N ALA Z 384 -98.04 64.89 31.29
CA ALA Z 384 -99.48 64.72 31.35
C ALA Z 384 -100.28 65.97 30.99
N ALA Z 385 -100.05 67.08 31.67
CA ALA Z 385 -100.91 68.25 31.48
C ALA Z 385 -100.25 69.28 30.57
N ALA AA 89 -77.88 42.10 70.58
CA ALA AA 89 -78.87 41.03 70.53
C ALA AA 89 -79.15 40.64 69.10
N LEU AA 90 -80.42 40.39 68.80
CA LEU AA 90 -80.85 40.05 67.46
C LEU AA 90 -80.93 41.29 66.57
N ASN AA 91 -81.69 41.15 65.49
CA ASN AA 91 -81.89 42.16 64.46
C ASN AA 91 -82.04 43.57 64.98
N SER AA 92 -81.59 44.54 64.20
CA SER AA 92 -81.78 45.95 64.50
C SER AA 92 -83.08 46.49 63.94
N ALA AA 93 -83.96 45.62 63.47
CA ALA AA 93 -85.23 46.08 62.92
C ALA AA 93 -86.19 46.49 64.02
N VAL AA 94 -86.46 45.58 64.94
CA VAL AA 94 -87.34 45.86 66.06
C VAL AA 94 -86.57 46.62 67.12
N ALA AA 95 -87.31 47.41 67.91
CA ALA AA 95 -86.66 48.29 68.87
C ALA AA 95 -86.13 47.52 70.07
N ALA AA 96 -86.90 46.55 70.56
CA ALA AA 96 -86.53 45.87 71.79
C ALA AA 96 -85.31 44.97 71.60
N GLU AA 97 -85.06 44.51 70.39
CA GLU AA 97 -83.92 43.61 70.16
C GLU AA 97 -82.62 44.39 70.06
N GLY AA 98 -82.45 45.15 69.00
CA GLY AA 98 -81.23 45.92 68.85
C GLY AA 98 -81.49 47.27 68.26
N GLY AA 99 -82.75 47.55 67.96
CA GLY AA 99 -83.09 48.85 67.39
C GLY AA 99 -82.67 50.00 68.28
N TYR AA 100 -82.48 49.74 69.57
CA TYR AA 100 -82.07 50.77 70.50
C TYR AA 100 -80.56 50.97 70.52
N LEU AA 101 -79.78 49.94 70.19
CA LEU AA 101 -78.33 50.06 70.25
C LEU AA 101 -77.77 51.01 69.22
N VAL AA 102 -78.43 51.13 68.09
CA VAL AA 102 -77.88 51.80 66.91
C VAL AA 102 -78.29 53.26 66.92
N ASP AA 103 -77.33 54.13 66.59
CA ASP AA 103 -77.61 55.53 66.41
C ASP AA 103 -77.27 55.97 65.00
N PRO AA 104 -78.08 56.82 64.39
CA PRO AA 104 -77.72 57.39 63.10
C PRO AA 104 -76.60 58.40 63.22
N GLN AA 105 -75.85 58.56 62.13
CA GLN AA 105 -74.83 59.59 62.07
C GLN AA 105 -75.51 60.93 61.87
N THR AA 106 -75.22 61.88 62.76
CA THR AA 106 -76.03 63.08 62.84
C THR AA 106 -76.01 63.86 61.54
N SER AA 107 -74.86 64.43 61.22
CA SER AA 107 -74.53 65.03 59.93
C SER AA 107 -73.14 65.61 60.06
N GLU AA 108 -72.62 66.23 59.01
CA GLU AA 108 -71.40 67.01 59.20
C GLU AA 108 -71.72 68.45 59.59
N THR AA 109 -72.62 69.09 58.87
CA THR AA 109 -73.04 70.44 59.14
C THR AA 109 -74.56 70.50 59.00
N ILE AA 110 -75.12 71.67 59.27
CA ILE AA 110 -76.56 71.87 59.17
C ILE AA 110 -76.80 72.63 57.87
N ARG AA 111 -77.01 71.87 56.81
CA ARG AA 111 -77.09 72.44 55.47
C ARG AA 111 -78.41 73.18 55.30
N GLY AA 112 -78.39 74.17 54.41
CA GLY AA 112 -79.59 74.97 54.21
C GLY AA 112 -79.95 75.09 52.75
N VAL AA 113 -81.12 75.68 52.50
CA VAL AA 113 -81.58 75.90 51.14
C VAL AA 113 -80.75 77.01 50.52
N LEU AA 114 -80.34 76.81 49.26
CA LEU AA 114 -79.54 77.80 48.57
C LEU AA 114 -80.49 78.86 48.02
N ARG AA 115 -80.17 80.12 48.25
CA ARG AA 115 -81.00 81.22 47.80
C ARG AA 115 -80.16 82.18 46.96
N SER AA 116 -80.80 82.84 46.00
CA SER AA 116 -80.05 83.64 45.04
C SER AA 116 -79.40 84.84 45.70
N THR AA 117 -78.22 85.21 45.18
CA THR AA 117 -77.44 86.31 45.73
C THR AA 117 -77.39 87.52 44.79
N ALA AA 118 -78.23 87.56 43.76
CA ALA AA 118 -78.33 88.73 42.90
C ALA AA 118 -79.13 89.82 43.59
N SER AA 119 -78.52 90.98 43.76
CA SER AA 119 -79.08 91.96 44.68
C SER AA 119 -79.20 93.38 44.15
N LEU AA 120 -78.90 93.65 42.89
CA LEU AA 120 -78.99 94.99 42.30
C LEU AA 120 -77.93 95.89 42.91
N ARG AA 121 -77.20 95.41 43.89
CA ARG AA 121 -76.05 96.11 44.41
C ARG AA 121 -74.86 95.96 43.48
N GLN AA 122 -74.96 95.07 42.51
CA GLN AA 122 -73.89 94.88 41.55
C GLN AA 122 -73.91 95.95 40.46
N ILE AA 123 -75.07 96.50 40.15
CA ILE AA 123 -75.18 97.50 39.12
C ILE AA 123 -75.42 98.90 39.67
N ALA AA 124 -76.05 99.03 40.82
CA ALA AA 124 -76.28 100.35 41.37
C ALA AA 124 -74.99 100.93 41.95
N SER AA 125 -75.10 102.16 42.44
CA SER AA 125 -73.95 102.89 42.95
C SER AA 125 -74.08 102.97 44.45
N VAL AA 126 -73.14 102.37 45.17
CA VAL AA 126 -73.14 102.38 46.63
C VAL AA 126 -72.22 103.49 47.08
N VAL AA 127 -72.56 104.12 48.19
CA VAL AA 127 -71.74 105.16 48.77
C VAL AA 127 -71.59 104.83 50.25
N ASN AA 128 -70.48 105.24 50.83
CA ASN AA 128 -70.20 105.02 52.24
C ASN AA 128 -70.55 106.27 53.01
N VAL AA 129 -71.78 106.35 53.52
CA VAL AA 129 -72.24 107.52 54.25
C VAL AA 129 -72.26 107.21 55.73
N GLU AA 130 -71.72 108.13 56.51
CA GLU AA 130 -71.67 107.97 57.95
C GLU AA 130 -72.62 108.89 58.70
N ALA AA 131 -73.30 109.81 58.01
CA ALA AA 131 -74.22 110.72 58.66
C ALA AA 131 -75.58 110.04 58.84
N THR AA 132 -76.60 110.80 59.23
CA THR AA 132 -77.92 110.21 59.37
C THR AA 132 -78.62 110.04 58.04
N SER AA 133 -78.05 110.55 56.96
CA SER AA 133 -78.70 110.51 55.66
C SER AA 133 -77.69 110.89 54.61
N PHE AA 134 -78.16 110.94 53.37
CA PHE AA 134 -77.36 111.36 52.24
C PHE AA 134 -78.26 112.19 51.34
N ASP AA 135 -77.72 113.30 50.84
CA ASP AA 135 -78.48 114.14 49.92
C ASP AA 135 -77.82 114.11 48.56
N VAL AA 136 -78.60 114.26 47.54
CA VAL AA 136 -78.07 114.42 46.20
C VAL AA 136 -78.75 115.62 45.58
N LEU AA 137 -77.98 116.41 44.86
CA LEU AA 137 -78.47 117.67 44.32
C LEU AA 137 -78.58 117.50 42.82
N VAL AA 138 -79.76 117.73 42.28
CA VAL AA 138 -80.01 117.50 40.87
C VAL AA 138 -80.50 118.79 40.23
N ASP AA 139 -80.49 118.80 38.90
CA ASP AA 139 -81.02 119.88 38.10
C ASP AA 139 -82.30 119.34 37.46
N LYS AA 140 -83.41 119.52 38.15
CA LYS AA 140 -84.69 119.00 37.70
C LYS AA 140 -85.09 119.59 36.36
N THR AA 141 -84.59 120.76 36.00
CA THR AA 141 -84.78 121.34 34.68
C THR AA 141 -83.41 121.72 34.14
N ASP AA 142 -83.37 122.33 32.97
CA ASP AA 142 -82.09 122.71 32.39
C ASP AA 142 -82.12 124.18 32.02
N MET AA 143 -81.01 124.66 31.48
CA MET AA 143 -80.92 126.08 31.18
C MET AA 143 -81.69 126.46 29.94
N GLY AA 144 -82.16 127.70 29.93
CA GLY AA 144 -82.77 128.26 28.77
C GLY AA 144 -81.66 128.88 27.96
N SER AA 145 -81.79 128.84 26.64
CA SER AA 145 -80.78 129.49 25.81
C SER AA 145 -81.35 129.79 24.44
N GLY AA 146 -81.51 131.08 24.13
CA GLY AA 146 -82.12 131.51 22.86
C GLY AA 146 -81.07 132.00 21.86
N TRP AA 147 -81.48 132.21 20.61
CA TRP AA 147 -80.54 132.70 19.56
C TRP AA 147 -80.43 134.22 19.60
N ALA AA 148 -81.30 134.89 20.36
CA ALA AA 148 -81.20 136.36 20.51
C ALA AA 148 -81.60 137.05 19.21
N SER AA 149 -81.27 138.35 19.09
CA SER AA 149 -81.57 139.11 17.84
C SER AA 149 -80.46 140.11 17.58
N GLU AA 150 -80.30 140.56 16.33
CA GLU AA 150 -79.28 141.59 16.02
C GLU AA 150 -79.66 142.89 16.73
N THR AA 151 -80.89 142.98 17.23
CA THR AA 151 -81.33 144.18 17.94
C THR AA 151 -82.43 143.79 18.93
N ALA AA 152 -82.04 143.59 20.19
CA ALA AA 152 -83.00 143.24 21.23
C ALA AA 152 -82.36 143.49 22.58
N ALA AA 153 -83.07 143.10 23.64
CA ALA AA 153 -82.60 143.40 24.99
C ALA AA 153 -81.76 142.28 25.58
N LEU AA 154 -82.01 141.04 25.14
CA LEU AA 154 -81.32 139.86 25.67
C LEU AA 154 -81.55 139.74 27.18
N SER AA 155 -82.80 139.43 27.52
CA SER AA 155 -83.18 139.30 28.91
C SER AA 155 -82.57 138.05 29.53
N GLU AA 156 -82.63 137.96 30.85
CA GLU AA 156 -82.12 136.81 31.58
C GLU AA 156 -82.90 135.57 31.16
N THR AA 157 -82.18 134.50 30.83
CA THR AA 157 -82.84 133.38 30.16
C THR AA 157 -83.54 132.44 31.14
N ALA AA 158 -82.76 131.70 31.93
CA ALA AA 158 -83.29 130.70 32.86
C ALA AA 158 -82.11 130.01 33.51
N THR AA 159 -82.39 129.22 34.53
CA THR AA 159 -81.34 128.56 35.29
C THR AA 159 -81.95 127.31 35.92
N PRO AA 160 -81.25 126.18 35.93
CA PRO AA 160 -81.88 124.94 36.39
C PRO AA 160 -82.29 125.02 37.85
N GLN AA 161 -83.51 124.62 38.13
CA GLN AA 161 -83.99 124.63 39.51
C GLN AA 161 -83.47 123.41 40.23
N ILE AA 162 -82.66 123.63 41.24
CA ILE AA 162 -81.97 122.56 41.95
C ILE AA 162 -82.94 121.83 42.86
N ASP AA 163 -82.85 120.51 42.89
CA ASP AA 163 -83.63 119.72 43.82
C ASP AA 163 -82.70 118.78 44.58
N ARG AA 164 -83.05 118.54 45.84
CA ARG AA 164 -82.26 117.70 46.72
C ARG AA 164 -83.06 116.46 47.07
N ILE AA 165 -82.54 115.30 46.69
CA ILE AA 165 -83.14 114.02 47.02
C ILE AA 165 -82.40 113.46 48.23
N THR AA 166 -83.14 113.07 49.25
CA THR AA 166 -82.57 112.64 50.51
C THR AA 166 -82.62 111.11 50.63
N ILE AA 167 -81.58 110.54 51.21
CA ILE AA 167 -81.48 109.10 51.38
C ILE AA 167 -81.46 108.82 52.87
N PRO AA 168 -82.62 108.56 53.48
CA PRO AA 168 -82.72 108.57 54.95
C PRO AA 168 -81.81 107.59 55.69
N LEU AA 169 -81.22 106.60 55.02
CA LEU AA 169 -80.27 105.68 55.63
C LEU AA 169 -80.89 104.97 56.84
N HIS AA 170 -81.88 104.14 56.54
CA HIS AA 170 -82.59 103.39 57.57
C HIS AA 170 -81.73 102.27 58.12
N GLU AA 171 -82.33 101.44 58.98
CA GLU AA 171 -81.64 100.34 59.64
C GLU AA 171 -82.41 99.04 59.45
N LEU AA 172 -81.67 97.95 59.23
CA LEU AA 172 -82.26 96.64 58.99
C LEU AA 172 -81.89 95.73 60.15
N ALA AA 173 -82.90 95.27 60.90
CA ALA AA 173 -82.67 94.60 62.17
C ALA AA 173 -83.14 93.17 62.16
N ALA AA 174 -82.33 92.27 62.73
CA ALA AA 174 -82.70 90.89 62.95
C ALA AA 174 -82.37 90.54 64.39
N MET AA 175 -83.38 90.13 65.16
CA MET AA 175 -83.18 89.73 66.56
C MET AA 175 -83.76 88.35 66.79
N PRO AA 176 -83.12 87.31 66.28
CA PRO AA 176 -83.60 85.95 66.53
C PRO AA 176 -83.28 85.50 67.94
N LYS AA 177 -84.31 85.02 68.63
CA LYS AA 177 -84.15 84.47 69.97
C LYS AA 177 -83.65 83.05 69.84
N ALA AA 178 -82.75 82.66 70.75
CA ALA AA 178 -82.25 81.29 70.78
C ALA AA 178 -82.19 80.85 72.23
N SER AA 179 -82.69 79.66 72.51
CA SER AA 179 -82.66 79.16 73.87
C SER AA 179 -81.23 78.93 74.32
N GLN AA 180 -80.97 79.19 75.60
CA GLN AA 180 -79.64 78.90 76.11
C GLN AA 180 -79.38 77.41 76.15
N ARG AA 181 -80.42 76.61 76.38
CA ARG AA 181 -80.25 75.16 76.36
C ARG AA 181 -79.75 74.70 75.01
N LEU AA 182 -80.47 75.03 73.94
CA LEU AA 182 -80.09 74.59 72.61
C LEU AA 182 -78.68 75.01 72.26
N LEU AA 183 -78.22 76.13 72.79
CA LEU AA 183 -76.86 76.58 72.48
C LEU AA 183 -75.82 75.66 73.09
N ASP AA 184 -76.05 75.19 74.31
CA ASP AA 184 -75.04 74.44 75.04
C ASP AA 184 -74.96 72.99 74.60
N ASP AA 185 -76.10 72.33 74.40
CA ASP AA 185 -76.12 70.91 74.15
C ASP AA 185 -76.31 70.56 72.68
N SER AA 186 -76.01 71.48 71.77
CA SER AA 186 -76.06 71.18 70.35
C SER AA 186 -74.67 70.85 69.84
N ALA AA 187 -74.57 69.77 69.07
CA ALA AA 187 -73.29 69.40 68.49
C ALA AA 187 -72.83 70.37 67.42
N PHE AA 188 -73.78 71.04 66.76
CA PHE AA 188 -73.46 72.06 65.77
C PHE AA 188 -73.23 73.40 66.44
N ASP AA 189 -72.43 74.23 65.80
CA ASP AA 189 -72.20 75.59 66.30
C ASP AA 189 -73.37 76.46 65.87
N ILE AA 190 -74.35 76.59 66.77
CA ILE AA 190 -75.54 77.35 66.44
C ILE AA 190 -75.29 78.85 66.51
N GLU AA 191 -74.41 79.28 67.41
CA GLU AA 191 -74.14 80.71 67.53
C GLU AA 191 -73.56 81.36 66.27
N THR AA 192 -72.75 80.63 65.51
CA THR AA 192 -72.21 81.15 64.27
C THR AA 192 -72.93 80.57 63.04
N TRP AA 193 -73.97 79.79 63.26
CA TRP AA 193 -74.81 79.37 62.16
C TRP AA 193 -75.88 80.45 62.01
N LEU AA 194 -76.30 81.05 63.12
CA LEU AA 194 -77.20 82.19 63.04
C LEU AA 194 -76.51 83.37 62.36
N ALA AA 195 -75.27 83.66 62.74
CA ALA AA 195 -74.56 84.76 62.13
C ALA AA 195 -74.29 84.50 60.66
N ASN AA 196 -74.29 83.23 60.27
CA ASN AA 196 -74.17 82.90 58.85
C ASN AA 196 -75.49 83.11 58.14
N ARG AA 197 -76.59 82.73 58.78
CA ARG AA 197 -77.89 82.89 58.15
C ARG AA 197 -78.41 84.31 58.27
N ILE AA 198 -77.81 85.12 59.13
CA ILE AA 198 -78.19 86.52 59.22
C ILE AA 198 -77.54 87.30 58.09
N ALA AA 199 -76.23 87.14 57.92
CA ALA AA 199 -75.53 87.82 56.84
C ALA AA 199 -76.12 87.45 55.48
N ASP AA 200 -76.66 86.24 55.36
CA ASP AA 200 -77.31 85.84 54.13
C ASP AA 200 -78.66 86.51 53.97
N LYS AA 201 -79.41 86.63 55.06
CA LYS AA 201 -80.73 87.25 54.97
C LYS AA 201 -80.63 88.75 54.76
N PHE AA 202 -79.61 89.40 55.34
CA PHE AA 202 -79.47 90.84 55.15
C PHE AA 202 -79.13 91.19 53.72
N ALA AA 203 -78.18 90.47 53.11
CA ALA AA 203 -77.87 90.69 51.71
C ALA AA 203 -79.03 90.33 50.79
N ARG AA 204 -80.06 89.70 51.32
CA ARG AA 204 -81.24 89.32 50.55
C ARG AA 204 -82.49 90.08 50.93
N ALA AA 205 -82.52 90.68 52.11
CA ALA AA 205 -83.65 91.51 52.51
C ALA AA 205 -83.50 92.93 52.01
N GLU AA 206 -82.26 93.43 51.96
CA GLU AA 206 -82.02 94.74 51.37
C GLU AA 206 -81.99 94.66 49.85
N ALA AA 207 -81.80 93.48 49.28
CA ALA AA 207 -81.91 93.32 47.84
C ALA AA 207 -83.34 93.53 47.37
N ALA AA 208 -84.32 93.22 48.21
CA ALA AA 208 -85.71 93.38 47.84
C ALA AA 208 -86.19 94.79 48.08
N ALA AA 209 -85.64 95.47 49.08
CA ALA AA 209 -86.03 96.86 49.31
C ALA AA 209 -85.47 97.75 48.22
N PHE AA 210 -84.35 97.35 47.63
CA PHE AA 210 -83.77 98.11 46.52
C PHE AA 210 -84.67 98.11 45.29
N ILE AA 211 -85.67 97.23 45.26
CA ILE AA 211 -86.56 97.10 44.11
C ILE AA 211 -87.99 97.46 44.45
N SER AA 212 -88.61 96.75 45.37
CA SER AA 212 -90.01 97.02 45.69
C SER AA 212 -90.21 97.51 47.12
N GLY AA 213 -89.29 98.27 47.68
CA GLY AA 213 -89.51 98.82 49.00
C GLY AA 213 -90.23 100.15 48.92
N ASP AA 214 -91.08 100.41 49.91
CA ASP AA 214 -91.72 101.70 50.04
C ASP AA 214 -90.82 102.62 50.87
N GLY AA 215 -91.37 103.75 51.32
CA GLY AA 215 -90.55 104.72 52.00
C GLY AA 215 -90.39 104.49 53.48
N VAL AA 216 -91.39 103.87 54.12
CA VAL AA 216 -91.42 103.78 55.57
C VAL AA 216 -90.27 102.90 56.06
N ASP AA 217 -89.30 103.53 56.73
CA ASP AA 217 -88.21 102.87 57.43
C ASP AA 217 -87.42 101.92 56.55
N LYS AA 218 -87.54 102.03 55.23
CA LYS AA 218 -86.84 101.12 54.35
C LYS AA 218 -86.58 101.83 53.02
N PRO AA 219 -85.53 101.44 52.31
CA PRO AA 219 -85.21 102.07 51.03
C PRO AA 219 -86.29 102.06 49.97
N THR AA 220 -86.45 103.18 49.28
CA THR AA 220 -87.42 103.23 48.19
C THR AA 220 -86.93 102.63 46.89
N GLY AA 221 -87.38 101.42 46.59
CA GLY AA 221 -86.94 100.76 45.37
C GLY AA 221 -87.47 101.55 44.19
N PHE AA 222 -86.87 101.31 43.03
CA PHE AA 222 -87.23 102.11 41.87
C PHE AA 222 -88.64 101.81 41.39
N LEU AA 223 -89.22 100.69 41.77
CA LEU AA 223 -90.54 100.36 41.29
C LEU AA 223 -91.64 101.18 41.93
N THR AA 224 -91.40 101.74 43.11
CA THR AA 224 -92.39 102.58 43.79
C THR AA 224 -92.17 104.06 43.50
N LYS AA 225 -92.11 104.45 42.23
CA LYS AA 225 -91.73 105.82 41.86
C LYS AA 225 -92.68 106.38 40.82
N THR AA 226 -93.99 106.26 41.05
CA THR AA 226 -95.06 106.82 40.24
C THR AA 226 -94.79 106.76 38.73
N LYS AA 227 -94.72 105.55 38.19
CA LYS AA 227 -94.40 105.34 36.79
C LYS AA 227 -95.37 106.04 35.85
N VAL AA 228 -94.83 106.63 34.79
CA VAL AA 228 -95.62 107.31 33.76
C VAL AA 228 -95.14 106.80 32.41
N ALA AA 229 -96.05 106.72 31.44
CA ALA AA 229 -95.71 106.22 30.12
C ALA AA 229 -94.66 107.08 29.46
N ASN AA 230 -93.70 106.44 28.80
CA ASN AA 230 -92.65 107.19 28.15
C ASN AA 230 -93.20 108.04 27.03
N GLY AA 231 -92.44 109.05 26.64
CA GLY AA 231 -92.89 110.07 25.73
C GLY AA 231 -93.61 111.20 26.41
N ALA AA 232 -94.27 110.92 27.53
CA ALA AA 232 -94.84 111.91 28.42
C ALA AA 232 -94.02 111.96 29.71
N TRP AA 233 -92.74 111.61 29.59
CA TRP AA 233 -91.89 111.43 30.75
C TRP AA 233 -91.55 112.77 31.37
N ALA AA 234 -91.67 112.87 32.68
CA ALA AA 234 -91.32 114.04 33.46
C ALA AA 234 -90.16 113.67 34.39
N TRP AA 235 -89.74 114.62 35.23
CA TRP AA 235 -88.61 114.34 36.11
C TRP AA 235 -89.01 113.50 37.31
N GLY AA 236 -90.23 113.66 37.81
CA GLY AA 236 -90.53 112.95 39.03
C GLY AA 236 -90.95 111.51 38.88
N SER AA 237 -90.76 110.92 37.71
CA SER AA 237 -91.31 109.60 37.45
C SER AA 237 -90.40 108.82 36.52
N LEU AA 238 -90.58 107.50 36.56
CA LEU AA 238 -89.83 106.59 35.70
C LEU AA 238 -90.70 106.25 34.50
N GLY AA 239 -90.10 106.30 33.31
CA GLY AA 239 -90.83 106.07 32.09
C GLY AA 239 -90.88 104.61 31.72
N TYR AA 240 -92.05 104.14 31.32
CA TYR AA 240 -92.24 102.75 30.95
C TYR AA 240 -92.83 102.67 29.55
N VAL AA 241 -92.60 101.54 28.91
CA VAL AA 241 -93.19 101.25 27.61
C VAL AA 241 -94.04 100.00 27.77
N ALA AA 242 -95.11 99.92 26.99
CA ALA AA 242 -96.09 98.87 27.14
C ALA AA 242 -95.83 97.77 26.12
N THR AA 243 -96.19 96.54 26.51
CA THR AA 243 -95.87 95.36 25.70
C THR AA 243 -96.97 95.02 24.71
N GLY AA 244 -98.16 95.58 24.86
CA GLY AA 244 -99.27 95.07 24.07
C GLY AA 244 -100.27 94.30 24.89
N ALA AA 245 -100.25 92.96 24.81
CA ALA AA 245 -101.22 92.16 25.52
C ALA AA 245 -101.20 92.47 27.01
N ALA AA 246 -102.30 92.13 27.67
CA ALA AA 246 -102.47 92.51 29.08
C ALA AA 246 -101.81 91.55 30.05
N GLY AA 247 -101.62 90.29 29.67
CA GLY AA 247 -100.97 89.38 30.60
C GLY AA 247 -99.49 89.22 30.39
N ASP AA 248 -99.06 88.89 29.19
CA ASP AA 248 -97.68 88.52 28.89
C ASP AA 248 -97.24 89.36 27.70
N PHE AA 249 -96.14 88.96 27.06
CA PHE AA 249 -95.59 89.70 25.89
C PHE AA 249 -96.59 89.68 24.74
N ALA AA 250 -96.43 90.60 23.76
CA ALA AA 250 -97.39 90.69 22.64
C ALA AA 250 -97.34 89.39 21.84
N ALA AA 251 -98.51 88.84 21.49
CA ALA AA 251 -98.56 87.55 20.75
C ALA AA 251 -97.93 87.68 19.36
N VAL AA 252 -98.26 88.73 18.61
CA VAL AA 252 -97.77 88.83 17.20
C VAL AA 252 -96.25 88.97 17.19
N ASN AA 253 -95.70 89.89 18.00
CA ASN AA 253 -94.22 90.04 18.11
C ASN AA 253 -93.89 90.36 19.57
N ALA AA 254 -93.18 89.47 20.26
CA ALA AA 254 -92.77 89.79 21.64
C ALA AA 254 -91.37 90.43 21.63
N SER AA 255 -90.66 90.31 20.52
CA SER AA 255 -89.27 90.84 20.42
C SER AA 255 -89.31 92.37 20.36
N ASP AA 256 -90.40 92.93 19.83
CA ASP AA 256 -90.49 94.40 19.65
C ASP AA 256 -90.43 95.10 21.02
N ALA AA 257 -91.07 94.53 22.04
CA ALA AA 257 -91.13 95.21 23.36
C ALA AA 257 -89.72 95.41 23.91
N VAL AA 258 -88.89 94.36 23.86
CA VAL AA 258 -87.48 94.43 24.33
C VAL AA 258 -86.75 95.53 23.54
N VAL AA 259 -86.82 95.49 22.21
CA VAL AA 259 -86.07 96.47 21.37
C VAL AA 259 -86.55 97.89 21.69
N ASP AA 260 -87.86 98.09 21.79
CA ASP AA 260 -88.42 99.44 22.07
C ASP AA 260 -87.96 99.90 23.45
N LEU AA 261 -87.95 99.00 24.44
CA LEU AA 261 -87.47 99.35 25.81
C LEU AA 261 -86.02 99.83 25.72
N VAL AA 262 -85.17 99.06 25.02
CA VAL AA 262 -83.73 99.43 24.84
C VAL AA 262 -83.66 100.83 24.21
N TYR AA 263 -84.51 101.10 23.22
CA TYR AA 263 -84.47 102.42 22.53
C TYR AA 263 -85.51 103.37 23.14
N ALA AA 264 -85.57 103.35 24.47
CA ALA AA 264 -86.25 104.35 25.26
C ALA AA 264 -85.36 104.91 26.36
N LEU AA 265 -84.04 104.72 26.26
CA LEU AA 265 -83.15 105.20 27.30
C LEU AA 265 -82.35 106.42 26.89
N GLY AA 266 -81.91 106.49 25.64
CA GLY AA 266 -80.98 107.56 25.26
C GLY AA 266 -79.57 107.02 25.15
N ALA AA 267 -78.87 107.44 24.10
CA ALA AA 267 -77.58 106.85 23.79
C ALA AA 267 -76.51 107.17 24.83
N GLU AA 268 -76.83 107.98 25.84
CA GLU AA 268 -75.85 108.25 26.87
C GLU AA 268 -75.97 107.31 28.06
N TYR AA 269 -77.19 106.98 28.45
CA TYR AA 269 -77.41 106.00 29.49
C TYR AA 269 -77.25 104.57 28.99
N ARG AA 270 -77.35 104.35 27.68
CA ARG AA 270 -77.11 103.02 27.14
C ARG AA 270 -75.62 102.71 26.99
N ALA AA 271 -74.75 103.63 27.34
CA ALA AA 271 -73.32 103.35 27.29
C ALA AA 271 -72.99 102.19 28.22
N ASN AA 272 -73.59 102.19 29.41
CA ASN AA 272 -73.49 101.07 30.34
C ASN AA 272 -74.84 100.93 31.05
N ALA AA 273 -75.71 100.10 30.49
CA ALA AA 273 -77.00 99.78 31.06
C ALA AA 273 -77.15 98.27 31.14
N SER AA 274 -78.17 97.81 31.84
CA SER AA 274 -78.38 96.38 31.99
C SER AA 274 -79.83 96.09 32.34
N PHE AA 275 -80.37 95.05 31.72
CA PHE AA 275 -81.70 94.58 32.08
C PHE AA 275 -81.71 94.00 33.49
N VAL AA 276 -82.86 94.10 34.13
CA VAL AA 276 -83.04 93.50 35.45
C VAL AA 276 -84.36 92.73 35.40
N MET AA 277 -84.29 91.42 35.54
CA MET AA 277 -85.45 90.54 35.53
C MET AA 277 -85.29 89.52 36.64
N ASN AA 278 -86.36 88.82 36.96
CA ASN AA 278 -86.22 87.67 37.85
C ASN AA 278 -85.96 86.43 37.00
N SER AA 279 -85.92 85.27 37.64
CA SER AA 279 -85.54 84.07 36.92
C SER AA 279 -86.61 83.66 35.93
N LYS AA 280 -87.86 83.60 36.38
CA LYS AA 280 -88.92 83.10 35.53
C LYS AA 280 -89.37 84.11 34.49
N THR AA 281 -88.67 85.22 34.34
CA THR AA 281 -88.96 86.15 33.25
C THR AA 281 -87.94 85.96 32.14
N ALA AA 282 -86.66 85.86 32.50
CA ALA AA 282 -85.65 85.49 31.53
C ALA AA 282 -85.98 84.17 30.89
N GLY AA 283 -86.69 83.30 31.61
CA GLY AA 283 -87.22 82.11 30.97
C GLY AA 283 -88.31 82.42 29.98
N ALA AA 284 -89.20 83.36 30.33
CA ALA AA 284 -90.24 83.74 29.39
C ALA AA 284 -89.68 84.56 28.24
N VAL AA 285 -88.57 85.26 28.46
CA VAL AA 285 -87.86 85.89 27.37
C VAL AA 285 -87.16 84.86 26.50
N ARG AA 286 -86.64 83.81 27.13
CA ARG AA 286 -85.96 82.80 26.33
C ARG AA 286 -86.94 81.92 25.57
N LYS AA 287 -88.16 81.77 26.08
CA LYS AA 287 -89.22 81.07 25.37
C LYS AA 287 -89.70 81.83 24.15
N MET AA 288 -89.21 83.04 23.93
CA MET AA 288 -89.63 83.81 22.76
C MET AA 288 -89.05 83.12 21.54
N LYS AA 289 -89.93 82.74 20.63
CA LYS AA 289 -89.57 82.02 19.42
C LYS AA 289 -90.14 82.74 18.22
N ASP AA 290 -89.43 82.65 17.11
CA ASP AA 290 -89.88 83.29 15.88
C ASP AA 290 -90.95 82.39 15.27
N ALA AA 291 -91.35 82.65 14.02
CA ALA AA 291 -92.45 81.87 13.47
C ALA AA 291 -92.05 80.42 13.26
N ASP AA 292 -90.78 80.15 13.00
CA ASP AA 292 -90.41 78.77 12.77
C ASP AA 292 -90.28 77.96 14.04
N GLY AA 293 -89.95 78.57 15.18
CA GLY AA 293 -89.78 77.74 16.36
C GLY AA 293 -88.37 77.63 16.88
N ARG AA 294 -87.40 78.25 16.21
CA ARG AA 294 -86.01 78.23 16.66
C ARG AA 294 -85.63 79.19 17.78
N PHE AA 295 -86.56 79.80 18.51
CA PHE AA 295 -86.25 80.73 19.59
C PHE AA 295 -85.44 81.93 19.07
N LEU AA 296 -85.96 83.11 19.34
CA LEU AA 296 -85.25 84.34 19.03
C LEU AA 296 -83.97 84.46 19.85
N TRP AA 297 -84.00 84.04 21.10
CA TRP AA 297 -82.84 84.18 21.97
C TRP AA 297 -82.24 82.80 22.23
N ALA AA 298 -80.92 82.69 22.06
CA ALA AA 298 -80.22 81.43 22.27
C ALA AA 298 -80.81 80.33 21.38
N ASP AA 299 -80.65 80.51 20.07
CA ASP AA 299 -81.50 79.81 19.12
C ASP AA 299 -81.41 78.30 19.26
N SER AA 300 -80.26 77.78 19.68
CA SER AA 300 -80.11 76.34 19.81
C SER AA 300 -80.57 75.87 21.19
N LEU AA 301 -80.77 74.56 21.31
CA LEU AA 301 -81.07 73.98 22.62
C LEU AA 301 -79.82 73.66 23.42
N ALA AA 302 -78.63 73.88 22.87
CA ALA AA 302 -77.38 73.68 23.59
C ALA AA 302 -76.77 75.00 24.02
N ALA AA 303 -77.60 75.95 24.48
CA ALA AA 303 -77.18 77.34 24.58
C ALA AA 303 -76.98 77.83 26.01
N GLY AA 304 -78.01 77.75 26.82
CA GLY AA 304 -77.97 78.37 28.14
C GLY AA 304 -78.31 79.85 28.07
N GLU AA 305 -78.07 80.52 29.18
CA GLU AA 305 -78.26 81.96 29.26
C GLU AA 305 -77.11 82.64 28.54
N PRO AA 306 -77.33 83.27 27.37
CA PRO AA 306 -76.23 83.94 26.68
C PRO AA 306 -75.67 85.17 27.37
N ALA AA 307 -76.18 85.57 28.53
CA ALA AA 307 -75.64 86.67 29.32
C ALA AA 307 -75.62 87.99 28.58
N ARG AA 308 -76.54 88.21 27.64
CA ARG AA 308 -76.64 89.44 26.88
C ARG AA 308 -77.98 89.46 26.18
N LEU AA 309 -78.69 90.56 26.29
CA LEU AA 309 -79.96 90.77 25.61
C LEU AA 309 -79.84 92.08 24.87
N MET AA 310 -80.01 92.05 23.56
CA MET AA 310 -79.86 93.24 22.73
C MET AA 310 -78.52 93.91 22.95
N GLY AA 311 -77.49 93.15 23.27
CA GLY AA 311 -76.17 93.70 23.49
C GLY AA 311 -75.90 94.24 24.87
N TYR AA 312 -76.78 94.03 25.84
CA TYR AA 312 -76.60 94.60 27.16
C TYR AA 312 -76.69 93.51 28.22
N PRO AA 313 -75.97 93.67 29.33
CA PRO AA 313 -76.01 92.64 30.38
C PRO AA 313 -77.40 92.42 30.94
N VAL AA 314 -77.55 91.33 31.66
CA VAL AA 314 -78.80 90.96 32.30
C VAL AA 314 -78.53 90.60 33.74
N LEU AA 315 -79.26 91.22 34.65
CA LEU AA 315 -79.14 90.94 36.08
C LEU AA 315 -80.39 90.18 36.49
N ILE AA 316 -80.23 88.92 36.88
CA ILE AA 316 -81.36 88.11 37.30
C ILE AA 316 -81.62 88.34 38.77
N ALA AA 317 -82.37 89.38 39.08
CA ALA AA 317 -82.73 89.74 40.44
C ALA AA 317 -84.08 89.12 40.78
N GLU AA 318 -84.06 88.09 41.62
CA GLU AA 318 -85.28 87.32 41.87
C GLU AA 318 -86.29 88.05 42.72
N ASP AA 319 -86.10 89.35 42.96
CA ASP AA 319 -87.02 90.14 43.76
C ASP AA 319 -87.87 91.09 42.92
N MET AA 320 -87.78 91.04 41.60
CA MET AA 320 -88.69 91.83 40.81
C MET AA 320 -90.00 91.07 40.57
N PRO AA 321 -91.09 91.77 40.35
CA PRO AA 321 -92.34 91.08 40.05
C PRO AA 321 -92.25 90.28 38.78
N ASP AA 322 -93.06 89.24 38.71
CA ASP AA 322 -93.12 88.39 37.55
C ASP AA 322 -94.13 88.95 36.55
N ILE AA 323 -94.35 88.21 35.48
CA ILE AA 323 -95.28 88.65 34.45
C ILE AA 323 -96.71 88.48 34.96
N ALA AA 324 -97.44 89.58 35.01
CA ALA AA 324 -98.76 89.59 35.61
C ALA AA 324 -99.61 90.62 34.87
N ALA AA 325 -100.72 91.02 35.50
CA ALA AA 325 -101.69 91.88 34.83
C ALA AA 325 -101.05 93.19 34.39
N ASN AA 326 -100.50 93.96 35.34
CA ASN AA 326 -99.91 95.25 35.02
C ASN AA 326 -98.51 95.38 35.60
N ALA AA 327 -97.77 94.29 35.68
CA ALA AA 327 -96.47 94.31 36.33
C ALA AA 327 -95.41 94.91 35.41
N TYR AA 328 -94.42 95.54 36.05
CA TYR AA 328 -93.24 96.05 35.36
C TYR AA 328 -92.12 95.03 35.51
N ALA AA 329 -92.34 93.86 34.94
CA ALA AA 329 -91.51 92.71 35.25
C ALA AA 329 -90.11 92.80 34.68
N ILE AA 330 -89.86 93.69 33.73
CA ILE AA 330 -88.54 93.90 33.15
C ILE AA 330 -88.18 95.36 33.24
N ALA AA 331 -87.06 95.66 33.90
CA ALA AA 331 -86.56 97.03 33.97
C ALA AA 331 -85.22 97.06 33.27
N PHE AA 332 -84.97 98.13 32.52
CA PHE AA 332 -83.74 98.31 31.78
C PHE AA 332 -83.28 99.74 32.01
N GLY AA 333 -82.03 99.91 32.38
CA GLY AA 333 -81.52 101.24 32.60
C GLY AA 333 -80.12 101.20 33.14
N ASP AA 334 -79.56 102.39 33.28
CA ASP AA 334 -78.23 102.58 33.83
C ASP AA 334 -78.40 102.92 35.30
N PHE AA 335 -78.19 101.93 36.15
CA PHE AA 335 -78.37 102.11 37.58
C PHE AA 335 -77.16 102.73 38.25
N GLY AA 336 -75.99 102.72 37.59
CA GLY AA 336 -74.84 103.41 38.15
C GLY AA 336 -75.12 104.87 38.44
N ASN AA 337 -76.00 105.48 37.65
CA ASN AA 337 -76.46 106.84 37.90
C ASN AA 337 -77.89 106.89 38.37
N GLY AA 338 -78.69 105.90 38.03
CA GLY AA 338 -80.11 105.96 38.30
C GLY AA 338 -80.48 105.66 39.73
N TYR AA 339 -79.81 104.70 40.35
CA TYR AA 339 -80.16 104.26 41.70
C TYR AA 339 -78.96 104.41 42.61
N THR AA 340 -79.11 105.19 43.67
CA THR AA 340 -78.05 105.46 44.62
C THR AA 340 -78.29 104.71 45.91
N ILE AA 341 -77.32 103.92 46.33
CA ILE AA 341 -77.36 103.18 47.59
C ILE AA 341 -76.47 103.89 48.59
N ALA AA 342 -77.04 104.29 49.72
CA ALA AA 342 -76.29 104.88 50.81
C ALA AA 342 -76.17 103.88 51.94
N GLU AA 343 -74.94 103.58 52.36
CA GLU AA 343 -74.77 102.50 53.31
C GLU AA 343 -73.61 102.77 54.24
N ARG AA 344 -73.59 102.04 55.35
CA ARG AA 344 -72.45 101.91 56.23
C ARG AA 344 -71.97 100.47 56.19
N PRO AA 345 -70.68 100.23 55.97
CA PRO AA 345 -70.29 98.91 55.45
C PRO AA 345 -70.40 97.76 56.43
N ASP AA 346 -69.93 97.92 57.65
CA ASP AA 346 -70.01 96.87 58.67
C ASP AA 346 -71.34 96.87 59.42
N LEU AA 347 -71.70 95.68 59.92
CA LEU AA 347 -72.92 95.50 60.70
C LEU AA 347 -72.53 95.16 62.12
N ARG AA 348 -73.28 95.68 63.09
CA ARG AA 348 -72.95 95.50 64.49
C ARG AA 348 -73.89 94.48 65.10
N VAL AA 349 -73.31 93.50 65.78
CA VAL AA 349 -74.06 92.41 66.39
C VAL AA 349 -74.00 92.59 67.89
N LEU AA 350 -75.03 92.11 68.59
CA LEU AA 350 -75.15 92.31 70.03
C LEU AA 350 -75.96 91.15 70.59
N ARG AA 351 -75.33 90.25 71.33
CA ARG AA 351 -76.03 89.14 71.95
C ARG AA 351 -76.35 89.52 73.39
N ASP AA 352 -77.58 89.22 73.80
CA ASP AA 352 -78.14 89.77 75.03
C ASP AA 352 -78.68 88.67 75.94
N PRO AA 353 -77.85 88.08 76.82
CA PRO AA 353 -78.37 87.07 77.74
C PRO AA 353 -79.25 87.63 78.84
N PHE AA 354 -79.52 88.93 78.85
CA PHE AA 354 -80.11 89.56 80.02
C PHE AA 354 -81.59 89.91 79.87
N SER AA 355 -82.04 90.34 78.69
CA SER AA 355 -83.43 90.74 78.56
C SER AA 355 -84.37 89.55 78.73
N ALA AA 356 -84.27 88.56 77.86
CA ALA AA 356 -84.96 87.29 78.04
C ALA AA 356 -83.97 86.35 78.71
N LYS AA 357 -84.26 85.97 79.97
CA LYS AA 357 -83.22 85.34 80.78
C LYS AA 357 -82.83 83.96 80.26
N PRO AA 358 -83.75 83.02 80.01
CA PRO AA 358 -83.31 81.72 79.51
C PRO AA 358 -82.81 81.75 78.07
N HIS AA 359 -82.77 82.90 77.41
CA HIS AA 359 -82.39 82.97 76.00
C HIS AA 359 -81.26 83.95 75.78
N VAL AA 360 -80.93 84.26 74.52
CA VAL AA 360 -79.78 85.09 74.20
C VAL AA 360 -80.13 86.28 73.34
N LEU AA 361 -81.05 86.14 72.38
CA LEU AA 361 -81.52 87.26 71.57
C LEU AA 361 -80.35 87.93 70.82
N PHE AA 362 -79.81 87.20 69.85
CA PHE AA 362 -78.72 87.75 69.05
C PHE AA 362 -79.23 88.92 68.22
N TYR AA 363 -78.94 90.15 68.60
CA TYR AA 363 -79.45 91.31 67.88
C TYR AA 363 -78.36 91.84 66.97
N ALA AA 364 -78.56 91.67 65.67
CA ALA AA 364 -77.64 92.15 64.64
C ALA AA 364 -78.42 93.01 63.66
N SER AA 365 -77.90 94.21 63.39
CA SER AA 365 -78.66 95.18 62.61
C SER AA 365 -77.74 96.07 61.82
N LYS AA 366 -77.60 95.78 60.54
CA LYS AA 366 -76.94 96.65 59.58
C LYS AA 366 -77.92 97.72 59.12
N ARG AA 367 -77.41 98.90 58.83
CA ARG AA 367 -78.22 100.02 58.38
C ARG AA 367 -77.87 100.39 56.95
N VAL AA 368 -78.91 100.69 56.16
CA VAL AA 368 -78.77 100.83 54.72
C VAL AA 368 -79.92 101.70 54.24
N GLY AA 369 -79.72 102.39 53.11
CA GLY AA 369 -80.78 103.20 52.53
C GLY AA 369 -80.48 103.51 51.08
N GLY AA 370 -81.50 103.97 50.37
CA GLY AA 370 -81.30 104.37 48.99
C GLY AA 370 -82.55 104.49 48.15
N ASP AA 371 -82.62 105.52 47.30
CA ASP AA 371 -83.69 105.61 46.30
C ASP AA 371 -83.09 106.00 44.96
N VAL AA 372 -83.97 106.31 44.01
CA VAL AA 372 -83.52 106.65 42.66
C VAL AA 372 -82.82 108.00 42.69
N SER AA 373 -81.80 108.14 41.88
CA SER AA 373 -81.09 109.41 41.82
C SER AA 373 -81.23 110.10 40.47
N ASP AA 374 -81.51 109.36 39.40
CA ASP AA 374 -81.63 109.93 38.06
C ASP AA 374 -82.81 109.24 37.39
N PHE AA 375 -83.96 109.92 37.36
CA PHE AA 375 -85.16 109.31 36.81
C PHE AA 375 -85.06 109.04 35.32
N ALA AA 376 -84.13 109.67 34.63
CA ALA AA 376 -83.96 109.48 33.21
C ALA AA 376 -83.14 108.26 32.87
N ALA AA 377 -82.60 107.55 33.85
CA ALA AA 377 -81.68 106.46 33.63
C ALA AA 377 -82.24 105.09 33.96
N ILE AA 378 -83.55 104.97 34.11
CA ILE AA 378 -84.22 103.70 34.37
C ILE AA 378 -85.53 103.71 33.61
N LYS AA 379 -85.67 102.78 32.67
CA LYS AA 379 -86.92 102.64 31.94
C LYS AA 379 -87.50 101.26 32.22
N LEU AA 380 -88.81 101.20 32.29
CA LEU AA 380 -89.52 99.99 32.69
C LEU AA 380 -90.33 99.45 31.52
N LEU AA 381 -90.91 98.27 31.73
CA LEU AA 381 -91.66 97.57 30.69
C LEU AA 381 -92.95 97.03 31.29
N LYS AA 382 -94.02 97.80 31.20
CA LYS AA 382 -95.32 97.40 31.72
C LYS AA 382 -95.96 96.37 30.80
N PHE AA 383 -96.63 95.40 31.40
CA PHE AA 383 -97.24 94.29 30.66
C PHE AA 383 -98.74 94.56 30.53
N ALA AA 384 -99.06 95.60 29.77
CA ALA AA 384 -100.42 96.09 29.62
C ALA AA 384 -100.53 96.70 28.23
N ALA AA 385 -101.67 97.33 27.95
CA ALA AA 385 -101.96 97.78 26.60
C ALA AA 385 -101.95 99.30 26.50
N ALA BA 89 -80.33 114.66 74.20
CA ALA BA 89 -79.77 113.61 73.37
C ALA BA 89 -80.69 112.41 73.32
N LEU BA 90 -81.83 112.51 74.00
CA LEU BA 90 -82.66 111.34 74.21
C LEU BA 90 -83.49 111.07 72.97
N ASN BA 91 -82.86 111.17 71.80
CA ASN BA 91 -83.54 110.86 70.54
C ASN BA 91 -82.58 110.99 69.37
N SER BA 92 -83.13 110.86 68.17
CA SER BA 92 -82.47 111.17 66.92
C SER BA 92 -83.35 112.17 66.19
N ALA BA 93 -83.08 112.38 64.91
CA ALA BA 93 -83.75 113.40 64.12
C ALA BA 93 -85.28 113.35 64.26
N VAL BA 94 -85.80 112.29 64.87
CA VAL BA 94 -87.23 112.19 65.15
C VAL BA 94 -87.74 113.43 65.87
N ALA BA 95 -86.93 114.04 66.73
CA ALA BA 95 -87.34 115.22 67.47
C ALA BA 95 -86.31 116.33 67.31
N ALA BA 96 -86.78 117.56 67.50
CA ALA BA 96 -85.89 118.72 67.42
C ALA BA 96 -84.80 118.66 68.47
N GLU BA 97 -85.18 118.42 69.72
CA GLU BA 97 -84.19 118.09 70.74
C GLU BA 97 -83.50 116.78 70.38
N GLY BA 98 -82.19 116.73 70.62
CA GLY BA 98 -81.41 115.59 70.19
C GLY BA 98 -81.29 115.42 68.69
N GLY BA 99 -82.04 116.18 67.91
CA GLY BA 99 -82.04 115.99 66.47
C GLY BA 99 -81.38 117.11 65.70
N TYR BA 100 -80.75 118.03 66.42
CA TYR BA 100 -80.00 119.09 65.78
C TYR BA 100 -78.57 118.69 65.49
N LEU BA 101 -78.14 117.54 66.00
CA LEU BA 101 -76.76 117.10 65.96
C LEU BA 101 -76.49 116.13 64.83
N VAL BA 102 -77.46 115.93 63.94
CA VAL BA 102 -77.42 114.86 62.95
C VAL BA 102 -77.53 115.40 61.54
N ASP BA 103 -76.92 116.55 61.28
CA ASP BA 103 -76.95 117.15 59.95
C ASP BA 103 -76.56 116.12 58.89
N PRO BA 104 -77.34 115.96 57.82
CA PRO BA 104 -77.03 114.95 56.80
C PRO BA 104 -75.82 115.27 55.96
N GLN BA 105 -75.58 114.44 54.95
CA GLN BA 105 -74.40 114.55 54.09
C GLN BA 105 -74.84 114.80 52.65
N THR BA 106 -74.14 115.70 51.97
CA THR BA 106 -74.49 116.08 50.61
C THR BA 106 -73.48 115.50 49.63
N SER BA 107 -73.91 115.39 48.37
CA SER BA 107 -73.04 114.88 47.33
C SER BA 107 -71.87 115.84 47.10
N GLU BA 108 -70.82 115.31 46.47
CA GLU BA 108 -69.68 116.16 46.16
C GLU BA 108 -70.03 117.16 45.06
N THR BA 109 -70.78 116.72 44.06
CA THR BA 109 -71.16 117.57 42.94
C THR BA 109 -72.67 117.53 42.78
N ILE BA 110 -73.21 118.59 42.20
CA ILE BA 110 -74.60 118.61 41.79
C ILE BA 110 -74.73 117.91 40.45
N ARG BA 111 -75.27 116.69 40.46
CA ARG BA 111 -75.30 115.88 39.26
C ARG BA 111 -76.55 116.18 38.46
N GLY BA 112 -76.47 115.96 37.15
CA GLY BA 112 -77.58 116.25 36.28
C GLY BA 112 -77.92 115.10 35.35
N VAL BA 113 -79.04 115.28 34.65
CA VAL BA 113 -79.48 114.28 33.68
C VAL BA 113 -78.58 114.31 32.46
N LEU BA 114 -78.20 113.12 32.00
CA LEU BA 114 -77.34 112.98 30.84
C LEU BA 114 -78.17 113.06 29.57
N ARG BA 115 -77.72 113.88 28.62
CA ARG BA 115 -78.41 114.04 27.35
C ARG BA 115 -77.44 113.77 26.23
N SER BA 116 -77.96 113.27 25.11
CA SER BA 116 -77.10 112.79 24.05
C SER BA 116 -76.28 113.92 23.43
N THR BA 117 -75.07 113.60 23.00
CA THR BA 117 -74.15 114.56 22.43
C THR BA 117 -73.93 114.36 20.94
N ALA BA 118 -74.73 113.54 20.29
CA ALA BA 118 -74.67 113.41 18.84
C ALA BA 118 -75.34 114.59 18.18
N SER BA 119 -74.60 115.33 17.35
CA SER BA 119 -75.06 116.65 16.93
C SER BA 119 -74.98 116.91 15.44
N LEU BA 120 -74.58 115.95 14.62
CA LEU BA 120 -74.46 116.12 13.18
C LEU BA 120 -73.32 117.08 12.87
N ARG BA 121 -72.72 117.65 13.90
CA ARG BA 121 -71.50 118.40 13.73
C ARG BA 121 -70.31 117.47 13.61
N GLN BA 122 -70.52 116.19 13.91
CA GLN BA 122 -69.44 115.22 13.79
C GLN BA 122 -69.25 114.79 12.34
N ILE BA 123 -70.31 114.84 11.55
CA ILE BA 123 -70.23 114.42 10.16
C ILE BA 123 -70.27 115.60 9.19
N ALA BA 124 -70.88 116.72 9.55
CA ALA BA 124 -70.89 117.85 8.64
C ALA BA 124 -69.52 118.51 8.64
N SER BA 125 -69.38 119.53 7.79
CA SER BA 125 -68.10 120.20 7.63
C SER BA 125 -68.21 121.56 8.28
N VAL BA 126 -67.41 121.79 9.30
CA VAL BA 126 -67.42 123.06 10.00
C VAL BA 126 -66.30 123.91 9.46
N VAL BA 127 -66.51 125.22 9.40
CA VAL BA 127 -65.48 126.14 8.97
C VAL BA 127 -65.43 127.24 10.01
N ASN BA 128 -64.26 127.82 10.21
CA ASN BA 128 -64.09 128.89 11.17
C ASN BA 128 -64.12 130.20 10.42
N VAL BA 129 -65.28 130.81 10.33
CA VAL BA 129 -65.44 132.06 9.62
C VAL BA 129 -65.57 133.18 10.64
N GLU BA 130 -64.80 134.23 10.45
CA GLU BA 130 -64.87 135.44 11.26
C GLU BA 130 -65.36 136.56 10.34
N ALA BA 131 -66.68 136.61 10.18
CA ALA BA 131 -67.32 137.51 9.23
C ALA BA 131 -68.81 137.47 9.53
N THR BA 132 -69.58 138.24 8.78
CA THR BA 132 -71.01 138.25 8.98
C THR BA 132 -71.70 137.05 8.37
N SER BA 133 -71.03 136.32 7.50
CA SER BA 133 -71.65 135.22 6.78
C SER BA 133 -70.58 134.37 6.16
N PHE BA 134 -71.03 133.35 5.44
CA PHE BA 134 -70.15 132.47 4.69
C PHE BA 134 -70.86 132.17 3.38
N ASP BA 135 -70.10 132.17 2.30
CA ASP BA 135 -70.64 131.85 0.99
C ASP BA 135 -70.04 130.55 0.48
N VAL BA 136 -70.80 129.85 -0.34
CA VAL BA 136 -70.26 128.68 -1.02
C VAL BA 136 -70.63 128.85 -2.47
N LEU BA 137 -69.77 128.35 -3.35
CA LEU BA 137 -69.95 128.53 -4.78
C LEU BA 137 -69.94 127.17 -5.44
N VAL BA 138 -71.09 126.77 -5.98
CA VAL BA 138 -71.26 125.43 -6.52
C VAL BA 138 -71.51 125.51 -8.02
N ASP BA 139 -71.38 124.37 -8.69
CA ASP BA 139 -71.68 124.17 -10.11
C ASP BA 139 -72.95 123.34 -10.25
N LYS BA 140 -74.11 123.99 -10.28
CA LYS BA 140 -75.35 123.24 -10.39
C LYS BA 140 -75.45 122.45 -11.69
N THR BA 141 -74.76 122.85 -12.74
CA THR BA 141 -74.71 122.08 -13.98
C THR BA 141 -73.26 121.84 -14.36
N ASP BA 142 -73.06 121.21 -15.52
CA ASP BA 142 -71.71 120.91 -16.00
C ASP BA 142 -71.54 121.44 -17.41
N MET BA 143 -70.36 121.19 -17.97
CA MET BA 143 -69.99 121.72 -19.27
C MET BA 143 -70.70 120.96 -20.37
N GLY BA 144 -70.31 121.26 -21.60
CA GLY BA 144 -70.78 120.51 -22.75
C GLY BA 144 -69.59 120.11 -23.60
N SER BA 145 -69.73 118.95 -24.23
CA SER BA 145 -68.71 118.45 -25.15
C SER BA 145 -69.33 118.33 -26.53
N GLY BA 146 -68.48 118.33 -27.54
CA GLY BA 146 -68.98 118.44 -28.89
C GLY BA 146 -68.93 117.21 -29.77
N TRP BA 147 -67.91 116.37 -29.58
CA TRP BA 147 -67.57 115.35 -30.56
C TRP BA 147 -67.38 116.01 -31.92
N ALA BA 148 -66.37 116.87 -31.98
CA ALA BA 148 -66.15 117.75 -33.11
C ALA BA 148 -65.93 116.96 -34.39
N SER BA 149 -66.18 117.62 -35.52
CA SER BA 149 -65.95 117.03 -36.82
C SER BA 149 -64.58 117.44 -37.34
N GLU BA 150 -64.24 116.98 -38.53
CA GLU BA 150 -62.97 117.33 -39.15
C GLU BA 150 -63.03 118.73 -39.75
N THR BA 151 -64.14 119.07 -40.39
CA THR BA 151 -64.33 120.38 -41.02
C THR BA 151 -65.68 120.92 -40.56
N ALA BA 152 -65.69 121.61 -39.42
CA ALA BA 152 -66.94 122.10 -38.89
C ALA BA 152 -66.82 123.51 -38.31
N ALA BA 153 -65.61 123.90 -37.93
CA ALA BA 153 -65.38 125.13 -37.19
C ALA BA 153 -66.21 125.14 -35.91
N LEU BA 154 -65.89 124.19 -35.04
CA LEU BA 154 -66.77 123.76 -33.94
C LEU BA 154 -67.43 124.93 -33.24
N SER BA 155 -68.72 124.79 -32.98
CA SER BA 155 -69.44 125.79 -32.20
C SER BA 155 -69.01 125.71 -30.75
N GLU BA 156 -69.05 126.84 -30.07
CA GLU BA 156 -68.64 126.87 -28.67
C GLU BA 156 -69.68 126.17 -27.82
N THR BA 157 -69.22 125.65 -26.68
CA THR BA 157 -70.01 124.77 -25.85
C THR BA 157 -70.47 125.49 -24.58
N ALA BA 158 -71.29 124.80 -23.80
CA ALA BA 158 -71.83 125.37 -22.57
C ALA BA 158 -70.75 125.50 -21.51
N THR BA 159 -71.09 126.24 -20.45
CA THR BA 159 -70.17 126.57 -19.38
C THR BA 159 -71.01 126.49 -18.11
N PRO BA 160 -70.50 125.86 -17.04
CA PRO BA 160 -71.38 125.52 -15.91
C PRO BA 160 -71.90 126.75 -15.21
N GLN BA 161 -73.21 126.80 -14.99
CA GLN BA 161 -73.82 127.90 -14.28
C GLN BA 161 -73.66 127.71 -12.79
N ILE BA 162 -73.50 128.81 -12.08
CA ILE BA 162 -72.97 128.82 -10.72
C ILE BA 162 -74.05 129.25 -9.75
N ASP BA 163 -73.91 128.82 -8.50
CA ASP BA 163 -74.78 129.22 -7.42
C ASP BA 163 -73.94 129.68 -6.24
N ARG BA 164 -74.49 130.59 -5.46
CA ARG BA 164 -73.87 131.05 -4.22
C ARG BA 164 -74.89 130.92 -3.10
N ILE BA 165 -74.45 130.35 -1.98
CA ILE BA 165 -75.30 130.11 -0.83
C ILE BA 165 -74.71 130.84 0.36
N THR BA 166 -75.50 131.68 1.01
CA THR BA 166 -75.01 132.49 2.11
C THR BA 166 -75.35 131.80 3.43
N ILE BA 167 -74.44 131.88 4.39
CA ILE BA 167 -74.58 131.28 5.71
C ILE BA 167 -74.59 132.41 6.74
N PRO BA 168 -75.75 132.93 7.13
CA PRO BA 168 -75.79 134.19 7.87
C PRO BA 168 -75.01 134.21 9.18
N LEU BA 169 -74.59 133.08 9.75
CA LEU BA 169 -73.75 133.06 10.94
C LEU BA 169 -74.38 133.83 12.11
N HIS BA 170 -75.49 133.28 12.60
CA HIS BA 170 -76.21 133.85 13.73
C HIS BA 170 -75.40 133.62 15.00
N GLU BA 171 -75.97 134.01 16.15
CA GLU BA 171 -75.34 133.73 17.43
C GLU BA 171 -76.36 133.12 18.38
N LEU BA 172 -75.84 132.56 19.47
CA LEU BA 172 -76.61 131.79 20.43
C LEU BA 172 -76.25 132.26 21.82
N ALA BA 173 -77.22 132.81 22.54
CA ALA BA 173 -76.92 133.50 23.79
C ALA BA 173 -77.58 132.82 24.98
N ALA BA 174 -76.81 132.69 26.06
CA ALA BA 174 -77.33 132.22 27.33
C ALA BA 174 -76.89 133.18 28.41
N MET BA 175 -77.81 133.61 29.26
CA MET BA 175 -77.52 134.59 30.30
C MET BA 175 -78.26 134.25 31.58
N PRO BA 176 -77.70 133.38 32.41
CA PRO BA 176 -78.30 133.13 33.71
C PRO BA 176 -77.85 134.14 34.75
N LYS BA 177 -78.74 134.43 35.70
CA LYS BA 177 -78.50 135.43 36.72
C LYS BA 177 -78.31 134.75 38.06
N ALA BA 178 -77.10 134.77 38.58
CA ALA BA 178 -76.79 134.20 39.87
C ALA BA 178 -76.57 135.30 40.89
N SER BA 179 -77.11 135.12 42.08
CA SER BA 179 -76.91 136.09 43.15
C SER BA 179 -75.47 136.09 43.62
N GLN BA 180 -75.02 137.23 44.14
CA GLN BA 180 -73.63 137.32 44.59
C GLN BA 180 -73.46 136.76 45.99
N ARG BA 181 -74.48 136.90 46.84
CA ARG BA 181 -74.45 136.26 48.14
C ARG BA 181 -74.56 134.75 48.04
N LEU BA 182 -74.64 134.20 46.83
CA LEU BA 182 -74.66 132.76 46.62
C LEU BA 182 -73.33 132.23 46.15
N LEU BA 183 -72.71 132.89 45.18
CA LEU BA 183 -71.48 132.37 44.60
C LEU BA 183 -70.38 132.25 45.63
N ASP BA 184 -70.43 133.04 46.70
CA ASP BA 184 -69.35 133.07 47.67
C ASP BA 184 -69.58 132.14 48.84
N ASP BA 185 -70.81 132.04 49.34
CA ASP BA 185 -71.04 131.28 50.56
C ASP BA 185 -71.58 129.87 50.31
N SER BA 186 -71.94 129.54 49.07
CA SER BA 186 -72.35 128.18 48.77
C SER BA 186 -71.14 127.28 48.66
N ALA BA 187 -71.28 126.05 49.17
CA ALA BA 187 -70.15 125.13 49.19
C ALA BA 187 -69.66 124.80 47.79
N PHE BA 188 -70.59 124.59 46.86
CA PHE BA 188 -70.25 124.19 45.51
C PHE BA 188 -69.67 125.35 44.73
N ASP BA 189 -69.17 125.05 43.54
CA ASP BA 189 -68.65 126.06 42.64
C ASP BA 189 -69.71 126.35 41.59
N ILE BA 190 -70.44 127.44 41.76
CA ILE BA 190 -71.53 127.76 40.86
C ILE BA 190 -71.00 128.28 39.53
N GLU BA 191 -69.96 129.12 39.58
CA GLU BA 191 -69.46 129.73 38.36
C GLU BA 191 -69.09 128.68 37.32
N THR BA 192 -68.29 127.69 37.70
CA THR BA 192 -67.94 126.62 36.78
C THR BA 192 -68.98 125.53 36.70
N TRP BA 193 -70.16 125.73 37.30
CA TRP BA 193 -71.26 124.82 37.03
C TRP BA 193 -72.19 125.38 35.97
N LEU BA 194 -72.44 126.69 36.01
CA LEU BA 194 -73.20 127.32 34.94
C LEU BA 194 -72.45 127.26 33.62
N ALA BA 195 -71.15 127.53 33.65
CA ALA BA 195 -70.37 127.45 32.42
C ALA BA 195 -70.31 126.02 31.91
N ASN BA 196 -70.51 125.05 32.80
CA ASN BA 196 -70.61 123.66 32.37
C ASN BA 196 -71.96 123.34 31.76
N ARG BA 197 -73.04 123.88 32.33
CA ARG BA 197 -74.37 123.61 31.79
C ARG BA 197 -74.68 124.47 30.60
N ILE BA 198 -73.90 125.52 30.37
CA ILE BA 198 -74.09 126.33 29.17
C ILE BA 198 -73.43 125.67 27.97
N ALA BA 199 -72.17 125.27 28.11
CA ALA BA 199 -71.48 124.59 27.02
C ALA BA 199 -72.21 123.33 26.61
N ASP BA 200 -72.91 122.69 27.54
CA ASP BA 200 -73.71 121.53 27.21
C ASP BA 200 -74.99 121.93 26.48
N LYS BA 201 -75.62 123.02 26.90
CA LYS BA 201 -76.85 123.43 26.25
C LYS BA 201 -76.57 123.99 24.87
N PHE BA 202 -75.44 124.66 24.70
CA PHE BA 202 -75.11 125.22 23.38
C PHE BA 202 -74.84 124.12 22.37
N ALA BA 203 -74.04 123.13 22.75
CA ALA BA 203 -73.80 121.98 21.87
C ALA BA 203 -75.07 121.18 21.63
N ARG BA 204 -76.13 121.48 22.37
CA ARG BA 204 -77.39 120.77 22.22
C ARG BA 204 -78.45 121.67 21.61
N ALA BA 205 -78.29 122.98 21.70
CA ALA BA 205 -79.22 123.89 21.06
C ALA BA 205 -78.86 124.13 19.60
N GLU BA 206 -77.57 124.16 19.28
CA GLU BA 206 -77.17 124.24 17.89
C GLU BA 206 -77.23 122.89 17.21
N ALA BA 207 -77.24 121.81 18.00
CA ALA BA 207 -77.42 120.48 17.42
C ALA BA 207 -78.81 120.31 16.83
N ALA BA 208 -79.79 120.99 17.39
CA ALA BA 208 -81.16 120.88 16.90
C ALA BA 208 -81.43 121.82 15.74
N ALA BA 209 -80.77 122.97 15.71
CA ALA BA 209 -80.94 123.88 14.58
C ALA BA 209 -80.29 123.34 13.33
N PHE BA 210 -79.25 122.51 13.47
CA PHE BA 210 -78.59 121.89 12.33
C PHE BA 210 -79.49 120.94 11.58
N ILE BA 211 -80.62 120.53 12.14
CA ILE BA 211 -81.50 119.56 11.50
C ILE BA 211 -82.85 120.17 11.16
N SER BA 212 -83.59 120.63 12.16
CA SER BA 212 -84.93 121.17 11.93
C SER BA 212 -85.00 122.64 12.30
N GLY BA 213 -83.93 123.39 12.07
CA GLY BA 213 -83.98 124.82 12.31
C GLY BA 213 -84.47 125.59 11.11
N ASP BA 214 -85.12 126.70 11.39
CA ASP BA 214 -85.63 127.58 10.34
C ASP BA 214 -84.60 128.68 10.09
N GLY BA 215 -84.97 129.68 9.31
CA GLY BA 215 -84.02 130.70 8.94
C GLY BA 215 -83.78 131.75 10.01
N VAL BA 216 -84.85 132.15 10.70
CA VAL BA 216 -84.83 133.35 11.52
C VAL BA 216 -83.81 133.18 12.66
N ASP BA 217 -82.73 133.94 12.58
CA ASP BA 217 -81.73 134.08 13.64
C ASP BA 217 -81.13 132.76 14.09
N LYS BA 218 -81.27 131.69 13.31
CA LYS BA 218 -80.76 130.39 13.69
C LYS BA 218 -80.45 129.59 12.44
N PRO BA 219 -79.50 128.66 12.51
CA PRO BA 219 -79.14 127.87 11.34
C PRO BA 219 -80.31 127.07 10.80
N THR BA 220 -80.48 127.07 9.48
CA THR BA 220 -81.55 126.31 8.86
C THR BA 220 -81.09 124.89 8.61
N GLY BA 221 -81.66 123.95 9.34
CA GLY BA 221 -81.30 122.56 9.16
C GLY BA 221 -81.72 122.02 7.81
N PHE BA 222 -81.20 120.83 7.49
CA PHE BA 222 -81.45 120.30 6.16
C PHE BA 222 -82.90 119.88 5.94
N LEU BA 223 -83.67 119.68 7.00
CA LEU BA 223 -85.04 119.24 6.84
C LEU BA 223 -85.97 120.33 6.35
N THR BA 224 -85.62 121.60 6.56
CA THR BA 224 -86.43 122.72 6.10
C THR BA 224 -85.95 123.24 4.74
N LYS BA 225 -85.85 122.35 3.77
CA LYS BA 225 -85.23 122.68 2.48
C LYS BA 225 -86.08 122.22 1.32
N THR BA 226 -87.38 122.56 1.35
CA THR BA 226 -88.33 122.32 0.26
C THR BA 226 -88.12 120.97 -0.44
N LYS BA 227 -88.35 119.89 0.29
CA LYS BA 227 -88.13 118.53 -0.21
C LYS BA 227 -88.97 118.28 -1.46
N VAL BA 228 -88.37 117.59 -2.43
CA VAL BA 228 -89.06 117.21 -3.66
C VAL BA 228 -88.81 115.73 -3.89
N ALA BA 229 -89.79 115.04 -4.46
CA ALA BA 229 -89.64 113.61 -4.69
C ALA BA 229 -88.49 113.33 -5.63
N ASN BA 230 -87.73 112.29 -5.30
CA ASN BA 230 -86.58 111.94 -6.12
C ASN BA 230 -87.06 111.50 -7.50
N GLY BA 231 -86.16 111.56 -8.48
CA GLY BA 231 -86.53 111.33 -9.86
C GLY BA 231 -87.00 112.61 -10.50
N ALA BA 232 -87.59 113.49 -9.70
CA ALA BA 232 -87.90 114.85 -10.11
C ALA BA 232 -86.99 115.85 -9.42
N TRP BA 233 -85.78 115.41 -9.06
CA TRP BA 233 -84.90 116.22 -8.23
C TRP BA 233 -84.34 117.36 -9.07
N ALA BA 234 -84.38 118.56 -8.51
CA ALA BA 234 -83.83 119.76 -9.08
C ALA BA 234 -82.70 120.24 -8.18
N TRP BA 235 -82.09 121.37 -8.49
CA TRP BA 235 -80.98 121.81 -7.67
C TRP BA 235 -81.43 122.43 -6.37
N GLY BA 236 -82.57 123.11 -6.36
CA GLY BA 236 -82.94 123.82 -5.16
C GLY BA 236 -83.64 123.03 -4.10
N SER BA 237 -83.61 121.70 -4.15
CA SER BA 237 -84.42 120.88 -3.26
C SER BA 237 -83.72 119.58 -2.93
N LEU BA 238 -84.14 118.99 -1.82
CA LEU BA 238 -83.60 117.70 -1.38
C LEU BA 238 -84.54 116.59 -1.82
N GLY BA 239 -83.96 115.55 -2.37
CA GLY BA 239 -84.74 114.45 -2.91
C GLY BA 239 -85.02 113.41 -1.83
N TYR BA 240 -86.27 112.97 -1.80
CA TYR BA 240 -86.72 111.98 -0.84
C TYR BA 240 -87.36 110.82 -1.58
N VAL BA 241 -87.36 109.66 -0.92
CA VAL BA 241 -88.02 108.47 -1.43
C VAL BA 241 -89.07 108.05 -0.41
N ALA BA 242 -90.15 107.46 -0.90
CA ALA BA 242 -91.28 107.14 -0.06
C ALA BA 242 -91.24 105.70 0.39
N THR BA 243 -91.77 105.44 1.57
CA THR BA 243 -91.66 104.11 2.17
C THR BA 243 -92.82 103.21 1.80
N GLY BA 244 -93.90 103.75 1.26
CA GLY BA 244 -95.09 102.94 1.14
C GLY BA 244 -96.17 103.36 2.10
N ALA BA 245 -96.36 102.60 3.18
CA ALA BA 245 -97.42 102.88 4.13
C ALA BA 245 -97.31 104.31 4.66
N ALA BA 246 -98.41 104.82 5.19
CA ALA BA 246 -98.49 106.21 5.58
C ALA BA 246 -97.92 106.49 6.96
N GLY BA 247 -97.89 105.52 7.85
CA GLY BA 247 -97.32 105.78 9.16
C GLY BA 247 -95.87 105.38 9.24
N ASP BA 248 -95.58 104.13 8.91
CA ASP BA 248 -94.29 103.51 9.12
C ASP BA 248 -93.84 102.88 7.80
N PHE BA 249 -92.79 102.05 7.86
CA PHE BA 249 -92.32 101.32 6.69
C PHE BA 249 -93.42 100.52 6.02
N ALA BA 250 -93.17 100.12 4.77
CA ALA BA 250 -94.15 99.36 4.00
C ALA BA 250 -94.57 98.09 4.73
N ALA BA 251 -95.87 97.84 4.75
CA ALA BA 251 -96.38 96.68 5.46
C ALA BA 251 -96.08 95.39 4.72
N VAL BA 252 -96.19 95.39 3.39
CA VAL BA 252 -96.00 94.17 2.63
C VAL BA 252 -94.53 93.79 2.56
N ASN BA 253 -93.66 94.74 2.25
CA ASN BA 253 -92.24 94.45 2.10
C ASN BA 253 -91.48 95.71 2.50
N ALA BA 254 -91.01 95.74 3.74
CA ALA BA 254 -90.14 96.81 4.22
C ALA BA 254 -88.71 96.49 3.83
N SER BA 255 -87.77 97.27 4.33
CA SER BA 255 -86.33 97.07 4.17
C SER BA 255 -85.90 97.27 2.74
N ASP BA 256 -86.82 97.50 1.81
CA ASP BA 256 -86.46 97.90 0.46
C ASP BA 256 -86.56 99.41 0.32
N ALA BA 257 -87.46 100.04 1.05
CA ALA BA 257 -87.49 101.49 1.12
C ALA BA 257 -86.24 102.03 1.78
N VAL BA 258 -85.43 101.18 2.39
CA VAL BA 258 -84.16 101.60 2.94
C VAL BA 258 -83.04 101.41 1.93
N VAL BA 259 -83.06 100.30 1.19
CA VAL BA 259 -81.99 100.00 0.25
C VAL BA 259 -82.06 100.90 -0.98
N ASP BA 260 -83.24 101.39 -1.33
CA ASP BA 260 -83.28 102.36 -2.41
C ASP BA 260 -83.06 103.77 -1.91
N LEU BA 261 -83.20 104.01 -0.62
CA LEU BA 261 -82.68 105.25 -0.05
C LEU BA 261 -81.17 105.30 -0.16
N VAL BA 262 -80.52 104.15 0.00
CA VAL BA 262 -79.07 104.09 -0.14
C VAL BA 262 -78.67 104.37 -1.58
N TYR BA 263 -79.39 103.74 -2.52
CA TYR BA 263 -79.00 103.81 -3.96
C TYR BA 263 -79.59 105.05 -4.61
N ALA BA 264 -79.94 106.06 -3.81
CA ALA BA 264 -80.40 107.34 -4.33
C ALA BA 264 -79.37 108.44 -4.17
N LEU BA 265 -78.11 108.11 -3.90
CA LEU BA 265 -77.11 109.16 -3.72
C LEU BA 265 -76.17 109.27 -4.89
N GLY BA 266 -75.78 108.15 -5.47
CA GLY BA 266 -74.71 108.18 -6.44
C GLY BA 266 -73.44 107.66 -5.82
N ALA BA 267 -72.70 106.85 -6.56
CA ALA BA 267 -71.57 106.14 -5.99
C ALA BA 267 -70.44 107.06 -5.59
N GLU BA 268 -70.55 108.36 -5.84
CA GLU BA 268 -69.52 109.30 -5.42
C GLU BA 268 -69.79 109.90 -4.05
N TYR BA 269 -71.05 110.22 -3.76
CA TYR BA 269 -71.42 110.69 -2.43
C TYR BA 269 -71.52 109.56 -1.42
N ARG BA 270 -71.68 108.32 -1.89
CA ARG BA 270 -71.69 107.18 -0.98
C ARG BA 270 -70.31 106.72 -0.58
N ALA BA 271 -69.24 107.36 -1.04
CA ALA BA 271 -67.92 106.96 -0.59
C ALA BA 271 -67.80 107.11 0.91
N ASN BA 272 -68.33 108.21 1.44
CA ASN BA 272 -68.43 108.42 2.89
C ASN BA 272 -69.75 109.14 3.15
N ALA BA 273 -70.79 108.36 3.40
CA ALA BA 273 -72.11 108.85 3.75
C ALA BA 273 -72.55 108.16 5.03
N SER BA 274 -73.64 108.65 5.63
CA SER BA 274 -74.10 108.07 6.88
C SER BA 274 -75.57 108.37 7.09
N PHE BA 275 -76.31 107.38 7.57
CA PHE BA 275 -77.69 107.59 7.95
C PHE BA 275 -77.76 108.48 9.18
N VAL BA 276 -78.86 109.22 9.31
CA VAL BA 276 -79.10 110.05 10.48
C VAL BA 276 -80.52 109.78 10.95
N MET BA 277 -80.65 109.22 12.15
CA MET BA 277 -81.96 108.93 12.72
C MET BA 277 -81.95 109.32 14.19
N ASN BA 278 -83.14 109.38 14.80
CA ASN BA 278 -83.20 109.54 16.23
C ASN BA 278 -83.23 108.15 16.87
N SER BA 279 -83.41 108.08 18.18
CA SER BA 279 -83.32 106.78 18.86
C SER BA 279 -84.48 105.88 18.49
N LYS BA 280 -85.70 106.40 18.59
CA LYS BA 280 -86.86 105.55 18.38
C LYS BA 280 -87.12 105.25 16.93
N THR BA 281 -86.20 105.61 16.03
CA THR BA 281 -86.31 105.20 14.65
C THR BA 281 -85.34 104.06 14.38
N ALA BA 282 -84.10 104.18 14.85
CA ALA BA 282 -83.19 103.05 14.80
C ALA BA 282 -83.78 101.85 15.52
N GLY BA 283 -84.63 102.13 16.51
CA GLY BA 283 -85.41 101.06 17.11
C GLY BA 283 -86.42 100.50 16.14
N ALA BA 284 -87.06 101.36 15.36
CA ALA BA 284 -88.01 100.87 14.37
C ALA BA 284 -87.30 100.18 13.22
N VAL BA 285 -86.05 100.53 12.94
CA VAL BA 285 -85.28 99.76 11.98
C VAL BA 285 -84.88 98.41 12.55
N ARG BA 286 -84.60 98.38 13.86
CA ARG BA 286 -84.15 97.12 14.52
C ARG BA 286 -85.34 96.21 14.80
N LYS BA 287 -86.55 96.76 14.81
CA LYS BA 287 -87.79 96.00 14.87
C LYS BA 287 -88.19 95.41 13.54
N MET BA 288 -87.48 95.74 12.46
CA MET BA 288 -87.81 95.20 11.14
C MET BA 288 -87.47 93.72 11.10
N LYS BA 289 -88.48 92.89 10.81
CA LYS BA 289 -88.35 91.45 10.75
C LYS BA 289 -88.86 90.93 9.41
N ASP BA 290 -88.26 89.86 8.96
CA ASP BA 290 -88.64 89.24 7.70
C ASP BA 290 -89.90 88.40 7.91
N ALA BA 291 -90.25 87.58 6.91
CA ALA BA 291 -91.47 86.82 7.02
C ALA BA 291 -91.41 85.77 8.10
N ASP BA 292 -90.22 85.27 8.41
CA ASP BA 292 -90.07 84.24 9.43
C ASP BA 292 -90.11 84.79 10.85
N GLY BA 293 -89.75 86.04 11.06
CA GLY BA 293 -89.70 86.59 12.40
C GLY BA 293 -88.32 86.93 12.90
N ARG BA 294 -87.29 86.64 12.12
CA ARG BA 294 -85.93 87.01 12.46
C ARG BA 294 -85.70 88.47 12.10
N PHE BA 295 -84.65 89.05 12.65
CA PHE BA 295 -84.36 90.45 12.38
C PHE BA 295 -83.49 90.61 11.15
N LEU BA 296 -83.89 91.53 10.27
CA LEU BA 296 -83.04 91.87 9.12
C LEU BA 296 -81.75 92.51 9.58
N TRP BA 297 -81.81 93.34 10.62
CA TRP BA 297 -80.67 94.07 11.12
C TRP BA 297 -80.29 93.47 12.47
N ALA BA 298 -79.01 93.21 12.68
CA ALA BA 298 -78.54 92.63 13.93
C ALA BA 298 -79.23 91.28 14.19
N ASP BA 299 -78.81 90.30 13.40
CA ASP BA 299 -79.48 89.01 13.27
C ASP BA 299 -80.00 88.45 14.60
N SER BA 300 -79.11 88.23 15.56
CA SER BA 300 -79.54 87.58 16.79
C SER BA 300 -80.33 88.54 17.69
N LEU BA 301 -81.09 87.97 18.63
CA LEU BA 301 -81.76 88.82 19.60
C LEU BA 301 -80.77 89.44 20.57
N ALA BA 302 -79.66 88.77 20.83
CA ALA BA 302 -78.54 89.42 21.51
C ALA BA 302 -77.77 90.25 20.49
N ALA BA 303 -76.65 90.82 20.90
CA ALA BA 303 -75.74 91.53 20.00
C ALA BA 303 -76.47 92.63 19.22
N GLY BA 304 -76.84 93.69 19.94
CA GLY BA 304 -77.53 94.79 19.32
C GLY BA 304 -76.59 95.86 18.79
N GLU BA 305 -77.19 96.68 17.91
CA GLU BA 305 -76.62 97.92 17.35
C GLU BA 305 -75.34 97.59 16.60
N PRO BA 306 -75.36 96.95 15.40
CA PRO BA 306 -74.17 96.60 14.61
C PRO BA 306 -73.38 97.80 14.09
N ALA BA 307 -73.81 99.03 14.36
CA ALA BA 307 -73.04 100.23 13.99
C ALA BA 307 -72.81 100.33 12.50
N ARG BA 308 -73.72 99.79 11.70
CA ARG BA 308 -73.61 99.85 10.24
C ARG BA 308 -74.95 99.44 9.66
N LEU BA 309 -75.44 100.22 8.71
CA LEU BA 309 -76.68 99.93 8.00
C LEU BA 309 -76.41 99.99 6.51
N MET BA 310 -76.67 98.89 5.83
CA MET BA 310 -76.41 98.78 4.40
C MET BA 310 -74.96 99.15 4.12
N GLY BA 311 -74.07 98.87 5.06
CA GLY BA 311 -72.67 99.15 4.89
C GLY BA 311 -72.24 100.56 5.20
N TYR BA 312 -73.11 101.39 5.77
CA TYR BA 312 -72.81 102.79 6.03
C TYR BA 312 -73.08 103.13 7.49
N PRO BA 313 -72.34 104.07 8.06
CA PRO BA 313 -72.53 104.43 9.47
C PRO BA 313 -73.93 104.92 9.74
N VAL BA 314 -74.26 104.98 11.02
CA VAL BA 314 -75.55 105.44 11.50
C VAL BA 314 -75.32 106.45 12.60
N LEU BA 315 -75.94 107.62 12.46
CA LEU BA 315 -75.84 108.68 13.46
C LEU BA 315 -77.16 108.83 14.18
N ILE BA 316 -77.17 108.54 15.48
CA ILE BA 316 -78.38 108.65 16.28
C ILE BA 316 -78.41 110.10 16.76
N ALA BA 317 -78.95 110.96 15.90
CA ALA BA 317 -79.09 112.39 16.15
C ALA BA 317 -80.47 112.60 16.73
N GLU BA 318 -80.50 112.89 18.02
CA GLU BA 318 -81.76 112.90 18.75
C GLU BA 318 -82.61 114.07 18.44
N ASP BA 319 -82.30 114.84 17.41
CA ASP BA 319 -83.10 116.00 17.02
C ASP BA 319 -83.88 115.78 15.74
N MET BA 320 -83.85 114.60 15.19
CA MET BA 320 -84.73 114.42 14.04
C MET BA 320 -86.12 113.98 14.46
N PRO BA 321 -87.12 114.28 13.62
CA PRO BA 321 -88.48 113.83 13.91
C PRO BA 321 -88.55 112.32 13.93
N ASP BA 322 -89.52 111.81 14.68
CA ASP BA 322 -89.71 110.38 14.74
C ASP BA 322 -90.60 109.93 13.59
N ILE BA 323 -90.93 108.65 13.60
CA ILE BA 323 -91.76 108.09 12.55
C ILE BA 323 -93.20 108.56 12.74
N ALA BA 324 -93.73 109.24 11.74
CA ALA BA 324 -95.05 109.86 11.85
C ALA BA 324 -95.71 109.86 10.48
N ALA BA 325 -96.74 110.69 10.31
CA ALA BA 325 -97.54 110.64 9.09
C ALA BA 325 -96.71 110.91 7.84
N ASN BA 326 -96.06 112.07 7.78
CA ASN BA 326 -95.28 112.44 6.60
C ASN BA 326 -93.90 112.89 6.99
N ALA BA 327 -93.37 112.29 8.06
CA ALA BA 327 -92.08 112.72 8.59
C ALA BA 327 -90.95 112.16 7.75
N TYR BA 328 -89.86 112.91 7.70
CA TYR BA 328 -88.62 112.46 7.08
C TYR BA 328 -87.68 111.93 8.15
N ALA BA 329 -88.12 110.85 8.78
CA ALA BA 329 -87.49 110.39 10.01
C ALA BA 329 -86.12 109.80 9.79
N ILE BA 330 -85.77 109.45 8.56
CA ILE BA 330 -84.46 108.90 8.23
C ILE BA 330 -83.87 109.73 7.10
N ALA BA 331 -82.70 110.31 7.34
CA ALA BA 331 -81.98 111.03 6.31
C ALA BA 331 -80.67 110.30 6.06
N PHE BA 332 -80.28 110.20 4.80
CA PHE BA 332 -79.06 109.53 4.39
C PHE BA 332 -78.35 110.39 3.38
N GLY BA 333 -77.07 110.63 3.61
CA GLY BA 333 -76.32 111.44 2.68
C GLY BA 333 -74.93 111.69 3.19
N ASP BA 334 -74.16 112.35 2.36
CA ASP BA 334 -72.78 112.73 2.70
C ASP BA 334 -72.84 114.17 3.18
N PHE BA 335 -72.80 114.36 4.48
CA PHE BA 335 -72.91 115.70 5.04
C PHE BA 335 -71.59 116.45 5.01
N GLY BA 336 -70.46 115.76 4.86
CA GLY BA 336 -69.20 116.45 4.71
C GLY BA 336 -69.24 117.46 3.57
N ASN BA 337 -70.02 117.15 2.54
CA ASN BA 337 -70.26 118.08 1.45
C ASN BA 337 -71.66 118.65 1.48
N GLY BA 338 -72.61 117.94 2.08
CA GLY BA 338 -73.99 118.35 1.99
C GLY BA 338 -74.34 119.48 2.92
N TYR BA 339 -73.79 119.47 4.13
CA TYR BA 339 -74.14 120.47 5.13
C TYR BA 339 -72.89 121.18 5.59
N THR BA 340 -72.84 122.50 5.42
CA THR BA 340 -71.69 123.31 5.80
C THR BA 340 -72.03 124.09 7.05
N ILE BA 341 -71.21 123.94 8.08
CA ILE BA 341 -71.38 124.68 9.33
C ILE BA 341 -70.37 125.81 9.34
N ALA BA 342 -70.87 127.02 9.50
CA ALA BA 342 -70.04 128.21 9.64
C ALA BA 342 -70.10 128.68 11.08
N GLU BA 343 -68.95 128.80 11.71
CA GLU BA 343 -68.91 129.07 13.14
C GLU BA 343 -67.69 129.90 13.47
N ARG BA 344 -67.68 130.39 14.70
CA ARG BA 344 -66.51 131.04 15.27
C ARG BA 344 -66.02 130.19 16.43
N PRO BA 345 -64.87 129.57 16.30
CA PRO BA 345 -64.47 128.47 17.17
C PRO BA 345 -64.08 128.89 18.59
N ASP BA 346 -64.95 129.66 19.24
CA ASP BA 346 -64.73 130.13 20.60
C ASP BA 346 -66.06 130.56 21.19
N LEU BA 347 -66.13 130.49 22.51
CA LEU BA 347 -67.32 130.88 23.26
C LEU BA 347 -66.95 132.11 24.08
N ARG BA 348 -67.63 133.22 23.81
CA ARG BA 348 -67.30 134.51 24.40
C ARG BA 348 -68.18 134.76 25.60
N VAL BA 349 -67.56 134.95 26.76
CA VAL BA 349 -68.25 135.07 28.02
C VAL BA 349 -67.96 136.44 28.62
N LEU BA 350 -68.99 137.04 29.22
CA LEU BA 350 -68.88 138.32 29.89
C LEU BA 350 -69.74 138.26 31.15
N ARG BA 351 -69.11 138.41 32.32
CA ARG BA 351 -69.86 138.47 33.57
C ARG BA 351 -69.81 139.89 34.11
N ASP BA 352 -70.95 140.36 34.60
CA ASP BA 352 -71.08 141.76 35.01
C ASP BA 352 -71.76 141.88 36.37
N PRO BA 353 -71.01 142.19 37.42
CA PRO BA 353 -71.66 142.52 38.70
C PRO BA 353 -72.33 143.88 38.70
N PHE BA 354 -72.44 144.55 37.56
CA PHE BA 354 -72.90 145.93 37.50
C PHE BA 354 -74.37 146.07 37.17
N SER BA 355 -74.84 145.39 36.11
CA SER BA 355 -76.17 145.64 35.58
C SER BA 355 -77.25 145.39 36.62
N ALA BA 356 -77.36 144.16 37.10
CA ALA BA 356 -78.18 143.82 38.25
C ALA BA 356 -77.23 143.76 39.44
N LYS BA 357 -77.36 144.73 40.34
CA LYS BA 357 -76.26 145.01 41.26
C LYS BA 357 -75.96 143.87 42.22
N PRO BA 358 -76.89 143.38 43.05
CA PRO BA 358 -76.54 142.30 43.96
C PRO BA 358 -76.34 140.95 43.28
N HIS BA 359 -76.70 140.81 42.01
CA HIS BA 359 -76.55 139.58 41.26
C HIS BA 359 -75.35 139.72 40.32
N VAL BA 360 -75.02 138.64 39.62
CA VAL BA 360 -73.77 138.66 38.84
C VAL BA 360 -74.03 138.51 37.35
N LEU BA 361 -75.10 137.82 36.97
CA LEU BA 361 -75.64 137.89 35.61
C LEU BA 361 -74.61 137.46 34.57
N PHE BA 362 -74.25 136.18 34.63
CA PHE BA 362 -73.30 135.61 33.69
C PHE BA 362 -73.87 135.61 32.29
N TYR BA 363 -73.02 135.80 31.29
CA TYR BA 363 -73.46 135.93 29.90
C TYR BA 363 -72.50 135.17 29.00
N ALA BA 364 -73.00 134.15 28.32
CA ALA BA 364 -72.21 133.28 27.47
C ALA BA 364 -72.86 133.20 26.10
N SER BA 365 -72.09 133.42 25.04
CA SER BA 365 -72.68 133.54 23.72
C SER BA 365 -71.73 133.07 22.63
N LYS BA 366 -71.94 131.83 22.18
CA LYS BA 366 -71.31 131.28 20.99
C LYS BA 366 -72.09 131.74 19.78
N ARG BA 367 -71.44 131.81 18.63
CA ARG BA 367 -72.12 132.12 17.38
C ARG BA 367 -71.78 131.11 16.30
N VAL BA 368 -72.80 130.66 15.58
CA VAL BA 368 -72.69 129.51 14.69
C VAL BA 368 -73.80 129.65 13.65
N GLY BA 369 -73.59 129.07 12.49
CA GLY BA 369 -74.61 129.08 11.45
C GLY BA 369 -74.34 128.02 10.42
N GLY BA 370 -75.36 127.73 9.62
CA GLY BA 370 -75.17 126.78 8.54
C GLY BA 370 -76.41 126.19 7.93
N ASP BA 371 -76.40 126.02 6.61
CA ASP BA 371 -77.44 125.26 5.92
C ASP BA 371 -76.81 124.34 4.91
N VAL BA 372 -77.62 123.72 4.05
CA VAL BA 372 -77.09 122.76 3.10
C VAL BA 372 -76.20 123.47 2.09
N SER BA 373 -75.15 122.79 1.66
CA SER BA 373 -74.23 123.33 0.68
C SER BA 373 -74.28 122.57 -0.64
N ASP BA 374 -74.71 121.32 -0.62
CA ASP BA 374 -74.78 120.47 -1.79
C ASP BA 374 -76.08 119.69 -1.74
N PHE BA 375 -77.08 120.16 -2.48
CA PHE BA 375 -78.39 119.52 -2.43
C PHE BA 375 -78.38 118.11 -2.98
N ALA BA 376 -77.37 117.73 -3.75
CA ALA BA 376 -77.29 116.40 -4.31
C ALA BA 376 -76.72 115.37 -3.35
N ALA BA 377 -76.27 115.80 -2.16
CA ALA BA 377 -75.53 114.94 -1.25
C ALA BA 377 -76.31 114.62 0.02
N ILE BA 378 -77.60 114.85 0.04
CA ILE BA 378 -78.45 114.51 1.17
C ILE BA 378 -79.78 114.02 0.63
N LYS BA 379 -80.12 112.77 0.90
CA LYS BA 379 -81.40 112.20 0.52
C LYS BA 379 -82.18 111.82 1.76
N LEU BA 380 -83.49 111.99 1.69
CA LEU BA 380 -84.39 111.80 2.82
C LEU BA 380 -85.32 110.62 2.55
N LEU BA 381 -86.12 110.27 3.55
CA LEU BA 381 -87.01 109.11 3.46
C LEU BA 381 -88.38 109.50 4.01
N LYS BA 382 -89.27 109.94 3.13
CA LYS BA 382 -90.61 110.33 3.53
C LYS BA 382 -91.44 109.08 3.79
N PHE BA 383 -92.28 109.13 4.81
CA PHE BA 383 -93.09 108.00 5.23
C PHE BA 383 -94.53 108.07 4.76
N ALA BA 384 -94.80 108.64 3.59
CA ALA BA 384 -96.17 108.86 3.18
C ALA BA 384 -96.65 107.92 2.08
N ALA BA 385 -95.96 107.85 0.95
CA ALA BA 385 -96.50 107.10 -0.19
C ALA BA 385 -95.71 105.86 -0.51
N ALA CA 89 -71.37 151.75 13.71
CA ALA CA 89 -72.74 152.20 13.84
C ALA CA 89 -73.57 151.17 14.60
N LEU CA 90 -74.88 151.20 14.37
CA LEU CA 90 -75.79 150.29 15.04
C LEU CA 90 -75.72 148.92 14.38
N ASN CA 91 -76.74 148.11 14.63
CA ASN CA 91 -76.79 146.71 14.27
C ASN CA 91 -76.43 146.43 12.82
N SER CA 92 -76.03 145.20 12.53
CA SER CA 92 -75.74 144.76 11.18
C SER CA 92 -76.96 144.18 10.47
N ALA CA 93 -78.15 144.35 11.04
CA ALA CA 93 -79.35 143.81 10.41
C ALA CA 93 -79.87 144.73 9.32
N VAL CA 94 -80.24 145.96 9.69
CA VAL CA 94 -80.69 146.93 8.71
C VAL CA 94 -79.49 147.45 7.93
N ALA CA 95 -79.66 147.57 6.62
CA ALA CA 95 -78.54 147.89 5.76
C ALA CA 95 -77.97 149.27 6.07
N ALA CA 96 -78.81 150.30 6.05
CA ALA CA 96 -78.32 151.67 6.11
C ALA CA 96 -77.57 151.96 7.40
N GLU CA 97 -77.82 151.19 8.46
CA GLU CA 97 -77.11 151.41 9.70
C GLU CA 97 -75.73 150.75 9.68
N GLY CA 98 -75.69 149.44 9.63
CA GLY CA 98 -74.42 148.76 9.61
C GLY CA 98 -74.39 147.63 8.61
N GLY CA 99 -75.54 147.34 8.01
CA GLY CA 99 -75.60 146.25 7.06
C GLY CA 99 -74.65 146.40 5.90
N TYR CA 100 -74.16 147.61 5.68
CA TYR CA 100 -73.21 147.87 4.61
C TYR CA 100 -71.77 147.66 5.05
N LEU CA 101 -71.49 147.82 6.34
CA LEU CA 101 -70.13 147.70 6.85
C LEU CA 101 -69.61 146.27 6.82
N VAL CA 102 -70.49 145.29 6.80
CA VAL CA 102 -70.10 143.90 6.97
C VAL CA 102 -69.96 143.22 5.61
N ASP CA 103 -68.96 142.36 5.49
CA ASP CA 103 -68.67 141.63 4.26
C ASP CA 103 -68.60 140.14 4.57
N PRO CA 104 -69.11 139.30 3.68
CA PRO CA 104 -69.03 137.86 3.91
C PRO CA 104 -67.75 137.25 3.36
N GLN CA 105 -67.32 136.16 4.00
CA GLN CA 105 -66.25 135.34 3.47
C GLN CA 105 -66.74 134.63 2.23
N THR CA 106 -65.95 134.66 1.16
CA THR CA 106 -66.46 134.13 -0.10
C THR CA 106 -66.46 132.61 -0.08
N SER CA 107 -65.28 132.00 -0.09
CA SER CA 107 -65.09 130.56 0.06
C SER CA 107 -63.61 130.27 -0.10
N GLU CA 108 -63.20 129.03 0.10
CA GLU CA 108 -61.81 128.68 -0.17
C GLU CA 108 -61.58 128.35 -1.64
N THR CA 109 -62.42 127.49 -2.20
CA THR CA 109 -62.37 127.18 -3.63
C THR CA 109 -63.80 127.11 -4.13
N ILE CA 110 -63.95 127.17 -5.45
CA ILE CA 110 -65.26 127.08 -6.06
C ILE CA 110 -65.64 125.60 -6.15
N ARG CA 111 -66.73 125.25 -5.50
CA ARG CA 111 -67.10 123.85 -5.32
C ARG CA 111 -67.92 123.35 -6.48
N GLY CA 112 -68.02 122.04 -6.59
CA GLY CA 112 -68.74 121.43 -7.70
C GLY CA 112 -69.42 120.15 -7.28
N VAL CA 113 -70.49 119.82 -7.99
CA VAL CA 113 -71.22 118.59 -7.76
C VAL CA 113 -70.36 117.40 -8.15
N LEU CA 114 -70.45 116.33 -7.35
CA LEU CA 114 -69.64 115.14 -7.58
C LEU CA 114 -70.34 114.22 -8.57
N ARG CA 115 -69.63 113.82 -9.61
CA ARG CA 115 -70.13 112.87 -10.59
C ARG CA 115 -69.32 111.58 -10.48
N SER CA 116 -69.86 110.51 -11.04
CA SER CA 116 -69.18 109.23 -10.96
C SER CA 116 -68.05 109.15 -11.97
N THR CA 117 -66.94 108.56 -11.55
CA THR CA 117 -65.76 108.42 -12.40
C THR CA 117 -65.71 107.11 -13.14
N ALA CA 118 -66.49 106.10 -12.73
CA ALA CA 118 -66.52 104.82 -13.40
C ALA CA 118 -66.78 105.02 -14.88
N SER CA 119 -65.98 104.34 -15.72
CA SER CA 119 -65.90 104.72 -17.11
C SER CA 119 -66.00 103.59 -18.11
N LEU CA 120 -65.92 102.33 -17.71
CA LEU CA 120 -65.72 101.18 -18.58
C LEU CA 120 -64.37 101.24 -19.27
N ARG CA 121 -63.57 102.26 -19.00
CA ARG CA 121 -62.23 102.35 -19.56
C ARG CA 121 -61.27 101.43 -18.84
N GLN CA 122 -61.58 101.03 -17.61
CA GLN CA 122 -60.70 100.18 -16.84
C GLN CA 122 -60.93 98.69 -17.09
N ILE CA 123 -62.03 98.33 -17.74
CA ILE CA 123 -62.25 96.94 -18.12
C ILE CA 123 -62.14 96.73 -19.62
N ALA CA 124 -62.00 97.78 -20.41
CA ALA CA 124 -61.84 97.65 -21.85
C ALA CA 124 -60.36 97.72 -22.20
N SER CA 125 -60.06 97.44 -23.46
CA SER CA 125 -58.69 97.36 -23.94
C SER CA 125 -58.30 98.70 -24.57
N VAL CA 126 -57.47 99.47 -23.87
CA VAL CA 126 -57.05 100.78 -24.36
C VAL CA 126 -55.76 100.62 -25.14
N VAL CA 127 -55.75 101.14 -26.36
CA VAL CA 127 -54.62 101.00 -27.28
C VAL CA 127 -54.18 102.39 -27.71
N ASN CA 128 -52.96 102.77 -27.33
CA ASN CA 128 -52.41 104.06 -27.74
C ASN CA 128 -52.11 103.99 -29.22
N VAL CA 129 -53.00 104.54 -30.04
CA VAL CA 129 -52.85 104.50 -31.48
C VAL CA 129 -52.47 105.90 -31.96
N GLU CA 130 -51.58 105.94 -32.95
CA GLU CA 130 -51.04 107.20 -33.45
C GLU CA 130 -51.59 107.56 -34.82
N ALA CA 131 -52.33 106.68 -35.47
CA ALA CA 131 -52.84 106.92 -36.80
C ALA CA 131 -54.20 107.62 -36.72
N THR CA 132 -54.90 107.66 -37.84
CA THR CA 132 -56.26 108.18 -37.85
C THR CA 132 -57.30 107.11 -37.61
N SER CA 133 -56.89 105.85 -37.52
CA SER CA 133 -57.80 104.76 -37.21
C SER CA 133 -56.99 103.60 -36.65
N PHE CA 134 -57.70 102.64 -36.07
CA PHE CA 134 -57.10 101.41 -35.57
C PHE CA 134 -57.89 100.25 -36.15
N ASP CA 135 -57.27 99.49 -37.05
CA ASP CA 135 -57.97 98.43 -37.77
C ASP CA 135 -57.62 97.09 -37.13
N VAL CA 136 -58.55 96.54 -36.37
CA VAL CA 136 -58.35 95.22 -35.82
C VAL CA 136 -58.80 94.20 -36.85
N LEU CA 137 -58.16 93.03 -36.82
CA LEU CA 137 -58.41 91.97 -37.78
C LEU CA 137 -58.97 90.77 -37.05
N VAL CA 138 -60.26 90.51 -37.22
CA VAL CA 138 -60.91 89.37 -36.61
C VAL CA 138 -61.34 88.42 -37.71
N ASP CA 139 -60.95 87.16 -37.59
CA ASP CA 139 -61.47 86.14 -38.49
C ASP CA 139 -62.87 85.73 -38.04
N LYS CA 140 -63.81 85.75 -38.98
CA LYS CA 140 -65.22 85.65 -38.63
C LYS CA 140 -65.66 84.23 -38.33
N THR CA 141 -65.10 83.24 -39.04
CA THR CA 141 -65.67 81.90 -39.07
C THR CA 141 -64.63 80.86 -38.67
N ASP CA 142 -65.08 79.61 -38.61
CA ASP CA 142 -64.24 78.50 -38.20
C ASP CA 142 -63.28 78.08 -39.30
N MET CA 143 -62.24 77.33 -38.91
CA MET CA 143 -61.29 76.79 -39.89
C MET CA 143 -61.96 75.80 -40.81
N GLY CA 144 -62.95 75.06 -40.32
CA GLY CA 144 -63.74 74.20 -41.18
C GLY CA 144 -63.05 72.94 -41.66
N SER CA 145 -62.55 72.13 -40.73
CA SER CA 145 -61.88 70.88 -41.09
C SER CA 145 -62.92 69.77 -41.15
N GLY CA 146 -63.16 69.24 -42.34
CA GLY CA 146 -63.91 68.01 -42.46
C GLY CA 146 -63.23 66.87 -41.73
N TRP CA 147 -63.96 65.79 -41.47
CA TRP CA 147 -63.40 64.82 -40.55
C TRP CA 147 -62.36 63.95 -41.24
N ALA CA 148 -62.80 63.03 -42.10
CA ALA CA 148 -61.87 62.13 -42.79
C ALA CA 148 -62.64 61.16 -43.65
N SER CA 149 -61.88 60.36 -44.39
CA SER CA 149 -62.33 59.15 -45.06
C SER CA 149 -61.09 58.39 -45.50
N GLU CA 150 -61.19 57.07 -45.51
CA GLU CA 150 -60.03 56.27 -45.86
C GLU CA 150 -59.77 56.29 -47.36
N THR CA 151 -60.83 56.16 -48.16
CA THR CA 151 -60.74 56.17 -49.62
C THR CA 151 -61.61 57.32 -50.14
N ALA CA 152 -61.00 58.49 -50.28
CA ALA CA 152 -61.71 59.66 -50.76
C ALA CA 152 -60.70 60.62 -51.36
N ALA CA 153 -61.19 61.78 -51.79
CA ALA CA 153 -60.32 62.76 -52.42
C ALA CA 153 -59.69 63.71 -51.42
N LEU CA 154 -60.41 64.06 -50.36
CA LEU CA 154 -59.96 65.06 -49.39
C LEU CA 154 -59.70 66.39 -50.08
N SER CA 155 -60.78 67.00 -50.57
CA SER CA 155 -60.66 68.29 -51.21
C SER CA 155 -60.37 69.36 -50.16
N GLU CA 156 -59.90 70.52 -50.63
CA GLU CA 156 -59.54 71.62 -49.73
C GLU CA 156 -60.73 71.95 -48.83
N THR CA 157 -60.44 72.21 -47.56
CA THR CA 157 -61.52 72.24 -46.58
C THR CA 157 -62.19 73.60 -46.49
N ALA CA 158 -61.48 74.59 -45.95
CA ALA CA 158 -62.04 75.91 -45.66
C ALA CA 158 -60.99 76.79 -45.02
N THR CA 159 -61.31 78.06 -44.82
CA THR CA 159 -60.35 78.98 -44.28
C THR CA 159 -61.17 80.07 -43.60
N PRO CA 160 -60.75 80.56 -42.45
CA PRO CA 160 -61.53 81.61 -41.77
C PRO CA 160 -61.53 82.87 -42.62
N GLN CA 161 -62.72 83.32 -43.02
CA GLN CA 161 -62.80 84.61 -43.67
C GLN CA 161 -62.58 85.70 -42.63
N ILE CA 162 -61.69 86.61 -42.94
CA ILE CA 162 -61.28 87.65 -42.02
C ILE CA 162 -62.24 88.82 -42.11
N ASP CA 163 -62.16 89.73 -41.15
CA ASP CA 163 -62.88 90.98 -41.22
C ASP CA 163 -62.05 92.03 -40.51
N ARG CA 164 -61.98 93.21 -41.11
CA ARG CA 164 -61.24 94.33 -40.55
C ARG CA 164 -62.23 95.31 -39.97
N ILE CA 165 -62.05 95.66 -38.70
CA ILE CA 165 -62.93 96.55 -37.97
C ILE CA 165 -62.21 97.87 -37.81
N THR CA 166 -62.82 98.95 -38.25
CA THR CA 166 -62.19 100.26 -38.21
C THR CA 166 -62.59 100.96 -36.93
N ILE CA 167 -61.60 101.27 -36.08
CA ILE CA 167 -61.79 102.13 -34.93
C ILE CA 167 -61.45 103.54 -35.37
N PRO CA 168 -62.43 104.37 -35.74
CA PRO CA 168 -62.11 105.59 -36.51
C PRO CA 168 -61.36 106.65 -35.73
N LEU CA 169 -61.24 106.56 -34.41
CA LEU CA 169 -60.43 107.50 -33.62
C LEU CA 169 -60.85 108.95 -33.87
N HIS CA 170 -62.05 109.26 -33.41
CA HIS CA 170 -62.62 110.59 -33.55
C HIS CA 170 -61.94 111.54 -32.58
N GLU CA 171 -62.49 112.73 -32.40
CA GLU CA 171 -62.03 113.63 -31.35
C GLU CA 171 -63.20 114.23 -30.61
N LEU CA 172 -62.90 114.71 -29.40
CA LEU CA 172 -63.87 115.19 -28.44
C LEU CA 172 -63.43 116.57 -27.99
N ALA CA 173 -64.22 117.58 -28.30
CA ALA CA 173 -63.79 118.96 -28.10
C ALA CA 173 -64.84 119.75 -27.34
N ALA CA 174 -64.36 120.63 -26.46
CA ALA CA 174 -65.20 121.59 -25.76
C ALA CA 174 -64.48 122.93 -25.80
N MET CA 175 -65.20 123.98 -26.19
CA MET CA 175 -64.64 125.31 -26.33
C MET CA 175 -65.44 126.28 -25.48
N PRO CA 176 -65.28 126.25 -24.16
CA PRO CA 176 -66.06 127.12 -23.29
C PRO CA 176 -65.57 128.55 -23.37
N LYS CA 177 -66.47 129.45 -23.77
CA LYS CA 177 -66.16 130.86 -23.87
C LYS CA 177 -66.21 131.46 -22.47
N ALA CA 178 -65.13 132.11 -22.07
CA ALA CA 178 -65.07 132.79 -20.78
C ALA CA 178 -64.71 134.24 -21.02
N SER CA 179 -65.49 135.16 -20.48
CA SER CA 179 -65.25 136.57 -20.70
C SER CA 179 -63.88 136.97 -20.16
N GLN CA 180 -63.33 138.06 -20.69
CA GLN CA 180 -62.02 138.48 -20.22
C GLN CA 180 -62.10 139.25 -18.92
N ARG CA 181 -63.17 140.03 -18.71
CA ARG CA 181 -63.36 140.67 -17.42
C ARG CA 181 -63.42 139.64 -16.30
N LEU CA 182 -64.10 138.53 -16.54
CA LEU CA 182 -64.28 137.55 -15.47
C LEU CA 182 -62.95 136.96 -15.04
N LEU CA 183 -62.06 136.69 -15.98
CA LEU CA 183 -60.78 136.11 -15.62
C LEU CA 183 -59.88 137.13 -14.93
N ASP CA 184 -60.09 138.41 -15.18
CA ASP CA 184 -59.27 139.44 -14.58
C ASP CA 184 -59.75 139.88 -13.22
N ASP CA 185 -61.06 139.94 -13.02
CA ASP CA 185 -61.62 140.47 -11.79
C ASP CA 185 -61.80 139.43 -10.69
N SER CA 186 -62.02 138.18 -11.06
CA SER CA 186 -62.33 137.16 -10.07
C SER CA 186 -61.12 136.83 -9.20
N ALA CA 187 -61.39 136.45 -7.95
CA ALA CA 187 -60.34 135.99 -7.06
C ALA CA 187 -60.08 134.50 -7.19
N PHE CA 188 -60.98 133.76 -7.83
CA PHE CA 188 -60.76 132.36 -8.10
C PHE CA 188 -60.01 132.20 -9.41
N ASP CA 189 -59.03 131.31 -9.42
CA ASP CA 189 -58.33 131.06 -10.68
C ASP CA 189 -59.26 130.32 -11.62
N ILE CA 190 -59.94 131.06 -12.47
CA ILE CA 190 -60.97 130.46 -13.31
C ILE CA 190 -60.36 129.72 -14.49
N GLU CA 191 -59.21 130.16 -14.97
CA GLU CA 191 -58.58 129.46 -16.08
C GLU CA 191 -58.23 128.03 -15.69
N THR CA 192 -57.71 127.83 -14.48
CA THR CA 192 -57.36 126.49 -14.02
C THR CA 192 -58.54 125.74 -13.42
N TRP CA 193 -59.65 126.42 -13.16
CA TRP CA 193 -60.85 125.70 -12.76
C TRP CA 193 -61.54 125.09 -13.97
N LEU CA 194 -61.60 125.82 -15.08
CA LEU CA 194 -62.16 125.25 -16.30
C LEU CA 194 -61.38 124.01 -16.72
N ALA CA 195 -60.05 124.10 -16.74
CA ALA CA 195 -59.25 122.96 -17.13
C ALA CA 195 -59.51 121.76 -16.25
N ASN CA 196 -59.90 122.00 -15.00
CA ASN CA 196 -60.31 120.89 -14.14
C ASN CA 196 -61.68 120.37 -14.56
N ARG CA 197 -62.62 121.27 -14.81
CA ARG CA 197 -63.96 120.85 -15.20
C ARG CA 197 -63.98 120.23 -16.60
N ILE CA 198 -63.04 120.63 -17.46
CA ILE CA 198 -62.97 120.04 -18.79
C ILE CA 198 -62.42 118.63 -18.73
N ALA CA 199 -61.29 118.44 -18.06
CA ALA CA 199 -60.71 117.11 -17.92
C ALA CA 199 -61.65 116.17 -17.19
N ASP CA 200 -62.61 116.69 -16.43
CA ASP CA 200 -63.66 115.87 -15.85
C ASP CA 200 -64.74 115.54 -16.87
N LYS CA 201 -65.11 116.51 -17.70
CA LYS CA 201 -66.17 116.28 -18.67
C LYS CA 201 -65.72 115.32 -19.76
N PHE CA 202 -64.45 115.37 -20.14
CA PHE CA 202 -63.98 114.44 -21.15
C PHE CA 202 -64.02 113.02 -20.61
N ALA CA 203 -63.47 112.80 -19.41
CA ALA CA 203 -63.52 111.48 -18.80
C ALA CA 203 -64.93 111.00 -18.53
N ARG CA 204 -65.92 111.88 -18.58
CA ARG CA 204 -67.30 111.48 -18.37
C ARG CA 204 -68.10 111.37 -19.65
N ALA CA 205 -67.75 112.16 -20.67
CA ALA CA 205 -68.44 112.06 -21.95
C ALA CA 205 -67.85 110.98 -22.82
N GLU CA 206 -66.55 110.71 -22.67
CA GLU CA 206 -65.95 109.60 -23.39
C GLU CA 206 -66.39 108.27 -22.82
N ALA CA 207 -66.91 108.24 -21.60
CA ALA CA 207 -67.41 107.02 -21.00
C ALA CA 207 -68.85 106.73 -21.38
N ALA CA 208 -69.61 107.76 -21.74
CA ALA CA 208 -70.97 107.56 -22.22
C ALA CA 208 -70.98 107.09 -23.66
N ALA CA 209 -69.96 107.46 -24.42
CA ALA CA 209 -69.87 107.02 -25.80
C ALA CA 209 -69.43 105.58 -25.89
N PHE CA 210 -68.56 105.15 -24.98
CA PHE CA 210 -68.12 103.75 -24.97
C PHE CA 210 -69.28 102.80 -24.74
N ILE CA 211 -70.40 103.28 -24.23
CA ILE CA 211 -71.51 102.43 -23.84
C ILE CA 211 -72.68 102.58 -24.79
N SER CA 212 -73.06 103.82 -25.12
CA SER CA 212 -74.24 104.04 -25.93
C SER CA 212 -73.98 104.95 -27.12
N GLY CA 213 -72.74 105.35 -27.36
CA GLY CA 213 -72.47 106.23 -28.49
C GLY CA 213 -72.82 105.57 -29.80
N ASP CA 214 -73.31 106.38 -30.74
CA ASP CA 214 -73.59 105.87 -32.06
C ASP CA 214 -72.35 106.00 -32.93
N GLY CA 215 -72.49 105.73 -34.22
CA GLY CA 215 -71.32 105.65 -35.07
C GLY CA 215 -70.69 106.99 -35.38
N VAL CA 216 -71.51 108.02 -35.55
CA VAL CA 216 -71.08 109.24 -36.21
C VAL CA 216 -70.22 110.09 -35.27
N ASP CA 217 -68.98 110.34 -35.69
CA ASP CA 217 -68.04 111.25 -35.02
C ASP CA 217 -67.82 110.91 -33.56
N LYS CA 218 -68.20 109.71 -33.12
CA LYS CA 218 -68.03 109.32 -31.73
C LYS CA 218 -67.96 107.80 -31.68
N PRO CA 219 -67.35 107.23 -30.65
CA PRO CA 219 -67.26 105.78 -30.56
C PRO CA 219 -68.65 105.16 -30.56
N THR CA 220 -68.74 103.95 -31.11
CA THR CA 220 -70.01 103.24 -31.10
C THR CA 220 -70.01 102.40 -29.83
N GLY CA 221 -70.86 102.76 -28.88
CA GLY CA 221 -70.98 101.97 -27.68
C GLY CA 221 -71.45 100.57 -27.98
N PHE CA 222 -71.17 99.66 -27.05
CA PHE CA 222 -71.50 98.27 -27.31
C PHE CA 222 -72.98 98.00 -27.31
N LEU CA 223 -73.81 99.00 -27.04
CA LEU CA 223 -75.25 98.81 -27.09
C LEU CA 223 -75.85 99.12 -28.46
N THR CA 224 -75.18 99.93 -29.27
CA THR CA 224 -75.64 100.20 -30.62
C THR CA 224 -75.05 99.18 -31.60
N LYS CA 225 -75.23 97.89 -31.31
CA LYS CA 225 -74.62 96.82 -32.08
C LYS CA 225 -75.63 95.75 -32.45
N THR CA 226 -76.80 96.19 -32.95
CA THR CA 226 -77.84 95.32 -33.49
C THR CA 226 -78.00 94.00 -32.76
N LYS CA 227 -78.43 94.08 -31.50
CA LYS CA 227 -78.53 92.91 -30.64
C LYS CA 227 -79.48 91.86 -31.22
N VAL CA 228 -79.16 90.60 -30.94
CA VAL CA 228 -79.94 89.46 -31.41
C VAL CA 228 -80.12 88.50 -30.25
N ALA CA 229 -81.19 87.71 -30.30
CA ALA CA 229 -81.44 86.74 -29.24
C ALA CA 229 -80.29 85.75 -29.18
N ASN CA 230 -79.93 85.35 -27.97
CA ASN CA 230 -78.86 84.38 -27.84
C ASN CA 230 -79.34 83.02 -28.31
N GLY CA 231 -78.39 82.16 -28.65
CA GLY CA 231 -78.70 80.89 -29.28
C GLY CA 231 -78.76 81.04 -30.77
N ALA CA 232 -79.39 82.12 -31.25
CA ALA CA 232 -79.33 82.52 -32.65
C ALA CA 232 -78.29 83.60 -32.88
N TRP CA 233 -77.23 83.60 -32.07
CA TRP CA 233 -76.23 84.65 -32.12
C TRP CA 233 -75.28 84.42 -33.30
N ALA CA 234 -75.07 85.46 -34.09
CA ALA CA 234 -74.15 85.47 -35.22
C ALA CA 234 -72.98 86.39 -34.91
N TRP CA 235 -72.05 86.51 -35.85
CA TRP CA 235 -70.85 87.30 -35.57
C TRP CA 235 -71.13 88.80 -35.58
N GLY CA 236 -72.03 89.26 -36.44
CA GLY CA 236 -72.19 90.69 -36.55
C GLY CA 236 -72.94 91.36 -35.43
N SER CA 237 -73.24 90.67 -34.35
CA SER CA 237 -74.18 91.21 -33.36
C SER CA 237 -73.85 90.67 -31.98
N LEU CA 238 -74.44 91.30 -30.98
CA LEU CA 238 -74.33 90.88 -29.59
C LEU CA 238 -75.58 90.12 -29.17
N GLY CA 239 -75.39 89.12 -28.32
CA GLY CA 239 -76.50 88.33 -27.85
C GLY CA 239 -77.10 88.89 -26.57
N TYR CA 240 -78.36 88.58 -26.35
CA TYR CA 240 -79.05 89.00 -25.15
C TYR CA 240 -79.88 87.84 -24.61
N VAL CA 241 -80.23 87.92 -23.35
CA VAL CA 241 -81.13 86.96 -22.72
C VAL CA 241 -82.30 87.72 -22.11
N ALA CA 242 -83.49 87.19 -22.26
CA ALA CA 242 -84.68 87.86 -21.79
C ALA CA 242 -84.97 87.50 -20.35
N THR CA 243 -85.54 88.45 -19.61
CA THR CA 243 -85.79 88.23 -18.19
C THR CA 243 -87.15 87.60 -17.96
N GLY CA 244 -88.18 88.09 -18.62
CA GLY CA 244 -89.54 87.75 -18.24
C GLY CA 244 -90.44 88.93 -18.47
N ALA CA 245 -91.09 89.41 -17.40
CA ALA CA 245 -91.91 90.61 -17.50
C ALA CA 245 -91.16 91.74 -18.16
N ALA CA 246 -91.89 92.61 -18.84
CA ALA CA 246 -91.27 93.62 -19.69
C ALA CA 246 -90.74 94.81 -18.90
N GLY CA 247 -91.32 95.11 -17.76
CA GLY CA 247 -90.92 96.30 -17.04
C GLY CA 247 -89.81 96.10 -16.04
N ASP CA 248 -89.53 94.85 -15.67
CA ASP CA 248 -88.65 94.57 -14.56
C ASP CA 248 -88.15 93.14 -14.71
N PHE CA 249 -87.53 92.62 -13.66
CA PHE CA 249 -87.12 91.23 -13.63
C PHE CA 249 -88.35 90.31 -13.64
N ALA CA 250 -88.09 89.02 -13.63
CA ALA CA 250 -89.16 88.04 -13.55
C ALA CA 250 -89.84 88.16 -12.20
N ALA CA 251 -91.17 88.25 -12.20
CA ALA CA 251 -91.89 88.51 -10.97
C ALA CA 251 -91.84 87.31 -10.03
N VAL CA 252 -92.20 86.13 -10.53
CA VAL CA 252 -92.30 84.97 -9.65
C VAL CA 252 -90.92 84.53 -9.18
N ASN CA 253 -89.92 84.58 -10.06
CA ASN CA 253 -88.57 84.12 -9.72
C ASN CA 253 -87.56 85.03 -10.40
N ALA CA 254 -87.13 86.06 -9.69
CA ALA CA 254 -86.04 86.89 -10.18
C ALA CA 254 -84.72 86.15 -9.95
N SER CA 255 -83.63 86.80 -10.31
CA SER CA 255 -82.26 86.36 -10.08
C SER CA 255 -81.89 85.11 -10.86
N ASP CA 256 -82.81 84.51 -11.61
CA ASP CA 256 -82.41 83.46 -12.52
C ASP CA 256 -82.08 84.02 -13.89
N ALA CA 257 -82.62 85.20 -14.21
CA ALA CA 257 -82.25 85.89 -15.43
C ALA CA 257 -80.82 86.40 -15.37
N VAL CA 258 -80.27 86.55 -14.16
CA VAL CA 258 -78.87 86.91 -14.02
C VAL CA 258 -77.99 85.69 -14.18
N VAL CA 259 -78.36 84.58 -13.52
CA VAL CA 259 -77.49 83.42 -13.48
C VAL CA 259 -77.47 82.71 -14.82
N ASP CA 260 -78.47 82.92 -15.66
CA ASP CA 260 -78.38 82.37 -17.01
C ASP CA 260 -77.75 83.35 -17.98
N LEU CA 261 -77.67 84.62 -17.61
CA LEU CA 261 -76.84 85.54 -18.36
C LEU CA 261 -75.37 85.24 -18.16
N VAL CA 262 -74.99 84.78 -16.96
CA VAL CA 262 -73.60 84.44 -16.69
C VAL CA 262 -73.17 83.24 -17.51
N TYR CA 263 -74.06 82.25 -17.60
CA TYR CA 263 -73.73 80.97 -18.30
C TYR CA 263 -74.17 81.05 -19.76
N ALA CA 264 -74.24 82.27 -20.31
CA ALA CA 264 -74.41 82.46 -21.73
C ALA CA 264 -73.17 83.03 -22.39
N LEU CA 265 -72.14 83.36 -21.62
CA LEU CA 265 -70.99 84.10 -22.15
C LEU CA 265 -70.04 83.19 -22.92
N GLY CA 266 -69.54 82.15 -22.28
CA GLY CA 266 -68.56 81.28 -22.90
C GLY CA 266 -67.42 81.04 -21.94
N ALA CA 267 -67.11 79.77 -21.69
CA ALA CA 267 -66.19 79.43 -20.60
C ALA CA 267 -64.82 80.03 -20.78
N GLU CA 268 -64.46 80.45 -21.99
CA GLU CA 268 -63.16 81.09 -22.18
C GLU CA 268 -63.18 82.55 -21.79
N TYR CA 269 -64.32 83.23 -21.96
CA TYR CA 269 -64.46 84.62 -21.58
C TYR CA 269 -64.81 84.78 -20.11
N ARG CA 270 -65.63 83.88 -19.58
CA ARG CA 270 -66.04 83.97 -18.19
C ARG CA 270 -64.85 84.01 -17.24
N ALA CA 271 -63.66 83.60 -17.68
CA ALA CA 271 -62.53 83.54 -16.76
C ALA CA 271 -62.21 84.91 -16.18
N ASN CA 272 -62.30 85.96 -17.00
CA ASN CA 272 -62.10 87.33 -16.54
C ASN CA 272 -63.16 88.19 -17.21
N ALA CA 273 -64.29 88.34 -16.55
CA ALA CA 273 -65.40 89.13 -17.05
C ALA CA 273 -66.06 89.84 -15.88
N SER CA 274 -66.87 90.84 -16.17
CA SER CA 274 -67.52 91.62 -15.13
C SER CA 274 -68.88 92.08 -15.61
N PHE CA 275 -69.72 92.45 -14.66
CA PHE CA 275 -71.03 93.03 -14.95
C PHE CA 275 -70.88 94.52 -15.13
N VAL CA 276 -71.79 95.12 -15.88
CA VAL CA 276 -71.75 96.55 -16.17
C VAL CA 276 -73.16 97.08 -15.99
N MET CA 277 -73.38 97.85 -14.93
CA MET CA 277 -74.69 98.41 -14.64
C MET CA 277 -74.53 99.85 -14.20
N ASN CA 278 -75.65 100.55 -14.03
CA ASN CA 278 -75.64 101.83 -13.36
C ASN CA 278 -76.11 101.66 -11.92
N SER CA 279 -76.02 102.74 -11.15
CA SER CA 279 -76.24 102.61 -9.72
C SER CA 279 -77.66 102.19 -9.39
N LYS CA 280 -78.63 102.73 -10.10
CA LYS CA 280 -80.02 102.42 -9.76
C LYS CA 280 -80.47 101.07 -10.29
N THR CA 281 -79.64 100.36 -11.05
CA THR CA 281 -79.94 98.99 -11.41
C THR CA 281 -79.40 98.00 -10.39
N ALA CA 282 -78.15 98.20 -9.96
CA ALA CA 282 -77.62 97.41 -8.86
C ALA CA 282 -78.48 97.55 -7.63
N GLY CA 283 -79.11 98.71 -7.46
CA GLY CA 283 -80.10 98.85 -6.41
C GLY CA 283 -81.25 97.89 -6.59
N ALA CA 284 -81.68 97.66 -7.82
CA ALA CA 284 -82.75 96.72 -8.08
C ALA CA 284 -82.26 95.28 -8.03
N VAL CA 285 -80.99 95.05 -8.34
CA VAL CA 285 -80.42 93.71 -8.17
C VAL CA 285 -80.29 93.39 -6.69
N ARG CA 286 -79.94 94.38 -5.89
CA ARG CA 286 -79.81 94.17 -4.45
C ARG CA 286 -81.16 93.97 -3.77
N LYS CA 287 -82.24 94.40 -4.39
CA LYS CA 287 -83.58 94.22 -3.84
C LYS CA 287 -84.16 92.85 -4.18
N MET CA 288 -83.44 92.00 -4.88
CA MET CA 288 -83.94 90.66 -5.16
C MET CA 288 -83.89 89.83 -3.89
N LYS CA 289 -84.99 89.15 -3.57
CA LYS CA 289 -85.13 88.47 -2.31
C LYS CA 289 -85.88 87.17 -2.51
N ASP CA 290 -85.72 86.27 -1.55
CA ASP CA 290 -86.37 84.97 -1.59
C ASP CA 290 -87.77 85.09 -1.00
N ALA CA 291 -88.43 83.96 -0.76
CA ALA CA 291 -89.80 83.99 -0.27
C ALA CA 291 -89.90 84.55 1.14
N ASP CA 292 -88.79 84.67 1.87
CA ASP CA 292 -88.82 85.27 3.20
C ASP CA 292 -88.40 86.73 3.18
N GLY CA 293 -87.75 87.19 2.11
CA GLY CA 293 -87.36 88.57 2.00
C GLY CA 293 -85.99 88.83 2.59
N ARG CA 294 -85.00 88.03 2.22
CA ARG CA 294 -83.70 88.08 2.86
C ARG CA 294 -82.59 88.50 1.91
N PHE CA 295 -82.92 89.20 0.82
CA PHE CA 295 -81.91 89.88 0.02
C PHE CA 295 -80.84 88.91 -0.49
N LEU CA 296 -81.25 88.05 -1.42
CA LEU CA 296 -80.36 87.05 -2.01
C LEU CA 296 -78.94 87.54 -2.21
N TRP CA 297 -78.77 88.80 -2.60
CA TRP CA 297 -77.47 89.46 -2.66
C TRP CA 297 -77.28 90.26 -1.38
N ALA CA 298 -76.24 89.92 -0.60
CA ALA CA 298 -75.91 90.64 0.63
C ALA CA 298 -77.08 90.59 1.62
N ASP CA 299 -77.29 89.39 2.16
CA ASP CA 299 -78.54 89.07 2.85
C ASP CA 299 -78.82 89.98 4.04
N SER CA 300 -77.79 90.36 4.79
CA SER CA 300 -78.03 91.19 5.97
C SER CA 300 -78.19 92.65 5.59
N LEU CA 301 -78.69 93.44 6.53
CA LEU CA 301 -78.79 94.88 6.34
C LEU CA 301 -77.54 95.63 6.77
N ALA CA 302 -76.55 94.97 7.34
CA ALA CA 302 -75.28 95.61 7.64
C ALA CA 302 -74.23 95.27 6.59
N ALA CA 303 -74.65 95.05 5.35
CA ALA CA 303 -73.84 94.34 4.37
C ALA CA 303 -73.02 95.27 3.48
N GLY CA 304 -73.68 96.21 2.84
CA GLY CA 304 -73.00 97.02 1.84
C GLY CA 304 -73.05 96.36 0.48
N GLU CA 305 -72.39 96.99 -0.50
CA GLU CA 305 -72.41 96.45 -1.88
C GLU CA 305 -71.26 95.43 -2.00
N PRO CA 306 -71.53 94.09 -2.00
CA PRO CA 306 -70.50 93.03 -1.96
C PRO CA 306 -69.55 93.03 -3.13
N ALA CA 307 -69.93 93.64 -4.26
CA ALA CA 307 -69.05 93.84 -5.41
C ALA CA 307 -68.44 92.55 -5.96
N ARG CA 308 -69.07 91.41 -5.72
CA ARG CA 308 -68.67 90.15 -6.35
C ARG CA 308 -69.91 89.39 -6.82
N LEU CA 309 -70.82 90.07 -7.50
CA LEU CA 309 -72.06 89.43 -7.93
C LEU CA 309 -71.77 88.21 -8.80
N MET CA 310 -72.33 87.07 -8.40
CA MET CA 310 -72.18 85.79 -9.10
C MET CA 310 -70.72 85.41 -9.32
N GLY CA 311 -69.85 85.87 -8.42
CA GLY CA 311 -68.45 85.54 -8.48
C GLY CA 311 -67.62 86.43 -9.37
N TYR CA 312 -68.25 87.35 -10.10
CA TYR CA 312 -67.55 88.22 -11.03
C TYR CA 312 -67.67 89.67 -10.59
N PRO CA 313 -66.68 90.50 -10.86
CA PRO CA 313 -66.72 91.89 -10.43
C PRO CA 313 -67.91 92.62 -11.02
N VAL CA 314 -68.21 93.78 -10.44
CA VAL CA 314 -69.31 94.61 -10.89
C VAL CA 314 -68.78 96.02 -11.11
N LEU CA 315 -68.97 96.55 -12.32
CA LEU CA 315 -68.59 97.92 -12.65
C LEU CA 315 -69.86 98.74 -12.72
N ILE CA 316 -70.05 99.63 -11.75
CA ILE CA 316 -71.22 100.49 -11.76
C ILE CA 316 -70.95 101.68 -12.67
N ALA CA 317 -71.31 101.56 -13.94
CA ALA CA 317 -71.10 102.61 -14.92
C ALA CA 317 -72.43 103.32 -15.11
N GLU CA 318 -72.50 104.57 -14.65
CA GLU CA 318 -73.74 105.33 -14.65
C GLU CA 318 -74.21 105.73 -16.04
N ASP CA 319 -73.44 105.43 -17.06
CA ASP CA 319 -73.81 105.78 -18.43
C ASP CA 319 -74.60 104.68 -19.12
N MET CA 320 -74.94 103.61 -18.41
CA MET CA 320 -75.78 102.54 -18.93
C MET CA 320 -77.25 102.88 -18.81
N PRO CA 321 -78.10 102.32 -19.67
CA PRO CA 321 -79.53 102.53 -19.51
C PRO CA 321 -80.06 101.79 -18.30
N ASP CA 322 -81.19 102.26 -17.79
CA ASP CA 322 -81.80 101.65 -16.64
C ASP CA 322 -82.88 100.66 -17.09
N ILE CA 323 -83.62 100.14 -16.11
CA ILE CA 323 -84.66 99.16 -16.41
C ILE CA 323 -85.85 99.86 -17.06
N ALA CA 324 -86.29 99.33 -18.20
CA ALA CA 324 -87.39 99.92 -18.94
C ALA CA 324 -88.17 98.80 -19.62
N ALA CA 325 -89.01 99.16 -20.59
CA ALA CA 325 -89.83 98.17 -21.26
C ALA CA 325 -89.03 97.28 -22.19
N ASN CA 326 -87.94 97.79 -22.76
CA ASN CA 326 -87.11 96.95 -23.62
C ASN CA 326 -85.63 97.20 -23.42
N ALA CA 327 -85.24 97.84 -22.33
CA ALA CA 327 -83.88 98.33 -22.21
C ALA CA 327 -82.93 97.24 -21.75
N TYR CA 328 -81.70 97.32 -22.25
CA TYR CA 328 -80.62 96.41 -21.89
C TYR CA 328 -79.83 97.03 -20.75
N ALA CA 329 -80.29 96.77 -19.52
CA ALA CA 329 -79.77 97.47 -18.37
C ALA CA 329 -78.56 96.81 -17.74
N ILE CA 330 -78.33 95.52 -17.98
CA ILE CA 330 -77.20 94.81 -17.43
C ILE CA 330 -76.44 94.14 -18.56
N ALA CA 331 -75.14 94.35 -18.60
CA ALA CA 331 -74.27 93.66 -19.54
C ALA CA 331 -73.25 92.86 -18.76
N PHE CA 332 -72.79 91.78 -19.38
CA PHE CA 332 -71.81 90.90 -18.74
C PHE CA 332 -70.92 90.35 -19.82
N GLY CA 333 -69.62 90.53 -19.67
CA GLY CA 333 -68.71 90.00 -20.65
C GLY CA 333 -67.28 90.41 -20.41
N ASP CA 334 -66.36 89.73 -21.07
CA ASP CA 334 -64.95 90.06 -21.00
C ASP CA 334 -64.70 91.22 -21.96
N PHE CA 335 -64.74 92.43 -21.41
CA PHE CA 335 -64.53 93.60 -22.25
C PHE CA 335 -63.07 93.80 -22.61
N GLY CA 336 -62.16 93.14 -21.91
CA GLY CA 336 -60.76 93.19 -22.31
C GLY CA 336 -60.57 92.76 -23.76
N ASN CA 337 -61.21 91.66 -24.14
CA ASN CA 337 -61.23 91.26 -25.54
C ASN CA 337 -62.41 91.83 -26.29
N GLY CA 338 -63.50 92.10 -25.60
CA GLY CA 338 -64.72 92.54 -26.24
C GLY CA 338 -64.66 93.94 -26.79
N TYR CA 339 -64.42 94.92 -25.94
CA TYR CA 339 -64.43 96.32 -26.34
C TYR CA 339 -63.01 96.84 -26.45
N THR CA 340 -62.70 97.42 -27.61
CA THR CA 340 -61.39 97.97 -27.88
C THR CA 340 -61.47 99.48 -27.92
N ILE CA 341 -60.61 100.14 -27.15
CA ILE CA 341 -60.51 101.58 -27.13
C ILE CA 341 -59.21 101.96 -27.80
N ALA CA 342 -59.28 102.87 -28.76
CA ALA CA 342 -58.10 103.45 -29.37
C ALA CA 342 -58.11 104.93 -29.03
N GLU CA 343 -56.96 105.46 -28.64
CA GLU CA 343 -56.94 106.81 -28.12
C GLU CA 343 -55.54 107.39 -28.22
N ARG CA 344 -55.47 108.70 -27.97
CA ARG CA 344 -54.22 109.43 -27.90
C ARG CA 344 -54.21 110.08 -26.53
N PRO CA 345 -53.23 109.81 -25.67
CA PRO CA 345 -53.37 110.15 -24.25
C PRO CA 345 -53.28 111.64 -23.96
N ASP CA 346 -52.72 112.44 -24.86
CA ASP CA 346 -52.53 113.85 -24.57
C ASP CA 346 -53.86 114.59 -24.65
N LEU CA 347 -53.81 115.87 -24.29
CA LEU CA 347 -54.99 116.74 -24.32
C LEU CA 347 -54.52 118.14 -24.67
N ARG CA 348 -54.94 118.65 -25.83
CA ARG CA 348 -54.54 119.98 -26.28
C ARG CA 348 -55.60 120.99 -25.87
N VAL CA 349 -55.15 122.12 -25.32
CA VAL CA 349 -56.05 123.03 -24.64
C VAL CA 349 -55.87 124.46 -25.15
N LEU CA 350 -55.57 124.59 -26.45
CA LEU CA 350 -55.32 125.89 -27.07
C LEU CA 350 -56.38 126.91 -26.72
N ARG CA 351 -55.96 128.02 -26.11
CA ARG CA 351 -56.82 129.16 -25.82
C ARG CA 351 -56.47 130.32 -26.73
N ASP CA 352 -57.46 131.06 -27.17
CA ASP CA 352 -57.25 132.16 -28.12
C ASP CA 352 -58.04 133.40 -27.73
N PRO CA 353 -57.39 134.45 -27.24
CA PRO CA 353 -58.10 135.69 -26.99
C PRO CA 353 -58.50 136.42 -28.27
N PHE CA 354 -58.24 135.84 -29.43
CA PHE CA 354 -58.33 136.56 -30.69
C PHE CA 354 -59.69 136.41 -31.37
N SER CA 355 -60.22 135.20 -31.48
CA SER CA 355 -61.40 134.98 -32.30
C SER CA 355 -62.58 135.80 -31.80
N ALA CA 356 -63.08 135.50 -30.60
CA ALA CA 356 -64.11 136.29 -29.95
C ALA CA 356 -63.38 137.26 -29.04
N LYS CA 357 -63.36 138.53 -29.43
CA LYS CA 357 -62.37 139.45 -28.90
C LYS CA 357 -62.50 139.72 -27.40
N PRO CA 358 -63.66 140.08 -26.85
CA PRO CA 358 -63.72 140.30 -25.40
C PRO CA 358 -63.69 139.02 -24.59
N HIS CA 359 -63.70 137.85 -25.23
CA HIS CA 359 -63.74 136.56 -24.57
C HIS CA 359 -62.41 135.84 -24.80
N VAL CA 360 -62.34 134.57 -24.41
CA VAL CA 360 -61.09 133.82 -24.44
C VAL CA 360 -61.20 132.51 -25.20
N LEU CA 361 -62.30 131.75 -25.02
CA LEU CA 361 -62.52 130.54 -25.81
C LEU CA 361 -61.40 129.51 -25.63
N PHE CA 362 -61.36 128.93 -24.43
CA PHE CA 362 -60.41 127.85 -24.17
C PHE CA 362 -60.79 126.59 -24.93
N TYR CA 363 -60.22 126.38 -26.10
CA TYR CA 363 -60.58 125.25 -26.95
C TYR CA 363 -59.73 124.04 -26.57
N ALA CA 364 -60.35 123.04 -25.95
CA ALA CA 364 -59.67 121.82 -25.53
C ALA CA 364 -60.27 120.63 -26.25
N SER CA 365 -59.43 119.72 -26.70
CA SER CA 365 -59.89 118.57 -27.47
C SER CA 365 -58.99 117.38 -27.23
N LYS CA 366 -59.58 116.19 -27.28
CA LYS CA 366 -58.87 114.94 -27.12
C LYS CA 366 -59.45 113.91 -28.06
N ARG CA 367 -58.60 113.05 -28.62
CA ARG CA 367 -59.01 112.09 -29.64
C ARG CA 367 -59.20 110.71 -29.04
N VAL CA 368 -60.37 110.12 -29.28
CA VAL CA 368 -60.68 108.78 -28.79
C VAL CA 368 -61.59 108.09 -29.80
N GLY CA 369 -61.67 106.78 -29.71
CA GLY CA 369 -62.58 106.01 -30.54
C GLY CA 369 -62.58 104.57 -30.12
N GLY CA 370 -63.63 103.86 -30.51
CA GLY CA 370 -63.67 102.43 -30.24
C GLY CA 370 -65.02 101.76 -30.38
N ASP CA 371 -65.03 100.57 -30.97
CA ASP CA 371 -66.22 99.74 -31.01
C ASP CA 371 -65.83 98.32 -30.63
N VAL CA 372 -66.82 97.43 -30.53
CA VAL CA 372 -66.52 96.08 -30.08
C VAL CA 372 -65.72 95.36 -31.15
N SER CA 373 -64.64 94.72 -30.74
CA SER CA 373 -63.81 93.95 -31.64
C SER CA 373 -64.12 92.46 -31.61
N ASP CA 374 -64.66 91.95 -30.51
CA ASP CA 374 -65.05 90.56 -30.37
C ASP CA 374 -66.50 90.54 -29.90
N PHE CA 375 -67.41 90.23 -30.82
CA PHE CA 375 -68.84 90.28 -30.51
C PHE CA 375 -69.27 89.17 -29.56
N ALA CA 376 -68.49 88.12 -29.43
CA ALA CA 376 -68.88 87.02 -28.56
C ALA CA 376 -68.54 87.26 -27.10
N ALA CA 377 -67.81 88.32 -26.78
CA ALA CA 377 -67.29 88.53 -25.45
C ALA CA 377 -68.13 89.48 -24.63
N ILE CA 378 -69.34 89.81 -25.07
CA ILE CA 378 -70.25 90.65 -24.31
C ILE CA 378 -71.65 90.07 -24.48
N LYS CA 379 -72.34 89.85 -23.36
CA LYS CA 379 -73.71 89.37 -23.38
C LYS CA 379 -74.58 90.34 -22.63
N LEU CA 380 -75.78 90.57 -23.13
CA LEU CA 380 -76.66 91.60 -22.63
C LEU CA 380 -77.89 90.99 -21.98
N LEU CA 381 -78.57 91.78 -21.19
CA LEU CA 381 -79.79 91.36 -20.50
C LEU CA 381 -80.91 92.30 -20.92
N LYS CA 382 -81.72 91.86 -21.88
CA LYS CA 382 -82.83 92.67 -22.34
C LYS CA 382 -83.99 92.49 -21.38
N PHE CA 383 -84.55 93.60 -20.91
CA PHE CA 383 -85.63 93.55 -19.93
C PHE CA 383 -86.98 93.50 -20.65
N ALA CA 384 -87.27 92.33 -21.20
CA ALA CA 384 -88.54 92.11 -21.88
C ALA CA 384 -88.76 90.61 -22.00
N ALA CA 385 -89.88 90.25 -22.60
CA ALA CA 385 -90.20 88.84 -22.81
C ALA CA 385 -89.92 88.43 -24.25
N MET DA 1 -28.61 -15.71 -98.80
CA MET DA 1 -28.30 -14.39 -98.28
C MET DA 1 -29.57 -13.68 -97.86
N ASP DA 2 -29.75 -13.51 -96.57
CA ASP DA 2 -30.88 -12.78 -96.01
C ASP DA 2 -30.43 -11.42 -95.52
N VAL DA 3 -31.05 -10.36 -96.06
CA VAL DA 3 -30.76 -9.03 -95.55
C VAL DA 3 -31.46 -8.78 -94.24
N PHE DA 4 -32.49 -9.56 -93.91
CA PHE DA 4 -33.19 -9.41 -92.64
C PHE DA 4 -32.69 -10.36 -91.57
N ALA DA 5 -31.52 -10.97 -91.75
CA ALA DA 5 -30.84 -11.52 -90.59
C ALA DA 5 -30.37 -10.39 -89.70
N LYS DA 6 -30.09 -10.74 -88.44
CA LYS DA 6 -29.82 -9.91 -87.27
C LYS DA 6 -31.06 -9.18 -86.78
N HIS DA 7 -32.22 -9.37 -87.42
CA HIS DA 7 -33.50 -8.89 -86.91
C HIS DA 7 -34.09 -9.94 -85.99
N ALA DA 8 -34.63 -9.48 -84.86
CA ALA DA 8 -35.27 -10.39 -83.93
C ALA DA 8 -36.61 -10.83 -84.48
N VAL DA 9 -36.88 -12.13 -84.38
CA VAL DA 9 -38.12 -12.72 -84.87
C VAL DA 9 -39.16 -12.58 -83.77
N SER DA 10 -40.13 -11.69 -83.97
CA SER DA 10 -41.17 -11.49 -82.98
C SER DA 10 -42.39 -12.35 -83.31
N LEU DA 11 -43.44 -12.18 -82.51
CA LEU DA 11 -44.68 -12.90 -82.77
C LEU DA 11 -45.40 -12.36 -83.99
N GLU DA 12 -45.25 -11.07 -84.25
CA GLU DA 12 -45.95 -10.45 -85.37
C GLU DA 12 -45.18 -10.66 -86.67
N SER DA 13 -43.96 -11.16 -86.58
CA SER DA 13 -43.08 -11.30 -87.73
C SER DA 13 -43.52 -12.49 -88.59
N PRO DA 14 -43.07 -12.57 -89.85
CA PRO DA 14 -43.46 -13.70 -90.70
C PRO DA 14 -42.90 -15.03 -90.23
N ALA DA 15 -43.42 -16.10 -90.83
CA ALA DA 15 -43.10 -17.44 -90.38
C ALA DA 15 -41.71 -17.87 -90.80
N VAL DA 16 -40.88 -18.21 -89.83
CA VAL DA 16 -39.52 -18.64 -90.10
C VAL DA 16 -39.45 -20.14 -90.33
N ARG DA 17 -39.99 -20.93 -89.41
CA ARG DA 17 -39.98 -22.38 -89.53
C ARG DA 17 -41.39 -22.92 -89.50
N HIS DA 18 -41.67 -23.93 -90.32
CA HIS DA 18 -42.98 -24.54 -90.39
C HIS DA 18 -42.85 -26.03 -90.15
N TYR DA 19 -43.96 -26.64 -89.73
CA TYR DA 19 -44.01 -28.07 -89.45
C TYR DA 19 -45.46 -28.51 -89.52
N GLU DA 20 -45.72 -29.62 -90.19
CA GLU DA 20 -47.09 -30.12 -90.26
C GLU DA 20 -47.48 -30.71 -88.92
N ILE DA 21 -48.71 -30.47 -88.50
CA ILE DA 21 -49.20 -30.90 -87.20
C ILE DA 21 -50.02 -32.16 -87.39
N THR DA 22 -49.88 -33.09 -86.46
CA THR DA 22 -50.76 -34.24 -86.42
C THR DA 22 -51.59 -34.16 -85.14
N PRO DA 23 -52.88 -34.38 -85.22
CA PRO DA 23 -53.73 -34.28 -84.03
C PRO DA 23 -53.54 -35.45 -83.08
N SER DA 24 -52.59 -35.31 -82.16
CA SER DA 24 -52.23 -36.41 -81.27
C SER DA 24 -53.36 -36.75 -80.29
N ASP DA 25 -54.05 -35.69 -79.83
CA ASP DA 25 -55.23 -35.77 -78.92
C ASP DA 25 -54.75 -35.88 -77.47
N SER DA 26 -53.70 -36.68 -77.22
CA SER DA 26 -53.29 -37.06 -75.88
C SER DA 26 -52.01 -36.39 -75.43
N THR DA 27 -51.20 -35.89 -76.35
CA THR DA 27 -49.99 -35.17 -76.03
C THR DA 27 -50.07 -33.77 -76.61
N ASP DA 28 -49.32 -32.86 -76.03
CA ASP DA 28 -49.25 -31.51 -76.56
C ASP DA 28 -48.42 -31.48 -77.83
N LEU DA 29 -48.45 -30.33 -78.50
CA LEU DA 29 -47.58 -30.14 -79.65
C LEU DA 29 -46.13 -30.03 -79.20
N ALA DA 30 -45.21 -30.45 -80.08
CA ALA DA 30 -43.79 -30.38 -79.77
C ALA DA 30 -43.34 -28.93 -79.66
N ARG DA 31 -43.78 -28.10 -80.60
CA ARG DA 31 -43.67 -26.65 -80.49
C ARG DA 31 -45.05 -26.07 -80.70
N ARG DA 32 -45.42 -25.09 -79.90
CA ARG DA 32 -46.70 -24.48 -80.17
C ARG DA 32 -46.52 -23.44 -81.27
N PRO DA 33 -47.39 -23.40 -82.26
CA PRO DA 33 -47.13 -22.54 -83.43
C PRO DA 33 -47.67 -21.14 -83.20
N ARG DA 34 -47.10 -20.18 -83.92
CA ARG DA 34 -47.67 -18.84 -83.88
C ARG DA 34 -48.98 -18.78 -84.65
N ALA DA 35 -49.07 -19.49 -85.77
CA ALA DA 35 -50.30 -19.52 -86.55
C ALA DA 35 -50.48 -20.90 -87.15
N LEU DA 36 -51.64 -21.12 -87.75
CA LEU DA 36 -51.96 -22.36 -88.41
C LEU DA 36 -52.35 -22.09 -89.85
N ARG DA 37 -51.50 -22.52 -90.77
CA ARG DA 37 -51.85 -22.57 -92.19
C ARG DA 37 -52.67 -23.83 -92.39
N VAL DA 38 -53.93 -23.67 -92.76
CA VAL DA 38 -54.81 -24.82 -92.90
C VAL DA 38 -54.55 -25.43 -94.27
N GLN DA 39 -54.38 -26.75 -94.33
CA GLN DA 39 -54.15 -27.40 -95.61
C GLN DA 39 -55.46 -27.66 -96.35
N THR DA 40 -56.36 -28.41 -95.73
CA THR DA 40 -57.65 -28.72 -96.36
C THR DA 40 -58.77 -28.30 -95.44
N GLY DA 41 -59.92 -27.99 -96.02
CA GLY DA 41 -61.01 -27.42 -95.23
C GLY DA 41 -61.68 -28.47 -94.36
N GLY DA 42 -62.29 -27.99 -93.28
CA GLY DA 42 -63.00 -28.87 -92.39
C GLY DA 42 -63.19 -28.20 -91.04
N THR DA 43 -63.45 -29.02 -90.04
CA THR DA 43 -63.50 -28.57 -88.65
C THR DA 43 -62.31 -29.16 -87.92
N LEU DA 44 -61.66 -28.35 -87.09
CA LEU DA 44 -60.57 -28.83 -86.25
C LEU DA 44 -60.65 -28.14 -84.90
N VAL DA 45 -60.15 -28.83 -83.88
CA VAL DA 45 -60.28 -28.43 -82.49
C VAL DA 45 -58.91 -28.03 -81.95
N LEU DA 46 -58.89 -27.01 -81.10
CA LEU DA 46 -57.64 -26.44 -80.61
C LEU DA 46 -57.77 -26.13 -79.14
N ARG DA 47 -56.70 -26.37 -78.39
CA ARG DA 47 -56.70 -26.20 -76.95
C ARG DA 47 -55.68 -25.15 -76.55
N ASP DA 48 -56.07 -24.27 -75.64
CA ASP DA 48 -55.19 -23.29 -75.03
C ASP DA 48 -54.28 -23.93 -73.99
N GLU DA 49 -53.58 -23.08 -73.24
CA GLU DA 49 -52.93 -23.57 -72.03
C GLU DA 49 -53.88 -23.55 -70.85
N THR DA 50 -55.14 -23.18 -71.08
CA THR DA 50 -56.13 -23.10 -70.02
C THR DA 50 -57.22 -24.15 -70.18
N GLY DA 51 -57.19 -24.94 -71.26
CA GLY DA 51 -58.08 -26.08 -71.32
C GLY DA 51 -59.41 -25.81 -72.00
N ILE DA 52 -59.64 -24.55 -72.38
CA ILE DA 52 -60.93 -24.00 -72.81
C ILE DA 52 -61.51 -24.63 -74.10
N THR DA 53 -60.76 -25.56 -74.71
CA THR DA 53 -60.77 -25.96 -76.12
C THR DA 53 -62.13 -25.95 -76.83
N VAL DA 54 -62.16 -25.32 -78.01
CA VAL DA 54 -63.36 -25.18 -78.83
C VAL DA 54 -63.09 -25.78 -80.21
N THR DA 55 -64.14 -25.80 -81.02
CA THR DA 55 -64.08 -26.30 -82.38
C THR DA 55 -64.14 -25.11 -83.33
N TYR DA 56 -63.30 -25.11 -84.36
CA TYR DA 56 -63.28 -24.07 -85.36
C TYR DA 56 -63.75 -24.62 -86.70
N THR DA 57 -64.76 -23.98 -87.29
CA THR DA 57 -65.23 -24.37 -88.62
C THR DA 57 -64.38 -23.64 -89.65
N VAL DA 58 -63.19 -24.19 -89.89
CA VAL DA 58 -62.21 -23.46 -90.68
C VAL DA 58 -62.39 -23.73 -92.16
N PHE DA 59 -61.79 -22.90 -92.99
CA PHE DA 59 -61.83 -23.05 -94.44
C PHE DA 59 -60.45 -23.43 -94.94
N ALA DA 60 -60.36 -23.76 -96.22
CA ALA DA 60 -59.19 -24.43 -96.83
C ALA DA 60 -57.95 -23.53 -96.73
N GLY DA 61 -57.94 -22.41 -97.46
CA GLY DA 61 -56.73 -21.55 -97.48
C GLY DA 61 -56.66 -20.64 -96.28
N GLU DA 62 -57.58 -20.79 -95.32
CA GLU DA 62 -57.64 -19.88 -94.15
C GLU DA 62 -56.37 -19.99 -93.30
N ILE DA 63 -55.84 -18.85 -92.83
CA ILE DA 63 -54.65 -18.86 -91.93
C ILE DA 63 -55.02 -18.07 -90.67
N LEU DA 64 -55.08 -18.75 -89.53
CA LEU DA 64 -55.72 -18.21 -88.35
C LEU DA 64 -54.68 -17.98 -87.26
N PRO DA 65 -54.52 -16.75 -86.79
CA PRO DA 65 -53.43 -16.41 -85.87
C PRO DA 65 -53.75 -16.75 -84.42
N VAL DA 66 -54.01 -18.02 -84.16
CA VAL DA 66 -54.27 -18.52 -82.82
C VAL DA 66 -53.10 -19.41 -82.45
N ARG DA 67 -52.74 -19.42 -81.17
CA ARG DA 67 -51.50 -20.04 -80.72
C ARG DA 67 -51.85 -21.18 -79.77
N PRO DA 68 -52.10 -22.39 -80.25
CA PRO DA 68 -52.66 -23.43 -79.40
C PRO DA 68 -51.61 -24.30 -78.73
N VAL DA 69 -51.97 -24.93 -77.62
CA VAL DA 69 -51.06 -25.88 -76.98
C VAL DA 69 -51.25 -27.26 -77.59
N ARG DA 70 -52.49 -27.73 -77.67
CA ARG DA 70 -52.78 -29.08 -78.13
C ARG DA 70 -53.85 -29.03 -79.20
N VAL DA 71 -53.68 -29.82 -80.26
CA VAL DA 71 -54.68 -29.99 -81.30
C VAL DA 71 -55.24 -31.40 -81.17
N LEU DA 72 -56.49 -31.52 -80.79
CA LEU DA 72 -57.07 -32.83 -80.56
C LEU DA 72 -57.56 -33.43 -81.87
N ALA DA 73 -57.91 -34.71 -81.84
CA ALA DA 73 -58.25 -35.48 -83.02
C ALA DA 73 -59.71 -35.89 -83.08
N THR DA 74 -60.51 -35.58 -82.05
CA THR DA 74 -61.88 -36.05 -82.02
C THR DA 74 -62.73 -35.34 -83.06
N GLY DA 75 -62.75 -34.01 -83.01
CA GLY DA 75 -63.49 -33.24 -83.98
C GLY DA 75 -62.68 -32.73 -85.15
N THR DA 76 -61.44 -33.19 -85.31
CA THR DA 76 -60.55 -32.65 -86.32
C THR DA 76 -60.79 -33.36 -87.65
N THR DA 77 -61.29 -32.62 -88.62
CA THR DA 77 -61.42 -33.10 -89.99
C THR DA 77 -60.56 -32.31 -90.96
N ALA DA 78 -59.79 -31.34 -90.46
CA ALA DA 78 -59.02 -30.43 -91.28
C ALA DA 78 -57.55 -30.57 -90.92
N THR DA 79 -56.72 -30.88 -91.91
CA THR DA 79 -55.28 -30.93 -91.66
C THR DA 79 -54.69 -29.53 -91.78
N ALA DA 80 -53.69 -29.25 -90.96
CA ALA DA 80 -53.04 -27.95 -90.93
C ALA DA 80 -51.54 -28.12 -90.88
N VAL DA 81 -50.83 -27.02 -91.10
CA VAL DA 81 -49.39 -26.95 -90.88
C VAL DA 81 -49.12 -25.73 -90.01
N GLY DA 82 -48.40 -25.95 -88.91
CA GLY DA 82 -48.14 -24.86 -87.99
C GLY DA 82 -47.00 -23.99 -88.45
N TRP DA 83 -47.15 -22.69 -88.23
CA TRP DA 83 -46.14 -21.70 -88.58
C TRP DA 83 -45.50 -21.15 -87.32
N GLU DA 84 -44.22 -20.84 -87.41
CA GLU DA 84 -43.46 -20.42 -86.25
C GLU DA 84 -42.23 -19.63 -86.68
N ILE EA 2 -49.78 -11.34 -90.06
CA ILE EA 2 -50.24 -12.61 -89.55
C ILE EA 2 -51.36 -12.40 -88.57
N ALA EA 3 -51.07 -11.62 -87.55
CA ALA EA 3 -51.88 -11.54 -86.36
C ALA EA 3 -52.82 -10.33 -86.40
N LEU EA 4 -53.40 -10.00 -85.26
CA LEU EA 4 -54.69 -9.31 -85.19
C LEU EA 4 -54.63 -7.80 -85.39
N GLY EA 5 -53.58 -7.27 -86.00
CA GLY EA 5 -53.56 -5.86 -86.29
C GLY EA 5 -54.44 -5.48 -87.48
N LEU EA 6 -54.65 -4.18 -87.63
CA LEU EA 6 -55.31 -3.59 -88.80
C LEU EA 6 -54.31 -2.60 -89.38
N GLY EA 7 -53.51 -3.04 -90.34
CA GLY EA 7 -52.41 -2.19 -90.75
C GLY EA 7 -51.88 -2.21 -92.17
N LEU EA 8 -52.54 -2.89 -93.10
CA LEU EA 8 -52.10 -3.04 -94.51
C LEU EA 8 -50.66 -3.55 -94.64
N GLY EA 9 -50.15 -4.25 -93.64
CA GLY EA 9 -48.76 -4.65 -93.64
C GLY EA 9 -48.55 -5.97 -94.31
N LEU EA 10 -47.28 -6.38 -94.38
CA LEU EA 10 -46.95 -7.68 -94.92
C LEU EA 10 -47.42 -8.78 -94.00
N ALA EA 11 -46.95 -8.76 -92.75
CA ALA EA 11 -47.40 -9.71 -91.75
C ALA EA 11 -47.51 -9.04 -90.39
N MET FA 1 -63.47 -7.48 -67.25
CA MET FA 1 -62.07 -7.64 -66.88
C MET FA 1 -61.22 -7.80 -68.11
N ASP FA 2 -60.42 -6.79 -68.43
CA ASP FA 2 -59.50 -6.83 -69.54
C ASP FA 2 -58.08 -7.00 -69.02
N VAL FA 3 -57.42 -8.05 -69.48
CA VAL FA 3 -56.01 -8.23 -69.13
C VAL FA 3 -55.12 -7.32 -69.95
N PHE FA 4 -55.62 -6.80 -71.07
CA PHE FA 4 -54.86 -5.87 -71.89
C PHE FA 4 -55.15 -4.42 -71.60
N ALA FA 5 -55.80 -4.11 -70.48
CA ALA FA 5 -55.74 -2.75 -69.99
C ALA FA 5 -54.32 -2.46 -69.52
N LYS FA 6 -54.02 -1.16 -69.42
CA LYS FA 6 -52.72 -0.52 -69.20
C LYS FA 6 -51.83 -0.63 -70.43
N HIS FA 7 -52.27 -1.25 -71.52
CA HIS FA 7 -51.57 -1.22 -72.79
C HIS FA 7 -52.01 0.00 -73.57
N ALA FA 8 -51.05 0.67 -74.19
CA ALA FA 8 -51.37 1.83 -75.01
C ALA FA 8 -51.99 1.39 -76.32
N VAL FA 9 -53.07 2.06 -76.71
CA VAL FA 9 -53.79 1.75 -77.93
C VAL FA 9 -53.11 2.49 -79.07
N SER FA 10 -52.41 1.75 -79.93
CA SER FA 10 -51.72 2.36 -81.05
C SER FA 10 -52.60 2.32 -82.30
N LEU FA 11 -52.04 2.77 -83.41
CA LEU FA 11 -52.77 2.74 -84.68
C LEU FA 11 -52.88 1.31 -85.20
N GLU FA 12 -51.89 0.49 -84.91
CA GLU FA 12 -51.87 -0.87 -85.43
C GLU FA 12 -52.71 -1.79 -84.55
N SER FA 13 -53.13 -1.30 -83.39
CA SER FA 13 -53.85 -2.10 -82.40
C SER FA 13 -55.30 -2.32 -82.84
N PRO FA 14 -55.99 -3.32 -82.28
CA PRO FA 14 -57.40 -3.55 -82.66
C PRO FA 14 -58.33 -2.43 -82.28
N ALA FA 15 -59.55 -2.50 -82.81
CA ALA FA 15 -60.49 -1.40 -82.68
C ALA FA 15 -61.12 -1.38 -81.29
N VAL FA 16 -60.95 -0.26 -80.61
CA VAL FA 16 -61.49 -0.08 -79.26
C VAL FA 16 -62.91 0.46 -79.30
N ARG FA 17 -63.13 1.55 -80.01
CA ARG FA 17 -64.45 2.15 -80.11
C ARG FA 17 -64.86 2.24 -81.58
N HIS FA 18 -66.14 1.99 -81.84
CA HIS FA 18 -66.69 2.04 -83.18
C HIS FA 18 -67.86 2.99 -83.23
N TYR FA 19 -68.17 3.50 -84.42
CA TYR FA 19 -69.27 4.42 -84.62
C TYR FA 19 -69.65 4.36 -86.09
N GLU FA 20 -70.94 4.29 -86.37
CA GLU FA 20 -71.38 4.28 -87.76
C GLU FA 20 -71.23 5.68 -88.34
N ILE FA 21 -70.78 5.74 -89.60
CA ILE FA 21 -70.50 7.01 -90.27
C ILE FA 21 -71.67 7.34 -91.16
N THR FA 22 -72.04 8.61 -91.22
CA THR FA 22 -72.99 9.09 -92.20
C THR FA 22 -72.27 10.03 -93.14
N PRO FA 23 -72.48 9.89 -94.44
CA PRO FA 23 -71.78 10.75 -95.39
C PRO FA 23 -72.33 12.17 -95.42
N SER FA 24 -71.77 13.02 -94.57
CA SER FA 24 -72.30 14.37 -94.41
C SER FA 24 -72.10 15.23 -95.66
N ASP FA 25 -70.91 15.08 -96.28
CA ASP FA 25 -70.61 15.68 -97.61
C ASP FA 25 -70.27 17.18 -97.49
N SER FA 26 -70.51 17.79 -96.33
CA SER FA 26 -70.20 19.19 -96.12
C SER FA 26 -69.42 19.44 -94.84
N THR FA 27 -69.46 18.51 -93.88
CA THR FA 27 -68.70 18.62 -92.65
C THR FA 27 -67.78 17.42 -92.55
N ASP FA 28 -66.71 17.59 -91.78
CA ASP FA 28 -65.80 16.48 -91.55
C ASP FA 28 -66.41 15.48 -90.57
N LEU FA 29 -65.74 14.35 -90.43
CA LEU FA 29 -66.16 13.38 -89.42
C LEU FA 29 -65.88 13.92 -88.02
N ALA FA 30 -66.70 13.50 -87.07
CA ALA FA 30 -66.51 13.92 -85.67
C ALA FA 30 -65.20 13.38 -85.11
N ARG FA 31 -64.94 12.10 -85.37
CA ARG FA 31 -63.64 11.51 -85.16
C ARG FA 31 -63.19 10.84 -86.44
N ARG FA 32 -61.93 11.02 -86.80
CA ARG FA 32 -61.50 10.31 -87.99
C ARG FA 32 -61.15 8.89 -87.60
N PRO FA 33 -61.59 7.87 -88.34
CA PRO FA 33 -61.42 6.50 -87.89
C PRO FA 33 -60.08 5.95 -88.32
N ARG FA 34 -59.60 4.93 -87.60
CA ARG FA 34 -58.41 4.22 -88.05
C ARG FA 34 -58.71 3.36 -89.26
N ALA FA 35 -59.87 2.73 -89.28
CA ALA FA 35 -60.25 1.91 -90.41
C ALA FA 35 -61.75 2.02 -90.63
N LEU FA 36 -62.21 1.45 -91.74
CA LEU FA 36 -63.61 1.44 -92.10
C LEU FA 36 -64.07 0.01 -92.30
N ARG FA 37 -64.92 -0.47 -91.39
CA ARG FA 37 -65.65 -1.71 -91.59
C ARG FA 37 -66.82 -1.39 -92.49
N VAL FA 38 -66.84 -1.95 -93.69
CA VAL FA 38 -67.89 -1.66 -94.64
C VAL FA 38 -69.11 -2.50 -94.28
N GLN FA 39 -70.28 -1.88 -94.22
CA GLN FA 39 -71.48 -2.64 -93.91
C GLN FA 39 -72.04 -3.33 -95.15
N THR FA 40 -72.37 -2.58 -96.18
CA THR FA 40 -72.92 -3.14 -97.40
C THR FA 40 -72.07 -2.70 -98.60
N GLY FA 41 -72.06 -3.52 -99.64
CA GLY FA 41 -71.16 -3.28 -100.75
C GLY FA 41 -71.62 -2.11 -101.60
N GLY FA 42 -70.66 -1.48 -102.28
CA GLY FA 42 -70.98 -0.38 -103.17
C GLY FA 42 -69.72 0.42 -103.44
N THR FA 43 -69.93 1.66 -103.88
CA THR FA 43 -68.86 2.61 -104.05
C THR FA 43 -69.03 3.71 -103.01
N LEU FA 44 -67.94 4.11 -102.38
CA LEU FA 44 -67.97 5.23 -101.43
C LEU FA 44 -66.71 6.06 -101.60
N VAL FA 45 -66.82 7.34 -101.27
CA VAL FA 45 -65.77 8.32 -101.53
C VAL FA 45 -65.19 8.78 -100.20
N LEU FA 46 -63.89 9.03 -100.18
CA LEU FA 46 -63.19 9.35 -98.95
C LEU FA 46 -62.19 10.45 -99.21
N ARG FA 47 -62.05 11.36 -98.25
CA ARG FA 47 -61.19 12.53 -98.39
C ARG FA 47 -60.10 12.51 -97.34
N ASP FA 48 -58.88 12.82 -97.75
CA ASP FA 48 -57.74 12.99 -96.86
C ASP FA 48 -57.82 14.31 -96.12
N GLU FA 49 -56.72 14.65 -95.45
CA GLU FA 49 -56.56 16.02 -94.97
C GLU FA 49 -55.96 16.90 -96.05
N THR FA 50 -55.71 16.35 -97.24
CA THR FA 50 -55.09 17.09 -98.32
C THR FA 50 -56.07 17.30 -99.49
N GLY FA 51 -57.28 16.75 -99.41
CA GLY FA 51 -58.28 17.14 -100.38
C GLY FA 51 -58.35 16.23 -101.59
N ILE FA 52 -57.44 15.27 -101.66
CA ILE FA 52 -57.14 14.44 -102.85
C ILE FA 52 -58.31 13.56 -103.33
N THR FA 53 -59.44 13.59 -102.60
CA THR FA 53 -60.48 12.56 -102.50
C THR FA 53 -60.79 11.75 -103.77
N VAL FA 54 -60.82 10.42 -103.61
CA VAL FA 54 -61.08 9.48 -104.69
C VAL FA 54 -62.29 8.62 -104.33
N THR FA 55 -62.69 7.78 -105.28
CA THR FA 55 -63.79 6.85 -105.12
C THR FA 55 -63.21 5.45 -104.96
N TYR FA 56 -63.75 4.69 -104.01
CA TYR FA 56 -63.32 3.31 -103.79
C TYR FA 56 -64.46 2.36 -104.16
N THR FA 57 -64.17 1.41 -105.04
CA THR FA 57 -65.15 0.38 -105.39
C THR FA 57 -65.05 -0.76 -104.37
N VAL FA 58 -65.66 -0.53 -103.21
CA VAL FA 58 -65.43 -1.42 -102.08
C VAL FA 58 -66.41 -2.60 -102.14
N PHE FA 59 -66.10 -3.64 -101.37
CA PHE FA 59 -66.95 -4.82 -101.27
C PHE FA 59 -67.55 -4.87 -99.87
N ALA FA 60 -68.47 -5.80 -99.67
CA ALA FA 60 -69.38 -5.84 -98.51
C ALA FA 60 -68.58 -6.02 -97.22
N GLY FA 61 -67.97 -7.18 -97.02
CA GLY FA 61 -67.26 -7.45 -95.75
C GLY FA 61 -65.88 -6.84 -95.73
N GLU FA 62 -65.51 -6.07 -96.76
CA GLU FA 62 -64.14 -5.52 -96.87
C GLU FA 62 -63.85 -4.56 -95.71
N ILE FA 63 -62.64 -4.63 -95.14
CA ILE FA 63 -62.23 -3.68 -94.06
C ILE FA 63 -60.91 -3.02 -94.50
N LEU FA 64 -60.94 -1.71 -94.75
CA LEU FA 64 -59.88 -1.05 -95.46
C LEU FA 64 -59.16 -0.08 -94.52
N PRO FA 65 -57.87 -0.24 -94.32
CA PRO FA 65 -57.15 0.54 -93.30
C PRO FA 65 -56.71 1.91 -93.82
N VAL FA 66 -57.69 2.72 -94.21
CA VAL FA 66 -57.45 4.08 -94.66
C VAL FA 66 -58.08 5.00 -93.62
N ARG FA 67 -57.47 6.15 -93.40
CA ARG FA 67 -57.81 7.01 -92.29
C ARG FA 67 -58.31 8.34 -92.84
N PRO FA 68 -59.61 8.47 -93.13
CA PRO FA 68 -60.09 9.64 -93.89
C PRO FA 68 -60.53 10.79 -93.00
N VAL FA 69 -60.52 12.00 -93.53
CA VAL FA 69 -61.06 13.13 -92.79
C VAL FA 69 -62.56 13.26 -93.03
N ARG FA 70 -62.97 13.24 -94.29
CA ARG FA 70 -64.37 13.46 -94.65
C ARG FA 70 -64.83 12.35 -95.58
N VAL FA 71 -66.04 11.85 -95.37
CA VAL FA 71 -66.67 10.90 -96.26
C VAL FA 71 -67.83 11.62 -96.94
N LEU FA 72 -67.71 11.83 -98.24
CA LEU FA 72 -68.73 12.57 -98.95
C LEU FA 72 -69.89 11.66 -99.34
N ALA FA 73 -70.97 12.27 -99.81
CA ALA FA 73 -72.22 11.57 -100.09
C ALA FA 73 -72.58 11.52 -101.56
N THR FA 74 -71.79 12.13 -102.43
CA THR FA 74 -72.14 12.21 -103.85
C THR FA 74 -72.01 10.84 -104.51
N GLY FA 75 -70.84 10.23 -104.41
CA GLY FA 75 -70.61 8.92 -104.97
C GLY FA 75 -70.77 7.78 -104.00
N THR FA 76 -71.29 8.04 -102.79
CA THR FA 76 -71.34 7.02 -101.74
C THR FA 76 -72.60 6.19 -101.89
N THR FA 77 -72.43 4.91 -102.21
CA THR FA 77 -73.51 3.94 -102.24
C THR FA 77 -73.32 2.85 -101.21
N ALA FA 78 -72.25 2.93 -100.42
CA ALA FA 78 -71.89 1.88 -99.48
C ALA FA 78 -71.85 2.46 -98.08
N THR FA 79 -72.63 1.88 -97.18
CA THR FA 79 -72.58 2.31 -95.78
C THR FA 79 -71.44 1.62 -95.07
N ALA FA 80 -70.82 2.33 -94.13
CA ALA FA 80 -69.69 1.81 -93.39
C ALA FA 80 -69.86 2.15 -91.92
N VAL FA 81 -69.01 1.54 -91.10
CA VAL FA 81 -68.87 1.88 -89.69
C VAL FA 81 -67.40 2.09 -89.40
N GLY FA 82 -67.06 3.24 -88.84
CA GLY FA 82 -65.66 3.55 -88.60
C GLY FA 82 -65.16 2.88 -87.33
N TRP FA 83 -63.92 2.42 -87.38
CA TRP FA 83 -63.25 1.78 -86.26
C TRP FA 83 -62.17 2.69 -85.71
N GLU FA 84 -61.97 2.65 -84.40
CA GLU FA 84 -61.05 3.54 -83.75
C GLU FA 84 -60.60 2.97 -82.42
N MET GA 1 -39.88 10.77 -104.63
CA MET GA 1 -39.86 11.35 -103.30
C MET GA 1 -40.64 10.47 -102.34
N ASP GA 2 -39.93 9.83 -101.43
CA ASP GA 2 -40.54 9.01 -100.40
C ASP GA 2 -40.47 9.73 -99.06
N VAL GA 3 -41.63 9.94 -98.44
CA VAL GA 3 -41.63 10.52 -97.11
C VAL GA 3 -41.27 9.48 -96.06
N PHE GA 4 -41.36 8.20 -96.39
CA PHE GA 4 -41.00 7.15 -95.47
C PHE GA 4 -39.59 6.63 -95.67
N ALA GA 5 -38.74 7.36 -96.40
CA ALA GA 5 -37.32 7.13 -96.28
C ALA GA 5 -36.86 7.58 -94.89
N LYS GA 6 -35.70 7.08 -94.49
CA LYS GA 6 -35.06 7.11 -93.17
C LYS GA 6 -35.79 6.24 -92.16
N HIS GA 7 -36.86 5.55 -92.54
CA HIS GA 7 -37.49 4.54 -91.71
C HIS GA 7 -36.81 3.20 -91.96
N ALA GA 8 -36.55 2.46 -90.88
CA ALA GA 8 -35.95 1.15 -91.02
C ALA GA 8 -36.97 0.16 -91.53
N VAL GA 9 -36.56 -0.65 -92.49
CA VAL GA 9 -37.43 -1.65 -93.11
C VAL GA 9 -37.37 -2.91 -92.23
N SER GA 10 -38.45 -3.18 -91.52
CA SER GA 10 -38.50 -4.36 -90.67
C SER GA 10 -39.13 -5.53 -91.41
N LEU GA 11 -39.31 -6.63 -90.70
CA LEU GA 11 -39.95 -7.79 -91.29
C LEU GA 11 -41.44 -7.58 -91.47
N GLU GA 12 -42.04 -6.78 -90.59
CA GLU GA 12 -43.47 -6.56 -90.64
C GLU GA 12 -43.81 -5.46 -91.64
N SER GA 13 -42.79 -4.76 -92.15
CA SER GA 13 -42.98 -3.62 -93.03
C SER GA 13 -43.36 -4.09 -94.43
N PRO GA 14 -43.93 -3.20 -95.27
CA PRO GA 14 -44.29 -3.60 -96.64
C PRO GA 14 -43.10 -3.96 -97.50
N ALA GA 15 -43.40 -4.55 -98.66
CA ALA GA 15 -42.37 -5.09 -99.52
C ALA GA 15 -41.65 -3.99 -100.27
N VAL GA 16 -40.33 -3.93 -100.09
CA VAL GA 16 -39.50 -2.93 -100.74
C VAL GA 16 -39.02 -3.42 -102.10
N ARG GA 17 -38.42 -4.61 -102.16
CA ARG GA 17 -37.92 -5.16 -103.40
C ARG GA 17 -38.56 -6.52 -103.64
N HIS GA 18 -38.89 -6.80 -104.90
CA HIS GA 18 -39.50 -8.06 -105.29
C HIS GA 18 -38.66 -8.73 -106.37
N TYR GA 19 -38.81 -10.03 -106.50
CA TYR GA 19 -38.09 -10.82 -107.49
C TYR GA 19 -38.87 -12.10 -107.72
N GLU GA 20 -39.04 -12.48 -108.98
CA GLU GA 20 -39.73 -13.73 -109.26
C GLU GA 20 -38.82 -14.90 -108.93
N ILE GA 21 -39.39 -15.95 -108.35
CA ILE GA 21 -38.64 -17.11 -107.89
C ILE GA 21 -38.78 -18.21 -108.93
N THR GA 22 -37.69 -18.92 -109.18
CA THR GA 22 -37.74 -20.13 -109.97
C THR GA 22 -37.40 -21.31 -109.08
N PRO GA 23 -38.17 -22.38 -109.15
CA PRO GA 23 -37.92 -23.53 -108.28
C PRO GA 23 -36.69 -24.32 -108.71
N SER GA 24 -35.53 -23.94 -108.17
CA SER GA 24 -34.27 -24.54 -108.59
C SER GA 24 -34.16 -26.00 -108.18
N ASP GA 25 -34.72 -26.30 -106.99
CA ASP GA 25 -34.76 -27.65 -106.37
C ASP GA 25 -33.43 -27.94 -105.66
N SER GA 26 -32.32 -27.63 -106.32
CA SER GA 26 -31.00 -28.09 -105.90
C SER GA 26 -30.16 -27.00 -105.26
N THR GA 27 -30.49 -25.74 -105.48
CA THR GA 27 -29.81 -24.62 -104.84
C THR GA 27 -30.82 -23.82 -104.05
N ASP GA 28 -30.32 -23.10 -103.05
CA ASP GA 28 -31.17 -22.23 -102.26
C ASP GA 28 -31.54 -20.99 -103.07
N LEU GA 29 -32.46 -20.20 -102.52
CA LEU GA 29 -32.79 -18.92 -103.12
C LEU GA 29 -31.63 -17.95 -102.95
N ALA GA 30 -31.50 -17.03 -103.90
CA ALA GA 30 -30.44 -16.02 -103.82
C ALA GA 30 -30.67 -15.09 -102.64
N ARG GA 31 -31.91 -14.66 -102.45
CA ARG GA 31 -32.34 -13.99 -101.23
C ARG GA 31 -33.57 -14.72 -100.73
N ARG GA 32 -33.63 -14.95 -99.43
CA ARG GA 32 -34.85 -15.56 -98.94
C ARG GA 32 -35.90 -14.47 -98.75
N PRO GA 33 -37.13 -14.67 -99.19
CA PRO GA 33 -38.10 -13.59 -99.19
C PRO GA 33 -38.82 -13.51 -97.86
N ARG GA 34 -39.35 -12.32 -97.57
CA ARG GA 34 -40.21 -12.20 -96.38
C ARG GA 34 -41.56 -12.85 -96.63
N ALA GA 35 -42.09 -12.72 -97.85
CA ALA GA 35 -43.36 -13.34 -98.17
C ALA GA 35 -43.34 -13.80 -99.62
N LEU GA 36 -44.38 -14.53 -100.00
CA LEU GA 36 -44.53 -15.02 -101.35
C LEU GA 36 -45.87 -14.55 -101.91
N ARG GA 37 -45.80 -13.66 -102.89
CA ARG GA 37 -46.96 -13.31 -103.70
C ARG GA 37 -47.10 -14.40 -104.75
N VAL GA 38 -48.19 -15.15 -104.67
CA VAL GA 38 -48.37 -16.26 -105.59
C VAL GA 38 -48.90 -15.70 -106.91
N GLN GA 39 -48.32 -16.12 -108.03
CA GLN GA 39 -48.79 -15.64 -109.32
C GLN GA 39 -50.00 -16.44 -109.79
N THR GA 40 -49.84 -17.75 -109.95
CA THR GA 40 -50.93 -18.60 -110.41
C THR GA 40 -51.17 -19.71 -109.41
N GLY GA 41 -52.40 -20.21 -109.36
CA GLY GA 41 -52.76 -21.17 -108.33
C GLY GA 41 -52.15 -22.54 -108.59
N GLY GA 42 -51.98 -23.30 -107.52
CA GLY GA 42 -51.46 -24.64 -107.64
C GLY GA 42 -50.92 -25.11 -106.30
N THR GA 43 -50.08 -26.12 -106.35
CA THR GA 43 -49.34 -26.58 -105.18
C THR GA 43 -47.88 -26.25 -105.38
N LEU GA 44 -47.23 -25.77 -104.32
CA LEU GA 44 -45.80 -25.51 -104.36
C LEU GA 44 -45.20 -25.88 -103.01
N VAL GA 45 -43.93 -26.25 -103.05
CA VAL GA 45 -43.22 -26.81 -101.90
C VAL GA 45 -42.16 -25.81 -101.43
N LEU GA 46 -41.97 -25.73 -100.12
CA LEU GA 46 -41.11 -24.74 -99.52
C LEU GA 46 -40.30 -25.38 -98.40
N ARG GA 47 -39.04 -24.98 -98.30
CA ARG GA 47 -38.12 -25.56 -97.33
C ARG GA 47 -37.63 -24.49 -96.36
N ASP GA 48 -37.59 -24.83 -95.08
CA ASP GA 48 -37.03 -23.99 -94.03
C ASP GA 48 -35.51 -24.03 -94.07
N GLU GA 49 -34.91 -23.46 -93.02
CA GLU GA 49 -33.49 -23.70 -92.80
C GLU GA 49 -33.28 -24.99 -92.00
N THR GA 50 -34.36 -25.69 -91.68
CA THR GA 50 -34.27 -26.91 -90.89
C THR GA 50 -34.64 -28.14 -91.72
N GLY GA 51 -35.05 -27.97 -92.97
CA GLY GA 51 -35.17 -29.14 -93.83
C GLY GA 51 -36.57 -29.74 -93.85
N ILE GA 52 -37.47 -29.21 -93.03
CA ILE GA 52 -38.77 -29.78 -92.68
C ILE GA 52 -39.75 -29.92 -93.85
N THR GA 53 -39.33 -29.45 -95.05
CA THR GA 53 -40.16 -29.01 -96.18
C THR GA 53 -41.48 -29.74 -96.42
N VAL GA 54 -42.55 -28.95 -96.59
CA VAL GA 54 -43.90 -29.46 -96.81
C VAL GA 54 -44.43 -28.89 -98.11
N THR GA 55 -45.63 -29.35 -98.48
CA THR GA 55 -46.33 -28.91 -99.68
C THR GA 55 -47.47 -27.99 -99.25
N TYR GA 56 -47.65 -26.88 -99.94
CA TYR GA 56 -48.75 -25.97 -99.67
C TYR GA 56 -49.72 -25.96 -100.83
N THR GA 57 -51.00 -26.21 -100.54
CA THR GA 57 -52.04 -26.14 -101.56
C THR GA 57 -52.52 -24.69 -101.66
N VAL GA 58 -51.73 -23.89 -102.39
CA VAL GA 58 -51.94 -22.46 -102.35
C VAL GA 58 -52.97 -22.05 -103.41
N PHE GA 59 -53.49 -20.83 -103.29
CA PHE GA 59 -54.45 -20.28 -104.23
C PHE GA 59 -53.79 -19.14 -104.98
N ALA GA 60 -54.47 -18.63 -106.00
CA ALA GA 60 -53.91 -17.73 -107.03
C ALA GA 60 -53.44 -16.43 -106.38
N GLY GA 61 -54.36 -15.60 -105.90
CA GLY GA 61 -53.97 -14.28 -105.35
C GLY GA 61 -53.46 -14.38 -103.93
N GLU GA 62 -53.32 -15.59 -103.41
CA GLU GA 62 -52.93 -15.77 -101.98
C GLU GA 62 -51.52 -15.21 -101.73
N ILE GA 63 -51.33 -14.51 -100.60
CA ILE GA 63 -49.97 -14.00 -100.23
C ILE GA 63 -49.65 -14.52 -98.82
N LEU GA 64 -48.64 -15.39 -98.71
CA LEU GA 64 -48.45 -16.17 -97.52
C LEU GA 64 -47.16 -15.76 -96.82
N PRO GA 65 -47.23 -15.32 -95.57
CA PRO GA 65 -46.06 -14.73 -94.90
C PRO GA 65 -45.13 -15.79 -94.30
N VAL GA 66 -44.62 -16.66 -95.15
CA VAL GA 66 -43.67 -17.68 -94.76
C VAL GA 66 -42.33 -17.32 -95.41
N ARG GA 67 -41.24 -17.62 -94.72
CA ARG GA 67 -39.93 -17.13 -95.11
C ARG GA 67 -39.05 -18.33 -95.43
N PRO GA 68 -39.05 -18.82 -96.67
CA PRO GA 68 -38.39 -20.11 -96.97
C PRO GA 68 -36.95 -19.97 -97.40
N VAL GA 69 -36.17 -21.02 -97.22
CA VAL GA 69 -34.80 -21.00 -97.75
C VAL GA 69 -34.78 -21.48 -99.19
N ARG GA 70 -35.41 -22.61 -99.46
CA ARG GA 70 -35.38 -23.21 -100.79
C ARG GA 70 -36.78 -23.54 -101.24
N VAL GA 71 -37.08 -23.27 -102.51
CA VAL GA 71 -38.33 -23.66 -103.13
C VAL GA 71 -38.03 -24.75 -104.14
N LEU GA 72 -38.50 -25.96 -103.86
CA LEU GA 72 -38.19 -27.08 -104.73
C LEU GA 72 -39.15 -27.12 -105.91
N ALA GA 73 -38.82 -27.97 -106.89
CA ALA GA 73 -39.54 -28.03 -108.15
C ALA GA 73 -40.32 -29.33 -108.35
N THR GA 74 -40.22 -30.27 -107.42
CA THR GA 74 -40.86 -31.57 -107.62
C THR GA 74 -42.37 -31.45 -107.54
N GLY GA 75 -42.89 -30.92 -106.44
CA GLY GA 75 -44.31 -30.71 -106.27
C GLY GA 75 -44.81 -29.34 -106.65
N THR GA 76 -43.97 -28.50 -107.25
CA THR GA 76 -44.32 -27.10 -107.50
C THR GA 76 -45.09 -27.00 -108.80
N THR GA 77 -46.37 -26.63 -108.71
CA THR GA 77 -47.19 -26.32 -109.87
C THR GA 77 -47.62 -24.86 -109.88
N ALA GA 78 -47.20 -24.08 -108.90
CA ALA GA 78 -47.64 -22.70 -108.73
C ALA GA 78 -46.44 -21.78 -108.79
N THR GA 79 -46.48 -20.83 -109.71
CA THR GA 79 -45.41 -19.84 -109.78
C THR GA 79 -45.68 -18.72 -108.78
N ALA GA 80 -44.61 -18.18 -108.20
CA ALA GA 80 -44.72 -17.13 -107.20
C ALA GA 80 -43.68 -16.07 -107.49
N VAL GA 81 -43.83 -14.94 -106.80
CA VAL GA 81 -42.82 -13.87 -106.79
C VAL GA 81 -42.54 -13.53 -105.33
N GLY GA 82 -41.26 -13.57 -104.96
CA GLY GA 82 -40.91 -13.33 -103.57
C GLY GA 82 -40.88 -11.84 -103.26
N TRP GA 83 -41.32 -11.48 -102.07
CA TRP GA 83 -41.33 -10.11 -101.59
C TRP GA 83 -40.30 -9.94 -100.49
N GLU GA 84 -39.69 -8.77 -100.44
CA GLU GA 84 -38.60 -8.53 -99.52
C GLU GA 84 -38.44 -7.03 -99.27
N MET HA 1 -61.54 15.91 -85.17
CA MET HA 1 -60.86 15.58 -83.93
C MET HA 1 -60.32 14.17 -83.99
N ASP HA 2 -59.01 14.04 -84.07
CA ASP HA 2 -58.35 12.74 -84.07
C ASP HA 2 -57.68 12.52 -82.73
N VAL HA 3 -58.05 11.43 -82.07
CA VAL HA 3 -57.37 11.07 -80.83
C VAL HA 3 -56.02 10.43 -81.10
N PHE HA 4 -55.80 9.95 -82.32
CA PHE HA 4 -54.51 9.37 -82.68
C PHE HA 4 -53.58 10.36 -83.38
N ALA HA 5 -53.86 11.65 -83.31
CA ALA HA 5 -52.81 12.62 -83.59
C ALA HA 5 -51.77 12.54 -82.47
N LYS HA 6 -50.58 13.06 -82.78
CA LYS HA 6 -49.30 12.99 -82.06
C LYS HA 6 -48.71 11.59 -82.11
N HIS HA 7 -49.35 10.63 -82.77
CA HIS HA 7 -48.75 9.32 -83.04
C HIS HA 7 -47.97 9.39 -84.34
N ALA HA 8 -46.78 8.79 -84.34
CA ALA HA 8 -45.99 8.76 -85.54
C ALA HA 8 -46.57 7.76 -86.53
N VAL HA 9 -46.65 8.16 -87.79
CA VAL HA 9 -47.20 7.33 -88.85
C VAL HA 9 -46.07 6.45 -89.37
N SER HA 10 -46.13 5.16 -89.06
CA SER HA 10 -45.10 4.23 -89.51
C SER HA 10 -45.53 3.56 -90.82
N LEU HA 11 -44.71 2.63 -91.28
CA LEU HA 11 -45.04 1.90 -92.49
C LEU HA 11 -46.17 0.90 -92.24
N GLU HA 12 -46.25 0.38 -91.02
CA GLU HA 12 -47.24 -0.63 -90.70
C GLU HA 12 -48.57 0.03 -90.36
N SER HA 13 -48.58 1.36 -90.19
CA SER HA 13 -49.75 2.09 -89.76
C SER HA 13 -50.75 2.22 -90.90
N PRO HA 14 -52.03 2.54 -90.60
CA PRO HA 14 -53.02 2.69 -91.67
C PRO HA 14 -52.75 3.86 -92.59
N ALA HA 15 -53.49 3.88 -93.70
CA ALA HA 15 -53.22 4.84 -94.77
C ALA HA 15 -53.73 6.23 -94.40
N VAL HA 16 -52.83 7.21 -94.38
CA VAL HA 16 -53.17 8.58 -94.06
C VAL HA 16 -53.61 9.35 -95.28
N ARG HA 17 -52.80 9.34 -96.35
CA ARG HA 17 -53.13 10.05 -97.57
C ARG HA 17 -53.14 9.07 -98.74
N HIS HA 18 -54.09 9.26 -99.65
CA HIS HA 18 -54.23 8.41 -100.82
C HIS HA 18 -54.19 9.27 -102.07
N TYR HA 19 -53.84 8.64 -103.19
CA TYR HA 19 -53.77 9.31 -104.48
C TYR HA 19 -53.88 8.25 -105.56
N GLU HA 20 -54.69 8.52 -106.58
CA GLU HA 20 -54.81 7.57 -107.67
C GLU HA 20 -53.57 7.63 -108.53
N ILE HA 21 -53.10 6.47 -108.98
CA ILE HA 21 -51.86 6.36 -109.74
C ILE HA 21 -52.22 6.24 -111.21
N THR HA 22 -51.43 6.90 -112.05
CA THR HA 22 -51.53 6.69 -113.48
C THR HA 22 -50.24 6.04 -113.96
N PRO HA 23 -50.33 5.02 -114.78
CA PRO HA 23 -49.12 4.32 -115.24
C PRO HA 23 -48.35 5.14 -116.27
N SER HA 24 -47.43 5.97 -115.79
CA SER HA 24 -46.70 6.89 -116.66
C SER HA 24 -45.77 6.16 -117.61
N ASP HA 25 -45.10 5.11 -117.12
CA ASP HA 25 -44.30 4.18 -117.96
C ASP HA 25 -42.94 4.78 -118.33
N SER HA 26 -42.71 6.08 -118.07
CA SER HA 26 -41.45 6.72 -118.35
C SER HA 26 -40.93 7.56 -117.20
N THR HA 27 -41.79 7.95 -116.26
CA THR HA 27 -41.38 8.68 -115.08
C THR HA 27 -41.76 7.87 -113.85
N ASP HA 28 -41.07 8.13 -112.76
CA ASP HA 28 -41.41 7.48 -111.50
C ASP HA 28 -42.68 8.09 -110.91
N LEU HA 29 -43.18 7.46 -109.86
CA LEU HA 29 -44.31 8.02 -109.14
C LEU HA 29 -43.87 9.26 -108.38
N ALA HA 30 -44.81 10.20 -108.19
CA ALA HA 30 -44.51 11.42 -107.45
C ALA HA 30 -44.21 11.11 -106.00
N ARG HA 31 -45.02 10.25 -105.40
CA ARG HA 31 -44.72 9.65 -104.11
C ARG HA 31 -44.82 8.14 -104.25
N ARG HA 32 -43.89 7.41 -103.68
CA ARG HA 32 -44.04 5.98 -103.76
C ARG HA 32 -44.99 5.54 -102.65
N PRO HA 33 -45.97 4.69 -102.93
CA PRO HA 33 -47.00 4.40 -101.93
C PRO HA 33 -46.57 3.27 -101.02
N ARG HA 34 -47.15 3.23 -99.83
CA ARG HA 34 -46.93 2.09 -98.95
C ARG HA 34 -47.65 0.86 -99.47
N ALA HA 35 -48.85 1.04 -100.00
CA ALA HA 35 -49.61 -0.08 -100.54
C ALA HA 35 -50.40 0.39 -101.75
N LEU HA 36 -51.01 -0.57 -102.44
CA LEU HA 36 -51.83 -0.30 -103.60
C LEU HA 36 -53.21 -0.88 -103.39
N ARG HA 37 -54.20 -0.02 -103.24
CA ARG HA 37 -55.60 -0.40 -103.29
C ARG HA 37 -55.96 -0.52 -104.76
N VAL HA 38 -56.28 -1.73 -105.20
CA VAL HA 38 -56.58 -1.94 -106.62
C VAL HA 38 -58.02 -1.53 -106.85
N GLN HA 39 -58.26 -0.75 -107.91
CA GLN HA 39 -59.63 -0.32 -108.20
C GLN HA 39 -60.36 -1.40 -108.99
N THR HA 40 -59.85 -1.78 -110.16
CA THR HA 40 -60.49 -2.79 -110.98
C THR HA 40 -59.51 -3.90 -111.29
N GLY HA 41 -60.02 -5.11 -111.51
CA GLY HA 41 -59.15 -6.26 -111.65
C GLY HA 41 -58.42 -6.26 -112.98
N GLY HA 42 -57.28 -6.94 -113.00
CA GLY HA 42 -56.50 -7.05 -114.21
C GLY HA 42 -55.07 -7.44 -113.88
N THR HA 43 -54.18 -7.18 -114.83
CA THR HA 43 -52.76 -7.33 -114.62
C THR HA 43 -52.13 -5.95 -114.62
N LEU HA 44 -51.21 -5.71 -113.70
CA LEU HA 44 -50.46 -4.46 -113.67
C LEU HA 44 -49.02 -4.75 -113.28
N VAL HA 45 -48.11 -3.89 -113.73
CA VAL HA 45 -46.68 -4.09 -113.61
C VAL HA 45 -46.12 -3.06 -112.64
N LEU HA 46 -45.13 -3.46 -111.85
CA LEU HA 46 -44.59 -2.61 -110.80
C LEU HA 46 -43.09 -2.75 -110.77
N ARG HA 47 -42.40 -1.64 -110.53
CA ARG HA 47 -40.94 -1.60 -110.54
C ARG HA 47 -40.41 -1.19 -109.18
N ASP HA 48 -39.38 -1.89 -108.73
CA ASP HA 48 -38.66 -1.56 -107.51
C ASP HA 48 -37.74 -0.37 -107.73
N GLU HA 49 -36.89 -0.12 -106.74
CA GLU HA 49 -35.77 0.78 -106.97
C GLU HA 49 -34.58 0.05 -107.57
N THR HA 50 -34.73 -1.24 -107.84
CA THR HA 50 -33.65 -2.06 -108.37
C THR HA 50 -33.95 -2.51 -109.81
N GLY HA 51 -35.13 -2.19 -110.34
CA GLY HA 51 -35.33 -2.41 -111.76
C GLY HA 51 -35.95 -3.75 -112.10
N ILE HA 52 -36.14 -4.59 -111.09
CA ILE HA 52 -36.47 -6.02 -111.20
C ILE HA 52 -37.83 -6.32 -111.88
N THR HA 53 -38.57 -5.26 -112.25
CA THR HA 53 -40.03 -5.20 -112.45
C THR HA 53 -40.71 -6.45 -113.02
N VAL HA 54 -41.79 -6.88 -112.36
CA VAL HA 54 -42.56 -8.05 -112.74
C VAL HA 54 -44.00 -7.64 -112.97
N THR HA 55 -44.80 -8.61 -113.42
CA THR HA 55 -46.22 -8.43 -113.66
C THR HA 55 -47.00 -9.13 -112.55
N TYR HA 56 -48.02 -8.48 -112.03
CA TYR HA 56 -48.87 -9.06 -111.00
C TYR HA 56 -50.27 -9.31 -111.56
N THR HA 57 -50.74 -10.54 -111.44
CA THR HA 57 -52.11 -10.87 -111.86
C THR HA 57 -53.04 -10.58 -110.69
N VAL HA 58 -53.38 -9.29 -110.55
CA VAL HA 58 -54.06 -8.86 -109.34
C VAL HA 58 -55.58 -9.02 -109.51
N PHE HA 59 -56.29 -8.96 -108.39
CA PHE HA 59 -57.74 -9.05 -108.38
C PHE HA 59 -58.30 -7.70 -107.97
N ALA HA 60 -59.62 -7.55 -108.06
CA ALA HA 60 -60.34 -6.27 -107.99
C ALA HA 60 -60.14 -5.63 -106.62
N GLY HA 61 -60.70 -6.21 -105.56
CA GLY HA 61 -60.62 -5.58 -104.23
C GLY HA 61 -59.30 -5.86 -103.54
N GLU HA 62 -58.36 -6.51 -104.24
CA GLU HA 62 -57.08 -6.91 -103.61
C GLU HA 62 -56.28 -5.68 -103.17
N ILE HA 63 -55.66 -5.74 -101.98
CA ILE HA 63 -54.78 -4.63 -101.50
C ILE HA 63 -53.42 -5.23 -101.15
N LEU HA 64 -52.38 -4.87 -101.90
CA LEU HA 64 -51.13 -5.59 -101.88
C LEU HA 64 -50.03 -4.70 -101.29
N PRO HA 65 -49.40 -5.12 -100.21
CA PRO HA 65 -48.46 -4.25 -99.48
C PRO HA 65 -47.07 -4.27 -100.09
N VAL HA 66 -46.98 -3.85 -101.35
CA VAL HA 66 -45.72 -3.72 -102.06
C VAL HA 66 -45.50 -2.23 -102.29
N ARG HA 67 -44.24 -1.81 -102.26
CA ARG HA 67 -43.90 -0.40 -102.24
C ARG HA 67 -43.11 -0.08 -103.51
N PRO HA 68 -43.75 0.27 -104.61
CA PRO HA 68 -43.05 0.36 -105.89
C PRO HA 68 -42.52 1.74 -106.20
N VAL HA 69 -41.50 1.83 -107.04
CA VAL HA 69 -41.02 3.14 -107.49
C VAL HA 69 -41.81 3.60 -108.70
N ARG HA 70 -41.93 2.74 -109.71
CA ARG HA 70 -42.57 3.10 -110.96
C ARG HA 70 -43.61 2.06 -111.32
N VAL HA 71 -44.77 2.52 -111.80
CA VAL HA 71 -45.80 1.64 -112.33
C VAL HA 71 -45.86 1.86 -113.83
N LEU HA 72 -45.48 0.84 -114.60
CA LEU HA 72 -45.44 1.00 -116.04
C LEU HA 72 -46.82 0.76 -116.64
N ALA HA 73 -46.95 1.09 -117.93
CA ALA HA 73 -48.22 1.07 -118.62
C ALA HA 73 -48.32 -0.01 -119.69
N THR HA 74 -47.25 -0.76 -119.93
CA THR HA 74 -47.25 -1.73 -121.02
C THR HA 74 -48.17 -2.90 -120.71
N GLY HA 75 -47.94 -3.56 -119.58
CA GLY HA 75 -48.78 -4.67 -119.16
C GLY HA 75 -49.89 -4.30 -118.21
N THR HA 76 -50.12 -3.02 -117.97
CA THR HA 76 -51.07 -2.58 -116.95
C THR HA 76 -52.46 -2.55 -117.53
N THR HA 77 -53.33 -3.44 -117.02
CA THR HA 77 -54.74 -3.43 -117.35
C THR HA 77 -55.61 -3.13 -116.12
N ALA HA 78 -54.99 -2.90 -114.97
CA ALA HA 78 -55.69 -2.74 -113.71
C ALA HA 78 -55.37 -1.36 -113.14
N THR HA 79 -56.40 -0.57 -112.89
CA THR HA 79 -56.20 0.72 -112.25
C THR HA 79 -56.13 0.54 -110.75
N ALA HA 80 -55.28 1.35 -110.10
CA ALA HA 80 -55.09 1.27 -108.67
C ALA HA 80 -55.08 2.68 -108.08
N VAL HA 81 -55.15 2.74 -106.75
CA VAL HA 81 -54.95 3.97 -106.00
C VAL HA 81 -53.92 3.69 -104.92
N GLY HA 82 -52.88 4.51 -104.88
CA GLY HA 82 -51.81 4.26 -103.93
C GLY HA 82 -52.18 4.80 -102.55
N TRP HA 83 -51.77 4.07 -101.53
CA TRP HA 83 -52.00 4.43 -100.14
C TRP HA 83 -50.68 4.82 -99.48
N GLU HA 84 -50.74 5.78 -98.58
CA GLU HA 84 -49.56 6.33 -97.97
C GLU HA 84 -49.88 6.98 -96.64
N MET IA 1 -43.08 -27.07 -75.57
CA MET IA 1 -41.92 -26.21 -75.65
C MET IA 1 -42.18 -25.06 -76.61
N ASP IA 2 -42.31 -23.86 -76.06
CA ASP IA 2 -42.49 -22.66 -76.85
C ASP IA 2 -41.20 -21.84 -76.86
N VAL IA 3 -40.69 -21.58 -78.06
CA VAL IA 3 -39.52 -20.71 -78.17
C VAL IA 3 -39.90 -19.26 -78.01
N PHE IA 4 -41.18 -18.93 -78.18
CA PHE IA 4 -41.64 -17.56 -78.01
C PHE IA 4 -42.21 -17.29 -76.63
N ALA IA 5 -41.97 -18.16 -75.66
CA ALA IA 5 -42.13 -17.73 -74.28
C ALA IA 5 -41.06 -16.71 -73.94
N LYS IA 6 -41.32 -15.94 -72.88
CA LYS IA 6 -40.63 -14.74 -72.39
C LYS IA 6 -40.89 -13.54 -73.30
N HIS IA 7 -41.66 -13.68 -74.38
CA HIS IA 7 -42.11 -12.56 -75.17
C HIS IA 7 -43.39 -12.02 -74.59
N ALA IA 8 -43.51 -10.69 -74.52
CA ALA IA 8 -44.72 -10.09 -74.02
C ALA IA 8 -45.82 -10.19 -75.06
N VAL IA 9 -47.02 -10.57 -74.61
CA VAL IA 9 -48.17 -10.72 -75.49
C VAL IA 9 -48.82 -9.36 -75.64
N SER IA 10 -48.68 -8.74 -76.81
CA SER IA 10 -49.28 -7.45 -77.06
C SER IA 10 -50.66 -7.60 -77.70
N LEU IA 11 -51.25 -6.47 -78.05
CA LEU IA 11 -52.55 -6.49 -78.73
C LEU IA 11 -52.41 -6.97 -80.16
N GLU IA 12 -51.28 -6.68 -80.78
CA GLU IA 12 -51.08 -7.04 -82.17
C GLU IA 12 -50.62 -8.48 -82.30
N SER IA 13 -50.28 -9.12 -81.18
CA SER IA 13 -49.72 -10.46 -81.17
C SER IA 13 -50.82 -11.50 -81.44
N PRO IA 14 -50.46 -12.73 -81.82
CA PRO IA 14 -51.47 -13.76 -82.07
C PRO IA 14 -52.24 -14.17 -80.82
N ALA IA 15 -53.32 -14.91 -81.04
CA ALA IA 15 -54.25 -15.24 -79.96
C ALA IA 15 -53.69 -16.32 -79.07
N VAL IA 16 -53.57 -16.01 -77.78
CA VAL IA 16 -53.05 -16.95 -76.80
C VAL IA 16 -54.15 -17.81 -76.22
N ARG IA 17 -55.22 -17.20 -75.72
CA ARG IA 17 -56.33 -17.93 -75.13
C ARG IA 17 -57.62 -17.56 -75.85
N HIS IA 18 -58.47 -18.54 -76.06
CA HIS IA 18 -59.75 -18.35 -76.74
C HIS IA 18 -60.87 -18.84 -75.84
N TYR IA 19 -62.07 -18.33 -76.09
CA TYR IA 19 -63.26 -18.69 -75.33
C TYR IA 19 -64.47 -18.37 -76.18
N GLU IA 20 -65.42 -19.29 -76.24
CA GLU IA 20 -66.63 -19.01 -77.01
C GLU IA 20 -67.50 -18.03 -76.24
N ILE IA 21 -68.11 -17.09 -76.96
CA ILE IA 21 -68.90 -16.03 -76.37
C ILE IA 21 -70.37 -16.40 -76.48
N THR IA 22 -71.13 -16.11 -75.43
CA THR IA 22 -72.57 -16.21 -75.50
C THR IA 22 -73.16 -14.81 -75.38
N PRO IA 23 -74.11 -14.47 -76.22
CA PRO IA 23 -74.68 -13.12 -76.17
C PRO IA 23 -75.60 -12.92 -74.98
N SER IA 24 -75.03 -12.49 -73.85
CA SER IA 24 -75.78 -12.38 -72.61
C SER IA 24 -76.85 -11.29 -72.68
N ASP IA 25 -76.48 -10.18 -73.32
CA ASP IA 25 -77.38 -9.03 -73.62
C ASP IA 25 -77.55 -8.10 -72.40
N SER IA 26 -77.36 -8.64 -71.19
CA SER IA 26 -77.58 -7.87 -69.97
C SER IA 26 -76.33 -7.73 -69.12
N THR IA 27 -75.34 -8.59 -69.31
CA THR IA 27 -74.08 -8.49 -68.61
C THR IA 27 -72.96 -8.33 -69.63
N ASP IA 28 -71.85 -7.76 -69.18
CA ASP IA 28 -70.69 -7.64 -70.04
C ASP IA 28 -70.00 -8.99 -70.21
N LEU IA 29 -69.03 -9.03 -71.12
CA LEU IA 29 -68.23 -10.22 -71.27
C LEU IA 29 -67.31 -10.38 -70.06
N ALA IA 30 -66.98 -11.64 -69.74
CA ALA IA 30 -66.09 -11.92 -68.62
C ALA IA 30 -64.70 -11.39 -68.90
N ARG IA 31 -64.20 -11.61 -70.10
CA ARG IA 31 -63.01 -10.96 -70.61
C ARG IA 31 -63.36 -10.33 -71.94
N ARG IA 32 -62.91 -9.10 -72.17
CA ARG IA 32 -63.18 -8.55 -73.48
C ARG IA 32 -62.12 -9.08 -74.44
N PRO IA 33 -62.50 -9.52 -75.64
CA PRO IA 33 -61.52 -10.19 -76.51
C PRO IA 33 -60.79 -9.20 -77.36
N ARG IA 34 -59.60 -9.60 -77.82
CA ARG IA 34 -58.90 -8.76 -78.79
C ARG IA 34 -59.55 -8.84 -80.15
N ALA IA 35 -60.03 -10.02 -80.53
CA ALA IA 35 -60.71 -10.17 -81.80
C ALA IA 35 -61.83 -11.19 -81.66
N LEU IA 36 -62.63 -11.31 -82.71
CA LEU IA 36 -63.73 -12.25 -82.75
C LEU IA 36 -63.57 -13.15 -83.97
N ARG IA 37 -63.28 -14.41 -83.73
CA ARG IA 37 -63.36 -15.44 -84.75
C ARG IA 37 -64.83 -15.83 -84.86
N VAL IA 38 -65.42 -15.56 -86.02
CA VAL IA 38 -66.84 -15.83 -86.19
C VAL IA 38 -66.99 -17.30 -86.52
N GLN IA 39 -67.93 -17.98 -85.85
CA GLN IA 39 -68.14 -19.39 -86.14
C GLN IA 39 -69.05 -19.58 -87.34
N THR IA 40 -70.27 -19.05 -87.29
CA THR IA 40 -71.21 -19.18 -88.39
C THR IA 40 -71.68 -17.80 -88.83
N GLY IA 41 -72.06 -17.69 -90.10
CA GLY IA 41 -72.37 -16.37 -90.65
C GLY IA 41 -73.70 -15.85 -90.14
N GLY IA 42 -73.83 -14.53 -90.16
CA GLY IA 42 -75.06 -13.90 -89.73
C GLY IA 42 -74.81 -12.45 -89.40
N THR IA 43 -75.74 -11.87 -88.65
CA THR IA 43 -75.57 -10.54 -88.09
C THR IA 43 -75.40 -10.67 -86.59
N LEU IA 44 -74.46 -9.91 -86.03
CA LEU IA 44 -74.29 -9.88 -84.58
C LEU IA 44 -73.96 -8.45 -84.17
N VAL IA 45 -74.32 -8.12 -82.92
CA VAL IA 45 -74.25 -6.76 -82.40
C VAL IA 45 -73.16 -6.69 -81.34
N LEU IA 46 -72.46 -5.57 -81.28
CA LEU IA 46 -71.30 -5.43 -80.40
C LEU IA 46 -71.32 -4.04 -79.78
N ARG IA 47 -70.95 -3.97 -78.51
CA ARG IA 47 -70.99 -2.72 -77.76
C ARG IA 47 -69.59 -2.35 -77.29
N ASP IA 48 -69.25 -1.08 -77.43
CA ASP IA 48 -68.02 -0.51 -76.91
C ASP IA 48 -68.09 -0.31 -75.41
N GLU IA 49 -67.08 0.39 -74.88
CA GLU IA 49 -67.22 0.91 -73.53
C GLU IA 49 -67.94 2.24 -73.51
N THR IA 50 -68.37 2.72 -74.67
CA THR IA 50 -69.03 4.01 -74.79
C THR IA 50 -70.51 3.85 -75.17
N GLY IA 51 -70.97 2.63 -75.41
CA GLY IA 51 -72.41 2.44 -75.54
C GLY IA 51 -72.92 2.53 -76.97
N ILE IA 52 -72.02 2.85 -77.91
CA ILE IA 52 -72.32 3.26 -79.28
C ILE IA 52 -73.01 2.17 -80.13
N THR IA 53 -73.21 0.98 -79.56
CA THR IA 53 -73.37 -0.34 -80.20
C THR IA 53 -74.10 -0.37 -81.55
N VAL IA 54 -73.48 -1.04 -82.52
CA VAL IA 54 -74.01 -1.18 -83.87
C VAL IA 54 -74.15 -2.65 -84.21
N THR IA 55 -74.70 -2.91 -85.40
CA THR IA 55 -74.90 -4.25 -85.92
C THR IA 55 -73.88 -4.48 -87.02
N TYR IA 56 -73.25 -5.65 -87.03
CA TYR IA 56 -72.30 -6.02 -88.06
C TYR IA 56 -72.86 -7.16 -88.90
N THR IA 57 -72.91 -6.96 -90.21
CA THR IA 57 -73.33 -8.02 -91.12
C THR IA 57 -72.12 -8.89 -91.45
N VAL IA 58 -71.80 -9.79 -90.54
CA VAL IA 58 -70.53 -10.50 -90.62
C VAL IA 58 -70.68 -11.75 -91.49
N PHE IA 59 -69.56 -12.30 -91.91
CA PHE IA 59 -69.53 -13.53 -92.71
C PHE IA 59 -68.92 -14.64 -91.87
N ALA IA 60 -68.98 -15.86 -92.39
CA ALA IA 60 -68.72 -17.10 -91.64
C ALA IA 60 -67.29 -17.13 -91.13
N GLY IA 61 -66.30 -17.25 -92.03
CA GLY IA 61 -64.89 -17.38 -91.59
C GLY IA 61 -64.28 -16.02 -91.25
N GLU IA 62 -65.07 -14.96 -91.28
CA GLU IA 62 -64.53 -13.59 -91.06
C GLU IA 62 -63.94 -13.46 -89.65
N ILE IA 63 -62.79 -12.80 -89.52
CA ILE IA 63 -62.18 -12.54 -88.18
C ILE IA 63 -61.93 -11.03 -88.07
N LEU IA 64 -62.65 -10.37 -87.15
CA LEU IA 64 -62.74 -8.93 -87.16
C LEU IA 64 -62.06 -8.35 -85.93
N PRO IA 65 -61.07 -7.51 -86.09
CA PRO IA 65 -60.24 -7.05 -84.96
C PRO IA 65 -60.88 -5.88 -84.21
N VAL IA 66 -62.07 -6.12 -83.67
CA VAL IA 66 -62.78 -5.15 -82.86
C VAL IA 66 -62.81 -5.70 -81.44
N ARG IA 67 -62.75 -4.82 -80.46
CA ARG IA 67 -62.54 -5.20 -79.08
C ARG IA 67 -63.76 -4.77 -78.27
N PRO IA 68 -64.80 -5.60 -78.17
CA PRO IA 68 -66.06 -5.12 -77.61
C PRO IA 68 -66.20 -5.37 -76.12
N VAL IA 69 -67.04 -4.59 -75.45
CA VAL IA 69 -67.31 -4.85 -74.04
C VAL IA 69 -68.44 -5.86 -73.90
N ARG IA 70 -69.55 -5.63 -74.59
CA ARG IA 70 -70.74 -6.47 -74.45
C ARG IA 70 -71.21 -6.89 -75.83
N VAL IA 71 -71.60 -8.16 -75.96
CA VAL IA 71 -72.22 -8.68 -77.16
C VAL IA 71 -73.67 -8.96 -76.85
N LEU IA 72 -74.58 -8.20 -77.44
CA LEU IA 72 -75.99 -8.36 -77.14
C LEU IA 72 -76.60 -9.49 -77.95
N ALA IA 73 -77.82 -9.87 -77.60
CA ALA IA 73 -78.49 -11.02 -78.17
C ALA IA 73 -79.70 -10.67 -79.03
N THR IA 74 -80.06 -9.39 -79.13
CA THR IA 74 -81.26 -9.02 -79.84
C THR IA 74 -81.09 -9.22 -81.34
N GLY IA 75 -80.07 -8.60 -81.92
CA GLY IA 75 -79.79 -8.76 -83.33
C GLY IA 75 -78.77 -9.82 -83.67
N THR IA 76 -78.36 -10.63 -82.70
CA THR IA 76 -77.26 -11.58 -82.90
C THR IA 76 -77.81 -12.87 -83.51
N THR IA 77 -77.41 -13.15 -84.75
CA THR IA 77 -77.71 -14.40 -85.41
C THR IA 77 -76.45 -15.19 -85.71
N ALA IA 78 -75.29 -14.67 -85.33
CA ALA IA 78 -74.00 -15.26 -85.67
C ALA IA 78 -73.25 -15.60 -84.40
N THR IA 79 -72.87 -16.86 -84.24
CA THR IA 79 -72.07 -17.26 -83.10
C THR IA 79 -70.60 -16.99 -83.38
N ALA IA 80 -69.88 -16.60 -82.34
CA ALA IA 80 -68.47 -16.27 -82.47
C ALA IA 80 -67.70 -16.90 -81.31
N VAL IA 81 -66.38 -16.87 -81.44
CA VAL IA 81 -65.47 -17.24 -80.36
C VAL IA 81 -64.46 -16.13 -80.21
N GLY IA 82 -64.32 -15.61 -78.99
CA GLY IA 82 -63.43 -14.49 -78.77
C GLY IA 82 -61.99 -14.95 -78.65
N TRP IA 83 -61.08 -14.16 -79.19
CA TRP IA 83 -59.65 -14.41 -79.14
C TRP IA 83 -58.98 -13.41 -78.22
N GLU IA 84 -57.95 -13.86 -77.52
CA GLU IA 84 -57.30 -13.03 -76.53
C GLU IA 84 -55.88 -13.52 -76.27
N MET JA 1 79.29 -80.39 -35.74
CA MET JA 1 79.04 -79.06 -36.28
C MET JA 1 77.86 -79.10 -37.25
N ASP JA 2 76.75 -78.53 -36.84
CA ASP JA 2 75.57 -78.41 -37.68
C ASP JA 2 75.42 -76.99 -38.17
N VAL JA 3 75.37 -76.84 -39.50
CA VAL JA 3 75.12 -75.52 -40.06
C VAL JA 3 73.65 -75.16 -39.98
N PHE JA 4 72.77 -76.16 -39.80
CA PHE JA 4 71.35 -75.91 -39.66
C PHE JA 4 70.89 -75.82 -38.22
N ALA JA 5 71.80 -75.67 -37.27
CA ALA JA 5 71.38 -75.18 -35.97
C ALA JA 5 70.95 -73.73 -36.10
N LYS JA 6 70.18 -73.28 -35.11
CA LYS JA 6 69.41 -72.04 -35.00
C LYS JA 6 68.21 -72.03 -35.93
N HIS JA 7 67.97 -73.08 -36.70
CA HIS JA 7 66.74 -73.25 -37.45
C HIS JA 7 65.70 -73.92 -36.58
N ALA JA 8 64.46 -73.42 -36.65
CA ALA JA 8 63.39 -74.03 -35.88
C ALA JA 8 62.97 -75.33 -36.53
N VAL JA 9 62.79 -76.36 -35.69
CA VAL JA 9 62.39 -77.68 -36.16
C VAL JA 9 60.87 -77.69 -36.27
N SER JA 10 60.36 -77.70 -37.49
CA SER JA 10 58.93 -77.72 -37.71
C SER JA 10 58.45 -79.17 -37.89
N LEU JA 11 57.15 -79.30 -38.17
CA LEU JA 11 56.58 -80.63 -38.41
C LEU JA 11 57.04 -81.17 -39.75
N GLU JA 12 57.27 -80.30 -40.72
CA GLU JA 12 57.64 -80.73 -42.05
C GLU JA 12 59.14 -81.01 -42.14
N SER JA 13 59.88 -80.63 -41.09
CA SER JA 13 61.33 -80.72 -41.10
C SER JA 13 61.77 -82.18 -40.88
N PRO JA 14 63.02 -82.52 -41.20
CA PRO JA 14 63.48 -83.91 -41.00
C PRO JA 14 63.54 -84.31 -39.54
N ALA JA 15 63.72 -85.62 -39.33
CA ALA JA 15 63.63 -86.20 -38.00
C ALA JA 15 64.88 -85.89 -37.19
N VAL JA 16 64.68 -85.24 -36.05
CA VAL JA 16 65.78 -84.89 -35.16
C VAL JA 16 66.08 -85.99 -34.16
N ARG JA 17 65.06 -86.47 -33.45
CA ARG JA 17 65.23 -87.53 -32.47
C ARG JA 17 64.32 -88.68 -32.82
N HIS JA 18 64.82 -89.90 -32.63
CA HIS JA 18 64.06 -91.11 -32.90
C HIS JA 18 64.02 -91.98 -31.66
N TYR JA 19 63.02 -92.86 -31.59
CA TYR JA 19 62.84 -93.77 -30.47
C TYR JA 19 62.00 -94.93 -30.95
N GLU JA 20 62.40 -96.15 -30.61
CA GLU JA 20 61.59 -97.29 -31.00
C GLU JA 20 60.35 -97.36 -30.14
N ILE JA 21 59.22 -97.71 -30.76
CA ILE JA 21 57.92 -97.73 -30.08
C ILE JA 21 57.61 -99.17 -29.71
N THR JA 22 57.04 -99.35 -28.53
CA THR JA 22 56.49 -100.62 -28.14
C THR JA 22 54.98 -100.49 -28.01
N PRO JA 23 54.23 -101.41 -28.57
CA PRO JA 23 52.76 -101.30 -28.51
C PRO JA 23 52.21 -101.61 -27.13
N SER JA 24 52.10 -100.58 -26.30
CA SER JA 24 51.70 -100.76 -24.90
C SER JA 24 50.25 -101.21 -24.78
N ASP JA 25 49.41 -100.68 -25.68
CA ASP JA 25 47.96 -100.99 -25.79
C ASP JA 25 47.16 -100.17 -24.77
N SER JA 26 47.67 -100.03 -23.54
CA SER JA 26 46.93 -99.50 -22.43
C SER JA 26 47.37 -98.11 -22.02
N THR JA 27 48.57 -97.70 -22.39
CA THR JA 27 49.07 -96.37 -22.12
C THR JA 27 49.40 -95.69 -23.44
N ASP JA 28 49.40 -94.36 -23.42
CA ASP JA 28 49.77 -93.61 -24.60
C ASP JA 28 51.28 -93.66 -24.80
N LEU JA 29 51.73 -93.15 -25.94
CA LEU JA 29 53.16 -93.02 -26.18
C LEU JA 29 53.73 -91.93 -25.29
N ALA JA 30 55.01 -92.09 -24.94
CA ALA JA 30 55.69 -91.10 -24.11
C ALA JA 30 55.82 -89.78 -24.86
N ARG JA 31 56.22 -89.84 -26.12
CA ARG JA 31 56.14 -88.72 -27.04
C ARG JA 31 55.39 -89.19 -28.28
N ARG JA 32 54.49 -88.36 -28.78
CA ARG JA 32 53.84 -88.77 -30.00
C ARG JA 32 54.75 -88.42 -31.17
N PRO JA 33 54.96 -89.31 -32.12
CA PRO JA 33 55.97 -89.06 -33.15
C PRO JA 33 55.39 -88.29 -34.31
N ARG JA 34 56.26 -87.60 -35.05
CA ARG JA 34 55.80 -86.97 -36.29
C ARG JA 34 55.54 -88.01 -37.36
N ALA JA 35 56.38 -89.03 -37.43
CA ALA JA 35 56.19 -90.08 -38.41
C ALA JA 35 56.60 -91.41 -37.82
N LEU JA 36 56.33 -92.48 -38.55
CA LEU JA 36 56.69 -93.83 -38.15
C LEU JA 36 57.53 -94.47 -39.23
N ARG JA 37 58.80 -94.69 -38.93
CA ARG JA 37 59.66 -95.52 -39.75
C ARG JA 37 59.35 -96.96 -39.37
N VAL JA 38 58.82 -97.72 -40.31
CA VAL JA 38 58.42 -99.09 -40.03
C VAL JA 38 59.67 -99.97 -40.10
N GLN JA 39 59.88 -100.82 -39.11
CA GLN JA 39 61.04 -101.70 -39.13
C GLN JA 39 60.78 -102.94 -39.97
N THR JA 40 59.76 -103.72 -39.62
CA THR JA 40 59.44 -104.93 -40.37
C THR JA 40 57.98 -104.87 -40.81
N GLY JA 41 57.68 -105.57 -41.91
CA GLY JA 41 56.35 -105.44 -42.50
C GLY JA 41 55.31 -106.18 -41.68
N GLY JA 42 54.07 -105.73 -41.82
CA GLY JA 42 52.96 -106.36 -41.14
C GLY JA 42 51.78 -105.42 -41.07
N THR JA 43 50.88 -105.71 -40.14
CA THR JA 43 49.77 -104.82 -39.84
C THR JA 43 49.99 -104.25 -38.45
N LEU JA 44 49.74 -102.95 -38.29
CA LEU JA 44 49.82 -102.32 -36.99
C LEU JA 44 48.70 -101.29 -36.87
N VAL JA 45 48.28 -101.06 -35.63
CA VAL JA 45 47.11 -100.24 -35.33
C VAL JA 45 47.55 -98.96 -34.64
N LEU JA 46 46.87 -97.86 -34.95
CA LEU JA 46 47.26 -96.54 -34.48
C LEU JA 46 46.03 -95.76 -34.06
N ARG JA 47 46.17 -95.01 -32.97
CA ARG JA 47 45.05 -94.26 -32.41
C ARG JA 47 45.35 -92.77 -32.44
N ASP JA 48 44.35 -91.99 -32.82
CA ASP JA 48 44.41 -90.53 -32.78
C ASP JA 48 44.23 -90.02 -31.36
N GLU JA 49 44.06 -88.70 -31.25
CA GLU JA 49 43.58 -88.16 -29.99
C GLU JA 49 42.05 -88.19 -29.93
N THR JA 50 41.41 -88.72 -30.96
CA THR JA 50 39.96 -88.77 -31.02
C THR JA 50 39.43 -90.21 -30.92
N GLY JA 51 40.31 -91.20 -30.86
CA GLY JA 51 39.84 -92.54 -30.52
C GLY JA 51 39.51 -93.39 -31.73
N ILE JA 52 39.59 -92.80 -32.93
CA ILE JA 52 39.07 -93.33 -34.19
C ILE JA 52 39.71 -94.65 -34.65
N THR JA 53 40.70 -95.14 -33.89
CA THR JA 53 41.79 -96.06 -34.30
C THR JA 53 41.46 -97.12 -35.34
N VAL JA 54 42.32 -97.20 -36.37
CA VAL JA 54 42.17 -98.13 -37.47
C VAL JA 54 43.43 -99.00 -37.57
N THR JA 55 43.38 -99.96 -38.49
CA THR JA 55 44.48 -100.87 -38.76
C THR JA 55 45.11 -100.46 -40.08
N TYR JA 56 46.44 -100.44 -40.13
CA TYR JA 56 47.17 -100.12 -41.35
C TYR JA 56 47.92 -101.35 -41.84
N THR JA 57 47.69 -101.73 -43.09
CA THR JA 57 48.44 -102.84 -43.68
C THR JA 57 49.74 -102.30 -44.27
N VAL JA 58 50.71 -102.11 -43.38
CA VAL JA 58 51.91 -101.37 -43.75
C VAL JA 58 52.93 -102.32 -44.37
N PHE JA 59 53.92 -101.74 -45.05
CA PHE JA 59 55.01 -102.50 -45.66
C PHE JA 59 56.29 -102.19 -44.90
N ALA JA 60 57.35 -102.93 -45.22
CA ALA JA 60 58.59 -102.99 -44.44
C ALA JA 60 59.27 -101.62 -44.39
N GLY JA 61 59.79 -101.14 -45.53
CA GLY JA 61 60.54 -99.86 -45.52
C GLY JA 61 59.62 -98.66 -45.56
N GLU JA 62 58.30 -98.89 -45.46
CA GLU JA 62 57.32 -97.77 -45.59
C GLU JA 62 57.50 -96.76 -44.45
N ILE JA 63 57.42 -95.46 -44.77
CA ILE JA 63 57.49 -94.40 -43.72
C ILE JA 63 56.25 -93.51 -43.86
N LEU JA 64 55.37 -93.54 -42.86
CA LEU JA 64 54.03 -93.00 -43.02
C LEU JA 64 53.85 -91.79 -42.12
N PRO JA 65 53.53 -90.63 -42.69
CA PRO JA 65 53.52 -89.38 -41.92
C PRO JA 65 52.21 -89.17 -41.16
N VAL JA 66 51.90 -90.10 -40.27
CA VAL JA 66 50.74 -90.02 -39.41
C VAL JA 66 51.25 -89.82 -37.99
N ARG JA 67 50.51 -89.08 -37.20
CA ARG JA 67 50.98 -88.62 -35.90
C ARG JA 67 50.07 -89.20 -34.82
N PRO JA 68 50.35 -90.39 -34.32
CA PRO JA 68 49.38 -91.09 -33.45
C PRO JA 68 49.59 -90.81 -31.98
N VAL JA 69 48.53 -90.97 -31.18
CA VAL JA 69 48.68 -90.86 -29.75
C VAL JA 69 49.08 -92.20 -29.14
N ARG JA 70 48.37 -93.26 -29.49
CA ARG JA 70 48.60 -94.57 -28.90
C ARG JA 70 48.74 -95.61 -30.01
N VAL JA 71 49.69 -96.52 -29.86
CA VAL JA 71 49.85 -97.66 -30.75
C VAL JA 71 49.47 -98.90 -29.97
N LEU JA 72 48.38 -99.53 -30.36
CA LEU JA 72 47.90 -100.68 -29.61
C LEU JA 72 48.62 -101.95 -30.07
N ALA JA 73 48.42 -103.03 -29.32
CA ALA JA 73 49.14 -104.27 -29.52
C ALA JA 73 48.27 -105.42 -30.01
N THR JA 74 46.97 -105.20 -30.15
CA THR JA 74 46.07 -106.30 -30.51
C THR JA 74 46.30 -106.73 -31.96
N GLY JA 75 46.19 -105.79 -32.88
CA GLY JA 75 46.42 -106.08 -34.28
C GLY JA 75 47.81 -105.78 -34.78
N THR JA 76 48.75 -105.46 -33.89
CA THR JA 76 50.07 -105.01 -34.29
C THR JA 76 50.97 -106.22 -34.55
N THR JA 77 51.36 -106.40 -35.80
CA THR JA 77 52.34 -107.40 -36.17
C THR JA 77 53.61 -106.77 -36.75
N ALA JA 78 53.66 -105.44 -36.80
CA ALA JA 78 54.75 -104.73 -37.44
C ALA JA 78 55.42 -103.83 -36.42
N THR JA 79 56.72 -104.00 -36.23
CA THR JA 79 57.45 -103.12 -35.34
C THR JA 79 57.86 -101.85 -36.08
N ALA JA 80 57.86 -100.74 -35.37
CA ALA JA 80 58.20 -99.45 -35.95
C ALA JA 80 59.13 -98.69 -35.02
N VAL JA 81 59.68 -97.61 -35.54
CA VAL JA 81 60.44 -96.65 -34.75
C VAL JA 81 59.90 -95.26 -35.04
N GLY JA 82 59.52 -94.54 -34.00
CA GLY JA 82 58.92 -93.23 -34.20
C GLY JA 82 59.97 -92.17 -34.45
N TRP JA 83 59.65 -91.24 -35.34
CA TRP JA 83 60.52 -90.13 -35.69
C TRP JA 83 59.94 -88.84 -35.15
N GLU JA 84 60.81 -87.94 -34.75
CA GLU JA 84 60.39 -86.71 -34.10
C GLU JA 84 61.46 -85.64 -34.23
N ILE KA 2 58.84 -85.56 -45.64
CA ILE KA 2 58.20 -86.50 -44.73
C ILE KA 2 56.72 -86.55 -45.00
N ALA KA 3 56.09 -85.40 -44.91
CA ALA KA 3 54.65 -85.29 -44.82
C ALA KA 3 54.03 -84.99 -46.19
N LEU KA 4 52.76 -84.60 -46.18
CA LEU KA 4 51.85 -84.83 -47.30
C LEU KA 4 51.97 -83.81 -48.43
N GLY KA 5 53.08 -83.10 -48.56
CA GLY KA 5 53.24 -82.22 -49.70
C GLY KA 5 53.59 -82.96 -50.98
N LEU KA 6 53.50 -82.24 -52.10
CA LEU KA 6 53.95 -82.72 -53.40
C LEU KA 6 54.99 -81.69 -53.87
N GLY KA 7 56.26 -81.97 -53.60
CA GLY KA 7 57.24 -80.92 -53.83
C GLY KA 7 58.66 -81.23 -54.23
N LEU KA 8 58.99 -82.50 -54.52
CA LEU KA 8 60.36 -82.96 -54.86
C LEU KA 8 61.41 -82.56 -53.81
N GLY KA 9 61.00 -82.33 -52.57
CA GLY KA 9 61.90 -81.82 -51.57
C GLY KA 9 62.62 -82.93 -50.84
N LEU KA 10 63.50 -82.52 -49.93
CA LEU KA 10 64.20 -83.47 -49.09
C LEU KA 10 63.23 -84.12 -48.11
N ALA KA 11 62.58 -83.30 -47.29
CA ALA KA 11 61.57 -83.79 -46.38
C ALA KA 11 60.42 -82.80 -46.26
N MET LA 1 32.39 -80.78 -44.59
CA MET LA 1 33.01 -79.94 -43.58
C MET LA 1 34.52 -80.10 -43.61
N ASP LA 2 35.21 -79.07 -44.06
CA ASP LA 2 36.66 -79.05 -44.09
C ASP LA 2 37.19 -78.15 -43.00
N VAL LA 3 38.02 -78.71 -42.12
CA VAL LA 3 38.65 -77.89 -41.09
C VAL LA 3 39.81 -77.10 -41.68
N PHE LA 4 40.32 -77.50 -42.84
CA PHE LA 4 41.40 -76.77 -43.49
C PHE LA 4 40.91 -75.79 -44.54
N ALA LA 5 39.63 -75.46 -44.56
CA ALA LA 5 39.23 -74.26 -45.26
C ALA LA 5 39.76 -73.05 -44.51
N LYS LA 6 39.82 -71.92 -45.22
CA LYS LA 6 40.45 -70.63 -44.91
C LYS LA 6 41.97 -70.74 -44.95
N HIS LA 7 42.54 -71.89 -45.25
CA HIS LA 7 43.97 -72.03 -45.52
C HIS LA 7 44.24 -71.76 -46.99
N ALA LA 8 45.29 -70.99 -47.26
CA ALA LA 8 45.65 -70.72 -48.65
C ALA LA 8 46.28 -71.95 -49.28
N VAL LA 9 45.85 -72.26 -50.50
CA VAL LA 9 46.34 -73.42 -51.24
C VAL LA 9 47.62 -72.99 -51.94
N SER LA 10 48.76 -73.49 -51.47
CA SER LA 10 50.03 -73.16 -52.08
C SER LA 10 50.42 -74.22 -53.10
N LEU LA 11 51.62 -74.06 -53.67
CA LEU LA 11 52.12 -75.05 -54.62
C LEU LA 11 52.52 -76.34 -53.93
N GLU LA 12 52.97 -76.23 -52.68
CA GLU LA 12 53.44 -77.40 -51.96
C GLU LA 12 52.27 -78.14 -51.32
N SER LA 13 51.08 -77.53 -51.34
CA SER LA 13 49.92 -78.08 -50.67
C SER LA 13 49.34 -79.24 -51.47
N PRO LA 14 48.50 -80.09 -50.85
CA PRO LA 14 47.90 -81.22 -51.59
C PRO LA 14 46.96 -80.79 -52.69
N ALA LA 15 46.60 -81.76 -53.52
CA ALA LA 15 45.83 -81.48 -54.72
C ALA LA 15 44.37 -81.21 -54.41
N VAL LA 16 43.89 -80.03 -54.79
CA VAL LA 16 42.51 -79.64 -54.55
C VAL LA 16 41.60 -80.08 -55.68
N ARG LA 17 41.96 -79.74 -56.93
CA ARG LA 17 41.16 -80.12 -58.08
C ARG LA 17 42.01 -80.91 -59.05
N HIS LA 18 41.41 -81.93 -59.66
CA HIS LA 18 42.09 -82.79 -60.62
C HIS LA 18 41.32 -82.80 -61.92
N TYR LA 19 42.01 -83.13 -63.01
CA TYR LA 19 41.43 -83.20 -64.33
C TYR LA 19 42.30 -84.08 -65.19
N GLU LA 20 41.69 -84.99 -65.94
CA GLU LA 20 42.48 -85.84 -66.81
C GLU LA 20 42.96 -85.03 -68.01
N ILE LA 21 44.20 -85.27 -68.42
CA ILE LA 21 44.83 -84.51 -69.50
C ILE LA 21 44.75 -85.33 -70.77
N THR LA 22 44.50 -84.67 -71.89
CA THR LA 22 44.62 -85.28 -73.18
C THR LA 22 45.76 -84.63 -73.93
N PRO LA 23 46.62 -85.40 -74.55
CA PRO LA 23 47.77 -84.81 -75.26
C PRO LA 23 47.36 -84.15 -76.57
N SER LA 24 47.02 -82.85 -76.48
CA SER LA 24 46.50 -82.14 -77.64
C SER LA 24 47.55 -81.96 -78.73
N ASP LA 25 48.79 -81.66 -78.32
CA ASP LA 25 49.98 -81.65 -79.22
C ASP LA 25 50.03 -80.35 -80.05
N SER LA 26 48.96 -79.55 -80.06
CA SER LA 26 48.93 -78.29 -80.78
C SER LA 26 48.43 -77.14 -79.95
N THR LA 27 47.72 -77.40 -78.86
CA THR LA 27 47.26 -76.37 -77.96
C THR LA 27 47.84 -76.63 -76.58
N ASP LA 28 47.93 -75.59 -75.78
CA ASP LA 28 48.38 -75.74 -74.40
C ASP LA 28 47.29 -76.37 -73.55
N LEU LA 29 47.66 -76.72 -72.32
CA LEU LA 29 46.66 -77.21 -71.38
C LEU LA 29 45.76 -76.07 -70.95
N ALA LA 30 44.51 -76.42 -70.61
CA ALA LA 30 43.55 -75.42 -70.15
C ALA LA 30 43.98 -74.82 -68.82
N ARG LA 31 44.41 -75.66 -67.91
CA ARG LA 31 45.10 -75.25 -66.70
C ARG LA 31 46.41 -76.03 -66.62
N ARG LA 32 47.48 -75.35 -66.26
CA ARG LA 32 48.70 -76.11 -66.11
C ARG LA 32 48.69 -76.74 -64.72
N PRO LA 33 49.03 -78.01 -64.59
CA PRO LA 33 48.86 -78.69 -63.30
C PRO LA 33 50.07 -78.51 -62.42
N ARG LA 34 49.88 -78.64 -61.11
CA ARG LA 34 51.02 -78.65 -60.21
C ARG LA 34 51.79 -79.95 -60.32
N ALA LA 35 51.10 -81.06 -60.49
CA ALA LA 35 51.74 -82.35 -60.64
C ALA LA 35 50.96 -83.21 -61.60
N LEU LA 36 51.55 -84.34 -61.96
CA LEU LA 36 50.91 -85.31 -62.85
C LEU LA 36 50.84 -86.65 -62.17
N ARG LA 37 49.64 -87.07 -61.84
CA ARG LA 37 49.37 -88.45 -61.43
C ARG LA 37 49.29 -89.28 -62.70
N VAL LA 38 50.22 -90.20 -62.87
CA VAL LA 38 50.26 -90.99 -64.09
C VAL LA 38 49.26 -92.12 -63.93
N GLN LA 39 48.43 -92.34 -64.96
CA GLN LA 39 47.45 -93.41 -64.89
C GLN LA 39 48.08 -94.75 -65.28
N THR LA 40 48.63 -94.84 -66.48
CA THR LA 40 49.23 -96.08 -66.95
C THR LA 40 50.67 -95.81 -67.39
N GLY LA 41 51.51 -96.83 -67.30
CA GLY LA 41 52.93 -96.62 -67.54
C GLY LA 41 53.23 -96.43 -69.01
N GLY LA 42 54.34 -95.75 -69.28
CA GLY LA 42 54.76 -95.52 -70.65
C GLY LA 42 55.74 -94.37 -70.70
N THR LA 43 55.89 -93.81 -71.90
CA THR LA 43 56.65 -92.59 -72.10
C THR LA 43 55.69 -91.48 -72.47
N LEU LA 44 55.89 -90.31 -71.89
CA LEU LA 44 55.09 -89.13 -72.25
C LEU LA 44 55.99 -87.91 -72.27
N VAL LA 45 55.61 -86.93 -73.08
CA VAL LA 45 56.43 -85.76 -73.36
C VAL LA 45 55.76 -84.53 -72.75
N LEU LA 46 56.56 -83.61 -72.24
CA LEU LA 46 56.07 -82.46 -71.51
C LEU LA 46 56.85 -81.23 -71.91
N ARG LA 47 56.16 -80.11 -72.04
CA ARG LA 47 56.77 -78.86 -72.49
C ARG LA 47 56.66 -77.80 -71.40
N ASP LA 48 57.74 -77.06 -71.18
CA ASP LA 48 57.77 -75.92 -70.29
C ASP LA 48 57.11 -74.71 -70.93
N GLU LA 49 57.28 -73.57 -70.27
CA GLU LA 49 56.95 -72.31 -70.94
C GLU LA 49 58.12 -71.81 -71.76
N THR LA 50 59.22 -72.57 -71.79
CA THR LA 50 60.40 -72.16 -72.53
C THR LA 50 60.66 -73.07 -73.75
N GLY LA 51 59.85 -74.11 -73.94
CA GLY LA 51 59.93 -74.83 -75.19
C GLY LA 51 60.86 -76.03 -75.17
N ILE LA 52 61.54 -76.22 -74.04
CA ILE LA 52 62.68 -77.13 -73.86
C ILE LA 52 62.34 -78.63 -74.07
N THR LA 53 61.06 -78.93 -74.33
CA THR LA 53 60.37 -80.21 -74.10
C THR LA 53 61.17 -81.50 -74.28
N VAL LA 54 61.09 -82.38 -73.28
CA VAL LA 54 61.80 -83.65 -73.26
C VAL LA 54 60.80 -84.78 -73.10
N THR LA 55 61.31 -86.00 -73.16
CA THR LA 55 60.53 -87.22 -72.99
C THR LA 55 60.84 -87.80 -71.63
N TYR LA 56 59.81 -88.23 -70.91
CA TYR LA 56 59.97 -88.87 -69.61
C TYR LA 56 59.58 -90.33 -69.70
N THR LA 57 60.47 -91.22 -69.28
CA THR LA 57 60.16 -92.65 -69.23
C THR LA 57 59.51 -92.94 -67.88
N VAL LA 58 58.21 -92.64 -67.81
CA VAL LA 58 57.53 -92.65 -66.52
C VAL LA 58 57.00 -94.05 -66.21
N PHE LA 59 56.67 -94.27 -64.96
CA PHE LA 59 56.11 -95.54 -64.50
C PHE LA 59 54.65 -95.32 -64.12
N ALA LA 60 53.94 -96.41 -63.83
CA ALA LA 60 52.48 -96.45 -63.72
C ALA LA 60 52.01 -95.56 -62.56
N GLY LA 61 52.31 -95.95 -61.32
CA GLY LA 61 51.79 -95.19 -60.16
C GLY LA 61 52.64 -93.96 -59.87
N GLU LA 62 53.62 -93.66 -60.72
CA GLU LA 62 54.56 -92.54 -60.45
C GLU LA 62 53.82 -91.20 -60.44
N ILE LA 63 54.15 -90.33 -59.48
CA ILE LA 63 53.55 -88.96 -59.44
C ILE LA 63 54.70 -87.94 -59.43
N LEU LA 64 54.81 -87.15 -60.49
CA LEU LA 64 56.00 -86.38 -60.75
C LEU LA 64 55.70 -84.89 -60.63
N PRO LA 65 56.38 -84.18 -59.74
CA PRO LA 65 56.03 -82.79 -59.45
C PRO LA 65 56.63 -81.80 -60.43
N VAL LA 66 56.28 -81.97 -61.70
CA VAL LA 66 56.70 -81.07 -62.76
C VAL LA 66 55.45 -80.33 -63.24
N ARG LA 67 55.63 -79.08 -63.64
CA ARG LA 67 54.52 -78.18 -63.90
C ARG LA 67 54.55 -77.78 -65.36
N PRO LA 68 53.94 -78.54 -66.27
CA PRO LA 68 54.15 -78.32 -67.70
C PRO LA 68 53.14 -77.39 -68.32
N VAL LA 69 53.50 -76.75 -69.43
CA VAL LA 69 52.52 -75.94 -70.17
C VAL LA 69 51.74 -76.81 -71.14
N ARG LA 70 52.44 -77.60 -71.95
CA ARG LA 70 51.82 -78.39 -73.00
C ARG LA 70 52.29 -79.84 -72.89
N VAL LA 71 51.37 -80.77 -73.06
CA VAL LA 71 51.69 -82.20 -73.14
C VAL LA 71 51.44 -82.63 -74.57
N LEU LA 72 52.50 -82.98 -75.28
CA LEU LA 72 52.36 -83.35 -76.69
C LEU LA 72 51.97 -84.81 -76.82
N ALA LA 73 51.59 -85.20 -78.03
CA ALA LA 73 51.04 -86.52 -78.32
C ALA LA 73 51.95 -87.39 -79.17
N THR LA 74 53.08 -86.88 -79.61
CA THR LA 74 53.93 -87.64 -80.52
C THR LA 74 54.59 -88.81 -79.79
N GLY LA 75 55.30 -88.53 -78.71
CA GLY LA 75 55.93 -89.57 -77.92
C GLY LA 75 55.13 -90.04 -76.73
N THR LA 76 53.87 -89.63 -76.61
CA THR LA 76 53.09 -89.91 -75.41
C THR LA 76 52.44 -91.29 -75.55
N THR LA 77 52.86 -92.22 -74.70
CA THR LA 77 52.23 -93.52 -74.59
C THR LA 77 51.61 -93.73 -73.22
N ALA LA 78 51.69 -92.74 -72.35
CA ALA LA 78 51.25 -92.87 -70.97
C ALA LA 78 50.18 -91.83 -70.70
N THR LA 79 49.00 -92.29 -70.25
CA THR LA 79 47.95 -91.36 -69.87
C THR LA 79 48.17 -90.90 -68.45
N ALA LA 80 47.81 -89.64 -68.18
CA ALA LA 80 47.99 -89.04 -66.87
C ALA LA 80 46.75 -88.26 -66.51
N VAL LA 81 46.69 -87.86 -65.23
CA VAL LA 81 45.68 -86.93 -64.75
C VAL LA 81 46.39 -85.83 -63.98
N GLY LA 82 46.13 -84.59 -64.36
CA GLY LA 82 46.83 -83.47 -63.74
C GLY LA 82 46.20 -83.12 -62.40
N TRP LA 83 47.07 -82.75 -61.46
CA TRP LA 83 46.66 -82.35 -60.11
C TRP LA 83 46.89 -80.86 -59.95
N GLU LA 84 46.02 -80.20 -59.19
CA GLU LA 84 46.06 -78.77 -59.04
C GLU LA 84 45.36 -78.35 -57.77
N MET MA 1 75.29 -70.70 -63.17
CA MET MA 1 74.25 -69.71 -62.95
C MET MA 1 73.06 -70.34 -62.27
N ASP MA 2 72.85 -70.01 -61.00
CA ASP MA 2 71.70 -70.49 -60.25
C ASP MA 2 70.69 -69.36 -60.09
N VAL MA 3 69.47 -69.60 -60.54
CA VAL MA 3 68.41 -68.63 -60.32
C VAL MA 3 67.89 -68.70 -58.89
N PHE MA 4 68.14 -69.80 -58.19
CA PHE MA 4 67.73 -69.93 -56.81
C PHE MA 4 68.80 -69.57 -55.81
N ALA MA 5 69.88 -68.90 -56.24
CA ALA MA 5 70.70 -68.20 -55.28
C ALA MA 5 69.91 -67.03 -54.71
N LYS MA 6 70.38 -66.55 -53.55
CA LYS MA 6 69.77 -65.59 -52.62
C LYS MA 6 68.57 -66.19 -51.90
N HIS MA 7 68.21 -67.44 -52.14
CA HIS MA 7 67.22 -68.16 -51.35
C HIS MA 7 67.90 -68.81 -50.16
N ALA MA 8 67.28 -68.72 -48.99
CA ALA MA 8 67.83 -69.35 -47.82
C ALA MA 8 67.62 -70.86 -47.88
N VAL MA 9 68.66 -71.61 -47.55
CA VAL MA 9 68.62 -73.07 -47.59
C VAL MA 9 68.05 -73.54 -46.25
N SER MA 10 66.82 -74.04 -46.27
CA SER MA 10 66.20 -74.52 -45.06
C SER MA 10 66.41 -76.02 -44.91
N LEU MA 11 65.81 -76.59 -43.87
CA LEU MA 11 65.90 -78.03 -43.66
C LEU MA 11 65.08 -78.80 -44.68
N GLU MA 12 63.98 -78.20 -45.13
CA GLU MA 12 63.09 -78.87 -46.05
C GLU MA 12 63.59 -78.72 -47.49
N SER MA 13 64.59 -77.88 -47.70
CA SER MA 13 65.09 -77.56 -49.02
C SER MA 13 65.94 -78.71 -49.56
N PRO MA 14 66.18 -78.77 -50.88
CA PRO MA 14 67.01 -79.85 -51.44
C PRO MA 14 68.46 -79.79 -50.99
N ALA MA 15 69.18 -80.87 -51.27
CA ALA MA 15 70.52 -81.05 -50.75
C ALA MA 15 71.52 -80.19 -51.52
N VAL MA 16 72.22 -79.32 -50.80
CA VAL MA 16 73.20 -78.44 -51.39
C VAL MA 16 74.58 -79.09 -51.44
N ARG MA 17 75.06 -79.60 -50.31
CA ARG MA 17 76.36 -80.25 -50.25
C ARG MA 17 76.20 -81.66 -49.74
N HIS MA 18 76.97 -82.59 -50.31
CA HIS MA 18 76.93 -83.99 -49.91
C HIS MA 18 78.33 -84.44 -49.53
N TYR MA 19 78.39 -85.50 -48.74
CA TYR MA 19 79.66 -86.08 -48.28
C TYR MA 19 79.38 -87.52 -47.88
N GLU MA 20 80.26 -88.42 -48.29
CA GLU MA 20 80.09 -89.81 -47.90
C GLU MA 20 80.48 -89.97 -46.44
N ILE MA 21 79.71 -90.78 -45.71
CA ILE MA 21 79.91 -90.98 -44.29
C ILE MA 21 80.66 -92.27 -44.07
N THR MA 22 81.58 -92.26 -43.11
CA THR MA 22 82.21 -93.47 -42.66
C THR MA 22 81.80 -93.74 -41.22
N PRO MA 23 81.42 -94.95 -40.90
CA PRO MA 23 80.96 -95.25 -39.53
C PRO MA 23 82.12 -95.29 -38.54
N SER MA 24 82.42 -94.13 -37.96
CA SER MA 24 83.59 -94.02 -37.08
C SER MA 24 83.41 -94.81 -35.78
N ASP MA 25 82.16 -94.82 -35.30
CA ASP MA 25 81.73 -95.52 -34.07
C ASP MA 25 82.04 -94.67 -32.83
N SER MA 26 83.25 -94.10 -32.78
CA SER MA 26 83.80 -93.50 -31.58
C SER MA 26 83.78 -91.98 -31.62
N THR MA 27 83.69 -91.37 -32.79
CA THR MA 27 83.58 -89.93 -32.92
C THR MA 27 82.28 -89.59 -33.63
N ASP MA 28 81.81 -88.38 -33.41
CA ASP MA 28 80.62 -87.92 -34.10
C ASP MA 28 80.94 -87.59 -35.56
N LEU MA 29 79.89 -87.33 -36.33
CA LEU MA 29 80.09 -86.89 -37.69
C LEU MA 29 80.64 -85.47 -37.70
N ALA MA 30 81.41 -85.16 -38.74
CA ALA MA 30 81.98 -83.81 -38.88
C ALA MA 30 80.89 -82.78 -39.09
N ARG MA 31 79.94 -83.09 -39.95
CA ARG MA 31 78.69 -82.35 -40.07
C ARG MA 31 77.55 -83.34 -39.94
N ARG MA 32 76.53 -82.97 -39.18
CA ARG MA 32 75.39 -83.88 -39.14
C ARG MA 32 74.52 -83.63 -40.38
N PRO MA 33 74.09 -84.66 -41.08
CA PRO MA 33 73.42 -84.44 -42.35
C PRO MA 33 71.93 -84.23 -42.16
N ARG MA 34 71.30 -83.56 -43.13
CA ARG MA 34 69.85 -83.47 -43.10
C ARG MA 34 69.20 -84.79 -43.45
N ALA MA 35 69.78 -85.52 -44.39
CA ALA MA 35 69.25 -86.81 -44.77
C ALA MA 35 70.40 -87.75 -45.12
N LEU MA 36 70.05 -89.01 -45.32
CA LEU MA 36 71.02 -90.04 -45.70
C LEU MA 36 70.57 -90.70 -46.99
N ARG MA 37 71.31 -90.46 -48.06
CA ARG MA 37 71.17 -91.22 -49.28
C ARG MA 37 71.94 -92.51 -49.09
N VAL MA 38 71.22 -93.63 -49.09
CA VAL MA 38 71.86 -94.91 -48.83
C VAL MA 38 72.50 -95.39 -50.13
N GLN MA 39 73.75 -95.82 -50.06
CA GLN MA 39 74.42 -96.32 -51.26
C GLN MA 39 74.05 -97.77 -51.54
N THR MA 40 74.32 -98.66 -50.61
CA THR MA 40 74.02 -100.08 -50.79
C THR MA 40 73.16 -100.57 -49.63
N GLY MA 41 72.35 -101.59 -49.89
CA GLY MA 41 71.38 -102.02 -48.91
C GLY MA 41 72.03 -102.74 -47.75
N GLY MA 42 71.36 -102.73 -46.61
CA GLY MA 42 71.84 -103.42 -45.44
C GLY MA 42 71.18 -102.86 -44.19
N THR MA 43 71.81 -103.12 -43.06
CA THR MA 43 71.41 -102.53 -41.79
C THR MA 43 72.47 -101.55 -41.37
N LEU MA 44 72.07 -100.39 -40.88
CA LEU MA 44 72.99 -99.41 -40.34
C LEU MA 44 72.37 -98.75 -39.12
N VAL MA 45 73.23 -98.30 -38.22
CA VAL MA 45 72.84 -97.80 -36.91
C VAL MA 45 73.10 -96.30 -36.84
N LEU MA 46 72.21 -95.57 -36.17
CA LEU MA 46 72.27 -94.12 -36.15
C LEU MA 46 71.96 -93.63 -34.75
N ARG MA 47 72.68 -92.59 -34.32
CA ARG MA 47 72.54 -92.06 -32.98
C ARG MA 47 72.07 -90.61 -33.02
N ASP MA 48 71.12 -90.29 -32.14
CA ASP MA 48 70.64 -88.93 -31.95
C ASP MA 48 71.65 -88.10 -31.16
N GLU MA 49 71.20 -86.92 -30.75
CA GLU MA 49 71.96 -86.18 -29.74
C GLU MA 49 71.54 -86.62 -28.34
N THR MA 50 70.63 -87.59 -28.24
CA THR MA 50 70.14 -88.05 -26.95
C THR MA 50 70.60 -89.49 -26.65
N GLY MA 51 71.29 -90.13 -27.59
CA GLY MA 51 71.92 -91.39 -27.24
C GLY MA 51 71.07 -92.62 -27.53
N ILE MA 52 69.84 -92.39 -27.99
CA ILE MA 52 68.76 -93.39 -28.09
C ILE MA 52 69.04 -94.55 -29.07
N THR MA 53 70.21 -94.50 -29.74
CA THR MA 53 70.53 -95.15 -31.02
C THR MA 53 69.89 -96.52 -31.31
N VAL MA 54 69.30 -96.64 -32.50
CA VAL MA 54 68.63 -97.85 -32.94
C VAL MA 54 69.26 -98.32 -34.25
N THR MA 55 68.79 -99.48 -34.72
CA THR MA 55 69.23 -100.08 -35.97
C THR MA 55 68.13 -99.90 -36.99
N TYR MA 56 68.49 -99.53 -38.22
CA TYR MA 56 67.53 -99.38 -39.30
C TYR MA 56 67.80 -100.43 -40.36
N THR MA 57 66.77 -101.20 -40.70
CA THR MA 57 66.89 -102.19 -41.79
C THR MA 57 66.59 -101.48 -43.11
N VAL MA 58 67.61 -100.79 -43.61
CA VAL MA 58 67.38 -99.88 -44.73
C VAL MA 58 67.52 -100.64 -46.05
N PHE MA 59 67.02 -100.02 -47.12
CA PHE MA 59 67.11 -100.58 -48.47
C PHE MA 59 68.06 -99.73 -49.29
N ALA MA 60 68.38 -100.20 -50.49
CA ALA MA 60 69.47 -99.70 -51.33
C ALA MA 60 69.23 -98.24 -51.71
N GLY MA 61 68.23 -97.96 -52.54
CA GLY MA 61 68.00 -96.59 -53.02
C GLY MA 61 67.24 -95.76 -52.01
N GLU MA 62 66.98 -96.30 -50.82
CA GLU MA 62 66.16 -95.59 -49.81
C GLU MA 62 66.83 -94.28 -49.36
N ILE MA 63 66.06 -93.21 -49.21
CA ILE MA 63 66.62 -91.92 -48.69
C ILE MA 63 65.77 -91.49 -47.49
N LEU MA 64 66.37 -91.49 -46.30
CA LEU MA 64 65.62 -91.41 -45.06
C LEU MA 64 65.90 -90.09 -44.37
N PRO MA 65 64.88 -89.28 -44.12
CA PRO MA 65 65.08 -87.92 -43.61
C PRO MA 65 65.26 -87.88 -42.10
N VAL MA 66 66.28 -88.56 -41.62
CA VAL MA 66 66.65 -88.57 -40.21
C VAL MA 66 67.98 -87.84 -40.09
N ARG MA 67 68.17 -87.14 -38.98
CA ARG MA 67 69.28 -86.21 -38.83
C ARG MA 67 70.15 -86.69 -37.69
N PRO MA 68 71.12 -87.57 -37.92
CA PRO MA 68 71.83 -88.23 -36.82
C PRO MA 68 73.07 -87.51 -36.37
N VAL MA 69 73.50 -87.72 -35.14
CA VAL MA 69 74.77 -87.16 -34.69
C VAL MA 69 75.92 -88.10 -35.03
N ARG MA 70 75.78 -89.38 -34.69
CA ARG MA 70 76.84 -90.35 -34.87
C ARG MA 70 76.30 -91.58 -35.58
N VAL MA 71 77.06 -92.10 -36.53
CA VAL MA 71 76.76 -93.36 -37.20
C VAL MA 71 77.77 -94.38 -36.75
N LEU MA 72 77.32 -95.38 -36.00
CA LEU MA 72 78.25 -96.36 -35.45
C LEU MA 72 78.54 -97.44 -36.49
N ALA MA 73 79.53 -98.27 -36.18
CA ALA MA 73 80.04 -99.27 -37.11
C ALA MA 73 79.76 -100.71 -36.69
N THR MA 74 79.15 -100.92 -35.53
CA THR MA 74 78.95 -102.27 -35.03
C THR MA 74 77.92 -103.01 -35.87
N GLY MA 75 76.72 -102.45 -35.98
CA GLY MA 75 75.67 -103.05 -36.78
C GLY MA 75 75.57 -102.52 -38.19
N THR MA 76 76.53 -101.71 -38.64
CA THR MA 76 76.43 -101.04 -39.93
C THR MA 76 76.93 -101.97 -41.03
N THR MA 77 76.03 -102.39 -41.91
CA THR MA 77 76.37 -103.13 -43.11
C THR MA 77 76.03 -102.37 -44.38
N ALA MA 78 75.52 -101.16 -44.23
CA ALA MA 78 75.04 -100.37 -45.37
C ALA MA 78 75.81 -99.06 -45.42
N THR MA 79 76.45 -98.80 -46.56
CA THR MA 79 77.13 -97.53 -46.75
C THR MA 79 76.15 -96.48 -47.20
N ALA MA 80 76.37 -95.25 -46.75
CA ALA MA 80 75.48 -94.14 -47.08
C ALA MA 80 76.32 -92.93 -47.44
N VAL MA 81 75.64 -91.92 -47.99
CA VAL MA 81 76.22 -90.61 -48.22
C VAL MA 81 75.27 -89.57 -47.63
N GLY MA 82 75.80 -88.71 -46.76
CA GLY MA 82 74.96 -87.74 -46.09
C GLY MA 82 74.68 -86.55 -46.98
N TRP MA 83 73.46 -86.04 -46.89
CA TRP MA 83 73.02 -84.87 -47.64
C TRP MA 83 72.83 -83.70 -46.70
N GLU MA 84 73.12 -82.51 -47.19
CA GLU MA 84 73.11 -81.32 -46.37
C GLU MA 84 72.94 -80.08 -47.22
N MET NA 1 46.25 -70.98 -68.76
CA MET NA 1 45.75 -70.29 -67.57
C MET NA 1 46.21 -71.00 -66.33
N ASP NA 2 47.12 -70.39 -65.59
CA ASP NA 2 47.60 -70.92 -64.33
C ASP NA 2 47.02 -70.12 -63.18
N VAL NA 3 46.32 -70.82 -62.28
CA VAL NA 3 45.82 -70.15 -61.09
C VAL NA 3 46.94 -69.94 -60.06
N PHE NA 4 48.03 -70.68 -60.19
CA PHE NA 4 49.16 -70.52 -59.29
C PHE NA 4 50.24 -69.60 -59.84
N ALA NA 5 49.94 -68.81 -60.87
CA ALA NA 5 50.79 -67.67 -61.14
C ALA NA 5 50.61 -66.64 -60.03
N LYS NA 6 51.58 -65.75 -59.93
CA LYS NA 6 51.85 -64.75 -58.87
C LYS NA 6 52.33 -65.43 -57.58
N HIS NA 7 52.48 -66.75 -57.54
CA HIS NA 7 53.12 -67.44 -56.44
C HIS NA 7 54.62 -67.51 -56.70
N ALA NA 8 55.40 -67.26 -55.67
CA ALA NA 8 56.85 -67.35 -55.80
C ALA NA 8 57.27 -68.81 -55.86
N VAL NA 9 58.17 -69.11 -56.80
CA VAL NA 9 58.67 -70.46 -57.00
C VAL NA 9 59.83 -70.66 -56.04
N SER NA 10 59.62 -71.47 -54.99
CA SER NA 10 60.67 -71.74 -54.03
C SER NA 10 61.42 -73.01 -54.40
N LEU NA 11 62.35 -73.39 -53.53
CA LEU NA 11 63.10 -74.62 -53.75
C LEU NA 11 62.23 -75.85 -53.51
N GLU NA 12 61.27 -75.74 -52.59
CA GLU NA 12 60.43 -76.87 -52.26
C GLU NA 12 59.29 -77.01 -53.24
N SER NA 13 59.10 -76.02 -54.10
CA SER NA 13 57.98 -75.98 -55.02
C SER NA 13 58.20 -76.94 -56.19
N PRO NA 14 57.14 -77.32 -56.92
CA PRO NA 14 57.32 -78.24 -58.05
C PRO NA 14 58.14 -77.66 -59.19
N ALA NA 15 58.52 -78.54 -60.12
CA ALA NA 15 59.45 -78.17 -61.17
C ALA NA 15 58.78 -77.33 -62.24
N VAL NA 16 59.31 -76.14 -62.46
CA VAL NA 16 58.78 -75.22 -63.45
C VAL NA 16 59.39 -75.45 -64.82
N ARG NA 17 60.72 -75.46 -64.90
CA ARG NA 17 61.42 -75.68 -66.15
C ARG NA 17 62.35 -76.88 -66.02
N HIS NA 18 62.43 -77.67 -67.08
CA HIS NA 18 63.28 -78.85 -67.11
C HIS NA 18 64.23 -78.77 -68.29
N TYR NA 19 65.34 -79.49 -68.21
CA TYR NA 19 66.34 -79.53 -69.26
C TYR NA 19 67.14 -80.80 -69.08
N GLU NA 20 67.38 -81.52 -70.17
CA GLU NA 20 68.20 -82.72 -70.08
C GLU NA 20 69.65 -82.34 -69.88
N ILE NA 21 70.35 -83.08 -69.03
CA ILE NA 21 71.73 -82.79 -68.68
C ILE NA 21 72.63 -83.71 -69.48
N THR NA 22 73.75 -83.16 -69.94
CA THR NA 22 74.80 -83.98 -70.52
C THR NA 22 76.02 -83.91 -69.63
N PRO NA 23 76.64 -85.04 -69.34
CA PRO NA 23 77.80 -85.04 -68.44
C PRO NA 23 79.04 -84.47 -69.11
N SER NA 24 79.22 -83.15 -68.98
CA SER NA 24 80.31 -82.47 -69.69
C SER NA 24 81.68 -82.87 -69.14
N ASP NA 25 81.77 -83.01 -67.82
CA ASP NA 25 82.97 -83.57 -67.14
C ASP NA 25 84.11 -82.53 -67.04
N SER NA 26 83.99 -81.39 -67.72
CA SER NA 26 84.98 -80.34 -67.65
C SER NA 26 84.39 -78.97 -67.43
N THR NA 27 83.11 -78.78 -67.71
CA THR NA 27 82.42 -77.52 -67.45
C THR NA 27 81.28 -77.77 -66.49
N ASP NA 28 80.87 -76.72 -65.79
CA ASP NA 28 79.73 -76.84 -64.90
C ASP NA 28 78.43 -76.88 -65.72
N LEU NA 29 77.34 -77.15 -65.02
CA LEU NA 29 76.04 -77.08 -65.66
C LEU NA 29 75.68 -75.63 -65.96
N ALA NA 30 74.89 -75.43 -67.01
CA ALA NA 30 74.45 -74.09 -67.38
C ALA NA 30 73.54 -73.50 -66.31
N ARG NA 31 72.61 -74.30 -65.82
CA ARG NA 31 71.84 -74.00 -64.63
C ARG NA 31 71.95 -75.19 -63.69
N ARG NA 32 72.16 -74.92 -62.42
CA ARG NA 32 72.18 -76.05 -61.51
C ARG NA 32 70.74 -76.41 -61.16
N PRO NA 33 70.37 -77.68 -61.19
CA PRO NA 33 68.96 -78.04 -61.04
C PRO NA 33 68.59 -78.20 -59.59
N ARG NA 34 67.30 -78.05 -59.28
CA ARG NA 34 66.84 -78.34 -57.94
C ARG NA 34 66.82 -79.84 -57.69
N ALA NA 35 66.45 -80.62 -58.69
CA ALA NA 35 66.43 -82.06 -58.56
C ALA NA 35 66.83 -82.71 -59.87
N LEU NA 36 67.02 -84.02 -59.83
CA LEU NA 36 67.36 -84.80 -61.01
C LEU NA 36 66.35 -85.90 -61.20
N ARG NA 37 65.55 -85.79 -62.25
CA ARG NA 37 64.72 -86.88 -62.73
C ARG NA 37 65.61 -87.80 -63.53
N VAL NA 38 65.80 -89.02 -63.05
CA VAL NA 38 66.70 -89.95 -63.73
C VAL NA 38 65.94 -90.58 -64.89
N GLN NA 39 66.56 -90.61 -66.07
CA GLN NA 39 65.89 -91.22 -67.21
C GLN NA 39 66.07 -92.74 -67.21
N THR NA 40 67.31 -93.21 -67.22
CA THR NA 40 67.58 -94.65 -67.23
C THR NA 40 68.50 -95.00 -66.08
N GLY NA 41 68.41 -96.23 -65.60
CA GLY NA 41 69.12 -96.61 -64.40
C GLY NA 41 70.60 -96.76 -64.66
N GLY NA 42 71.39 -96.60 -63.59
CA GLY NA 42 72.82 -96.76 -63.69
C GLY NA 42 73.50 -96.08 -62.51
N THR NA 43 74.78 -95.81 -62.68
CA THR NA 43 75.54 -95.01 -61.74
C THR NA 43 75.88 -93.69 -62.40
N LEU NA 44 75.75 -92.60 -61.66
CA LEU NA 44 76.15 -91.29 -62.15
C LEU NA 44 76.78 -90.51 -61.01
N VAL NA 45 77.67 -89.58 -61.37
CA VAL NA 45 78.51 -88.86 -60.42
C VAL NA 45 78.09 -87.39 -60.41
N LEU NA 46 78.13 -86.78 -59.23
CA LEU NA 46 77.63 -85.43 -59.05
C LEU NA 46 78.58 -84.65 -58.15
N ARG NA 47 78.78 -83.39 -58.48
CA ARG NA 47 79.73 -82.54 -57.75
C ARG NA 47 79.00 -81.37 -57.12
N ASP NA 48 79.34 -81.07 -55.87
CA ASP NA 48 78.86 -79.90 -55.16
C ASP NA 48 79.57 -78.64 -55.63
N GLU NA 49 79.34 -77.55 -54.89
CA GLU NA 49 80.19 -76.39 -55.07
C GLU NA 49 81.44 -76.50 -54.22
N THR NA 50 81.61 -77.60 -53.51
CA THR NA 50 82.75 -77.78 -52.62
C THR NA 50 83.69 -78.89 -53.14
N GLY NA 51 83.33 -79.56 -54.23
CA GLY NA 51 84.30 -80.44 -54.87
C GLY NA 51 84.23 -81.88 -54.39
N ILE NA 52 83.36 -82.15 -53.41
CA ILE NA 52 83.31 -83.39 -52.62
C ILE NA 52 82.97 -84.65 -53.44
N THR NA 53 82.73 -84.49 -54.74
CA THR NA 53 81.94 -85.36 -55.63
C THR NA 53 82.00 -86.88 -55.37
N VAL NA 54 80.82 -87.50 -55.31
CA VAL NA 54 80.68 -88.92 -55.06
C VAL NA 54 79.91 -89.56 -56.21
N THR NA 55 79.78 -90.89 -56.15
CA THR NA 55 79.05 -91.67 -57.13
C THR NA 55 77.74 -92.12 -56.50
N TYR NA 56 76.64 -92.02 -57.24
CA TYR NA 56 75.34 -92.47 -56.77
C TYR NA 56 74.90 -93.67 -57.59
N THR NA 57 74.56 -94.76 -56.90
CA THR NA 57 74.01 -95.94 -57.58
C THR NA 57 72.50 -95.76 -57.71
N VAL NA 58 72.12 -94.99 -58.73
CA VAL NA 58 70.74 -94.55 -58.81
C VAL NA 58 69.90 -95.58 -59.57
N PHE NA 59 68.58 -95.47 -59.44
CA PHE NA 59 67.65 -96.36 -60.13
C PHE NA 59 66.91 -95.55 -61.18
N ALA NA 60 66.13 -96.23 -62.01
CA ALA NA 60 65.56 -95.71 -63.26
C ALA NA 60 64.61 -94.55 -62.96
N GLY NA 61 63.46 -94.83 -62.33
CA GLY NA 61 62.46 -93.76 -62.11
C GLY NA 61 62.80 -92.92 -60.89
N GLU NA 62 63.96 -93.14 -60.28
CA GLU NA 62 64.32 -92.43 -59.02
C GLU NA 62 64.44 -90.92 -59.27
N ILE NA 63 63.92 -90.09 -58.35
CA ILE NA 63 64.07 -88.62 -58.46
C ILE NA 63 64.70 -88.11 -57.16
N LEU NA 64 65.93 -87.59 -57.24
CA LEU NA 64 66.74 -87.37 -56.07
C LEU NA 64 66.95 -85.88 -55.85
N PRO NA 65 66.55 -85.35 -54.70
CA PRO NA 65 66.56 -83.90 -54.48
C PRO NA 65 67.92 -83.38 -54.05
N VAL NA 66 68.91 -83.58 -54.90
CA VAL NA 66 70.26 -83.08 -54.68
C VAL NA 66 70.51 -82.01 -55.73
N ARG NA 67 71.27 -80.99 -55.37
CA ARG NA 67 71.41 -79.79 -56.18
C ARG NA 67 72.87 -79.66 -56.59
N PRO NA 68 73.29 -80.26 -57.71
CA PRO NA 68 74.72 -80.35 -58.02
C PRO NA 68 75.23 -79.21 -58.87
N VAL NA 69 76.52 -78.93 -58.80
CA VAL NA 69 77.10 -77.93 -59.70
C VAL NA 69 77.51 -78.58 -61.03
N ARG NA 70 78.24 -79.69 -60.95
CA ARG NA 70 78.78 -80.34 -62.14
C ARG NA 70 78.44 -81.81 -62.11
N VAL NA 71 78.05 -82.36 -63.26
CA VAL NA 71 77.82 -83.79 -63.42
C VAL NA 71 78.92 -84.32 -64.32
N LEU NA 72 79.80 -85.14 -63.77
CA LEU NA 72 80.93 -85.62 -64.56
C LEU NA 72 80.52 -86.83 -65.38
N ALA NA 73 81.41 -87.24 -66.29
CA ALA NA 73 81.12 -88.27 -67.27
C ALA NA 73 81.93 -89.54 -67.07
N THR NA 74 82.84 -89.57 -66.09
CA THR NA 74 83.71 -90.71 -65.93
C THR NA 74 82.94 -91.92 -65.42
N GLY NA 75 82.25 -91.78 -64.30
CA GLY NA 75 81.45 -92.84 -63.75
C GLY NA 75 79.99 -92.80 -64.12
N THR NA 76 79.59 -91.93 -65.05
CA THR NA 76 78.19 -91.72 -65.36
C THR NA 76 77.72 -92.74 -66.37
N THR NA 77 76.83 -93.64 -65.95
CA THR NA 77 76.17 -94.57 -66.85
C THR NA 77 74.67 -94.32 -66.91
N ALA NA 78 74.18 -93.32 -66.22
CA ALA NA 78 72.75 -93.06 -66.10
C ALA NA 78 72.46 -91.66 -66.63
N THR NA 79 71.56 -91.59 -67.61
CA THR NA 79 71.15 -90.29 -68.11
C THR NA 79 70.04 -89.72 -67.23
N ALA NA 80 70.05 -88.41 -67.06
CA ALA NA 80 69.08 -87.74 -66.23
C ALA NA 80 68.56 -86.50 -66.94
N VAL NA 81 67.50 -85.91 -66.38
CA VAL NA 81 67.00 -84.61 -66.80
C VAL NA 81 66.84 -83.76 -65.55
N GLY NA 82 67.44 -82.57 -65.57
CA GLY NA 82 67.41 -81.72 -64.40
C GLY NA 82 66.09 -80.96 -64.31
N TRP NA 83 65.60 -80.81 -63.08
CA TRP NA 83 64.37 -80.08 -62.80
C TRP NA 83 64.71 -78.78 -62.09
N GLU NA 84 63.92 -77.75 -62.36
CA GLU NA 84 64.20 -76.43 -61.85
C GLU NA 84 62.94 -75.59 -61.84
N MET OA 1 52.76 -86.56 -24.09
CA MET OA 1 53.53 -85.32 -24.14
C MET OA 1 54.05 -85.07 -25.54
N ASP OA 2 53.48 -84.08 -26.19
CA ASP OA 2 53.92 -83.67 -27.53
C ASP OA 2 54.71 -82.38 -27.45
N VAL OA 3 55.94 -82.42 -27.94
CA VAL OA 3 56.73 -81.19 -28.00
C VAL OA 3 56.31 -80.33 -29.17
N PHE OA 4 55.60 -80.89 -30.14
CA PHE OA 4 55.10 -80.12 -31.26
C PHE OA 4 53.67 -79.65 -31.10
N ALA OA 5 53.12 -79.71 -29.89
CA ALA OA 5 51.95 -78.91 -29.62
C ALA OA 5 52.33 -77.43 -29.63
N LYS OA 6 51.31 -76.59 -29.80
CA LYS OA 6 51.31 -75.14 -30.07
C LYS OA 6 51.79 -74.84 -31.48
N HIS OA 7 52.12 -75.84 -32.29
CA HIS OA 7 52.40 -75.65 -33.71
C HIS OA 7 51.10 -75.75 -34.48
N ALA OA 8 50.91 -74.85 -35.44
CA ALA OA 8 49.72 -74.90 -36.27
C ALA OA 8 49.82 -76.05 -37.26
N VAL OA 9 48.73 -76.79 -37.40
CA VAL OA 9 48.67 -77.93 -38.30
C VAL OA 9 48.30 -77.41 -39.68
N SER OA 10 49.26 -77.40 -40.60
CA SER OA 10 49.00 -76.93 -41.95
C SER OA 10 48.62 -78.10 -42.86
N LEU OA 11 48.45 -77.80 -44.14
CA LEU OA 11 48.13 -78.84 -45.11
C LEU OA 11 49.34 -79.72 -45.38
N GLU OA 12 50.54 -79.13 -45.30
CA GLU OA 12 51.75 -79.88 -45.61
C GLU OA 12 52.21 -80.68 -44.41
N SER OA 13 51.60 -80.45 -43.25
CA SER OA 13 52.01 -81.08 -42.00
C SER OA 13 51.56 -82.54 -41.95
N PRO OA 14 52.15 -83.36 -41.08
CA PRO OA 14 51.73 -84.77 -40.99
C PRO OA 14 50.30 -84.95 -40.50
N ALA OA 15 49.81 -86.18 -40.64
CA ALA OA 15 48.41 -86.48 -40.37
C ALA OA 15 48.14 -86.53 -38.88
N VAL OA 16 47.22 -85.69 -38.43
CA VAL OA 16 46.84 -85.63 -37.02
C VAL OA 16 45.73 -86.62 -36.70
N ARG OA 17 44.63 -86.56 -37.46
CA ARG OA 17 43.51 -87.46 -37.24
C ARG OA 17 43.22 -88.24 -38.51
N HIS OA 18 42.87 -89.51 -38.35
CA HIS OA 18 42.56 -90.39 -39.47
C HIS OA 18 41.18 -90.99 -39.28
N TYR OA 19 40.57 -91.41 -40.38
CA TYR OA 19 39.25 -92.02 -40.37
C TYR OA 19 39.11 -92.84 -41.64
N GLU OA 20 38.59 -94.06 -41.50
CA GLU OA 20 38.39 -94.88 -42.69
C GLU OA 20 37.20 -94.35 -43.47
N ILE OA 21 37.33 -94.34 -44.79
CA ILE OA 21 36.30 -93.79 -45.67
C ILE OA 21 35.47 -94.93 -46.22
N THR OA 22 34.16 -94.71 -46.32
CA THR OA 22 33.29 -95.62 -47.04
C THR OA 22 32.76 -94.93 -48.26
N PRO OA 23 32.78 -95.58 -49.41
CA PRO OA 23 32.31 -94.94 -50.64
C PRO OA 23 30.80 -94.81 -50.68
N SER OA 24 30.29 -93.69 -50.17
CA SER OA 24 28.84 -93.51 -50.04
C SER OA 24 28.16 -93.38 -51.39
N ASP OA 25 28.83 -92.66 -52.30
CA ASP OA 25 28.43 -92.49 -53.73
C ASP OA 25 27.35 -91.42 -53.89
N SER OA 26 26.56 -91.16 -52.84
CA SER OA 26 25.46 -90.22 -52.92
C SER OA 26 25.60 -89.05 -51.96
N THR OA 27 26.42 -89.17 -50.93
CA THR OA 27 26.69 -88.09 -50.01
C THR OA 27 28.17 -87.78 -50.03
N ASP OA 28 28.51 -86.56 -49.64
CA ASP OA 28 29.92 -86.19 -49.55
C ASP OA 28 30.55 -86.82 -48.32
N LEU OA 29 31.87 -86.68 -48.21
CA LEU OA 29 32.56 -87.13 -47.02
C LEU OA 29 32.22 -86.20 -45.86
N ALA OA 30 32.25 -86.76 -44.65
CA ALA OA 30 31.98 -85.98 -43.44
C ALA OA 30 33.05 -84.92 -43.23
N ARG OA 31 34.31 -85.32 -43.39
CA ARG OA 31 35.43 -84.41 -43.49
C ARG OA 31 36.19 -84.73 -44.74
N ARG OA 32 36.60 -83.73 -45.49
CA ARG OA 32 37.40 -84.05 -46.65
C ARG OA 32 38.85 -84.24 -46.19
N PRO OA 33 39.54 -85.28 -46.64
CA PRO OA 33 40.86 -85.57 -46.07
C PRO OA 33 41.95 -84.82 -46.80
N ARG OA 34 43.07 -84.62 -46.13
CA ARG OA 34 44.23 -84.06 -46.81
C ARG OA 34 44.85 -85.08 -47.76
N ALA OA 35 44.89 -86.33 -47.35
CA ALA OA 35 45.44 -87.38 -48.19
C ALA OA 35 44.67 -88.66 -47.98
N LEU OA 36 44.96 -89.65 -48.81
CA LEU OA 36 44.34 -90.95 -48.73
C LEU OA 36 45.40 -92.02 -48.59
N ARG OA 37 45.47 -92.64 -47.43
CA ARG OA 37 46.24 -93.85 -47.22
C ARG OA 37 45.41 -95.00 -47.76
N VAL OA 38 45.90 -95.64 -48.81
CA VAL OA 38 45.14 -96.71 -49.44
C VAL OA 38 45.36 -97.99 -48.63
N GLN OA 39 44.28 -98.69 -48.31
CA GLN OA 39 44.43 -99.93 -47.55
C GLN OA 39 44.78 -101.09 -48.46
N THR OA 40 43.94 -101.38 -49.45
CA THR OA 40 44.18 -102.49 -50.36
C THR OA 40 44.15 -101.98 -51.79
N GLY OA 41 44.87 -102.66 -52.68
CA GLY OA 41 45.04 -102.16 -54.03
C GLY OA 41 43.77 -102.32 -54.86
N GLY OA 42 43.64 -101.47 -55.86
CA GLY OA 42 42.49 -101.55 -56.75
C GLY OA 42 42.33 -100.24 -57.50
N THR OA 43 41.13 -100.04 -58.02
CA THR OA 43 40.75 -98.77 -58.62
C THR OA 43 39.71 -98.12 -57.72
N LEU OA 44 39.84 -96.81 -57.51
CA LEU OA 44 38.85 -96.06 -56.75
C LEU OA 44 38.67 -94.69 -57.40
N VAL OA 45 37.48 -94.13 -57.23
CA VAL OA 45 37.06 -92.91 -57.91
C VAL OA 45 36.93 -91.79 -56.89
N LEU OA 46 37.30 -90.58 -57.29
CA LEU OA 46 37.35 -89.45 -56.37
C LEU OA 46 36.79 -88.22 -57.07
N ARG OA 47 36.05 -87.40 -56.32
CA ARG OA 47 35.40 -86.23 -56.87
C ARG OA 47 35.93 -84.97 -56.19
N ASP OA 48 36.18 -83.95 -56.98
CA ASP OA 48 36.55 -82.63 -56.51
C ASP OA 48 35.34 -81.88 -55.97
N GLU OA 49 35.55 -80.59 -55.70
CA GLU OA 49 34.40 -79.72 -55.48
C GLU OA 49 33.87 -79.17 -56.80
N THR OA 50 34.46 -79.58 -57.91
CA THR OA 50 34.05 -79.11 -59.23
C THR OA 50 33.41 -80.22 -60.06
N GLY OA 51 33.36 -81.45 -59.55
CA GLY OA 51 32.55 -82.45 -60.23
C GLY OA 51 33.31 -83.29 -61.23
N ILE OA 52 34.59 -82.96 -61.44
CA ILE OA 52 35.44 -83.44 -62.53
C ILE OA 52 35.69 -84.96 -62.53
N THR OA 53 35.17 -85.67 -61.51
CA THR OA 53 35.63 -86.96 -60.97
C THR OA 53 36.20 -87.97 -61.96
N VAL OA 54 37.36 -88.51 -61.62
CA VAL OA 54 38.08 -89.49 -62.45
C VAL OA 54 38.31 -90.75 -61.64
N THR OA 55 38.88 -91.75 -62.31
CA THR OA 55 39.21 -93.03 -61.70
C THR OA 55 40.73 -93.10 -61.54
N TYR OA 56 41.18 -93.56 -60.38
CA TYR OA 56 42.60 -93.72 -60.12
C TYR OA 56 42.95 -95.20 -60.00
N THR OA 57 43.91 -95.66 -60.79
CA THR OA 57 44.39 -97.03 -60.69
C THR OA 57 45.47 -97.10 -59.61
N VAL OA 58 45.00 -97.15 -58.36
CA VAL OA 58 45.92 -96.97 -57.24
C VAL OA 58 46.54 -98.31 -56.85
N PHE OA 59 47.61 -98.24 -56.07
CA PHE OA 59 48.30 -99.43 -55.57
C PHE OA 59 48.09 -99.51 -54.07
N ALA OA 60 48.52 -100.62 -53.48
CA ALA OA 60 48.16 -101.02 -52.10
C ALA OA 60 48.70 -100.00 -51.10
N GLY OA 61 50.03 -99.92 -50.93
CA GLY OA 61 50.60 -99.03 -49.91
C GLY OA 61 50.67 -97.58 -50.39
N GLU OA 62 50.12 -97.29 -51.56
CA GLU OA 62 50.25 -95.93 -52.15
C GLU OA 62 49.53 -94.89 -51.27
N ILE OA 63 50.15 -93.72 -51.08
CA ILE OA 63 49.50 -92.62 -50.31
C ILE OA 63 49.49 -91.37 -51.21
N LEU OA 64 48.30 -90.92 -51.60
CA LEU OA 64 48.18 -89.96 -52.69
C LEU OA 64 47.64 -88.64 -52.15
N PRO OA 65 48.37 -87.55 -52.31
CA PRO OA 65 48.00 -86.28 -51.67
C PRO OA 65 46.97 -85.49 -52.46
N VAL OA 66 45.82 -86.11 -52.67
CA VAL OA 66 44.68 -85.47 -53.33
C VAL OA 66 43.61 -85.27 -52.29
N ARG OA 67 42.85 -84.19 -52.42
CA ARG OA 67 41.95 -83.74 -51.37
C ARG OA 67 40.52 -83.78 -51.92
N PRO OA 68 39.81 -84.91 -51.83
CA PRO OA 68 38.55 -85.06 -52.56
C PRO OA 68 37.34 -84.66 -51.73
N VAL OA 69 36.25 -84.30 -52.41
CA VAL OA 69 35.01 -84.03 -51.68
C VAL OA 69 34.22 -85.32 -51.48
N ARG OA 70 34.03 -86.09 -52.55
CA ARG OA 70 33.21 -87.29 -52.50
C ARG OA 70 33.98 -88.46 -53.10
N VAL OA 71 33.88 -89.61 -52.47
CA VAL OA 71 34.44 -90.85 -53.00
C VAL OA 71 33.27 -91.74 -53.40
N LEU OA 72 33.12 -91.97 -54.69
CA LEU OA 72 31.98 -92.75 -55.16
C LEU OA 72 32.28 -94.24 -55.06
N ALA OA 73 31.23 -95.05 -55.26
CA ALA OA 73 31.30 -96.49 -55.06
C ALA OA 73 31.17 -97.30 -56.34
N THR OA 74 30.95 -96.64 -57.48
CA THR OA 74 30.71 -97.37 -58.72
C THR OA 74 31.98 -98.06 -59.20
N GLY OA 75 33.04 -97.30 -59.38
CA GLY OA 75 34.31 -97.86 -59.79
C GLY OA 75 35.28 -98.16 -58.67
N THR OA 76 34.84 -98.09 -57.42
CA THR OA 76 35.73 -98.22 -56.28
C THR OA 76 35.91 -99.69 -55.94
N THR OA 77 37.13 -100.19 -56.13
CA THR OA 77 37.50 -101.54 -55.70
C THR OA 77 38.58 -101.50 -54.63
N ALA OA 78 39.01 -100.32 -54.22
CA ALA OA 78 40.13 -100.15 -53.30
C ALA OA 78 39.64 -99.41 -52.06
N THR OA 79 39.83 -100.03 -50.90
CA THR OA 79 39.48 -99.35 -49.65
C THR OA 79 40.63 -98.44 -49.22
N ALA OA 80 40.28 -97.31 -48.62
CA ALA OA 80 41.26 -96.34 -48.18
C ALA OA 80 40.91 -95.85 -46.80
N VAL OA 81 41.84 -95.14 -46.19
CA VAL OA 81 41.62 -94.42 -44.94
C VAL OA 81 42.10 -93.00 -45.14
N GLY OA 82 41.23 -92.03 -44.85
CA GLY OA 82 41.58 -90.64 -45.09
C GLY OA 82 42.43 -90.10 -43.95
N TRP OA 83 43.39 -89.26 -44.31
CA TRP OA 83 44.29 -88.60 -43.35
C TRP OA 83 43.96 -87.12 -43.29
N GLU OA 84 44.11 -86.55 -42.11
CA GLU OA 84 43.72 -85.18 -41.87
C GLU OA 84 44.46 -84.60 -40.68
N MET PA 1 -82.84 189.44 -30.54
CA MET PA 1 -81.41 189.58 -30.44
C MET PA 1 -81.04 190.92 -29.82
N ASP PA 2 -80.56 190.90 -28.60
CA ASP PA 2 -80.10 192.10 -27.91
C ASP PA 2 -78.59 192.13 -27.87
N VAL PA 3 -78.02 193.20 -28.41
CA VAL PA 3 -76.57 193.38 -28.32
C VAL PA 3 -76.17 193.86 -26.93
N PHE PA 4 -77.11 194.41 -26.17
CA PHE PA 4 -76.82 194.85 -24.81
C PHE PA 4 -77.17 193.83 -23.76
N ALA PA 5 -77.39 192.57 -24.13
CA ALA PA 5 -77.32 191.52 -23.13
C ALA PA 5 -75.87 191.37 -22.68
N LYS PA 6 -75.71 190.74 -21.51
CA LYS PA 6 -74.51 190.60 -20.68
C LYS PA 6 -74.14 191.91 -20.02
N HIS PA 7 -74.86 193.00 -20.24
CA HIS PA 7 -74.69 194.23 -19.49
C HIS PA 7 -75.54 194.18 -18.23
N ALA PA 8 -74.96 194.64 -17.12
CA ALA PA 8 -75.71 194.67 -15.87
C ALA PA 8 -76.71 195.81 -15.90
N VAL PA 9 -77.93 195.51 -15.45
CA VAL PA 9 -79.01 196.50 -15.43
C VAL PA 9 -78.88 197.27 -14.12
N SER PA 10 -78.46 198.53 -14.21
CA SER PA 10 -78.32 199.37 -13.03
C SER PA 10 -79.59 200.18 -12.80
N LEU PA 11 -79.54 201.05 -11.79
CA LEU PA 11 -80.67 201.92 -11.50
C LEU PA 11 -80.79 203.01 -12.55
N GLU PA 12 -79.67 203.45 -13.11
CA GLU PA 12 -79.68 204.52 -14.08
C GLU PA 12 -80.01 204.00 -15.47
N SER PA 13 -80.03 202.69 -15.63
CA SER PA 13 -80.22 202.07 -16.94
C SER PA 13 -81.69 202.15 -17.36
N PRO PA 14 -82.00 201.97 -18.65
CA PRO PA 14 -83.40 202.02 -19.09
C PRO PA 14 -84.27 200.91 -18.53
N ALA PA 15 -85.58 201.06 -18.71
CA ALA PA 15 -86.54 200.17 -18.09
C ALA PA 15 -86.60 198.84 -18.81
N VAL PA 16 -86.34 197.77 -18.07
CA VAL PA 16 -86.36 196.43 -18.62
C VAL PA 16 -87.74 195.81 -18.55
N ARG PA 17 -88.35 195.81 -17.37
CA ARG PA 17 -89.69 195.25 -17.18
C ARG PA 17 -90.61 196.31 -16.61
N HIS PA 18 -91.85 196.32 -17.07
CA HIS PA 18 -92.85 197.27 -16.63
C HIS PA 18 -94.07 196.53 -16.12
N TYR PA 19 -94.84 197.19 -15.28
CA TYR PA 19 -96.06 196.63 -14.70
C TYR PA 19 -96.94 197.77 -14.25
N GLU PA 20 -98.23 197.70 -14.57
CA GLU PA 20 -99.13 198.75 -14.12
C GLU PA 20 -99.39 198.59 -12.63
N ILE PA 21 -99.44 199.72 -11.93
CA ILE PA 21 -99.59 199.75 -10.49
C ILE PA 21 -101.05 200.03 -10.16
N THR PA 22 -101.56 199.35 -9.14
CA THR PA 22 -102.85 199.69 -8.59
C THR PA 22 -102.66 200.21 -7.18
N PRO PA 23 -103.30 201.30 -6.82
CA PRO PA 23 -103.12 201.88 -5.48
C PRO PA 23 -103.81 201.07 -4.41
N SER PA 24 -103.10 200.10 -3.85
CA SER PA 24 -103.69 199.17 -2.89
C SER PA 24 -104.06 199.86 -1.59
N ASP PA 25 -103.18 200.77 -1.16
CA ASP PA 25 -103.38 201.67 0.02
C ASP PA 25 -103.07 200.94 1.34
N SER PA 26 -103.16 199.61 1.36
CA SER PA 26 -102.97 198.84 2.58
C SER PA 26 -101.82 197.86 2.48
N THR PA 27 -101.40 197.50 1.28
CA THR PA 27 -100.24 196.63 1.08
C THR PA 27 -99.20 197.37 0.25
N ASP PA 28 -97.96 196.94 0.38
CA ASP PA 28 -96.90 197.52 -0.42
C ASP PA 28 -96.99 197.03 -1.86
N LEU PA 29 -96.17 197.62 -2.72
CA LEU PA 29 -96.07 197.14 -4.08
C LEU PA 29 -95.37 195.79 -4.11
N ALA PA 30 -95.71 194.97 -5.11
CA ALA PA 30 -95.07 193.67 -5.25
C ALA PA 30 -93.61 193.81 -5.59
N ARG PA 31 -93.29 194.71 -6.51
CA ARG PA 31 -91.93 195.16 -6.75
C ARG PA 31 -91.92 196.68 -6.68
N ARG PA 32 -90.93 197.24 -6.02
CA ARG PA 32 -90.87 198.68 -6.02
C ARG PA 32 -90.23 199.14 -7.32
N PRO PA 33 -90.78 200.13 -8.02
CA PRO PA 33 -90.28 200.45 -9.35
C PRO PA 33 -89.14 201.44 -9.28
N ARG PA 34 -88.31 201.46 -10.32
CA ARG PA 34 -87.29 202.49 -10.41
C ARG PA 34 -87.90 203.84 -10.75
N ALA PA 35 -88.91 203.85 -11.61
CA ALA PA 35 -89.57 205.09 -11.97
C ALA PA 35 -91.05 204.82 -12.20
N LEU PA 36 -91.81 205.89 -12.37
CA LEU PA 36 -93.23 205.82 -12.62
C LEU PA 36 -93.55 206.55 -13.91
N ARG PA 37 -93.94 205.80 -14.93
CA ARG PA 37 -94.53 206.36 -16.13
C ARG PA 37 -95.98 206.64 -15.81
N VAL PA 38 -96.37 207.91 -15.83
CA VAL PA 38 -97.73 208.27 -15.46
C VAL PA 38 -98.61 208.06 -16.68
N GLN PA 39 -99.76 207.40 -16.51
CA GLN PA 39 -100.65 207.18 -17.63
C GLN PA 39 -101.54 208.40 -17.87
N THR PA 40 -102.31 208.80 -16.88
CA THR PA 40 -103.21 209.95 -17.03
C THR PA 40 -102.91 210.96 -15.92
N GLY PA 41 -103.19 212.22 -16.19
CA GLY PA 41 -102.80 213.28 -15.27
C GLY PA 41 -103.68 213.29 -14.04
N GLY PA 42 -103.13 213.82 -12.96
CA GLY PA 42 -103.87 213.95 -11.72
C GLY PA 42 -102.92 214.12 -10.56
N THR PA 43 -103.43 213.84 -9.36
CA THR PA 43 -102.62 213.80 -8.17
C THR PA 43 -102.53 212.36 -7.70
N LEU PA 44 -101.34 211.93 -7.29
CA LEU PA 44 -101.17 210.60 -6.72
C LEU PA 44 -100.16 210.68 -5.58
N VAL PA 45 -100.30 209.75 -4.64
CA VAL PA 45 -99.55 209.78 -3.39
C VAL PA 45 -98.58 208.60 -3.36
N LEU PA 46 -97.41 208.82 -2.80
CA LEU PA 46 -96.34 207.83 -2.84
C LEU PA 46 -95.65 207.78 -1.48
N ARG PA 47 -95.30 206.58 -1.05
CA ARG PA 47 -94.69 206.37 0.26
C ARG PA 47 -93.30 205.79 0.11
N ASP PA 48 -92.36 206.31 0.90
CA ASP PA 48 -91.01 205.80 0.99
C ASP PA 48 -90.97 204.52 1.83
N GLU PA 49 -89.75 204.09 2.15
CA GLU PA 49 -89.60 203.08 3.19
C GLU PA 49 -89.54 203.71 4.56
N THR PA 50 -89.68 205.04 4.63
CA THR PA 50 -89.61 205.75 5.89
C THR PA 50 -90.97 206.36 6.29
N GLY PA 51 -91.98 206.23 5.44
CA GLY PA 51 -93.31 206.58 5.89
C GLY PA 51 -93.71 208.01 5.59
N ILE PA 52 -92.78 208.79 5.03
CA ILE PA 52 -92.84 210.25 4.88
C ILE PA 52 -93.98 210.77 3.99
N THR PA 53 -94.76 209.83 3.40
CA THR PA 53 -95.55 209.98 2.17
C THR PA 53 -96.21 211.33 1.91
N VAL PA 54 -96.02 211.83 0.68
CA VAL PA 54 -96.54 213.12 0.24
C VAL PA 54 -97.40 212.91 -1.00
N THR PA 55 -98.02 214.00 -1.44
CA THR PA 55 -98.86 214.03 -2.63
C THR PA 55 -98.09 214.72 -3.75
N TYR PA 56 -98.15 214.16 -4.95
CA TYR PA 56 -97.51 214.75 -6.12
C TYR PA 56 -98.57 215.20 -7.10
N THR PA 57 -98.51 216.47 -7.49
CA THR PA 57 -99.42 217.00 -8.51
C THR PA 57 -98.81 216.72 -9.88
N VAL PA 58 -98.98 215.49 -10.34
CA VAL PA 58 -98.24 215.03 -11.51
C VAL PA 58 -99.01 215.38 -12.78
N PHE PA 59 -98.31 215.33 -13.92
CA PHE PA 59 -98.91 215.58 -15.22
C PHE PA 59 -98.95 214.28 -16.01
N ALA PA 60 -99.61 214.31 -17.16
CA ALA PA 60 -100.01 213.12 -17.93
C ALA PA 60 -98.77 212.35 -18.38
N GLY PA 61 -97.99 212.90 -19.31
CA GLY PA 61 -96.85 212.16 -19.86
C GLY PA 61 -95.63 212.23 -18.95
N GLU PA 62 -95.78 212.81 -17.76
CA GLU PA 62 -94.61 213.01 -16.85
C GLU PA 62 -94.04 211.65 -16.41
N ILE PA 63 -92.70 211.54 -16.37
CA ILE PA 63 -92.05 210.30 -15.87
C ILE PA 63 -91.08 210.69 -14.75
N LEU PA 64 -91.37 210.27 -13.52
CA LEU PA 64 -90.72 210.82 -12.35
C LEU PA 64 -89.84 209.77 -11.69
N PRO PA 65 -88.55 210.02 -11.55
CA PRO PA 65 -87.60 208.99 -11.09
C PRO PA 65 -87.57 208.88 -9.58
N VAL PA 66 -88.71 208.56 -8.99
CA VAL PA 66 -88.83 208.34 -7.56
C VAL PA 66 -89.13 206.86 -7.37
N ARG PA 67 -88.64 206.29 -6.28
CA ARG PA 67 -88.64 204.85 -6.08
C ARG PA 67 -89.48 204.54 -4.85
N PRO PA 68 -90.79 204.36 -4.98
CA PRO PA 68 -91.66 204.31 -3.79
C PRO PA 68 -91.88 202.90 -3.29
N VAL PA 69 -92.22 202.75 -2.01
CA VAL PA 69 -92.58 201.44 -1.48
C VAL PA 69 -94.06 201.18 -1.70
N ARG PA 70 -94.91 202.13 -1.31
CA ARG PA 70 -96.35 201.95 -1.36
C ARG PA 70 -96.99 203.13 -2.07
N VAL PA 71 -97.96 202.87 -2.94
CA VAL PA 71 -98.76 203.90 -3.57
C VAL PA 71 -100.16 203.81 -2.99
N LEU PA 72 -100.56 204.83 -2.24
CA LEU PA 72 -101.85 204.79 -1.58
C LEU PA 72 -102.95 205.25 -2.54
N ALA PA 73 -104.20 205.04 -2.12
CA ALA PA 73 -105.36 205.28 -2.97
C ALA PA 73 -106.23 206.44 -2.51
N THR PA 74 -105.90 207.08 -1.39
CA THR PA 74 -106.75 208.12 -0.85
C THR PA 74 -106.71 209.37 -1.73
N GLY PA 75 -105.51 209.90 -1.96
CA GLY PA 75 -105.36 211.06 -2.82
C GLY PA 75 -105.00 210.75 -4.25
N THR PA 76 -105.05 209.49 -4.66
CA THR PA 76 -104.59 209.09 -5.98
C THR PA 76 -105.71 209.28 -7.00
N THR PA 77 -105.50 210.21 -7.93
CA THR PA 77 -106.40 210.40 -9.06
C THR PA 77 -105.71 210.12 -10.38
N ALA PA 78 -104.44 209.72 -10.34
CA ALA PA 78 -103.62 209.53 -11.53
C ALA PA 78 -103.15 208.10 -11.59
N THR PA 79 -103.46 207.41 -12.68
CA THR PA 79 -102.96 206.06 -12.87
C THR PA 79 -101.56 206.10 -13.45
N ALA PA 80 -100.73 205.15 -13.04
CA ALA PA 80 -99.35 205.08 -13.47
C ALA PA 80 -99.00 203.64 -13.82
N VAL PA 81 -97.85 203.49 -14.46
CA VAL PA 81 -97.25 202.18 -14.70
C VAL PA 81 -95.80 202.24 -14.23
N GLY PA 82 -95.42 201.30 -13.37
CA GLY PA 82 -94.08 201.33 -12.81
C GLY PA 82 -93.08 200.73 -13.77
N TRP PA 83 -91.89 201.33 -13.79
CA TRP PA 83 -90.79 200.88 -14.63
C TRP PA 83 -89.70 200.27 -13.76
N GLU PA 84 -89.04 199.27 -14.27
CA GLU PA 84 -88.06 198.53 -13.50
C GLU PA 84 -87.08 197.81 -14.43
#